data_4XK8
#
_entry.id   4XK8
#
_cell.length_a   165.624
_cell.length_b   192.220
_cell.length_c   175.089
_cell.angle_alpha   90.00
_cell.angle_beta   91.41
_cell.angle_gamma   90.00
#
_symmetry.space_group_name_H-M   'P 1 21 1'
#
loop_
_entity.id
_entity.type
_entity.pdbx_description
1 polymer 'Photosystem I P700 chlorophyll a apoprotein A1'
2 polymer 'Photosystem I P700 chlorophyll a apoprotein A2'
3 polymer 'Photosystem I iron-sulfur center'
4 polymer 'Uncharacterized protein'
5 polymer 'Putative uncharacterized protein'
6 polymer 'Photosystem I reaction center subunit III, chloroplastic'
7 polymer 'Photosystem I reaction center subunit V, chloroplastic'
8 polymer 'Putative uncharacterized protein'
9 polymer 'Photosystem I reaction center subunit VIII'
10 polymer 'Photosystem I reaction center subunit IX'
11 polymer 'Photosystem I reaction center subunit X psaK'
12 polymer 'Putative uncharacterized protein'
13 polymer 'Chlorophyll a-b binding protein 6, chloroplastic'
14 polymer 'Type II chlorophyll a/b binding protein from photosystem I'
15 polymer 'Chlorophyll a-b binding protein 3, chloroplastic'
16 polymer 'Chlorophyll a-b binding protein P4, chloroplastic'
17 non-polymer 'CHLOROPHYLL A'
18 non-polymer PHYLLOQUINONE
19 non-polymer 1,2-DIPALMITOYL-PHOSPHATIDYL-GLYCEROLE
20 non-polymer BETA-CAROTENE
21 non-polymer 'IRON/SULFUR CLUSTER'
22 non-polymer 'heptyl 1-thio-beta-D-glucopyranoside'
23 non-polymer DODECYL-BETA-D-MALTOSIDE
24 non-polymer 'DIGALACTOSYL DIACYL GLYCEROL (DGDG)'
25 non-polymer 1,2-DISTEAROYL-MONOGALACTOSYL-DIGLYCERIDE
26 non-polymer 'CHLOROPHYLL B'
27 non-polymer "(3R,3'R,6S)-4,5-DIDEHYDRO-5,6-DIHYDRO-BETA,BETA-CAROTENE-3,3'-DIOL"
28 non-polymer "(3S,5R,6S,3'S,5'R,6'S)-5,6,5',6'-DIEPOXY-5,6,5',6'- TETRAHYDRO-BETA,BETA-CAROTENE-3,3'-DIOL"
29 water water
#
loop_
_entity_poly.entity_id
_entity_poly.type
_entity_poly.pdbx_seq_one_letter_code
_entity_poly.pdbx_strand_id
1 'polypeptide(L)'
;EVKILVDRDPIKTSFEQWAKPGHFSRTIAKGPDTTTWIWNLHADAHDFDSHTSDLEEISRKVFSAHFGQLSIIFLWLSGM
YFHGARFSNYEAWLNDPTHIKPSAQVVWPIVGQEILNGDVGGGFRGIQITSGFFQIWRASGITSELQLYCTAIGALVFAG
LMLFAGWFHYHKAAPKLAWFQDVESMLNHHLAGLLGLGSLSWAGHQVHVSLPINQFLNAGVDPKEIPLPHEFILNRDLLA
QLYPSFAEGATPFFTLNWSKYADFLTFRGGLDPLTGGLWLTDIAHHHLAIAILFLIAGHMYRTNWGIGHGIKDILEAHKG
PFTGQGHKGLYEILTTSWHAQLSINLAMLGSLTIVVAQHMYSMPPYPYLATDYATQLSLFTHHMWIGGFLIVGAAAHAAI
FMVRDYDPTTRYNDLLDRVLRHRDAIISHLNWVCIFLGFHSFGLYIHNDTMSALGRPQDMFSDTAIQLQPVFAQWIQNTH
ALAPGTTAPGATASTSLTWGGGDLVAVGGKVALLPIPLGTADFLVHHIHAFTIHVTVLILLKGVLFARSSRLIPDKANLG
FRFPCDGPGRGGTCQVSAWDHVFLGLFWMYNSISVVIFHFSWKMQSDVWGTINDQGVVTHITAGNFAQSSITINGWLRDF
LWAQASQVIQSYGSSLSAYGLFFLGAHFVWAFSLMFLFSGRGYWQELIESIVWAHNKLKVAPATQPRALSIVQGRAVGVT
HYLLGGIATTWAFFLARIIAVG
;
A,a
2 'polypeptide(L)'
;ALRFPRFSQGIAQDPTTRRIWFGIATAHDFESHDDITEGRLYQNIFASHFGQLAIIFLWTSGNLFHVAWQGNFEAWVQDP
FHVRPIAHAIWDPHFGQPAVEAFTRGGALGPVNNAYSGVYQWWYTIGLRTNEDLYTGAIFLLFLSFISLLAGWLHLQPKW
KPSVSWFKNAESRLNHHLSGLFGVSSLAWAGHLVHVAIPGSRGEYVRWNNFLDVLPHPQGLGPLLTGQWNLYAQNPSSSN
HLFGTTQGAGTAILTILGGFHPQTQSLWLTDMAHHHLAIAFLFLIGGHMYRTNFGIGHSIKYILEAHIPPGGRLGRGHKG
LYDTINNSIHFQLGLALASLGVITSLVAQHMYSLPAYAFIAQDFTTQAALYTHHQYIAGFIMTGAFAHGPIFFIRDYNPE
QNADNVLARMLEHKEAIISHLSWASLFLGFHTLGLYVHNDVMLAFGTPEKQILIEPIFAQWIQSAHGKTTYGFDVLLSST
NGPALNAGRNIWLPGWLNAINENSNSLFLTIGPGDFLVHHAIALGLHTTTLILVKGALDARGSKLMPDKKDFGYSFPCDG
PGRGGTCDISAWDAFYLAVFWMLNTIGWVTFYWHWKHITLWRGNVSQFNESSTYLMGWLRDYLWLNSSQLINGYNPFGMN
SLSVWAWMFLFGHLVWATGFMFLISWRGYWQELIETLAWAHERTPLANLIRWRDKPVALSIVQARLVGLVHFSVGYIFTY
AAFLIASTSGKFG
;
B,b
3 'polypeptide(L)' SHSVKIYDTCIGCTQCVRACPTDVLEMIPWGGCKAKQIASAPRTEDCVGCKRCESACPTDFLSVRVYLWHETTRSMGLAY C,c
4 'polypeptide(L)'
;TPPELDPNTPSPIFGGSTGGLLRKAQVEEFYVITWDSPKEQIFEMPTGGAAIMREGPNLLKLARKEQCLALGTRLRSKYK
IKYQFYRVFPNGEVQYLHPKDGVYPEKVNAGRQGVGQNFRSIGKNVSPIEVKFTGKQPYDL
;
D,d
5 'polypeptide(L)' IGPKRGAKVKILRKESYWYKGTGSVVAVDQDPNTRYPVVVRFNKVNYANVSTNNYALDEIQEVE E,e
6 'polypeptide(L)'
;DISGLTPCKESKQFAKREKQALKKLQASLKLYADDSAPALAIKATMEKTKKRFDNYGKYGLLCGSDGLPHLIVSGDQRHW
GEFITPGILFLYIAGWIGWVGRSYLIAIRDEKKPTQKEIIIDVPLASRLLFRGFSWPVAAYRELLNGELVD
;
F,f
7 'polypeptide(L)'
;ELSPSLVISLSTGLSLFLGRFVFFNFQRENVAKQVPEQNGLTHFEAGDTRAKEYVSLLKSNDPVGFNIVDVLAWGSIGHI
VAYYILATTSNGYDP
;
G,g
8 'polypeptide(L)'
;SVYFDLEDLGNTTGQWDSYGSDAPSPYNPLQSKLFETFAAPFTKRGLLLKFLILGGGSTLAYLSATASGDILPITRGPQQ
PPKLGPRGKI
;
H,h
9 'polypeptide(L)' INLPSLFVPLVGLLFPAVAMASLFLHVEKR I,i
10 'polypeptide(L)' MRDLKTYLSVAPVVSTLWFGALAGLLIEINRFFPDALIF J,j
11 'polypeptide(L)'
;DFIGSPTNLIMVTSTSLMLFAGRFGLAPSANRKATAGLKLEVRDSGLQTGDPAGFTLADTLACGVVGHIIGVGVVLGLKN
IGAL
;
K,k
12 'polypeptide(L)'
;YQVIQPINGDPFIGSLETPVTSSPLIAWYLSNLPAYRTAVSPLLRGIEVGLAHGYLLVGPFVKAGPLRNTEIAGQAGSLA
AGGLVVILSLCLTIYGISSFNEGAPSTAPSLTLTGRKKEPDQLQTADGWAKFTGGFFFGGISGVIWAYFLLYV
;
L,l
13 'polypeptide(L)'
;AHWMPGEPRPAYLDGSAPGDFGFDPLGLGEVPANLERYKESELIHCRWAMLAVPGILVPEALGYGNWVKAQEWAALPGGQ
ATYLGNPVPWGTLPTILAIEFLAIAFVEHQRSMEKDPEKKKYPGGAFDPLGYSKDPKKLEELKVKEIKNGRLALLAFVGF
CVQQSAYPGTGPLENLATHLADPWHNNIGDILIGF
;
1,6
14 'polypeptide(L)'
;PDRPLWFPGSTPPPWLDGSLPGDFGFDPLGLGSDPESLRWNVQAELVHSRWAMLGAAGIFIPEFLTKLGILNTPSWYTAG
EQEYFTDTTTLFIVELVFIGWAEGRRWADILNPGCVNTDPIFPNNKLTGTDVGYPGGLWFDPLGWGSASPQKLKELRTKE
IKNGRLAMLAVMGAWFQHIYTGTGPIDNLFAHLADPGHATIFAAFT
;
2,7
15 'polypeptide(L)'
;RPLWFASKQSLSYLDGSLPGDYGFDPLGLSDPEGTGGFIEPRWLAYGEVINGRFAMLGAVGAIAPEYLGKVGLIPQETAL
AWFQTGVIPPAGTYNYWADNYTLFVLEMALMGFAEHRRFQDWAKPGSMGKQYFLGLEKGFGGSGNPAYPGGPFFNPLGFG
KDEKSLKELKLKEVKNGRLAMLAILGYFIQGLVTGVGPYQNLLDHVADPVNNNVLTSL
;
3,8
16 'polypeptide(L)'
;GEWLPGLASPGYLTGSLPGDNGFDPLGLAEDPENLRWFVQAELVNGRWAMLGVAGMLLPEVFTSIGIINVPKWYAAGKEE
YFASSSTLFVIEFILFHYVEIRRWQDIKNPGSVNQDPIFKQYSLPAGEVGYPGGIFNPLNFAPTLEAKEKEIANGRLAML
AFLGFIIQHNVTGKGPFDNLLQHISDPWHNTIVQTL
;
4,9
#
# COMPACT_ATOMS: atom_id res chain seq x y z
N GLU A 1 -59.66 1.80 23.42
CA GLU A 1 -59.99 2.35 24.72
C GLU A 1 -59.27 1.63 25.84
N VAL A 2 -58.05 2.08 26.16
CA VAL A 2 -57.22 1.45 27.18
C VAL A 2 -57.82 1.56 28.59
N LYS A 3 -58.06 0.41 29.22
CA LYS A 3 -58.68 0.40 30.54
C LYS A 3 -58.28 -0.82 31.36
N ILE A 4 -58.65 -0.82 32.64
CA ILE A 4 -58.36 -1.92 33.55
C ILE A 4 -59.32 -3.07 33.36
N LEU A 5 -58.82 -4.18 32.81
CA LEU A 5 -59.65 -5.37 32.58
C LEU A 5 -59.18 -6.54 33.44
N VAL A 6 -60.11 -7.15 34.17
CA VAL A 6 -59.78 -8.19 35.13
C VAL A 6 -60.92 -9.20 35.31
N ASP A 7 -60.57 -10.48 35.40
CA ASP A 7 -61.52 -11.51 35.78
C ASP A 7 -61.43 -11.80 37.28
N ARG A 8 -62.60 -12.01 37.88
CA ARG A 8 -62.71 -12.20 39.33
C ARG A 8 -62.73 -13.68 39.70
N ASP A 9 -61.76 -14.09 40.51
CA ASP A 9 -61.63 -15.47 40.98
C ASP A 9 -61.62 -16.52 39.87
N PRO A 10 -60.55 -16.54 39.05
CA PRO A 10 -60.47 -17.50 37.95
C PRO A 10 -60.09 -18.89 38.46
N ILE A 11 -59.22 -18.93 39.46
CA ILE A 11 -58.75 -20.21 40.01
C ILE A 11 -58.94 -20.26 41.54
N LYS A 12 -59.65 -21.29 42.00
CA LYS A 12 -59.85 -21.51 43.42
C LYS A 12 -58.51 -21.88 44.08
N THR A 13 -58.24 -21.27 45.23
CA THR A 13 -57.01 -21.53 45.97
C THR A 13 -57.14 -22.76 46.87
N SER A 14 -56.46 -23.85 46.49
CA SER A 14 -56.53 -25.09 47.26
C SER A 14 -55.23 -25.88 47.21
N PHE A 15 -54.94 -26.59 48.29
CA PHE A 15 -53.75 -27.44 48.37
C PHE A 15 -53.96 -28.78 47.64
N GLU A 16 -55.12 -28.93 47.02
CA GLU A 16 -55.46 -30.17 46.32
C GLU A 16 -54.47 -30.46 45.19
N GLN A 17 -54.05 -29.42 44.49
CA GLN A 17 -53.13 -29.56 43.38
C GLN A 17 -51.70 -29.78 43.89
N TRP A 18 -51.44 -29.36 45.13
CA TRP A 18 -50.15 -29.59 45.75
C TRP A 18 -49.91 -31.08 45.99
N ALA A 19 -51.00 -31.80 46.27
CA ALA A 19 -50.92 -33.22 46.56
C ALA A 19 -50.99 -34.08 45.29
N LYS A 20 -50.99 -33.42 44.14
CA LYS A 20 -51.02 -34.10 42.85
C LYS A 20 -49.92 -33.59 41.93
N PRO A 21 -48.73 -34.19 42.01
CA PRO A 21 -47.57 -33.83 41.20
C PRO A 21 -47.85 -33.93 39.70
N GLY A 22 -47.52 -32.88 38.96
CA GLY A 22 -47.68 -32.89 37.51
C GLY A 22 -49.09 -32.59 37.05
N HIS A 23 -49.85 -31.92 37.92
CA HIS A 23 -51.24 -31.57 37.64
C HIS A 23 -51.41 -30.75 36.36
N PHE A 24 -50.39 -29.96 36.03
CA PHE A 24 -50.43 -29.05 34.89
C PHE A 24 -50.44 -29.79 33.55
N SER A 25 -49.98 -31.04 33.56
CA SER A 25 -49.91 -31.83 32.35
C SER A 25 -50.76 -33.10 32.47
N ARG A 26 -51.61 -33.34 31.48
CA ARG A 26 -52.45 -34.53 31.47
C ARG A 26 -51.63 -35.83 31.47
N THR A 27 -50.46 -35.78 30.85
CA THR A 27 -49.57 -36.93 30.80
C THR A 27 -48.91 -37.18 32.15
N ILE A 28 -48.33 -36.11 32.71
CA ILE A 28 -47.56 -36.22 33.95
C ILE A 28 -48.45 -36.43 35.17
N ALA A 29 -49.68 -35.95 35.11
CA ALA A 29 -50.60 -36.06 36.24
C ALA A 29 -51.00 -37.51 36.53
N LYS A 30 -50.90 -38.37 35.53
CA LYS A 30 -51.29 -39.77 35.66
C LYS A 30 -50.38 -40.55 36.62
N GLY A 31 -49.16 -40.06 36.82
CA GLY A 31 -48.22 -40.72 37.70
C GLY A 31 -47.05 -41.34 36.96
N PRO A 32 -46.08 -41.88 37.72
CA PRO A 32 -44.86 -42.45 37.15
C PRO A 32 -44.97 -43.95 36.89
N ASP A 33 -44.56 -44.37 35.70
CA ASP A 33 -44.37 -45.79 35.40
C ASP A 33 -42.87 -46.07 35.46
N THR A 34 -42.10 -45.12 34.95
CA THR A 34 -40.64 -45.18 34.99
C THR A 34 -40.15 -43.95 35.73
N THR A 35 -38.83 -43.88 35.96
CA THR A 35 -38.26 -42.75 36.69
C THR A 35 -38.23 -41.49 35.83
N THR A 36 -38.30 -41.67 34.52
CA THR A 36 -38.26 -40.56 33.56
C THR A 36 -39.29 -39.49 33.92
N TRP A 37 -40.47 -39.97 34.32
CA TRP A 37 -41.56 -39.12 34.80
C TRP A 37 -41.05 -37.99 35.68
N ILE A 38 -40.28 -38.35 36.70
CA ILE A 38 -39.73 -37.39 37.65
C ILE A 38 -39.09 -36.22 36.91
N TRP A 39 -38.12 -36.53 36.06
CA TRP A 39 -37.38 -35.49 35.35
C TRP A 39 -38.34 -34.62 34.54
N ASN A 40 -39.29 -35.26 33.86
CA ASN A 40 -40.25 -34.55 33.04
C ASN A 40 -41.00 -33.52 33.88
N LEU A 41 -41.36 -33.92 35.09
CA LEU A 41 -42.12 -33.07 35.99
C LEU A 41 -41.43 -31.74 36.19
N HIS A 42 -40.10 -31.76 36.21
CA HIS A 42 -39.35 -30.55 36.47
C HIS A 42 -39.02 -29.83 35.18
N ALA A 43 -38.94 -30.58 34.09
CA ALA A 43 -38.53 -30.00 32.82
C ALA A 43 -39.63 -29.13 32.22
N ASP A 44 -40.88 -29.57 32.39
CA ASP A 44 -42.02 -28.88 31.80
C ASP A 44 -42.78 -28.03 32.81
N ALA A 45 -42.20 -27.84 34.00
CA ALA A 45 -42.86 -27.10 35.07
C ALA A 45 -43.21 -25.66 34.67
N HIS A 46 -42.31 -24.98 33.98
CA HIS A 46 -42.53 -23.59 33.60
C HIS A 46 -42.77 -23.42 32.10
N ASP A 47 -43.05 -24.52 31.40
CA ASP A 47 -43.39 -24.44 29.98
C ASP A 47 -44.91 -24.30 29.85
N PHE A 48 -45.39 -23.09 30.06
CA PHE A 48 -46.83 -22.83 30.12
C PHE A 48 -47.53 -23.05 28.78
N ASP A 49 -46.75 -23.00 27.70
CA ASP A 49 -47.29 -23.23 26.36
C ASP A 49 -47.74 -24.67 26.18
N SER A 50 -47.04 -25.60 26.83
CA SER A 50 -47.37 -27.01 26.73
C SER A 50 -48.47 -27.38 27.72
N HIS A 51 -48.84 -26.41 28.56
CA HIS A 51 -49.92 -26.59 29.53
C HIS A 51 -51.25 -26.25 28.89
N THR A 52 -51.33 -25.06 28.30
CA THR A 52 -52.57 -24.57 27.71
C THR A 52 -52.32 -23.93 26.36
N SER A 53 -53.37 -23.84 25.55
CA SER A 53 -53.31 -23.15 24.27
C SER A 53 -53.79 -21.72 24.45
N ASP A 54 -54.47 -21.47 25.56
CA ASP A 54 -55.07 -20.16 25.83
C ASP A 54 -54.03 -19.12 26.24
N LEU A 55 -53.86 -18.10 25.41
CA LEU A 55 -52.85 -17.06 25.63
C LEU A 55 -53.07 -16.29 26.93
N GLU A 56 -54.34 -16.16 27.32
CA GLU A 56 -54.71 -15.42 28.52
C GLU A 56 -54.19 -16.09 29.80
N GLU A 57 -54.49 -17.37 29.94
CA GLU A 57 -54.07 -18.13 31.12
C GLU A 57 -52.56 -18.16 31.25
N ILE A 58 -51.88 -18.34 30.13
CA ILE A 58 -50.42 -18.30 30.09
C ILE A 58 -49.93 -16.95 30.58
N SER A 59 -50.51 -15.88 30.05
CA SER A 59 -50.15 -14.52 30.43
C SER A 59 -50.30 -14.28 31.94
N ARG A 60 -51.40 -14.76 32.50
CA ARG A 60 -51.63 -14.64 33.93
C ARG A 60 -50.57 -15.38 34.72
N LYS A 61 -50.30 -16.62 34.30
CA LYS A 61 -49.25 -17.43 34.92
C LYS A 61 -47.91 -16.71 34.94
N VAL A 62 -47.52 -16.14 33.80
CA VAL A 62 -46.24 -15.45 33.73
C VAL A 62 -46.24 -14.19 34.61
N PHE A 63 -47.38 -13.52 34.71
CA PHE A 63 -47.49 -12.31 35.53
C PHE A 63 -47.24 -12.63 37.02
N SER A 64 -48.00 -13.59 37.54
CA SER A 64 -47.81 -13.99 38.93
C SER A 64 -46.43 -14.61 39.18
N ALA A 65 -45.91 -15.31 38.18
CA ALA A 65 -44.57 -15.86 38.27
C ALA A 65 -43.58 -14.73 38.48
N HIS A 66 -43.70 -13.67 37.67
CA HIS A 66 -42.85 -12.50 37.81
C HIS A 66 -42.95 -11.92 39.22
N PHE A 67 -44.17 -11.87 39.75
CA PHE A 67 -44.34 -11.42 41.13
C PHE A 67 -43.55 -12.28 42.11
N GLY A 68 -43.57 -13.60 41.89
CA GLY A 68 -42.78 -14.51 42.69
C GLY A 68 -41.28 -14.21 42.63
N GLN A 69 -40.79 -13.98 41.41
CA GLN A 69 -39.39 -13.64 41.20
C GLN A 69 -39.00 -12.38 41.96
N LEU A 70 -39.82 -11.33 41.81
CA LEU A 70 -39.58 -10.07 42.49
C LEU A 70 -39.59 -10.24 44.01
N SER A 71 -40.49 -11.11 44.49
CA SER A 71 -40.55 -11.42 45.92
C SER A 71 -39.23 -12.02 46.38
N ILE A 72 -38.75 -13.02 45.63
CA ILE A 72 -37.47 -13.66 45.89
C ILE A 72 -36.32 -12.65 45.94
N ILE A 73 -36.28 -11.76 44.96
CA ILE A 73 -35.23 -10.75 44.89
C ILE A 73 -35.28 -9.79 46.09
N PHE A 74 -36.47 -9.38 46.48
CA PHE A 74 -36.63 -8.53 47.66
C PHE A 74 -36.18 -9.23 48.93
N LEU A 75 -36.45 -10.52 49.02
CA LEU A 75 -35.98 -11.32 50.15
C LEU A 75 -34.45 -11.39 50.16
N TRP A 76 -33.88 -11.47 48.97
CA TRP A 76 -32.43 -11.52 48.76
C TRP A 76 -31.75 -10.22 49.21
N LEU A 77 -32.29 -9.09 48.76
CA LEU A 77 -31.81 -7.78 49.16
C LEU A 77 -31.95 -7.60 50.66
N SER A 78 -33.09 -8.05 51.19
CA SER A 78 -33.35 -8.02 52.61
C SER A 78 -32.22 -8.74 53.35
N GLY A 79 -31.84 -9.90 52.83
CA GLY A 79 -30.76 -10.68 53.40
C GLY A 79 -29.44 -9.93 53.37
N MET A 80 -29.15 -9.29 52.23
CA MET A 80 -27.88 -8.57 52.10
C MET A 80 -27.78 -7.41 53.08
N TYR A 81 -28.86 -6.63 53.19
CA TYR A 81 -28.86 -5.52 54.14
C TYR A 81 -28.79 -5.98 55.59
N PHE A 82 -29.54 -7.03 55.91
CA PHE A 82 -29.54 -7.56 57.28
C PHE A 82 -28.16 -8.08 57.65
N HIS A 83 -27.52 -8.80 56.74
CA HIS A 83 -26.18 -9.32 57.00
C HIS A 83 -25.18 -8.18 57.07
N GLY A 84 -25.45 -7.11 56.33
CA GLY A 84 -24.61 -5.93 56.38
C GLY A 84 -24.75 -5.21 57.70
N ALA A 85 -25.88 -5.39 58.36
CA ALA A 85 -26.12 -4.71 59.63
C ALA A 85 -25.67 -5.54 60.84
N ARG A 86 -25.94 -6.83 60.80
CA ARG A 86 -25.75 -7.69 61.96
C ARG A 86 -24.41 -8.45 61.94
N PHE A 87 -24.00 -8.91 60.77
CA PHE A 87 -22.79 -9.71 60.66
C PHE A 87 -21.74 -9.09 59.75
N SER A 88 -21.32 -7.86 60.03
CA SER A 88 -20.35 -7.19 59.17
C SER A 88 -19.41 -6.26 59.92
N ASN A 89 -18.50 -5.64 59.16
CA ASN A 89 -17.57 -4.66 59.71
C ASN A 89 -17.74 -3.33 58.98
N TYR A 90 -18.98 -3.01 58.65
CA TYR A 90 -19.28 -1.86 57.79
C TYR A 90 -18.92 -0.49 58.39
N GLU A 91 -19.24 -0.28 59.66
CA GLU A 91 -18.93 0.99 60.30
C GLU A 91 -17.42 1.19 60.38
N ALA A 92 -16.74 0.16 60.86
CA ALA A 92 -15.28 0.15 60.92
C ALA A 92 -14.70 0.46 59.55
N TRP A 93 -15.28 -0.13 58.52
CA TRP A 93 -14.86 0.12 57.14
C TRP A 93 -15.06 1.58 56.76
N LEU A 94 -16.17 2.16 57.21
CA LEU A 94 -16.44 3.58 56.96
C LEU A 94 -15.33 4.42 57.56
N ASN A 95 -14.88 4.04 58.75
CA ASN A 95 -13.78 4.75 59.42
C ASN A 95 -12.46 4.67 58.65
N ASP A 96 -12.23 3.57 57.93
CA ASP A 96 -11.00 3.37 57.19
C ASP A 96 -11.20 2.43 56.01
N PRO A 97 -11.73 2.98 54.90
CA PRO A 97 -12.05 2.19 53.70
C PRO A 97 -10.82 1.68 52.95
N THR A 98 -9.71 2.39 53.09
CA THR A 98 -8.51 2.07 52.30
C THR A 98 -7.68 0.93 52.90
N HIS A 99 -7.90 0.62 54.17
CA HIS A 99 -7.12 -0.43 54.82
C HIS A 99 -7.98 -1.44 55.56
N ILE A 100 -9.26 -1.51 55.20
CA ILE A 100 -10.14 -2.54 55.75
C ILE A 100 -10.86 -3.29 54.62
N LYS A 101 -10.84 -4.62 54.72
CA LYS A 101 -11.48 -5.47 53.72
C LYS A 101 -12.96 -5.71 54.04
N PRO A 102 -13.84 -5.41 53.07
CA PRO A 102 -15.29 -5.55 53.23
C PRO A 102 -15.72 -6.97 53.53
N SER A 103 -16.39 -7.17 54.65
CA SER A 103 -16.84 -8.50 55.05
C SER A 103 -18.25 -8.43 55.65
N ALA A 104 -19.13 -9.32 55.19
CA ALA A 104 -20.49 -9.36 55.70
C ALA A 104 -21.04 -10.78 55.83
N GLN A 105 -20.13 -11.73 56.05
CA GLN A 105 -20.51 -13.12 56.31
C GLN A 105 -19.57 -13.73 57.34
N VAL A 106 -20.14 -14.39 58.34
CA VAL A 106 -19.36 -15.06 59.37
C VAL A 106 -19.83 -16.50 59.48
N VAL A 107 -18.90 -17.41 59.79
CA VAL A 107 -19.25 -18.83 59.88
C VAL A 107 -19.26 -19.30 61.33
N TRP A 108 -20.06 -20.33 61.61
CA TRP A 108 -20.13 -20.92 62.93
C TRP A 108 -18.92 -21.81 63.19
N PRO A 109 -18.53 -21.94 64.46
CA PRO A 109 -17.36 -22.76 64.79
C PRO A 109 -17.67 -24.26 64.93
N ILE A 110 -17.72 -24.97 63.81
CA ILE A 110 -17.71 -26.43 63.86
C ILE A 110 -16.78 -27.02 62.80
N VAL A 111 -16.39 -28.28 63.02
CA VAL A 111 -15.50 -29.05 62.15
C VAL A 111 -14.32 -28.28 61.56
N GLY A 112 -13.92 -27.19 62.23
CA GLY A 112 -12.75 -26.43 61.84
C GLY A 112 -12.98 -25.32 60.83
N GLN A 113 -14.23 -25.16 60.39
CA GLN A 113 -14.54 -24.16 59.36
C GLN A 113 -14.38 -22.74 59.88
N GLU A 114 -14.17 -22.62 61.19
CA GLU A 114 -13.90 -21.35 61.87
C GLU A 114 -12.74 -20.59 61.24
N ILE A 115 -11.82 -21.33 60.63
CA ILE A 115 -10.65 -20.75 59.98
C ILE A 115 -11.04 -19.82 58.83
N LEU A 116 -12.24 -20.03 58.27
CA LEU A 116 -12.73 -19.21 57.17
C LEU A 116 -13.01 -17.77 57.63
N ASN A 117 -13.25 -17.59 58.93
CA ASN A 117 -13.38 -16.25 59.49
C ASN A 117 -12.00 -15.60 59.61
N GLY A 118 -11.59 -14.89 58.57
CA GLY A 118 -10.26 -14.32 58.52
C GLY A 118 -10.16 -12.89 59.01
N ASP A 119 -8.93 -12.39 59.07
CA ASP A 119 -8.65 -11.03 59.51
C ASP A 119 -8.94 -10.02 58.41
N VAL A 120 -10.18 -9.54 58.37
CA VAL A 120 -10.59 -8.56 57.36
C VAL A 120 -10.42 -7.13 57.86
N GLY A 121 -10.01 -7.00 59.11
CA GLY A 121 -9.79 -5.69 59.71
C GLY A 121 -10.99 -5.22 60.52
N GLY A 122 -10.85 -4.04 61.13
CA GLY A 122 -11.92 -3.47 61.93
C GLY A 122 -12.23 -4.25 63.19
N GLY A 123 -11.28 -5.07 63.63
CA GLY A 123 -11.48 -5.90 64.81
C GLY A 123 -12.56 -6.92 64.58
N PHE A 124 -12.63 -7.40 63.34
CA PHE A 124 -13.68 -8.33 62.92
C PHE A 124 -13.07 -9.52 62.21
N ARG A 125 -13.68 -10.69 62.39
CA ARG A 125 -13.22 -11.92 61.73
C ARG A 125 -14.33 -12.49 60.86
N GLY A 126 -14.06 -12.64 59.56
CA GLY A 126 -15.07 -13.18 58.67
C GLY A 126 -14.63 -13.39 57.22
N ILE A 127 -15.62 -13.62 56.36
CA ILE A 127 -15.39 -13.80 54.94
C ILE A 127 -15.45 -12.47 54.21
N GLN A 128 -14.40 -12.16 53.46
CA GLN A 128 -14.36 -10.94 52.68
C GLN A 128 -15.35 -11.01 51.51
N ILE A 129 -16.23 -10.03 51.43
CA ILE A 129 -17.23 -10.01 50.36
C ILE A 129 -16.71 -9.21 49.17
N THR A 130 -17.15 -9.58 47.98
CA THR A 130 -16.74 -8.88 46.77
C THR A 130 -17.95 -8.43 45.94
N SER A 131 -19.11 -8.30 46.59
CA SER A 131 -20.33 -7.86 45.93
C SER A 131 -20.38 -6.34 45.72
N GLY A 132 -19.66 -5.61 46.57
CA GLY A 132 -19.58 -4.17 46.44
C GLY A 132 -20.67 -3.41 47.16
N PHE A 133 -21.35 -4.07 48.09
CA PHE A 133 -22.44 -3.44 48.84
C PHE A 133 -21.98 -2.26 49.72
N PHE A 134 -20.78 -2.37 50.30
CA PHE A 134 -20.28 -1.34 51.20
C PHE A 134 -20.13 0.01 50.51
N GLN A 135 -19.58 0.00 49.30
CA GLN A 135 -19.41 1.24 48.54
C GLN A 135 -20.77 1.82 48.11
N ILE A 136 -21.75 0.96 47.84
CA ILE A 136 -23.10 1.41 47.54
C ILE A 136 -23.69 2.13 48.74
N TRP A 137 -23.61 1.46 49.89
CA TRP A 137 -24.13 1.98 51.14
C TRP A 137 -23.48 3.29 51.53
N ARG A 138 -22.18 3.41 51.28
CA ARG A 138 -21.48 4.65 51.54
C ARG A 138 -21.96 5.74 50.57
N ALA A 139 -22.18 5.35 49.32
CA ALA A 139 -22.66 6.27 48.30
C ALA A 139 -24.07 6.75 48.59
N SER A 140 -24.87 5.90 49.20
CA SER A 140 -26.25 6.23 49.53
C SER A 140 -26.32 7.08 50.79
N GLY A 141 -25.20 7.21 51.49
CA GLY A 141 -25.13 8.04 52.68
C GLY A 141 -25.41 7.29 53.98
N ILE A 142 -25.55 5.98 53.89
CA ILE A 142 -25.78 5.16 55.08
C ILE A 142 -24.54 5.18 55.98
N THR A 143 -24.75 5.33 57.28
CA THR A 143 -23.64 5.45 58.21
C THR A 143 -23.74 4.46 59.36
N SER A 144 -24.96 4.04 59.69
CA SER A 144 -25.17 3.17 60.84
C SER A 144 -25.74 1.82 60.42
N GLU A 145 -25.64 0.85 61.34
CA GLU A 145 -26.22 -0.46 61.14
C GLU A 145 -27.74 -0.40 61.25
N LEU A 146 -28.22 0.59 61.99
CA LEU A 146 -29.66 0.75 62.20
C LEU A 146 -30.39 0.99 60.89
N GLN A 147 -29.84 1.87 60.07
CA GLN A 147 -30.41 2.19 58.77
C GLN A 147 -30.44 0.96 57.86
N LEU A 148 -29.38 0.14 57.94
CA LEU A 148 -29.33 -1.11 57.19
C LEU A 148 -30.42 -2.07 57.67
N TYR A 149 -30.62 -2.13 58.98
CA TYR A 149 -31.69 -2.93 59.56
C TYR A 149 -33.05 -2.50 59.01
N CYS A 150 -33.29 -1.20 59.03
CA CYS A 150 -34.55 -0.64 58.55
C CYS A 150 -34.78 -0.96 57.07
N THR A 151 -33.71 -0.83 56.28
CA THR A 151 -33.80 -1.17 54.87
C THR A 151 -34.12 -2.66 54.68
N ALA A 152 -33.56 -3.48 55.57
CA ALA A 152 -33.83 -4.92 55.56
C ALA A 152 -35.30 -5.20 55.83
N ILE A 153 -35.85 -4.54 56.86
CA ILE A 153 -37.26 -4.69 57.20
C ILE A 153 -38.13 -4.25 56.02
N GLY A 154 -37.77 -3.13 55.40
CA GLY A 154 -38.48 -2.62 54.25
C GLY A 154 -38.50 -3.63 53.12
N ALA A 155 -37.34 -4.21 52.83
CA ALA A 155 -37.21 -5.19 51.76
C ALA A 155 -38.02 -6.46 52.05
N LEU A 156 -38.07 -6.85 53.33
CA LEU A 156 -38.85 -8.02 53.73
C LEU A 156 -40.34 -7.75 53.52
N VAL A 157 -40.78 -6.57 53.95
CA VAL A 157 -42.15 -6.12 53.71
C VAL A 157 -42.47 -6.18 52.22
N PHE A 158 -41.59 -5.62 51.41
CA PHE A 158 -41.79 -5.61 49.96
C PHE A 158 -41.83 -7.02 49.37
N ALA A 159 -41.10 -7.94 49.97
CA ALA A 159 -41.15 -9.34 49.57
C ALA A 159 -42.56 -9.89 49.82
N GLY A 160 -43.06 -9.61 51.02
CA GLY A 160 -44.43 -9.99 51.37
C GLY A 160 -45.46 -9.42 50.38
N LEU A 161 -45.27 -8.15 50.04
CA LEU A 161 -46.19 -7.45 49.15
C LEU A 161 -46.16 -8.03 47.75
N MET A 162 -44.97 -8.39 47.26
CA MET A 162 -44.84 -8.99 45.93
C MET A 162 -45.46 -10.39 45.90
N LEU A 163 -45.24 -11.16 46.95
CA LEU A 163 -45.81 -12.49 47.03
C LEU A 163 -47.34 -12.41 47.01
N PHE A 164 -47.88 -11.57 47.90
CA PHE A 164 -49.32 -11.35 47.96
C PHE A 164 -49.84 -10.88 46.62
N ALA A 165 -49.07 -10.03 45.95
CA ALA A 165 -49.48 -9.51 44.65
C ALA A 165 -49.58 -10.63 43.62
N GLY A 166 -48.66 -11.59 43.72
CA GLY A 166 -48.71 -12.75 42.85
C GLY A 166 -49.97 -13.55 43.07
N TRP A 167 -50.19 -13.96 44.32
CA TRP A 167 -51.39 -14.71 44.66
C TRP A 167 -52.68 -13.97 44.25
N PHE A 168 -52.68 -12.65 44.46
CA PHE A 168 -53.84 -11.83 44.20
C PHE A 168 -54.12 -11.75 42.71
N HIS A 169 -53.09 -11.47 41.93
CA HIS A 169 -53.26 -11.30 40.50
C HIS A 169 -53.27 -12.65 39.75
N TYR A 170 -53.21 -13.76 40.47
CA TYR A 170 -53.51 -15.04 39.83
C TYR A 170 -54.86 -15.63 40.25
N HIS A 171 -55.16 -15.54 41.54
CA HIS A 171 -56.32 -16.22 42.10
C HIS A 171 -57.54 -15.32 42.32
N LYS A 172 -57.30 -14.04 42.61
CA LYS A 172 -58.39 -13.13 42.96
C LYS A 172 -58.80 -12.21 41.81
N ALA A 173 -57.85 -11.44 41.30
CA ALA A 173 -58.12 -10.49 40.22
C ALA A 173 -57.12 -10.63 39.10
N ALA A 174 -57.42 -11.50 38.14
CA ALA A 174 -56.46 -11.81 37.09
C ALA A 174 -56.76 -11.06 35.79
N PRO A 175 -55.83 -10.20 35.36
CA PRO A 175 -55.95 -9.35 34.17
C PRO A 175 -56.38 -10.10 32.91
N LYS A 176 -57.13 -9.42 32.04
CA LYS A 176 -57.53 -9.99 30.76
C LYS A 176 -56.40 -9.86 29.74
N LEU A 177 -56.52 -10.63 28.64
CA LEU A 177 -55.50 -10.63 27.59
C LEU A 177 -55.33 -9.26 26.94
N ALA A 178 -56.45 -8.56 26.77
CA ALA A 178 -56.41 -7.21 26.20
C ALA A 178 -55.57 -6.27 27.06
N TRP A 179 -55.62 -6.49 28.38
CA TRP A 179 -54.87 -5.68 29.33
C TRP A 179 -53.37 -5.85 29.10
N PHE A 180 -52.92 -7.11 29.04
CA PHE A 180 -51.52 -7.41 28.76
C PHE A 180 -51.11 -6.89 27.39
N GLN A 181 -52.06 -6.88 26.46
CA GLN A 181 -51.78 -6.47 25.09
C GLN A 181 -51.74 -4.96 24.86
N ASP A 182 -52.08 -4.19 25.89
CA ASP A 182 -51.98 -2.73 25.79
C ASP A 182 -50.52 -2.30 25.85
N VAL A 183 -49.81 -2.50 24.75
CA VAL A 183 -48.38 -2.27 24.69
C VAL A 183 -47.98 -0.80 24.63
N GLU A 184 -48.83 0.02 24.03
CA GLU A 184 -48.58 1.46 23.98
C GLU A 184 -48.59 2.04 25.39
N SER A 185 -49.61 1.65 26.17
CA SER A 185 -49.75 2.08 27.55
C SER A 185 -48.63 1.51 28.43
N MET A 186 -48.31 0.22 28.24
CA MET A 186 -47.26 -0.42 29.01
C MET A 186 -45.92 0.28 28.78
N LEU A 187 -45.64 0.58 27.51
CA LEU A 187 -44.42 1.30 27.16
C LEU A 187 -44.39 2.70 27.76
N ASN A 188 -45.51 3.41 27.67
CA ASN A 188 -45.60 4.75 28.26
C ASN A 188 -45.32 4.72 29.77
N HIS A 189 -46.01 3.84 30.47
CA HIS A 189 -45.88 3.72 31.91
C HIS A 189 -44.50 3.27 32.35
N HIS A 190 -43.87 2.39 31.56
CA HIS A 190 -42.54 1.90 31.91
C HIS A 190 -41.46 2.92 31.62
N LEU A 191 -41.67 3.73 30.57
CA LEU A 191 -40.71 4.76 30.21
C LEU A 191 -40.78 5.94 31.18
N ALA A 192 -41.99 6.38 31.49
CA ALA A 192 -42.19 7.57 32.31
C ALA A 192 -42.27 7.26 33.81
N GLY A 193 -43.06 6.24 34.16
CA GLY A 193 -43.29 5.90 35.55
C GLY A 193 -42.16 5.12 36.20
N LEU A 194 -41.70 4.06 35.54
CA LEU A 194 -40.63 3.25 36.10
C LEU A 194 -39.29 3.96 36.05
N LEU A 195 -38.72 4.06 34.84
CA LEU A 195 -37.39 4.64 34.70
C LEU A 195 -37.37 6.13 35.03
N GLY A 196 -38.34 6.87 34.51
CA GLY A 196 -38.39 8.31 34.71
C GLY A 196 -38.49 8.73 36.16
N LEU A 197 -39.60 8.35 36.81
CA LEU A 197 -39.82 8.68 38.21
C LEU A 197 -38.80 7.99 39.10
N GLY A 198 -38.29 6.86 38.63
CA GLY A 198 -37.26 6.13 39.34
C GLY A 198 -36.00 6.94 39.50
N SER A 199 -35.43 7.39 38.37
CA SER A 199 -34.20 8.18 38.42
C SER A 199 -34.46 9.59 38.93
N LEU A 200 -35.70 10.06 38.81
CA LEU A 200 -36.04 11.37 39.37
C LEU A 200 -36.00 11.33 40.89
N SER A 201 -36.77 10.42 41.47
CA SER A 201 -36.79 10.27 42.91
C SER A 201 -35.42 9.86 43.46
N TRP A 202 -34.69 9.04 42.72
CA TRP A 202 -33.34 8.69 43.13
C TRP A 202 -32.45 9.93 43.12
N ALA A 203 -32.59 10.77 42.10
CA ALA A 203 -31.88 12.04 42.06
C ALA A 203 -32.25 12.87 43.28
N GLY A 204 -33.49 12.71 43.74
CA GLY A 204 -33.94 13.35 44.97
C GLY A 204 -33.14 12.89 46.17
N HIS A 205 -33.02 11.58 46.34
CA HIS A 205 -32.22 11.05 47.45
C HIS A 205 -30.77 11.50 47.34
N GLN A 206 -30.24 11.51 46.13
CA GLN A 206 -28.85 11.88 45.91
C GLN A 206 -28.59 13.35 46.27
N VAL A 207 -29.50 14.23 45.86
CA VAL A 207 -29.31 15.66 46.10
C VAL A 207 -29.60 16.03 47.55
N HIS A 208 -30.49 15.29 48.21
CA HIS A 208 -30.86 15.64 49.59
C HIS A 208 -30.15 14.82 50.67
N VAL A 209 -29.69 13.62 50.31
CA VAL A 209 -29.06 12.75 51.29
C VAL A 209 -27.63 12.36 50.93
N SER A 210 -27.41 11.90 49.70
CA SER A 210 -26.09 11.41 49.31
C SER A 210 -25.02 12.50 49.32
N LEU A 211 -25.24 13.56 48.54
CA LEU A 211 -24.29 14.67 48.44
C LEU A 211 -23.79 15.24 49.78
N PRO A 212 -24.71 15.62 50.68
CA PRO A 212 -24.22 16.22 51.93
C PRO A 212 -23.43 15.26 52.81
N ILE A 213 -24.00 14.09 53.10
CA ILE A 213 -23.35 13.10 53.95
C ILE A 213 -22.00 12.67 53.38
N ASN A 214 -21.95 12.49 52.06
CA ASN A 214 -20.68 12.15 51.43
C ASN A 214 -19.67 13.29 51.48
N GLN A 215 -20.15 14.53 51.40
CA GLN A 215 -19.28 15.69 51.54
C GLN A 215 -18.65 15.67 52.93
N PHE A 216 -19.46 15.37 53.93
CA PHE A 216 -18.97 15.24 55.30
C PHE A 216 -17.94 14.11 55.44
N LEU A 217 -18.28 12.91 54.98
CA LEU A 217 -17.36 11.78 55.01
C LEU A 217 -16.02 12.10 54.36
N ASN A 218 -16.08 12.73 53.20
CA ASN A 218 -14.87 13.11 52.46
C ASN A 218 -14.08 14.18 53.19
N ALA A 219 -14.80 15.03 53.94
CA ALA A 219 -14.15 16.05 54.76
C ALA A 219 -13.33 15.40 55.88
N GLY A 220 -13.77 14.23 56.34
CA GLY A 220 -13.01 13.47 57.33
C GLY A 220 -13.72 13.28 58.66
N VAL A 221 -14.86 13.93 58.83
CA VAL A 221 -15.59 13.87 60.09
C VAL A 221 -16.11 12.46 60.37
N ASP A 222 -16.00 12.04 61.63
CA ASP A 222 -16.50 10.74 62.09
C ASP A 222 -17.96 10.56 61.71
N PRO A 223 -18.31 9.38 61.16
CA PRO A 223 -19.66 9.06 60.69
C PRO A 223 -20.75 9.28 61.73
N LYS A 224 -20.47 8.88 62.98
CA LYS A 224 -21.44 9.05 64.06
C LYS A 224 -21.66 10.54 64.34
N GLU A 225 -20.64 11.33 64.03
CA GLU A 225 -20.68 12.77 64.30
C GLU A 225 -21.37 13.52 63.16
N ILE A 226 -21.51 12.86 62.01
CA ILE A 226 -22.18 13.42 60.85
C ILE A 226 -23.68 13.54 61.12
N PRO A 227 -24.27 14.69 60.75
CA PRO A 227 -25.72 14.91 60.92
C PRO A 227 -26.56 13.85 60.19
N LEU A 228 -27.64 13.41 60.85
CA LEU A 228 -28.56 12.44 60.25
C LEU A 228 -29.21 13.02 59.00
N PRO A 229 -29.53 12.14 58.02
CA PRO A 229 -30.04 12.58 56.71
C PRO A 229 -31.30 13.45 56.77
N HIS A 230 -32.21 13.16 57.70
CA HIS A 230 -33.43 13.93 57.79
C HIS A 230 -33.17 15.39 58.18
N GLU A 231 -32.08 15.63 58.89
CA GLU A 231 -31.71 16.98 59.31
C GLU A 231 -31.38 17.88 58.11
N PHE A 232 -30.78 17.30 57.07
CA PHE A 232 -30.46 18.07 55.87
C PHE A 232 -31.70 18.48 55.12
N ILE A 233 -32.82 17.83 55.43
CA ILE A 233 -34.11 18.17 54.83
C ILE A 233 -34.86 19.16 55.72
N LEU A 234 -34.79 18.93 57.03
CA LEU A 234 -35.42 19.82 58.00
C LEU A 234 -34.72 21.17 58.05
N ASN A 235 -33.39 21.13 58.23
CA ASN A 235 -32.58 22.34 58.31
C ASN A 235 -31.84 22.61 57.01
N ARG A 236 -32.41 23.45 56.17
CA ARG A 236 -31.82 23.78 54.89
C ARG A 236 -30.50 24.53 55.05
N ASP A 237 -30.26 25.03 56.26
CA ASP A 237 -29.05 25.77 56.57
C ASP A 237 -27.80 24.93 56.36
N LEU A 238 -27.89 23.64 56.64
CA LEU A 238 -26.76 22.72 56.48
C LEU A 238 -26.39 22.55 55.01
N LEU A 239 -27.39 22.25 54.18
CA LEU A 239 -27.19 22.15 52.75
C LEU A 239 -26.65 23.46 52.20
N ALA A 240 -27.17 24.57 52.71
CA ALA A 240 -26.70 25.89 52.31
C ALA A 240 -25.23 26.10 52.68
N GLN A 241 -24.81 25.56 53.81
CA GLN A 241 -23.41 25.61 54.20
C GLN A 241 -22.56 24.79 53.24
N LEU A 242 -23.10 23.66 52.81
CA LEU A 242 -22.40 22.81 51.86
C LEU A 242 -22.55 23.31 50.42
N TYR A 243 -23.78 23.62 50.03
CA TYR A 243 -24.07 24.13 48.69
C TYR A 243 -24.98 25.35 48.81
N PRO A 244 -24.41 26.55 48.65
CA PRO A 244 -25.14 27.81 48.86
C PRO A 244 -26.36 28.00 47.95
N SER A 245 -26.47 27.22 46.89
CA SER A 245 -27.62 27.30 45.98
C SER A 245 -28.94 27.16 46.73
N PHE A 246 -28.97 26.27 47.71
CA PHE A 246 -30.17 26.01 48.48
C PHE A 246 -30.67 27.22 49.26
N ALA A 247 -29.82 28.23 49.40
CA ALA A 247 -30.24 29.47 50.05
C ALA A 247 -31.34 30.15 49.24
N GLU A 248 -31.34 29.94 47.94
CA GLU A 248 -32.36 30.54 47.07
C GLU A 248 -33.52 29.58 46.81
N GLY A 249 -33.53 28.46 47.53
CA GLY A 249 -34.61 27.48 47.43
C GLY A 249 -34.82 26.93 46.02
N ALA A 250 -36.08 26.70 45.69
CA ALA A 250 -36.44 26.18 44.37
C ALA A 250 -36.77 27.32 43.41
N THR A 251 -36.46 28.55 43.83
CA THR A 251 -36.71 29.72 43.00
C THR A 251 -35.92 29.74 41.68
N PRO A 252 -34.60 29.49 41.72
CA PRO A 252 -33.85 29.51 40.45
C PRO A 252 -34.31 28.43 39.48
N PHE A 253 -34.95 27.39 40.00
CA PHE A 253 -35.46 26.31 39.15
C PHE A 253 -36.61 26.82 38.28
N PHE A 254 -37.61 27.41 38.91
CA PHE A 254 -38.79 27.90 38.20
C PHE A 254 -38.50 29.15 37.36
N THR A 255 -37.53 29.94 37.79
CA THR A 255 -37.19 31.18 37.09
C THR A 255 -36.17 30.94 35.97
N LEU A 256 -35.83 29.67 35.77
CA LEU A 256 -34.90 29.26 34.72
C LEU A 256 -33.46 29.76 34.92
N ASN A 257 -33.14 30.17 36.13
CA ASN A 257 -31.77 30.53 36.49
C ASN A 257 -31.02 29.29 36.95
N TRP A 258 -30.93 28.30 36.07
CA TRP A 258 -30.38 26.99 36.44
C TRP A 258 -28.88 27.07 36.74
N SER A 259 -28.22 28.11 36.24
CA SER A 259 -26.80 28.31 36.46
C SER A 259 -26.47 28.39 37.94
N LYS A 260 -27.40 28.93 38.73
CA LYS A 260 -27.23 29.04 40.17
C LYS A 260 -27.06 27.69 40.84
N TYR A 261 -27.56 26.63 40.20
CA TYR A 261 -27.50 25.29 40.77
C TYR A 261 -26.23 24.52 40.38
N ALA A 262 -25.25 25.23 39.83
CA ALA A 262 -23.99 24.61 39.43
C ALA A 262 -23.14 24.15 40.62
N ASP A 263 -23.64 24.41 41.83
CA ASP A 263 -22.96 23.99 43.05
C ASP A 263 -23.03 22.48 43.26
N PHE A 264 -24.20 21.90 43.00
CA PHE A 264 -24.41 20.47 43.22
C PHE A 264 -24.78 19.72 41.94
N LEU A 265 -25.00 20.45 40.85
CA LEU A 265 -25.23 19.84 39.56
C LEU A 265 -24.12 20.24 38.61
N THR A 266 -23.09 19.41 38.53
CA THR A 266 -21.90 19.76 37.77
C THR A 266 -21.79 18.93 36.49
N PHE A 267 -20.72 19.17 35.74
CA PHE A 267 -20.42 18.40 34.55
C PHE A 267 -18.90 18.32 34.39
N ARG A 268 -18.23 17.95 35.48
CA ARG A 268 -16.76 17.87 35.49
C ARG A 268 -16.22 16.67 34.74
N GLY A 269 -16.76 15.49 35.04
CA GLY A 269 -16.26 14.26 34.44
C GLY A 269 -15.07 13.71 35.19
N GLY A 270 -14.50 12.62 34.68
CA GLY A 270 -13.37 11.99 35.33
C GLY A 270 -13.73 11.43 36.69
N LEU A 271 -12.76 11.41 37.59
CA LEU A 271 -12.97 10.85 38.93
C LEU A 271 -12.59 11.84 40.02
N ASP A 272 -13.28 11.74 41.15
CA ASP A 272 -12.95 12.53 42.33
C ASP A 272 -11.64 12.01 42.92
N PRO A 273 -10.61 12.87 42.96
CA PRO A 273 -9.26 12.51 43.40
C PRO A 273 -9.18 11.94 44.81
N LEU A 274 -10.10 12.32 45.70
CA LEU A 274 -10.03 11.81 47.08
C LEU A 274 -10.96 10.64 47.33
N THR A 275 -11.37 9.95 46.27
CA THR A 275 -12.29 8.82 46.42
C THR A 275 -12.18 7.80 45.28
N GLY A 276 -11.64 8.22 44.13
CA GLY A 276 -11.46 7.32 43.00
C GLY A 276 -12.74 6.94 42.31
N GLY A 277 -13.81 7.67 42.60
CA GLY A 277 -15.11 7.42 41.99
C GLY A 277 -15.59 8.64 41.25
N LEU A 278 -16.61 8.46 40.42
CA LEU A 278 -17.21 9.57 39.68
C LEU A 278 -17.75 10.60 40.66
N TRP A 279 -17.79 11.86 40.24
CA TRP A 279 -18.34 12.93 41.07
C TRP A 279 -19.83 12.72 41.31
N LEU A 280 -20.22 12.71 42.58
CA LEU A 280 -21.63 12.52 42.95
C LEU A 280 -22.51 13.65 42.42
N THR A 281 -21.91 14.82 42.23
CA THR A 281 -22.62 15.95 41.63
C THR A 281 -22.96 15.66 40.18
N ASP A 282 -21.97 15.12 39.46
CA ASP A 282 -22.16 14.65 38.09
C ASP A 282 -23.23 13.57 38.04
N ILE A 283 -23.24 12.69 39.04
CA ILE A 283 -24.19 11.59 39.07
C ILE A 283 -25.62 12.08 39.32
N ALA A 284 -25.77 13.03 40.22
CA ALA A 284 -27.08 13.62 40.52
C ALA A 284 -27.61 14.33 39.28
N HIS A 285 -26.76 15.13 38.64
CA HIS A 285 -27.14 15.83 37.42
C HIS A 285 -27.54 14.82 36.34
N HIS A 286 -26.77 13.74 36.25
CA HIS A 286 -27.02 12.66 35.31
C HIS A 286 -28.40 12.08 35.50
N HIS A 287 -28.74 11.74 36.74
CA HIS A 287 -30.04 11.15 37.04
C HIS A 287 -31.20 12.12 36.82
N LEU A 288 -30.96 13.40 37.07
CA LEU A 288 -31.97 14.43 36.80
C LEU A 288 -32.28 14.51 35.31
N ALA A 289 -31.23 14.67 34.51
CA ALA A 289 -31.37 14.73 33.06
C ALA A 289 -32.04 13.47 32.50
N ILE A 290 -31.55 12.31 32.93
CA ILE A 290 -32.13 11.03 32.54
C ILE A 290 -33.61 10.99 32.86
N ALA A 291 -33.96 11.44 34.05
CA ALA A 291 -35.35 11.49 34.47
C ALA A 291 -36.17 12.32 33.50
N ILE A 292 -35.68 13.51 33.14
CA ILE A 292 -36.40 14.34 32.18
C ILE A 292 -36.59 13.62 30.84
N LEU A 293 -35.52 13.04 30.34
CA LEU A 293 -35.54 12.32 29.06
C LEU A 293 -36.58 11.22 29.04
N PHE A 294 -36.55 10.34 30.04
CA PHE A 294 -37.49 9.25 30.13
C PHE A 294 -38.93 9.72 30.35
N LEU A 295 -39.08 10.80 31.10
CA LEU A 295 -40.40 11.35 31.37
C LEU A 295 -41.06 11.84 30.09
N ILE A 296 -40.29 12.54 29.25
CA ILE A 296 -40.84 12.98 27.98
C ILE A 296 -40.97 11.82 26.99
N ALA A 297 -40.13 10.82 27.14
CA ALA A 297 -40.17 9.64 26.27
C ALA A 297 -41.44 8.82 26.52
N GLY A 298 -41.92 8.83 27.76
CA GLY A 298 -43.10 8.08 28.12
C GLY A 298 -44.39 8.70 27.63
N HIS A 299 -44.29 9.76 26.84
CA HIS A 299 -45.47 10.40 26.27
C HIS A 299 -45.47 10.29 24.75
N MET A 300 -44.99 9.15 24.24
CA MET A 300 -44.84 8.98 22.80
C MET A 300 -46.02 8.23 22.16
N TYR A 301 -46.57 7.27 22.89
CA TYR A 301 -47.56 6.36 22.31
C TYR A 301 -49.00 6.74 22.65
N ARG A 302 -49.88 6.60 21.65
CA ARG A 302 -51.28 6.96 21.79
C ARG A 302 -52.04 5.99 22.70
N THR A 303 -52.80 6.53 23.64
CA THR A 303 -53.61 5.71 24.53
C THR A 303 -55.09 6.11 24.46
N ASN A 304 -55.57 6.80 25.49
CA ASN A 304 -56.99 7.13 25.58
C ASN A 304 -57.33 8.54 25.10
N TRP A 305 -56.36 9.20 24.48
CA TRP A 305 -56.56 10.52 23.92
C TRP A 305 -55.88 10.59 22.56
N GLY A 306 -56.31 11.53 21.73
CA GLY A 306 -55.91 11.58 20.33
C GLY A 306 -54.41 11.58 20.10
N ILE A 307 -53.69 12.32 20.93
CA ILE A 307 -52.24 12.48 20.79
C ILE A 307 -51.50 11.16 20.97
N GLY A 308 -50.34 11.04 20.32
CA GLY A 308 -49.51 9.85 20.48
C GLY A 308 -49.40 9.01 19.23
N HIS A 309 -48.28 8.32 19.09
CA HIS A 309 -48.04 7.42 17.96
C HIS A 309 -48.73 6.08 18.15
N GLY A 310 -49.01 5.40 17.05
CA GLY A 310 -49.44 4.02 17.08
C GLY A 310 -48.27 3.16 16.63
N ILE A 311 -47.97 2.11 17.39
CA ILE A 311 -46.84 1.24 17.08
C ILE A 311 -46.99 0.60 15.69
N LYS A 312 -48.20 0.11 15.41
CA LYS A 312 -48.49 -0.52 14.13
C LYS A 312 -48.31 0.45 12.96
N ASP A 313 -48.62 1.71 13.18
CA ASP A 313 -48.47 2.72 12.12
C ASP A 313 -47.00 2.93 11.78
N ILE A 314 -46.19 3.14 12.80
CA ILE A 314 -44.76 3.33 12.63
C ILE A 314 -44.13 2.10 11.97
N LEU A 315 -44.59 0.92 12.38
CA LEU A 315 -44.10 -0.32 11.78
C LEU A 315 -44.47 -0.45 10.31
N GLU A 316 -45.74 -0.17 9.99
CA GLU A 316 -46.24 -0.30 8.62
C GLU A 316 -45.75 0.83 7.72
N ALA A 317 -45.11 1.83 8.31
CA ALA A 317 -44.61 2.95 7.52
C ALA A 317 -43.23 2.66 6.95
N HIS A 318 -42.54 1.69 7.53
CA HIS A 318 -41.18 1.38 7.13
C HIS A 318 -41.09 0.15 6.23
N LYS A 319 -40.97 0.39 4.92
CA LYS A 319 -40.90 -0.67 3.92
C LYS A 319 -40.16 -0.19 2.68
N GLY A 320 -39.10 -0.89 2.30
CA GLY A 320 -38.26 -0.46 1.20
C GLY A 320 -38.36 -1.32 -0.05
N PRO A 321 -37.56 -0.98 -1.07
CA PRO A 321 -37.49 -1.71 -2.33
C PRO A 321 -36.86 -3.09 -2.13
N PHE A 322 -35.93 -3.19 -1.19
CA PHE A 322 -35.25 -4.44 -0.91
C PHE A 322 -36.09 -5.37 -0.05
N THR A 323 -37.00 -4.79 0.73
CA THR A 323 -37.72 -5.56 1.75
C THR A 323 -39.22 -5.70 1.50
N GLY A 324 -39.73 -5.02 0.49
CA GLY A 324 -41.14 -5.14 0.13
C GLY A 324 -42.10 -4.52 1.13
N GLN A 325 -42.77 -5.37 1.90
CA GLN A 325 -43.78 -4.92 2.87
C GLN A 325 -43.17 -4.40 4.17
N GLY A 326 -41.90 -4.71 4.39
CA GLY A 326 -41.17 -4.19 5.54
C GLY A 326 -41.64 -4.76 6.86
N HIS A 327 -41.89 -3.88 7.83
CA HIS A 327 -42.19 -4.31 9.19
C HIS A 327 -43.66 -4.55 9.46
N LYS A 328 -44.46 -4.63 8.39
CA LYS A 328 -45.88 -4.90 8.55
C LYS A 328 -46.12 -6.32 9.02
N GLY A 329 -46.98 -6.47 10.03
CA GLY A 329 -47.30 -7.79 10.56
C GLY A 329 -46.59 -8.08 11.87
N LEU A 330 -45.53 -7.33 12.14
CA LEU A 330 -44.72 -7.53 13.35
C LEU A 330 -45.44 -7.17 14.65
N TYR A 331 -46.32 -6.17 14.61
CA TYR A 331 -47.06 -5.78 15.80
C TYR A 331 -47.93 -6.94 16.30
N GLU A 332 -48.60 -7.60 15.36
CA GLU A 332 -49.47 -8.73 15.69
C GLU A 332 -48.65 -9.90 16.27
N ILE A 333 -47.45 -10.09 15.73
CA ILE A 333 -46.56 -11.14 16.21
C ILE A 333 -46.12 -10.82 17.63
N LEU A 334 -45.72 -9.57 17.85
CA LEU A 334 -45.17 -9.14 19.12
C LEU A 334 -46.24 -8.78 20.14
N THR A 335 -47.50 -9.03 19.80
CA THR A 335 -48.59 -8.83 20.75
C THR A 335 -49.37 -10.12 20.99
N THR A 336 -48.85 -11.24 20.49
CA THR A 336 -49.50 -12.54 20.67
C THR A 336 -48.53 -13.66 21.05
N SER A 337 -47.22 -13.38 20.94
CA SER A 337 -46.21 -14.39 21.23
C SER A 337 -45.23 -13.96 22.32
N TRP A 338 -45.30 -14.62 23.47
CA TRP A 338 -44.40 -14.34 24.58
C TRP A 338 -42.94 -14.65 24.26
N HIS A 339 -42.71 -15.66 23.44
CA HIS A 339 -41.35 -16.12 23.14
C HIS A 339 -40.57 -15.11 22.31
N ALA A 340 -41.25 -14.42 21.39
CA ALA A 340 -40.60 -13.39 20.59
C ALA A 340 -40.13 -12.25 21.48
N GLN A 341 -41.05 -11.78 22.34
CA GLN A 341 -40.75 -10.76 23.33
C GLN A 341 -39.58 -11.16 24.20
N LEU A 342 -39.62 -12.39 24.70
CA LEU A 342 -38.58 -12.91 25.57
C LEU A 342 -37.25 -12.95 24.85
N SER A 343 -37.29 -13.28 23.57
CA SER A 343 -36.07 -13.28 22.76
C SER A 343 -35.46 -11.89 22.70
N ILE A 344 -36.26 -10.92 22.25
CA ILE A 344 -35.79 -9.54 22.11
C ILE A 344 -35.25 -8.99 23.44
N ASN A 345 -36.06 -9.11 24.49
CA ASN A 345 -35.71 -8.61 25.80
C ASN A 345 -34.49 -9.29 26.41
N LEU A 346 -34.33 -10.59 26.17
CA LEU A 346 -33.14 -11.29 26.64
C LEU A 346 -31.90 -10.82 25.92
N ALA A 347 -31.99 -10.64 24.61
CA ALA A 347 -30.86 -10.18 23.82
C ALA A 347 -30.41 -8.80 24.33
N MET A 348 -31.38 -7.89 24.44
CA MET A 348 -31.08 -6.52 24.86
C MET A 348 -30.64 -6.38 26.31
N LEU A 349 -31.26 -7.15 27.21
CA LEU A 349 -30.91 -7.10 28.62
C LEU A 349 -29.51 -7.68 28.84
N GLY A 350 -29.20 -8.74 28.10
CA GLY A 350 -27.88 -9.33 28.17
C GLY A 350 -26.82 -8.36 27.68
N SER A 351 -27.07 -7.81 26.49
CA SER A 351 -26.17 -6.79 25.93
C SER A 351 -25.96 -5.64 26.92
N LEU A 352 -27.07 -5.21 27.54
CA LEU A 352 -27.01 -4.15 28.55
C LEU A 352 -26.13 -4.52 29.74
N THR A 353 -26.25 -5.75 30.22
CA THR A 353 -25.44 -6.18 31.35
C THR A 353 -23.96 -6.15 30.97
N ILE A 354 -23.67 -6.49 29.71
CA ILE A 354 -22.29 -6.41 29.21
C ILE A 354 -21.76 -4.97 29.21
N VAL A 355 -22.55 -4.06 28.63
CA VAL A 355 -22.15 -2.65 28.62
C VAL A 355 -22.02 -2.10 30.04
N VAL A 356 -22.82 -2.63 30.96
CA VAL A 356 -22.74 -2.26 32.38
C VAL A 356 -21.38 -2.67 32.94
N ALA A 357 -20.95 -3.90 32.63
CA ALA A 357 -19.63 -4.37 33.06
C ALA A 357 -18.52 -3.43 32.60
N GLN A 358 -18.48 -3.17 31.29
CA GLN A 358 -17.44 -2.29 30.75
C GLN A 358 -17.48 -0.89 31.36
N HIS A 359 -18.65 -0.26 31.33
CA HIS A 359 -18.80 1.09 31.84
C HIS A 359 -18.50 1.21 33.34
N MET A 360 -18.72 0.13 34.07
CA MET A 360 -18.44 0.15 35.51
C MET A 360 -16.97 -0.08 35.82
N TYR A 361 -16.26 -0.80 34.95
CA TYR A 361 -14.81 -0.87 35.13
C TYR A 361 -14.17 0.48 34.78
N SER A 362 -14.55 1.04 33.64
CA SER A 362 -13.86 2.24 33.14
C SER A 362 -14.32 3.56 33.75
N MET A 363 -15.47 3.55 34.43
CA MET A 363 -15.98 4.74 35.08
C MET A 363 -16.59 4.41 36.44
N PRO A 364 -15.73 4.12 37.43
CA PRO A 364 -16.15 3.68 38.77
C PRO A 364 -17.15 4.65 39.40
N PRO A 365 -18.40 4.22 39.55
CA PRO A 365 -19.52 5.06 40.00
C PRO A 365 -19.64 5.13 41.52
N TYR A 366 -18.96 4.26 42.23
CA TYR A 366 -19.02 4.25 43.68
C TYR A 366 -17.70 4.70 44.30
N PRO A 367 -17.77 5.37 45.46
CA PRO A 367 -16.57 5.80 46.17
C PRO A 367 -15.81 4.60 46.72
N TYR A 368 -14.48 4.63 46.61
CA TYR A 368 -13.62 3.56 47.10
C TYR A 368 -13.97 2.22 46.45
N LEU A 369 -14.28 2.26 45.16
CA LEU A 369 -14.59 1.07 44.40
C LEU A 369 -13.43 0.67 43.50
N ALA A 370 -12.86 1.67 42.80
CA ALA A 370 -11.78 1.42 41.85
C ALA A 370 -10.56 0.77 42.51
N THR A 371 -10.35 1.06 43.79
CA THR A 371 -9.18 0.54 44.51
C THR A 371 -9.50 -0.75 45.28
N ASP A 372 -10.75 -1.18 45.19
CA ASP A 372 -11.13 -2.49 45.71
C ASP A 372 -11.11 -3.47 44.55
N TYR A 373 -9.91 -3.86 44.13
CA TYR A 373 -9.69 -4.68 42.93
C TYR A 373 -10.51 -5.96 42.92
N ALA A 374 -10.69 -6.55 44.09
CA ALA A 374 -11.47 -7.77 44.22
C ALA A 374 -12.89 -7.53 43.74
N THR A 375 -13.49 -6.46 44.26
CA THR A 375 -14.85 -6.08 43.90
C THR A 375 -14.99 -5.79 42.41
N GLN A 376 -14.04 -5.04 41.85
CA GLN A 376 -14.10 -4.68 40.43
C GLN A 376 -14.02 -5.91 39.52
N LEU A 377 -13.02 -6.75 39.78
CA LEU A 377 -12.85 -7.97 39.02
C LEU A 377 -14.11 -8.82 39.11
N SER A 378 -14.62 -8.96 40.33
CA SER A 378 -15.83 -9.75 40.57
C SER A 378 -17.02 -9.23 39.79
N LEU A 379 -17.25 -7.92 39.85
CA LEU A 379 -18.38 -7.28 39.19
C LEU A 379 -18.31 -7.48 37.68
N PHE A 380 -17.15 -7.17 37.11
CA PHE A 380 -16.93 -7.33 35.68
C PHE A 380 -17.24 -8.76 35.23
N THR A 381 -16.60 -9.71 35.89
CA THR A 381 -16.77 -11.11 35.53
C THR A 381 -18.23 -11.55 35.63
N HIS A 382 -18.82 -11.28 36.79
CA HIS A 382 -20.22 -11.60 37.09
C HIS A 382 -21.17 -11.10 36.02
N HIS A 383 -21.16 -9.79 35.79
CA HIS A 383 -22.09 -9.20 34.83
C HIS A 383 -21.85 -9.67 33.41
N MET A 384 -20.58 -9.91 33.06
CA MET A 384 -20.25 -10.53 31.77
C MET A 384 -20.92 -11.89 31.60
N TRP A 385 -20.80 -12.75 32.61
CA TRP A 385 -21.44 -14.06 32.59
C TRP A 385 -22.96 -13.97 32.44
N ILE A 386 -23.58 -13.15 33.30
CA ILE A 386 -25.02 -12.96 33.24
C ILE A 386 -25.44 -12.56 31.83
N GLY A 387 -24.72 -11.58 31.26
CA GLY A 387 -24.96 -11.12 29.91
C GLY A 387 -24.97 -12.25 28.89
N GLY A 388 -23.87 -12.99 28.84
CA GLY A 388 -23.74 -14.09 27.89
C GLY A 388 -24.87 -15.10 28.00
N PHE A 389 -25.20 -15.49 29.23
CA PHE A 389 -26.30 -16.42 29.46
C PHE A 389 -27.62 -15.89 28.92
N LEU A 390 -27.95 -14.65 29.26
CA LEU A 390 -29.18 -14.03 28.77
C LEU A 390 -29.23 -14.01 27.24
N ILE A 391 -28.10 -13.75 26.60
CA ILE A 391 -28.04 -13.74 25.13
C ILE A 391 -28.34 -15.12 24.54
N VAL A 392 -27.70 -16.15 25.09
CA VAL A 392 -27.98 -17.52 24.65
C VAL A 392 -29.48 -17.84 24.81
N GLY A 393 -30.04 -17.39 25.92
CA GLY A 393 -31.48 -17.53 26.14
C GLY A 393 -32.30 -16.86 25.07
N ALA A 394 -31.85 -15.68 24.63
CA ALA A 394 -32.51 -14.97 23.55
C ALA A 394 -32.57 -15.86 22.32
N ALA A 395 -31.45 -16.52 22.02
CA ALA A 395 -31.44 -17.46 20.89
C ALA A 395 -32.47 -18.56 21.09
N ALA A 396 -32.44 -19.17 22.28
CA ALA A 396 -33.36 -20.26 22.60
C ALA A 396 -34.81 -19.88 22.33
N HIS A 397 -35.26 -18.79 22.91
CA HIS A 397 -36.66 -18.40 22.78
C HIS A 397 -37.02 -17.84 21.41
N ALA A 398 -36.03 -17.31 20.70
CA ALA A 398 -36.24 -16.96 19.29
C ALA A 398 -36.62 -18.22 18.53
N ALA A 399 -35.83 -19.27 18.73
CA ALA A 399 -36.11 -20.55 18.08
C ALA A 399 -37.44 -21.15 18.53
N ILE A 400 -37.75 -21.01 19.82
CA ILE A 400 -39.01 -21.53 20.36
C ILE A 400 -40.20 -20.84 19.71
N PHE A 401 -40.10 -19.53 19.50
CA PHE A 401 -41.10 -18.83 18.72
C PHE A 401 -41.17 -19.45 17.33
N MET A 402 -39.99 -19.62 16.73
CA MET A 402 -39.89 -20.09 15.37
C MET A 402 -40.61 -21.42 15.16
N VAL A 403 -40.59 -22.27 16.18
CA VAL A 403 -41.25 -23.58 16.07
C VAL A 403 -42.72 -23.57 16.49
N ARG A 404 -43.03 -22.93 17.61
CA ARG A 404 -44.36 -23.03 18.18
C ARG A 404 -45.36 -21.94 17.75
N ASP A 405 -44.88 -20.72 17.52
CA ASP A 405 -45.78 -19.60 17.29
C ASP A 405 -45.83 -19.08 15.85
N TYR A 406 -44.75 -19.27 15.11
CA TYR A 406 -44.69 -18.84 13.71
C TYR A 406 -45.79 -19.48 12.87
N ASP A 407 -46.57 -18.65 12.18
CA ASP A 407 -47.63 -19.12 11.32
C ASP A 407 -47.86 -18.07 10.22
N PRO A 408 -47.29 -18.32 9.03
CA PRO A 408 -47.29 -17.35 7.93
C PRO A 408 -48.64 -17.27 7.22
N THR A 409 -49.57 -18.14 7.59
CA THR A 409 -50.89 -18.16 6.98
C THR A 409 -51.86 -17.25 7.75
N THR A 410 -51.51 -16.92 8.98
CA THR A 410 -52.36 -16.09 9.82
C THR A 410 -51.63 -14.84 10.30
N ARG A 411 -50.34 -14.99 10.62
CA ARG A 411 -49.54 -13.87 11.07
C ARG A 411 -48.25 -13.76 10.26
N TYR A 412 -48.39 -13.28 9.03
CA TYR A 412 -47.29 -13.17 8.10
C TYR A 412 -46.50 -11.88 8.28
N ASN A 413 -45.18 -11.98 8.10
CA ASN A 413 -44.32 -10.80 8.04
C ASN A 413 -43.31 -10.94 6.91
N ASP A 414 -43.12 -9.86 6.15
CA ASP A 414 -42.28 -9.91 4.96
C ASP A 414 -40.80 -10.08 5.33
N LEU A 415 -40.33 -9.32 6.29
CA LEU A 415 -38.92 -9.36 6.71
C LEU A 415 -38.47 -10.76 7.11
N LEU A 416 -39.26 -11.40 7.98
CA LEU A 416 -38.96 -12.75 8.43
C LEU A 416 -38.93 -13.73 7.27
N ASP A 417 -39.90 -13.61 6.37
CA ASP A 417 -39.99 -14.49 5.22
C ASP A 417 -38.75 -14.35 4.32
N ARG A 418 -38.38 -13.12 4.04
CA ARG A 418 -37.21 -12.84 3.21
C ARG A 418 -35.94 -13.36 3.86
N VAL A 419 -35.84 -13.21 5.18
CA VAL A 419 -34.72 -13.80 5.92
C VAL A 419 -34.68 -15.30 5.70
N LEU A 420 -35.84 -15.95 5.83
CA LEU A 420 -35.95 -17.39 5.63
C LEU A 420 -35.64 -17.84 4.20
N ARG A 421 -35.86 -16.97 3.23
CA ARG A 421 -35.67 -17.35 1.83
C ARG A 421 -34.21 -17.31 1.37
N HIS A 422 -33.35 -16.65 2.14
CA HIS A 422 -31.92 -16.65 1.84
C HIS A 422 -31.04 -17.06 3.02
N ARG A 423 -31.61 -17.86 3.92
CA ARG A 423 -30.92 -18.32 5.11
C ARG A 423 -29.60 -19.05 4.80
N ASP A 424 -29.56 -19.73 3.66
CA ASP A 424 -28.37 -20.45 3.23
C ASP A 424 -27.20 -19.50 3.00
N ALA A 425 -27.48 -18.36 2.39
CA ALA A 425 -26.48 -17.32 2.15
C ALA A 425 -25.99 -16.73 3.47
N ILE A 426 -26.92 -16.41 4.36
CA ILE A 426 -26.59 -15.85 5.66
C ILE A 426 -25.66 -16.77 6.45
N ILE A 427 -26.08 -18.02 6.59
CA ILE A 427 -25.32 -19.00 7.37
C ILE A 427 -23.98 -19.34 6.71
N SER A 428 -23.95 -19.47 5.40
CA SER A 428 -22.70 -19.76 4.71
C SER A 428 -21.70 -18.60 4.86
N HIS A 429 -22.20 -17.37 4.74
CA HIS A 429 -21.36 -16.20 4.91
C HIS A 429 -20.81 -16.11 6.34
N LEU A 430 -21.67 -16.37 7.32
CA LEU A 430 -21.24 -16.37 8.72
C LEU A 430 -20.19 -17.43 8.95
N ASN A 431 -20.39 -18.59 8.33
CA ASN A 431 -19.43 -19.68 8.36
C ASN A 431 -18.06 -19.21 7.88
N TRP A 432 -18.03 -18.69 6.66
CA TRP A 432 -16.79 -18.22 6.07
C TRP A 432 -16.09 -17.17 6.94
N VAL A 433 -16.84 -16.16 7.38
CA VAL A 433 -16.24 -15.09 8.17
C VAL A 433 -15.71 -15.63 9.50
N CYS A 434 -16.33 -16.68 10.01
CA CYS A 434 -15.83 -17.35 11.21
C CYS A 434 -14.51 -18.08 10.96
N ILE A 435 -14.40 -18.78 9.84
CA ILE A 435 -13.16 -19.47 9.53
C ILE A 435 -12.02 -18.47 9.31
N PHE A 436 -12.32 -17.42 8.55
CA PHE A 436 -11.38 -16.34 8.31
C PHE A 436 -10.90 -15.71 9.62
N LEU A 437 -11.85 -15.36 10.48
CA LEU A 437 -11.54 -14.75 11.78
C LEU A 437 -10.68 -15.67 12.64
N GLY A 438 -11.06 -16.94 12.69
CA GLY A 438 -10.32 -17.93 13.46
C GLY A 438 -8.87 -18.01 13.02
N PHE A 439 -8.67 -18.21 11.71
CA PHE A 439 -7.33 -18.22 11.14
C PHE A 439 -6.57 -16.96 11.49
N HIS A 440 -7.15 -15.80 11.15
CA HIS A 440 -6.44 -14.54 11.28
C HIS A 440 -6.41 -13.97 12.69
N SER A 441 -6.84 -14.75 13.68
CA SER A 441 -6.67 -14.35 15.07
C SER A 441 -5.85 -15.40 15.84
N PHE A 442 -6.37 -16.62 15.91
CA PHE A 442 -5.68 -17.69 16.63
C PHE A 442 -4.41 -18.10 15.90
N GLY A 443 -4.48 -18.08 14.57
CA GLY A 443 -3.34 -18.41 13.74
C GLY A 443 -2.16 -17.49 13.99
N LEU A 444 -2.45 -16.24 14.38
CA LEU A 444 -1.41 -15.30 14.74
C LEU A 444 -0.72 -15.76 16.01
N TYR A 445 -1.51 -16.27 16.95
CA TYR A 445 -0.98 -16.78 18.21
C TYR A 445 -0.10 -17.99 17.98
N ILE A 446 -0.58 -18.95 17.19
CA ILE A 446 0.21 -20.14 16.88
C ILE A 446 1.49 -19.77 16.14
N HIS A 447 1.36 -18.82 15.21
CA HIS A 447 2.51 -18.28 14.49
C HIS A 447 3.55 -17.77 15.48
N ASN A 448 3.10 -16.94 16.43
CA ASN A 448 3.99 -16.41 17.44
C ASN A 448 4.64 -17.49 18.30
N ASP A 449 3.85 -18.46 18.73
CA ASP A 449 4.37 -19.58 19.52
C ASP A 449 5.48 -20.30 18.77
N THR A 450 5.24 -20.54 17.48
CA THR A 450 6.20 -21.26 16.65
C THR A 450 7.49 -20.45 16.48
N MET A 451 7.35 -19.18 16.11
CA MET A 451 8.52 -18.32 15.92
C MET A 451 9.32 -18.18 17.21
N SER A 452 8.62 -18.06 18.33
CA SER A 452 9.24 -17.93 19.63
C SER A 452 9.98 -19.20 19.99
N ALA A 453 9.40 -20.35 19.65
CA ALA A 453 10.00 -21.64 19.95
C ALA A 453 11.22 -21.91 19.07
N LEU A 454 11.19 -21.39 17.84
CA LEU A 454 12.26 -21.61 16.87
C LEU A 454 13.41 -20.61 17.01
N GLY A 455 13.33 -19.76 18.03
CA GLY A 455 14.36 -18.75 18.25
C GLY A 455 14.30 -17.60 17.27
N ARG A 456 13.09 -17.24 16.84
CA ARG A 456 12.91 -16.15 15.88
C ARG A 456 11.88 -15.14 16.37
N PRO A 457 12.20 -14.40 17.44
CA PRO A 457 11.25 -13.42 17.97
C PRO A 457 11.04 -12.24 17.02
N GLN A 458 12.00 -12.00 16.14
CA GLN A 458 11.89 -10.91 15.18
C GLN A 458 10.86 -11.22 14.09
N ASP A 459 10.40 -12.47 14.05
CA ASP A 459 9.39 -12.88 13.09
C ASP A 459 7.99 -12.99 13.70
N MET A 460 7.86 -12.56 14.95
CA MET A 460 6.57 -12.61 15.63
C MET A 460 5.69 -11.41 15.30
N PHE A 461 4.42 -11.51 15.66
CA PHE A 461 3.52 -10.37 15.62
C PHE A 461 3.48 -9.73 16.99
N SER A 462 4.22 -8.64 17.14
CA SER A 462 4.31 -7.93 18.42
C SER A 462 4.67 -6.47 18.21
N ASP A 463 4.81 -5.73 19.32
CA ASP A 463 5.19 -4.32 19.26
C ASP A 463 6.68 -4.14 19.01
N THR A 464 7.44 -5.22 19.16
CA THR A 464 8.88 -5.18 18.97
C THR A 464 9.32 -6.00 17.76
N ALA A 465 8.36 -6.36 16.92
CA ALA A 465 8.64 -7.08 15.68
C ALA A 465 7.67 -6.61 14.61
N ILE A 466 6.91 -7.55 14.04
CA ILE A 466 5.86 -7.19 13.08
C ILE A 466 4.66 -6.62 13.84
N GLN A 467 4.53 -5.30 13.80
CA GLN A 467 3.51 -4.61 14.59
C GLN A 467 2.12 -4.66 13.96
N LEU A 468 1.11 -4.80 14.82
CA LEU A 468 -0.28 -4.74 14.40
C LEU A 468 -1.03 -3.80 15.34
N GLN A 469 -0.84 -2.50 15.13
CA GLN A 469 -1.38 -1.48 16.01
C GLN A 469 -2.88 -1.26 15.84
N PRO A 470 -3.59 -1.13 16.97
CA PRO A 470 -5.01 -0.77 16.97
C PRO A 470 -5.20 0.71 16.67
N VAL A 471 -4.83 1.14 15.47
CA VAL A 471 -4.86 2.55 15.09
C VAL A 471 -6.22 3.21 15.32
N PHE A 472 -7.29 2.52 14.94
CA PHE A 472 -8.64 3.07 15.07
C PHE A 472 -9.04 3.31 16.52
N ALA A 473 -8.78 2.32 17.37
CA ALA A 473 -9.09 2.43 18.80
C ALA A 473 -8.24 3.52 19.45
N GLN A 474 -6.99 3.62 19.03
CA GLN A 474 -6.08 4.66 19.51
C GLN A 474 -6.59 6.05 19.14
N TRP A 475 -7.09 6.18 17.92
CA TRP A 475 -7.67 7.42 17.44
C TRP A 475 -8.91 7.81 18.23
N ILE A 476 -9.76 6.82 18.51
CA ILE A 476 -10.95 7.06 19.33
C ILE A 476 -10.55 7.49 20.74
N GLN A 477 -9.50 6.87 21.25
CA GLN A 477 -8.95 7.24 22.57
C GLN A 477 -8.50 8.69 22.60
N ASN A 478 -7.67 9.06 21.62
CA ASN A 478 -7.16 10.42 21.54
C ASN A 478 -8.28 11.44 21.40
N THR A 479 -9.23 11.13 20.53
CA THR A 479 -10.38 11.98 20.30
C THR A 479 -11.18 12.19 21.59
N HIS A 480 -11.39 11.12 22.33
CA HIS A 480 -12.15 11.19 23.58
C HIS A 480 -11.36 11.90 24.68
N ALA A 481 -10.03 11.92 24.54
CA ALA A 481 -9.18 12.58 25.52
C ALA A 481 -9.14 14.08 25.27
N LEU A 482 -9.19 14.47 24.00
CA LEU A 482 -9.15 15.87 23.60
C LEU A 482 -10.54 16.50 23.56
N ALA A 483 -11.56 15.67 23.73
CA ALA A 483 -12.96 16.12 23.68
C ALA A 483 -13.33 17.29 24.63
N PRO A 484 -12.87 17.26 25.90
CA PRO A 484 -13.25 18.35 26.82
C PRO A 484 -12.89 19.75 26.32
N GLY A 485 -11.83 19.85 25.52
CA GLY A 485 -11.40 21.13 25.01
C GLY A 485 -12.13 21.53 23.75
N THR A 486 -12.54 20.55 22.95
CA THR A 486 -13.12 20.84 21.63
C THR A 486 -14.63 20.60 21.55
N THR A 487 -15.02 19.34 21.41
CA THR A 487 -16.40 18.99 21.11
C THR A 487 -17.33 18.86 22.32
N ALA A 488 -16.77 19.02 23.52
CA ALA A 488 -17.57 19.04 24.74
C ALA A 488 -17.03 20.10 25.71
N PRO A 489 -17.19 21.39 25.36
CA PRO A 489 -16.59 22.53 26.08
C PRO A 489 -16.97 22.59 27.56
N GLY A 490 -18.22 22.29 27.88
CA GLY A 490 -18.71 22.38 29.25
C GLY A 490 -18.11 21.34 30.18
N ALA A 491 -17.46 20.35 29.60
CA ALA A 491 -16.85 19.27 30.40
C ALA A 491 -15.43 19.64 30.82
N THR A 492 -15.15 19.51 32.11
CA THR A 492 -13.84 19.82 32.65
C THR A 492 -12.81 18.77 32.23
N ALA A 493 -12.98 17.55 32.71
CA ALA A 493 -12.08 16.45 32.36
C ALA A 493 -12.75 15.49 31.37
N SER A 494 -12.06 14.40 31.05
CA SER A 494 -12.63 13.36 30.20
C SER A 494 -13.68 12.57 30.97
N THR A 495 -14.44 11.74 30.26
CA THR A 495 -15.44 10.90 30.91
C THR A 495 -14.79 9.72 31.63
N SER A 496 -13.56 9.39 31.24
CA SER A 496 -12.84 8.28 31.84
C SER A 496 -11.34 8.45 31.73
N LEU A 497 -10.62 8.08 32.78
CA LEU A 497 -9.16 8.16 32.79
C LEU A 497 -8.52 7.24 31.76
N THR A 498 -9.24 6.19 31.37
CA THR A 498 -8.69 5.16 30.50
C THR A 498 -8.37 5.65 29.08
N TRP A 499 -8.88 6.83 28.72
CA TRP A 499 -8.61 7.38 27.39
C TRP A 499 -7.13 7.71 27.21
N GLY A 500 -6.68 7.71 25.96
CA GLY A 500 -5.27 7.82 25.60
C GLY A 500 -4.45 8.90 26.30
N GLY A 501 -5.09 10.03 26.64
CA GLY A 501 -4.41 11.10 27.31
C GLY A 501 -5.01 11.41 28.66
N GLY A 502 -4.20 11.96 29.56
CA GLY A 502 -4.68 12.34 30.88
C GLY A 502 -3.66 12.08 31.98
N ASP A 503 -4.07 12.36 33.21
CA ASP A 503 -3.20 12.18 34.37
C ASP A 503 -3.31 10.78 34.96
N LEU A 504 -3.46 10.69 36.28
CA LEU A 504 -3.56 9.41 36.97
C LEU A 504 -4.27 9.60 38.30
N VAL A 505 -5.31 8.81 38.53
CA VAL A 505 -6.05 8.89 39.79
C VAL A 505 -5.70 7.74 40.72
N ALA A 506 -5.22 8.10 41.91
CA ALA A 506 -4.81 7.12 42.91
C ALA A 506 -5.49 7.42 44.24
N VAL A 507 -5.78 6.37 45.00
CA VAL A 507 -6.44 6.51 46.30
C VAL A 507 -5.79 5.58 47.32
N GLY A 508 -5.30 6.16 48.40
CA GLY A 508 -4.72 5.38 49.49
C GLY A 508 -3.47 4.60 49.08
N GLY A 509 -2.72 5.14 48.13
CA GLY A 509 -1.50 4.49 47.68
C GLY A 509 -1.71 3.50 46.54
N LYS A 510 -2.97 3.16 46.27
CA LYS A 510 -3.30 2.27 45.17
C LYS A 510 -3.72 3.05 43.93
N VAL A 511 -3.47 2.49 42.76
CA VAL A 511 -3.90 3.11 41.51
C VAL A 511 -5.38 2.84 41.27
N ALA A 512 -6.18 3.91 41.20
CA ALA A 512 -7.58 3.77 40.84
C ALA A 512 -7.69 3.61 39.33
N LEU A 513 -7.22 4.61 38.59
CA LEU A 513 -7.25 4.53 37.12
C LEU A 513 -6.15 5.35 36.44
N LEU A 514 -5.83 4.95 35.22
CA LEU A 514 -4.83 5.63 34.40
C LEU A 514 -5.11 5.30 32.92
N PRO A 515 -4.52 6.07 31.99
CA PRO A 515 -4.73 5.78 30.57
C PRO A 515 -4.32 4.37 30.18
N ILE A 516 -5.21 3.66 29.50
CA ILE A 516 -4.95 2.28 29.09
C ILE A 516 -4.34 2.20 27.69
N PRO A 517 -3.07 1.77 27.61
CA PRO A 517 -2.35 1.65 26.34
C PRO A 517 -2.88 0.47 25.51
N LEU A 518 -2.98 0.67 24.21
CA LEU A 518 -3.44 -0.38 23.31
C LEU A 518 -2.37 -0.70 22.26
N GLY A 519 -1.92 -1.96 22.24
CA GLY A 519 -0.91 -2.39 21.29
C GLY A 519 -1.30 -3.63 20.52
N THR A 520 -0.30 -4.33 19.99
CA THR A 520 -0.51 -5.52 19.18
C THR A 520 -1.29 -6.61 19.93
N ALA A 521 -0.95 -6.80 21.20
CA ALA A 521 -1.62 -7.77 22.04
C ALA A 521 -3.12 -7.52 22.11
N ASP A 522 -3.49 -6.25 22.20
CA ASP A 522 -4.89 -5.86 22.30
C ASP A 522 -5.64 -6.06 20.99
N PHE A 523 -4.96 -5.78 19.88
CA PHE A 523 -5.46 -6.10 18.54
C PHE A 523 -5.81 -7.58 18.49
N LEU A 524 -4.83 -8.40 18.91
CA LEU A 524 -4.98 -9.85 18.94
C LEU A 524 -6.19 -10.33 19.76
N VAL A 525 -6.25 -9.93 21.03
CA VAL A 525 -7.36 -10.38 21.87
C VAL A 525 -8.72 -9.87 21.39
N HIS A 526 -8.74 -8.65 20.86
CA HIS A 526 -9.99 -8.09 20.36
C HIS A 526 -10.50 -8.88 19.17
N HIS A 527 -9.57 -9.29 18.30
CA HIS A 527 -9.97 -10.11 17.17
C HIS A 527 -10.36 -11.53 17.59
N ILE A 528 -9.77 -12.01 18.69
CA ILE A 528 -10.23 -13.26 19.28
C ILE A 528 -11.69 -13.12 19.73
N HIS A 529 -11.99 -11.99 20.37
CA HIS A 529 -13.34 -11.70 20.82
C HIS A 529 -14.33 -11.68 19.66
N ALA A 530 -13.97 -10.94 18.61
CA ALA A 530 -14.77 -10.90 17.39
C ALA A 530 -15.02 -12.30 16.84
N PHE A 531 -13.96 -13.12 16.83
CA PHE A 531 -14.04 -14.49 16.35
C PHE A 531 -15.03 -15.34 17.15
N THR A 532 -14.82 -15.41 18.46
CA THR A 532 -15.65 -16.22 19.35
C THR A 532 -17.11 -15.78 19.32
N ILE A 533 -17.33 -14.47 19.37
CA ILE A 533 -18.70 -13.94 19.27
C ILE A 533 -19.33 -14.35 17.94
N HIS A 534 -18.58 -14.19 16.84
CA HIS A 534 -19.08 -14.58 15.53
C HIS A 534 -19.44 -16.06 15.44
N VAL A 535 -18.63 -16.93 16.05
CA VAL A 535 -18.95 -18.36 16.06
C VAL A 535 -20.22 -18.64 16.86
N THR A 536 -20.30 -18.06 18.06
CA THR A 536 -21.50 -18.22 18.90
C THR A 536 -22.75 -17.80 18.13
N VAL A 537 -22.67 -16.66 17.45
CA VAL A 537 -23.76 -16.17 16.62
C VAL A 537 -24.07 -17.16 15.50
N LEU A 538 -23.02 -17.73 14.91
CA LEU A 538 -23.18 -18.71 13.84
C LEU A 538 -24.04 -19.89 14.31
N ILE A 539 -23.62 -20.50 15.41
CA ILE A 539 -24.35 -21.63 15.98
C ILE A 539 -25.80 -21.28 16.30
N LEU A 540 -26.00 -20.22 17.08
CA LEU A 540 -27.35 -19.87 17.53
C LEU A 540 -28.28 -19.47 16.39
N LEU A 541 -27.82 -18.58 15.52
CA LEU A 541 -28.60 -18.12 14.40
C LEU A 541 -28.93 -19.25 13.43
N LYS A 542 -27.95 -20.12 13.16
CA LYS A 542 -28.20 -21.31 12.35
C LYS A 542 -29.30 -22.13 13.01
N GLY A 543 -29.23 -22.22 14.33
CA GLY A 543 -30.21 -22.95 15.10
C GLY A 543 -31.63 -22.43 14.93
N VAL A 544 -31.79 -21.12 14.95
CA VAL A 544 -33.13 -20.55 14.85
C VAL A 544 -33.65 -20.48 13.41
N LEU A 545 -32.74 -20.31 12.45
CA LEU A 545 -33.15 -20.14 11.06
C LEU A 545 -33.55 -21.46 10.41
N PHE A 546 -32.94 -22.55 10.87
CA PHE A 546 -33.26 -23.89 10.35
C PHE A 546 -34.07 -24.71 11.33
N ALA A 547 -34.73 -24.03 12.27
CA ALA A 547 -35.49 -24.71 13.31
C ALA A 547 -36.70 -25.43 12.73
N ARG A 548 -37.26 -24.86 11.67
CA ARG A 548 -38.48 -25.41 11.07
C ARG A 548 -38.18 -26.48 10.02
N SER A 549 -37.18 -26.22 9.18
CA SER A 549 -36.87 -27.15 8.10
C SER A 549 -35.45 -27.00 7.56
N SER A 550 -34.97 -28.05 6.92
CA SER A 550 -33.70 -28.01 6.20
C SER A 550 -33.79 -28.99 5.03
N ARG A 551 -32.79 -28.97 4.17
CA ARG A 551 -32.73 -29.92 3.06
C ARG A 551 -32.61 -31.34 3.58
N LEU A 552 -32.03 -31.48 4.77
CA LEU A 552 -31.89 -32.79 5.41
C LEU A 552 -33.21 -33.24 6.03
N ILE A 553 -33.79 -32.38 6.86
CA ILE A 553 -35.06 -32.67 7.52
C ILE A 553 -36.10 -31.63 7.11
N PRO A 554 -36.87 -31.94 6.05
CA PRO A 554 -37.86 -30.99 5.52
C PRO A 554 -39.00 -30.68 6.49
N ASP A 555 -39.27 -31.57 7.43
CA ASP A 555 -40.39 -31.37 8.36
C ASP A 555 -39.94 -31.30 9.81
N LYS A 556 -38.77 -30.71 10.04
CA LYS A 556 -38.18 -30.63 11.36
C LYS A 556 -39.08 -29.94 12.39
N ALA A 557 -39.88 -28.99 11.92
CA ALA A 557 -40.78 -28.22 12.78
C ALA A 557 -41.75 -29.13 13.53
N ASN A 558 -42.24 -30.17 12.86
CA ASN A 558 -43.17 -31.11 13.47
C ASN A 558 -42.53 -31.95 14.57
N LEU A 559 -41.20 -31.95 14.61
CA LEU A 559 -40.49 -32.72 15.63
C LEU A 559 -40.38 -31.91 16.92
N GLY A 560 -40.74 -30.64 16.83
CA GLY A 560 -40.74 -29.76 17.99
C GLY A 560 -39.49 -28.92 18.10
N PHE A 561 -39.40 -28.18 19.20
CA PHE A 561 -38.22 -27.38 19.50
C PHE A 561 -37.13 -28.26 20.14
N ARG A 562 -37.55 -29.09 21.10
CA ARG A 562 -36.60 -29.93 21.83
C ARG A 562 -36.83 -31.41 21.55
N PHE A 563 -35.91 -32.00 20.79
CA PHE A 563 -35.91 -33.42 20.50
C PHE A 563 -34.47 -33.84 20.19
N PRO A 564 -34.10 -35.09 20.50
CA PRO A 564 -32.71 -35.51 20.33
C PRO A 564 -32.24 -35.47 18.88
N CYS A 565 -33.07 -35.93 17.95
CA CYS A 565 -32.66 -36.10 16.56
C CYS A 565 -33.81 -36.67 15.71
N ASP A 566 -33.46 -37.16 14.52
CA ASP A 566 -34.40 -37.90 13.69
C ASP A 566 -33.77 -39.20 13.19
N GLY A 567 -32.93 -39.81 14.01
CA GLY A 567 -32.38 -41.13 13.74
C GLY A 567 -31.02 -41.11 13.05
N PRO A 568 -30.36 -42.27 13.02
CA PRO A 568 -29.03 -42.45 12.42
C PRO A 568 -29.08 -42.43 10.89
N GLY A 569 -30.29 -42.32 10.33
CA GLY A 569 -30.45 -42.25 8.89
C GLY A 569 -29.94 -40.94 8.32
N ARG A 570 -29.99 -40.83 6.99
CA ARG A 570 -29.45 -39.67 6.28
C ARG A 570 -27.96 -39.45 6.59
N GLY A 571 -27.28 -40.50 7.00
CA GLY A 571 -25.89 -40.40 7.42
C GLY A 571 -25.77 -40.23 8.93
N GLY A 572 -26.85 -39.75 9.54
CA GLY A 572 -26.86 -39.45 10.96
C GLY A 572 -27.37 -38.03 11.20
N THR A 573 -28.38 -37.89 12.05
CA THR A 573 -29.01 -36.59 12.26
C THR A 573 -29.03 -36.16 13.72
N CYS A 574 -27.97 -36.46 14.46
CA CYS A 574 -27.90 -36.06 15.86
C CYS A 574 -27.79 -34.54 15.99
N GLN A 575 -28.42 -33.98 17.01
CA GLN A 575 -28.35 -32.55 17.29
C GLN A 575 -28.81 -31.66 16.13
N VAL A 576 -29.97 -31.97 15.57
CA VAL A 576 -30.52 -31.15 14.50
C VAL A 576 -31.51 -30.13 15.05
N SER A 577 -31.98 -30.36 16.27
CA SER A 577 -32.96 -29.47 16.89
C SER A 577 -32.33 -28.15 17.31
N ALA A 578 -33.14 -27.10 17.35
CA ALA A 578 -32.67 -25.78 17.76
C ALA A 578 -32.20 -25.81 19.20
N TRP A 579 -32.83 -26.65 20.00
CA TRP A 579 -32.42 -26.85 21.39
C TRP A 579 -30.96 -27.29 21.45
N ASP A 580 -30.57 -28.19 20.57
CA ASP A 580 -29.18 -28.66 20.53
C ASP A 580 -28.22 -27.56 20.09
N HIS A 581 -28.76 -26.60 19.34
CA HIS A 581 -27.97 -25.44 18.94
C HIS A 581 -27.78 -24.48 20.11
N VAL A 582 -28.79 -24.39 20.97
CA VAL A 582 -28.65 -23.65 22.22
C VAL A 582 -27.59 -24.36 23.06
N PHE A 583 -27.63 -25.68 23.02
CA PHE A 583 -26.73 -26.55 23.76
C PHE A 583 -25.26 -26.35 23.37
N LEU A 584 -24.98 -26.26 22.07
CA LEU A 584 -23.62 -26.02 21.61
C LEU A 584 -23.19 -24.54 21.80
N GLY A 585 -24.14 -23.66 21.53
CA GLY A 585 -23.94 -22.24 21.70
C GLY A 585 -23.56 -21.90 23.13
N LEU A 586 -24.06 -22.67 24.10
CA LEU A 586 -23.69 -22.46 25.49
C LEU A 586 -22.19 -22.67 25.71
N PHE A 587 -21.66 -23.74 25.16
CA PHE A 587 -20.23 -24.03 25.24
C PHE A 587 -19.44 -22.90 24.62
N TRP A 588 -19.87 -22.45 23.44
CA TRP A 588 -19.13 -21.36 22.80
C TRP A 588 -19.23 -20.01 23.53
N MET A 589 -20.36 -19.76 24.18
CA MET A 589 -20.54 -18.58 25.01
C MET A 589 -19.60 -18.65 26.20
N TYR A 590 -19.48 -19.83 26.79
CA TYR A 590 -18.56 -20.07 27.88
C TYR A 590 -17.13 -19.76 27.44
N ASN A 591 -16.77 -20.26 26.26
CA ASN A 591 -15.46 -20.01 25.69
C ASN A 591 -15.16 -18.51 25.56
N SER A 592 -16.06 -17.82 24.86
CA SER A 592 -15.91 -16.39 24.62
C SER A 592 -15.80 -15.60 25.92
N ILE A 593 -16.74 -15.81 26.83
CA ILE A 593 -16.74 -15.06 28.09
C ILE A 593 -15.49 -15.39 28.94
N SER A 594 -15.05 -16.64 28.89
CA SER A 594 -13.82 -17.04 29.60
C SER A 594 -12.62 -16.25 29.10
N VAL A 595 -12.43 -16.21 27.78
CA VAL A 595 -11.29 -15.46 27.24
C VAL A 595 -11.44 -13.94 27.47
N VAL A 596 -12.70 -13.47 27.51
CA VAL A 596 -12.96 -12.07 27.82
C VAL A 596 -12.54 -11.70 29.25
N ILE A 597 -12.98 -12.48 30.22
CA ILE A 597 -12.64 -12.19 31.61
C ILE A 597 -11.15 -12.42 31.90
N PHE A 598 -10.53 -13.35 31.17
CA PHE A 598 -9.08 -13.51 31.28
C PHE A 598 -8.38 -12.26 30.74
N HIS A 599 -8.87 -11.76 29.60
CA HIS A 599 -8.38 -10.51 29.01
C HIS A 599 -8.45 -9.40 30.06
N PHE A 600 -9.62 -9.21 30.66
CA PHE A 600 -9.80 -8.17 31.66
C PHE A 600 -8.83 -8.33 32.83
N SER A 601 -8.80 -9.53 33.40
CA SER A 601 -7.95 -9.81 34.55
C SER A 601 -6.50 -9.47 34.28
N TRP A 602 -5.95 -10.04 33.21
CA TRP A 602 -4.54 -9.84 32.90
C TRP A 602 -4.22 -8.39 32.58
N LYS A 603 -5.04 -7.76 31.74
CA LYS A 603 -4.82 -6.36 31.38
C LYS A 603 -4.83 -5.45 32.59
N MET A 604 -5.82 -5.63 33.47
CA MET A 604 -5.93 -4.82 34.67
C MET A 604 -4.75 -5.04 35.63
N GLN A 605 -4.40 -6.29 35.86
CA GLN A 605 -3.29 -6.59 36.77
C GLN A 605 -1.93 -6.14 36.22
N SER A 606 -1.85 -6.00 34.90
CA SER A 606 -0.59 -5.71 34.24
C SER A 606 -0.34 -4.24 33.93
N ASP A 607 -1.33 -3.56 33.37
CA ASP A 607 -1.12 -2.21 32.86
C ASP A 607 -1.87 -1.12 33.62
N VAL A 608 -2.72 -1.52 34.57
CA VAL A 608 -3.54 -0.55 35.29
C VAL A 608 -3.34 -0.59 36.80
N TRP A 609 -3.75 -1.69 37.41
CA TRP A 609 -3.71 -1.82 38.87
C TRP A 609 -2.28 -1.82 39.39
N GLY A 610 -2.14 -1.78 40.72
CA GLY A 610 -0.82 -1.75 41.34
C GLY A 610 -0.69 -0.61 42.34
N THR A 611 0.46 -0.54 43.00
CA THR A 611 0.68 0.50 44.00
C THR A 611 1.41 1.69 43.38
N ILE A 612 1.28 2.86 44.01
CA ILE A 612 1.99 4.03 43.52
C ILE A 612 2.89 4.64 44.60
N ASN A 613 4.16 4.78 44.26
CA ASN A 613 5.15 5.34 45.17
C ASN A 613 5.11 6.86 45.10
N ASP A 614 5.74 7.53 46.06
CA ASP A 614 5.89 8.98 46.03
C ASP A 614 6.64 9.39 44.77
N GLN A 615 6.44 10.66 44.37
CA GLN A 615 7.01 11.22 43.15
C GLN A 615 6.39 10.62 41.87
N GLY A 616 5.51 9.64 42.03
CA GLY A 616 4.72 9.14 40.91
C GLY A 616 5.15 7.81 40.32
N VAL A 617 5.95 7.04 41.05
CA VAL A 617 6.40 5.75 40.56
C VAL A 617 5.35 4.66 40.75
N VAL A 618 4.83 4.14 39.63
CA VAL A 618 3.79 3.12 39.67
C VAL A 618 4.35 1.71 39.47
N THR A 619 4.09 0.84 40.44
CA THR A 619 4.47 -0.57 40.32
C THR A 619 3.22 -1.43 40.17
N HIS A 620 3.03 -1.97 38.97
CA HIS A 620 1.85 -2.78 38.68
C HIS A 620 1.96 -4.17 39.29
N ILE A 621 0.81 -4.85 39.39
CA ILE A 621 0.76 -6.15 40.04
C ILE A 621 1.57 -7.20 39.28
N THR A 622 1.55 -7.15 37.94
CA THR A 622 2.34 -8.09 37.14
C THR A 622 3.35 -7.38 36.24
N ALA A 623 3.58 -6.10 36.51
CA ALA A 623 4.66 -5.34 35.89
C ALA A 623 4.64 -5.24 34.36
N GLY A 624 3.47 -5.01 33.80
CA GLY A 624 3.34 -4.72 32.37
C GLY A 624 3.82 -5.80 31.42
N ASN A 625 3.69 -7.06 31.82
CA ASN A 625 4.17 -8.16 30.99
C ASN A 625 3.21 -8.53 29.86
N PHE A 626 2.00 -7.98 29.93
CA PHE A 626 0.93 -8.33 29.01
C PHE A 626 1.40 -8.18 27.57
N ALA A 627 1.88 -6.98 27.26
CA ALA A 627 2.28 -6.62 25.91
C ALA A 627 3.26 -7.60 25.30
N GLN A 628 4.05 -8.25 26.14
CA GLN A 628 5.05 -9.19 25.65
C GLN A 628 4.67 -10.65 25.88
N SER A 629 3.76 -10.89 26.83
CA SER A 629 3.45 -12.27 27.22
C SER A 629 2.16 -12.81 26.59
N SER A 630 1.19 -11.94 26.40
CA SER A 630 -0.13 -12.36 25.92
C SER A 630 -0.16 -12.60 24.41
N ILE A 631 1.01 -12.57 23.78
CA ILE A 631 1.08 -12.76 22.32
C ILE A 631 1.36 -14.22 21.93
N THR A 632 1.55 -15.08 22.92
CA THR A 632 1.67 -16.52 22.68
C THR A 632 0.74 -17.29 23.63
N ILE A 633 0.31 -18.47 23.22
CA ILE A 633 -0.53 -19.31 24.08
C ILE A 633 0.27 -19.72 25.31
N ASN A 634 1.56 -19.96 25.10
CA ASN A 634 2.47 -20.33 26.19
C ASN A 634 2.57 -19.24 27.26
N GLY A 635 2.43 -17.99 26.83
CA GLY A 635 2.45 -16.87 27.74
C GLY A 635 1.26 -16.87 28.68
N TRP A 636 0.08 -17.17 28.14
CA TRP A 636 -1.12 -17.30 28.94
C TRP A 636 -1.03 -18.52 29.84
N LEU A 637 -0.42 -19.58 29.31
CA LEU A 637 -0.29 -20.84 30.03
C LEU A 637 0.61 -20.66 31.26
N ARG A 638 1.67 -19.88 31.09
CA ARG A 638 2.69 -19.72 32.13
C ARG A 638 2.54 -18.43 32.94
N ASP A 639 2.52 -17.29 32.27
CA ASP A 639 2.53 -16.00 32.95
C ASP A 639 1.18 -15.62 33.54
N PHE A 640 0.11 -16.16 32.98
CA PHE A 640 -1.22 -15.90 33.52
C PHE A 640 -1.70 -17.06 34.38
N LEU A 641 -2.09 -18.16 33.76
CA LEU A 641 -2.65 -19.31 34.48
C LEU A 641 -1.71 -19.86 35.55
N TRP A 642 -0.54 -20.34 35.13
CA TRP A 642 0.40 -20.98 36.05
C TRP A 642 0.84 -20.04 37.15
N ALA A 643 1.25 -18.83 36.76
CA ALA A 643 1.75 -17.85 37.71
C ALA A 643 0.69 -17.41 38.72
N GLN A 644 -0.52 -17.14 38.24
CA GLN A 644 -1.56 -16.56 39.09
C GLN A 644 -2.39 -17.60 39.85
N ALA A 645 -2.27 -18.86 39.48
CA ALA A 645 -2.98 -19.93 40.21
C ALA A 645 -2.29 -20.23 41.53
N SER A 646 -1.14 -19.59 41.73
CA SER A 646 -0.35 -19.74 42.95
C SER A 646 -1.18 -19.52 44.20
N GLN A 647 -1.88 -18.39 44.23
CA GLN A 647 -2.68 -18.00 45.38
C GLN A 647 -3.76 -19.03 45.72
N VAL A 648 -4.46 -19.50 44.70
CA VAL A 648 -5.50 -20.51 44.92
C VAL A 648 -4.93 -21.86 45.37
N ILE A 649 -3.79 -22.26 44.82
CA ILE A 649 -3.26 -23.59 45.11
C ILE A 649 -2.54 -23.69 46.46
N GLN A 650 -2.19 -22.55 47.04
CA GLN A 650 -1.56 -22.55 48.36
C GLN A 650 -2.40 -21.80 49.38
N SER A 651 -3.71 -21.77 49.13
CA SER A 651 -4.64 -21.07 50.01
C SER A 651 -5.05 -21.92 51.21
N TYR A 652 -4.60 -23.17 51.24
CA TYR A 652 -4.92 -24.06 52.35
C TYR A 652 -4.35 -23.53 53.65
N GLY A 653 -5.04 -23.83 54.74
CA GLY A 653 -4.61 -23.41 56.06
C GLY A 653 -4.83 -21.93 56.34
N SER A 654 -5.56 -21.26 55.45
CA SER A 654 -5.89 -19.86 55.64
C SER A 654 -7.37 -19.59 55.40
N SER A 655 -7.76 -18.32 55.47
CA SER A 655 -9.16 -17.93 55.31
C SER A 655 -9.62 -18.09 53.86
N LEU A 656 -8.67 -18.23 52.95
CA LEU A 656 -8.99 -18.36 51.53
C LEU A 656 -9.05 -19.83 51.10
N SER A 657 -9.00 -20.74 52.06
CA SER A 657 -8.92 -22.17 51.76
C SER A 657 -10.16 -22.68 51.04
N ALA A 658 -11.31 -22.04 51.31
CA ALA A 658 -12.56 -22.42 50.66
C ALA A 658 -12.42 -22.28 49.15
N TYR A 659 -11.57 -21.35 48.72
CA TYR A 659 -11.34 -21.15 47.29
C TYR A 659 -10.50 -22.26 46.69
N GLY A 660 -9.63 -22.87 47.50
CA GLY A 660 -8.86 -24.02 47.05
C GLY A 660 -9.79 -25.20 46.91
N LEU A 661 -10.62 -25.40 47.94
CA LEU A 661 -11.62 -26.46 47.93
C LEU A 661 -12.55 -26.32 46.72
N PHE A 662 -12.96 -25.10 46.41
CA PHE A 662 -13.87 -24.87 45.30
C PHE A 662 -13.15 -25.00 43.97
N PHE A 663 -11.85 -24.71 43.97
CA PHE A 663 -11.01 -24.91 42.79
C PHE A 663 -11.05 -26.38 42.41
N LEU A 664 -10.69 -27.23 43.38
CA LEU A 664 -10.69 -28.67 43.14
C LEU A 664 -12.09 -29.20 42.80
N GLY A 665 -13.09 -28.77 43.56
CA GLY A 665 -14.47 -29.22 43.37
C GLY A 665 -15.01 -28.88 42.00
N ALA A 666 -14.69 -27.68 41.54
CA ALA A 666 -15.11 -27.21 40.22
C ALA A 666 -14.41 -27.99 39.11
N HIS A 667 -13.11 -28.21 39.26
CA HIS A 667 -12.39 -29.07 38.31
C HIS A 667 -13.09 -30.42 38.20
N PHE A 668 -13.43 -30.97 39.36
CA PHE A 668 -14.08 -32.28 39.46
C PHE A 668 -15.43 -32.31 38.74
N VAL A 669 -16.29 -31.34 39.03
CA VAL A 669 -17.60 -31.29 38.39
C VAL A 669 -17.46 -31.13 36.89
N TRP A 670 -16.52 -30.30 36.47
CA TRP A 670 -16.24 -30.11 35.05
C TRP A 670 -15.89 -31.41 34.36
N ALA A 671 -14.93 -32.14 34.93
CA ALA A 671 -14.56 -33.44 34.36
C ALA A 671 -15.76 -34.40 34.38
N PHE A 672 -16.55 -34.29 35.44
CA PHE A 672 -17.72 -35.15 35.65
C PHE A 672 -18.75 -34.97 34.57
N SER A 673 -18.85 -33.77 34.02
CA SER A 673 -19.78 -33.50 32.92
C SER A 673 -19.39 -34.29 31.67
N LEU A 674 -18.11 -34.54 31.50
CA LEU A 674 -17.59 -35.18 30.29
C LEU A 674 -18.12 -36.60 30.15
N MET A 675 -18.45 -37.24 31.26
CA MET A 675 -19.04 -38.58 31.22
C MET A 675 -20.38 -38.56 30.49
N PHE A 676 -21.16 -37.53 30.76
CA PHE A 676 -22.47 -37.35 30.14
C PHE A 676 -22.33 -36.89 28.70
N LEU A 677 -21.39 -35.96 28.46
CA LEU A 677 -21.22 -35.40 27.13
C LEU A 677 -20.63 -36.39 26.12
N PHE A 678 -19.74 -37.27 26.58
CA PHE A 678 -19.03 -38.17 25.66
C PHE A 678 -19.74 -39.51 25.45
N SER A 679 -20.76 -39.80 26.27
CA SER A 679 -21.41 -41.10 26.20
C SER A 679 -22.82 -41.08 25.65
N GLY A 680 -23.52 -42.20 25.79
CA GLY A 680 -24.88 -42.33 25.30
C GLY A 680 -25.70 -43.26 26.19
N ARG A 681 -27.02 -43.07 26.18
CA ARG A 681 -27.89 -43.71 27.16
C ARG A 681 -28.12 -45.22 26.98
N GLY A 682 -27.71 -45.77 25.84
CA GLY A 682 -27.87 -47.19 25.60
C GLY A 682 -27.05 -48.04 26.57
N TYR A 683 -25.76 -47.70 26.65
CA TYR A 683 -24.84 -48.34 27.58
C TYR A 683 -25.40 -48.30 29.00
N TRP A 684 -25.82 -47.10 29.41
CA TRP A 684 -26.30 -46.88 30.76
C TRP A 684 -27.56 -47.67 31.02
N GLN A 685 -28.40 -47.79 30.01
CA GLN A 685 -29.62 -48.58 30.13
C GLN A 685 -29.31 -50.06 30.35
N GLU A 686 -28.36 -50.60 29.60
CA GLU A 686 -28.00 -52.00 29.78
C GLU A 686 -27.33 -52.29 31.14
N LEU A 687 -26.44 -51.38 31.55
CA LEU A 687 -25.85 -51.47 32.87
C LEU A 687 -26.95 -51.50 33.92
N ILE A 688 -27.90 -50.58 33.76
CA ILE A 688 -29.07 -50.51 34.63
C ILE A 688 -29.88 -51.80 34.59
N GLU A 689 -29.90 -52.48 33.45
CA GLU A 689 -30.57 -53.79 33.37
C GLU A 689 -29.91 -54.78 34.32
N SER A 690 -28.58 -54.87 34.25
CA SER A 690 -27.86 -55.76 35.17
C SER A 690 -28.10 -55.41 36.65
N ILE A 691 -27.99 -54.13 36.99
CA ILE A 691 -28.18 -53.69 38.37
C ILE A 691 -29.59 -54.00 38.86
N VAL A 692 -30.57 -53.74 38.00
CA VAL A 692 -31.96 -54.07 38.28
C VAL A 692 -32.12 -55.56 38.56
N TRP A 693 -31.43 -56.39 37.78
CA TRP A 693 -31.41 -57.83 38.05
C TRP A 693 -30.96 -58.08 39.48
N ALA A 694 -29.85 -57.45 39.87
CA ALA A 694 -29.31 -57.61 41.21
C ALA A 694 -30.34 -57.21 42.29
N HIS A 695 -31.10 -56.16 42.01
CA HIS A 695 -32.12 -55.70 42.96
C HIS A 695 -33.29 -56.67 43.05
N ASN A 696 -33.67 -57.25 41.91
CA ASN A 696 -34.74 -58.24 41.88
C ASN A 696 -34.36 -59.46 42.69
N LYS A 697 -33.10 -59.88 42.57
CA LYS A 697 -32.60 -61.03 43.31
C LYS A 697 -32.82 -60.93 44.82
N LEU A 698 -32.79 -59.70 45.33
CA LEU A 698 -32.95 -59.47 46.76
C LEU A 698 -34.28 -58.79 47.10
N LYS A 699 -35.23 -58.87 46.17
CA LYS A 699 -36.58 -58.35 46.39
C LYS A 699 -36.62 -56.87 46.73
N VAL A 700 -35.70 -56.09 46.18
CA VAL A 700 -35.66 -54.65 46.42
C VAL A 700 -35.69 -53.82 45.14
N ALA A 701 -36.34 -54.35 44.12
CA ALA A 701 -36.53 -53.60 42.87
C ALA A 701 -37.73 -52.68 43.01
N PRO A 702 -37.54 -51.38 42.72
CA PRO A 702 -38.60 -50.38 42.86
C PRO A 702 -39.67 -50.54 41.79
N ALA A 703 -40.89 -50.10 42.09
CA ALA A 703 -41.97 -50.16 41.12
C ALA A 703 -41.74 -49.13 40.02
N THR A 704 -41.28 -47.94 40.41
CA THR A 704 -40.90 -46.92 39.45
C THR A 704 -39.61 -47.37 38.75
N GLN A 705 -39.77 -47.95 37.56
CA GLN A 705 -38.66 -48.57 36.84
C GLN A 705 -37.49 -47.64 36.55
N PRO A 706 -36.30 -47.97 37.09
CA PRO A 706 -35.07 -47.21 36.88
C PRO A 706 -34.73 -47.12 35.40
N ARG A 707 -34.65 -45.88 34.90
CA ARG A 707 -34.41 -45.64 33.49
C ARG A 707 -33.19 -44.73 33.33
N ALA A 708 -32.42 -44.95 32.27
CA ALA A 708 -31.32 -44.05 31.97
C ALA A 708 -31.92 -42.72 31.53
N LEU A 709 -31.18 -41.64 31.75
CA LEU A 709 -31.63 -40.31 31.35
C LEU A 709 -31.86 -40.27 29.85
N SER A 710 -32.77 -39.41 29.40
CA SER A 710 -32.99 -39.25 27.98
C SER A 710 -31.74 -38.63 27.35
N ILE A 711 -31.62 -38.77 26.03
CA ILE A 711 -30.53 -38.18 25.28
C ILE A 711 -30.40 -36.68 25.58
N VAL A 712 -31.52 -35.99 25.45
CA VAL A 712 -31.57 -34.55 25.71
C VAL A 712 -31.14 -34.21 27.13
N GLN A 713 -31.67 -34.92 28.12
CA GLN A 713 -31.28 -34.65 29.51
C GLN A 713 -29.81 -34.98 29.76
N GLY A 714 -29.29 -35.98 29.06
CA GLY A 714 -27.88 -36.29 29.13
C GLY A 714 -27.08 -35.09 28.67
N ARG A 715 -27.54 -34.48 27.58
CA ARG A 715 -26.88 -33.28 27.07
C ARG A 715 -27.00 -32.09 28.02
N ALA A 716 -28.17 -31.92 28.61
CA ALA A 716 -28.43 -30.81 29.51
C ALA A 716 -27.60 -30.91 30.78
N VAL A 717 -27.60 -32.10 31.39
CA VAL A 717 -26.77 -32.38 32.55
C VAL A 717 -25.30 -32.16 32.22
N GLY A 718 -24.88 -32.67 31.07
CA GLY A 718 -23.53 -32.46 30.58
C GLY A 718 -23.14 -31.00 30.55
N VAL A 719 -23.86 -30.21 29.77
CA VAL A 719 -23.49 -28.80 29.59
C VAL A 719 -23.61 -28.01 30.89
N THR A 720 -24.57 -28.39 31.74
CA THR A 720 -24.78 -27.72 33.02
C THR A 720 -23.60 -27.94 33.95
N HIS A 721 -23.16 -29.19 34.07
CA HIS A 721 -22.01 -29.50 34.91
C HIS A 721 -20.71 -28.96 34.33
N TYR A 722 -20.64 -28.89 33.00
CA TYR A 722 -19.49 -28.34 32.31
C TYR A 722 -19.35 -26.85 32.66
N LEU A 723 -20.45 -26.12 32.49
CA LEU A 723 -20.47 -24.69 32.78
C LEU A 723 -20.22 -24.43 34.26
N LEU A 724 -20.96 -25.11 35.13
CA LEU A 724 -20.78 -24.93 36.56
C LEU A 724 -19.33 -25.15 36.96
N GLY A 725 -18.75 -26.24 36.46
CA GLY A 725 -17.37 -26.58 36.75
C GLY A 725 -16.39 -25.54 36.30
N GLY A 726 -16.40 -25.22 35.01
CA GLY A 726 -15.46 -24.26 34.46
C GLY A 726 -15.57 -22.89 35.11
N ILE A 727 -16.79 -22.38 35.14
CA ILE A 727 -17.06 -21.07 35.70
C ILE A 727 -16.67 -21.00 37.18
N ALA A 728 -17.01 -22.00 37.97
CA ALA A 728 -16.62 -22.01 39.39
C ALA A 728 -15.11 -22.09 39.56
N THR A 729 -14.45 -22.77 38.62
CA THR A 729 -13.00 -22.85 38.66
C THR A 729 -12.40 -21.46 38.50
N THR A 730 -12.82 -20.77 37.44
CA THR A 730 -12.32 -19.40 37.20
C THR A 730 -12.73 -18.47 38.35
N TRP A 731 -13.86 -18.78 38.98
CA TRP A 731 -14.34 -18.03 40.14
C TRP A 731 -13.33 -18.12 41.27
N ALA A 732 -13.03 -19.33 41.70
CA ALA A 732 -12.08 -19.57 42.78
C ALA A 732 -10.71 -18.97 42.47
N PHE A 733 -10.26 -19.22 41.24
CA PHE A 733 -9.00 -18.67 40.75
C PHE A 733 -8.95 -17.14 40.91
N PHE A 734 -9.92 -16.48 40.29
CA PHE A 734 -10.03 -15.02 40.34
C PHE A 734 -10.03 -14.51 41.76
N LEU A 735 -10.98 -14.99 42.57
CA LEU A 735 -11.15 -14.47 43.92
C LEU A 735 -9.92 -14.67 44.81
N ALA A 736 -9.37 -15.88 44.81
CA ALA A 736 -8.17 -16.15 45.61
C ALA A 736 -7.02 -15.26 45.16
N ARG A 737 -6.80 -15.22 43.85
CA ARG A 737 -5.77 -14.37 43.25
C ARG A 737 -5.88 -12.91 43.71
N ILE A 738 -7.01 -12.29 43.39
CA ILE A 738 -7.19 -10.86 43.58
C ILE A 738 -7.35 -10.46 45.05
N ILE A 739 -7.86 -11.37 45.88
CA ILE A 739 -7.96 -11.08 47.31
C ILE A 739 -6.59 -11.19 47.97
N ALA A 740 -5.77 -12.13 47.54
CA ALA A 740 -4.44 -12.29 48.14
C ALA A 740 -3.42 -11.25 47.70
N VAL A 741 -3.39 -10.92 46.41
CA VAL A 741 -2.38 -9.99 45.90
C VAL A 741 -2.92 -8.58 45.73
N GLY A 742 -4.16 -8.36 46.17
CA GLY A 742 -4.78 -7.06 46.07
C GLY A 742 -4.68 -6.26 47.36
N ALA B 1 -16.24 -54.41 -7.18
CA ALA B 1 -16.02 -52.97 -7.05
C ALA B 1 -15.27 -52.41 -8.25
N LEU B 2 -15.73 -51.25 -8.73
CA LEU B 2 -15.09 -50.62 -9.90
C LEU B 2 -14.15 -49.48 -9.48
N ARG B 3 -14.16 -49.15 -8.21
CA ARG B 3 -13.30 -48.07 -7.69
C ARG B 3 -12.94 -48.34 -6.24
N PHE B 4 -12.12 -47.46 -5.66
CA PHE B 4 -11.71 -47.60 -4.27
C PHE B 4 -12.91 -47.44 -3.34
N PRO B 5 -13.03 -48.33 -2.34
CA PRO B 5 -12.14 -49.46 -2.09
C PRO B 5 -12.52 -50.71 -2.89
N ARG B 6 -11.53 -51.38 -3.47
CA ARG B 6 -11.76 -52.52 -4.32
C ARG B 6 -12.31 -53.73 -3.55
N PHE B 7 -12.14 -53.72 -2.23
CA PHE B 7 -12.58 -54.84 -1.41
C PHE B 7 -14.02 -54.73 -0.92
N SER B 8 -14.72 -53.69 -1.38
CA SER B 8 -16.08 -53.46 -0.93
C SER B 8 -16.85 -52.60 -1.94
N GLN B 9 -17.73 -53.21 -2.71
CA GLN B 9 -18.49 -52.46 -3.70
C GLN B 9 -19.58 -51.66 -3.01
N GLY B 10 -19.94 -52.07 -1.80
CA GLY B 10 -20.91 -51.35 -1.00
C GLY B 10 -20.42 -49.95 -0.70
N ILE B 11 -19.16 -49.86 -0.29
CA ILE B 11 -18.53 -48.56 -0.04
C ILE B 11 -18.16 -47.90 -1.36
N ALA B 12 -17.77 -48.71 -2.35
CA ALA B 12 -17.34 -48.20 -3.64
C ALA B 12 -18.46 -47.45 -4.38
N GLN B 13 -19.70 -47.83 -4.11
CA GLN B 13 -20.85 -47.18 -4.77
C GLN B 13 -21.33 -45.95 -4.00
N ASP B 14 -20.62 -45.60 -2.93
CA ASP B 14 -20.94 -44.39 -2.16
C ASP B 14 -20.50 -43.16 -2.94
N PRO B 15 -21.45 -42.23 -3.18
CA PRO B 15 -21.17 -41.01 -3.93
C PRO B 15 -20.54 -39.91 -3.09
N THR B 16 -20.35 -40.17 -1.80
CA THR B 16 -19.89 -39.14 -0.88
C THR B 16 -18.43 -39.32 -0.45
N THR B 17 -17.97 -38.41 0.41
CA THR B 17 -16.61 -38.46 0.95
C THR B 17 -16.41 -39.67 1.86
N ARG B 18 -17.51 -40.12 2.48
CA ARG B 18 -17.51 -41.29 3.35
C ARG B 18 -16.76 -42.44 2.72
N ARG B 19 -17.06 -42.69 1.45
CA ARG B 19 -16.43 -43.73 0.65
C ARG B 19 -14.93 -43.84 0.87
N ILE B 20 -14.26 -42.68 0.92
CA ILE B 20 -12.82 -42.67 1.15
C ILE B 20 -12.51 -43.11 2.58
N TRP B 21 -13.07 -42.38 3.54
CA TRP B 21 -12.81 -42.62 4.95
C TRP B 21 -12.95 -44.10 5.34
N PHE B 22 -14.16 -44.62 5.15
CA PHE B 22 -14.45 -46.01 5.46
C PHE B 22 -13.53 -46.97 4.71
N GLY B 23 -13.19 -46.61 3.47
CA GLY B 23 -12.25 -47.37 2.67
C GLY B 23 -10.94 -47.57 3.41
N ILE B 24 -10.44 -46.49 4.00
CA ILE B 24 -9.22 -46.55 4.80
C ILE B 24 -9.46 -47.29 6.11
N ALA B 25 -10.66 -47.17 6.65
CA ALA B 25 -10.92 -47.64 8.02
C ALA B 25 -11.32 -49.11 8.13
N THR B 26 -11.61 -49.74 6.99
CA THR B 26 -12.04 -51.14 7.00
C THR B 26 -11.07 -51.99 6.20
N ALA B 27 -9.93 -51.41 5.87
CA ALA B 27 -8.93 -52.05 5.01
C ALA B 27 -8.35 -53.33 5.60
N HIS B 28 -8.30 -53.41 6.93
CA HIS B 28 -7.67 -54.55 7.58
C HIS B 28 -8.66 -55.52 8.20
N ASP B 29 -9.95 -55.18 8.11
CA ASP B 29 -11.00 -56.08 8.57
C ASP B 29 -11.35 -57.08 7.46
N PHE B 30 -10.45 -58.03 7.23
CA PHE B 30 -10.56 -58.96 6.12
C PHE B 30 -11.88 -59.73 6.09
N GLU B 31 -12.36 -60.13 7.27
CA GLU B 31 -13.57 -60.92 7.38
C GLU B 31 -14.79 -60.29 6.70
N SER B 32 -14.78 -58.97 6.58
CA SER B 32 -15.94 -58.25 6.03
C SER B 32 -15.72 -57.76 4.60
N HIS B 33 -14.66 -58.23 3.95
CA HIS B 33 -14.41 -57.86 2.56
C HIS B 33 -15.22 -58.73 1.62
N ASP B 34 -15.30 -58.32 0.35
CA ASP B 34 -16.10 -59.05 -0.64
C ASP B 34 -15.44 -60.33 -1.09
N ASP B 35 -16.23 -61.39 -1.22
CA ASP B 35 -15.78 -62.66 -1.77
C ASP B 35 -14.61 -63.26 -1.00
N ILE B 36 -14.62 -63.09 0.32
CA ILE B 36 -13.56 -63.67 1.14
C ILE B 36 -13.91 -65.06 1.62
N THR B 37 -12.87 -65.86 1.87
CA THR B 37 -13.03 -67.20 2.42
C THR B 37 -12.07 -67.37 3.58
N GLU B 38 -12.19 -68.49 4.30
CA GLU B 38 -11.31 -68.79 5.42
C GLU B 38 -9.86 -68.80 4.94
N GLY B 39 -9.65 -69.41 3.77
CA GLY B 39 -8.33 -69.49 3.17
C GLY B 39 -7.70 -68.13 2.96
N ARG B 40 -8.39 -67.26 2.24
CA ARG B 40 -7.91 -65.91 1.98
C ARG B 40 -7.65 -65.17 3.28
N LEU B 41 -8.52 -65.39 4.27
CA LEU B 41 -8.38 -64.77 5.57
C LEU B 41 -7.05 -65.13 6.22
N TYR B 42 -6.83 -66.43 6.43
CA TYR B 42 -5.59 -66.90 7.05
C TYR B 42 -4.34 -66.51 6.26
N GLN B 43 -4.41 -66.61 4.93
CA GLN B 43 -3.28 -66.29 4.08
C GLN B 43 -2.90 -64.81 4.12
N ASN B 44 -3.91 -63.95 4.05
CA ASN B 44 -3.70 -62.51 4.18
C ASN B 44 -3.17 -62.13 5.55
N ILE B 45 -3.69 -62.79 6.59
CA ILE B 45 -3.19 -62.56 7.94
C ILE B 45 -1.71 -62.95 8.07
N PHE B 46 -1.35 -64.10 7.49
CA PHE B 46 0.01 -64.60 7.48
C PHE B 46 0.97 -63.62 6.81
N ALA B 47 0.62 -63.23 5.58
CA ALA B 47 1.39 -62.26 4.83
C ALA B 47 1.52 -60.93 5.60
N SER B 48 0.43 -60.53 6.23
CA SER B 48 0.40 -59.30 7.02
C SER B 48 1.36 -59.38 8.20
N HIS B 49 1.43 -60.55 8.83
CA HIS B 49 2.38 -60.77 9.91
C HIS B 49 3.81 -60.64 9.41
N PHE B 50 4.09 -61.24 8.26
CA PHE B 50 5.41 -61.06 7.65
C PHE B 50 5.73 -59.58 7.42
N GLY B 51 4.74 -58.84 6.91
CA GLY B 51 4.89 -57.41 6.70
C GLY B 51 5.23 -56.68 7.98
N GLN B 52 4.50 -57.00 9.05
CA GLN B 52 4.75 -56.40 10.36
C GLN B 52 6.18 -56.67 10.83
N LEU B 53 6.61 -57.91 10.70
CA LEU B 53 7.98 -58.28 11.06
C LEU B 53 9.00 -57.44 10.30
N ALA B 54 8.79 -57.32 8.99
CA ALA B 54 9.65 -56.52 8.14
C ALA B 54 9.74 -55.07 8.64
N ILE B 55 8.59 -54.52 9.00
CA ILE B 55 8.54 -53.16 9.52
C ILE B 55 9.32 -53.03 10.83
N ILE B 56 9.17 -54.03 11.71
CA ILE B 56 9.92 -54.03 12.96
C ILE B 56 11.44 -54.04 12.74
N PHE B 57 11.89 -54.99 11.92
CA PHE B 57 13.32 -55.11 11.59
C PHE B 57 13.88 -53.85 10.95
N LEU B 58 13.11 -53.25 10.04
CA LEU B 58 13.50 -52.01 9.39
C LEU B 58 13.61 -50.86 10.41
N TRP B 59 12.65 -50.83 11.34
CA TRP B 59 12.64 -49.82 12.40
C TRP B 59 13.87 -49.92 13.28
N THR B 60 14.16 -51.12 13.77
CA THR B 60 15.32 -51.37 14.61
C THR B 60 16.62 -51.02 13.87
N SER B 61 16.69 -51.40 12.59
CA SER B 61 17.86 -51.11 11.79
C SER B 61 18.04 -49.60 11.62
N GLY B 62 16.91 -48.89 11.56
CA GLY B 62 16.94 -47.44 11.49
C GLY B 62 17.52 -46.83 12.75
N ASN B 63 17.09 -47.37 13.89
CA ASN B 63 17.62 -46.91 15.17
C ASN B 63 19.13 -47.13 15.28
N LEU B 64 19.55 -48.36 15.01
CA LEU B 64 20.97 -48.71 15.02
C LEU B 64 21.77 -47.82 14.08
N PHE B 65 21.27 -47.66 12.86
CA PHE B 65 21.94 -46.86 11.84
C PHE B 65 22.12 -45.41 12.30
N HIS B 66 21.06 -44.83 12.86
CA HIS B 66 21.14 -43.43 13.28
C HIS B 66 22.00 -43.18 14.51
N VAL B 67 21.96 -44.12 15.46
CA VAL B 67 22.86 -44.03 16.60
C VAL B 67 24.32 -44.13 16.14
N ALA B 68 24.58 -45.04 15.21
CA ALA B 68 25.95 -45.24 14.70
C ALA B 68 26.44 -44.07 13.85
N TRP B 69 25.54 -43.45 13.10
CA TRP B 69 25.89 -42.42 12.13
C TRP B 69 25.93 -41.02 12.72
N GLN B 70 25.03 -40.74 13.66
CA GLN B 70 24.89 -39.38 14.16
C GLN B 70 24.98 -39.26 15.68
N GLY B 71 25.19 -40.38 16.36
CA GLY B 71 25.20 -40.41 17.81
C GLY B 71 26.58 -40.33 18.44
N ASN B 72 26.62 -40.45 19.76
CA ASN B 72 27.88 -40.47 20.50
C ASN B 72 28.07 -41.76 21.29
N PHE B 73 27.82 -42.89 20.63
CA PHE B 73 27.83 -44.18 21.30
C PHE B 73 29.17 -44.52 21.93
N GLU B 74 30.26 -44.25 21.21
CA GLU B 74 31.60 -44.53 21.72
C GLU B 74 31.95 -43.64 22.92
N ALA B 75 31.65 -42.35 22.79
CA ALA B 75 31.85 -41.41 23.88
C ALA B 75 31.02 -41.83 25.09
N TRP B 76 29.87 -42.44 24.83
CA TRP B 76 29.01 -42.91 25.91
C TRP B 76 29.59 -44.15 26.60
N VAL B 77 30.09 -45.10 25.82
CA VAL B 77 30.66 -46.31 26.40
C VAL B 77 31.95 -45.99 27.15
N GLN B 78 32.59 -44.88 26.80
CA GLN B 78 33.77 -44.43 27.55
C GLN B 78 33.39 -43.75 28.86
N ASP B 79 32.23 -43.08 28.88
CA ASP B 79 31.75 -42.41 30.08
C ASP B 79 30.22 -42.33 30.13
N PRO B 80 29.56 -43.41 30.55
CA PRO B 80 28.10 -43.53 30.55
C PRO B 80 27.39 -42.62 31.54
N PHE B 81 28.09 -42.18 32.58
CA PHE B 81 27.49 -41.34 33.60
C PHE B 81 27.35 -39.89 33.17
N HIS B 82 28.29 -39.39 32.38
CA HIS B 82 28.33 -37.97 32.06
C HIS B 82 28.21 -37.67 30.58
N VAL B 83 27.50 -38.53 29.85
CA VAL B 83 27.23 -38.30 28.43
C VAL B 83 25.76 -38.56 28.12
N ARG B 84 25.11 -37.57 27.51
CA ARG B 84 23.73 -37.72 27.09
C ARG B 84 23.65 -38.40 25.73
N PRO B 85 23.01 -39.58 25.67
CA PRO B 85 22.94 -40.42 24.47
C PRO B 85 22.19 -39.72 23.33
N ILE B 86 22.84 -39.63 22.17
CA ILE B 86 22.22 -38.99 21.01
C ILE B 86 21.36 -39.98 20.23
N ALA B 87 20.11 -39.60 20.00
CA ALA B 87 19.19 -40.43 19.21
C ALA B 87 19.47 -40.24 17.72
N HIS B 88 19.42 -39.00 17.26
CA HIS B 88 19.70 -38.67 15.87
C HIS B 88 19.95 -37.19 15.69
N ALA B 89 20.59 -36.81 14.59
CA ALA B 89 20.79 -35.42 14.27
C ALA B 89 19.50 -34.81 13.76
N ILE B 90 19.43 -33.47 13.78
CA ILE B 90 18.23 -32.79 13.31
C ILE B 90 18.56 -31.68 12.31
N TRP B 91 17.90 -31.73 11.17
CA TRP B 91 18.05 -30.72 10.13
C TRP B 91 16.71 -30.08 9.81
N ASP B 92 16.40 -28.98 10.50
CA ASP B 92 15.15 -28.27 10.31
C ASP B 92 15.44 -26.85 9.84
N PRO B 93 15.16 -26.57 8.56
CA PRO B 93 15.42 -25.26 7.95
C PRO B 93 14.52 -24.17 8.53
N HIS B 94 13.63 -24.53 9.44
CA HIS B 94 12.77 -23.57 10.10
C HIS B 94 13.47 -22.97 11.32
N PHE B 95 14.57 -23.60 11.73
CA PHE B 95 15.31 -23.18 12.91
C PHE B 95 15.94 -21.79 12.77
N GLY B 96 15.98 -21.06 13.87
CA GLY B 96 16.76 -19.85 13.96
C GLY B 96 18.07 -20.17 14.66
N GLN B 97 18.99 -19.22 14.70
CA GLN B 97 20.28 -19.44 15.36
C GLN B 97 20.21 -19.87 16.83
N PRO B 98 19.36 -19.22 17.65
CA PRO B 98 19.28 -19.67 19.05
C PRO B 98 18.84 -21.14 19.15
N ALA B 99 17.99 -21.57 18.24
CA ALA B 99 17.51 -22.94 18.21
C ALA B 99 18.66 -23.89 17.87
N VAL B 100 19.49 -23.48 16.91
CA VAL B 100 20.64 -24.28 16.51
C VAL B 100 21.64 -24.41 17.66
N GLU B 101 21.89 -23.30 18.34
CA GLU B 101 22.82 -23.31 19.46
C GLU B 101 22.30 -24.15 20.60
N ALA B 102 21.03 -23.98 20.93
CA ALA B 102 20.42 -24.66 22.07
C ALA B 102 20.38 -26.18 21.94
N PHE B 103 20.11 -26.67 20.73
CA PHE B 103 19.94 -28.10 20.51
C PHE B 103 21.25 -28.85 20.24
N THR B 104 22.37 -28.11 20.28
CA THR B 104 23.67 -28.76 20.14
C THR B 104 24.13 -29.26 21.51
N ARG B 105 23.72 -30.47 21.85
CA ARG B 105 24.11 -31.11 23.10
C ARG B 105 25.10 -32.23 22.81
N GLY B 106 25.54 -32.92 23.85
CA GLY B 106 26.52 -33.97 23.70
C GLY B 106 27.80 -33.44 23.10
N GLY B 107 28.51 -34.28 22.36
CA GLY B 107 29.71 -33.85 21.68
C GLY B 107 29.44 -33.55 20.22
N ALA B 108 28.17 -33.30 19.92
CA ALA B 108 27.74 -33.12 18.53
C ALA B 108 28.25 -31.81 17.94
N LEU B 109 28.37 -31.78 16.61
CA LEU B 109 28.80 -30.58 15.91
C LEU B 109 27.61 -29.82 15.34
N GLY B 110 26.42 -30.22 15.77
CA GLY B 110 25.19 -29.57 15.34
C GLY B 110 24.04 -29.94 16.24
N PRO B 111 22.82 -29.51 15.89
CA PRO B 111 21.62 -29.80 16.66
C PRO B 111 21.34 -31.30 16.73
N VAL B 112 20.99 -31.81 17.91
CA VAL B 112 20.62 -33.22 18.07
C VAL B 112 19.49 -33.39 19.08
N ASN B 113 18.96 -34.60 19.15
CA ASN B 113 18.01 -34.97 20.19
C ASN B 113 18.63 -36.03 21.10
N ASN B 114 18.35 -35.96 22.39
CA ASN B 114 18.88 -36.95 23.33
C ASN B 114 17.97 -38.16 23.48
N ALA B 115 18.50 -39.35 23.24
CA ALA B 115 17.72 -40.57 23.30
C ALA B 115 17.23 -40.88 24.72
N TYR B 116 15.94 -41.18 24.83
CA TYR B 116 15.37 -41.62 26.11
C TYR B 116 14.74 -42.99 25.96
N SER B 117 15.11 -43.69 24.90
CA SER B 117 14.64 -45.05 24.66
C SER B 117 15.53 -46.05 25.40
N GLY B 118 16.72 -45.60 25.78
CA GLY B 118 17.65 -46.41 26.53
C GLY B 118 18.31 -47.50 25.71
N VAL B 119 18.46 -47.25 24.42
CA VAL B 119 19.10 -48.22 23.53
C VAL B 119 20.59 -48.31 23.81
N TYR B 120 21.17 -47.22 24.29
CA TYR B 120 22.59 -47.19 24.62
C TYR B 120 22.92 -48.19 25.71
N GLN B 121 22.21 -48.11 26.83
CA GLN B 121 22.45 -49.01 27.95
C GLN B 121 22.27 -50.47 27.54
N TRP B 122 21.22 -50.73 26.77
CA TRP B 122 20.93 -52.07 26.27
C TRP B 122 22.06 -52.64 25.41
N TRP B 123 22.37 -51.92 24.33
CA TRP B 123 23.39 -52.35 23.38
C TRP B 123 24.76 -52.48 24.02
N TYR B 124 25.09 -51.55 24.90
CA TYR B 124 26.35 -51.59 25.62
C TYR B 124 26.40 -52.78 26.56
N THR B 125 25.29 -53.08 27.23
CA THR B 125 25.23 -54.20 28.16
C THR B 125 25.41 -55.52 27.42
N ILE B 126 24.74 -55.67 26.28
CA ILE B 126 24.78 -56.96 25.59
C ILE B 126 26.08 -57.23 24.82
N GLY B 127 26.87 -56.19 24.55
CA GLY B 127 28.18 -56.39 23.96
C GLY B 127 28.63 -55.40 22.89
N LEU B 128 27.70 -54.60 22.37
CA LEU B 128 28.06 -53.60 21.36
C LEU B 128 29.03 -52.59 21.97
N ARG B 129 30.05 -52.22 21.22
CA ARG B 129 31.06 -51.28 21.72
C ARG B 129 31.37 -50.15 20.75
N THR B 130 31.30 -50.44 19.45
CA THR B 130 31.68 -49.45 18.44
C THR B 130 30.55 -49.15 17.48
N ASN B 131 30.73 -48.09 16.70
CA ASN B 131 29.77 -47.73 15.67
C ASN B 131 29.70 -48.81 14.60
N GLU B 132 30.82 -49.45 14.32
CA GLU B 132 30.89 -50.50 13.31
C GLU B 132 29.97 -51.67 13.64
N ASP B 133 29.96 -52.05 14.91
CA ASP B 133 29.08 -53.11 15.39
C ASP B 133 27.64 -52.73 15.09
N LEU B 134 27.28 -51.50 15.42
CA LEU B 134 25.93 -50.99 15.20
C LEU B 134 25.56 -51.02 13.71
N TYR B 135 26.51 -50.65 12.86
CA TYR B 135 26.31 -50.66 11.41
C TYR B 135 26.06 -52.08 10.89
N THR B 136 26.87 -53.02 11.36
CA THR B 136 26.72 -54.40 10.92
C THR B 136 25.40 -54.99 11.38
N GLY B 137 24.99 -54.66 12.60
CA GLY B 137 23.71 -55.09 13.11
C GLY B 137 22.56 -54.48 12.33
N ALA B 138 22.73 -53.23 11.93
CA ALA B 138 21.74 -52.52 11.12
C ALA B 138 21.57 -53.20 9.76
N ILE B 139 22.70 -53.54 9.15
CA ILE B 139 22.69 -54.22 7.86
C ILE B 139 22.02 -55.59 7.98
N PHE B 140 22.34 -56.30 9.06
CA PHE B 140 21.76 -57.62 9.29
C PHE B 140 20.25 -57.57 9.49
N LEU B 141 19.78 -56.57 10.23
CA LEU B 141 18.34 -56.44 10.46
C LEU B 141 17.62 -55.95 9.21
N LEU B 142 18.33 -55.20 8.37
CA LEU B 142 17.81 -54.80 7.08
C LEU B 142 17.63 -56.04 6.21
N PHE B 143 18.63 -56.93 6.29
CA PHE B 143 18.59 -58.21 5.60
C PHE B 143 17.41 -59.05 6.07
N LEU B 144 17.16 -59.03 7.39
CA LEU B 144 16.03 -59.74 7.96
C LEU B 144 14.71 -59.13 7.48
N SER B 145 14.71 -57.82 7.29
CA SER B 145 13.53 -57.12 6.79
C SER B 145 13.19 -57.58 5.37
N PHE B 146 14.21 -57.55 4.50
CA PHE B 146 14.05 -58.03 3.13
C PHE B 146 13.59 -59.48 3.11
N ILE B 147 14.22 -60.31 3.94
CA ILE B 147 13.86 -61.72 4.02
C ILE B 147 12.40 -61.92 4.41
N SER B 148 11.94 -61.14 5.39
CA SER B 148 10.56 -61.23 5.84
C SER B 148 9.56 -60.80 4.75
N LEU B 149 9.86 -59.69 4.06
CA LEU B 149 9.03 -59.27 2.93
C LEU B 149 8.98 -60.38 1.87
N LEU B 150 10.14 -60.93 1.56
CA LEU B 150 10.27 -62.01 0.59
C LEU B 150 9.45 -63.21 1.01
N ALA B 151 9.38 -63.46 2.31
CA ALA B 151 8.64 -64.60 2.84
C ALA B 151 7.13 -64.38 2.73
N GLY B 152 6.70 -63.14 2.97
CA GLY B 152 5.31 -62.80 2.80
C GLY B 152 4.89 -62.99 1.36
N TRP B 153 5.66 -62.38 0.46
CA TRP B 153 5.41 -62.52 -0.98
C TRP B 153 5.40 -63.99 -1.41
N LEU B 154 6.34 -64.76 -0.88
CA LEU B 154 6.48 -66.16 -1.24
C LEU B 154 5.25 -66.95 -0.82
N HIS B 155 4.92 -66.88 0.46
CA HIS B 155 3.80 -67.64 1.00
C HIS B 155 2.45 -67.12 0.50
N LEU B 156 2.46 -65.98 -0.17
CA LEU B 156 1.25 -65.53 -0.87
C LEU B 156 1.06 -66.27 -2.19
N GLN B 157 2.16 -66.73 -2.78
CA GLN B 157 2.12 -67.42 -4.07
C GLN B 157 1.48 -68.81 -3.97
N PRO B 158 0.75 -69.22 -5.03
CA PRO B 158 0.00 -70.48 -5.07
C PRO B 158 0.81 -71.73 -4.71
N LYS B 159 2.11 -71.73 -5.01
CA LYS B 159 2.95 -72.88 -4.68
C LYS B 159 3.21 -72.97 -3.17
N TRP B 160 3.28 -71.82 -2.52
CA TRP B 160 3.69 -71.78 -1.11
C TRP B 160 2.54 -71.38 -0.19
N LYS B 161 1.33 -71.25 -0.74
CA LYS B 161 0.15 -70.95 0.07
C LYS B 161 -0.20 -72.13 0.97
N PRO B 162 -0.20 -71.91 2.29
CA PRO B 162 -0.57 -72.96 3.24
C PRO B 162 -2.09 -73.10 3.29
N SER B 163 -2.57 -74.32 3.56
CA SER B 163 -4.01 -74.56 3.65
C SER B 163 -4.54 -74.13 5.00
N VAL B 164 -5.86 -74.03 5.12
CA VAL B 164 -6.49 -73.67 6.39
C VAL B 164 -6.22 -74.74 7.44
N SER B 165 -6.20 -76.00 7.00
CA SER B 165 -5.94 -77.13 7.89
C SER B 165 -4.61 -76.98 8.61
N TRP B 166 -3.61 -76.50 7.87
CA TRP B 166 -2.28 -76.27 8.41
C TRP B 166 -2.31 -75.21 9.50
N PHE B 167 -3.05 -74.14 9.25
CA PHE B 167 -3.22 -73.07 10.23
C PHE B 167 -3.94 -73.57 11.49
N LYS B 168 -4.78 -74.58 11.32
CA LYS B 168 -5.56 -75.11 12.43
C LYS B 168 -4.85 -76.25 13.17
N ASN B 169 -3.62 -76.54 12.77
CA ASN B 169 -2.82 -77.55 13.46
C ASN B 169 -2.21 -76.93 14.73
N ALA B 170 -2.97 -76.98 15.82
CA ALA B 170 -2.60 -76.29 17.04
C ALA B 170 -1.45 -76.98 17.78
N GLU B 171 -1.56 -78.29 17.94
CA GLU B 171 -0.59 -79.06 18.72
C GLU B 171 0.83 -78.89 18.19
N SER B 172 0.99 -78.95 16.88
CA SER B 172 2.29 -78.79 16.24
C SER B 172 2.86 -77.40 16.48
N ARG B 173 2.03 -76.38 16.27
CA ARG B 173 2.48 -74.99 16.45
C ARG B 173 2.87 -74.72 17.90
N LEU B 174 2.13 -75.30 18.84
CA LEU B 174 2.44 -75.17 20.25
C LEU B 174 3.76 -75.84 20.60
N ASN B 175 3.94 -77.09 20.15
CA ASN B 175 5.19 -77.81 20.34
C ASN B 175 6.39 -77.02 19.82
N HIS B 176 6.29 -76.58 18.58
CA HIS B 176 7.37 -75.85 17.92
C HIS B 176 7.66 -74.50 18.56
N HIS B 177 6.61 -73.76 18.91
CA HIS B 177 6.79 -72.45 19.51
C HIS B 177 7.37 -72.55 20.93
N LEU B 178 6.87 -73.50 21.70
CA LEU B 178 7.38 -73.70 23.05
C LEU B 178 8.83 -74.17 23.04
N SER B 179 9.14 -75.15 22.19
CA SER B 179 10.49 -75.71 22.14
C SER B 179 11.46 -74.84 21.36
N GLY B 180 11.04 -74.38 20.19
CA GLY B 180 11.91 -73.63 19.30
C GLY B 180 11.90 -72.12 19.50
N LEU B 181 10.74 -71.51 19.32
CA LEU B 181 10.61 -70.05 19.39
C LEU B 181 10.92 -69.52 20.79
N PHE B 182 10.49 -70.24 21.81
CA PHE B 182 10.76 -69.86 23.19
C PHE B 182 12.04 -70.49 23.72
N GLY B 183 12.14 -71.80 23.60
CA GLY B 183 13.27 -72.55 24.10
C GLY B 183 14.58 -72.27 23.39
N VAL B 184 14.66 -72.64 22.12
CA VAL B 184 15.88 -72.48 21.34
C VAL B 184 16.37 -71.04 21.28
N SER B 185 15.44 -70.09 21.20
CA SER B 185 15.80 -68.68 21.18
C SER B 185 16.45 -68.24 22.49
N SER B 186 15.89 -68.68 23.61
CA SER B 186 16.41 -68.33 24.92
C SER B 186 17.75 -69.01 25.19
N LEU B 187 17.88 -70.25 24.74
CA LEU B 187 19.14 -70.98 24.84
C LEU B 187 20.23 -70.28 24.03
N ALA B 188 19.85 -69.86 22.83
CA ALA B 188 20.79 -69.17 21.94
C ALA B 188 21.18 -67.81 22.49
N TRP B 189 20.24 -67.14 23.17
CA TRP B 189 20.55 -65.85 23.77
C TRP B 189 21.48 -66.03 24.95
N ALA B 190 21.27 -67.09 25.72
CA ALA B 190 22.19 -67.45 26.78
C ALA B 190 23.56 -67.68 26.16
N GLY B 191 23.56 -68.28 24.97
CA GLY B 191 24.77 -68.47 24.20
C GLY B 191 25.47 -67.15 23.91
N HIS B 192 24.69 -66.15 23.52
CA HIS B 192 25.26 -64.84 23.22
C HIS B 192 25.81 -64.16 24.48
N LEU B 193 25.10 -64.32 25.60
CA LEU B 193 25.55 -63.72 26.85
C LEU B 193 26.87 -64.35 27.30
N VAL B 194 26.95 -65.67 27.19
CA VAL B 194 28.16 -66.41 27.57
C VAL B 194 29.34 -66.11 26.64
N HIS B 195 29.08 -66.08 25.34
CA HIS B 195 30.14 -65.93 24.34
C HIS B 195 30.56 -64.48 24.09
N VAL B 196 29.64 -63.53 24.25
CA VAL B 196 29.94 -62.15 23.90
C VAL B 196 29.73 -61.14 25.03
N ALA B 197 28.55 -61.14 25.63
CA ALA B 197 28.20 -60.14 26.64
C ALA B 197 29.08 -60.21 27.88
N ILE B 198 29.13 -61.38 28.50
CA ILE B 198 29.96 -61.58 29.70
C ILE B 198 31.44 -61.26 29.47
N PRO B 199 32.06 -61.81 28.39
CA PRO B 199 33.45 -61.43 28.14
C PRO B 199 33.60 -59.93 27.88
N GLY B 200 32.62 -59.34 27.19
CA GLY B 200 32.64 -57.92 26.90
C GLY B 200 32.65 -57.08 28.17
N SER B 201 31.89 -57.52 29.15
CA SER B 201 31.83 -56.81 30.44
C SER B 201 33.13 -56.98 31.21
N ARG B 202 33.86 -58.05 30.90
CA ARG B 202 35.13 -58.32 31.56
C ARG B 202 36.31 -57.75 30.79
N GLY B 203 36.03 -57.01 29.72
CA GLY B 203 37.07 -56.35 28.95
C GLY B 203 37.69 -57.21 27.86
N GLU B 204 36.90 -58.12 27.30
CA GLU B 204 37.38 -59.01 26.25
C GLU B 204 36.60 -58.81 24.95
N TYR B 205 37.29 -58.32 23.92
CA TYR B 205 36.67 -58.03 22.63
C TYR B 205 36.46 -59.32 21.83
N VAL B 206 35.23 -59.84 21.86
CA VAL B 206 34.91 -61.09 21.17
C VAL B 206 33.90 -60.87 20.05
N ARG B 207 34.32 -61.14 18.82
CA ARG B 207 33.45 -60.98 17.67
C ARG B 207 33.40 -62.25 16.82
N TRP B 208 32.82 -62.14 15.62
CA TRP B 208 32.68 -63.28 14.73
C TRP B 208 34.02 -63.83 14.26
N ASN B 209 34.99 -62.93 14.08
CA ASN B 209 36.28 -63.31 13.52
C ASN B 209 37.21 -64.04 14.49
N ASN B 210 36.77 -64.20 15.73
CA ASN B 210 37.61 -64.87 16.73
C ASN B 210 36.89 -65.69 17.77
N PHE B 211 35.55 -65.74 17.70
CA PHE B 211 34.78 -66.41 18.74
C PHE B 211 35.02 -67.91 18.77
N LEU B 212 35.51 -68.47 17.67
CA LEU B 212 35.86 -69.88 17.64
C LEU B 212 37.23 -70.12 18.27
N ASP B 213 37.99 -69.05 18.42
CA ASP B 213 39.37 -69.14 18.91
C ASP B 213 39.46 -68.81 20.41
N VAL B 214 38.35 -68.42 21.00
CA VAL B 214 38.34 -68.00 22.40
C VAL B 214 37.49 -68.93 23.27
N LEU B 215 38.00 -69.30 24.43
CA LEU B 215 37.25 -70.12 25.36
C LEU B 215 36.35 -69.27 26.25
N PRO B 216 35.03 -69.54 26.22
CA PRO B 216 34.08 -68.84 27.10
C PRO B 216 34.32 -69.19 28.56
N HIS B 217 35.00 -70.30 28.80
CA HIS B 217 35.38 -70.72 30.15
C HIS B 217 36.76 -71.35 30.10
N PRO B 218 37.58 -71.12 31.14
CA PRO B 218 38.94 -71.67 31.24
C PRO B 218 39.02 -73.16 30.92
N GLN B 219 38.07 -73.95 31.42
CA GLN B 219 38.00 -75.36 31.08
C GLN B 219 36.68 -75.66 30.41
N GLY B 220 36.47 -75.02 29.26
CA GLY B 220 35.17 -75.00 28.60
C GLY B 220 34.57 -76.31 28.16
N LEU B 221 33.24 -76.37 28.26
CA LEU B 221 32.43 -77.48 27.73
C LEU B 221 32.56 -78.81 28.47
N GLY B 222 33.69 -79.00 29.15
CA GLY B 222 33.89 -80.17 30.00
C GLY B 222 32.84 -80.37 31.07
N PRO B 223 32.77 -79.45 32.04
CA PRO B 223 31.83 -79.53 33.17
C PRO B 223 30.36 -79.66 32.77
N LEU B 224 29.98 -79.12 31.62
CA LEU B 224 28.59 -79.21 31.17
C LEU B 224 28.20 -80.66 30.95
N LEU B 225 28.97 -81.36 30.12
CA LEU B 225 28.66 -82.75 29.79
C LEU B 225 29.10 -83.69 30.92
N THR B 226 29.99 -83.20 31.78
CA THR B 226 30.46 -83.99 32.91
C THR B 226 29.40 -84.05 34.01
N GLY B 227 28.62 -82.99 34.13
CA GLY B 227 27.65 -82.88 35.19
C GLY B 227 28.20 -82.10 36.36
N GLN B 228 29.42 -81.60 36.20
CA GLN B 228 30.06 -80.76 37.19
C GLN B 228 29.75 -79.29 36.88
N TRP B 229 28.46 -78.99 36.76
CA TRP B 229 28.01 -77.67 36.33
C TRP B 229 28.44 -76.57 37.29
N ASN B 230 28.63 -76.93 38.56
CA ASN B 230 29.01 -75.99 39.60
C ASN B 230 30.30 -75.23 39.30
N LEU B 231 31.20 -75.85 38.53
CA LEU B 231 32.45 -75.21 38.13
C LEU B 231 32.22 -73.93 37.33
N TYR B 232 31.06 -73.84 36.68
CA TYR B 232 30.72 -72.65 35.90
C TYR B 232 30.31 -71.48 36.80
N ALA B 233 30.21 -71.74 38.09
CA ALA B 233 29.80 -70.72 39.06
C ALA B 233 30.89 -70.49 40.11
N GLN B 234 32.10 -70.95 39.82
CA GLN B 234 33.16 -71.00 40.82
C GLN B 234 33.56 -69.61 41.34
N ASN B 235 34.08 -68.77 40.46
CA ASN B 235 34.45 -67.41 40.86
C ASN B 235 33.77 -66.32 40.04
N PRO B 236 32.70 -65.74 40.58
CA PRO B 236 31.96 -64.66 39.91
C PRO B 236 32.75 -63.37 39.97
N SER B 237 32.23 -62.32 39.32
CA SER B 237 32.89 -61.02 39.36
C SER B 237 32.92 -60.47 40.77
N SER B 238 33.98 -59.74 41.09
CA SER B 238 34.16 -59.19 42.43
C SER B 238 33.23 -58.01 42.65
N SER B 239 33.04 -57.66 43.91
CA SER B 239 32.16 -56.54 44.27
C SER B 239 32.75 -55.19 43.86
N ASN B 240 34.05 -55.16 43.53
CA ASN B 240 34.67 -53.93 43.06
C ASN B 240 35.00 -53.98 41.56
N HIS B 241 34.27 -54.82 40.83
CA HIS B 241 34.43 -54.94 39.40
C HIS B 241 34.01 -53.67 38.67
N LEU B 242 34.83 -53.23 37.72
CA LEU B 242 34.45 -52.10 36.87
C LEU B 242 34.04 -52.61 35.49
N PHE B 243 32.82 -52.27 35.09
CA PHE B 243 32.22 -52.77 33.86
C PHE B 243 33.03 -52.40 32.62
N GLY B 244 33.23 -53.37 31.73
CA GLY B 244 33.98 -53.16 30.50
C GLY B 244 35.48 -53.31 30.69
N THR B 245 35.90 -53.55 31.93
CA THR B 245 37.32 -53.67 32.24
C THR B 245 37.63 -55.01 32.91
N THR B 246 38.90 -55.37 32.92
CA THR B 246 39.34 -56.63 33.51
C THR B 246 39.43 -56.54 35.03
N GLN B 247 39.39 -55.31 35.54
CA GLN B 247 39.56 -55.06 36.97
C GLN B 247 38.41 -55.61 37.80
N GLY B 248 38.69 -56.61 38.62
CA GLY B 248 37.69 -57.18 39.51
C GLY B 248 36.86 -58.26 38.85
N ALA B 249 37.23 -58.61 37.63
CA ALA B 249 36.48 -59.59 36.85
C ALA B 249 36.77 -61.03 37.29
N GLY B 250 35.73 -61.86 37.29
CA GLY B 250 35.90 -63.27 37.62
C GLY B 250 35.95 -64.09 36.36
N THR B 251 35.54 -65.35 36.44
CA THR B 251 35.57 -66.25 35.28
C THR B 251 34.30 -67.08 35.16
N ALA B 252 33.44 -66.99 36.16
CA ALA B 252 32.17 -67.72 36.16
C ALA B 252 31.31 -67.29 34.98
N ILE B 253 30.48 -68.20 34.49
CA ILE B 253 29.60 -67.89 33.36
C ILE B 253 28.12 -68.07 33.70
N LEU B 254 27.85 -68.80 34.78
CA LEU B 254 26.48 -69.09 35.20
C LEU B 254 26.36 -69.06 36.72
N THR B 255 25.65 -68.06 37.25
CA THR B 255 25.50 -67.91 38.70
C THR B 255 24.07 -67.54 39.11
N ILE B 256 23.75 -67.71 40.39
CA ILE B 256 22.54 -67.14 40.98
C ILE B 256 22.93 -66.26 42.16
N LEU B 257 23.51 -65.10 41.86
CA LEU B 257 24.00 -64.20 42.90
C LEU B 257 22.87 -63.35 43.49
N GLY B 258 22.02 -62.82 42.62
CA GLY B 258 20.96 -61.92 43.03
C GLY B 258 21.50 -60.52 43.25
N GLY B 259 20.60 -59.56 43.44
CA GLY B 259 21.01 -58.19 43.69
C GLY B 259 21.58 -57.53 42.45
N PHE B 260 22.32 -56.44 42.64
CA PHE B 260 22.84 -55.66 41.53
C PHE B 260 24.37 -55.56 41.55
N HIS B 261 24.94 -55.48 40.36
CA HIS B 261 26.34 -55.10 40.18
C HIS B 261 26.46 -53.67 40.68
N PRO B 262 27.17 -53.47 41.80
CA PRO B 262 27.26 -52.19 42.54
C PRO B 262 27.60 -50.97 41.69
N GLN B 263 28.46 -51.12 40.69
CA GLN B 263 28.82 -49.98 39.86
C GLN B 263 27.70 -49.59 38.90
N THR B 264 27.18 -50.58 38.18
CA THR B 264 26.17 -50.34 37.14
C THR B 264 24.76 -50.30 37.71
N GLN B 265 24.59 -50.78 38.93
CA GLN B 265 23.29 -50.87 39.60
C GLN B 265 22.27 -51.66 38.78
N SER B 266 22.74 -52.70 38.10
CA SER B 266 21.87 -53.56 37.31
C SER B 266 22.19 -55.03 37.60
N LEU B 267 21.36 -55.93 37.07
CA LEU B 267 21.53 -57.36 37.30
C LEU B 267 22.83 -57.92 36.72
N TRP B 268 23.33 -58.97 37.34
CA TRP B 268 24.57 -59.64 36.89
C TRP B 268 24.35 -60.37 35.57
N LEU B 269 25.28 -60.20 34.64
CA LEU B 269 25.21 -60.88 33.34
C LEU B 269 25.21 -62.40 33.47
N THR B 270 25.94 -62.92 34.45
CA THR B 270 25.96 -64.35 34.70
C THR B 270 24.62 -64.85 35.22
N ASP B 271 23.96 -64.02 36.02
CA ASP B 271 22.63 -64.32 36.53
C ASP B 271 21.62 -64.40 35.38
N MET B 272 21.74 -63.46 34.44
CA MET B 272 20.83 -63.40 33.32
C MET B 272 21.06 -64.55 32.34
N ALA B 273 22.33 -64.89 32.16
CA ALA B 273 22.69 -66.03 31.33
C ALA B 273 22.12 -67.32 31.92
N HIS B 274 22.35 -67.54 33.21
CA HIS B 274 21.83 -68.73 33.88
C HIS B 274 20.30 -68.76 33.83
N HIS B 275 19.68 -67.59 33.96
CA HIS B 275 18.23 -67.45 33.87
C HIS B 275 17.69 -67.91 32.52
N HIS B 276 18.23 -67.32 31.45
CA HIS B 276 17.79 -67.64 30.10
C HIS B 276 18.04 -69.11 29.77
N LEU B 277 19.16 -69.64 30.25
CA LEU B 277 19.48 -71.04 30.07
C LEU B 277 18.42 -71.94 30.73
N ALA B 278 18.15 -71.65 31.99
CA ALA B 278 17.18 -72.44 32.76
C ALA B 278 15.78 -72.42 32.14
N ILE B 279 15.28 -71.23 31.84
CA ILE B 279 13.95 -71.14 31.24
C ILE B 279 13.95 -71.78 29.85
N ALA B 280 15.10 -71.74 29.16
CA ALA B 280 15.23 -72.40 27.88
C ALA B 280 15.00 -73.89 28.06
N PHE B 281 15.54 -74.43 29.15
CA PHE B 281 15.33 -75.85 29.45
C PHE B 281 13.89 -76.18 29.79
N LEU B 282 13.25 -75.35 30.62
CA LEU B 282 11.85 -75.58 30.95
C LEU B 282 10.96 -75.55 29.70
N PHE B 283 11.26 -74.61 28.80
CA PHE B 283 10.53 -74.51 27.54
C PHE B 283 10.77 -75.74 26.66
N LEU B 284 12.03 -76.14 26.54
CA LEU B 284 12.37 -77.28 25.71
C LEU B 284 11.72 -78.57 26.17
N ILE B 285 11.72 -78.81 27.48
CA ILE B 285 11.06 -79.99 28.02
C ILE B 285 9.55 -79.88 27.84
N GLY B 286 9.01 -78.70 28.11
CA GLY B 286 7.59 -78.47 27.98
C GLY B 286 7.09 -78.46 26.55
N GLY B 287 8.02 -78.37 25.61
CA GLY B 287 7.66 -78.32 24.20
C GLY B 287 7.42 -79.67 23.56
N HIS B 288 7.56 -80.74 24.34
CA HIS B 288 7.32 -82.09 23.85
C HIS B 288 6.06 -82.68 24.46
N MET B 289 5.01 -81.87 24.55
CA MET B 289 3.78 -82.29 25.23
C MET B 289 2.67 -82.72 24.29
N TYR B 290 2.59 -82.08 23.13
CA TYR B 290 1.44 -82.29 22.25
C TYR B 290 1.76 -83.24 21.09
N ARG B 291 0.74 -84.00 20.69
CA ARG B 291 0.91 -85.04 19.68
C ARG B 291 1.01 -84.46 18.27
N THR B 292 1.94 -85.00 17.49
CA THR B 292 2.09 -84.60 16.10
C THR B 292 2.08 -85.82 15.18
N ASN B 293 3.24 -86.16 14.63
CA ASN B 293 3.32 -87.25 13.66
C ASN B 293 4.13 -88.45 14.18
N PHE B 294 4.16 -88.64 15.49
CA PHE B 294 5.01 -89.67 16.06
C PHE B 294 4.33 -90.59 17.06
N GLY B 295 3.00 -90.57 17.08
CA GLY B 295 2.23 -91.52 17.88
C GLY B 295 2.22 -91.34 19.39
N ILE B 296 2.94 -90.33 19.88
CA ILE B 296 2.89 -90.01 21.31
C ILE B 296 2.50 -88.54 21.49
N GLY B 297 2.13 -88.17 22.70
CA GLY B 297 1.77 -86.79 22.99
C GLY B 297 0.31 -86.61 23.34
N HIS B 298 -0.05 -85.44 23.84
CA HIS B 298 -1.42 -85.16 24.26
C HIS B 298 -2.30 -84.64 23.13
N SER B 299 -3.60 -84.83 23.28
CA SER B 299 -4.59 -84.22 22.40
C SER B 299 -5.33 -83.13 23.17
N ILE B 300 -5.16 -81.88 22.74
CA ILE B 300 -5.76 -80.75 23.44
C ILE B 300 -7.27 -80.88 23.55
N LYS B 301 -7.91 -81.30 22.45
CA LYS B 301 -9.35 -81.52 22.44
C LYS B 301 -9.77 -82.49 23.54
N TYR B 302 -9.06 -83.60 23.66
CA TYR B 302 -9.38 -84.61 24.66
C TYR B 302 -9.16 -84.10 26.08
N ILE B 303 -8.07 -83.36 26.27
CA ILE B 303 -7.76 -82.78 27.57
C ILE B 303 -8.88 -81.84 28.01
N LEU B 304 -9.27 -80.92 27.13
CA LEU B 304 -10.37 -80.02 27.43
C LEU B 304 -11.66 -80.79 27.71
N GLU B 305 -11.94 -81.76 26.85
CA GLU B 305 -13.19 -82.52 26.92
C GLU B 305 -13.26 -83.38 28.19
N ALA B 306 -12.10 -83.62 28.81
CA ALA B 306 -12.06 -84.46 29.99
C ALA B 306 -12.20 -83.65 31.29
N HIS B 307 -11.90 -82.36 31.22
CA HIS B 307 -11.93 -81.52 32.41
C HIS B 307 -13.31 -80.93 32.70
N ILE B 308 -14.19 -81.82 33.13
CA ILE B 308 -15.54 -81.47 33.53
C ILE B 308 -15.82 -82.13 34.88
N PRO B 309 -16.06 -81.30 35.91
CA PRO B 309 -16.20 -81.86 37.27
C PRO B 309 -17.54 -82.54 37.49
N PRO B 310 -17.52 -83.81 37.94
CA PRO B 310 -18.74 -84.55 38.26
C PRO B 310 -19.53 -83.82 39.34
N GLY B 311 -20.82 -83.59 39.11
CA GLY B 311 -21.60 -82.75 40.00
C GLY B 311 -22.20 -81.61 39.22
N GLY B 312 -21.58 -81.31 38.08
CA GLY B 312 -22.14 -80.37 37.12
C GLY B 312 -22.23 -78.92 37.53
N ARG B 313 -21.40 -78.52 38.49
CA ARG B 313 -21.38 -77.12 38.92
C ARG B 313 -20.71 -76.23 37.87
N LEU B 314 -20.07 -76.86 36.88
CA LEU B 314 -19.53 -76.14 35.74
C LEU B 314 -20.14 -76.65 34.44
N GLY B 315 -21.29 -77.31 34.55
CA GLY B 315 -22.01 -77.80 33.39
C GLY B 315 -21.22 -78.83 32.61
N ARG B 316 -21.11 -78.62 31.30
CA ARG B 316 -20.36 -79.53 30.44
C ARG B 316 -18.87 -79.20 30.43
N GLY B 317 -18.46 -78.31 31.32
CA GLY B 317 -17.05 -77.96 31.47
C GLY B 317 -16.44 -77.27 30.26
N HIS B 318 -15.40 -77.88 29.70
CA HIS B 318 -14.68 -77.28 28.60
C HIS B 318 -14.92 -78.00 27.28
N LYS B 319 -16.00 -78.77 27.22
CA LYS B 319 -16.31 -79.54 26.02
C LYS B 319 -16.63 -78.64 24.83
N GLY B 320 -15.82 -78.74 23.79
CA GLY B 320 -16.07 -78.00 22.57
C GLY B 320 -15.27 -76.72 22.45
N LEU B 321 -14.50 -76.42 23.49
CA LEU B 321 -13.70 -75.20 23.51
C LEU B 321 -12.60 -75.22 22.47
N TYR B 322 -12.07 -76.41 22.19
CA TYR B 322 -10.99 -76.57 21.22
C TYR B 322 -11.41 -75.98 19.88
N ASP B 323 -12.55 -76.44 19.38
CA ASP B 323 -13.04 -75.98 18.08
C ASP B 323 -13.43 -74.51 18.08
N THR B 324 -14.13 -74.07 19.13
CA THR B 324 -14.62 -72.69 19.17
C THR B 324 -13.49 -71.68 19.33
N ILE B 325 -12.33 -72.15 19.80
CA ILE B 325 -11.15 -71.30 19.86
C ILE B 325 -10.35 -71.38 18.57
N ASN B 326 -10.12 -72.60 18.10
CA ASN B 326 -9.30 -72.83 16.93
C ASN B 326 -9.96 -72.36 15.62
N ASN B 327 -11.29 -72.21 15.66
CA ASN B 327 -12.03 -71.69 14.52
C ASN B 327 -12.19 -70.17 14.54
N SER B 328 -12.13 -69.60 15.74
CA SER B 328 -12.31 -68.16 15.91
C SER B 328 -10.98 -67.45 16.15
N ILE B 329 -10.48 -66.76 15.14
CA ILE B 329 -9.22 -66.05 15.25
C ILE B 329 -9.32 -64.93 16.28
N HIS B 330 -10.53 -64.41 16.47
CA HIS B 330 -10.78 -63.33 17.43
C HIS B 330 -10.60 -63.78 18.89
N PHE B 331 -11.03 -65.00 19.19
CA PHE B 331 -10.82 -65.58 20.50
C PHE B 331 -9.32 -65.67 20.75
N GLN B 332 -8.61 -66.17 19.76
CA GLN B 332 -7.16 -66.33 19.84
C GLN B 332 -6.48 -64.99 20.06
N LEU B 333 -6.93 -63.96 19.34
CA LEU B 333 -6.35 -62.64 19.45
C LEU B 333 -6.67 -62.01 20.81
N GLY B 334 -7.81 -62.39 21.37
CA GLY B 334 -8.20 -61.93 22.69
C GLY B 334 -7.29 -62.51 23.76
N LEU B 335 -7.09 -63.83 23.71
CA LEU B 335 -6.21 -64.49 24.66
C LEU B 335 -4.79 -63.94 24.54
N ALA B 336 -4.33 -63.84 23.29
CA ALA B 336 -3.01 -63.33 22.98
C ALA B 336 -2.81 -61.94 23.57
N LEU B 337 -3.72 -61.03 23.24
CA LEU B 337 -3.62 -59.64 23.70
C LEU B 337 -3.72 -59.51 25.22
N ALA B 338 -4.58 -60.33 25.84
CA ALA B 338 -4.70 -60.32 27.29
C ALA B 338 -3.37 -60.68 27.93
N SER B 339 -2.84 -61.83 27.56
CA SER B 339 -1.57 -62.30 28.10
C SER B 339 -0.44 -61.31 27.84
N LEU B 340 -0.38 -60.82 26.60
CA LEU B 340 0.65 -59.88 26.17
C LEU B 340 0.59 -58.58 26.98
N GLY B 341 -0.61 -58.12 27.27
CA GLY B 341 -0.81 -56.93 28.08
C GLY B 341 -0.32 -57.14 29.49
N VAL B 342 -0.74 -58.25 30.09
CA VAL B 342 -0.29 -58.59 31.43
C VAL B 342 1.23 -58.61 31.52
N ILE B 343 1.88 -59.29 30.59
CA ILE B 343 3.34 -59.37 30.64
C ILE B 343 4.02 -58.08 30.22
N THR B 344 3.29 -57.18 29.55
CA THR B 344 3.86 -55.87 29.22
C THR B 344 3.92 -55.01 30.48
N SER B 345 2.82 -55.01 31.24
CA SER B 345 2.84 -54.36 32.55
C SER B 345 3.91 -55.00 33.42
N LEU B 346 4.03 -56.32 33.33
CA LEU B 346 5.05 -57.06 34.09
C LEU B 346 6.44 -56.56 33.72
N VAL B 347 6.63 -56.30 32.42
CA VAL B 347 7.90 -55.78 31.93
C VAL B 347 8.18 -54.42 32.55
N ALA B 348 7.17 -53.54 32.58
CA ALA B 348 7.35 -52.23 33.20
C ALA B 348 7.74 -52.34 34.68
N GLN B 349 6.95 -53.11 35.41
CA GLN B 349 7.11 -53.28 36.85
C GLN B 349 8.43 -53.93 37.23
N HIS B 350 8.94 -54.81 36.38
CA HIS B 350 10.18 -55.50 36.72
C HIS B 350 11.39 -54.72 36.23
N MET B 351 11.23 -53.97 35.15
CA MET B 351 12.32 -53.19 34.60
C MET B 351 12.60 -51.91 35.38
N TYR B 352 11.62 -51.39 36.10
CA TYR B 352 11.90 -50.19 36.89
C TYR B 352 12.61 -50.56 38.20
N SER B 353 12.22 -51.70 38.77
CA SER B 353 12.75 -52.13 40.07
C SER B 353 14.02 -52.98 39.96
N LEU B 354 14.08 -53.81 38.93
CA LEU B 354 15.23 -54.67 38.70
C LEU B 354 15.81 -54.46 37.30
N PRO B 355 16.50 -53.33 37.10
CA PRO B 355 17.08 -53.01 35.79
C PRO B 355 18.17 -54.01 35.39
N ALA B 356 18.24 -54.35 34.12
CA ALA B 356 19.19 -55.35 33.65
C ALA B 356 20.23 -54.71 32.73
N TYR B 357 20.11 -53.41 32.50
CA TYR B 357 21.02 -52.72 31.61
C TYR B 357 22.01 -51.85 32.39
N ALA B 358 23.29 -51.96 32.03
CA ALA B 358 24.34 -51.24 32.71
C ALA B 358 24.18 -49.73 32.58
N PHE B 359 24.24 -49.04 33.72
CA PHE B 359 24.18 -47.58 33.79
C PHE B 359 22.84 -47.00 33.34
N ILE B 360 21.82 -47.85 33.28
CA ILE B 360 20.45 -47.37 33.25
C ILE B 360 20.08 -47.29 34.72
N ALA B 361 18.91 -46.74 35.04
CA ALA B 361 18.48 -46.48 36.42
C ALA B 361 19.22 -45.30 37.04
N GLN B 362 20.40 -45.00 36.52
CA GLN B 362 21.07 -43.75 36.84
C GLN B 362 20.47 -42.71 35.91
N ASP B 363 19.99 -43.18 34.76
CA ASP B 363 19.33 -42.33 33.77
C ASP B 363 17.84 -42.28 34.08
N PHE B 364 17.44 -41.26 34.83
CA PHE B 364 16.10 -41.18 35.38
C PHE B 364 15.03 -40.96 34.31
N THR B 365 15.30 -40.04 33.38
CA THR B 365 14.37 -39.74 32.30
C THR B 365 14.09 -40.96 31.45
N THR B 366 15.14 -41.74 31.18
CA THR B 366 15.00 -42.96 30.40
C THR B 366 14.09 -43.96 31.12
N GLN B 367 14.30 -44.11 32.43
CA GLN B 367 13.49 -45.02 33.24
C GLN B 367 12.01 -44.62 33.23
N ALA B 368 11.77 -43.33 33.44
CA ALA B 368 10.40 -42.81 33.43
C ALA B 368 9.74 -43.02 32.08
N ALA B 369 10.46 -42.67 31.03
CA ALA B 369 10.01 -42.86 29.66
C ALA B 369 9.60 -44.30 29.40
N LEU B 370 10.48 -45.22 29.80
CA LEU B 370 10.24 -46.65 29.60
C LEU B 370 9.01 -47.14 30.34
N TYR B 371 8.89 -46.77 31.61
CA TYR B 371 7.76 -47.20 32.42
C TYR B 371 6.44 -46.70 31.84
N THR B 372 6.37 -45.41 31.56
CA THR B 372 5.16 -44.80 31.03
C THR B 372 4.78 -45.44 29.69
N HIS B 373 5.79 -45.55 28.81
CA HIS B 373 5.66 -46.21 27.52
C HIS B 373 5.00 -47.57 27.64
N HIS B 374 5.63 -48.45 28.39
CA HIS B 374 5.13 -49.82 28.48
C HIS B 374 3.78 -49.94 29.21
N GLN B 375 3.49 -49.03 30.14
CA GLN B 375 2.20 -49.06 30.82
C GLN B 375 1.04 -48.60 29.94
N TYR B 376 1.27 -47.58 29.11
CA TYR B 376 0.25 -47.16 28.15
C TYR B 376 0.05 -48.20 27.06
N ILE B 377 1.15 -48.75 26.54
CA ILE B 377 1.07 -49.83 25.58
C ILE B 377 0.26 -50.99 26.15
N ALA B 378 0.55 -51.34 27.41
CA ALA B 378 -0.18 -52.39 28.10
C ALA B 378 -1.67 -52.09 28.22
N GLY B 379 -1.99 -50.83 28.53
CA GLY B 379 -3.38 -50.43 28.63
C GLY B 379 -4.15 -50.61 27.33
N PHE B 380 -3.64 -50.02 26.25
CA PHE B 380 -4.26 -50.16 24.95
C PHE B 380 -4.40 -51.63 24.55
N ILE B 381 -3.34 -52.40 24.73
CA ILE B 381 -3.36 -53.82 24.43
C ILE B 381 -4.47 -54.54 25.21
N MET B 382 -4.66 -54.17 26.47
CA MET B 382 -5.72 -54.75 27.29
C MET B 382 -7.11 -54.44 26.73
N THR B 383 -7.36 -53.15 26.43
CA THR B 383 -8.65 -52.76 25.88
C THR B 383 -8.92 -53.51 24.58
N GLY B 384 -7.88 -53.69 23.78
CA GLY B 384 -7.97 -54.45 22.54
C GLY B 384 -8.30 -55.91 22.75
N ALA B 385 -7.71 -56.50 23.79
CA ALA B 385 -8.02 -57.88 24.16
C ALA B 385 -9.50 -57.99 24.41
N PHE B 386 -10.00 -57.09 25.26
CA PHE B 386 -11.40 -57.06 25.59
C PHE B 386 -12.27 -56.57 24.43
N ALA B 387 -11.65 -56.15 23.33
CA ALA B 387 -12.40 -55.70 22.17
C ALA B 387 -12.59 -56.86 21.19
N HIS B 388 -11.55 -57.68 21.06
CA HIS B 388 -11.67 -58.86 20.23
C HIS B 388 -12.37 -59.98 20.97
N GLY B 389 -12.52 -59.82 22.27
CA GLY B 389 -13.42 -60.66 23.04
C GLY B 389 -14.84 -60.77 22.50
N PRO B 390 -15.57 -59.64 22.41
CA PRO B 390 -16.96 -59.59 21.94
C PRO B 390 -17.10 -59.72 20.43
N ILE B 391 -16.08 -59.35 19.67
CA ILE B 391 -16.12 -59.60 18.23
C ILE B 391 -16.28 -61.10 18.03
N PHE B 392 -15.60 -61.87 18.87
CA PHE B 392 -15.79 -63.32 18.89
C PHE B 392 -17.24 -63.65 19.22
N PHE B 393 -17.74 -63.06 20.29
CA PHE B 393 -19.10 -63.30 20.76
C PHE B 393 -20.15 -62.99 19.69
N ILE B 394 -19.83 -62.06 18.80
CA ILE B 394 -20.77 -61.68 17.75
C ILE B 394 -20.53 -62.49 16.47
N ARG B 395 -19.32 -62.36 15.92
CA ARG B 395 -19.01 -62.96 14.62
C ARG B 395 -18.85 -64.47 14.61
N ASP B 396 -18.32 -65.04 15.69
CA ASP B 396 -17.88 -66.44 15.66
C ASP B 396 -18.64 -67.38 16.59
N TYR B 397 -19.03 -66.89 17.76
CA TYR B 397 -19.62 -67.73 18.80
C TYR B 397 -20.83 -68.51 18.32
N ASN B 398 -20.77 -69.83 18.50
CA ASN B 398 -21.88 -70.72 18.15
C ASN B 398 -22.52 -71.25 19.42
N PRO B 399 -23.68 -70.69 19.80
CA PRO B 399 -24.37 -71.05 21.05
C PRO B 399 -24.63 -72.55 21.20
N GLU B 400 -25.09 -73.20 20.14
CA GLU B 400 -25.46 -74.61 20.20
C GLU B 400 -24.25 -75.50 20.43
N GLN B 401 -23.15 -75.19 19.76
CA GLN B 401 -21.93 -75.98 19.88
C GLN B 401 -21.20 -75.72 21.19
N ASN B 402 -21.68 -74.75 21.95
CA ASN B 402 -21.08 -74.44 23.24
C ASN B 402 -22.05 -74.69 24.38
N ALA B 403 -23.04 -75.53 24.11
CA ALA B 403 -24.12 -75.79 25.05
C ALA B 403 -23.64 -76.17 26.45
N ASP B 404 -24.01 -75.35 27.42
CA ASP B 404 -23.78 -75.62 28.85
C ASP B 404 -22.30 -75.69 29.24
N ASN B 405 -21.39 -75.25 28.38
CA ASN B 405 -19.99 -75.20 28.78
C ASN B 405 -19.70 -73.93 29.59
N VAL B 406 -18.43 -73.71 29.93
CA VAL B 406 -18.05 -72.58 30.77
C VAL B 406 -18.38 -71.23 30.12
N LEU B 407 -18.35 -71.19 28.79
CA LEU B 407 -18.60 -69.97 28.03
C LEU B 407 -20.09 -69.62 27.99
N ALA B 408 -20.91 -70.60 27.63
CA ALA B 408 -22.35 -70.40 27.60
C ALA B 408 -22.86 -70.09 29.01
N ARG B 409 -22.33 -70.82 29.99
CA ARG B 409 -22.67 -70.57 31.39
C ARG B 409 -22.21 -69.18 31.80
N MET B 410 -21.14 -68.73 31.16
CA MET B 410 -20.67 -67.38 31.40
C MET B 410 -21.69 -66.36 30.94
N LEU B 411 -22.23 -66.57 29.74
CA LEU B 411 -23.30 -65.69 29.24
C LEU B 411 -24.57 -65.80 30.07
N GLU B 412 -24.77 -66.94 30.74
CA GLU B 412 -25.97 -67.15 31.55
C GLU B 412 -26.09 -66.17 32.72
N HIS B 413 -25.05 -66.10 33.56
CA HIS B 413 -25.09 -65.23 34.73
C HIS B 413 -24.37 -63.91 34.50
N LYS B 414 -24.54 -63.36 33.30
CA LYS B 414 -23.88 -62.11 32.94
C LYS B 414 -24.28 -60.96 33.84
N GLU B 415 -25.56 -60.92 34.23
CA GLU B 415 -26.06 -59.86 35.10
C GLU B 415 -25.34 -59.86 36.44
N ALA B 416 -25.03 -61.05 36.95
CA ALA B 416 -24.32 -61.18 38.22
C ALA B 416 -22.91 -60.61 38.12
N ILE B 417 -22.21 -60.99 37.07
CA ILE B 417 -20.85 -60.53 36.81
C ILE B 417 -20.82 -59.00 36.71
N ILE B 418 -21.65 -58.47 35.82
CA ILE B 418 -21.70 -57.04 35.56
C ILE B 418 -22.11 -56.25 36.81
N SER B 419 -23.13 -56.71 37.51
CA SER B 419 -23.60 -56.03 38.72
C SER B 419 -22.56 -56.05 39.84
N HIS B 420 -21.81 -57.13 39.95
CA HIS B 420 -20.77 -57.19 40.98
C HIS B 420 -19.55 -56.34 40.65
N LEU B 421 -19.19 -56.28 39.37
CA LEU B 421 -18.17 -55.34 38.91
C LEU B 421 -18.61 -53.92 39.25
N SER B 422 -19.89 -53.65 39.00
CA SER B 422 -20.49 -52.36 39.31
C SER B 422 -20.40 -52.03 40.80
N TRP B 423 -20.67 -53.02 41.64
CA TRP B 423 -20.55 -52.83 43.09
C TRP B 423 -19.13 -52.50 43.50
N ALA B 424 -18.17 -53.27 42.98
CA ALA B 424 -16.77 -53.06 43.32
C ALA B 424 -16.32 -51.65 42.95
N SER B 425 -16.58 -51.28 41.70
CA SER B 425 -16.23 -49.95 41.21
C SER B 425 -16.87 -48.86 42.07
N LEU B 426 -18.17 -49.02 42.32
CA LEU B 426 -18.92 -48.07 43.14
C LEU B 426 -18.30 -47.87 44.53
N PHE B 427 -18.03 -48.99 45.21
CA PHE B 427 -17.42 -48.96 46.54
C PHE B 427 -16.08 -48.23 46.52
N LEU B 428 -15.17 -48.72 45.67
CA LEU B 428 -13.83 -48.14 45.56
C LEU B 428 -13.89 -46.64 45.26
N GLY B 429 -14.79 -46.24 44.37
CA GLY B 429 -14.92 -44.84 44.00
C GLY B 429 -15.39 -43.98 45.17
N PHE B 430 -16.51 -44.38 45.76
CA PHE B 430 -17.08 -43.67 46.90
C PHE B 430 -16.05 -43.47 48.00
N HIS B 431 -15.33 -44.55 48.35
CA HIS B 431 -14.44 -44.47 49.50
C HIS B 431 -13.07 -43.83 49.22
N THR B 432 -12.55 -44.02 48.02
CA THR B 432 -11.26 -43.41 47.68
C THR B 432 -11.44 -41.90 47.49
N LEU B 433 -12.45 -41.53 46.70
CA LEU B 433 -12.76 -40.11 46.52
C LEU B 433 -13.11 -39.49 47.87
N GLY B 434 -13.90 -40.21 48.66
CA GLY B 434 -14.31 -39.75 49.97
C GLY B 434 -13.14 -39.46 50.91
N LEU B 435 -12.21 -40.41 50.96
CA LEU B 435 -11.04 -40.26 51.84
C LEU B 435 -10.14 -39.12 51.36
N TYR B 436 -9.93 -39.03 50.05
CA TYR B 436 -9.14 -37.93 49.50
C TYR B 436 -9.76 -36.57 49.85
N VAL B 437 -11.05 -36.41 49.56
CA VAL B 437 -11.75 -35.15 49.81
C VAL B 437 -11.72 -34.80 51.29
N HIS B 438 -11.92 -35.82 52.14
CA HIS B 438 -11.77 -35.65 53.57
C HIS B 438 -10.42 -35.02 53.92
N ASN B 439 -9.34 -35.70 53.52
CA ASN B 439 -7.99 -35.20 53.80
C ASN B 439 -7.74 -33.79 53.26
N ASP B 440 -8.27 -33.49 52.08
CA ASP B 440 -8.15 -32.15 51.51
C ASP B 440 -8.82 -31.11 52.39
N VAL B 441 -10.02 -31.44 52.88
CA VAL B 441 -10.73 -30.53 53.78
C VAL B 441 -9.93 -30.32 55.06
N MET B 442 -9.33 -31.39 55.57
CA MET B 442 -8.50 -31.30 56.77
C MET B 442 -7.29 -30.39 56.55
N LEU B 443 -6.65 -30.51 55.39
CA LEU B 443 -5.52 -29.65 55.06
C LEU B 443 -5.96 -28.21 54.91
N ALA B 444 -7.16 -28.01 54.36
CA ALA B 444 -7.68 -26.67 54.14
C ALA B 444 -7.94 -25.95 55.46
N PHE B 445 -8.53 -26.67 56.41
CA PHE B 445 -8.89 -26.09 57.71
C PHE B 445 -7.70 -26.06 58.67
N GLY B 446 -6.52 -26.40 58.17
CA GLY B 446 -5.30 -26.30 58.94
C GLY B 446 -5.13 -27.40 59.97
N THR B 447 -5.80 -28.52 59.78
CA THR B 447 -5.69 -29.63 60.72
C THR B 447 -5.35 -30.95 60.01
N PRO B 448 -4.11 -31.08 59.53
CA PRO B 448 -3.70 -32.31 58.84
C PRO B 448 -3.62 -33.51 59.78
N GLU B 449 -3.64 -33.26 61.08
CA GLU B 449 -3.58 -34.36 62.05
C GLU B 449 -4.89 -35.14 62.09
N LYS B 450 -5.93 -34.55 61.50
CA LYS B 450 -7.23 -35.18 61.47
C LYS B 450 -7.44 -35.99 60.19
N GLN B 451 -6.40 -36.04 59.35
CA GLN B 451 -6.42 -36.84 58.14
C GLN B 451 -6.63 -38.31 58.47
N ILE B 452 -7.35 -39.00 57.58
CA ILE B 452 -7.46 -40.45 57.69
C ILE B 452 -6.37 -41.10 56.84
N LEU B 453 -5.31 -41.57 57.49
CA LEU B 453 -4.16 -42.11 56.80
C LEU B 453 -3.99 -43.59 57.13
N ILE B 454 -4.47 -44.44 56.23
CA ILE B 454 -4.42 -45.88 56.44
C ILE B 454 -3.07 -46.44 55.98
N GLU B 455 -2.39 -47.14 56.88
CA GLU B 455 -1.10 -47.74 56.58
C GLU B 455 -1.30 -49.00 55.74
N PRO B 456 -0.49 -49.15 54.68
CA PRO B 456 -0.52 -50.35 53.83
C PRO B 456 0.12 -51.56 54.51
N ILE B 457 -0.49 -52.03 55.59
CA ILE B 457 0.06 -53.11 56.41
C ILE B 457 0.35 -54.38 55.62
N PHE B 458 -0.52 -54.70 54.66
CA PHE B 458 -0.43 -55.95 53.93
C PHE B 458 0.77 -55.98 52.99
N ALA B 459 0.92 -54.92 52.20
CA ALA B 459 2.03 -54.83 51.27
C ALA B 459 3.36 -54.70 52.02
N GLN B 460 3.35 -53.96 53.12
CA GLN B 460 4.53 -53.82 53.95
C GLN B 460 4.92 -55.18 54.53
N TRP B 461 3.91 -55.97 54.88
CA TRP B 461 4.14 -57.31 55.40
C TRP B 461 4.75 -58.19 54.32
N ILE B 462 4.27 -58.06 53.08
CA ILE B 462 4.86 -58.79 51.96
C ILE B 462 6.33 -58.41 51.78
N GLN B 463 6.61 -57.12 51.85
CA GLN B 463 7.98 -56.62 51.74
C GLN B 463 8.85 -57.21 52.85
N SER B 464 8.30 -57.29 54.05
CA SER B 464 9.03 -57.86 55.17
C SER B 464 9.32 -59.32 54.92
N ALA B 465 8.34 -60.05 54.40
CA ALA B 465 8.51 -61.46 54.06
C ALA B 465 9.55 -61.63 52.95
N HIS B 466 9.74 -60.56 52.16
CA HIS B 466 10.73 -60.57 51.10
C HIS B 466 12.10 -60.15 51.60
N GLY B 467 12.18 -59.71 52.85
CA GLY B 467 13.46 -59.42 53.47
C GLY B 467 13.77 -57.96 53.70
N LYS B 468 12.76 -57.10 53.61
CA LYS B 468 12.95 -55.68 53.92
C LYS B 468 12.73 -55.45 55.40
N THR B 469 13.61 -54.68 56.03
CA THR B 469 13.60 -54.53 57.48
C THR B 469 13.17 -53.16 57.97
N THR B 470 12.47 -52.40 57.13
CA THR B 470 12.07 -51.05 57.50
C THR B 470 10.87 -51.03 58.44
N TYR B 471 9.94 -51.96 58.25
CA TYR B 471 8.73 -52.00 59.06
C TYR B 471 8.88 -52.92 60.26
N GLY B 472 9.96 -53.69 60.25
CA GLY B 472 10.33 -54.54 61.37
C GLY B 472 9.31 -55.59 61.76
N PHE B 473 8.64 -56.16 60.77
CA PHE B 473 7.68 -57.22 61.04
C PHE B 473 8.38 -58.55 61.31
N ASP B 474 9.60 -58.68 60.80
CA ASP B 474 10.44 -59.86 61.02
C ASP B 474 9.70 -61.15 60.66
N VAL B 475 9.47 -61.35 59.37
CA VAL B 475 8.72 -62.50 58.87
C VAL B 475 9.51 -63.19 57.76
N LEU B 476 9.52 -64.52 57.78
CA LEU B 476 10.13 -65.33 56.72
C LEU B 476 11.58 -64.94 56.42
N LEU B 477 11.81 -64.21 55.33
CA LEU B 477 13.17 -63.81 54.96
C LEU B 477 13.71 -62.71 55.87
N SER B 478 12.84 -62.16 56.71
CA SER B 478 13.23 -61.13 57.67
C SER B 478 13.40 -61.76 59.05
N SER B 479 12.92 -62.99 59.19
CA SER B 479 13.04 -63.72 60.45
C SER B 479 14.31 -64.56 60.40
N THR B 480 15.22 -64.30 61.34
CA THR B 480 16.54 -64.94 61.34
C THR B 480 16.50 -66.46 61.49
N ASN B 481 15.45 -66.97 62.12
CA ASN B 481 15.33 -68.40 62.35
C ASN B 481 14.39 -69.10 61.36
N GLY B 482 13.95 -68.37 60.35
CA GLY B 482 13.06 -68.93 59.35
C GLY B 482 13.72 -69.93 58.42
N PRO B 483 13.08 -71.09 58.20
CA PRO B 483 13.61 -72.12 57.31
C PRO B 483 13.74 -71.61 55.88
N ALA B 484 12.85 -70.70 55.49
CA ALA B 484 12.91 -70.10 54.16
C ALA B 484 14.19 -69.30 54.01
N LEU B 485 14.62 -68.66 55.10
CA LEU B 485 15.85 -67.88 55.09
C LEU B 485 17.08 -68.79 55.09
N ASN B 486 17.02 -69.88 55.85
CA ASN B 486 18.14 -70.82 55.91
C ASN B 486 18.31 -71.61 54.62
N ALA B 487 17.21 -71.74 53.87
CA ALA B 487 17.19 -72.54 52.64
C ALA B 487 18.08 -71.96 51.54
N GLY B 488 18.03 -70.64 51.37
CA GLY B 488 18.81 -70.00 50.33
C GLY B 488 19.78 -68.99 50.90
N ARG B 489 20.11 -69.15 52.18
CA ARG B 489 21.01 -68.24 52.88
C ARG B 489 22.37 -68.15 52.21
N ASN B 490 22.79 -69.27 51.59
CA ASN B 490 24.10 -69.36 50.97
C ASN B 490 24.05 -69.35 49.45
N ILE B 491 22.96 -68.84 48.89
CA ILE B 491 22.83 -68.75 47.43
C ILE B 491 22.57 -67.32 46.99
N TRP B 492 21.29 -66.97 46.84
CA TRP B 492 20.92 -65.67 46.30
C TRP B 492 20.60 -64.64 47.38
N LEU B 493 20.26 -65.13 48.57
CA LEU B 493 19.85 -64.26 49.67
C LEU B 493 20.84 -63.17 50.11
N PRO B 494 22.15 -63.45 50.07
CA PRO B 494 23.07 -62.33 50.35
C PRO B 494 22.85 -61.11 49.45
N GLY B 495 23.06 -61.28 48.15
CA GLY B 495 22.89 -60.19 47.20
C GLY B 495 21.50 -59.61 47.19
N TRP B 496 20.50 -60.47 47.25
CA TRP B 496 19.10 -60.04 47.23
C TRP B 496 18.75 -59.20 48.45
N LEU B 497 19.04 -59.71 49.64
CA LEU B 497 18.73 -58.99 50.87
C LEU B 497 19.54 -57.71 50.95
N ASN B 498 20.74 -57.73 50.38
CA ASN B 498 21.56 -56.52 50.31
C ASN B 498 20.89 -55.47 49.41
N ALA B 499 20.24 -55.94 48.35
CA ALA B 499 19.61 -55.03 47.38
C ALA B 499 18.26 -54.49 47.86
N ILE B 500 17.48 -55.31 48.54
CA ILE B 500 16.12 -54.94 48.94
C ILE B 500 16.14 -54.00 50.14
N ASN B 501 17.28 -53.92 50.83
CA ASN B 501 17.42 -53.02 51.96
C ASN B 501 18.36 -51.86 51.67
N GLU B 502 18.62 -51.64 50.39
CA GLU B 502 19.39 -50.48 49.95
C GLU B 502 18.39 -49.45 49.41
N ASN B 503 18.00 -48.51 50.26
CA ASN B 503 16.90 -47.61 49.93
C ASN B 503 17.23 -46.44 49.01
N SER B 504 18.18 -46.62 48.11
CA SER B 504 18.47 -45.62 47.10
C SER B 504 18.03 -46.10 45.71
N ASN B 505 17.72 -47.39 45.61
CA ASN B 505 17.19 -47.96 44.37
C ASN B 505 15.68 -48.16 44.43
N SER B 506 15.11 -48.71 43.36
CA SER B 506 13.67 -48.87 43.26
C SER B 506 13.20 -50.29 43.57
N LEU B 507 14.06 -51.08 44.19
CA LEU B 507 13.68 -52.44 44.57
C LEU B 507 12.86 -52.42 45.84
N PHE B 508 11.54 -52.63 45.69
CA PHE B 508 10.60 -52.58 46.79
C PHE B 508 10.71 -51.29 47.60
N LEU B 509 10.38 -50.16 46.98
CA LEU B 509 10.39 -48.87 47.63
C LEU B 509 9.56 -48.89 48.90
N THR B 510 9.91 -48.03 49.84
CA THR B 510 9.16 -47.93 51.08
C THR B 510 7.81 -47.25 50.81
N ILE B 511 6.78 -47.67 51.53
CA ILE B 511 5.43 -47.20 51.25
C ILE B 511 4.69 -46.71 52.49
N GLY B 512 3.85 -45.70 52.30
CA GLY B 512 3.03 -45.13 53.35
C GLY B 512 1.60 -44.95 52.91
N PRO B 513 0.81 -44.19 53.67
CA PRO B 513 -0.62 -43.96 53.42
C PRO B 513 -0.93 -43.45 52.00
N GLY B 514 -0.07 -42.58 51.47
CA GLY B 514 -0.24 -42.08 50.11
C GLY B 514 -0.28 -43.22 49.12
N ASP B 515 0.62 -44.18 49.29
CA ASP B 515 0.68 -45.37 48.46
C ASP B 515 -0.61 -46.17 48.54
N PHE B 516 -1.16 -46.28 49.75
CA PHE B 516 -2.42 -46.96 49.99
C PHE B 516 -3.54 -46.32 49.17
N LEU B 517 -3.69 -45.01 49.34
CA LEU B 517 -4.71 -44.25 48.65
C LEU B 517 -4.62 -44.41 47.13
N VAL B 518 -3.46 -44.10 46.57
CA VAL B 518 -3.30 -44.15 45.12
C VAL B 518 -3.45 -45.58 44.60
N HIS B 519 -3.07 -46.56 45.40
CA HIS B 519 -3.26 -47.96 45.01
C HIS B 519 -4.74 -48.29 44.91
N HIS B 520 -5.53 -47.72 45.81
CA HIS B 520 -6.98 -47.94 45.72
C HIS B 520 -7.61 -47.17 44.56
N ALA B 521 -6.98 -46.06 44.17
CA ALA B 521 -7.39 -45.37 42.95
C ALA B 521 -7.14 -46.28 41.74
N ILE B 522 -5.98 -46.93 41.73
CA ILE B 522 -5.64 -47.87 40.67
C ILE B 522 -6.62 -49.04 40.62
N ALA B 523 -6.97 -49.56 41.79
CA ALA B 523 -7.97 -50.61 41.90
C ALA B 523 -9.29 -50.16 41.29
N LEU B 524 -9.70 -48.93 41.63
CA LEU B 524 -10.90 -48.33 41.04
C LEU B 524 -10.84 -48.31 39.51
N GLY B 525 -9.71 -47.85 38.99
CA GLY B 525 -9.51 -47.80 37.55
C GLY B 525 -9.62 -49.14 36.87
N LEU B 526 -8.90 -50.13 37.38
CA LEU B 526 -8.94 -51.48 36.83
C LEU B 526 -10.36 -52.03 36.84
N HIS B 527 -11.01 -51.97 38.00
CA HIS B 527 -12.36 -52.51 38.14
C HIS B 527 -13.37 -51.83 37.23
N THR B 528 -13.28 -50.51 37.10
CA THR B 528 -14.24 -49.80 36.28
C THR B 528 -14.01 -50.09 34.79
N THR B 529 -12.77 -50.00 34.34
CA THR B 529 -12.45 -50.29 32.95
C THR B 529 -12.91 -51.71 32.57
N THR B 530 -12.65 -52.66 33.45
CA THR B 530 -13.13 -54.02 33.21
C THR B 530 -14.64 -54.11 33.27
N LEU B 531 -15.28 -53.23 34.05
CA LEU B 531 -16.74 -53.17 34.05
C LEU B 531 -17.26 -52.81 32.66
N ILE B 532 -16.72 -51.72 32.10
CA ILE B 532 -17.13 -51.29 30.76
C ILE B 532 -16.90 -52.40 29.75
N LEU B 533 -15.66 -52.92 29.73
CA LEU B 533 -15.26 -53.89 28.72
C LEU B 533 -16.03 -55.22 28.81
N VAL B 534 -16.14 -55.77 30.02
CA VAL B 534 -16.85 -57.01 30.24
C VAL B 534 -18.34 -56.86 29.93
N LYS B 535 -18.95 -55.79 30.43
CA LYS B 535 -20.36 -55.54 30.14
C LYS B 535 -20.59 -55.41 28.64
N GLY B 536 -19.68 -54.73 27.95
CA GLY B 536 -19.74 -54.58 26.52
C GLY B 536 -19.59 -55.91 25.78
N ALA B 537 -18.80 -56.80 26.35
CA ALA B 537 -18.58 -58.11 25.73
C ALA B 537 -19.77 -59.03 25.90
N LEU B 538 -20.33 -59.06 27.09
CA LEU B 538 -21.43 -59.97 27.41
C LEU B 538 -22.76 -59.54 26.81
N ASP B 539 -22.94 -58.23 26.61
CA ASP B 539 -24.15 -57.70 26.01
C ASP B 539 -23.96 -57.41 24.53
N ALA B 540 -22.87 -57.91 23.96
CA ALA B 540 -22.56 -57.70 22.55
C ALA B 540 -23.56 -58.37 21.62
N ARG B 541 -24.11 -59.50 22.06
CA ARG B 541 -25.08 -60.24 21.24
C ARG B 541 -26.48 -59.67 21.41
N GLY B 542 -26.75 -59.10 22.58
CA GLY B 542 -28.05 -58.52 22.84
C GLY B 542 -28.32 -58.19 24.29
N SER B 543 -29.36 -57.39 24.52
CA SER B 543 -29.82 -57.04 25.85
C SER B 543 -31.34 -56.86 25.76
N LYS B 544 -31.97 -56.51 26.87
CA LYS B 544 -33.41 -56.29 26.84
C LYS B 544 -33.79 -55.08 26.00
N LEU B 545 -32.87 -54.11 25.90
CA LEU B 545 -33.12 -52.91 25.12
C LEU B 545 -32.93 -53.18 23.62
N MET B 546 -32.11 -54.19 23.32
CA MET B 546 -31.82 -54.56 21.95
C MET B 546 -31.41 -56.03 21.86
N PRO B 547 -32.40 -56.93 21.86
CA PRO B 547 -32.18 -58.39 21.92
C PRO B 547 -31.54 -58.96 20.66
N ASP B 548 -31.57 -58.21 19.57
CA ASP B 548 -31.04 -58.72 18.30
C ASP B 548 -29.81 -57.92 17.86
N LYS B 549 -29.04 -57.44 18.84
CA LYS B 549 -27.88 -56.60 18.55
C LYS B 549 -26.84 -57.32 17.70
N LYS B 550 -26.76 -58.64 17.85
CA LYS B 550 -25.79 -59.44 17.11
C LYS B 550 -26.02 -59.38 15.61
N ASP B 551 -27.25 -59.04 15.21
CA ASP B 551 -27.61 -58.99 13.81
C ASP B 551 -27.10 -57.71 13.14
N PHE B 552 -26.52 -56.82 13.94
CA PHE B 552 -26.05 -55.54 13.44
C PHE B 552 -24.52 -55.45 13.40
N GLY B 553 -23.87 -56.34 14.15
CA GLY B 553 -22.42 -56.40 14.12
C GLY B 553 -21.74 -55.76 15.32
N TYR B 554 -20.41 -55.72 15.27
CA TYR B 554 -19.62 -55.15 16.35
C TYR B 554 -19.83 -53.65 16.45
N SER B 555 -19.78 -52.96 15.31
CA SER B 555 -19.91 -51.51 15.28
C SER B 555 -21.10 -51.01 14.45
N PHE B 556 -21.95 -50.21 15.09
CA PHE B 556 -23.02 -49.51 14.40
C PHE B 556 -23.32 -48.22 15.16
N PRO B 557 -23.90 -47.21 14.48
CA PRO B 557 -24.18 -45.91 15.11
C PRO B 557 -25.01 -46.05 16.37
N CYS B 558 -26.17 -46.66 16.22
CA CYS B 558 -27.10 -46.85 17.32
C CYS B 558 -28.27 -47.66 16.78
N ASP B 559 -29.38 -47.64 17.52
CA ASP B 559 -30.57 -48.31 17.06
C ASP B 559 -31.73 -47.34 16.89
N GLY B 560 -31.47 -46.06 17.16
CA GLY B 560 -32.47 -45.03 16.95
C GLY B 560 -32.97 -44.40 18.23
N PRO B 561 -33.70 -43.28 18.11
CA PRO B 561 -34.25 -42.54 19.25
C PRO B 561 -35.42 -43.27 19.91
N GLY B 562 -35.97 -44.27 19.23
CA GLY B 562 -37.07 -45.06 19.79
C GLY B 562 -36.67 -45.86 21.02
N ARG B 563 -37.67 -46.39 21.70
CA ARG B 563 -37.51 -47.17 22.94
C ARG B 563 -36.74 -46.42 24.02
N GLY B 564 -36.85 -45.10 24.01
CA GLY B 564 -36.18 -44.30 25.02
C GLY B 564 -34.88 -43.68 24.54
N GLY B 565 -34.30 -44.24 23.47
CA GLY B 565 -33.03 -43.78 22.96
C GLY B 565 -31.92 -44.78 23.14
N THR B 566 -31.11 -44.99 22.10
CA THR B 566 -30.13 -46.06 22.10
C THR B 566 -28.71 -45.63 21.68
N CYS B 567 -28.28 -44.46 22.11
CA CYS B 567 -26.94 -43.98 21.80
C CYS B 567 -25.90 -44.85 22.50
N ASP B 568 -24.76 -45.05 21.83
CA ASP B 568 -23.64 -45.81 22.40
C ASP B 568 -24.07 -47.17 22.94
N ILE B 569 -24.79 -47.93 22.11
CA ILE B 569 -25.33 -49.22 22.56
C ILE B 569 -24.55 -50.41 21.99
N SER B 570 -23.71 -50.16 21.00
CA SER B 570 -22.90 -51.22 20.40
C SER B 570 -21.68 -51.58 21.26
N ALA B 571 -21.16 -52.79 21.06
CA ALA B 571 -19.99 -53.25 21.80
C ALA B 571 -18.77 -52.38 21.49
N TRP B 572 -18.69 -51.92 20.24
CA TRP B 572 -17.65 -51.01 19.81
C TRP B 572 -17.69 -49.73 20.65
N ASP B 573 -18.90 -49.23 20.88
CA ASP B 573 -19.08 -48.04 21.70
C ASP B 573 -18.66 -48.30 23.15
N ALA B 574 -18.85 -49.53 23.60
CA ALA B 574 -18.42 -49.91 24.94
C ALA B 574 -16.91 -49.81 25.03
N PHE B 575 -16.23 -50.33 24.00
CA PHE B 575 -14.79 -50.19 23.90
C PHE B 575 -14.38 -48.72 23.95
N TYR B 576 -15.01 -47.94 23.07
CA TYR B 576 -14.73 -46.51 22.94
C TYR B 576 -14.84 -45.79 24.27
N LEU B 577 -15.86 -46.14 25.05
CA LEU B 577 -16.03 -45.57 26.39
C LEU B 577 -14.94 -46.06 27.33
N ALA B 578 -14.58 -47.32 27.19
CA ALA B 578 -13.58 -47.94 28.06
C ALA B 578 -12.19 -47.34 27.89
N VAL B 579 -11.90 -46.84 26.70
CA VAL B 579 -10.61 -46.22 26.42
C VAL B 579 -10.35 -45.02 27.33
N PHE B 580 -11.38 -44.21 27.57
CA PHE B 580 -11.26 -43.07 28.48
C PHE B 580 -10.84 -43.52 29.88
N TRP B 581 -11.45 -44.60 30.35
CA TRP B 581 -11.14 -45.12 31.66
C TRP B 581 -9.75 -45.76 31.73
N MET B 582 -9.30 -46.34 30.63
CA MET B 582 -7.93 -46.86 30.59
C MET B 582 -6.94 -45.71 30.64
N LEU B 583 -7.18 -44.67 29.85
CA LEU B 583 -6.32 -43.50 29.85
C LEU B 583 -6.28 -42.86 31.22
N ASN B 584 -7.41 -42.84 31.90
CA ASN B 584 -7.48 -42.31 33.25
C ASN B 584 -6.68 -43.16 34.22
N THR B 585 -6.87 -44.47 34.16
CA THR B 585 -6.19 -45.41 35.05
C THR B 585 -4.67 -45.36 34.90
N ILE B 586 -4.20 -45.49 33.66
CA ILE B 586 -2.77 -45.44 33.39
C ILE B 586 -2.24 -44.04 33.72
N GLY B 587 -3.09 -43.04 33.56
CA GLY B 587 -2.76 -41.70 33.98
C GLY B 587 -2.41 -41.71 35.46
N TRP B 588 -3.28 -42.28 36.28
CA TRP B 588 -3.03 -42.37 37.70
C TRP B 588 -1.77 -43.17 38.03
N VAL B 589 -1.58 -44.32 37.38
CA VAL B 589 -0.41 -45.16 37.70
C VAL B 589 0.92 -44.50 37.32
N THR B 590 0.94 -43.81 36.18
CA THR B 590 2.15 -43.15 35.72
C THR B 590 2.43 -41.89 36.54
N PHE B 591 1.36 -41.20 36.93
CA PHE B 591 1.47 -40.07 37.85
C PHE B 591 2.14 -40.53 39.14
N TYR B 592 1.59 -41.61 39.70
CA TYR B 592 2.11 -42.22 40.92
C TYR B 592 3.60 -42.55 40.79
N TRP B 593 3.92 -43.39 39.82
CA TRP B 593 5.30 -43.81 39.57
C TRP B 593 6.24 -42.62 39.46
N HIS B 594 5.89 -41.70 38.57
CA HIS B 594 6.73 -40.55 38.27
C HIS B 594 6.94 -39.63 39.46
N TRP B 595 5.89 -39.35 40.22
CA TRP B 595 6.02 -38.46 41.37
C TRP B 595 6.87 -39.11 42.46
N LYS B 596 6.55 -40.36 42.78
CA LYS B 596 7.29 -41.08 43.80
C LYS B 596 8.78 -41.15 43.44
N HIS B 597 9.05 -41.44 42.18
CA HIS B 597 10.45 -41.56 41.74
C HIS B 597 11.17 -40.22 41.65
N ILE B 598 10.47 -39.17 41.26
CA ILE B 598 11.09 -37.85 41.22
C ILE B 598 11.46 -37.42 42.64
N THR B 599 10.58 -37.69 43.60
CA THR B 599 10.87 -37.38 45.00
C THR B 599 12.01 -38.25 45.52
N LEU B 600 12.11 -39.47 44.99
CA LEU B 600 13.20 -40.36 45.37
C LEU B 600 14.54 -39.82 44.90
N TRP B 601 14.61 -39.51 43.60
CA TRP B 601 15.83 -39.03 42.97
C TRP B 601 16.25 -37.65 43.48
N ARG B 602 15.27 -36.87 43.92
CA ARG B 602 15.55 -35.52 44.42
C ARG B 602 16.11 -35.54 45.84
N GLY B 603 15.89 -36.65 46.55
CA GLY B 603 16.42 -36.83 47.89
C GLY B 603 15.46 -36.46 49.01
N ASN B 604 14.19 -36.26 48.68
CA ASN B 604 13.19 -35.96 49.70
C ASN B 604 11.86 -36.67 49.47
N VAL B 605 11.80 -37.93 49.88
CA VAL B 605 10.59 -38.73 49.73
C VAL B 605 9.48 -38.22 50.65
N SER B 606 9.85 -37.40 51.63
CA SER B 606 8.89 -36.82 52.56
C SER B 606 7.91 -35.92 51.81
N GLN B 607 8.38 -35.31 50.72
CA GLN B 607 7.55 -34.49 49.85
C GLN B 607 6.35 -35.31 49.39
N PHE B 608 6.63 -36.45 48.76
CA PHE B 608 5.57 -37.34 48.29
C PHE B 608 4.75 -37.87 49.45
N ASN B 609 5.44 -38.32 50.50
CA ASN B 609 4.78 -38.93 51.65
C ASN B 609 3.76 -38.03 52.33
N GLU B 610 4.02 -36.72 52.33
CA GLU B 610 3.10 -35.78 52.95
C GLU B 610 2.08 -35.19 51.98
N SER B 611 2.51 -34.91 50.75
CA SER B 611 1.63 -34.23 49.81
C SER B 611 0.67 -35.16 49.05
N SER B 612 0.97 -36.45 49.00
CA SER B 612 0.15 -37.36 48.21
C SER B 612 -1.13 -37.80 48.92
N THR B 613 -1.30 -37.36 50.16
CA THR B 613 -2.46 -37.74 50.96
C THR B 613 -3.70 -36.89 50.65
N TYR B 614 -3.50 -35.83 49.88
CA TYR B 614 -4.62 -34.96 49.48
C TYR B 614 -4.40 -34.44 48.06
N LEU B 615 -5.49 -34.27 47.32
CA LEU B 615 -5.40 -34.03 45.87
C LEU B 615 -4.84 -32.66 45.52
N MET B 616 -4.98 -31.70 46.43
CA MET B 616 -4.33 -30.41 46.27
C MET B 616 -2.82 -30.60 46.24
N GLY B 617 -2.35 -31.63 46.96
CA GLY B 617 -0.94 -31.97 46.98
C GLY B 617 -0.45 -32.47 45.64
N TRP B 618 -1.22 -33.34 45.00
CA TRP B 618 -0.88 -33.83 43.67
C TRP B 618 -0.89 -32.67 42.68
N LEU B 619 -1.93 -31.83 42.76
CA LEU B 619 -2.07 -30.72 41.82
C LEU B 619 -0.96 -29.68 41.94
N ARG B 620 -0.67 -29.26 43.17
CA ARG B 620 0.30 -28.21 43.44
C ARG B 620 1.74 -28.70 43.43
N ASP B 621 2.01 -29.75 44.21
CA ASP B 621 3.39 -30.21 44.42
C ASP B 621 3.92 -31.16 43.36
N TYR B 622 3.02 -31.76 42.58
CA TYR B 622 3.46 -32.62 41.48
C TYR B 622 3.31 -31.92 40.13
N LEU B 623 2.08 -31.57 39.78
CA LEU B 623 1.81 -30.95 38.49
C LEU B 623 2.37 -29.53 38.39
N TRP B 624 1.91 -28.66 39.28
CA TRP B 624 2.25 -27.24 39.19
C TRP B 624 3.75 -26.95 39.33
N LEU B 625 4.42 -27.65 40.25
CA LEU B 625 5.85 -27.45 40.47
C LEU B 625 6.67 -27.87 39.26
N ASN B 626 6.58 -29.15 38.92
CA ASN B 626 7.43 -29.75 37.90
C ASN B 626 7.20 -29.26 36.47
N SER B 627 6.39 -28.22 36.31
CA SER B 627 6.20 -27.64 34.99
C SER B 627 6.97 -26.33 34.82
N SER B 628 7.56 -25.84 35.91
CA SER B 628 8.32 -24.57 35.90
C SER B 628 9.29 -24.44 34.72
N GLN B 629 10.21 -25.40 34.59
CA GLN B 629 11.17 -25.39 33.50
C GLN B 629 10.52 -25.67 32.16
N LEU B 630 9.49 -26.53 32.18
CA LEU B 630 8.83 -26.96 30.96
C LEU B 630 8.22 -25.77 30.23
N ILE B 631 7.38 -25.02 30.93
CA ILE B 631 6.69 -23.89 30.35
C ILE B 631 7.63 -22.75 29.98
N ASN B 632 8.86 -22.81 30.49
CA ASN B 632 9.88 -21.82 30.17
C ASN B 632 10.84 -22.26 29.08
N GLY B 633 10.43 -23.23 28.26
CA GLY B 633 11.21 -23.66 27.12
C GLY B 633 11.43 -22.50 26.17
N TYR B 634 10.39 -21.70 25.96
CA TYR B 634 10.51 -20.42 25.26
C TYR B 634 9.66 -19.37 25.96
N ASN B 635 10.16 -18.14 25.99
CA ASN B 635 9.45 -17.02 26.61
C ASN B 635 9.83 -15.70 25.95
N PRO B 636 9.22 -14.56 26.36
CA PRO B 636 9.58 -13.31 25.70
C PRO B 636 11.06 -12.93 25.75
N PHE B 637 11.84 -13.58 26.60
CA PHE B 637 13.26 -13.23 26.75
C PHE B 637 14.18 -14.10 25.89
N GLY B 638 13.87 -15.38 25.78
CA GLY B 638 14.65 -16.28 24.95
C GLY B 638 14.11 -17.69 24.92
N MET B 639 14.89 -18.61 24.35
CA MET B 639 14.51 -20.02 24.32
C MET B 639 15.70 -20.93 24.60
N ASN B 640 15.40 -22.15 25.02
CA ASN B 640 16.43 -23.16 25.24
C ASN B 640 16.04 -24.51 24.65
N SER B 641 16.71 -25.58 25.08
CA SER B 641 16.50 -26.89 24.47
C SER B 641 15.19 -27.54 24.91
N LEU B 642 14.46 -26.88 25.80
CA LEU B 642 13.18 -27.41 26.27
C LEU B 642 12.00 -26.84 25.49
N SER B 643 12.28 -25.97 24.53
CA SER B 643 11.22 -25.36 23.73
C SER B 643 10.40 -26.41 22.99
N VAL B 644 11.06 -27.49 22.55
CA VAL B 644 10.37 -28.62 21.92
C VAL B 644 9.28 -29.19 22.81
N TRP B 645 9.59 -29.38 24.08
CA TRP B 645 8.65 -30.02 24.99
C TRP B 645 7.53 -29.08 25.42
N ALA B 646 7.80 -27.78 25.41
CA ALA B 646 6.78 -26.78 25.71
C ALA B 646 5.78 -26.72 24.55
N TRP B 647 6.35 -26.68 23.35
CA TRP B 647 5.56 -26.65 22.12
C TRP B 647 4.72 -27.91 21.99
N MET B 648 5.30 -29.04 22.40
CA MET B 648 4.62 -30.32 22.33
C MET B 648 3.56 -30.44 23.43
N PHE B 649 3.82 -29.80 24.57
CA PHE B 649 2.90 -29.73 25.69
C PHE B 649 1.61 -29.04 25.22
N LEU B 650 1.79 -27.83 24.67
CA LEU B 650 0.66 -27.08 24.11
C LEU B 650 -0.01 -27.82 22.95
N PHE B 651 0.80 -28.49 22.14
CA PHE B 651 0.29 -29.28 21.03
C PHE B 651 -0.69 -30.33 21.55
N GLY B 652 -0.28 -31.01 22.61
CA GLY B 652 -1.11 -32.03 23.23
C GLY B 652 -2.40 -31.46 23.77
N HIS B 653 -2.30 -30.35 24.50
CA HIS B 653 -3.49 -29.67 25.00
C HIS B 653 -4.49 -29.35 23.86
N LEU B 654 -3.97 -28.77 22.78
CA LEU B 654 -4.77 -28.41 21.61
C LEU B 654 -5.46 -29.62 20.98
N VAL B 655 -4.69 -30.66 20.65
CA VAL B 655 -5.23 -31.88 20.05
C VAL B 655 -6.33 -32.51 20.94
N TRP B 656 -6.05 -32.55 22.24
CA TRP B 656 -7.00 -33.03 23.24
C TRP B 656 -8.34 -32.28 23.13
N ALA B 657 -8.26 -30.95 23.15
CA ALA B 657 -9.48 -30.15 23.08
C ALA B 657 -10.23 -30.28 21.74
N THR B 658 -9.49 -30.48 20.65
CA THR B 658 -10.13 -30.73 19.36
C THR B 658 -10.92 -32.04 19.45
N GLY B 659 -10.30 -33.01 20.12
CA GLY B 659 -10.97 -34.24 20.47
C GLY B 659 -12.29 -33.95 21.15
N PHE B 660 -12.25 -33.04 22.13
CA PHE B 660 -13.49 -32.60 22.77
C PHE B 660 -14.51 -32.11 21.74
N MET B 661 -14.04 -31.41 20.69
CA MET B 661 -14.98 -30.98 19.66
C MET B 661 -15.69 -32.14 19.02
N PHE B 662 -14.93 -33.12 18.54
CA PHE B 662 -15.58 -34.24 17.87
C PHE B 662 -16.44 -35.09 18.82
N LEU B 663 -16.11 -35.06 20.11
CA LEU B 663 -16.81 -35.88 21.08
C LEU B 663 -18.11 -35.26 21.59
N ILE B 664 -18.15 -33.94 21.68
CA ILE B 664 -19.31 -33.23 22.23
C ILE B 664 -20.38 -32.87 21.20
N SER B 665 -19.98 -32.26 20.09
CA SER B 665 -20.93 -31.93 19.02
C SER B 665 -21.14 -33.12 18.12
N TRP B 666 -22.38 -33.36 17.73
CA TRP B 666 -22.68 -34.54 16.91
C TRP B 666 -23.11 -34.16 15.49
N ARG B 667 -23.53 -35.16 14.71
CA ARG B 667 -23.54 -35.04 13.24
C ARG B 667 -24.47 -34.02 12.56
N GLY B 668 -25.76 -34.07 12.87
CA GLY B 668 -26.77 -33.30 12.16
C GLY B 668 -26.46 -31.82 11.94
N TYR B 669 -25.95 -31.19 12.99
CA TYR B 669 -25.52 -29.80 12.95
C TYR B 669 -24.56 -29.58 11.79
N TRP B 670 -23.50 -30.40 11.78
CA TRP B 670 -22.48 -30.31 10.76
C TRP B 670 -23.00 -30.65 9.38
N GLN B 671 -23.89 -31.64 9.29
CA GLN B 671 -24.46 -32.01 7.99
C GLN B 671 -25.23 -30.84 7.36
N GLU B 672 -26.07 -30.18 8.16
CA GLU B 672 -26.83 -29.04 7.66
C GLU B 672 -25.92 -27.86 7.30
N LEU B 673 -24.93 -27.61 8.16
CA LEU B 673 -23.93 -26.58 7.88
C LEU B 673 -23.28 -26.82 6.52
N ILE B 674 -22.83 -28.05 6.32
CA ILE B 674 -22.19 -28.44 5.07
C ILE B 674 -23.16 -28.29 3.89
N GLU B 675 -24.44 -28.53 4.12
CA GLU B 675 -25.43 -28.28 3.07
C GLU B 675 -25.42 -26.81 2.64
N THR B 676 -25.45 -25.91 3.62
CA THR B 676 -25.37 -24.48 3.30
C THR B 676 -24.06 -24.13 2.58
N LEU B 677 -22.98 -24.82 2.92
CA LEU B 677 -21.71 -24.60 2.24
C LEU B 677 -21.71 -25.11 0.79
N ALA B 678 -22.43 -26.20 0.55
CA ALA B 678 -22.57 -26.75 -0.79
C ALA B 678 -23.35 -25.78 -1.67
N TRP B 679 -24.45 -25.27 -1.13
CA TRP B 679 -25.18 -24.21 -1.82
C TRP B 679 -24.23 -23.07 -2.13
N ALA B 680 -23.49 -22.63 -1.11
CA ALA B 680 -22.55 -21.53 -1.25
C ALA B 680 -21.61 -21.74 -2.42
N HIS B 681 -21.05 -22.94 -2.52
CA HIS B 681 -20.12 -23.23 -3.61
C HIS B 681 -20.79 -23.22 -4.97
N GLU B 682 -21.96 -23.85 -5.08
CA GLU B 682 -22.65 -23.88 -6.37
C GLU B 682 -23.17 -22.51 -6.84
N ARG B 683 -23.16 -21.52 -5.95
CA ARG B 683 -23.65 -20.18 -6.31
C ARG B 683 -22.55 -19.10 -6.30
N THR B 684 -21.30 -19.51 -6.17
CA THR B 684 -20.19 -18.57 -6.22
C THR B 684 -19.47 -18.64 -7.56
N PRO B 685 -19.56 -17.56 -8.36
CA PRO B 685 -18.90 -17.43 -9.67
C PRO B 685 -17.40 -17.69 -9.61
N LEU B 686 -16.80 -18.00 -10.75
CA LEU B 686 -15.38 -18.39 -10.84
C LEU B 686 -15.10 -19.70 -10.10
N ALA B 687 -15.45 -19.74 -8.83
CA ALA B 687 -15.35 -20.97 -8.04
C ALA B 687 -16.32 -22.01 -8.58
N ASN B 688 -17.40 -21.53 -9.21
CA ASN B 688 -18.39 -22.38 -9.85
C ASN B 688 -17.76 -23.33 -10.86
N LEU B 689 -16.67 -22.87 -11.47
CA LEU B 689 -15.98 -23.64 -12.50
C LEU B 689 -15.36 -24.90 -11.93
N ILE B 690 -15.08 -24.89 -10.62
CA ILE B 690 -14.53 -26.05 -9.94
C ILE B 690 -15.64 -26.80 -9.21
N ARG B 691 -15.70 -28.11 -9.41
CA ARG B 691 -16.71 -28.92 -8.73
C ARG B 691 -16.13 -30.22 -8.17
N TRP B 692 -16.70 -30.67 -7.06
CA TRP B 692 -16.23 -31.87 -6.39
C TRP B 692 -16.70 -33.13 -7.10
N ARG B 693 -15.93 -34.21 -6.96
CA ARG B 693 -16.29 -35.51 -7.53
C ARG B 693 -16.92 -36.40 -6.47
N ASP B 694 -16.61 -36.11 -5.20
CA ASP B 694 -17.22 -36.81 -4.09
C ASP B 694 -18.00 -35.81 -3.25
N LYS B 695 -19.31 -36.01 -3.16
CA LYS B 695 -20.19 -35.12 -2.41
C LYS B 695 -19.73 -34.96 -0.96
N PRO B 696 -19.60 -33.70 -0.52
CA PRO B 696 -19.18 -33.39 0.84
C PRO B 696 -20.28 -33.70 1.84
N VAL B 697 -19.99 -34.54 2.82
CA VAL B 697 -20.93 -34.83 3.88
C VAL B 697 -20.24 -34.81 5.24
N ALA B 698 -21.03 -34.70 6.30
CA ALA B 698 -20.48 -34.72 7.65
C ALA B 698 -20.00 -36.13 7.98
N LEU B 699 -18.98 -36.24 8.82
CA LEU B 699 -18.47 -37.53 9.27
C LEU B 699 -19.61 -38.34 9.90
N SER B 700 -19.50 -39.67 9.87
CA SER B 700 -20.55 -40.50 10.44
C SER B 700 -20.47 -40.48 11.97
N ILE B 701 -21.52 -40.97 12.61
CA ILE B 701 -21.61 -40.99 14.07
C ILE B 701 -20.45 -41.76 14.70
N VAL B 702 -20.29 -43.01 14.26
CA VAL B 702 -19.20 -43.85 14.73
C VAL B 702 -17.86 -43.23 14.36
N GLN B 703 -17.75 -42.77 13.12
CA GLN B 703 -16.52 -42.13 12.66
C GLN B 703 -16.16 -40.96 13.56
N ALA B 704 -17.18 -40.21 13.96
CA ALA B 704 -16.98 -39.08 14.85
C ALA B 704 -16.44 -39.54 16.20
N ARG B 705 -17.05 -40.59 16.75
CA ARG B 705 -16.55 -41.15 17.99
C ARG B 705 -15.09 -41.57 17.89
N LEU B 706 -14.74 -42.23 16.79
CA LEU B 706 -13.36 -42.70 16.60
C LEU B 706 -12.37 -41.54 16.47
N VAL B 707 -12.68 -40.59 15.60
CA VAL B 707 -11.79 -39.45 15.38
C VAL B 707 -11.61 -38.62 16.66
N GLY B 708 -12.72 -38.41 17.37
CA GLY B 708 -12.69 -37.73 18.65
C GLY B 708 -11.80 -38.44 19.66
N LEU B 709 -12.01 -39.74 19.80
CA LEU B 709 -11.19 -40.55 20.71
C LEU B 709 -9.72 -40.50 20.32
N VAL B 710 -9.46 -40.44 19.02
CA VAL B 710 -8.08 -40.41 18.53
C VAL B 710 -7.40 -39.11 18.90
N HIS B 711 -8.06 -37.98 18.63
CA HIS B 711 -7.52 -36.69 19.03
C HIS B 711 -7.30 -36.66 20.55
N PHE B 712 -8.27 -37.17 21.30
CA PHE B 712 -8.20 -37.22 22.76
C PHE B 712 -6.97 -38.00 23.24
N SER B 713 -6.79 -39.20 22.70
CA SER B 713 -5.68 -40.07 23.10
C SER B 713 -4.34 -39.47 22.72
N VAL B 714 -4.22 -39.00 21.48
CA VAL B 714 -2.97 -38.40 21.02
C VAL B 714 -2.59 -37.21 21.89
N GLY B 715 -3.57 -36.34 22.15
CA GLY B 715 -3.35 -35.19 23.02
C GLY B 715 -2.89 -35.63 24.40
N TYR B 716 -3.60 -36.60 24.96
CA TYR B 716 -3.25 -37.21 26.25
C TYR B 716 -1.77 -37.60 26.28
N ILE B 717 -1.42 -38.56 25.43
CA ILE B 717 -0.08 -39.11 25.34
C ILE B 717 1.00 -38.06 25.13
N PHE B 718 0.83 -37.22 24.12
CA PHE B 718 1.82 -36.22 23.79
C PHE B 718 2.03 -35.20 24.92
N THR B 719 0.93 -34.77 25.52
CA THR B 719 1.01 -33.84 26.64
C THR B 719 1.80 -34.46 27.78
N TYR B 720 1.39 -35.65 28.21
CA TYR B 720 2.08 -36.28 29.34
C TYR B 720 3.53 -36.63 29.03
N ALA B 721 3.82 -36.95 27.78
CA ALA B 721 5.18 -37.28 27.37
C ALA B 721 6.05 -36.05 27.49
N ALA B 722 5.56 -34.94 26.95
CA ALA B 722 6.28 -33.68 27.01
C ALA B 722 6.54 -33.29 28.47
N PHE B 723 5.52 -33.38 29.31
CA PHE B 723 5.70 -33.07 30.73
C PHE B 723 6.72 -33.98 31.40
N LEU B 724 6.58 -35.28 31.15
CA LEU B 724 7.45 -36.29 31.75
C LEU B 724 8.91 -36.00 31.42
N ILE B 725 9.21 -35.99 30.12
CA ILE B 725 10.57 -35.77 29.66
C ILE B 725 11.13 -34.42 30.08
N ALA B 726 10.34 -33.36 29.95
CA ALA B 726 10.83 -32.02 30.28
C ALA B 726 11.11 -31.86 31.76
N SER B 727 10.14 -32.26 32.60
CA SER B 727 10.30 -32.14 34.05
C SER B 727 11.46 -32.99 34.55
N THR B 728 11.60 -34.20 34.01
CA THR B 728 12.65 -35.08 34.48
C THR B 728 14.04 -34.67 33.99
N SER B 729 14.19 -34.48 32.68
CA SER B 729 15.47 -34.14 32.08
C SER B 729 15.89 -32.70 32.35
N GLY B 730 14.95 -31.87 32.77
CA GLY B 730 15.26 -30.48 33.07
C GLY B 730 16.15 -30.36 34.29
N LYS B 731 16.15 -31.41 35.10
CA LYS B 731 16.92 -31.42 36.33
C LYS B 731 17.70 -32.72 36.48
N PHE B 732 17.24 -33.74 35.75
CA PHE B 732 17.79 -35.10 35.85
C PHE B 732 17.83 -35.62 37.29
N GLY B 733 16.69 -35.52 37.99
CA GLY B 733 16.58 -36.01 39.35
C GLY B 733 17.46 -35.25 40.31
N SER C 1 -28.58 -49.17 -0.71
CA SER C 1 -29.78 -48.82 0.05
C SER C 1 -29.78 -49.51 1.40
N HIS C 2 -30.64 -49.05 2.29
CA HIS C 2 -30.82 -49.71 3.58
C HIS C 2 -31.74 -50.91 3.42
N SER C 3 -31.74 -51.81 4.41
CA SER C 3 -32.61 -52.98 4.38
C SER C 3 -33.74 -52.86 5.39
N VAL C 4 -34.96 -53.16 4.97
CA VAL C 4 -36.10 -53.11 5.87
C VAL C 4 -36.87 -54.43 5.84
N LYS C 5 -37.06 -55.02 7.02
CA LYS C 5 -37.72 -56.33 7.10
C LYS C 5 -38.95 -56.29 8.00
N ILE C 6 -39.95 -57.09 7.64
CA ILE C 6 -41.15 -57.24 8.44
C ILE C 6 -41.25 -58.68 8.95
N TYR C 7 -41.57 -58.85 10.22
CA TYR C 7 -41.66 -60.17 10.83
C TYR C 7 -43.11 -60.50 11.19
N ASP C 8 -43.42 -61.79 11.31
CA ASP C 8 -44.81 -62.24 11.42
C ASP C 8 -45.49 -61.93 12.76
N THR C 9 -44.77 -61.25 13.64
CA THR C 9 -45.36 -60.80 14.91
C THR C 9 -46.16 -59.52 14.66
N CYS C 10 -46.18 -59.09 13.40
CA CYS C 10 -46.90 -57.90 12.99
C CYS C 10 -48.40 -58.03 13.26
N ILE C 11 -48.97 -56.97 13.81
CA ILE C 11 -50.41 -56.95 14.11
C ILE C 11 -51.15 -55.94 13.25
N GLY C 12 -50.47 -55.42 12.23
CA GLY C 12 -51.09 -54.55 11.24
C GLY C 12 -51.78 -53.31 11.75
N CYS C 13 -51.11 -52.56 12.64
CA CYS C 13 -51.67 -51.34 13.17
C CYS C 13 -51.39 -50.17 12.22
N THR C 14 -50.57 -50.44 11.21
CA THR C 14 -50.24 -49.49 10.15
C THR C 14 -49.47 -48.26 10.63
N GLN C 15 -49.03 -48.27 11.88
CA GLN C 15 -48.38 -47.11 12.47
C GLN C 15 -47.06 -46.77 11.78
N CYS C 16 -46.32 -47.80 11.40
CA CYS C 16 -45.01 -47.61 10.77
C CYS C 16 -45.13 -46.97 9.39
N VAL C 17 -46.14 -47.38 8.62
CA VAL C 17 -46.32 -46.90 7.26
C VAL C 17 -46.58 -45.40 7.24
N ARG C 18 -47.49 -44.95 8.11
CA ARG C 18 -47.84 -43.54 8.17
C ARG C 18 -46.81 -42.74 8.97
N ALA C 19 -45.71 -43.39 9.33
CA ALA C 19 -44.63 -42.74 10.06
C ALA C 19 -43.42 -42.48 9.15
N CYS C 20 -43.35 -43.22 8.05
CA CYS C 20 -42.24 -43.09 7.11
C CYS C 20 -42.31 -41.79 6.33
N PRO C 21 -41.20 -41.02 6.34
CA PRO C 21 -41.14 -39.71 5.67
C PRO C 21 -40.78 -39.80 4.18
N THR C 22 -40.56 -40.99 3.65
CA THR C 22 -40.17 -41.14 2.25
C THR C 22 -40.98 -42.20 1.48
N ASP C 23 -42.08 -42.64 2.07
CA ASP C 23 -42.98 -43.60 1.43
C ASP C 23 -42.26 -44.88 1.01
N VAL C 24 -41.87 -45.67 2.00
CA VAL C 24 -41.13 -46.91 1.77
C VAL C 24 -41.99 -48.12 2.06
N LEU C 25 -42.81 -48.03 3.11
CA LEU C 25 -43.63 -49.15 3.56
C LEU C 25 -45.07 -49.06 3.05
N GLU C 26 -45.77 -50.19 3.10
CA GLU C 26 -47.19 -50.24 2.76
C GLU C 26 -47.86 -51.46 3.37
N MET C 27 -49.19 -51.44 3.41
CA MET C 27 -49.95 -52.53 4.01
C MET C 27 -50.54 -53.48 2.97
N ILE C 28 -50.34 -54.78 3.18
CA ILE C 28 -50.83 -55.79 2.25
C ILE C 28 -51.73 -56.78 3.01
N PRO C 29 -52.66 -57.43 2.29
CA PRO C 29 -53.56 -58.40 2.92
C PRO C 29 -52.81 -59.58 3.52
N TRP C 30 -53.31 -60.07 4.66
CA TRP C 30 -52.68 -61.18 5.36
C TRP C 30 -53.69 -61.82 6.30
N GLY C 31 -53.43 -63.05 6.72
CA GLY C 31 -54.36 -63.77 7.57
C GLY C 31 -53.81 -64.13 8.94
N GLY C 32 -52.56 -63.76 9.19
CA GLY C 32 -51.89 -64.13 10.42
C GLY C 32 -52.31 -63.35 11.65
N CYS C 33 -52.97 -62.22 11.45
CA CYS C 33 -53.41 -61.39 12.58
C CYS C 33 -54.86 -60.93 12.40
N LYS C 34 -55.47 -60.49 13.50
CA LYS C 34 -56.87 -60.08 13.53
C LYS C 34 -57.16 -58.91 12.59
N ALA C 35 -56.17 -58.04 12.39
CA ALA C 35 -56.34 -56.86 11.54
C ALA C 35 -56.38 -57.20 10.06
N LYS C 36 -56.11 -58.47 9.73
CA LYS C 36 -56.14 -58.98 8.36
C LYS C 36 -55.15 -58.27 7.43
N GLN C 37 -54.03 -57.81 7.99
CA GLN C 37 -53.04 -57.07 7.21
C GLN C 37 -51.64 -57.13 7.82
N ILE C 38 -50.63 -56.96 6.96
CA ILE C 38 -49.24 -56.97 7.39
C ILE C 38 -48.43 -55.91 6.63
N ALA C 39 -47.35 -55.43 7.23
CA ALA C 39 -46.52 -54.42 6.61
C ALA C 39 -45.60 -55.01 5.54
N SER C 40 -45.05 -54.13 4.70
CA SER C 40 -44.20 -54.55 3.58
C SER C 40 -43.31 -53.40 3.14
N ALA C 41 -42.12 -53.72 2.62
CA ALA C 41 -41.15 -52.69 2.26
C ALA C 41 -40.65 -52.80 0.82
N PRO C 42 -41.50 -52.41 -0.16
CA PRO C 42 -41.18 -52.53 -1.58
C PRO C 42 -40.31 -51.40 -2.12
N ARG C 43 -40.11 -50.34 -1.35
CA ARG C 43 -39.38 -49.18 -1.84
C ARG C 43 -38.26 -48.73 -0.90
N THR C 44 -37.34 -49.65 -0.60
CA THR C 44 -36.24 -49.36 0.30
C THR C 44 -35.14 -48.57 -0.39
N GLU C 45 -35.29 -48.35 -1.69
CA GLU C 45 -34.33 -47.53 -2.42
C GLU C 45 -34.50 -46.06 -2.03
N ASP C 46 -35.68 -45.75 -1.49
CA ASP C 46 -35.99 -44.39 -1.03
C ASP C 46 -35.85 -44.30 0.48
N CYS C 47 -35.48 -45.40 1.12
CA CYS C 47 -35.32 -45.46 2.56
C CYS C 47 -34.10 -44.69 3.04
N VAL C 48 -34.29 -43.83 4.04
CA VAL C 48 -33.19 -43.03 4.58
C VAL C 48 -32.60 -43.66 5.85
N GLY C 49 -33.39 -44.45 6.55
CA GLY C 49 -32.93 -45.15 7.74
C GLY C 49 -33.11 -44.36 9.02
N CYS C 50 -34.10 -43.48 9.04
CA CYS C 50 -34.36 -42.63 10.20
C CYS C 50 -34.89 -43.44 11.38
N LYS C 51 -35.53 -44.56 11.07
CA LYS C 51 -36.10 -45.46 12.07
C LYS C 51 -37.31 -44.90 12.84
N ARG C 52 -38.10 -44.06 12.19
CA ARG C 52 -39.36 -43.59 12.79
C ARG C 52 -40.36 -44.74 12.87
N CYS C 53 -40.29 -45.62 11.88
CA CYS C 53 -41.14 -46.79 11.80
C CYS C 53 -40.94 -47.68 13.02
N GLU C 54 -39.68 -47.92 13.37
CA GLU C 54 -39.33 -48.74 14.52
C GLU C 54 -39.79 -48.09 15.83
N SER C 55 -39.80 -46.76 15.85
CA SER C 55 -40.21 -46.03 17.02
C SER C 55 -41.73 -46.00 17.12
N ALA C 56 -42.40 -46.32 16.00
CA ALA C 56 -43.85 -46.34 15.96
C ALA C 56 -44.44 -47.73 16.25
N CYS C 57 -43.61 -48.76 16.13
CA CYS C 57 -44.07 -50.14 16.27
C CYS C 57 -44.36 -50.52 17.73
N PRO C 58 -45.54 -51.11 17.98
CA PRO C 58 -45.99 -51.47 19.33
C PRO C 58 -45.51 -52.84 19.79
N THR C 59 -45.19 -53.73 18.86
CA THR C 59 -44.90 -55.12 19.20
C THR C 59 -43.61 -55.31 19.99
N ASP C 60 -43.55 -56.39 20.76
CA ASP C 60 -42.38 -56.72 21.56
C ASP C 60 -41.94 -58.16 21.26
N PHE C 61 -40.83 -58.33 20.55
CA PHE C 61 -39.99 -57.23 20.08
C PHE C 61 -40.53 -56.68 18.76
N LEU C 62 -39.76 -55.80 18.12
CA LEU C 62 -40.19 -55.12 16.90
C LEU C 62 -40.60 -56.09 15.81
N SER C 63 -41.58 -55.69 15.00
CA SER C 63 -42.00 -56.47 13.85
C SER C 63 -41.50 -55.81 12.57
N VAL C 64 -40.97 -54.60 12.71
CA VAL C 64 -40.28 -53.92 11.62
C VAL C 64 -38.85 -53.62 12.04
N ARG C 65 -37.90 -53.95 11.18
CA ARG C 65 -36.50 -53.77 11.53
C ARG C 65 -35.73 -53.14 10.37
N VAL C 66 -34.90 -52.17 10.71
CA VAL C 66 -34.12 -51.44 9.72
C VAL C 66 -32.63 -51.68 9.92
N TYR C 67 -32.02 -52.39 8.99
CA TYR C 67 -30.59 -52.64 9.01
C TYR C 67 -29.91 -51.70 8.03
N LEU C 68 -29.24 -50.68 8.55
CA LEU C 68 -28.53 -49.73 7.72
C LEU C 68 -27.46 -50.45 6.94
N TRP C 69 -27.50 -50.31 5.62
CA TRP C 69 -26.61 -51.08 4.76
C TRP C 69 -25.81 -50.16 3.83
N HIS C 70 -25.82 -50.47 2.53
CA HIS C 70 -25.04 -49.72 1.56
C HIS C 70 -25.57 -48.29 1.43
N GLU C 71 -24.64 -47.35 1.43
CA GLU C 71 -24.98 -45.93 1.51
C GLU C 71 -25.08 -45.29 0.14
N THR C 72 -26.25 -44.72 -0.17
CA THR C 72 -26.45 -44.04 -1.45
C THR C 72 -26.85 -42.58 -1.25
N THR C 73 -26.88 -41.83 -2.35
CA THR C 73 -27.24 -40.42 -2.31
C THR C 73 -28.67 -40.18 -1.78
N ARG C 74 -29.54 -41.15 -2.01
CA ARG C 74 -30.91 -41.07 -1.51
C ARG C 74 -31.00 -41.41 -0.02
N SER C 75 -30.21 -42.38 0.40
CA SER C 75 -30.21 -42.83 1.79
C SER C 75 -29.48 -41.85 2.70
N MET C 76 -28.62 -41.02 2.11
CA MET C 76 -27.89 -40.01 2.87
C MET C 76 -28.71 -38.74 3.02
N GLY C 77 -29.90 -38.72 2.42
CA GLY C 77 -30.80 -37.59 2.51
C GLY C 77 -30.27 -36.33 1.85
N LEU C 78 -29.38 -36.50 0.89
CA LEU C 78 -28.76 -35.38 0.19
C LEU C 78 -29.71 -34.73 -0.81
N ALA C 79 -29.59 -33.41 -0.96
CA ALA C 79 -30.38 -32.67 -1.95
C ALA C 79 -29.46 -31.97 -2.93
N TYR C 80 -28.21 -32.42 -2.97
CA TYR C 80 -27.20 -31.82 -3.83
C TYR C 80 -26.28 -32.87 -4.45
N THR D 1 -54.93 -50.57 -12.80
CA THR D 1 -55.23 -49.14 -12.97
C THR D 1 -54.01 -48.38 -13.48
N PRO D 2 -54.23 -47.48 -14.45
CA PRO D 2 -53.13 -46.70 -15.02
C PRO D 2 -52.78 -45.48 -14.16
N PRO D 3 -51.48 -45.19 -14.01
CA PRO D 3 -50.99 -44.09 -13.20
C PRO D 3 -51.38 -42.73 -13.78
N GLU D 4 -51.23 -41.68 -12.99
CA GLU D 4 -51.64 -40.34 -13.40
C GLU D 4 -50.68 -39.75 -14.43
N LEU D 5 -51.22 -39.02 -15.41
CA LEU D 5 -50.40 -38.34 -16.41
C LEU D 5 -49.85 -37.03 -15.85
N ASP D 6 -48.73 -36.57 -16.42
CA ASP D 6 -48.03 -35.41 -15.88
C ASP D 6 -47.86 -34.31 -16.92
N PRO D 7 -48.80 -33.34 -16.95
CA PRO D 7 -48.74 -32.21 -17.89
C PRO D 7 -48.04 -30.99 -17.30
N ASN D 8 -47.95 -29.93 -18.10
CA ASN D 8 -47.35 -28.67 -17.61
C ASN D 8 -48.39 -27.71 -17.02
N THR D 9 -48.63 -27.86 -15.72
CA THR D 9 -49.58 -27.01 -15.02
C THR D 9 -48.81 -25.87 -14.32
N PRO D 10 -49.48 -24.73 -14.07
CA PRO D 10 -48.83 -23.57 -13.44
C PRO D 10 -48.28 -23.86 -12.05
N SER D 11 -47.22 -23.16 -11.67
CA SER D 11 -46.59 -23.34 -10.38
C SER D 11 -47.09 -22.30 -9.36
N PRO D 12 -47.01 -22.62 -8.06
CA PRO D 12 -47.47 -21.70 -7.01
C PRO D 12 -46.73 -20.36 -7.02
N ILE D 13 -47.35 -19.35 -6.43
CA ILE D 13 -46.74 -18.02 -6.32
C ILE D 13 -45.67 -18.00 -5.25
N PHE D 14 -44.45 -17.61 -5.64
CA PHE D 14 -43.32 -17.60 -4.73
C PHE D 14 -42.24 -16.67 -5.27
N GLY D 15 -41.59 -15.93 -4.38
CA GLY D 15 -40.58 -14.96 -4.80
C GLY D 15 -39.22 -15.58 -5.04
N GLY D 16 -39.11 -16.87 -4.75
CA GLY D 16 -37.86 -17.58 -4.93
C GLY D 16 -37.03 -17.58 -3.66
N SER D 17 -36.31 -18.67 -3.43
CA SER D 17 -35.45 -18.80 -2.26
C SER D 17 -34.11 -19.42 -2.63
N THR D 18 -33.30 -19.72 -1.61
CA THR D 18 -32.02 -20.38 -1.83
C THR D 18 -32.09 -21.85 -1.43
N GLY D 19 -33.31 -22.34 -1.23
CA GLY D 19 -33.50 -23.72 -0.81
C GLY D 19 -34.02 -24.63 -1.90
N GLY D 20 -34.05 -24.12 -3.13
CA GLY D 20 -34.58 -24.87 -4.26
C GLY D 20 -33.60 -25.86 -4.86
N LEU D 21 -33.75 -26.09 -6.16
CA LEU D 21 -32.94 -27.09 -6.86
C LEU D 21 -31.47 -26.71 -6.99
N LEU D 22 -30.63 -27.72 -7.15
CA LEU D 22 -29.20 -27.53 -7.39
C LEU D 22 -28.77 -28.40 -8.57
N ARG D 23 -27.47 -28.69 -8.66
CA ARG D 23 -26.96 -29.45 -9.80
C ARG D 23 -27.49 -30.89 -9.84
N LYS D 24 -27.85 -31.41 -8.68
CA LYS D 24 -28.41 -32.76 -8.57
C LYS D 24 -29.63 -32.91 -9.47
N ALA D 25 -30.44 -31.86 -9.56
CA ALA D 25 -31.62 -31.85 -10.41
C ALA D 25 -31.23 -31.97 -11.88
N GLN D 26 -30.06 -31.44 -12.23
CA GLN D 26 -29.59 -31.41 -13.61
C GLN D 26 -28.92 -32.72 -14.04
N VAL D 27 -28.17 -33.33 -13.13
CA VAL D 27 -27.35 -34.49 -13.46
C VAL D 27 -27.93 -35.82 -12.99
N GLU D 28 -28.53 -35.83 -11.80
CA GLU D 28 -29.05 -37.06 -11.22
C GLU D 28 -30.55 -37.22 -11.39
N GLU D 29 -31.29 -36.45 -10.59
CA GLU D 29 -32.74 -36.58 -10.54
C GLU D 29 -33.37 -35.44 -9.75
N PHE D 30 -34.59 -35.06 -10.10
CA PHE D 30 -35.37 -34.18 -9.24
C PHE D 30 -36.77 -34.75 -9.11
N TYR D 31 -37.67 -34.02 -8.46
CA TYR D 31 -39.00 -34.56 -8.20
C TYR D 31 -40.08 -33.54 -8.52
N VAL D 32 -41.30 -34.02 -8.79
CA VAL D 32 -42.43 -33.12 -9.06
C VAL D 32 -43.70 -33.56 -8.34
N ILE D 33 -44.33 -32.63 -7.62
CA ILE D 33 -45.55 -32.93 -6.90
C ILE D 33 -46.71 -32.07 -7.42
N THR D 34 -47.85 -32.71 -7.69
CA THR D 34 -49.02 -32.01 -8.19
C THR D 34 -50.21 -32.14 -7.25
N TRP D 35 -51.02 -31.08 -7.17
CA TRP D 35 -52.23 -31.10 -6.34
C TRP D 35 -53.31 -30.18 -6.88
N ASP D 36 -54.54 -30.33 -6.41
CA ASP D 36 -55.63 -29.48 -6.89
C ASP D 36 -56.28 -28.72 -5.73
N SER D 37 -56.06 -27.40 -5.70
CA SER D 37 -56.53 -26.57 -4.60
C SER D 37 -57.85 -25.87 -4.88
N PRO D 38 -58.77 -25.90 -3.90
CA PRO D 38 -60.08 -25.26 -4.00
C PRO D 38 -59.99 -23.74 -4.13
N LYS D 39 -58.90 -23.13 -3.68
CA LYS D 39 -58.75 -21.68 -3.74
C LYS D 39 -57.28 -21.26 -3.65
N GLU D 40 -57.04 -19.97 -3.87
CA GLU D 40 -55.72 -19.41 -3.65
C GLU D 40 -55.47 -19.36 -2.15
N GLN D 41 -54.34 -19.92 -1.71
CA GLN D 41 -54.04 -19.91 -0.27
C GLN D 41 -52.55 -20.07 0.07
N ILE D 42 -52.17 -19.58 1.24
CA ILE D 42 -50.78 -19.62 1.68
C ILE D 42 -50.42 -20.99 2.24
N PHE D 43 -49.23 -21.47 1.88
CA PHE D 43 -48.68 -22.68 2.48
C PHE D 43 -47.18 -22.51 2.73
N GLU D 44 -46.66 -23.20 3.75
CA GLU D 44 -45.25 -23.13 4.05
C GLU D 44 -44.44 -24.05 3.15
N MET D 45 -43.38 -23.50 2.54
CA MET D 45 -42.52 -24.29 1.68
C MET D 45 -41.61 -25.23 2.46
N PRO D 46 -41.45 -26.47 1.97
CA PRO D 46 -40.56 -27.46 2.59
C PRO D 46 -39.11 -26.98 2.55
N THR D 47 -38.82 -26.08 1.62
CA THR D 47 -37.48 -25.57 1.43
C THR D 47 -37.32 -24.21 2.11
N GLY D 48 -38.31 -23.84 2.93
CA GLY D 48 -38.27 -22.60 3.69
C GLY D 48 -38.96 -21.44 3.01
N GLY D 49 -39.76 -20.71 3.78
CA GLY D 49 -40.48 -19.57 3.25
C GLY D 49 -41.95 -19.88 3.01
N ALA D 50 -42.72 -18.84 2.67
CA ALA D 50 -44.16 -19.00 2.42
C ALA D 50 -44.49 -18.77 0.95
N ALA D 51 -45.35 -19.63 0.42
CA ALA D 51 -45.77 -19.52 -0.97
C ALA D 51 -47.31 -19.51 -1.07
N ILE D 52 -47.82 -19.20 -2.25
CA ILE D 52 -49.25 -19.19 -2.48
C ILE D 52 -49.62 -20.22 -3.54
N MET D 53 -50.40 -21.23 -3.15
CA MET D 53 -50.94 -22.17 -4.11
C MET D 53 -52.14 -21.54 -4.80
N ARG D 54 -52.20 -21.72 -6.11
CA ARG D 54 -53.28 -21.17 -6.92
C ARG D 54 -54.47 -22.11 -6.85
N GLU D 55 -55.62 -21.65 -7.35
CA GLU D 55 -56.79 -22.52 -7.45
C GLU D 55 -56.67 -23.39 -8.69
N GLY D 56 -57.12 -24.63 -8.58
CA GLY D 56 -57.01 -25.59 -9.66
C GLY D 56 -55.74 -26.43 -9.53
N PRO D 57 -55.19 -26.86 -10.67
CA PRO D 57 -53.96 -27.66 -10.72
C PRO D 57 -52.70 -26.87 -10.36
N ASN D 58 -51.87 -27.47 -9.52
CA ASN D 58 -50.59 -26.90 -9.12
C ASN D 58 -49.48 -27.94 -9.27
N LEU D 59 -48.34 -27.49 -9.80
CA LEU D 59 -47.18 -28.36 -10.00
C LEU D 59 -45.91 -27.73 -9.44
N LEU D 60 -45.28 -28.42 -8.50
CA LEU D 60 -44.09 -27.90 -7.84
C LEU D 60 -42.92 -28.89 -7.95
N LYS D 61 -41.78 -28.39 -8.41
CA LYS D 61 -40.59 -29.23 -8.50
C LYS D 61 -39.72 -29.08 -7.25
N LEU D 62 -39.39 -30.22 -6.64
CA LEU D 62 -38.57 -30.25 -5.44
C LEU D 62 -37.30 -31.09 -5.68
N ALA D 63 -36.39 -31.06 -4.72
CA ALA D 63 -35.09 -31.71 -4.88
C ALA D 63 -35.04 -33.14 -4.33
N ARG D 64 -35.89 -33.41 -3.33
CA ARG D 64 -35.91 -34.72 -2.68
C ARG D 64 -37.32 -35.27 -2.59
N LYS D 65 -37.43 -36.59 -2.58
CA LYS D 65 -38.72 -37.26 -2.43
C LYS D 65 -39.32 -36.96 -1.05
N GLU D 66 -38.45 -36.84 -0.05
CA GLU D 66 -38.88 -36.57 1.32
C GLU D 66 -39.58 -35.21 1.42
N GLN D 67 -39.08 -34.24 0.67
CA GLN D 67 -39.70 -32.92 0.59
C GLN D 67 -41.10 -33.04 0.01
N CYS D 68 -41.23 -33.88 -1.02
CA CYS D 68 -42.50 -34.10 -1.68
C CYS D 68 -43.53 -34.74 -0.75
N LEU D 69 -43.15 -35.81 -0.07
CA LEU D 69 -44.08 -36.46 0.86
C LEU D 69 -44.37 -35.56 2.07
N ALA D 70 -43.41 -34.71 2.43
CA ALA D 70 -43.62 -33.77 3.52
C ALA D 70 -44.69 -32.75 3.14
N LEU D 71 -44.49 -32.09 2.01
CA LEU D 71 -45.45 -31.11 1.52
C LEU D 71 -46.83 -31.74 1.32
N GLY D 72 -46.85 -32.92 0.71
CA GLY D 72 -48.09 -33.64 0.47
C GLY D 72 -48.81 -33.98 1.76
N THR D 73 -48.04 -34.38 2.77
CA THR D 73 -48.59 -34.70 4.08
C THR D 73 -49.23 -33.44 4.68
N ARG D 74 -48.55 -32.31 4.55
CA ARG D 74 -49.09 -31.06 5.05
C ARG D 74 -50.36 -30.65 4.30
N LEU D 75 -50.40 -30.97 3.01
CA LEU D 75 -51.57 -30.69 2.18
C LEU D 75 -52.78 -31.50 2.61
N ARG D 76 -52.59 -32.81 2.70
CA ARG D 76 -53.69 -33.72 3.04
C ARG D 76 -54.16 -33.51 4.49
N SER D 77 -53.22 -33.17 5.37
CA SER D 77 -53.54 -33.01 6.78
C SER D 77 -54.18 -31.64 7.09
N LYS D 78 -53.62 -30.58 6.52
CA LYS D 78 -54.08 -29.22 6.82
C LYS D 78 -55.15 -28.71 5.87
N TYR D 79 -54.94 -28.93 4.58
CA TYR D 79 -55.82 -28.35 3.56
C TYR D 79 -56.81 -29.35 3.00
N LYS D 80 -56.79 -30.57 3.53
CA LYS D 80 -57.69 -31.63 3.10
C LYS D 80 -57.70 -31.81 1.59
N ILE D 81 -56.51 -31.94 1.00
CA ILE D 81 -56.38 -31.97 -0.45
C ILE D 81 -55.50 -33.13 -0.92
N LYS D 82 -55.97 -33.85 -1.94
CA LYS D 82 -55.22 -34.98 -2.49
C LYS D 82 -54.06 -34.51 -3.36
N TYR D 83 -52.95 -35.25 -3.30
CA TYR D 83 -51.72 -34.91 -3.99
C TYR D 83 -51.12 -36.13 -4.67
N GLN D 84 -50.22 -35.91 -5.62
CA GLN D 84 -49.42 -37.00 -6.20
C GLN D 84 -48.00 -36.51 -6.42
N PHE D 85 -47.03 -37.42 -6.54
CA PHE D 85 -45.70 -37.03 -6.98
C PHE D 85 -44.89 -38.08 -7.74
N TYR D 86 -43.99 -37.57 -8.59
CA TYR D 86 -43.21 -38.35 -9.53
C TYR D 86 -41.72 -38.02 -9.39
N ARG D 87 -40.88 -38.92 -9.89
CA ARG D 87 -39.44 -38.66 -10.00
C ARG D 87 -39.08 -38.39 -11.47
N VAL D 88 -38.19 -37.43 -11.68
CA VAL D 88 -37.80 -37.01 -13.03
C VAL D 88 -36.29 -37.07 -13.25
N PHE D 89 -35.90 -37.71 -14.36
CA PHE D 89 -34.50 -37.89 -14.72
C PHE D 89 -34.09 -36.87 -15.79
N PRO D 90 -32.78 -36.60 -15.92
CA PRO D 90 -32.30 -35.57 -16.86
C PRO D 90 -32.62 -35.84 -18.33
N ASN D 91 -32.76 -37.11 -18.70
CA ASN D 91 -33.07 -37.46 -20.08
C ASN D 91 -34.50 -37.08 -20.46
N GLY D 92 -35.32 -36.82 -19.45
CA GLY D 92 -36.69 -36.38 -19.67
C GLY D 92 -37.71 -37.37 -19.11
N GLU D 93 -37.24 -38.58 -18.80
CA GLU D 93 -38.11 -39.64 -18.33
C GLU D 93 -38.76 -39.31 -16.97
N VAL D 94 -40.04 -39.62 -16.85
CA VAL D 94 -40.78 -39.39 -15.62
C VAL D 94 -41.27 -40.71 -15.01
N GLN D 95 -41.03 -40.87 -13.71
CA GLN D 95 -41.44 -42.08 -12.99
C GLN D 95 -42.49 -41.75 -11.93
N TYR D 96 -43.68 -42.32 -12.08
CA TYR D 96 -44.73 -42.09 -11.10
C TYR D 96 -44.42 -42.79 -9.78
N LEU D 97 -44.46 -42.05 -8.68
CA LEU D 97 -44.05 -42.59 -7.39
C LEU D 97 -45.20 -42.78 -6.39
N HIS D 98 -45.98 -41.74 -6.13
CA HIS D 98 -46.88 -41.78 -4.98
C HIS D 98 -48.20 -41.04 -5.22
N PRO D 99 -49.33 -41.63 -4.81
CA PRO D 99 -49.48 -42.97 -4.23
C PRO D 99 -49.40 -44.06 -5.30
N LYS D 100 -48.58 -45.08 -5.06
CA LYS D 100 -48.26 -46.08 -6.08
C LYS D 100 -49.46 -46.69 -6.81
N ASP D 101 -50.35 -47.35 -6.07
CA ASP D 101 -51.48 -48.02 -6.71
C ASP D 101 -52.80 -47.27 -6.55
N GLY D 102 -52.71 -45.95 -6.37
CA GLY D 102 -53.91 -45.13 -6.26
C GLY D 102 -54.50 -45.11 -4.86
N VAL D 103 -54.02 -45.99 -4.01
CA VAL D 103 -54.48 -46.04 -2.63
C VAL D 103 -53.33 -45.77 -1.67
N TYR D 104 -53.59 -44.95 -0.66
CA TYR D 104 -52.59 -44.63 0.36
C TYR D 104 -52.11 -45.89 1.07
N PRO D 105 -50.79 -46.00 1.27
CA PRO D 105 -50.17 -47.21 1.84
C PRO D 105 -50.60 -47.48 3.29
N GLU D 106 -51.21 -46.50 3.94
CA GLU D 106 -51.67 -46.68 5.32
C GLU D 106 -52.80 -47.70 5.36
N LYS D 107 -53.70 -47.62 4.39
CA LYS D 107 -54.84 -48.53 4.31
C LYS D 107 -54.55 -49.67 3.34
N VAL D 108 -54.95 -50.87 3.71
CA VAL D 108 -54.72 -52.06 2.89
C VAL D 108 -55.38 -51.98 1.52
N ASN D 109 -54.79 -52.67 0.56
CA ASN D 109 -55.32 -52.71 -0.80
C ASN D 109 -54.84 -53.97 -1.52
N ALA D 110 -55.79 -54.75 -2.04
CA ALA D 110 -55.47 -55.98 -2.72
C ALA D 110 -54.65 -55.73 -3.98
N GLY D 111 -53.71 -56.61 -4.27
CA GLY D 111 -52.86 -56.49 -5.44
C GLY D 111 -51.39 -56.31 -5.11
N ARG D 112 -51.10 -55.87 -3.89
CA ARG D 112 -49.71 -55.65 -3.48
C ARG D 112 -49.05 -56.93 -3.00
N GLN D 113 -47.93 -57.27 -3.61
CA GLN D 113 -47.16 -58.45 -3.21
C GLN D 113 -46.12 -58.07 -2.15
N GLY D 114 -45.94 -58.96 -1.18
CA GLY D 114 -45.02 -58.72 -0.09
C GLY D 114 -43.57 -58.62 -0.49
N VAL D 115 -42.85 -57.70 0.15
CA VAL D 115 -41.44 -57.51 -0.09
C VAL D 115 -40.69 -57.46 1.23
N GLY D 116 -39.68 -58.31 1.38
CA GLY D 116 -38.86 -58.35 2.58
C GLY D 116 -39.61 -58.81 3.82
N GLN D 117 -40.60 -59.68 3.64
CA GLN D 117 -41.36 -60.19 4.76
C GLN D 117 -40.87 -61.56 5.20
N ASN D 118 -40.34 -61.64 6.42
CA ASN D 118 -39.88 -62.89 6.99
C ASN D 118 -40.97 -63.52 7.86
N PHE D 119 -41.40 -64.72 7.50
CA PHE D 119 -42.46 -65.40 8.22
C PHE D 119 -41.92 -66.15 9.44
N ARG D 120 -41.35 -65.38 10.37
CA ARG D 120 -40.76 -65.93 11.59
C ARG D 120 -40.52 -64.76 12.55
N SER D 121 -40.59 -65.01 13.85
CA SER D 121 -40.35 -63.97 14.84
C SER D 121 -38.88 -63.53 14.80
N ILE D 122 -38.63 -62.29 15.18
CA ILE D 122 -37.31 -61.68 15.02
C ILE D 122 -36.20 -62.38 15.81
N GLY D 123 -36.56 -63.02 16.91
CA GLY D 123 -35.58 -63.69 17.74
C GLY D 123 -35.07 -64.99 17.15
N LYS D 124 -35.76 -65.49 16.13
CA LYS D 124 -35.39 -66.76 15.52
C LYS D 124 -34.38 -66.61 14.39
N ASN D 125 -33.79 -65.43 14.28
CA ASN D 125 -32.71 -65.21 13.31
C ASN D 125 -31.47 -65.98 13.70
N VAL D 126 -30.82 -66.58 12.70
CA VAL D 126 -29.61 -67.35 12.94
C VAL D 126 -28.44 -66.44 13.35
N SER D 127 -27.51 -67.00 14.11
CA SER D 127 -26.31 -66.26 14.53
C SER D 127 -25.44 -65.98 13.32
N PRO D 128 -24.62 -64.90 13.39
CA PRO D 128 -23.74 -64.53 12.27
C PRO D 128 -22.83 -65.67 11.81
N ILE D 129 -22.42 -66.55 12.72
CA ILE D 129 -21.54 -67.66 12.37
C ILE D 129 -22.20 -68.61 11.37
N GLU D 130 -23.53 -68.66 11.42
CA GLU D 130 -24.30 -69.49 10.49
C GLU D 130 -24.17 -68.96 9.06
N VAL D 131 -23.86 -67.68 8.91
CA VAL D 131 -23.77 -67.09 7.57
C VAL D 131 -22.35 -66.60 7.24
N LYS D 132 -21.37 -67.01 8.02
CA LYS D 132 -19.99 -66.63 7.76
C LYS D 132 -19.52 -67.18 6.41
N PHE D 133 -18.79 -66.35 5.68
CA PHE D 133 -18.22 -66.70 4.37
C PHE D 133 -19.29 -66.92 3.29
N THR D 134 -20.53 -66.55 3.60
CA THR D 134 -21.58 -66.48 2.59
C THR D 134 -21.86 -65.02 2.33
N GLY D 135 -22.73 -64.73 1.36
CA GLY D 135 -23.08 -63.36 1.07
C GLY D 135 -24.37 -62.97 1.78
N LYS D 136 -24.88 -63.90 2.57
CA LYS D 136 -26.19 -63.74 3.19
C LYS D 136 -26.09 -63.14 4.59
N GLN D 137 -27.13 -62.40 4.95
CA GLN D 137 -27.28 -61.86 6.30
C GLN D 137 -28.36 -62.67 7.02
N PRO D 138 -28.28 -62.72 8.36
CA PRO D 138 -29.27 -63.47 9.17
C PRO D 138 -30.71 -63.00 8.95
N TYR D 139 -30.90 -61.81 8.41
CA TYR D 139 -32.24 -61.29 8.18
C TYR D 139 -32.68 -61.43 6.71
N ASP D 140 -31.80 -61.94 5.88
CA ASP D 140 -32.11 -62.15 4.46
C ASP D 140 -32.71 -63.54 4.20
N LEU D 141 -32.67 -64.39 5.22
CA LEU D 141 -33.21 -65.74 5.09
C LEU D 141 -34.74 -65.72 5.13
N GLY E 2 -55.21 -74.20 25.13
CA GLY E 2 -54.31 -73.25 25.75
C GLY E 2 -54.69 -72.94 27.19
N PRO E 3 -54.05 -71.92 27.77
CA PRO E 3 -54.34 -71.49 29.15
C PRO E 3 -55.60 -70.64 29.25
N LYS E 4 -56.19 -70.58 30.44
CA LYS E 4 -57.43 -69.85 30.66
C LYS E 4 -57.19 -68.34 30.71
N ARG E 5 -58.27 -67.58 30.70
CA ARG E 5 -58.20 -66.14 30.85
C ARG E 5 -57.85 -65.78 32.30
N GLY E 6 -56.88 -64.89 32.48
CA GLY E 6 -56.47 -64.47 33.81
C GLY E 6 -55.41 -65.40 34.37
N ALA E 7 -54.99 -66.36 33.55
CA ALA E 7 -53.97 -67.32 33.97
C ALA E 7 -52.59 -66.66 34.04
N LYS E 8 -51.84 -66.99 35.08
CA LYS E 8 -50.49 -66.47 35.25
C LYS E 8 -49.53 -67.31 34.43
N VAL E 9 -48.90 -66.70 33.43
CA VAL E 9 -47.99 -67.42 32.54
C VAL E 9 -46.58 -66.83 32.52
N LYS E 10 -45.59 -67.69 32.32
CA LYS E 10 -44.20 -67.29 32.21
C LYS E 10 -43.84 -67.11 30.74
N ILE E 11 -43.08 -66.05 30.44
CA ILE E 11 -42.72 -65.73 29.07
C ILE E 11 -41.49 -66.51 28.59
N LEU E 12 -41.63 -67.17 27.45
CA LEU E 12 -40.55 -68.00 26.92
C LEU E 12 -39.89 -67.39 25.68
N ARG E 13 -40.49 -66.32 25.16
CA ARG E 13 -39.90 -65.61 24.03
C ARG E 13 -38.66 -64.86 24.49
N LYS E 14 -37.50 -65.25 23.96
CA LYS E 14 -36.22 -64.72 24.42
C LYS E 14 -36.05 -63.22 24.22
N GLU E 15 -36.59 -62.69 23.12
CA GLU E 15 -36.41 -61.28 22.80
C GLU E 15 -37.48 -60.38 23.42
N SER E 16 -38.21 -60.91 24.39
CA SER E 16 -39.26 -60.14 25.05
C SER E 16 -38.73 -59.35 26.23
N TYR E 17 -39.31 -58.18 26.48
CA TYR E 17 -38.94 -57.35 27.62
C TYR E 17 -39.25 -58.07 28.93
N TRP E 18 -40.28 -58.91 28.90
CA TRP E 18 -40.71 -59.63 30.11
C TRP E 18 -40.29 -61.09 30.06
N TYR E 19 -39.24 -61.39 29.28
CA TYR E 19 -38.70 -62.74 29.19
C TYR E 19 -38.33 -63.30 30.56
N LYS E 20 -38.68 -64.57 30.79
CA LYS E 20 -38.47 -65.24 32.08
C LYS E 20 -39.30 -64.63 33.21
N GLY E 21 -40.21 -63.73 32.86
CA GLY E 21 -41.11 -63.10 33.83
C GLY E 21 -42.54 -63.57 33.65
N THR E 22 -43.43 -63.09 34.50
CA THR E 22 -44.82 -63.55 34.47
C THR E 22 -45.80 -62.44 34.07
N GLY E 23 -46.85 -62.84 33.36
CA GLY E 23 -47.91 -61.93 32.98
C GLY E 23 -49.26 -62.62 33.09
N SER E 24 -50.33 -61.89 32.82
CA SER E 24 -51.67 -62.46 32.90
C SER E 24 -52.35 -62.54 31.53
N VAL E 25 -53.00 -63.67 31.28
CA VAL E 25 -53.69 -63.89 30.01
C VAL E 25 -55.00 -63.12 29.95
N VAL E 26 -55.19 -62.38 28.86
CA VAL E 26 -56.39 -61.58 28.66
C VAL E 26 -57.41 -62.33 27.80
N ALA E 27 -56.96 -62.82 26.65
CA ALA E 27 -57.82 -63.53 25.73
C ALA E 27 -57.00 -64.36 24.75
N VAL E 28 -57.54 -65.51 24.34
CA VAL E 28 -56.89 -66.35 23.35
C VAL E 28 -57.72 -66.42 22.09
N ASP E 29 -57.12 -66.00 20.97
CA ASP E 29 -57.79 -66.04 19.68
C ASP E 29 -58.02 -67.48 19.24
N GLN E 30 -59.25 -67.79 18.86
CA GLN E 30 -59.61 -69.15 18.47
C GLN E 30 -59.37 -69.39 16.98
N ASP E 31 -59.15 -68.31 16.24
CA ASP E 31 -58.79 -68.40 14.83
C ASP E 31 -57.44 -69.10 14.72
N PRO E 32 -57.41 -70.29 14.10
CA PRO E 32 -56.19 -71.10 13.97
C PRO E 32 -55.16 -70.48 13.05
N ASN E 33 -55.55 -69.43 12.33
CA ASN E 33 -54.63 -68.72 11.43
C ASN E 33 -53.83 -67.65 12.16
N THR E 34 -54.30 -67.26 13.34
CA THR E 34 -53.59 -66.29 14.16
C THR E 34 -52.32 -66.90 14.72
N ARG E 35 -51.17 -66.38 14.28
CA ARG E 35 -49.88 -66.94 14.66
C ARG E 35 -49.53 -66.69 16.12
N TYR E 36 -50.00 -65.58 16.67
CA TYR E 36 -49.75 -65.28 18.08
C TYR E 36 -51.07 -64.87 18.75
N PRO E 37 -51.84 -65.88 19.20
CA PRO E 37 -53.16 -65.70 19.78
C PRO E 37 -53.13 -65.25 21.24
N VAL E 38 -52.20 -65.80 22.02
CA VAL E 38 -52.18 -65.57 23.45
C VAL E 38 -51.90 -64.11 23.81
N VAL E 39 -52.96 -63.36 24.11
CA VAL E 39 -52.81 -61.97 24.52
C VAL E 39 -52.43 -61.88 25.99
N VAL E 40 -51.31 -61.23 26.27
CA VAL E 40 -50.81 -61.13 27.65
C VAL E 40 -50.65 -59.67 28.09
N ARG E 41 -50.97 -59.41 29.35
CA ARG E 41 -50.76 -58.09 29.94
C ARG E 41 -49.82 -58.17 31.14
N PHE E 42 -48.96 -57.16 31.29
CA PHE E 42 -47.90 -57.20 32.29
C PHE E 42 -47.99 -56.07 33.32
N ASN E 43 -47.36 -56.29 34.47
CA ASN E 43 -47.38 -55.33 35.56
C ASN E 43 -46.49 -54.11 35.31
N LYS E 44 -45.43 -54.31 34.54
CA LYS E 44 -44.49 -53.25 34.22
C LYS E 44 -44.40 -53.01 32.72
N VAL E 45 -44.28 -51.74 32.32
CA VAL E 45 -44.19 -51.39 30.90
C VAL E 45 -42.79 -51.64 30.37
N ASN E 46 -42.68 -51.80 29.06
CA ASN E 46 -41.37 -51.98 28.44
C ASN E 46 -40.76 -50.64 28.04
N TYR E 47 -39.65 -50.68 27.31
CA TYR E 47 -38.96 -49.46 26.91
C TYR E 47 -39.76 -48.65 25.89
N ALA E 48 -40.85 -49.23 25.41
CA ALA E 48 -41.72 -48.55 24.44
C ALA E 48 -43.02 -48.10 25.09
N ASN E 49 -43.07 -48.14 26.43
CA ASN E 49 -44.28 -47.85 27.19
C ASN E 49 -45.48 -48.68 26.75
N VAL E 50 -45.25 -49.98 26.58
CA VAL E 50 -46.30 -50.93 26.24
C VAL E 50 -46.45 -51.94 27.36
N SER E 51 -47.69 -52.30 27.67
CA SER E 51 -47.95 -53.19 28.81
C SER E 51 -48.64 -54.48 28.36
N THR E 52 -48.78 -54.64 27.05
CA THR E 52 -49.48 -55.79 26.50
C THR E 52 -48.80 -56.31 25.23
N ASN E 53 -48.84 -57.63 25.03
CA ASN E 53 -48.21 -58.23 23.85
C ASN E 53 -48.80 -59.59 23.49
N ASN E 54 -48.71 -59.92 22.21
CA ASN E 54 -49.20 -61.20 21.70
C ASN E 54 -48.11 -62.26 21.63
N TYR E 55 -48.44 -63.48 22.06
CA TYR E 55 -47.50 -64.59 22.03
C TYR E 55 -48.15 -65.85 21.45
N ALA E 56 -47.31 -66.83 21.11
CA ALA E 56 -47.79 -68.10 20.60
C ALA E 56 -47.94 -69.10 21.75
N LEU E 57 -48.51 -70.26 21.44
CA LEU E 57 -48.78 -71.28 22.45
C LEU E 57 -47.50 -71.84 23.09
N ASP E 58 -46.42 -71.85 22.31
CA ASP E 58 -45.14 -72.37 22.80
C ASP E 58 -44.29 -71.29 23.47
N GLU E 59 -44.85 -70.08 23.60
CA GLU E 59 -44.12 -68.97 24.21
C GLU E 59 -44.64 -68.62 25.60
N ILE E 60 -45.60 -69.39 26.11
CA ILE E 60 -46.12 -69.17 27.45
C ILE E 60 -46.10 -70.45 28.29
N GLN E 61 -45.90 -70.31 29.59
CA GLN E 61 -45.83 -71.46 30.48
C GLN E 61 -46.62 -71.23 31.76
N GLU E 62 -47.79 -71.84 31.85
CA GLU E 62 -48.68 -71.64 33.01
C GLU E 62 -48.03 -72.13 34.29
N VAL E 63 -47.78 -71.22 35.22
CA VAL E 63 -47.16 -71.56 36.50
C VAL E 63 -47.88 -70.91 37.67
N GLU E 64 -47.59 -71.40 38.87
CA GLU E 64 -48.17 -70.84 40.10
C GLU E 64 -47.38 -71.31 41.33
N ASP F 1 7.43 -49.41 66.63
CA ASP F 1 6.17 -50.12 66.83
C ASP F 1 5.72 -50.75 65.51
N ILE F 2 4.40 -50.89 65.35
CA ILE F 2 3.85 -51.46 64.13
C ILE F 2 4.26 -50.65 62.91
N SER F 3 4.74 -51.35 61.87
CA SER F 3 5.14 -50.74 60.61
C SER F 3 6.26 -49.71 60.76
N GLY F 4 7.05 -49.85 61.83
CA GLY F 4 8.15 -48.94 62.08
C GLY F 4 7.70 -47.57 62.54
N LEU F 5 6.42 -47.45 62.87
CA LEU F 5 5.84 -46.19 63.33
C LEU F 5 6.19 -45.92 64.80
N THR F 6 6.06 -44.66 65.22
CA THR F 6 6.27 -44.27 66.61
C THR F 6 4.97 -43.73 67.22
N PRO F 7 4.65 -44.15 68.44
CA PRO F 7 3.46 -43.70 69.18
C PRO F 7 3.33 -42.19 69.27
N CYS F 8 2.12 -41.67 69.05
CA CYS F 8 1.91 -40.22 69.02
C CYS F 8 2.25 -39.52 70.32
N LYS F 9 2.04 -40.22 71.44
CA LYS F 9 2.38 -39.68 72.75
C LYS F 9 3.89 -39.57 72.93
N GLU F 10 4.64 -40.29 72.09
CA GLU F 10 6.09 -40.30 72.16
C GLU F 10 6.71 -39.63 70.94
N SER F 11 5.88 -39.19 70.00
CA SER F 11 6.37 -38.57 68.78
C SER F 11 6.73 -37.10 68.96
N LYS F 12 7.92 -36.74 68.52
CA LYS F 12 8.40 -35.37 68.64
C LYS F 12 7.73 -34.44 67.63
N GLN F 13 7.57 -34.94 66.41
CA GLN F 13 6.99 -34.13 65.33
C GLN F 13 5.52 -33.82 65.59
N PHE F 14 4.82 -34.76 66.23
CA PHE F 14 3.43 -34.59 66.65
C PHE F 14 3.32 -33.36 67.55
N ALA F 15 4.18 -33.37 68.57
CA ALA F 15 4.27 -32.27 69.53
C ALA F 15 4.65 -30.96 68.86
N LYS F 16 5.56 -31.02 67.89
CA LYS F 16 5.99 -29.80 67.20
C LYS F 16 4.85 -29.24 66.34
N ARG F 17 4.03 -30.13 65.80
CA ARG F 17 2.86 -29.71 65.04
C ARG F 17 1.87 -28.99 65.95
N GLU F 18 1.60 -29.58 67.10
CA GLU F 18 0.74 -28.92 68.10
C GLU F 18 1.29 -27.54 68.44
N LYS F 19 2.60 -27.48 68.69
CA LYS F 19 3.27 -26.23 69.00
C LYS F 19 3.02 -25.17 67.93
N GLN F 20 3.43 -25.46 66.69
CA GLN F 20 3.29 -24.52 65.58
C GLN F 20 1.84 -24.09 65.35
N ALA F 21 0.91 -25.03 65.52
CA ALA F 21 -0.51 -24.72 65.37
C ALA F 21 -0.95 -23.70 66.41
N LEU F 22 -0.70 -24.01 67.69
CA LEU F 22 -1.06 -23.10 68.78
C LEU F 22 -0.40 -21.73 68.64
N LYS F 23 0.85 -21.72 68.19
CA LYS F 23 1.59 -20.48 68.02
C LYS F 23 1.05 -19.66 66.87
N LYS F 24 0.54 -20.33 65.83
CA LYS F 24 -0.09 -19.62 64.73
C LYS F 24 -1.38 -18.96 65.22
N LEU F 25 -2.18 -19.75 65.93
CA LEU F 25 -3.41 -19.24 66.52
C LEU F 25 -3.18 -18.03 67.43
N GLN F 26 -2.13 -18.09 68.26
CA GLN F 26 -1.81 -17.00 69.15
C GLN F 26 -1.29 -15.77 68.40
N ALA F 27 -0.49 -16.04 67.37
CA ALA F 27 0.03 -14.98 66.51
C ALA F 27 -1.11 -14.22 65.85
N SER F 28 -2.20 -14.93 65.57
CA SER F 28 -3.39 -14.28 65.05
C SER F 28 -4.17 -13.59 66.17
N LEU F 29 -4.12 -14.17 67.36
CA LEU F 29 -4.86 -13.68 68.53
C LEU F 29 -4.35 -12.33 69.05
N LYS F 30 -3.08 -12.05 68.82
CA LYS F 30 -2.44 -10.83 69.35
C LYS F 30 -3.13 -9.52 68.96
N LEU F 31 -3.90 -9.53 67.87
CA LEU F 31 -4.45 -8.29 67.31
C LEU F 31 -5.83 -7.90 67.86
N TYR F 32 -6.37 -8.70 68.75
CA TYR F 32 -7.74 -8.48 69.24
C TYR F 32 -7.82 -8.30 70.75
N ALA F 33 -8.75 -7.45 71.19
CA ALA F 33 -9.00 -7.24 72.59
C ALA F 33 -9.43 -8.55 73.26
N ASP F 34 -8.82 -8.86 74.39
CA ASP F 34 -9.00 -10.16 75.04
C ASP F 34 -10.44 -10.53 75.37
N ASP F 35 -11.28 -9.53 75.58
CA ASP F 35 -12.68 -9.75 75.96
C ASP F 35 -13.61 -9.82 74.75
N SER F 36 -13.11 -9.42 73.58
CA SER F 36 -13.91 -9.40 72.37
C SER F 36 -14.22 -10.81 71.86
N ALA F 37 -15.22 -10.90 70.99
CA ALA F 37 -15.62 -12.18 70.40
C ALA F 37 -14.55 -12.90 69.55
N PRO F 38 -13.79 -12.15 68.71
CA PRO F 38 -12.71 -12.82 67.98
C PRO F 38 -11.69 -13.49 68.90
N ALA F 39 -11.36 -12.83 70.01
CA ALA F 39 -10.43 -13.39 70.98
C ALA F 39 -10.95 -14.69 71.58
N LEU F 40 -12.20 -14.66 72.03
CA LEU F 40 -12.83 -15.83 72.62
C LEU F 40 -12.89 -16.97 71.62
N ALA F 41 -13.12 -16.63 70.35
CA ALA F 41 -13.18 -17.62 69.27
C ALA F 41 -11.82 -18.28 69.05
N ILE F 42 -10.79 -17.47 68.85
CA ILE F 42 -9.45 -18.00 68.63
C ILE F 42 -8.97 -18.83 69.82
N LYS F 43 -9.26 -18.35 71.02
CA LYS F 43 -8.92 -19.09 72.24
C LYS F 43 -9.65 -20.43 72.28
N ALA F 44 -10.92 -20.43 71.87
CA ALA F 44 -11.71 -21.66 71.79
C ALA F 44 -11.04 -22.64 70.82
N THR F 45 -10.50 -22.09 69.73
CA THR F 45 -9.80 -22.89 68.75
C THR F 45 -8.52 -23.49 69.35
N MET F 46 -7.81 -22.71 70.16
CA MET F 46 -6.61 -23.19 70.83
C MET F 46 -6.90 -24.33 71.79
N GLU F 47 -7.89 -24.12 72.66
CA GLU F 47 -8.27 -25.15 73.62
C GLU F 47 -8.73 -26.42 72.91
N LYS F 48 -9.55 -26.26 71.88
CA LYS F 48 -10.02 -27.40 71.09
C LYS F 48 -8.85 -28.15 70.44
N THR F 49 -7.87 -27.39 69.97
CA THR F 49 -6.67 -27.95 69.33
C THR F 49 -5.88 -28.81 70.30
N LYS F 50 -5.46 -28.22 71.41
CA LYS F 50 -4.66 -28.97 72.38
C LYS F 50 -5.44 -30.16 72.95
N LYS F 51 -6.74 -30.00 73.15
CA LYS F 51 -7.59 -31.12 73.55
C LYS F 51 -7.57 -32.22 72.50
N ARG F 52 -7.52 -31.83 71.23
CA ARG F 52 -7.50 -32.78 70.13
C ARG F 52 -6.21 -33.60 70.13
N PHE F 53 -5.07 -32.90 70.17
CA PHE F 53 -3.78 -33.57 70.22
C PHE F 53 -3.65 -34.48 71.44
N ASP F 54 -4.06 -33.97 72.60
CA ASP F 54 -4.03 -34.75 73.84
C ASP F 54 -4.88 -36.01 73.73
N ASN F 55 -6.07 -35.87 73.16
CA ASN F 55 -6.94 -37.02 72.97
C ASN F 55 -6.35 -38.05 72.03
N TYR F 56 -5.76 -37.59 70.93
CA TYR F 56 -5.11 -38.51 69.99
C TYR F 56 -3.95 -39.24 70.64
N GLY F 57 -3.18 -38.54 71.46
CA GLY F 57 -2.09 -39.16 72.20
C GLY F 57 -2.64 -40.22 73.14
N LYS F 58 -3.70 -39.87 73.86
CA LYS F 58 -4.33 -40.77 74.83
C LYS F 58 -4.92 -42.03 74.19
N TYR F 59 -5.44 -41.87 72.96
CA TYR F 59 -6.11 -42.98 72.28
C TYR F 59 -5.16 -44.08 71.82
N GLY F 60 -3.85 -43.83 71.91
CA GLY F 60 -2.86 -44.81 71.53
C GLY F 60 -2.63 -44.87 70.03
N LEU F 61 -2.63 -43.71 69.40
CA LEU F 61 -2.42 -43.63 67.96
C LEU F 61 -0.94 -43.64 67.62
N LEU F 62 -0.59 -44.25 66.48
CA LEU F 62 0.78 -44.31 66.02
C LEU F 62 1.04 -43.24 64.97
N CYS F 63 2.15 -42.53 65.09
CA CYS F 63 2.48 -41.46 64.16
C CYS F 63 3.62 -41.83 63.23
N GLY F 64 3.57 -41.30 62.01
CA GLY F 64 4.64 -41.48 61.04
C GLY F 64 5.75 -40.47 61.27
N SER F 65 6.69 -40.39 60.34
CA SER F 65 7.77 -39.43 60.41
C SER F 65 7.25 -38.02 60.12
N ASP F 66 6.03 -37.95 59.60
CA ASP F 66 5.37 -36.69 59.31
C ASP F 66 4.80 -36.06 60.58
N GLY F 67 4.56 -36.88 61.60
CA GLY F 67 4.01 -36.40 62.85
C GLY F 67 2.50 -36.46 62.84
N LEU F 68 1.95 -37.30 61.97
CA LEU F 68 0.51 -37.42 61.81
C LEU F 68 0.08 -38.83 62.16
N PRO F 69 -1.12 -38.97 62.73
CA PRO F 69 -1.68 -40.28 63.06
C PRO F 69 -1.87 -41.15 61.82
N HIS F 70 -1.29 -42.35 61.84
CA HIS F 70 -1.52 -43.34 60.79
C HIS F 70 -2.38 -44.45 61.39
N LEU F 71 -3.20 -45.09 60.56
CA LEU F 71 -4.17 -46.07 61.05
C LEU F 71 -3.77 -47.53 60.80
N ILE F 72 -4.07 -48.39 61.75
CA ILE F 72 -3.77 -49.81 61.65
C ILE F 72 -5.05 -50.62 61.51
N VAL F 73 -5.24 -51.21 60.34
CA VAL F 73 -6.51 -51.89 60.02
C VAL F 73 -6.36 -53.39 59.80
N SER F 74 -5.21 -53.95 60.16
CA SER F 74 -4.91 -55.35 59.90
C SER F 74 -5.76 -56.31 60.74
N GLY F 75 -6.40 -55.75 61.76
CA GLY F 75 -7.16 -56.55 62.69
C GLY F 75 -6.48 -56.56 64.04
N ASP F 76 -5.33 -55.88 64.11
CA ASP F 76 -4.54 -55.77 65.34
C ASP F 76 -5.42 -55.30 66.49
N GLN F 77 -5.38 -56.04 67.59
CA GLN F 77 -6.31 -55.83 68.70
C GLN F 77 -6.05 -54.55 69.50
N ARG F 78 -4.89 -53.95 69.29
CA ARG F 78 -4.55 -52.70 69.95
C ARG F 78 -5.11 -51.49 69.19
N HIS F 79 -5.81 -51.77 68.09
CA HIS F 79 -6.30 -50.70 67.21
C HIS F 79 -7.67 -51.00 66.59
N TRP F 80 -8.50 -51.76 67.30
CA TRP F 80 -9.83 -52.10 66.80
C TRP F 80 -10.73 -50.88 66.62
N GLY F 81 -10.40 -49.80 67.33
CA GLY F 81 -11.15 -48.56 67.21
C GLY F 81 -10.76 -47.78 65.97
N GLU F 82 -9.68 -48.21 65.34
CA GLU F 82 -9.14 -47.50 64.17
C GLU F 82 -9.75 -48.02 62.87
N PHE F 83 -10.58 -49.06 62.97
CA PHE F 83 -11.36 -49.53 61.83
C PHE F 83 -12.44 -50.56 62.20
N ILE F 84 -12.08 -51.54 63.02
CA ILE F 84 -12.97 -52.65 63.33
C ILE F 84 -14.28 -52.21 63.98
N THR F 85 -14.18 -51.49 65.11
CA THR F 85 -15.36 -51.05 65.83
C THR F 85 -16.25 -50.06 65.04
N PRO F 86 -15.67 -48.93 64.57
CA PRO F 86 -16.53 -48.02 63.79
C PRO F 86 -17.04 -48.69 62.53
N GLY F 87 -16.32 -49.70 62.07
CA GLY F 87 -16.77 -50.49 60.94
C GLY F 87 -18.01 -51.30 61.27
N ILE F 88 -18.00 -51.92 62.44
CA ILE F 88 -19.14 -52.70 62.92
C ILE F 88 -20.36 -51.79 63.09
N LEU F 89 -20.13 -50.64 63.69
CA LEU F 89 -21.18 -49.64 63.87
C LEU F 89 -21.77 -49.22 62.53
N PHE F 90 -20.90 -48.90 61.58
CA PHE F 90 -21.35 -48.53 60.24
C PHE F 90 -22.23 -49.62 59.66
N LEU F 91 -21.70 -50.84 59.61
CA LEU F 91 -22.42 -51.97 59.04
C LEU F 91 -23.79 -52.13 59.68
N TYR F 92 -23.86 -51.92 60.99
CA TYR F 92 -25.12 -51.99 61.70
C TYR F 92 -26.11 -50.94 61.18
N ILE F 93 -25.66 -49.69 61.08
CA ILE F 93 -26.54 -48.62 60.62
C ILE F 93 -26.97 -48.77 59.15
N ALA F 94 -26.02 -49.13 58.29
CA ALA F 94 -26.28 -49.32 56.87
C ALA F 94 -27.26 -50.47 56.65
N GLY F 95 -27.04 -51.56 57.39
CA GLY F 95 -27.94 -52.69 57.36
C GLY F 95 -29.32 -52.26 57.81
N TRP F 96 -29.38 -51.41 58.83
CA TRP F 96 -30.64 -50.86 59.32
C TRP F 96 -31.38 -50.15 58.19
N ILE F 97 -30.71 -49.18 57.57
CA ILE F 97 -31.30 -48.41 56.48
C ILE F 97 -31.81 -49.29 55.36
N GLY F 98 -30.92 -50.13 54.83
CA GLY F 98 -31.26 -51.02 53.73
C GLY F 98 -32.41 -51.95 54.05
N TRP F 99 -32.42 -52.50 55.27
CA TRP F 99 -33.47 -53.43 55.68
C TRP F 99 -34.81 -52.72 55.81
N VAL F 100 -34.81 -51.51 56.34
CA VAL F 100 -36.02 -50.70 56.45
C VAL F 100 -36.59 -50.35 55.08
N GLY F 101 -35.72 -49.89 54.19
CA GLY F 101 -36.12 -49.58 52.83
C GLY F 101 -36.70 -50.79 52.12
N ARG F 102 -36.06 -51.94 52.31
CA ARG F 102 -36.54 -53.19 51.74
C ARG F 102 -37.93 -53.50 52.26
N SER F 103 -38.12 -53.38 53.56
CA SER F 103 -39.42 -53.60 54.19
C SER F 103 -40.48 -52.70 53.56
N TYR F 104 -40.14 -51.43 53.39
CA TYR F 104 -41.08 -50.48 52.81
C TYR F 104 -41.46 -50.86 51.38
N LEU F 105 -40.47 -51.21 50.57
CA LEU F 105 -40.74 -51.59 49.18
C LEU F 105 -41.58 -52.86 49.08
N ILE F 106 -41.33 -53.80 49.99
CA ILE F 106 -42.12 -55.04 50.01
C ILE F 106 -43.55 -54.75 50.45
N ALA F 107 -43.70 -53.84 51.41
CA ALA F 107 -45.00 -53.54 51.98
C ALA F 107 -45.97 -52.94 50.97
N ILE F 108 -45.44 -52.20 50.01
CA ILE F 108 -46.28 -51.50 49.05
C ILE F 108 -46.29 -52.18 47.68
N ARG F 109 -45.60 -53.31 47.58
CA ARG F 109 -45.46 -54.02 46.32
C ARG F 109 -46.81 -54.55 45.85
N ASP F 110 -47.63 -54.98 46.79
CA ASP F 110 -48.96 -55.50 46.49
C ASP F 110 -50.02 -54.44 46.74
N GLU F 111 -50.19 -53.54 45.77
CA GLU F 111 -51.15 -52.46 45.90
C GLU F 111 -51.62 -51.98 44.53
N LYS F 112 -52.64 -51.13 44.53
CA LYS F 112 -53.21 -50.61 43.29
C LYS F 112 -52.17 -49.83 42.49
N LYS F 113 -51.58 -48.84 43.14
CA LYS F 113 -50.54 -48.02 42.52
C LYS F 113 -49.33 -47.91 43.44
N PRO F 114 -48.38 -48.85 43.30
CA PRO F 114 -47.18 -48.91 44.14
C PRO F 114 -46.28 -47.69 43.97
N THR F 115 -46.11 -47.23 42.74
CA THR F 115 -45.25 -46.10 42.44
C THR F 115 -45.65 -44.84 43.20
N GLN F 116 -46.95 -44.70 43.48
CA GLN F 116 -47.47 -43.57 44.24
C GLN F 116 -46.74 -43.44 45.58
N LYS F 117 -46.74 -44.52 46.35
CA LYS F 117 -46.10 -44.51 47.65
C LYS F 117 -44.58 -44.50 47.55
N GLU F 118 -44.06 -44.40 46.33
CA GLU F 118 -42.62 -44.23 46.13
C GLU F 118 -42.29 -42.77 45.83
N ILE F 119 -43.27 -42.00 45.40
CA ILE F 119 -43.06 -40.57 45.17
C ILE F 119 -43.74 -39.75 46.26
N ILE F 120 -44.74 -40.34 46.90
CA ILE F 120 -45.38 -39.75 48.07
C ILE F 120 -45.32 -40.75 49.22
N ILE F 121 -44.38 -40.52 50.13
CA ILE F 121 -44.08 -41.47 51.19
C ILE F 121 -45.22 -41.69 52.19
N ASP F 122 -45.56 -42.95 52.43
CA ASP F 122 -46.54 -43.28 53.46
C ASP F 122 -45.89 -43.21 54.85
N VAL F 123 -45.82 -41.99 55.39
CA VAL F 123 -45.16 -41.73 56.68
C VAL F 123 -45.63 -42.61 57.85
N PRO F 124 -46.94 -42.90 57.95
CA PRO F 124 -47.33 -43.87 58.99
C PRO F 124 -46.67 -45.24 58.81
N LEU F 125 -46.71 -45.77 57.58
CA LEU F 125 -46.06 -47.04 57.27
C LEU F 125 -44.57 -46.97 57.57
N ALA F 126 -43.94 -45.88 57.13
CA ALA F 126 -42.51 -45.69 57.31
C ALA F 126 -42.13 -45.66 58.78
N SER F 127 -42.98 -45.03 59.59
CA SER F 127 -42.74 -44.94 61.02
C SER F 127 -42.94 -46.29 61.69
N ARG F 128 -43.86 -47.07 61.15
CA ARG F 128 -44.07 -48.43 61.66
C ARG F 128 -42.87 -49.33 61.35
N LEU F 129 -42.29 -49.17 60.16
CA LEU F 129 -41.18 -50.00 59.74
C LEU F 129 -39.82 -49.46 60.20
N LEU F 130 -39.85 -48.26 60.77
CA LEU F 130 -38.62 -47.56 61.13
C LEU F 130 -37.77 -48.33 62.14
N PHE F 131 -38.38 -48.72 63.25
CA PHE F 131 -37.64 -49.35 64.35
C PHE F 131 -37.36 -50.83 64.14
N ARG F 132 -38.00 -51.43 63.14
CA ARG F 132 -37.75 -52.83 62.82
C ARG F 132 -36.29 -53.06 62.45
N GLY F 133 -35.64 -52.01 61.96
CA GLY F 133 -34.22 -52.06 61.63
C GLY F 133 -33.31 -52.34 62.80
N PHE F 134 -33.75 -52.01 64.01
CA PHE F 134 -32.96 -52.23 65.21
C PHE F 134 -32.53 -53.69 65.37
N SER F 135 -33.39 -54.59 64.91
CA SER F 135 -33.12 -56.02 65.00
C SER F 135 -32.85 -56.60 63.61
N TRP F 136 -32.29 -55.79 62.72
CA TRP F 136 -32.03 -56.23 61.35
C TRP F 136 -31.12 -57.46 61.20
N PRO F 137 -30.07 -57.60 62.04
CA PRO F 137 -29.28 -58.82 61.88
C PRO F 137 -30.10 -60.06 62.18
N VAL F 138 -30.88 -60.00 63.26
CA VAL F 138 -31.74 -61.13 63.65
C VAL F 138 -32.81 -61.39 62.60
N ALA F 139 -33.44 -60.32 62.11
CA ALA F 139 -34.51 -60.45 61.14
C ALA F 139 -34.02 -60.99 59.80
N ALA F 140 -32.85 -60.52 59.36
CA ALA F 140 -32.29 -60.95 58.09
C ALA F 140 -31.72 -62.36 58.17
N TYR F 141 -31.09 -62.66 59.31
CA TYR F 141 -30.51 -63.98 59.56
C TYR F 141 -31.57 -65.07 59.46
N ARG F 142 -32.74 -64.79 60.01
CA ARG F 142 -33.84 -65.74 60.01
C ARG F 142 -34.44 -65.85 58.61
N GLU F 143 -34.54 -64.73 57.90
CA GLU F 143 -35.05 -64.74 56.54
C GLU F 143 -34.08 -65.45 55.60
N LEU F 144 -32.80 -65.37 55.91
CA LEU F 144 -31.78 -66.08 55.14
C LEU F 144 -31.98 -67.59 55.25
N LEU F 145 -32.17 -68.06 56.47
CA LEU F 145 -32.34 -69.49 56.73
C LEU F 145 -33.70 -69.99 56.26
N ASN F 146 -34.67 -69.08 56.21
CA ASN F 146 -36.03 -69.45 55.82
C ASN F 146 -36.22 -69.51 54.31
N GLY F 147 -35.57 -68.60 53.60
CA GLY F 147 -35.71 -68.54 52.15
C GLY F 147 -36.61 -67.40 51.72
N GLU F 148 -36.73 -66.40 52.59
CA GLU F 148 -37.56 -65.23 52.30
C GLU F 148 -36.72 -64.03 51.90
N LEU F 149 -35.42 -64.26 51.75
CA LEU F 149 -34.49 -63.18 51.39
C LEU F 149 -34.35 -63.03 49.88
N VAL F 150 -34.29 -64.15 49.17
CA VAL F 150 -34.11 -64.13 47.72
C VAL F 150 -35.24 -64.89 47.02
N ASP F 151 -35.24 -64.85 45.69
CA ASP F 151 -36.20 -65.61 44.91
C ASP F 151 -35.50 -66.58 43.95
N GLU G 1 32.98 -87.75 44.24
CA GLU G 1 32.98 -87.82 42.79
C GLU G 1 32.19 -89.01 42.29
N LEU G 2 31.33 -88.78 41.31
CA LEU G 2 30.53 -89.84 40.72
C LEU G 2 30.82 -89.98 39.23
N SER G 3 30.96 -91.22 38.77
CA SER G 3 31.21 -91.49 37.36
C SER G 3 30.01 -91.10 36.51
N PRO G 4 30.20 -90.13 35.60
CA PRO G 4 29.11 -89.63 34.75
C PRO G 4 28.54 -90.74 33.88
N SER G 5 29.41 -91.56 33.30
CA SER G 5 28.99 -92.65 32.42
C SER G 5 28.10 -93.66 33.15
N LEU G 6 28.50 -94.02 34.37
CA LEU G 6 27.74 -95.00 35.15
C LEU G 6 26.37 -94.46 35.55
N VAL G 7 26.34 -93.20 35.98
CA VAL G 7 25.09 -92.57 36.38
C VAL G 7 24.13 -92.42 35.20
N ILE G 8 24.65 -91.91 34.09
CA ILE G 8 23.85 -91.72 32.89
C ILE G 8 23.31 -93.03 32.33
N SER G 9 24.20 -94.01 32.18
CA SER G 9 23.81 -95.31 31.64
C SER G 9 22.82 -96.04 32.55
N LEU G 10 23.05 -95.97 33.86
CA LEU G 10 22.16 -96.62 34.82
C LEU G 10 20.79 -95.95 34.85
N SER G 11 20.79 -94.62 34.76
CA SER G 11 19.56 -93.84 34.76
C SER G 11 18.74 -94.14 33.50
N THR G 12 19.38 -94.02 32.34
CA THR G 12 18.76 -94.31 31.06
C THR G 12 18.24 -95.75 31.02
N GLY G 13 19.01 -96.67 31.60
CA GLY G 13 18.63 -98.06 31.69
C GLY G 13 17.37 -98.23 32.51
N LEU G 14 17.32 -97.56 33.66
CA LEU G 14 16.14 -97.63 34.53
C LEU G 14 14.91 -97.07 33.83
N SER G 15 15.08 -95.95 33.13
CA SER G 15 13.96 -95.32 32.44
C SER G 15 13.44 -96.21 31.31
N LEU G 16 14.34 -96.70 30.47
CA LEU G 16 13.97 -97.58 29.36
C LEU G 16 13.34 -98.88 29.84
N PHE G 17 13.83 -99.39 30.96
CA PHE G 17 13.26 -100.59 31.58
C PHE G 17 11.84 -100.31 32.03
N LEU G 18 11.66 -99.17 32.69
CA LEU G 18 10.36 -98.77 33.20
C LEU G 18 9.36 -98.58 32.07
N GLY G 19 9.83 -98.04 30.94
CA GLY G 19 8.96 -97.81 29.80
C GLY G 19 8.66 -99.06 29.02
N ARG G 20 9.59 -100.01 29.05
CA ARG G 20 9.46 -101.25 28.30
C ARG G 20 8.61 -102.28 29.04
N PHE G 21 8.64 -102.23 30.37
CA PHE G 21 8.01 -103.29 31.15
C PHE G 21 6.86 -102.85 32.06
N VAL G 22 7.07 -101.79 32.84
CA VAL G 22 6.13 -101.46 33.91
C VAL G 22 5.11 -100.37 33.57
N PHE G 23 5.41 -99.51 32.61
CA PHE G 23 4.49 -98.42 32.25
C PHE G 23 4.02 -98.47 30.80
N PHE G 24 4.37 -99.55 30.10
CA PHE G 24 4.09 -99.65 28.67
C PHE G 24 2.60 -99.71 28.35
N ASN G 25 1.88 -100.62 29.01
CA ASN G 25 0.46 -100.82 28.77
C ASN G 25 -0.36 -99.56 29.04
N PHE G 26 -0.07 -98.92 30.18
CA PHE G 26 -0.77 -97.71 30.59
C PHE G 26 -0.58 -96.58 29.57
N GLN G 27 0.67 -96.37 29.16
CA GLN G 27 1.00 -95.35 28.18
C GLN G 27 0.26 -95.63 26.88
N ARG G 28 0.37 -96.86 26.38
CA ARG G 28 -0.28 -97.25 25.12
C ARG G 28 -1.79 -97.07 25.20
N GLU G 29 -2.36 -97.29 26.38
CA GLU G 29 -3.80 -97.15 26.60
C GLU G 29 -4.24 -95.69 26.54
N ASN G 30 -3.54 -94.84 27.28
CA ASN G 30 -3.84 -93.41 27.28
C ASN G 30 -3.65 -92.79 25.91
N VAL G 31 -2.60 -93.22 25.20
CA VAL G 31 -2.40 -92.77 23.82
C VAL G 31 -3.55 -93.24 22.96
N ALA G 32 -4.02 -94.47 23.22
CA ALA G 32 -5.16 -95.01 22.49
C ALA G 32 -6.41 -94.15 22.70
N LYS G 33 -6.53 -93.56 23.89
CA LYS G 33 -7.68 -92.71 24.18
C LYS G 33 -7.61 -91.29 23.58
N GLN G 34 -6.43 -90.87 23.12
CA GLN G 34 -6.26 -89.51 22.63
C GLN G 34 -5.65 -89.41 21.21
N VAL G 35 -6.18 -88.50 20.40
CA VAL G 35 -5.62 -88.19 19.08
C VAL G 35 -6.11 -86.83 18.57
N PRO G 36 -5.18 -85.93 18.22
CA PRO G 36 -5.51 -84.55 17.84
C PRO G 36 -6.37 -84.42 16.60
N GLU G 37 -7.43 -83.63 16.67
CA GLU G 37 -8.35 -83.44 15.56
C GLU G 37 -9.06 -82.08 15.60
N GLN G 38 -9.39 -81.57 14.41
CA GLN G 38 -10.12 -80.31 14.26
C GLN G 38 -11.46 -80.57 13.58
N ASN G 39 -12.54 -80.16 14.24
CA ASN G 39 -13.89 -80.36 13.71
C ASN G 39 -14.20 -81.82 13.37
N GLY G 40 -13.88 -82.73 14.28
CA GLY G 40 -14.20 -84.13 14.09
C GLY G 40 -13.12 -84.93 13.38
N LEU G 41 -12.74 -84.46 12.19
CA LEU G 41 -11.71 -85.13 11.41
C LEU G 41 -10.33 -84.75 11.94
N THR G 42 -9.33 -85.62 11.71
CA THR G 42 -7.98 -85.34 12.17
C THR G 42 -7.33 -84.23 11.34
N HIS G 43 -6.10 -83.87 11.70
CA HIS G 43 -5.38 -82.81 11.02
C HIS G 43 -5.05 -83.18 9.57
N PHE G 44 -4.84 -84.47 9.33
CA PHE G 44 -4.51 -84.94 7.98
C PHE G 44 -5.74 -85.12 7.11
N GLU G 45 -6.88 -85.43 7.72
CA GLU G 45 -8.12 -85.58 6.98
C GLU G 45 -8.72 -84.23 6.62
N ALA G 46 -8.30 -83.19 7.34
CA ALA G 46 -8.81 -81.84 7.14
C ALA G 46 -8.65 -81.18 5.75
N GLY G 47 -7.47 -81.25 5.11
CA GLY G 47 -6.30 -81.95 5.59
C GLY G 47 -4.98 -81.27 5.30
N ASP G 48 -4.14 -81.20 6.32
CA ASP G 48 -2.78 -80.72 6.17
C ASP G 48 -1.89 -81.89 5.79
N THR G 49 -1.24 -81.78 4.64
CA THR G 49 -0.41 -82.87 4.10
C THR G 49 0.78 -83.20 4.98
N ARG G 50 1.17 -82.25 5.83
CA ARG G 50 2.33 -82.41 6.69
C ARG G 50 1.97 -82.91 8.08
N ALA G 51 0.73 -83.36 8.24
CA ALA G 51 0.25 -83.83 9.54
C ALA G 51 -0.04 -85.33 9.57
N LYS G 52 0.40 -86.04 8.54
CA LYS G 52 0.20 -87.48 8.50
C LYS G 52 1.13 -88.20 9.48
N GLU G 53 0.58 -89.14 10.23
CA GLU G 53 1.35 -89.93 11.18
C GLU G 53 2.30 -90.87 10.47
N TYR G 54 3.57 -90.87 10.89
CA TYR G 54 4.59 -91.70 10.26
C TYR G 54 4.38 -93.18 10.61
N VAL G 55 3.98 -93.96 9.60
CA VAL G 55 3.73 -95.39 9.80
C VAL G 55 5.02 -96.19 9.76
N SER G 56 5.91 -95.81 8.86
CA SER G 56 7.18 -96.52 8.66
C SER G 56 8.09 -96.42 9.88
N LEU G 57 8.26 -95.21 10.39
CA LEU G 57 9.18 -94.95 11.49
C LEU G 57 8.71 -95.62 12.79
N LEU G 58 7.40 -95.71 12.98
CA LEU G 58 6.83 -96.29 14.19
C LEU G 58 6.86 -97.83 14.19
N LYS G 59 7.16 -98.43 13.03
CA LYS G 59 7.21 -99.87 12.92
C LYS G 59 8.37 -100.49 13.70
N SER G 60 8.09 -101.62 14.36
CA SER G 60 9.11 -102.31 15.13
C SER G 60 8.79 -103.80 15.26
N ASN G 61 9.84 -104.63 15.21
CA ASN G 61 9.68 -106.07 15.36
C ASN G 61 9.77 -106.50 16.82
N ASP G 62 9.73 -105.53 17.72
CA ASP G 62 9.74 -105.81 19.14
C ASP G 62 8.43 -106.48 19.56
N PRO G 63 8.53 -107.51 20.42
CA PRO G 63 7.40 -108.29 20.92
C PRO G 63 6.17 -107.47 21.33
N VAL G 64 6.39 -106.33 21.99
CA VAL G 64 5.27 -105.50 22.43
C VAL G 64 5.01 -104.32 21.50
N GLY G 65 6.04 -103.90 20.76
CA GLY G 65 5.90 -102.79 19.83
C GLY G 65 6.72 -101.59 20.24
N PHE G 66 7.68 -101.82 21.14
CA PHE G 66 8.56 -100.76 21.62
C PHE G 66 9.43 -100.23 20.49
N ASN G 67 9.12 -99.05 19.97
CA ASN G 67 9.82 -98.50 18.81
C ASN G 67 10.87 -97.44 19.14
N ILE G 68 11.39 -96.80 18.10
CA ILE G 68 12.41 -95.77 18.25
C ILE G 68 11.91 -94.57 19.05
N VAL G 69 10.64 -94.22 18.85
CA VAL G 69 10.06 -93.05 19.52
C VAL G 69 10.04 -93.22 21.04
N ASP G 70 9.60 -94.39 21.51
CA ASP G 70 9.58 -94.69 22.94
C ASP G 70 11.00 -94.67 23.51
N VAL G 71 11.95 -95.14 22.71
CA VAL G 71 13.36 -95.11 23.08
C VAL G 71 13.83 -93.67 23.28
N LEU G 72 13.48 -92.80 22.35
CA LEU G 72 13.83 -91.38 22.46
C LEU G 72 13.17 -90.72 23.67
N ALA G 73 11.91 -91.08 23.94
CA ALA G 73 11.17 -90.48 25.03
C ALA G 73 11.73 -90.88 26.39
N TRP G 74 11.65 -92.18 26.70
CA TRP G 74 12.13 -92.68 27.97
C TRP G 74 13.64 -92.43 28.12
N GLY G 75 14.35 -92.43 27.00
CA GLY G 75 15.76 -92.12 27.00
C GLY G 75 15.97 -90.67 27.42
N SER G 76 15.13 -89.79 26.91
CA SER G 76 15.17 -88.38 27.28
C SER G 76 14.95 -88.21 28.77
N ILE G 77 13.90 -88.85 29.30
CA ILE G 77 13.63 -88.80 30.73
C ILE G 77 14.84 -89.29 31.52
N GLY G 78 15.43 -90.39 31.05
CA GLY G 78 16.61 -90.96 31.68
C GLY G 78 17.77 -89.99 31.76
N HIS G 79 18.13 -89.39 30.64
CA HIS G 79 19.22 -88.41 30.60
C HIS G 79 18.92 -87.21 31.49
N ILE G 80 17.66 -86.78 31.50
CA ILE G 80 17.25 -85.65 32.34
C ILE G 80 17.48 -85.95 33.81
N VAL G 81 16.98 -87.10 34.26
CA VAL G 81 17.16 -87.53 35.64
C VAL G 81 18.66 -87.66 35.97
N ALA G 82 19.40 -88.26 35.05
CA ALA G 82 20.84 -88.45 35.21
C ALA G 82 21.58 -87.14 35.45
N TYR G 83 21.40 -86.19 34.53
CA TYR G 83 22.07 -84.91 34.65
C TYR G 83 21.57 -84.09 35.84
N TYR G 84 20.33 -84.32 36.23
CA TYR G 84 19.81 -83.72 37.45
C TYR G 84 20.63 -84.22 38.64
N ILE G 85 20.76 -85.54 38.76
CA ILE G 85 21.53 -86.15 39.84
C ILE G 85 22.99 -85.69 39.84
N LEU G 86 23.59 -85.66 38.66
CA LEU G 86 24.98 -85.25 38.53
C LEU G 86 25.19 -83.79 38.97
N ALA G 87 24.42 -82.88 38.38
CA ALA G 87 24.55 -81.47 38.69
C ALA G 87 24.28 -81.20 40.16
N THR G 88 23.27 -81.91 40.69
CA THR G 88 22.87 -81.76 42.09
C THR G 88 23.97 -82.22 43.05
N THR G 89 24.54 -83.38 42.77
CA THR G 89 25.58 -83.91 43.64
C THR G 89 26.90 -83.16 43.46
N SER G 90 27.00 -82.42 42.36
CA SER G 90 28.20 -81.65 42.08
C SER G 90 28.30 -80.38 42.94
N ASN G 91 27.16 -79.76 43.22
CA ASN G 91 27.16 -78.50 43.97
C ASN G 91 27.47 -78.68 45.45
N GLY G 92 27.82 -77.58 46.12
CA GLY G 92 28.13 -77.62 47.54
C GLY G 92 27.02 -77.02 48.37
N TYR G 93 25.78 -77.23 47.92
CA TYR G 93 24.61 -76.66 48.60
C TYR G 93 24.37 -77.30 49.96
N ASP G 94 24.11 -76.46 50.95
CA ASP G 94 23.85 -76.91 52.31
C ASP G 94 22.76 -76.06 52.97
N PRO G 95 21.61 -76.67 53.28
CA PRO G 95 20.49 -75.98 53.92
C PRO G 95 20.54 -76.10 55.45
N SER H 1 -45.72 -19.33 -19.13
CA SER H 1 -45.67 -18.95 -17.73
C SER H 1 -45.37 -20.14 -16.82
N VAL H 2 -44.87 -21.21 -17.42
CA VAL H 2 -44.49 -22.41 -16.68
C VAL H 2 -42.98 -22.65 -16.76
N TYR H 3 -42.47 -23.53 -15.92
CA TYR H 3 -41.04 -23.82 -15.89
C TYR H 3 -40.72 -25.32 -15.91
N PHE H 4 -41.60 -26.09 -16.54
CA PHE H 4 -41.40 -27.53 -16.66
C PHE H 4 -41.59 -28.00 -18.10
N ASP H 5 -40.54 -28.59 -18.66
CA ASP H 5 -40.57 -29.07 -20.04
C ASP H 5 -39.71 -30.32 -20.19
N LEU H 6 -40.33 -31.43 -20.60
CA LEU H 6 -39.61 -32.68 -20.76
C LEU H 6 -38.64 -32.62 -21.93
N GLU H 7 -39.04 -31.92 -23.00
CA GLU H 7 -38.18 -31.76 -24.17
C GLU H 7 -36.98 -30.88 -23.86
N ASP H 8 -37.17 -29.92 -22.95
CA ASP H 8 -36.09 -29.03 -22.54
C ASP H 8 -35.84 -29.15 -21.04
N LEU H 9 -35.09 -30.18 -20.66
CA LEU H 9 -34.76 -30.40 -19.26
C LEU H 9 -33.68 -29.43 -18.80
N GLY H 10 -33.01 -28.80 -19.76
CA GLY H 10 -31.96 -27.84 -19.46
C GLY H 10 -32.50 -26.60 -18.77
N ASN H 11 -33.50 -25.97 -19.38
CA ASN H 11 -34.13 -24.78 -18.81
C ASN H 11 -34.95 -25.11 -17.57
N THR H 12 -35.45 -26.33 -17.51
CA THR H 12 -36.26 -26.80 -16.39
C THR H 12 -35.47 -26.81 -15.08
N THR H 13 -34.21 -27.21 -15.16
CA THR H 13 -33.37 -27.35 -13.97
C THR H 13 -32.30 -26.28 -13.87
N GLY H 14 -32.50 -25.18 -14.58
CA GLY H 14 -31.62 -24.03 -14.50
C GLY H 14 -30.18 -24.27 -14.88
N GLN H 15 -29.95 -25.12 -15.87
CA GLN H 15 -28.59 -25.42 -16.32
C GLN H 15 -28.09 -24.33 -17.27
N TRP H 16 -27.97 -23.11 -16.75
CA TRP H 16 -27.61 -21.98 -17.59
C TRP H 16 -26.16 -21.54 -17.37
N ASP H 17 -25.62 -20.87 -18.38
CA ASP H 17 -24.30 -20.27 -18.27
C ASP H 17 -24.50 -18.80 -17.92
N SER H 18 -24.38 -18.48 -16.64
CA SER H 18 -24.73 -17.15 -16.13
C SER H 18 -23.85 -16.02 -16.68
N TYR H 19 -22.56 -16.30 -16.88
CA TYR H 19 -21.64 -15.23 -17.25
C TYR H 19 -20.74 -15.58 -18.44
N GLY H 20 -20.96 -16.74 -19.06
CA GLY H 20 -20.18 -17.15 -20.21
C GLY H 20 -20.55 -16.40 -21.48
N SER H 21 -19.56 -15.77 -22.11
CA SER H 21 -19.79 -14.96 -23.30
C SER H 21 -19.28 -15.63 -24.59
N ASP H 22 -20.11 -15.59 -25.63
CA ASP H 22 -19.79 -16.22 -26.91
C ASP H 22 -18.83 -15.39 -27.75
N ALA H 23 -18.33 -14.29 -27.19
CA ALA H 23 -17.41 -13.40 -27.89
C ALA H 23 -16.16 -14.13 -28.40
N PRO H 24 -15.64 -13.71 -29.56
CA PRO H 24 -14.41 -14.28 -30.11
C PRO H 24 -13.19 -13.83 -29.32
N SER H 25 -12.02 -14.40 -29.63
CA SER H 25 -10.80 -14.08 -28.89
C SER H 25 -10.46 -12.60 -28.97
N PRO H 26 -10.41 -11.93 -27.80
CA PRO H 26 -10.06 -10.52 -27.71
C PRO H 26 -8.56 -10.33 -27.54
N TYR H 27 -7.81 -11.43 -27.58
CA TYR H 27 -6.39 -11.39 -27.28
C TYR H 27 -5.52 -10.97 -28.46
N ASN H 28 -4.26 -10.68 -28.16
CA ASN H 28 -3.30 -10.26 -29.16
C ASN H 28 -2.89 -11.42 -30.06
N PRO H 29 -3.17 -11.30 -31.37
CA PRO H 29 -2.90 -12.34 -32.37
C PRO H 29 -1.45 -12.81 -32.38
N LEU H 30 -0.51 -11.87 -32.35
CA LEU H 30 0.91 -12.21 -32.32
C LEU H 30 1.26 -12.93 -31.02
N GLN H 31 0.80 -12.37 -29.90
CA GLN H 31 0.98 -13.00 -28.59
C GLN H 31 0.25 -14.34 -28.55
N SER H 32 -0.89 -14.42 -29.23
CA SER H 32 -1.65 -15.67 -29.31
C SER H 32 -0.81 -16.76 -29.98
N LYS H 33 -0.15 -16.41 -31.09
CA LYS H 33 0.73 -17.36 -31.77
C LYS H 33 1.92 -17.71 -30.89
N LEU H 34 2.47 -16.69 -30.23
CA LEU H 34 3.60 -16.87 -29.32
C LEU H 34 3.31 -17.90 -28.25
N PHE H 35 2.16 -17.75 -27.59
CA PHE H 35 1.78 -18.65 -26.52
C PHE H 35 1.35 -20.02 -27.05
N GLU H 36 0.67 -20.03 -28.19
CA GLU H 36 0.22 -21.29 -28.78
C GLU H 36 1.39 -22.15 -29.28
N THR H 37 2.53 -21.52 -29.53
CA THR H 37 3.71 -22.27 -29.95
C THR H 37 4.68 -22.57 -28.79
N PHE H 38 4.82 -21.62 -27.87
CA PHE H 38 5.80 -21.75 -26.79
C PHE H 38 5.28 -22.44 -25.52
N ALA H 39 3.97 -22.34 -25.28
CA ALA H 39 3.37 -22.97 -24.09
C ALA H 39 2.81 -24.35 -24.39
N ALA H 40 2.88 -24.76 -25.66
CA ALA H 40 2.39 -26.07 -26.09
C ALA H 40 2.94 -27.30 -25.34
N PRO H 41 4.26 -27.36 -25.07
CA PRO H 41 4.80 -28.54 -24.39
C PRO H 41 4.12 -28.87 -23.05
N PHE H 42 3.55 -27.86 -22.40
CA PHE H 42 2.94 -28.05 -21.10
C PHE H 42 1.45 -28.32 -21.18
N THR H 43 0.95 -28.55 -22.39
CA THR H 43 -0.48 -28.80 -22.57
C THR H 43 -0.84 -30.29 -22.58
N LYS H 44 0.17 -31.14 -22.38
CA LYS H 44 -0.06 -32.56 -22.21
C LYS H 44 0.01 -32.90 -20.72
N ARG H 45 -1.13 -33.26 -20.14
CA ARG H 45 -1.26 -33.33 -18.68
C ARG H 45 -0.37 -34.37 -18.01
N GLY H 46 -0.15 -35.51 -18.67
CA GLY H 46 0.72 -36.53 -18.14
C GLY H 46 2.16 -36.06 -18.15
N LEU H 47 2.60 -35.56 -19.30
CA LEU H 47 3.95 -35.03 -19.46
C LEU H 47 4.17 -33.84 -18.53
N LEU H 48 3.14 -33.01 -18.38
CA LEU H 48 3.22 -31.85 -17.49
C LEU H 48 3.35 -32.30 -16.04
N LEU H 49 2.63 -33.35 -15.67
CA LEU H 49 2.70 -33.88 -14.32
C LEU H 49 4.10 -34.41 -14.02
N LYS H 50 4.62 -35.21 -14.94
CA LYS H 50 5.96 -35.77 -14.80
C LYS H 50 7.01 -34.65 -14.71
N PHE H 51 6.87 -33.64 -15.56
CA PHE H 51 7.80 -32.52 -15.59
C PHE H 51 7.76 -31.68 -14.32
N LEU H 52 6.55 -31.44 -13.81
CA LEU H 52 6.39 -30.63 -12.61
C LEU H 52 6.89 -31.34 -11.37
N ILE H 53 6.59 -32.64 -11.28
CA ILE H 53 7.06 -33.45 -10.15
C ILE H 53 8.59 -33.63 -10.16
N LEU H 54 9.11 -34.18 -11.25
CA LEU H 54 10.54 -34.45 -11.34
C LEU H 54 11.37 -33.17 -11.34
N GLY H 55 10.92 -32.20 -12.13
CA GLY H 55 11.59 -30.91 -12.22
C GLY H 55 11.52 -30.14 -10.92
N GLY H 56 10.36 -30.16 -10.28
CA GLY H 56 10.17 -29.49 -9.00
C GLY H 56 11.03 -30.09 -7.91
N GLY H 57 11.07 -31.43 -7.87
CA GLY H 57 11.89 -32.13 -6.90
C GLY H 57 13.37 -31.85 -7.14
N SER H 58 13.74 -31.81 -8.42
CA SER H 58 15.12 -31.54 -8.79
C SER H 58 15.55 -30.14 -8.38
N THR H 59 14.67 -29.17 -8.60
CA THR H 59 14.93 -27.78 -8.24
C THR H 59 15.04 -27.62 -6.74
N LEU H 60 14.08 -28.19 -6.03
CA LEU H 60 14.08 -28.18 -4.57
C LEU H 60 15.38 -28.76 -4.03
N ALA H 61 15.78 -29.91 -4.58
CA ALA H 61 17.01 -30.57 -4.17
C ALA H 61 18.23 -29.70 -4.45
N TYR H 62 18.19 -28.98 -5.57
CA TYR H 62 19.29 -28.09 -5.94
C TYR H 62 19.43 -26.97 -4.92
N LEU H 63 18.39 -26.15 -4.78
CA LEU H 63 18.43 -25.00 -3.88
C LEU H 63 18.63 -25.41 -2.42
N SER H 64 18.21 -26.62 -2.08
CA SER H 64 18.40 -27.14 -0.73
C SER H 64 19.85 -27.55 -0.47
N ALA H 65 20.40 -28.35 -1.37
CA ALA H 65 21.76 -28.88 -1.21
C ALA H 65 22.82 -27.79 -1.27
N THR H 66 22.47 -26.65 -1.86
CA THR H 66 23.43 -25.56 -2.06
C THR H 66 23.03 -24.29 -1.32
N ALA H 67 22.25 -24.44 -0.26
CA ALA H 67 21.80 -23.28 0.51
C ALA H 67 22.94 -22.68 1.32
N SER H 68 23.13 -21.38 1.18
CA SER H 68 24.20 -20.68 1.89
C SER H 68 23.94 -20.63 3.39
N GLY H 69 25.00 -20.39 4.15
CA GLY H 69 24.89 -20.28 5.59
C GLY H 69 24.29 -18.95 6.02
N ASP H 70 24.32 -17.98 5.12
CA ASP H 70 23.78 -16.65 5.39
C ASP H 70 22.27 -16.63 5.20
N ILE H 71 21.73 -17.71 4.67
CA ILE H 71 20.29 -17.83 4.47
C ILE H 71 19.67 -18.74 5.52
N LEU H 72 20.25 -19.94 5.69
CA LEU H 72 19.73 -20.91 6.64
C LEU H 72 20.65 -21.09 7.84
N PRO H 73 20.16 -20.76 9.04
CA PRO H 73 20.90 -20.95 10.30
C PRO H 73 21.22 -22.42 10.57
N ILE H 74 20.48 -23.32 9.94
CA ILE H 74 20.69 -24.76 10.11
C ILE H 74 21.95 -25.23 9.38
N THR H 75 22.32 -24.53 8.31
CA THR H 75 23.51 -24.89 7.56
C THR H 75 24.74 -24.20 8.15
N ARG H 76 24.53 -23.03 8.73
CA ARG H 76 25.61 -22.28 9.38
C ARG H 76 26.12 -23.05 10.60
N GLY H 77 25.20 -23.72 11.30
CA GLY H 77 25.58 -24.51 12.46
C GLY H 77 25.86 -23.66 13.68
N PRO H 78 26.18 -24.30 14.80
CA PRO H 78 26.46 -23.57 16.04
C PRO H 78 27.73 -22.73 15.94
N GLN H 79 27.75 -21.57 16.58
CA GLN H 79 28.93 -20.70 16.55
C GLN H 79 29.41 -20.36 17.95
N GLN H 80 28.61 -20.70 18.95
CA GLN H 80 28.98 -20.48 20.34
C GLN H 80 29.42 -21.79 20.97
N PRO H 81 30.27 -21.72 22.01
CA PRO H 81 30.71 -22.93 22.71
C PRO H 81 29.54 -23.65 23.36
N PRO H 82 29.60 -24.99 23.41
CA PRO H 82 28.51 -25.79 23.97
C PRO H 82 28.39 -25.63 25.48
N LYS H 83 27.17 -25.70 25.99
CA LYS H 83 26.91 -25.62 27.42
C LYS H 83 26.80 -27.02 28.00
N LEU H 84 27.18 -27.17 29.26
CA LEU H 84 27.15 -28.47 29.91
C LEU H 84 25.74 -28.82 30.36
N GLY H 85 25.42 -30.10 30.37
CA GLY H 85 24.11 -30.57 30.78
C GLY H 85 23.86 -30.43 32.27
N PRO H 86 22.63 -30.72 32.71
CA PRO H 86 22.17 -30.53 34.10
C PRO H 86 23.00 -31.27 35.14
N ARG H 87 23.40 -32.51 34.86
CA ARG H 87 24.09 -33.32 35.86
C ARG H 87 25.57 -33.50 35.54
N GLY H 88 26.17 -32.46 34.95
CA GLY H 88 27.57 -32.53 34.54
C GLY H 88 27.77 -33.37 33.30
N LYS H 89 26.68 -33.57 32.54
CA LYS H 89 26.72 -34.39 31.33
C LYS H 89 27.00 -33.58 30.08
N ILE H 90 27.80 -34.15 29.18
CA ILE H 90 28.19 -33.46 27.94
C ILE H 90 26.99 -33.17 27.05
N ILE I 1 25.32 -33.43 7.81
CA ILE I 1 24.60 -32.22 7.44
C ILE I 1 24.44 -32.13 5.92
N ASN I 2 25.35 -32.76 5.19
CA ASN I 2 25.29 -32.78 3.73
C ASN I 2 24.05 -33.54 3.24
N LEU I 3 23.99 -34.83 3.55
CA LEU I 3 22.85 -35.66 3.18
C LEU I 3 21.48 -35.19 3.71
N PRO I 4 21.39 -34.79 5.00
CA PRO I 4 20.10 -34.30 5.50
C PRO I 4 19.50 -33.16 4.67
N SER I 5 20.34 -32.28 4.14
CA SER I 5 19.85 -31.19 3.31
C SER I 5 19.24 -31.73 2.02
N LEU I 6 19.57 -32.96 1.67
CA LEU I 6 19.03 -33.61 0.49
C LEU I 6 17.83 -34.49 0.84
N PHE I 7 17.99 -35.34 1.85
CA PHE I 7 16.95 -36.30 2.21
C PHE I 7 15.75 -35.70 2.94
N VAL I 8 15.98 -34.71 3.80
CA VAL I 8 14.87 -34.11 4.55
C VAL I 8 13.82 -33.44 3.67
N PRO I 9 14.24 -32.54 2.75
CA PRO I 9 13.21 -31.97 1.87
C PRO I 9 12.64 -33.01 0.92
N LEU I 10 13.40 -34.07 0.69
CA LEU I 10 12.96 -35.15 -0.20
C LEU I 10 11.79 -35.90 0.44
N VAL I 11 11.94 -36.26 1.71
CA VAL I 11 10.94 -37.03 2.43
C VAL I 11 9.83 -36.13 2.99
N GLY I 12 10.16 -34.87 3.27
CA GLY I 12 9.21 -33.96 3.88
C GLY I 12 8.35 -33.17 2.90
N LEU I 13 8.80 -33.06 1.64
CA LEU I 13 8.08 -32.26 0.66
C LEU I 13 7.76 -33.03 -0.63
N LEU I 14 8.79 -33.63 -1.23
CA LEU I 14 8.62 -34.34 -2.49
C LEU I 14 7.81 -35.64 -2.32
N PHE I 15 8.27 -36.50 -1.42
CA PHE I 15 7.57 -37.75 -1.12
C PHE I 15 6.08 -37.58 -0.77
N PRO I 16 5.75 -36.68 0.16
CA PRO I 16 4.31 -36.57 0.45
C PRO I 16 3.51 -35.97 -0.70
N ALA I 17 4.15 -35.16 -1.54
CA ALA I 17 3.47 -34.62 -2.72
C ALA I 17 3.17 -35.73 -3.72
N VAL I 18 4.18 -36.53 -4.02
CA VAL I 18 4.04 -37.65 -4.94
C VAL I 18 2.98 -38.62 -4.43
N ALA I 19 3.07 -38.96 -3.14
CA ALA I 19 2.17 -39.91 -2.52
C ALA I 19 0.73 -39.39 -2.48
N MET I 20 0.56 -38.12 -2.12
CA MET I 20 -0.78 -37.55 -2.06
C MET I 20 -1.43 -37.43 -3.44
N ALA I 21 -0.63 -37.06 -4.44
CA ALA I 21 -1.13 -36.97 -5.80
C ALA I 21 -1.55 -38.36 -6.29
N SER I 22 -0.67 -39.32 -6.08
CA SER I 22 -0.91 -40.70 -6.50
C SER I 22 -2.18 -41.26 -5.85
N LEU I 23 -2.27 -41.11 -4.54
CA LEU I 23 -3.42 -41.59 -3.79
C LEU I 23 -4.70 -40.87 -4.21
N PHE I 24 -4.59 -39.58 -4.49
CA PHE I 24 -5.72 -38.81 -4.98
C PHE I 24 -6.25 -39.39 -6.27
N LEU I 25 -5.37 -39.55 -7.25
CA LEU I 25 -5.76 -40.12 -8.55
C LEU I 25 -6.32 -41.53 -8.39
N HIS I 26 -5.72 -42.32 -7.50
CA HIS I 26 -6.15 -43.70 -7.28
C HIS I 26 -7.57 -43.76 -6.70
N VAL I 27 -7.81 -42.93 -5.69
CA VAL I 27 -9.10 -42.89 -5.01
C VAL I 27 -10.20 -42.26 -5.88
N GLU I 28 -9.80 -41.35 -6.78
CA GLU I 28 -10.78 -40.69 -7.64
C GLU I 28 -11.19 -41.54 -8.84
N LYS I 29 -10.34 -42.48 -9.24
CA LYS I 29 -10.62 -43.35 -10.38
C LYS I 29 -11.81 -44.25 -10.11
N MET J 1 -56.11 -29.78 54.10
CA MET J 1 -55.20 -30.16 55.17
C MET J 1 -54.61 -31.55 54.92
N ARG J 2 -55.46 -32.49 54.52
CA ARG J 2 -55.00 -33.82 54.16
C ARG J 2 -54.11 -33.72 52.93
N ASP J 3 -54.48 -32.84 52.02
CA ASP J 3 -53.70 -32.60 50.81
C ASP J 3 -52.35 -31.97 51.16
N LEU J 4 -52.36 -31.07 52.13
CA LEU J 4 -51.13 -30.43 52.59
C LEU J 4 -50.19 -31.45 53.23
N LYS J 5 -50.75 -32.34 54.02
CA LYS J 5 -50.00 -33.42 54.64
C LYS J 5 -49.41 -34.35 53.59
N THR J 6 -50.21 -34.63 52.56
CA THR J 6 -49.77 -35.45 51.43
C THR J 6 -48.61 -34.78 50.73
N TYR J 7 -48.69 -33.47 50.56
CA TYR J 7 -47.61 -32.70 49.97
C TYR J 7 -46.36 -32.77 50.85
N LEU J 8 -46.54 -32.68 52.16
CA LEU J 8 -45.42 -32.76 53.09
C LEU J 8 -44.79 -34.15 53.06
N SER J 9 -45.54 -35.13 52.58
CA SER J 9 -45.05 -36.50 52.48
C SER J 9 -44.42 -36.80 51.12
N VAL J 10 -44.36 -35.79 50.25
CA VAL J 10 -43.78 -35.98 48.92
C VAL J 10 -42.25 -36.11 49.01
N ALA J 11 -41.65 -36.77 48.03
CA ALA J 11 -40.24 -37.13 48.07
C ALA J 11 -39.25 -36.00 48.39
N PRO J 12 -39.33 -34.86 47.68
CA PRO J 12 -38.35 -33.80 47.99
C PRO J 12 -38.52 -33.17 49.38
N VAL J 13 -39.75 -33.00 49.83
CA VAL J 13 -39.99 -32.43 51.15
C VAL J 13 -39.53 -33.40 52.24
N VAL J 14 -39.92 -34.66 52.09
CA VAL J 14 -39.50 -35.71 53.00
C VAL J 14 -37.97 -35.77 53.08
N SER J 15 -37.32 -35.64 51.93
CA SER J 15 -35.86 -35.66 51.89
C SER J 15 -35.25 -34.44 52.56
N THR J 16 -35.82 -33.27 52.35
CA THR J 16 -35.31 -32.05 52.99
C THR J 16 -35.41 -32.15 54.51
N LEU J 17 -36.54 -32.64 55.00
CA LEU J 17 -36.74 -32.76 56.44
C LEU J 17 -35.86 -33.85 57.05
N TRP J 18 -35.76 -34.98 56.37
CA TRP J 18 -34.96 -36.11 56.83
C TRP J 18 -33.47 -35.77 56.88
N PHE J 19 -32.96 -35.22 55.79
CA PHE J 19 -31.55 -34.85 55.71
C PHE J 19 -31.25 -33.61 56.56
N GLY J 20 -32.29 -32.82 56.83
CA GLY J 20 -32.16 -31.68 57.71
C GLY J 20 -31.97 -32.16 59.15
N ALA J 21 -32.80 -33.11 59.54
CA ALA J 21 -32.71 -33.74 60.85
C ALA J 21 -31.36 -34.44 61.02
N LEU J 22 -30.94 -35.17 60.00
CA LEU J 22 -29.66 -35.85 60.02
C LEU J 22 -28.49 -34.86 60.15
N ALA J 23 -28.56 -33.78 59.37
CA ALA J 23 -27.53 -32.75 59.40
C ALA J 23 -27.43 -32.16 60.81
N GLY J 24 -28.58 -31.83 61.39
CA GLY J 24 -28.63 -31.33 62.75
C GLY J 24 -28.00 -32.30 63.74
N LEU J 25 -28.38 -33.57 63.64
CA LEU J 25 -27.85 -34.60 64.52
C LEU J 25 -26.33 -34.71 64.43
N LEU J 26 -25.82 -34.94 63.23
CA LEU J 26 -24.39 -35.08 63.01
C LEU J 26 -23.61 -33.84 63.45
N ILE J 27 -24.21 -32.66 63.24
CA ILE J 27 -23.61 -31.42 63.68
C ILE J 27 -23.48 -31.38 65.21
N GLU J 28 -24.56 -31.65 65.91
CA GLU J 28 -24.54 -31.61 67.38
C GLU J 28 -23.60 -32.66 67.96
N ILE J 29 -23.62 -33.86 67.39
CA ILE J 29 -22.71 -34.93 67.81
C ILE J 29 -21.26 -34.49 67.62
N ASN J 30 -20.97 -33.90 66.47
CA ASN J 30 -19.62 -33.41 66.21
C ASN J 30 -19.25 -32.15 66.99
N ARG J 31 -20.24 -31.54 67.63
CA ARG J 31 -19.97 -30.43 68.53
C ARG J 31 -19.67 -30.93 69.94
N PHE J 32 -20.36 -31.98 70.36
CA PHE J 32 -20.15 -32.55 71.68
C PHE J 32 -18.98 -33.51 71.74
N PHE J 33 -18.82 -34.30 70.69
CA PHE J 33 -17.69 -35.22 70.58
C PHE J 33 -16.86 -34.86 69.35
N PRO J 34 -16.07 -33.78 69.43
CA PRO J 34 -15.36 -33.23 68.28
C PRO J 34 -14.03 -33.93 68.01
N ASP J 35 -13.52 -33.77 66.79
CA ASP J 35 -12.21 -34.28 66.38
C ASP J 35 -12.07 -35.79 66.56
N ALA J 36 -13.16 -36.51 66.36
CA ALA J 36 -13.17 -37.96 66.51
C ALA J 36 -12.53 -38.65 65.30
N LEU J 37 -11.47 -39.41 65.56
CA LEU J 37 -10.78 -40.16 64.52
C LEU J 37 -10.86 -41.65 64.84
N ILE J 38 -11.12 -41.93 66.11
CA ILE J 38 -11.30 -43.29 66.60
C ILE J 38 -12.70 -43.45 67.20
N PHE J 39 -13.34 -44.58 66.94
CA PHE J 39 -14.71 -44.86 67.37
C PHE J 39 -15.73 -43.90 66.75
N PHE K 2 -40.28 39.69 38.33
CA PHE K 2 -40.18 38.62 37.34
C PHE K 2 -40.90 39.01 36.04
N ILE K 3 -42.05 39.68 36.18
CA ILE K 3 -42.84 40.09 35.03
C ILE K 3 -42.10 41.13 34.19
N GLY K 4 -41.90 40.83 32.91
CA GLY K 4 -41.22 41.71 32.00
C GLY K 4 -39.79 41.28 31.68
N SER K 5 -39.37 40.18 32.31
CA SER K 5 -38.04 39.64 32.09
C SER K 5 -38.00 38.84 30.79
N PRO K 6 -36.82 38.75 30.15
CA PRO K 6 -36.65 37.99 28.91
C PRO K 6 -37.17 36.56 29.02
N THR K 7 -36.83 35.89 30.11
CA THR K 7 -37.29 34.51 30.36
C THR K 7 -38.81 34.44 30.39
N ASN K 8 -39.43 35.35 31.11
CA ASN K 8 -40.89 35.40 31.23
C ASN K 8 -41.59 35.60 29.89
N LEU K 9 -41.10 36.58 29.12
CA LEU K 9 -41.66 36.87 27.80
C LEU K 9 -41.51 35.68 26.87
N ILE K 10 -40.30 35.15 26.78
CA ILE K 10 -40.02 33.99 25.94
C ILE K 10 -40.92 32.80 26.30
N MET K 11 -41.07 32.54 27.60
CA MET K 11 -41.91 31.45 28.07
C MET K 11 -43.38 31.63 27.74
N VAL K 12 -43.93 32.80 28.08
CA VAL K 12 -45.35 33.06 27.84
C VAL K 12 -45.69 33.07 26.34
N THR K 13 -44.77 33.58 25.53
CA THR K 13 -44.96 33.61 24.08
C THR K 13 -44.83 32.21 23.49
N SER K 14 -43.93 31.41 24.04
CA SER K 14 -43.76 30.03 23.60
C SER K 14 -45.04 29.23 23.88
N THR K 15 -45.53 29.32 25.11
CA THR K 15 -46.76 28.64 25.51
C THR K 15 -47.96 29.12 24.70
N SER K 16 -48.01 30.42 24.44
CA SER K 16 -49.09 30.99 23.64
C SER K 16 -49.07 30.47 22.20
N LEU K 17 -47.91 30.54 21.56
CA LEU K 17 -47.75 30.08 20.18
C LEU K 17 -48.04 28.58 20.06
N MET K 18 -47.66 27.83 21.09
CA MET K 18 -47.89 26.38 21.07
C MET K 18 -49.37 26.04 21.29
N LEU K 19 -50.03 26.80 22.16
CA LEU K 19 -51.45 26.61 22.39
C LEU K 19 -52.30 27.05 21.19
N PHE K 20 -51.77 28.00 20.41
CA PHE K 20 -52.49 28.52 19.26
C PHE K 20 -52.60 27.50 18.14
N ALA K 21 -51.54 26.72 17.95
CA ALA K 21 -51.50 25.71 16.90
C ALA K 21 -52.42 24.54 17.23
N GLY K 22 -53.27 24.16 16.28
CA GLY K 22 -53.35 24.82 14.99
C GLY K 22 -52.68 24.02 13.89
N PHE K 55 -60.81 21.45 20.59
CA PHE K 55 -59.66 21.44 21.49
C PHE K 55 -60.05 20.90 22.85
N THR K 56 -59.26 19.96 23.37
CA THR K 56 -59.55 19.33 24.65
C THR K 56 -58.49 19.67 25.70
N LEU K 57 -58.66 19.09 26.90
CA LEU K 57 -57.72 19.32 28.00
C LEU K 57 -56.36 18.72 27.70
N ALA K 58 -56.36 17.54 27.08
CA ALA K 58 -55.12 16.86 26.72
C ALA K 58 -54.30 17.70 25.75
N ASP K 59 -54.99 18.38 24.83
CA ASP K 59 -54.34 19.23 23.86
C ASP K 59 -53.69 20.44 24.53
N THR K 60 -54.37 21.02 25.51
CA THR K 60 -53.86 22.17 26.23
C THR K 60 -52.66 21.79 27.11
N LEU K 61 -52.75 20.61 27.74
CA LEU K 61 -51.64 20.11 28.54
C LEU K 61 -50.42 19.85 27.65
N ALA K 62 -50.65 19.19 26.53
CA ALA K 62 -49.59 18.88 25.57
C ALA K 62 -48.90 20.14 25.05
N CYS K 63 -49.70 21.02 24.44
CA CYS K 63 -49.18 22.27 23.89
C CYS K 63 -48.49 23.11 24.96
N GLY K 64 -49.02 23.06 26.18
CA GLY K 64 -48.44 23.78 27.29
C GLY K 64 -47.05 23.26 27.63
N VAL K 65 -46.96 21.94 27.79
CA VAL K 65 -45.67 21.31 28.10
C VAL K 65 -44.64 21.57 27.01
N VAL K 66 -45.04 21.38 25.75
CA VAL K 66 -44.14 21.59 24.62
C VAL K 66 -43.69 23.05 24.54
N GLY K 67 -44.62 23.96 24.78
CA GLY K 67 -44.31 25.38 24.84
C GLY K 67 -43.29 25.69 25.92
N HIS K 68 -43.44 25.03 27.06
CA HIS K 68 -42.50 25.19 28.16
C HIS K 68 -41.12 24.62 27.82
N ILE K 69 -41.10 23.50 27.13
CA ILE K 69 -39.85 22.87 26.71
C ILE K 69 -39.09 23.77 25.74
N ILE K 70 -39.78 24.22 24.70
CA ILE K 70 -39.21 25.14 23.72
C ILE K 70 -38.75 26.42 24.40
N GLY K 71 -39.56 26.91 25.34
CA GLY K 71 -39.23 28.11 26.10
C GLY K 71 -37.94 27.98 26.88
N VAL K 72 -37.82 26.91 27.66
CA VAL K 72 -36.62 26.66 28.45
C VAL K 72 -35.41 26.48 27.55
N GLY K 73 -35.59 25.74 26.46
CA GLY K 73 -34.53 25.53 25.48
C GLY K 73 -33.99 26.83 24.90
N VAL K 74 -34.90 27.72 24.52
CA VAL K 74 -34.52 29.02 23.97
C VAL K 74 -33.86 29.91 25.03
N VAL K 75 -34.49 29.99 26.21
CA VAL K 75 -33.97 30.80 27.31
C VAL K 75 -32.55 30.41 27.70
N LEU K 76 -32.31 29.12 27.91
CA LEU K 76 -30.99 28.63 28.28
C LEU K 76 -30.03 28.68 27.10
N GLY K 77 -30.58 28.58 25.90
CA GLY K 77 -29.78 28.64 24.68
C GLY K 77 -29.27 30.04 24.40
N LEU K 78 -29.89 31.03 25.05
CA LEU K 78 -29.49 32.42 24.88
C LEU K 78 -28.73 32.93 26.10
N TYR L 1 -41.52 -0.75 -7.34
CA TYR L 1 -40.61 -1.69 -7.97
C TYR L 1 -39.82 -2.48 -6.94
N GLN L 2 -39.42 -3.70 -7.31
CA GLN L 2 -38.63 -4.55 -6.42
C GLN L 2 -37.22 -4.77 -6.95
N VAL L 3 -36.32 -5.14 -6.05
CA VAL L 3 -34.90 -5.28 -6.39
C VAL L 3 -34.50 -6.74 -6.54
N ILE L 4 -35.02 -7.58 -5.65
CA ILE L 4 -34.69 -9.01 -5.66
C ILE L 4 -35.78 -9.83 -6.34
N GLN L 5 -35.36 -10.62 -7.32
CA GLN L 5 -36.27 -11.48 -8.07
C GLN L 5 -35.70 -12.89 -8.15
N PRO L 6 -36.56 -13.89 -8.42
CA PRO L 6 -36.10 -15.27 -8.60
C PRO L 6 -35.08 -15.40 -9.74
N ILE L 7 -34.16 -16.35 -9.61
CA ILE L 7 -33.09 -16.52 -10.59
C ILE L 7 -33.63 -16.86 -11.98
N ASN L 8 -33.40 -15.94 -12.92
CA ASN L 8 -33.86 -16.07 -14.29
C ASN L 8 -35.36 -16.34 -14.42
N GLY L 9 -36.12 -15.85 -13.44
CA GLY L 9 -37.56 -16.00 -13.45
C GLY L 9 -38.07 -17.26 -12.77
N ASP L 10 -37.16 -18.20 -12.52
CA ASP L 10 -37.56 -19.47 -11.91
C ASP L 10 -37.39 -19.42 -10.40
N PRO L 11 -38.51 -19.37 -9.66
CA PRO L 11 -38.51 -19.23 -8.20
C PRO L 11 -38.18 -20.52 -7.45
N PHE L 12 -37.98 -21.60 -8.17
CA PHE L 12 -37.74 -22.89 -7.51
C PHE L 12 -36.37 -23.47 -7.83
N ILE L 13 -35.54 -22.65 -8.47
CA ILE L 13 -34.12 -22.94 -8.58
C ILE L 13 -33.43 -22.27 -7.39
N GLY L 14 -32.55 -23.02 -6.72
CA GLY L 14 -31.99 -22.60 -5.46
C GLY L 14 -31.05 -21.39 -5.50
N SER L 15 -31.55 -20.26 -5.97
CA SER L 15 -30.79 -19.02 -5.97
C SER L 15 -31.68 -17.78 -6.09
N LEU L 16 -31.07 -16.61 -6.02
CA LEU L 16 -31.78 -15.35 -6.15
C LEU L 16 -31.01 -14.38 -7.04
N GLU L 17 -31.74 -13.46 -7.66
CA GLU L 17 -31.12 -12.46 -8.51
C GLU L 17 -31.06 -11.11 -7.80
N THR L 18 -29.85 -10.68 -7.43
CA THR L 18 -29.65 -9.43 -6.72
C THR L 18 -28.70 -8.54 -7.52
N PRO L 19 -28.60 -7.24 -7.16
CA PRO L 19 -27.62 -6.36 -7.77
C PRO L 19 -26.20 -6.91 -7.73
N VAL L 20 -25.88 -7.69 -6.70
CA VAL L 20 -24.57 -8.31 -6.59
C VAL L 20 -24.42 -9.43 -7.63
N THR L 21 -25.46 -10.24 -7.76
CA THR L 21 -25.41 -11.39 -8.67
C THR L 21 -25.59 -10.97 -10.13
N SER L 22 -26.62 -10.18 -10.40
CA SER L 22 -26.95 -9.80 -11.77
C SER L 22 -27.25 -8.32 -11.92
N SER L 23 -26.21 -7.53 -12.18
CA SER L 23 -26.36 -6.14 -12.59
C SER L 23 -25.40 -5.91 -13.75
N PRO L 24 -25.71 -4.95 -14.64
CA PRO L 24 -24.90 -4.70 -15.83
C PRO L 24 -23.39 -4.62 -15.58
N LEU L 25 -22.98 -3.90 -14.55
CA LEU L 25 -21.57 -3.71 -14.25
C LEU L 25 -20.86 -5.02 -13.91
N ILE L 26 -21.41 -5.75 -12.94
CA ILE L 26 -20.81 -7.02 -12.52
C ILE L 26 -20.91 -8.07 -13.62
N ALA L 27 -22.04 -8.09 -14.33
CA ALA L 27 -22.23 -9.04 -15.42
C ALA L 27 -21.19 -8.84 -16.51
N TRP L 28 -21.04 -7.59 -16.94
CA TRP L 28 -20.03 -7.23 -17.93
C TRP L 28 -18.64 -7.59 -17.43
N TYR L 29 -18.37 -7.29 -16.16
CA TYR L 29 -17.07 -7.53 -15.55
C TYR L 29 -16.69 -9.02 -15.58
N LEU L 30 -17.59 -9.86 -15.07
CA LEU L 30 -17.34 -11.30 -15.00
C LEU L 30 -17.28 -11.93 -16.39
N SER L 31 -18.17 -11.49 -17.28
CA SER L 31 -18.21 -12.04 -18.64
C SER L 31 -16.95 -11.71 -19.44
N ASN L 32 -16.21 -10.71 -18.98
CA ASN L 32 -14.96 -10.32 -19.64
C ASN L 32 -13.73 -10.87 -18.93
N LEU L 33 -13.94 -11.73 -17.94
CA LEU L 33 -12.86 -12.41 -17.27
C LEU L 33 -12.45 -13.66 -18.06
N PRO L 34 -11.14 -13.97 -18.08
CA PRO L 34 -10.60 -15.07 -18.88
C PRO L 34 -11.28 -16.40 -18.62
N ALA L 35 -11.86 -16.55 -17.44
CA ALA L 35 -12.54 -17.79 -17.08
C ALA L 35 -13.85 -17.95 -17.83
N TYR L 36 -14.49 -16.83 -18.17
CA TYR L 36 -15.79 -16.87 -18.81
C TYR L 36 -15.76 -16.61 -20.32
N ARG L 37 -14.56 -16.49 -20.89
CA ARG L 37 -14.41 -16.40 -22.34
C ARG L 37 -14.75 -17.75 -22.97
N THR L 38 -16.03 -18.11 -22.94
CA THR L 38 -16.46 -19.47 -23.25
C THR L 38 -16.27 -19.90 -24.70
N ALA L 39 -15.88 -18.97 -25.57
CA ALA L 39 -15.75 -19.27 -26.99
C ALA L 39 -14.29 -19.20 -27.47
N VAL L 40 -13.36 -18.95 -26.57
CA VAL L 40 -11.96 -18.81 -26.95
C VAL L 40 -11.13 -19.99 -26.43
N SER L 41 -9.92 -20.14 -26.97
CA SER L 41 -9.03 -21.23 -26.58
C SER L 41 -8.64 -21.12 -25.10
N PRO L 42 -8.79 -22.21 -24.35
CA PRO L 42 -8.48 -22.27 -22.92
C PRO L 42 -7.01 -21.97 -22.63
N LEU L 43 -6.16 -22.16 -23.63
CA LEU L 43 -4.74 -21.89 -23.49
C LEU L 43 -4.48 -20.43 -23.13
N LEU L 44 -5.06 -19.53 -23.92
CA LEU L 44 -4.87 -18.10 -23.72
C LEU L 44 -5.45 -17.63 -22.39
N ARG L 45 -6.62 -18.18 -22.04
CA ARG L 45 -7.23 -17.91 -20.75
C ARG L 45 -6.26 -18.26 -19.65
N GLY L 46 -5.70 -19.46 -19.75
CA GLY L 46 -4.70 -19.94 -18.81
C GLY L 46 -3.53 -19.00 -18.70
N ILE L 47 -3.05 -18.50 -19.84
CA ILE L 47 -1.95 -17.54 -19.83
C ILE L 47 -2.31 -16.30 -19.03
N GLU L 48 -3.50 -15.74 -19.27
CA GLU L 48 -3.91 -14.54 -18.54
C GLU L 48 -4.02 -14.80 -17.03
N VAL L 49 -4.81 -15.79 -16.68
CA VAL L 49 -5.04 -16.16 -15.28
C VAL L 49 -3.72 -16.38 -14.53
N GLY L 50 -2.88 -17.25 -15.07
CA GLY L 50 -1.59 -17.54 -14.47
C GLY L 50 -0.71 -16.31 -14.37
N LEU L 51 -0.75 -15.47 -15.39
CA LEU L 51 0.04 -14.24 -15.40
C LEU L 51 -0.33 -13.35 -14.22
N ALA L 52 -1.62 -13.06 -14.12
CA ALA L 52 -2.14 -12.22 -13.04
C ALA L 52 -1.83 -12.80 -11.67
N HIS L 53 -2.10 -14.09 -11.51
CA HIS L 53 -1.92 -14.76 -10.22
C HIS L 53 -0.47 -14.86 -9.76
N GLY L 54 0.44 -15.21 -10.66
CA GLY L 54 1.86 -15.23 -10.32
C GLY L 54 2.33 -13.83 -9.97
N TYR L 55 1.86 -12.86 -10.76
CA TYR L 55 2.21 -11.46 -10.54
C TYR L 55 1.82 -10.99 -9.15
N LEU L 56 0.59 -11.29 -8.73
CA LEU L 56 0.16 -10.88 -7.39
C LEU L 56 0.89 -11.70 -6.34
N LEU L 57 1.18 -12.95 -6.67
CA LEU L 57 1.81 -13.87 -5.74
C LEU L 57 3.20 -13.42 -5.33
N VAL L 58 3.89 -12.72 -6.23
CA VAL L 58 5.22 -12.22 -5.90
C VAL L 58 5.21 -11.28 -4.68
N GLY L 59 4.16 -10.47 -4.58
CA GLY L 59 4.04 -9.48 -3.52
C GLY L 59 4.20 -9.94 -2.08
N PRO L 60 3.22 -10.70 -1.56
CA PRO L 60 3.22 -11.15 -0.17
C PRO L 60 4.42 -12.04 0.22
N PHE L 61 4.98 -12.78 -0.73
CA PHE L 61 6.13 -13.63 -0.42
C PHE L 61 7.38 -12.80 -0.13
N VAL L 62 7.57 -11.74 -0.90
CA VAL L 62 8.74 -10.90 -0.78
C VAL L 62 8.74 -10.09 0.52
N LYS L 63 7.59 -9.51 0.85
CA LYS L 63 7.51 -8.60 1.99
C LYS L 63 7.25 -9.30 3.33
N ALA L 64 6.61 -10.47 3.28
CA ALA L 64 6.25 -11.18 4.51
C ALA L 64 7.15 -12.38 4.80
N GLY L 65 7.85 -12.86 3.78
CA GLY L 65 8.71 -14.03 3.91
C GLY L 65 9.80 -13.89 4.96
N PRO L 66 10.56 -14.98 5.18
CA PRO L 66 11.59 -15.03 6.23
C PRO L 66 12.81 -14.18 5.91
N LEU L 67 13.00 -13.86 4.64
CA LEU L 67 14.16 -13.08 4.21
C LEU L 67 13.76 -11.68 3.74
N ARG L 68 12.65 -11.17 4.28
CA ARG L 68 12.13 -9.86 3.93
C ARG L 68 13.12 -8.74 4.29
N ASN L 69 13.87 -8.93 5.37
CA ASN L 69 14.82 -7.93 5.83
C ASN L 69 16.25 -8.26 5.46
N THR L 70 16.43 -8.90 4.31
CA THR L 70 17.76 -9.25 3.84
C THR L 70 17.95 -8.74 2.41
N GLU L 71 19.21 -8.69 1.97
CA GLU L 71 19.55 -8.24 0.63
C GLU L 71 19.04 -9.22 -0.42
N ILE L 72 18.62 -10.39 0.05
CA ILE L 72 18.17 -11.46 -0.83
C ILE L 72 16.66 -11.69 -0.68
N ALA L 73 15.93 -10.59 -0.51
CA ALA L 73 14.48 -10.64 -0.31
C ALA L 73 13.73 -10.98 -1.59
N GLY L 74 14.02 -10.23 -2.65
CA GLY L 74 13.35 -10.41 -3.93
C GLY L 74 13.55 -11.79 -4.53
N GLN L 75 14.79 -12.25 -4.57
CA GLN L 75 15.12 -13.58 -5.08
C GLN L 75 14.31 -14.66 -4.35
N ALA L 76 14.40 -14.66 -3.03
CA ALA L 76 13.72 -15.64 -2.19
C ALA L 76 12.22 -15.61 -2.42
N GLY L 77 11.62 -14.44 -2.27
CA GLY L 77 10.18 -14.29 -2.41
C GLY L 77 9.68 -14.72 -3.77
N SER L 78 10.37 -14.30 -4.82
CA SER L 78 9.97 -14.62 -6.18
C SER L 78 10.11 -16.12 -6.45
N LEU L 79 11.18 -16.71 -5.92
CA LEU L 79 11.38 -18.14 -6.02
C LEU L 79 10.24 -18.91 -5.36
N ALA L 80 9.87 -18.46 -4.16
CA ALA L 80 8.75 -19.07 -3.44
C ALA L 80 7.46 -18.96 -4.23
N ALA L 81 7.23 -17.79 -4.83
CA ALA L 81 6.05 -17.57 -5.66
C ALA L 81 6.04 -18.54 -6.83
N GLY L 82 7.20 -18.74 -7.45
CA GLY L 82 7.32 -19.70 -8.53
C GLY L 82 7.04 -21.10 -8.07
N GLY L 83 7.45 -21.40 -6.84
CA GLY L 83 7.20 -22.70 -6.23
C GLY L 83 5.72 -22.96 -6.06
N LEU L 84 5.01 -21.97 -5.52
CA LEU L 84 3.57 -22.05 -5.37
C LEU L 84 2.89 -22.16 -6.73
N VAL L 85 3.46 -21.50 -7.74
CA VAL L 85 2.94 -21.61 -9.10
C VAL L 85 3.05 -23.05 -9.61
N VAL L 86 4.20 -23.66 -9.36
CA VAL L 86 4.40 -25.07 -9.73
C VAL L 86 3.42 -25.98 -9.01
N ILE L 87 3.32 -25.82 -7.69
CA ILE L 87 2.42 -26.63 -6.87
C ILE L 87 0.96 -26.50 -7.31
N LEU L 88 0.53 -25.28 -7.58
CA LEU L 88 -0.83 -25.03 -8.02
C LEU L 88 -1.05 -25.59 -9.43
N SER L 89 0.00 -25.60 -10.23
CA SER L 89 -0.06 -26.19 -11.57
C SER L 89 -0.23 -27.70 -11.45
N LEU L 90 0.40 -28.26 -10.43
CA LEU L 90 0.32 -29.67 -10.12
C LEU L 90 -1.11 -30.02 -9.67
N CYS L 91 -1.66 -29.16 -8.83
CA CYS L 91 -3.04 -29.27 -8.35
C CYS L 91 -4.04 -29.23 -9.49
N LEU L 92 -3.87 -28.23 -10.36
CA LEU L 92 -4.70 -28.07 -11.54
C LEU L 92 -4.60 -29.31 -12.43
N THR L 93 -3.37 -29.81 -12.59
CA THR L 93 -3.12 -30.99 -13.42
C THR L 93 -3.86 -32.22 -12.90
N ILE L 94 -3.69 -32.53 -11.62
CA ILE L 94 -4.35 -33.69 -11.04
C ILE L 94 -5.87 -33.52 -11.01
N TYR L 95 -6.31 -32.26 -10.87
CA TYR L 95 -7.74 -31.97 -10.96
C TYR L 95 -8.27 -32.33 -12.34
N GLY L 96 -7.51 -31.96 -13.37
CA GLY L 96 -7.88 -32.25 -14.74
C GLY L 96 -7.90 -33.75 -15.02
N ILE L 97 -6.87 -34.45 -14.53
CA ILE L 97 -6.76 -35.88 -14.73
C ILE L 97 -7.91 -36.63 -14.05
N SER L 98 -8.25 -36.18 -12.84
CA SER L 98 -9.27 -36.86 -12.05
C SER L 98 -10.70 -36.54 -12.50
N SER L 99 -10.92 -35.31 -12.97
CA SER L 99 -12.29 -34.86 -13.28
C SER L 99 -12.77 -35.22 -14.69
N PHE L 100 -11.86 -35.18 -15.66
CA PHE L 100 -12.24 -35.39 -17.05
C PHE L 100 -11.56 -36.60 -17.69
N ASN L 101 -12.35 -37.48 -18.28
CA ASN L 101 -11.81 -38.54 -19.12
C ASN L 101 -11.60 -38.00 -20.52
N GLU L 102 -10.61 -38.54 -21.23
CA GLU L 102 -10.24 -38.03 -22.55
C GLU L 102 -11.40 -38.18 -23.54
N GLY L 103 -12.26 -39.16 -23.30
CA GLY L 103 -13.41 -39.41 -24.16
C GLY L 103 -14.61 -38.55 -23.83
N ALA L 104 -14.81 -38.29 -22.53
CA ALA L 104 -15.98 -37.56 -22.06
C ALA L 104 -16.08 -36.15 -22.65
N PRO L 105 -17.30 -35.73 -23.04
CA PRO L 105 -17.54 -34.40 -23.59
C PRO L 105 -17.61 -33.33 -22.50
N SER L 106 -17.90 -32.10 -22.88
CA SER L 106 -17.89 -30.98 -21.95
C SER L 106 -19.01 -31.04 -20.93
N THR L 107 -18.68 -30.73 -19.67
CA THR L 107 -19.65 -30.72 -18.59
C THR L 107 -20.17 -29.31 -18.34
N ALA L 108 -19.67 -28.35 -19.12
CA ALA L 108 -20.09 -26.96 -19.03
C ALA L 108 -21.53 -26.79 -19.52
N PRO L 109 -22.19 -25.69 -19.13
CA PRO L 109 -23.56 -25.43 -19.60
C PRO L 109 -23.63 -25.27 -21.11
N SER L 110 -24.73 -25.70 -21.71
CA SER L 110 -24.93 -25.57 -23.15
C SER L 110 -26.08 -24.62 -23.47
N LEU L 111 -26.50 -23.85 -22.47
CA LEU L 111 -27.59 -22.89 -22.65
C LEU L 111 -27.19 -21.51 -22.13
N THR L 112 -27.93 -20.49 -22.57
CA THR L 112 -27.73 -19.13 -22.06
C THR L 112 -28.86 -18.77 -21.12
N LEU L 113 -28.82 -17.55 -20.57
CA LEU L 113 -29.89 -17.07 -19.70
C LEU L 113 -31.21 -17.00 -20.45
N THR L 114 -31.13 -16.59 -21.72
CA THR L 114 -32.30 -16.49 -22.57
C THR L 114 -32.90 -17.86 -22.86
N GLY L 115 -32.05 -18.88 -22.87
CA GLY L 115 -32.50 -20.24 -23.08
C GLY L 115 -32.09 -20.82 -24.41
N ARG L 116 -31.32 -20.05 -25.19
CA ARG L 116 -30.86 -20.53 -26.48
C ARG L 116 -29.63 -21.42 -26.34
N LYS L 117 -29.48 -22.37 -27.26
CA LYS L 117 -28.35 -23.28 -27.24
C LYS L 117 -27.05 -22.58 -27.66
N LYS L 118 -25.93 -23.02 -27.11
CA LYS L 118 -24.64 -22.50 -27.50
C LYS L 118 -23.55 -23.54 -27.27
N GLU L 119 -22.38 -23.30 -27.85
CA GLU L 119 -21.27 -24.25 -27.74
C GLU L 119 -20.72 -24.28 -26.32
N PRO L 120 -20.76 -25.46 -25.68
CA PRO L 120 -20.29 -25.66 -24.31
C PRO L 120 -18.81 -25.26 -24.18
N ASP L 121 -18.45 -24.71 -23.03
CA ASP L 121 -17.08 -24.29 -22.78
C ASP L 121 -16.15 -25.50 -22.87
N GLN L 122 -15.11 -25.39 -23.69
CA GLN L 122 -14.14 -26.46 -23.84
C GLN L 122 -13.13 -26.44 -22.70
N LEU L 123 -13.33 -25.53 -21.75
CA LEU L 123 -12.51 -25.49 -20.54
C LEU L 123 -12.82 -26.72 -19.68
N GLN L 124 -14.06 -27.17 -19.74
CA GLN L 124 -14.51 -28.35 -19.00
C GLN L 124 -14.32 -29.65 -19.78
N THR L 125 -13.16 -29.79 -20.41
CA THR L 125 -12.78 -31.04 -21.08
C THR L 125 -11.35 -31.38 -20.66
N ALA L 126 -10.94 -32.62 -20.94
CA ALA L 126 -9.61 -33.07 -20.57
C ALA L 126 -8.52 -32.26 -21.30
N ASP L 127 -8.63 -32.20 -22.61
CA ASP L 127 -7.67 -31.47 -23.44
C ASP L 127 -7.71 -29.98 -23.09
N GLY L 128 -8.92 -29.45 -22.97
CA GLY L 128 -9.10 -28.05 -22.64
C GLY L 128 -8.51 -27.67 -21.30
N TRP L 129 -8.76 -28.51 -20.29
CA TRP L 129 -8.20 -28.25 -18.96
C TRP L 129 -6.69 -28.40 -18.97
N ALA L 130 -6.17 -29.35 -19.74
CA ALA L 130 -4.73 -29.54 -19.86
C ALA L 130 -4.07 -28.29 -20.46
N LYS L 131 -4.70 -27.74 -21.49
CA LYS L 131 -4.25 -26.50 -22.10
C LYS L 131 -4.29 -25.36 -21.10
N PHE L 132 -5.39 -25.28 -20.34
CA PHE L 132 -5.56 -24.24 -19.33
C PHE L 132 -4.45 -24.31 -18.29
N THR L 133 -4.09 -25.53 -17.89
CA THR L 133 -3.05 -25.73 -16.89
C THR L 133 -1.68 -25.36 -17.45
N GLY L 134 -1.44 -25.73 -18.71
CA GLY L 134 -0.21 -25.33 -19.37
C GLY L 134 -0.07 -23.83 -19.38
N GLY L 135 -1.17 -23.16 -19.71
CA GLY L 135 -1.22 -21.71 -19.69
C GLY L 135 -1.00 -21.13 -18.31
N PHE L 136 -1.51 -21.80 -17.28
CA PHE L 136 -1.34 -21.32 -15.92
C PHE L 136 0.11 -21.45 -15.47
N PHE L 137 0.78 -22.50 -15.93
CA PHE L 137 2.18 -22.70 -15.59
C PHE L 137 3.07 -21.69 -16.31
N PHE L 138 2.91 -21.61 -17.63
CA PHE L 138 3.70 -20.70 -18.46
C PHE L 138 3.48 -19.26 -18.01
N GLY L 139 2.22 -18.85 -17.99
CA GLY L 139 1.85 -17.52 -17.56
C GLY L 139 2.20 -17.24 -16.11
N GLY L 140 2.13 -18.26 -15.28
CA GLY L 140 2.47 -18.12 -13.87
C GLY L 140 3.93 -17.76 -13.69
N ILE L 141 4.80 -18.60 -14.21
CA ILE L 141 6.24 -18.38 -14.12
C ILE L 141 6.61 -17.05 -14.79
N SER L 142 6.03 -16.80 -15.95
CA SER L 142 6.27 -15.55 -16.68
C SER L 142 5.89 -14.32 -15.86
N GLY L 143 4.78 -14.43 -15.15
CA GLY L 143 4.28 -13.34 -14.33
C GLY L 143 5.17 -13.10 -13.13
N VAL L 144 5.63 -14.18 -12.51
CA VAL L 144 6.58 -14.08 -11.41
C VAL L 144 7.85 -13.37 -11.87
N ILE L 145 8.41 -13.85 -12.98
CA ILE L 145 9.62 -13.24 -13.55
C ILE L 145 9.42 -11.76 -13.87
N TRP L 146 8.27 -11.43 -14.45
CA TRP L 146 7.99 -10.05 -14.84
C TRP L 146 7.88 -9.13 -13.63
N ALA L 147 7.14 -9.58 -12.62
CA ALA L 147 6.98 -8.82 -11.39
C ALA L 147 8.32 -8.61 -10.70
N TYR L 148 9.12 -9.67 -10.63
CA TYR L 148 10.46 -9.59 -10.04
C TYR L 148 11.32 -8.58 -10.79
N PHE L 149 11.19 -8.57 -12.11
CA PHE L 149 11.92 -7.62 -12.94
C PHE L 149 11.52 -6.19 -12.62
N LEU L 150 10.21 -5.95 -12.54
CA LEU L 150 9.72 -4.61 -12.25
C LEU L 150 10.10 -4.16 -10.84
N LEU L 151 10.23 -5.11 -9.93
CA LEU L 151 10.50 -4.78 -8.54
C LEU L 151 11.98 -4.63 -8.19
N TYR L 152 12.85 -5.37 -8.88
CA TYR L 152 14.25 -5.39 -8.48
C TYR L 152 15.28 -5.25 -9.62
N VAL L 153 14.79 -5.05 -10.84
CA VAL L 153 15.68 -4.79 -11.97
C VAL L 153 15.18 -3.64 -12.82
N ALA M 1 -26.85 -97.44 62.75
CA ALA M 1 -26.01 -96.67 63.68
C ALA M 1 -25.24 -95.58 62.95
N HIS M 2 -25.62 -94.33 63.20
CA HIS M 2 -24.94 -93.21 62.55
C HIS M 2 -24.11 -92.33 63.48
N TRP M 3 -23.29 -91.47 62.88
CA TRP M 3 -22.30 -90.66 63.58
C TRP M 3 -22.93 -89.54 64.41
N MET M 4 -24.04 -89.01 63.92
CA MET M 4 -24.80 -87.98 64.64
C MET M 4 -26.23 -88.46 64.90
N PRO M 5 -26.48 -88.94 66.12
CA PRO M 5 -27.81 -89.39 66.55
C PRO M 5 -28.87 -88.31 66.37
N GLY M 6 -29.88 -88.60 65.54
CA GLY M 6 -30.96 -87.67 65.30
C GLY M 6 -30.83 -86.93 63.98
N GLU M 7 -29.68 -87.07 63.34
CA GLU M 7 -29.43 -86.41 62.07
C GLU M 7 -29.63 -87.42 60.93
N PRO M 8 -30.49 -87.07 59.96
CA PRO M 8 -30.78 -87.95 58.82
C PRO M 8 -29.56 -88.24 57.96
N ARG M 9 -29.33 -89.51 57.65
CA ARG M 9 -28.19 -89.90 56.82
C ARG M 9 -28.51 -89.79 55.33
N PRO M 10 -27.49 -89.48 54.52
CA PRO M 10 -27.64 -89.31 53.06
C PRO M 10 -28.35 -90.47 52.37
N ALA M 11 -28.93 -90.20 51.21
CA ALA M 11 -29.71 -91.19 50.48
C ALA M 11 -28.85 -92.34 49.96
N TYR M 12 -27.58 -92.07 49.70
CA TYR M 12 -26.68 -93.07 49.13
C TYR M 12 -25.92 -93.87 50.19
N LEU M 13 -26.10 -93.51 51.45
CA LEU M 13 -25.47 -94.23 52.55
C LEU M 13 -26.52 -94.99 53.36
N ASP M 14 -26.63 -96.30 53.09
CA ASP M 14 -27.62 -97.14 53.75
C ASP M 14 -27.04 -97.88 54.95
N GLY M 15 -25.71 -97.90 55.03
CA GLY M 15 -25.03 -98.57 56.12
C GLY M 15 -24.61 -99.98 55.79
N SER M 16 -24.66 -100.33 54.51
CA SER M 16 -24.30 -101.68 54.07
C SER M 16 -22.80 -101.79 53.81
N ALA M 17 -22.09 -100.69 53.97
CA ALA M 17 -20.65 -100.67 53.76
C ALA M 17 -19.94 -100.72 55.09
N PRO M 18 -18.77 -101.35 55.14
CA PRO M 18 -18.00 -101.40 56.40
C PRO M 18 -17.57 -100.01 56.85
N GLY M 19 -18.05 -99.59 58.02
CA GLY M 19 -17.74 -98.28 58.56
C GLY M 19 -18.72 -97.21 58.10
N ASP M 20 -19.79 -97.63 57.43
CA ASP M 20 -20.81 -96.69 56.96
C ASP M 20 -21.65 -96.18 58.13
N PHE M 21 -21.30 -95.02 58.64
CA PHE M 21 -22.01 -94.43 59.76
C PHE M 21 -22.74 -93.16 59.34
N GLY M 22 -22.91 -93.00 58.03
CA GLY M 22 -23.66 -91.88 57.48
C GLY M 22 -22.99 -90.52 57.63
N PHE M 23 -21.66 -90.51 57.65
CA PHE M 23 -20.93 -89.25 57.78
C PHE M 23 -20.46 -88.72 56.44
N ASP M 24 -21.18 -87.71 55.93
CA ASP M 24 -20.77 -87.00 54.73
C ASP M 24 -21.48 -85.65 54.63
N PRO M 25 -21.09 -84.70 55.50
CA PRO M 25 -21.72 -83.37 55.52
C PRO M 25 -21.58 -82.62 54.20
N LEU M 26 -20.44 -82.76 53.54
CA LEU M 26 -20.18 -82.04 52.31
C LEU M 26 -20.77 -82.73 51.08
N GLY M 27 -21.31 -83.94 51.28
CA GLY M 27 -21.91 -84.70 50.20
C GLY M 27 -20.93 -85.03 49.10
N LEU M 28 -19.70 -85.38 49.49
CA LEU M 28 -18.65 -85.69 48.54
C LEU M 28 -18.85 -87.03 47.84
N GLY M 29 -19.56 -87.94 48.51
CA GLY M 29 -19.82 -89.25 47.93
C GLY M 29 -21.16 -89.34 47.23
N GLU M 30 -21.68 -88.19 46.80
CA GLU M 30 -22.97 -88.14 46.10
C GLU M 30 -22.86 -88.84 44.75
N VAL M 31 -21.67 -88.76 44.15
CA VAL M 31 -21.38 -89.48 42.92
C VAL M 31 -20.86 -90.88 43.26
N PRO M 32 -21.54 -91.92 42.78
CA PRO M 32 -21.23 -93.33 43.06
C PRO M 32 -19.79 -93.73 42.74
N ALA M 33 -19.30 -93.35 41.57
CA ALA M 33 -17.93 -93.66 41.16
C ALA M 33 -16.93 -93.01 42.11
N ASN M 34 -17.15 -91.73 42.38
CA ASN M 34 -16.35 -90.99 43.33
C ASN M 34 -16.37 -91.65 44.71
N LEU M 35 -17.55 -92.12 45.12
CA LEU M 35 -17.71 -92.78 46.41
C LEU M 35 -16.90 -94.07 46.49
N GLU M 36 -16.90 -94.84 45.40
CA GLU M 36 -16.10 -96.08 45.34
C GLU M 36 -14.61 -95.75 45.46
N ARG M 37 -14.17 -94.78 44.66
CA ARG M 37 -12.78 -94.33 44.75
C ARG M 37 -12.42 -93.88 46.17
N TYR M 38 -13.36 -93.21 46.82
CA TYR M 38 -13.14 -92.71 48.17
C TYR M 38 -13.02 -93.86 49.15
N LYS M 39 -13.76 -94.93 48.91
CA LYS M 39 -13.64 -96.12 49.76
C LYS M 39 -12.23 -96.69 49.63
N GLU M 40 -11.79 -96.88 48.39
CA GLU M 40 -10.44 -97.39 48.14
C GLU M 40 -9.36 -96.54 48.81
N SER M 41 -9.38 -95.24 48.52
CA SER M 41 -8.36 -94.32 49.03
C SER M 41 -8.43 -94.16 50.54
N GLU M 42 -9.62 -94.29 51.11
CA GLU M 42 -9.75 -94.22 52.57
C GLU M 42 -9.05 -95.44 53.15
N LEU M 43 -9.27 -96.61 52.55
CA LEU M 43 -8.59 -97.81 53.02
C LEU M 43 -7.07 -97.69 52.89
N ILE M 44 -6.60 -97.09 51.80
CA ILE M 44 -5.17 -96.92 51.59
C ILE M 44 -4.55 -95.99 52.64
N HIS M 45 -5.19 -94.84 52.85
CA HIS M 45 -4.75 -93.90 53.89
C HIS M 45 -4.74 -94.60 55.25
N CYS M 46 -5.78 -95.40 55.49
CA CYS M 46 -5.92 -96.14 56.74
C CYS M 46 -4.77 -97.10 56.98
N ARG M 47 -4.43 -97.87 55.97
CA ARG M 47 -3.38 -98.87 56.12
C ARG M 47 -2.01 -98.22 56.28
N TRP M 48 -1.81 -97.11 55.56
CA TRP M 48 -0.56 -96.38 55.68
C TRP M 48 -0.44 -95.79 57.08
N ALA M 49 -1.54 -95.29 57.61
CA ALA M 49 -1.55 -94.71 58.95
C ALA M 49 -1.33 -95.78 60.02
N MET M 50 -1.98 -96.93 59.83
CA MET M 50 -1.86 -98.04 60.76
C MET M 50 -0.44 -98.62 60.77
N LEU M 51 0.28 -98.45 59.67
CA LEU M 51 1.69 -98.84 59.66
C LEU M 51 2.57 -97.75 60.25
N ALA M 52 2.14 -96.49 60.07
CA ALA M 52 2.92 -95.34 60.49
C ALA M 52 2.92 -95.11 62.00
N VAL M 53 1.73 -95.11 62.60
CA VAL M 53 1.56 -94.80 64.02
C VAL M 53 2.46 -95.58 64.98
N PRO M 54 2.46 -96.92 64.89
CA PRO M 54 3.37 -97.64 65.81
C PRO M 54 4.82 -97.44 65.42
N GLY M 55 5.07 -97.11 64.15
CA GLY M 55 6.42 -96.85 63.68
C GLY M 55 6.93 -95.50 64.14
N ILE M 56 6.04 -94.71 64.75
CA ILE M 56 6.39 -93.41 65.29
C ILE M 56 6.62 -93.53 66.78
N LEU M 57 5.84 -94.40 67.41
CA LEU M 57 5.86 -94.57 68.87
C LEU M 57 6.95 -95.54 69.36
N VAL M 58 7.08 -96.67 68.67
CA VAL M 58 8.03 -97.71 69.09
C VAL M 58 9.50 -97.28 69.12
N PRO M 59 10.04 -96.71 68.03
CA PRO M 59 11.46 -96.37 68.09
C PRO M 59 11.75 -95.20 69.04
N GLU M 60 10.71 -94.50 69.48
CA GLU M 60 10.86 -93.42 70.44
C GLU M 60 11.05 -93.97 71.86
N ALA M 61 10.31 -95.05 72.17
CA ALA M 61 10.42 -95.69 73.47
C ALA M 61 11.67 -96.56 73.54
N LEU M 62 11.78 -97.52 72.63
CA LEU M 62 12.89 -98.46 72.62
C LEU M 62 14.16 -97.82 72.10
N GLY M 63 14.15 -97.45 70.82
CA GLY M 63 15.33 -96.90 70.17
C GLY M 63 15.76 -95.54 70.70
N TYR M 64 15.03 -95.02 71.67
CA TYR M 64 15.34 -93.74 72.31
C TYR M 64 15.49 -92.63 71.27
N GLY M 65 14.72 -92.73 70.19
CA GLY M 65 14.80 -91.77 69.10
C GLY M 65 13.59 -90.87 69.02
N ASN M 66 13.34 -90.33 67.84
CA ASN M 66 12.25 -89.39 67.63
C ASN M 66 11.86 -89.35 66.16
N TRP M 67 10.56 -89.38 65.88
CA TRP M 67 10.09 -89.46 64.50
C TRP M 67 10.38 -88.20 63.68
N VAL M 68 10.83 -87.15 64.36
CA VAL M 68 11.20 -85.89 63.70
C VAL M 68 12.72 -85.74 63.67
N LYS M 69 13.38 -86.21 64.73
CA LYS M 69 14.83 -86.18 64.79
C LYS M 69 15.42 -87.25 63.87
N ALA M 70 14.63 -88.26 63.54
CA ALA M 70 15.06 -89.30 62.62
C ALA M 70 15.10 -88.80 61.18
N GLN M 71 14.62 -87.59 60.96
CA GLN M 71 14.60 -86.99 59.64
C GLN M 71 15.87 -86.17 59.42
N GLU M 72 16.44 -85.66 60.51
CA GLU M 72 17.49 -84.65 60.44
C GLU M 72 18.85 -85.17 59.95
N TRP M 73 19.04 -86.48 59.91
CA TRP M 73 20.33 -87.03 59.48
C TRP M 73 20.62 -86.69 58.02
N ALA M 74 19.56 -86.51 57.24
CA ALA M 74 19.71 -86.09 55.85
C ALA M 74 19.85 -84.58 55.80
N ALA M 75 19.71 -84.00 54.61
CA ALA M 75 19.83 -82.56 54.42
C ALA M 75 21.20 -81.99 54.80
N LEU M 76 22.18 -82.87 54.96
CA LEU M 76 23.55 -82.46 55.28
C LEU M 76 24.55 -83.35 54.56
N PRO M 77 25.73 -82.81 54.23
CA PRO M 77 26.74 -83.54 53.45
C PRO M 77 27.14 -84.90 54.05
N GLY M 78 26.97 -85.06 55.35
CA GLY M 78 27.25 -86.33 56.00
C GLY M 78 26.36 -87.43 55.46
N GLY M 79 25.08 -87.34 55.76
CA GLY M 79 24.10 -88.27 55.23
C GLY M 79 24.30 -89.70 55.70
N GLN M 80 24.29 -89.89 57.01
CA GLN M 80 24.42 -91.22 57.58
C GLN M 80 23.19 -91.58 58.42
N ALA M 81 22.64 -92.77 58.15
CA ALA M 81 21.43 -93.21 58.83
C ALA M 81 21.69 -94.41 59.74
N THR M 82 20.85 -94.59 60.73
CA THR M 82 21.00 -95.69 61.69
C THR M 82 19.69 -96.45 61.88
N TYR M 83 19.79 -97.77 62.01
CA TYR M 83 18.63 -98.62 62.26
C TYR M 83 18.94 -99.51 63.47
N LEU M 84 18.10 -99.40 64.49
CA LEU M 84 18.29 -100.12 65.75
C LEU M 84 19.67 -99.80 66.36
N GLY M 85 20.14 -98.58 66.10
CA GLY M 85 21.43 -98.13 66.60
C GLY M 85 22.57 -98.42 65.64
N ASN M 86 22.39 -99.41 64.77
CA ASN M 86 23.43 -99.82 63.84
C ASN M 86 23.42 -99.01 62.54
N PRO M 87 24.53 -98.30 62.27
CA PRO M 87 24.67 -97.50 61.05
C PRO M 87 24.59 -98.35 59.79
N VAL M 88 23.58 -98.09 58.96
CA VAL M 88 23.39 -98.84 57.72
C VAL M 88 24.35 -98.34 56.64
N PRO M 89 24.96 -99.28 55.89
CA PRO M 89 25.94 -98.96 54.85
C PRO M 89 25.35 -98.25 53.65
N TRP M 90 24.19 -98.70 53.17
CA TRP M 90 23.55 -98.09 52.02
C TRP M 90 22.62 -96.96 52.42
N GLY M 91 22.70 -96.54 53.69
CA GLY M 91 21.83 -95.51 54.22
C GLY M 91 22.24 -94.09 53.91
N THR M 92 22.21 -93.74 52.63
CA THR M 92 22.43 -92.35 52.20
C THR M 92 21.21 -91.88 51.43
N LEU M 93 21.00 -90.57 51.42
CA LEU M 93 19.78 -89.99 50.82
C LEU M 93 19.51 -90.42 49.37
N PRO M 94 20.47 -90.18 48.44
CA PRO M 94 20.16 -90.48 47.04
C PRO M 94 19.86 -91.96 46.77
N THR M 95 20.62 -92.84 47.39
CA THR M 95 20.45 -94.28 47.19
C THR M 95 19.07 -94.76 47.62
N ILE M 96 18.75 -94.53 48.90
CA ILE M 96 17.46 -94.95 49.43
C ILE M 96 16.31 -94.22 48.74
N LEU M 97 16.59 -93.03 48.21
CA LEU M 97 15.59 -92.28 47.48
C LEU M 97 15.26 -92.98 46.16
N ALA M 98 16.30 -93.42 45.46
CA ALA M 98 16.13 -94.16 44.22
C ALA M 98 15.42 -95.49 44.46
N ILE M 99 15.87 -96.23 45.47
CA ILE M 99 15.28 -97.52 45.81
C ILE M 99 13.79 -97.37 46.17
N GLU M 100 13.51 -96.44 47.07
CA GLU M 100 12.15 -96.15 47.49
C GLU M 100 11.28 -95.76 46.30
N PHE M 101 11.79 -94.87 45.47
CA PHE M 101 11.08 -94.43 44.28
C PHE M 101 10.70 -95.59 43.37
N LEU M 102 11.70 -96.37 42.96
CA LEU M 102 11.45 -97.50 42.06
C LEU M 102 10.48 -98.52 42.66
N ALA M 103 10.76 -98.95 43.89
CA ALA M 103 9.91 -99.95 44.56
C ALA M 103 8.46 -99.49 44.70
N ILE M 104 8.27 -98.32 45.31
CA ILE M 104 6.93 -97.82 45.58
C ILE M 104 6.18 -97.50 44.28
N ALA M 105 6.90 -97.03 43.26
CA ALA M 105 6.28 -96.73 41.97
C ALA M 105 5.79 -98.02 41.35
N PHE M 106 6.63 -99.04 41.40
CA PHE M 106 6.27 -100.34 40.84
C PHE M 106 5.04 -100.91 41.53
N VAL M 107 5.05 -100.96 42.85
CA VAL M 107 3.92 -101.56 43.57
C VAL M 107 2.62 -100.75 43.44
N GLU M 108 2.73 -99.42 43.49
CA GLU M 108 1.57 -98.56 43.39
C GLU M 108 0.95 -98.64 41.99
N HIS M 109 1.80 -98.57 40.97
CA HIS M 109 1.30 -98.66 39.60
C HIS M 109 0.74 -100.05 39.32
N GLN M 110 1.31 -101.05 39.98
CA GLN M 110 0.81 -102.41 39.84
C GLN M 110 -0.57 -102.52 40.47
N ARG M 111 -0.79 -101.76 41.55
CA ARG M 111 -2.11 -101.69 42.16
C ARG M 111 -3.07 -100.93 41.25
N SER M 112 -2.51 -100.01 40.47
CA SER M 112 -3.32 -99.17 39.57
C SER M 112 -3.92 -99.95 38.41
N MET M 113 -3.30 -101.07 38.04
CA MET M 113 -3.73 -101.85 36.89
C MET M 113 -4.94 -102.74 37.15
N GLU M 114 -5.30 -102.90 38.42
CA GLU M 114 -6.46 -103.71 38.79
C GLU M 114 -7.75 -103.04 38.31
N LYS M 115 -8.67 -103.83 37.75
CA LYS M 115 -9.92 -103.29 37.24
C LYS M 115 -11.09 -103.52 38.20
N ASP M 116 -11.13 -104.69 38.82
CA ASP M 116 -12.20 -105.02 39.76
C ASP M 116 -12.17 -104.09 40.96
N PRO M 117 -13.28 -103.39 41.21
CA PRO M 117 -13.38 -102.38 42.27
C PRO M 117 -13.31 -103.01 43.67
N GLU M 118 -13.72 -104.27 43.79
CA GLU M 118 -13.72 -104.95 45.07
C GLU M 118 -12.32 -105.45 45.43
N LYS M 119 -11.51 -105.73 44.41
CA LYS M 119 -10.14 -106.19 44.64
C LYS M 119 -9.17 -105.02 44.65
N LYS M 120 -9.63 -103.86 44.23
CA LYS M 120 -8.82 -102.65 44.26
C LYS M 120 -8.66 -102.16 45.69
N LYS M 121 -9.60 -102.59 46.54
CA LYS M 121 -9.56 -102.25 47.96
C LYS M 121 -9.31 -103.49 48.80
N TYR M 122 -9.86 -104.62 48.36
CA TYR M 122 -9.66 -105.90 49.05
C TYR M 122 -9.07 -106.94 48.09
N PRO M 123 -7.75 -106.87 47.86
CA PRO M 123 -7.08 -107.72 46.86
C PRO M 123 -7.11 -109.20 47.19
N GLY M 124 -6.76 -109.56 48.42
CA GLY M 124 -6.73 -110.96 48.83
C GLY M 124 -5.68 -111.75 48.06
N GLY M 125 -5.95 -113.04 47.88
CA GLY M 125 -5.05 -113.92 47.15
C GLY M 125 -3.71 -114.08 47.84
N ALA M 126 -2.67 -113.54 47.22
CA ALA M 126 -1.33 -113.60 47.78
C ALA M 126 -1.24 -112.76 49.04
N PHE M 127 -2.13 -111.78 49.17
CA PHE M 127 -2.11 -110.89 50.31
C PHE M 127 -2.98 -111.41 51.45
N ASP M 128 -3.45 -112.65 51.31
CA ASP M 128 -4.21 -113.29 52.38
C ASP M 128 -3.79 -114.75 52.56
N PRO M 129 -2.60 -114.96 53.16
CA PRO M 129 -2.09 -116.33 53.36
C PRO M 129 -2.86 -117.08 54.44
N LEU M 130 -3.38 -116.38 55.43
CA LEU M 130 -4.10 -117.01 56.52
C LEU M 130 -5.55 -117.28 56.13
N GLY M 131 -5.93 -116.86 54.92
CA GLY M 131 -7.25 -117.12 54.39
C GLY M 131 -8.37 -116.60 55.27
N TYR M 132 -8.13 -115.50 55.96
CA TYR M 132 -9.11 -114.91 56.85
C TYR M 132 -10.29 -114.29 56.12
N SER M 133 -10.22 -114.26 54.78
CA SER M 133 -11.28 -113.67 53.98
C SER M 133 -12.16 -114.73 53.31
N LYS M 134 -11.88 -115.99 53.61
CA LYS M 134 -12.59 -117.11 53.00
C LYS M 134 -14.06 -117.16 53.42
N ASP M 135 -14.33 -116.80 54.67
CA ASP M 135 -15.70 -116.75 55.17
C ASP M 135 -16.28 -115.35 55.00
N PRO M 136 -17.41 -115.24 54.27
CA PRO M 136 -18.04 -113.95 53.95
C PRO M 136 -18.38 -113.09 55.16
N LYS M 137 -19.05 -113.68 56.15
CA LYS M 137 -19.50 -112.94 57.33
C LYS M 137 -18.31 -112.46 58.15
N LYS M 138 -17.31 -113.33 58.28
CA LYS M 138 -16.10 -113.00 58.99
C LYS M 138 -15.35 -111.92 58.21
N LEU M 139 -15.45 -111.98 56.89
CA LEU M 139 -14.82 -110.98 56.04
C LEU M 139 -15.43 -109.62 56.33
N GLU M 140 -16.77 -109.56 56.38
CA GLU M 140 -17.45 -108.30 56.67
C GLU M 140 -17.07 -107.73 58.03
N GLU M 141 -17.08 -108.60 59.05
CA GLU M 141 -16.76 -108.19 60.41
C GLU M 141 -15.34 -107.63 60.48
N LEU M 142 -14.40 -108.37 59.91
CA LEU M 142 -12.99 -107.97 59.89
C LEU M 142 -12.78 -106.70 59.07
N LYS M 143 -13.63 -106.49 58.06
CA LYS M 143 -13.60 -105.27 57.26
C LYS M 143 -13.95 -104.07 58.12
N VAL M 144 -15.05 -104.19 58.86
CA VAL M 144 -15.46 -103.12 59.77
C VAL M 144 -14.34 -102.82 60.77
N LYS M 145 -13.74 -103.88 61.30
CA LYS M 145 -12.65 -103.72 62.25
C LYS M 145 -11.47 -102.99 61.62
N GLU M 146 -11.20 -103.30 60.35
CA GLU M 146 -10.09 -102.70 59.62
C GLU M 146 -10.30 -101.22 59.43
N ILE M 147 -11.48 -100.86 58.93
CA ILE M 147 -11.76 -99.46 58.65
C ILE M 147 -11.78 -98.63 59.94
N LYS M 148 -12.23 -99.23 61.03
CA LYS M 148 -12.27 -98.50 62.29
C LYS M 148 -10.88 -98.28 62.90
N ASN M 149 -10.08 -99.35 62.98
CA ASN M 149 -8.71 -99.19 63.48
C ASN M 149 -7.92 -98.23 62.60
N GLY M 150 -8.17 -98.29 61.29
CA GLY M 150 -7.51 -97.42 60.34
C GLY M 150 -7.85 -95.96 60.55
N ARG M 151 -9.14 -95.67 60.69
CA ARG M 151 -9.58 -94.30 60.93
C ARG M 151 -9.00 -93.75 62.24
N LEU M 152 -8.99 -94.59 63.27
CA LEU M 152 -8.42 -94.18 64.54
C LEU M 152 -6.93 -93.90 64.40
N ALA M 153 -6.27 -94.66 63.52
CA ALA M 153 -4.85 -94.46 63.26
C ALA M 153 -4.62 -93.14 62.55
N LEU M 154 -5.50 -92.80 61.61
CA LEU M 154 -5.44 -91.53 60.92
C LEU M 154 -5.58 -90.38 61.92
N LEU M 155 -6.54 -90.50 62.83
CA LEU M 155 -6.75 -89.47 63.84
C LEU M 155 -5.50 -89.34 64.72
N ALA M 156 -4.87 -90.47 65.03
CA ALA M 156 -3.64 -90.47 65.81
C ALA M 156 -2.52 -89.74 65.08
N PHE M 157 -2.46 -89.93 63.77
CA PHE M 157 -1.45 -89.28 62.94
C PHE M 157 -1.64 -87.77 62.95
N VAL M 158 -2.90 -87.34 62.83
CA VAL M 158 -3.23 -85.93 62.93
C VAL M 158 -2.74 -85.39 64.26
N GLY M 159 -3.00 -86.16 65.32
CA GLY M 159 -2.54 -85.80 66.65
C GLY M 159 -1.03 -85.60 66.70
N PHE M 160 -0.29 -86.52 66.09
CA PHE M 160 1.16 -86.45 66.08
C PHE M 160 1.63 -85.17 65.39
N CYS M 161 1.06 -84.90 64.22
CA CYS M 161 1.51 -83.77 63.43
C CYS M 161 1.18 -82.41 64.07
N VAL M 162 -0.03 -82.29 64.62
CA VAL M 162 -0.41 -81.05 65.28
C VAL M 162 0.39 -80.85 66.56
N GLN M 163 0.58 -81.92 67.32
CA GLN M 163 1.37 -81.86 68.56
C GLN M 163 2.83 -81.52 68.23
N GLN M 164 3.28 -81.89 67.05
CA GLN M 164 4.63 -81.56 66.62
C GLN M 164 4.71 -80.09 66.22
N SER M 165 3.64 -79.59 65.61
CA SER M 165 3.58 -78.18 65.22
C SER M 165 3.57 -77.29 66.47
N ALA M 166 2.91 -77.75 67.52
CA ALA M 166 2.81 -76.98 68.76
C ALA M 166 4.09 -77.05 69.58
N TYR M 167 4.65 -78.25 69.68
CA TYR M 167 5.87 -78.48 70.45
C TYR M 167 6.95 -79.10 69.56
N PRO M 168 7.63 -78.27 68.75
CA PRO M 168 8.64 -78.75 67.81
C PRO M 168 9.83 -79.45 68.49
N GLY M 169 10.28 -80.55 67.91
CA GLY M 169 11.42 -81.29 68.42
C GLY M 169 11.08 -82.33 69.46
N THR M 170 9.81 -82.40 69.84
CA THR M 170 9.37 -83.35 70.86
C THR M 170 8.39 -84.36 70.29
N GLY M 171 8.60 -85.63 70.62
CA GLY M 171 7.75 -86.70 70.13
C GLY M 171 6.44 -86.80 70.89
N PRO M 172 5.51 -87.63 70.38
CA PRO M 172 4.18 -87.82 70.97
C PRO M 172 4.24 -88.47 72.35
N LEU M 173 5.16 -89.41 72.54
CA LEU M 173 5.24 -90.14 73.79
C LEU M 173 5.79 -89.24 74.87
N GLU M 174 6.67 -88.32 74.45
CA GLU M 174 7.27 -87.33 75.33
C GLU M 174 6.19 -86.38 75.81
N ASN M 175 5.26 -86.06 74.90
CA ASN M 175 4.12 -85.21 75.22
C ASN M 175 3.15 -85.93 76.15
N LEU M 176 3.03 -87.25 75.97
CA LEU M 176 2.18 -88.05 76.84
C LEU M 176 2.73 -88.03 78.26
N ALA M 177 4.05 -88.16 78.38
CA ALA M 177 4.69 -88.11 79.69
C ALA M 177 4.53 -86.72 80.30
N THR M 178 4.69 -85.69 79.49
CA THR M 178 4.54 -84.31 79.93
C THR M 178 3.12 -84.08 80.45
N HIS M 179 2.14 -84.68 79.79
CA HIS M 179 0.76 -84.60 80.23
C HIS M 179 0.57 -85.34 81.54
N LEU M 180 1.23 -86.49 81.67
CA LEU M 180 1.13 -87.28 82.89
C LEU M 180 1.75 -86.56 84.08
N ALA M 181 2.67 -85.63 83.80
CA ALA M 181 3.29 -84.82 84.84
C ALA M 181 2.24 -83.97 85.55
N ASP M 182 1.76 -82.93 84.88
CA ASP M 182 0.67 -82.11 85.40
C ASP M 182 -0.49 -82.09 84.40
N PRO M 183 -1.41 -83.06 84.52
CA PRO M 183 -2.54 -83.19 83.59
C PRO M 183 -3.42 -81.95 83.58
N TRP M 184 -3.49 -81.25 84.69
CA TRP M 184 -4.35 -80.08 84.81
C TRP M 184 -3.61 -78.78 84.45
N HIS M 185 -2.35 -78.89 84.06
CA HIS M 185 -1.56 -77.72 83.68
C HIS M 185 -0.90 -77.89 82.32
N ASN M 186 -0.59 -79.13 81.98
CA ASN M 186 0.03 -79.44 80.70
C ASN M 186 -0.99 -79.99 79.70
N ASN M 187 -1.67 -79.08 79.02
CA ASN M 187 -2.71 -79.46 78.08
C ASN M 187 -2.66 -78.63 76.79
N ILE M 188 -3.72 -78.71 76.00
CA ILE M 188 -3.81 -77.97 74.75
C ILE M 188 -4.13 -76.49 75.00
N GLY M 189 -4.58 -76.18 76.21
CA GLY M 189 -4.94 -74.83 76.58
C GLY M 189 -3.85 -73.81 76.27
N ASP M 190 -2.62 -74.13 76.67
CA ASP M 190 -1.47 -73.26 76.45
C ASP M 190 -1.30 -72.89 74.97
N ILE M 191 -1.85 -73.71 74.09
CA ILE M 191 -1.76 -73.46 72.65
C ILE M 191 -3.03 -72.76 72.17
N LEU M 192 -4.17 -73.14 72.73
CA LEU M 192 -5.45 -72.61 72.27
C LEU M 192 -5.75 -71.22 72.83
N ILE M 193 -5.92 -71.15 74.14
CA ILE M 193 -6.27 -69.89 74.80
C ILE M 193 -5.07 -69.30 75.50
N GLY M 194 -3.88 -69.57 74.97
CA GLY M 194 -2.65 -69.06 75.55
C GLY M 194 -1.90 -68.14 74.61
N PHE M 195 -1.04 -67.30 75.17
CA PHE M 195 -0.81 -67.27 76.62
C PHE M 195 -1.05 -65.88 77.17
N PRO N 1 -75.46 -25.32 66.00
CA PRO N 1 -75.87 -24.72 64.73
C PRO N 1 -76.14 -23.22 64.86
N ASP N 2 -76.73 -22.83 65.99
CA ASP N 2 -76.98 -21.43 66.27
C ASP N 2 -76.20 -21.01 67.50
N ARG N 3 -75.15 -20.23 67.30
CA ARG N 3 -74.25 -19.87 68.39
C ARG N 3 -73.48 -18.59 68.05
N PRO N 4 -73.05 -17.84 69.08
CA PRO N 4 -72.23 -16.65 68.84
C PRO N 4 -70.89 -17.04 68.23
N LEU N 5 -70.35 -16.21 67.35
CA LEU N 5 -69.11 -16.54 66.66
C LEU N 5 -67.97 -15.59 67.01
N TRP N 6 -66.75 -16.02 66.70
CA TRP N 6 -65.56 -15.21 66.93
C TRP N 6 -65.53 -14.03 65.98
N PHE N 7 -66.12 -14.22 64.81
CA PHE N 7 -66.14 -13.19 63.77
C PHE N 7 -67.56 -13.03 63.27
N PRO N 8 -68.36 -12.18 63.95
CA PRO N 8 -69.75 -11.89 63.58
C PRO N 8 -69.90 -11.56 62.10
N GLY N 9 -70.84 -12.21 61.43
CA GLY N 9 -71.08 -11.99 60.01
C GLY N 9 -70.35 -13.00 59.15
N SER N 10 -69.71 -13.96 59.78
CA SER N 10 -68.98 -15.00 59.04
C SER N 10 -69.67 -16.35 59.17
N THR N 11 -69.42 -17.23 58.20
CA THR N 11 -69.96 -18.57 58.24
C THR N 11 -68.96 -19.54 58.85
N PRO N 12 -69.36 -20.22 59.93
CA PRO N 12 -68.48 -21.18 60.60
C PRO N 12 -68.16 -22.36 59.68
N PRO N 13 -66.95 -22.93 59.80
CA PRO N 13 -66.55 -24.08 59.00
C PRO N 13 -67.46 -25.28 59.21
N PRO N 14 -67.63 -26.12 58.18
CA PRO N 14 -68.53 -27.28 58.20
C PRO N 14 -68.24 -28.25 59.34
N TRP N 15 -66.97 -28.41 59.70
CA TRP N 15 -66.59 -29.38 60.72
C TRP N 15 -66.87 -28.91 62.14
N LEU N 16 -67.17 -27.62 62.30
CA LEU N 16 -67.53 -27.09 63.61
C LEU N 16 -69.03 -26.90 63.74
N ASP N 17 -69.71 -27.95 64.22
CA ASP N 17 -71.16 -27.94 64.37
C ASP N 17 -71.60 -26.98 65.48
N GLY N 18 -70.92 -27.06 66.61
CA GLY N 18 -71.30 -26.30 67.78
C GLY N 18 -71.67 -27.25 68.91
N SER N 19 -71.47 -28.54 68.65
CA SER N 19 -71.77 -29.58 69.64
C SER N 19 -70.58 -29.78 70.57
N LEU N 20 -69.52 -29.04 70.30
CA LEU N 20 -68.29 -29.15 71.08
C LEU N 20 -68.18 -27.97 72.02
N PRO N 21 -67.84 -28.23 73.30
CA PRO N 21 -67.66 -27.15 74.27
C PRO N 21 -66.56 -26.17 73.85
N GLY N 22 -66.92 -24.90 73.69
CA GLY N 22 -65.97 -23.87 73.29
C GLY N 22 -65.96 -23.59 71.80
N ASP N 23 -66.96 -24.10 71.10
CA ASP N 23 -67.08 -23.93 69.65
C ASP N 23 -67.58 -22.52 69.32
N PHE N 24 -66.71 -21.71 68.71
CA PHE N 24 -67.09 -20.37 68.29
C PHE N 24 -66.78 -20.16 66.81
N GLY N 25 -66.56 -21.27 66.11
CA GLY N 25 -66.32 -21.24 64.67
C GLY N 25 -64.97 -20.67 64.30
N PHE N 26 -64.01 -20.72 65.24
CA PHE N 26 -62.67 -20.22 64.96
C PHE N 26 -61.73 -21.34 64.55
N ASP N 27 -61.43 -21.40 63.26
CA ASP N 27 -60.38 -22.25 62.72
C ASP N 27 -60.05 -21.79 61.31
N PRO N 28 -59.50 -20.57 61.18
CA PRO N 28 -59.33 -19.96 59.85
C PRO N 28 -58.28 -20.66 58.99
N LEU N 29 -57.48 -21.54 59.59
CA LEU N 29 -56.48 -22.30 58.85
C LEU N 29 -56.92 -23.73 58.60
N GLY N 30 -58.08 -24.09 59.16
CA GLY N 30 -58.64 -25.41 58.96
C GLY N 30 -57.78 -26.51 59.56
N LEU N 31 -57.21 -26.24 60.73
CA LEU N 31 -56.32 -27.20 61.38
C LEU N 31 -57.10 -28.34 62.03
N GLY N 32 -58.43 -28.22 62.06
CA GLY N 32 -59.28 -29.24 62.62
C GLY N 32 -60.31 -29.74 61.63
N SER N 33 -60.01 -29.57 60.34
CA SER N 33 -60.92 -29.98 59.27
C SER N 33 -61.13 -31.50 59.24
N ASP N 34 -60.05 -32.25 59.50
CA ASP N 34 -60.15 -33.70 59.59
C ASP N 34 -60.64 -34.09 60.97
N PRO N 35 -61.61 -35.01 61.04
CA PRO N 35 -62.20 -35.49 62.30
C PRO N 35 -61.18 -35.95 63.34
N GLU N 36 -60.26 -36.82 62.95
CA GLU N 36 -59.23 -37.31 63.87
C GLU N 36 -58.34 -36.18 64.37
N SER N 37 -57.97 -35.28 63.46
CA SER N 37 -57.14 -34.13 63.82
C SER N 37 -57.89 -33.20 64.77
N LEU N 38 -59.19 -33.00 64.51
CA LEU N 38 -60.02 -32.15 65.36
C LEU N 38 -60.12 -32.74 66.76
N ARG N 39 -60.25 -34.06 66.82
CA ARG N 39 -60.41 -34.80 68.05
C ARG N 39 -59.13 -34.74 68.89
N TRP N 40 -58.00 -35.03 68.24
CA TRP N 40 -56.71 -34.96 68.89
C TRP N 40 -56.42 -33.54 69.37
N ASN N 41 -56.77 -32.57 68.54
CA ASN N 41 -56.63 -31.16 68.90
C ASN N 41 -57.52 -30.77 70.08
N VAL N 42 -58.67 -31.44 70.20
CA VAL N 42 -59.54 -31.20 71.34
C VAL N 42 -58.85 -31.67 72.61
N GLN N 43 -58.33 -32.89 72.59
CA GLN N 43 -57.60 -33.39 73.76
C GLN N 43 -56.42 -32.51 74.11
N ALA N 44 -55.65 -32.13 73.09
CA ALA N 44 -54.47 -31.30 73.27
C ALA N 44 -54.85 -29.94 73.86
N GLU N 45 -55.96 -29.38 73.40
CA GLU N 45 -56.43 -28.11 73.94
C GLU N 45 -56.86 -28.28 75.39
N LEU N 46 -57.41 -29.44 75.72
CA LEU N 46 -57.79 -29.74 77.10
C LEU N 46 -56.58 -29.74 78.02
N VAL N 47 -55.62 -30.60 77.73
CA VAL N 47 -54.43 -30.70 78.58
C VAL N 47 -53.64 -29.39 78.63
N HIS N 48 -53.54 -28.71 77.49
CA HIS N 48 -52.92 -27.39 77.46
C HIS N 48 -53.64 -26.44 78.39
N SER N 49 -54.98 -26.46 78.35
CA SER N 49 -55.81 -25.60 79.16
C SER N 49 -55.59 -25.84 80.65
N ARG N 50 -55.60 -27.11 81.04
CA ARG N 50 -55.50 -27.46 82.45
C ARG N 50 -54.09 -27.20 83.01
N TRP N 51 -53.07 -27.57 82.24
CA TRP N 51 -51.69 -27.28 82.63
C TRP N 51 -51.46 -25.78 82.73
N ALA N 52 -52.04 -25.03 81.81
CA ALA N 52 -51.87 -23.58 81.80
C ALA N 52 -52.67 -22.89 82.90
N MET N 53 -53.76 -23.50 83.34
CA MET N 53 -54.52 -22.96 84.45
C MET N 53 -53.76 -23.19 85.75
N LEU N 54 -53.28 -24.43 85.92
CA LEU N 54 -52.44 -24.77 87.06
C LEU N 54 -51.22 -23.87 87.12
N GLY N 55 -50.65 -23.60 85.95
CA GLY N 55 -49.48 -22.75 85.84
C GLY N 55 -49.76 -21.30 86.16
N ALA N 56 -50.82 -20.75 85.56
CA ALA N 56 -51.21 -19.37 85.78
C ALA N 56 -51.50 -19.13 87.26
N ALA N 57 -52.25 -20.03 87.88
CA ALA N 57 -52.47 -19.96 89.31
C ALA N 57 -51.13 -20.03 90.04
N GLY N 58 -50.27 -20.94 89.57
CA GLY N 58 -48.98 -21.19 90.18
C GLY N 58 -47.96 -20.08 90.12
N ILE N 59 -48.16 -19.12 89.21
CA ILE N 59 -47.25 -17.98 89.13
C ILE N 59 -47.89 -16.68 89.59
N PHE N 60 -49.21 -16.59 89.47
CA PHE N 60 -49.90 -15.34 89.80
C PHE N 60 -50.37 -15.31 91.25
N ILE N 61 -50.82 -16.45 91.76
CA ILE N 61 -51.23 -16.51 93.17
C ILE N 61 -50.05 -16.32 94.15
N PRO N 62 -48.95 -17.07 93.96
CA PRO N 62 -47.83 -16.86 94.89
C PRO N 62 -47.18 -15.49 94.76
N GLU N 63 -47.05 -14.99 93.53
CA GLU N 63 -46.40 -13.70 93.29
C GLU N 63 -47.21 -12.57 93.93
N PHE N 64 -48.52 -12.77 94.00
CA PHE N 64 -49.41 -11.76 94.57
C PHE N 64 -49.33 -11.79 96.10
N LEU N 65 -49.13 -12.99 96.65
CA LEU N 65 -48.97 -13.13 98.10
C LEU N 65 -47.54 -12.78 98.51
N THR N 66 -46.61 -12.93 97.58
CA THR N 66 -45.21 -12.58 97.84
C THR N 66 -45.07 -11.07 97.99
N LYS N 67 -45.84 -10.34 97.18
CA LYS N 67 -45.83 -8.87 97.25
C LYS N 67 -46.36 -8.39 98.60
N LEU N 68 -47.20 -9.19 99.24
CA LEU N 68 -47.66 -8.89 100.58
C LEU N 68 -46.74 -9.54 101.60
N GLY N 69 -47.11 -9.48 102.87
CA GLY N 69 -46.30 -10.07 103.93
C GLY N 69 -46.63 -11.53 104.17
N ILE N 70 -47.47 -12.10 103.30
CA ILE N 70 -47.93 -13.47 103.47
C ILE N 70 -46.85 -14.50 103.11
N LEU N 71 -46.23 -14.34 101.95
CA LEU N 71 -45.21 -15.27 101.50
C LEU N 71 -43.91 -14.55 101.11
N ASN N 72 -42.86 -15.33 100.86
CA ASN N 72 -41.58 -14.76 100.45
C ASN N 72 -40.91 -15.60 99.37
N THR N 73 -41.73 -16.35 98.62
CA THR N 73 -41.24 -17.19 97.53
C THR N 73 -40.61 -16.35 96.43
N PRO N 74 -39.49 -16.83 95.86
CA PRO N 74 -38.78 -16.10 94.80
C PRO N 74 -39.58 -16.02 93.51
N SER N 75 -39.04 -15.33 92.52
CA SER N 75 -39.69 -15.15 91.23
C SER N 75 -39.93 -16.49 90.54
N TRP N 76 -41.08 -16.60 89.88
CA TRP N 76 -41.44 -17.83 89.16
C TRP N 76 -40.46 -18.06 88.02
N TYR N 77 -39.93 -16.98 87.48
CA TYR N 77 -39.05 -17.04 86.31
C TYR N 77 -37.68 -17.61 86.68
N THR N 78 -37.30 -17.47 87.95
CA THR N 78 -35.99 -17.92 88.40
C THR N 78 -36.09 -19.02 89.45
N ALA N 79 -37.28 -19.57 89.62
CA ALA N 79 -37.52 -20.61 90.63
C ALA N 79 -36.92 -21.95 90.21
N GLY N 80 -36.62 -22.09 88.92
CA GLY N 80 -36.09 -23.32 88.39
C GLY N 80 -34.57 -23.39 88.48
N GLU N 81 -33.91 -22.27 88.27
CA GLU N 81 -32.45 -22.23 88.20
C GLU N 81 -31.78 -22.35 89.56
N GLN N 82 -32.58 -22.54 90.62
CA GLN N 82 -32.02 -22.68 91.95
C GLN N 82 -31.84 -24.14 92.35
N GLU N 83 -31.24 -24.36 93.51
CA GLU N 83 -30.94 -25.71 93.98
C GLU N 83 -31.95 -26.19 95.04
N TYR N 84 -32.13 -27.50 95.11
CA TYR N 84 -33.05 -28.10 96.08
C TYR N 84 -32.34 -29.21 96.84
N PHE N 85 -33.12 -30.03 97.55
CA PHE N 85 -32.55 -31.11 98.36
C PHE N 85 -31.79 -32.13 97.50
N THR N 86 -32.23 -32.30 96.27
CA THR N 86 -31.50 -33.09 95.30
C THR N 86 -31.35 -32.29 94.01
N ASP N 87 -30.50 -32.77 93.10
CA ASP N 87 -30.31 -32.10 91.83
C ASP N 87 -31.62 -32.06 91.04
N THR N 88 -31.78 -31.04 90.21
CA THR N 88 -33.02 -30.86 89.46
C THR N 88 -33.23 -31.97 88.43
N THR N 89 -32.14 -32.59 88.01
CA THR N 89 -32.19 -33.65 87.02
C THR N 89 -32.82 -34.93 87.58
N THR N 90 -32.57 -35.22 88.86
CA THR N 90 -33.19 -36.36 89.53
C THR N 90 -34.70 -36.15 89.63
N LEU N 91 -35.07 -34.94 90.05
CA LEU N 91 -36.47 -34.53 90.12
C LEU N 91 -37.12 -34.67 88.74
N PHE N 92 -36.35 -34.32 87.71
CA PHE N 92 -36.84 -34.40 86.34
C PHE N 92 -37.04 -35.84 85.90
N ILE N 93 -36.15 -36.73 86.33
CA ILE N 93 -36.29 -38.15 86.02
C ILE N 93 -37.52 -38.76 86.70
N VAL N 94 -37.71 -38.46 87.98
CA VAL N 94 -38.88 -38.93 88.70
C VAL N 94 -40.15 -38.40 88.05
N GLU N 95 -40.10 -37.12 87.67
CA GLU N 95 -41.20 -36.50 86.96
C GLU N 95 -41.49 -37.25 85.66
N LEU N 96 -40.44 -37.61 84.95
CA LEU N 96 -40.58 -38.30 83.67
C LEU N 96 -41.19 -39.69 83.82
N VAL N 97 -40.83 -40.42 84.87
CA VAL N 97 -41.42 -41.75 85.06
C VAL N 97 -42.87 -41.68 85.56
N PHE N 98 -43.14 -40.78 86.50
CA PHE N 98 -44.50 -40.64 87.05
C PHE N 98 -45.48 -40.08 86.02
N ILE N 99 -45.18 -38.86 85.55
CA ILE N 99 -45.97 -38.23 84.51
C ILE N 99 -45.96 -39.08 83.24
N GLY N 100 -44.89 -39.85 83.05
CA GLY N 100 -44.82 -40.78 81.94
C GLY N 100 -45.84 -41.88 82.05
N TRP N 101 -46.04 -42.38 83.27
CA TRP N 101 -47.08 -43.35 83.53
C TRP N 101 -48.46 -42.77 83.25
N ALA N 102 -48.74 -41.63 83.89
CA ALA N 102 -50.05 -40.99 83.74
C ALA N 102 -50.39 -40.68 82.28
N GLU N 103 -49.45 -40.05 81.59
CA GLU N 103 -49.62 -39.69 80.19
C GLU N 103 -49.66 -40.94 79.31
N GLY N 104 -49.05 -42.02 79.78
CA GLY N 104 -49.09 -43.27 79.06
C GLY N 104 -50.49 -43.84 79.04
N ARG N 105 -51.08 -43.95 80.24
CA ARG N 105 -52.44 -44.46 80.35
C ARG N 105 -53.43 -43.54 79.64
N ARG N 106 -53.21 -42.24 79.74
CA ARG N 106 -54.07 -41.28 79.04
C ARG N 106 -53.95 -41.40 77.52
N TRP N 107 -52.75 -41.69 77.03
CA TRP N 107 -52.51 -41.88 75.60
C TRP N 107 -53.25 -43.12 75.13
N ALA N 108 -53.13 -44.19 75.91
CA ALA N 108 -53.85 -45.42 75.61
C ALA N 108 -55.36 -45.17 75.61
N ASP N 109 -55.81 -44.24 76.45
CA ASP N 109 -57.21 -43.86 76.49
C ASP N 109 -57.64 -43.12 75.23
N ILE N 110 -56.80 -42.20 74.77
CA ILE N 110 -57.11 -41.43 73.57
C ILE N 110 -57.15 -42.34 72.34
N LEU N 111 -56.21 -43.26 72.25
CA LEU N 111 -56.13 -44.16 71.11
C LEU N 111 -57.11 -45.34 71.21
N ASN N 112 -57.58 -45.62 72.41
CA ASN N 112 -58.58 -46.67 72.64
C ASN N 112 -59.37 -46.38 73.92
N PRO N 113 -60.52 -45.70 73.77
CA PRO N 113 -61.39 -45.16 74.82
C PRO N 113 -61.57 -46.00 76.09
N GLY N 114 -61.73 -47.31 75.93
CA GLY N 114 -62.10 -48.16 77.05
C GLY N 114 -60.97 -48.83 77.83
N CYS N 115 -59.86 -49.09 77.16
CA CYS N 115 -58.85 -50.01 77.67
C CYS N 115 -58.16 -49.64 79.00
N VAL N 116 -58.26 -48.38 79.41
CA VAL N 116 -57.52 -47.94 80.60
C VAL N 116 -58.40 -47.43 81.74
N ASN N 117 -59.58 -48.02 81.91
CA ASN N 117 -60.50 -47.59 82.96
C ASN N 117 -60.38 -48.38 84.26
N THR N 118 -59.69 -49.52 84.22
CA THR N 118 -59.58 -50.40 85.38
C THR N 118 -58.19 -50.39 86.00
N ASP N 119 -58.15 -50.49 87.33
CA ASP N 119 -56.90 -50.51 88.08
C ASP N 119 -56.23 -51.89 87.97
N PRO N 120 -55.01 -51.93 87.41
CA PRO N 120 -54.26 -53.17 87.19
C PRO N 120 -53.97 -53.96 88.46
N ILE N 121 -53.82 -53.29 89.60
CA ILE N 121 -53.57 -53.98 90.86
C ILE N 121 -54.88 -54.44 91.51
N PHE N 122 -55.77 -53.49 91.74
CA PHE N 122 -57.06 -53.77 92.36
C PHE N 122 -58.21 -53.57 91.38
N PRO N 123 -58.70 -54.67 90.79
CA PRO N 123 -59.75 -54.62 89.77
C PRO N 123 -61.08 -54.09 90.32
N ASN N 124 -61.13 -53.85 91.62
CA ASN N 124 -62.32 -53.31 92.27
C ASN N 124 -62.58 -51.86 91.87
N ASN N 125 -61.51 -51.07 91.76
CA ASN N 125 -61.63 -49.66 91.45
C ASN N 125 -61.63 -49.37 89.95
N LYS N 126 -62.61 -48.60 89.49
CA LYS N 126 -62.74 -48.26 88.07
C LYS N 126 -63.05 -46.77 87.88
N LEU N 127 -62.86 -46.29 86.67
CA LEU N 127 -63.19 -44.90 86.32
C LEU N 127 -64.54 -44.85 85.62
N THR N 128 -65.35 -43.84 85.95
CA THR N 128 -66.70 -43.74 85.43
C THR N 128 -66.85 -42.71 84.31
N GLY N 129 -65.73 -42.34 83.69
CA GLY N 129 -65.75 -41.38 82.60
C GLY N 129 -66.36 -42.00 81.35
N THR N 130 -67.26 -41.28 80.70
CA THR N 130 -67.95 -41.79 79.52
C THR N 130 -67.19 -41.43 78.25
N ASP N 131 -66.84 -40.16 78.10
CA ASP N 131 -66.11 -39.69 76.94
C ASP N 131 -64.69 -39.25 77.29
N VAL N 132 -63.77 -39.44 76.35
CA VAL N 132 -62.35 -39.17 76.59
C VAL N 132 -62.07 -37.70 76.89
N GLY N 133 -61.04 -37.47 77.71
CA GLY N 133 -60.69 -36.13 78.14
C GLY N 133 -61.33 -35.82 79.48
N TYR N 134 -62.17 -36.73 79.93
CA TYR N 134 -62.89 -36.57 81.18
C TYR N 134 -62.96 -37.91 81.91
N PRO N 135 -61.87 -38.24 82.64
CA PRO N 135 -61.67 -39.55 83.27
C PRO N 135 -62.70 -39.89 84.34
N GLY N 136 -63.04 -38.93 85.19
CA GLY N 136 -64.00 -39.16 86.26
C GLY N 136 -63.48 -40.08 87.35
N GLY N 137 -64.30 -41.02 87.78
CA GLY N 137 -63.92 -41.95 88.82
C GLY N 137 -63.79 -41.26 90.18
N LEU N 138 -63.33 -42.00 91.18
CA LEU N 138 -63.18 -41.45 92.52
C LEU N 138 -61.97 -40.54 92.61
N TRP N 139 -60.92 -40.86 91.86
CA TRP N 139 -59.67 -40.11 91.90
C TRP N 139 -59.78 -38.74 91.24
N PHE N 140 -60.44 -38.68 90.08
CA PHE N 140 -60.49 -37.44 89.31
C PHE N 140 -61.84 -36.72 89.42
N ASP N 141 -62.82 -37.36 90.02
CA ASP N 141 -64.12 -36.72 90.25
C ASP N 141 -64.79 -37.26 91.53
N PRO N 142 -64.22 -36.89 92.70
CA PRO N 142 -64.77 -37.37 93.97
C PRO N 142 -66.09 -36.70 94.36
N LEU N 143 -66.37 -35.53 93.78
CA LEU N 143 -67.59 -34.80 94.09
C LEU N 143 -68.74 -35.17 93.14
N GLY N 144 -68.43 -36.00 92.15
CA GLY N 144 -69.44 -36.47 91.21
C GLY N 144 -69.99 -35.39 90.29
N TRP N 145 -69.30 -34.26 90.24
CA TRP N 145 -69.74 -33.14 89.41
C TRP N 145 -69.49 -33.39 87.93
N GLY N 146 -68.73 -34.45 87.64
CA GLY N 146 -68.39 -34.77 86.27
C GLY N 146 -69.49 -35.45 85.49
N SER N 147 -70.46 -36.01 86.20
CA SER N 147 -71.59 -36.68 85.57
C SER N 147 -72.89 -35.94 85.80
N ALA N 148 -73.47 -35.39 84.74
CA ALA N 148 -74.72 -34.66 84.84
C ALA N 148 -75.44 -34.59 83.48
N SER N 149 -76.39 -33.67 83.38
CA SER N 149 -77.13 -33.45 82.14
C SER N 149 -76.21 -32.85 81.09
N PRO N 150 -76.48 -33.15 79.80
CA PRO N 150 -75.68 -32.63 78.69
C PRO N 150 -75.58 -31.10 78.67
N GLN N 151 -76.60 -30.42 79.17
CA GLN N 151 -76.57 -28.97 79.24
C GLN N 151 -75.53 -28.49 80.25
N LYS N 152 -75.58 -29.06 81.45
CA LYS N 152 -74.64 -28.70 82.50
C LYS N 152 -73.21 -29.08 82.12
N LEU N 153 -73.07 -30.23 81.47
CA LEU N 153 -71.75 -30.66 80.99
C LEU N 153 -71.21 -29.69 79.95
N LYS N 154 -72.07 -29.30 79.01
CA LYS N 154 -71.71 -28.29 78.01
C LYS N 154 -71.23 -27.00 78.67
N GLU N 155 -72.02 -26.51 79.62
CA GLU N 155 -71.71 -25.26 80.31
C GLU N 155 -70.39 -25.33 81.06
N LEU N 156 -70.24 -26.37 81.87
CA LEU N 156 -69.05 -26.57 82.69
C LEU N 156 -67.78 -26.75 81.86
N ARG N 157 -67.89 -27.55 80.80
CA ARG N 157 -66.74 -27.78 79.92
C ARG N 157 -66.40 -26.53 79.12
N THR N 158 -67.41 -25.72 78.82
CA THR N 158 -67.18 -24.44 78.15
C THR N 158 -66.42 -23.48 79.08
N LYS N 159 -66.83 -23.46 80.34
CA LYS N 159 -66.14 -22.66 81.36
C LYS N 159 -64.70 -23.12 81.50
N GLU N 160 -64.52 -24.44 81.55
CA GLU N 160 -63.21 -25.06 81.69
C GLU N 160 -62.30 -24.64 80.54
N ILE N 161 -62.80 -24.81 79.32
CA ILE N 161 -62.00 -24.52 78.14
C ILE N 161 -61.69 -23.04 78.02
N LYS N 162 -62.65 -22.18 78.36
CA LYS N 162 -62.44 -20.73 78.29
C LYS N 162 -61.41 -20.23 79.31
N ASN N 163 -61.59 -20.64 80.57
CA ASN N 163 -60.60 -20.34 81.61
C ASN N 163 -59.24 -20.89 81.19
N GLY N 164 -59.27 -21.98 80.41
CA GLY N 164 -58.06 -22.54 79.83
C GLY N 164 -57.38 -21.64 78.82
N ARG N 165 -58.16 -21.06 77.91
CA ARG N 165 -57.63 -20.13 76.91
C ARG N 165 -57.00 -18.93 77.60
N LEU N 166 -57.78 -18.35 78.51
CA LEU N 166 -57.34 -17.19 79.28
C LEU N 166 -56.05 -17.51 80.03
N ALA N 167 -55.97 -18.73 80.55
CA ALA N 167 -54.78 -19.16 81.29
C ALA N 167 -53.55 -19.29 80.39
N MET N 168 -53.72 -19.93 79.24
CA MET N 168 -52.63 -20.07 78.27
C MET N 168 -52.06 -18.70 77.90
N LEU N 169 -52.96 -17.81 77.49
CA LEU N 169 -52.58 -16.45 77.14
C LEU N 169 -51.90 -15.76 78.33
N ALA N 170 -52.36 -16.07 79.53
CA ALA N 170 -51.81 -15.46 80.75
C ALA N 170 -50.38 -15.92 81.04
N VAL N 171 -50.13 -17.21 80.87
CA VAL N 171 -48.79 -17.76 81.10
C VAL N 171 -47.80 -17.25 80.07
N MET N 172 -48.20 -17.31 78.80
CA MET N 172 -47.37 -16.75 77.74
C MET N 172 -47.07 -15.28 78.02
N GLY N 173 -48.09 -14.56 78.48
CA GLY N 173 -47.96 -13.17 78.87
C GLY N 173 -46.92 -12.99 79.96
N ALA N 174 -46.98 -13.85 80.98
CA ALA N 174 -46.02 -13.80 82.08
C ALA N 174 -44.60 -13.97 81.59
N TRP N 175 -44.41 -14.99 80.75
CA TRP N 175 -43.09 -15.27 80.17
C TRP N 175 -42.55 -14.06 79.42
N PHE N 176 -43.28 -13.60 78.40
CA PHE N 176 -42.84 -12.46 77.61
C PHE N 176 -42.61 -11.19 78.45
N GLN N 177 -43.48 -10.96 79.42
CA GLN N 177 -43.36 -9.80 80.29
C GLN N 177 -42.10 -9.84 81.13
N HIS N 178 -41.80 -11.00 81.72
CA HIS N 178 -40.59 -11.11 82.52
C HIS N 178 -39.35 -11.03 81.64
N ILE N 179 -39.50 -11.44 80.38
CA ILE N 179 -38.41 -11.26 79.41
C ILE N 179 -38.15 -9.77 79.15
N TYR N 180 -39.22 -9.02 78.90
CA TYR N 180 -39.09 -7.60 78.58
C TYR N 180 -38.77 -6.70 79.78
N THR N 181 -39.71 -6.62 80.72
CA THR N 181 -39.58 -5.70 81.85
C THR N 181 -38.45 -6.08 82.81
N GLY N 182 -38.34 -7.38 83.11
CA GLY N 182 -37.30 -7.88 84.00
C GLY N 182 -37.73 -7.93 85.46
N THR N 183 -39.02 -7.74 85.70
CA THR N 183 -39.57 -7.84 87.05
C THR N 183 -40.79 -8.75 87.06
N GLY N 184 -41.38 -8.95 88.23
CA GLY N 184 -42.54 -9.81 88.38
C GLY N 184 -43.78 -9.27 87.70
N PRO N 185 -44.75 -10.15 87.44
CA PRO N 185 -46.00 -9.77 86.77
C PRO N 185 -46.85 -8.83 87.61
N ILE N 186 -46.82 -9.01 88.93
CA ILE N 186 -47.56 -8.14 89.85
C ILE N 186 -47.00 -6.73 89.81
N ASP N 187 -45.67 -6.63 89.73
CA ASP N 187 -45.00 -5.34 89.62
C ASP N 187 -45.48 -4.62 88.37
N ASN N 188 -45.60 -5.38 87.28
CA ASN N 188 -46.12 -4.85 86.04
C ASN N 188 -47.57 -4.38 86.16
N LEU N 189 -48.38 -5.17 86.87
CA LEU N 189 -49.79 -4.87 87.05
C LEU N 189 -49.94 -3.55 87.81
N PHE N 190 -49.18 -3.41 88.89
CA PHE N 190 -49.21 -2.20 89.70
C PHE N 190 -48.66 -1.00 88.95
N ALA N 191 -47.61 -1.21 88.16
CA ALA N 191 -47.04 -0.14 87.35
C ALA N 191 -48.05 0.37 86.33
N HIS N 192 -48.78 -0.55 85.71
CA HIS N 192 -49.80 -0.20 84.71
C HIS N 192 -50.99 0.49 85.37
N LEU N 193 -51.37 0.01 86.54
CA LEU N 193 -52.47 0.62 87.28
C LEU N 193 -52.11 2.03 87.73
N ALA N 194 -50.82 2.24 88.03
CA ALA N 194 -50.34 3.54 88.48
C ALA N 194 -50.33 4.58 87.36
N ASP N 195 -49.94 4.16 86.16
CA ASP N 195 -49.85 5.05 85.02
C ASP N 195 -50.10 4.29 83.71
N PRO N 196 -51.38 4.09 83.37
CA PRO N 196 -51.75 3.33 82.16
C PRO N 196 -51.41 4.08 80.88
N GLY N 197 -51.14 5.38 80.99
CA GLY N 197 -50.86 6.20 79.83
C GLY N 197 -49.47 5.97 79.24
N HIS N 198 -48.49 5.74 80.10
CA HIS N 198 -47.11 5.60 79.64
C HIS N 198 -46.48 4.26 80.02
N ALA N 199 -46.78 3.77 81.23
CA ALA N 199 -46.19 2.52 81.70
C ALA N 199 -46.80 1.31 81.00
N THR N 200 -46.51 1.17 79.72
CA THR N 200 -46.98 0.04 78.93
C THR N 200 -45.81 -0.67 78.28
N ILE N 201 -46.05 -1.28 77.12
CA ILE N 201 -44.99 -1.96 76.39
C ILE N 201 -44.06 -0.97 75.71
N PHE N 202 -44.58 0.22 75.41
CA PHE N 202 -43.79 1.25 74.74
C PHE N 202 -42.95 2.04 75.74
N ALA N 203 -42.97 1.61 77.00
CA ALA N 203 -42.17 2.24 78.04
C ALA N 203 -40.75 1.69 78.04
N ALA N 204 -40.46 0.80 77.10
CA ALA N 204 -39.13 0.20 77.00
C ALA N 204 -38.68 0.07 75.55
N PHE N 205 -39.63 -0.12 74.64
CA PHE N 205 -39.31 -0.32 73.23
C PHE N 205 -39.23 0.99 72.44
N THR N 206 -39.79 2.06 73.01
CA THR N 206 -39.76 3.36 72.36
C THR N 206 -39.51 4.48 73.36
N ARG O 1 -78.83 16.70 32.99
CA ARG O 1 -77.96 17.13 34.08
C ARG O 1 -76.69 17.79 33.53
N PRO O 2 -76.11 18.72 34.30
CA PRO O 2 -74.87 19.38 33.87
C PRO O 2 -73.68 18.42 33.93
N LEU O 3 -72.78 18.54 32.97
CA LEU O 3 -71.61 17.67 32.89
C LEU O 3 -70.33 18.44 33.15
N TRP O 4 -69.33 17.76 33.70
CA TRP O 4 -68.09 18.42 34.05
C TRP O 4 -66.91 17.54 33.62
N PHE O 5 -66.28 17.92 32.51
CA PHE O 5 -65.20 17.12 31.90
C PHE O 5 -65.62 15.68 31.64
N ALA O 6 -66.61 15.49 30.77
CA ALA O 6 -67.12 14.15 30.49
C ALA O 6 -66.59 13.60 29.17
N SER O 7 -66.86 12.32 28.94
CA SER O 7 -66.44 11.65 27.71
C SER O 7 -67.47 10.59 27.33
N LYS O 8 -67.29 10.00 26.14
CA LYS O 8 -68.20 8.97 25.67
C LYS O 8 -68.18 7.76 26.60
N GLN O 9 -66.97 7.36 26.99
CA GLN O 9 -66.79 6.26 27.93
C GLN O 9 -67.46 6.61 29.25
N SER O 10 -67.10 7.78 29.78
CA SER O 10 -67.67 8.28 31.03
C SER O 10 -69.19 8.27 31.02
N LEU O 11 -69.78 8.92 30.01
CA LEU O 11 -71.24 9.02 29.90
C LEU O 11 -71.91 7.68 29.61
N SER O 12 -71.14 6.70 29.16
CA SER O 12 -71.70 5.38 28.87
C SER O 12 -72.12 4.64 30.14
N TYR O 13 -71.44 4.86 31.26
CA TYR O 13 -71.79 4.20 32.51
C TYR O 13 -72.22 5.15 33.63
N LEU O 14 -71.88 6.43 33.51
CA LEU O 14 -72.33 7.42 34.47
C LEU O 14 -73.64 8.07 33.98
N ASP O 15 -74.74 7.68 34.60
CA ASP O 15 -76.06 8.10 34.12
C ASP O 15 -76.80 9.01 35.11
N GLY O 16 -76.06 9.66 35.99
CA GLY O 16 -76.66 10.56 36.96
C GLY O 16 -77.42 9.84 38.05
N SER O 17 -77.10 8.57 38.24
CA SER O 17 -77.76 7.74 39.25
C SER O 17 -77.18 8.00 40.63
N LEU O 18 -75.87 8.21 40.67
CA LEU O 18 -75.17 8.48 41.93
C LEU O 18 -75.16 9.96 42.22
N PRO O 19 -75.24 10.34 43.50
CA PRO O 19 -75.19 11.76 43.88
C PRO O 19 -73.85 12.39 43.52
N GLY O 20 -73.89 13.53 42.85
CA GLY O 20 -72.67 14.21 42.45
C GLY O 20 -72.15 13.74 41.10
N ASP O 21 -73.02 13.10 40.33
CA ASP O 21 -72.63 12.60 39.01
C ASP O 21 -72.58 13.74 37.98
N TYR O 22 -71.37 14.17 37.66
CA TYR O 22 -71.17 15.16 36.61
C TYR O 22 -70.47 14.52 35.42
N GLY O 23 -70.48 13.18 35.39
CA GLY O 23 -69.88 12.45 34.29
C GLY O 23 -68.37 12.59 34.25
N PHE O 24 -67.77 12.85 35.41
CA PHE O 24 -66.31 13.05 35.47
C PHE O 24 -65.58 11.76 35.81
N ASP O 25 -64.96 11.17 34.80
CA ASP O 25 -64.09 10.00 34.98
C ASP O 25 -63.20 9.83 33.76
N PRO O 26 -62.28 10.79 33.54
CA PRO O 26 -61.45 10.80 32.32
C PRO O 26 -60.46 9.64 32.25
N LEU O 27 -60.39 8.81 33.28
CA LEU O 27 -59.53 7.62 33.23
C LEU O 27 -60.36 6.33 33.17
N GLY O 28 -61.60 6.41 33.61
CA GLY O 28 -62.53 5.29 33.50
C GLY O 28 -62.47 4.31 34.65
N LEU O 29 -62.13 4.80 35.84
CA LEU O 29 -61.98 3.93 37.00
C LEU O 29 -63.27 3.20 37.38
N SER O 30 -64.40 3.82 37.08
CA SER O 30 -65.69 3.26 37.48
C SER O 30 -66.36 2.47 36.36
N ASP O 31 -65.62 2.25 35.28
CA ASP O 31 -66.10 1.46 34.14
C ASP O 31 -66.44 0.04 34.60
N PRO O 32 -67.70 -0.37 34.38
CA PRO O 32 -68.20 -1.67 34.84
C PRO O 32 -67.60 -2.85 34.09
N GLU O 33 -66.82 -2.57 33.04
CA GLU O 33 -66.19 -3.63 32.27
C GLU O 33 -64.91 -4.12 32.95
N GLY O 34 -64.87 -5.42 33.23
CA GLY O 34 -63.68 -6.03 33.82
C GLY O 34 -63.42 -5.57 35.24
N THR O 35 -64.44 -5.64 36.09
CA THR O 35 -64.31 -5.22 37.47
C THR O 35 -63.81 -6.34 38.37
N GLY O 36 -63.11 -5.97 39.43
CA GLY O 36 -62.59 -6.92 40.39
C GLY O 36 -61.76 -6.23 41.46
N GLY O 37 -61.55 -6.94 42.57
CA GLY O 37 -60.78 -6.39 43.68
C GLY O 37 -61.39 -5.12 44.25
N PHE O 38 -60.69 -4.00 44.08
CA PHE O 38 -61.14 -2.71 44.60
C PHE O 38 -61.51 -1.73 43.50
N ILE O 39 -61.25 -2.10 42.25
CA ILE O 39 -61.68 -1.29 41.12
C ILE O 39 -63.08 -1.75 40.69
N GLU O 40 -64.07 -1.29 41.44
CA GLU O 40 -65.47 -1.64 41.22
C GLU O 40 -66.33 -0.42 41.52
N PRO O 41 -67.33 -0.15 40.67
CA PRO O 41 -68.21 1.03 40.80
C PRO O 41 -68.78 1.25 42.20
N ARG O 42 -69.42 0.22 42.76
CA ARG O 42 -70.05 0.34 44.07
C ARG O 42 -69.03 0.65 45.17
N TRP O 43 -67.92 -0.09 45.15
CA TRP O 43 -66.87 0.10 46.13
C TRP O 43 -66.21 1.47 45.98
N LEU O 44 -66.04 1.92 44.75
CA LEU O 44 -65.47 3.25 44.52
C LEU O 44 -66.39 4.36 45.01
N ALA O 45 -67.69 4.13 44.89
CA ALA O 45 -68.67 5.09 45.38
C ALA O 45 -68.61 5.17 46.90
N TYR O 46 -68.67 4.00 47.53
CA TYR O 46 -68.57 3.87 48.97
C TYR O 46 -67.29 4.53 49.48
N GLY O 47 -66.18 4.27 48.79
CA GLY O 47 -64.89 4.82 49.16
C GLY O 47 -64.86 6.33 49.07
N GLU O 48 -65.50 6.87 48.03
CA GLU O 48 -65.58 8.32 47.88
C GLU O 48 -66.36 8.90 49.07
N VAL O 49 -67.44 8.22 49.44
CA VAL O 49 -68.25 8.68 50.57
C VAL O 49 -67.45 8.69 51.88
N ILE O 50 -66.73 7.60 52.14
CA ILE O 50 -65.96 7.51 53.38
C ILE O 50 -64.79 8.50 53.45
N ASN O 51 -63.96 8.53 52.40
CA ASN O 51 -62.87 9.50 52.34
C ASN O 51 -63.43 10.93 52.47
N GLY O 52 -64.64 11.14 51.94
CA GLY O 52 -65.29 12.44 52.01
C GLY O 52 -65.75 12.83 53.40
N ARG O 53 -66.37 11.89 54.12
CA ARG O 53 -66.82 12.16 55.48
C ARG O 53 -65.61 12.42 56.38
N PHE O 54 -64.64 11.53 56.32
CA PHE O 54 -63.44 11.67 57.15
C PHE O 54 -62.69 12.97 56.83
N ALA O 55 -62.62 13.34 55.56
CA ALA O 55 -61.97 14.58 55.19
C ALA O 55 -62.78 15.79 55.64
N MET O 56 -64.10 15.64 55.72
CA MET O 56 -64.93 16.70 56.26
C MET O 56 -64.64 16.91 57.74
N LEU O 57 -64.44 15.82 58.48
CA LEU O 57 -64.07 15.92 59.89
C LEU O 57 -62.67 16.53 60.05
N GLY O 58 -61.75 16.10 59.21
CA GLY O 58 -60.35 16.50 59.32
C GLY O 58 -60.05 17.91 58.87
N ALA O 59 -60.79 18.38 57.87
CA ALA O 59 -60.60 19.73 57.35
C ALA O 59 -60.94 20.77 58.41
N VAL O 60 -61.89 20.43 59.27
CA VAL O 60 -62.22 21.28 60.40
C VAL O 60 -61.23 21.06 61.53
N GLY O 61 -60.99 19.80 61.85
CA GLY O 61 -60.10 19.46 62.96
C GLY O 61 -58.68 19.97 62.82
N ALA O 62 -58.25 20.22 61.59
CA ALA O 62 -56.88 20.66 61.34
C ALA O 62 -56.74 22.17 61.43
N ILE O 63 -57.87 22.87 61.43
CA ILE O 63 -57.87 24.32 61.39
C ILE O 63 -58.43 24.93 62.67
N ALA O 64 -59.22 24.15 63.40
CA ALA O 64 -59.90 24.64 64.61
C ALA O 64 -58.98 25.08 65.75
N PRO O 65 -57.99 24.25 66.14
CA PRO O 65 -57.11 24.70 67.22
C PRO O 65 -56.28 25.92 66.83
N GLU O 66 -55.90 26.02 65.57
CA GLU O 66 -55.13 27.16 65.09
C GLU O 66 -55.98 28.43 65.11
N TYR O 67 -57.25 28.30 64.75
CA TYR O 67 -58.18 29.42 64.77
C TYR O 67 -58.55 29.84 66.19
N LEU O 68 -59.04 28.89 66.98
CA LEU O 68 -59.47 29.16 68.34
C LEU O 68 -58.32 29.64 69.22
N GLY O 69 -57.09 29.29 68.83
CA GLY O 69 -55.91 29.75 69.53
C GLY O 69 -55.53 31.17 69.12
N LYS O 70 -55.80 31.50 67.86
CA LYS O 70 -55.51 32.83 67.36
C LYS O 70 -56.55 33.83 67.85
N VAL O 71 -57.68 33.31 68.32
CA VAL O 71 -58.72 34.14 68.91
C VAL O 71 -58.48 34.27 70.41
N GLY O 72 -58.53 33.14 71.11
CA GLY O 72 -58.26 33.13 72.54
C GLY O 72 -59.23 32.29 73.35
N LEU O 73 -60.06 31.50 72.68
CA LEU O 73 -61.04 30.66 73.36
C LEU O 73 -60.38 29.43 73.98
N ILE O 74 -59.17 29.10 73.53
CA ILE O 74 -58.42 27.98 74.07
C ILE O 74 -56.99 28.40 74.42
N PRO O 75 -56.37 27.72 75.40
CA PRO O 75 -55.00 28.04 75.81
C PRO O 75 -53.99 27.88 74.68
N GLN O 76 -52.87 28.59 74.78
CA GLN O 76 -51.86 28.60 73.73
C GLN O 76 -51.09 27.28 73.62
N GLU O 77 -51.12 26.49 74.68
CA GLU O 77 -50.44 25.19 74.69
C GLU O 77 -51.12 24.21 73.75
N THR O 78 -52.45 24.35 73.62
CA THR O 78 -53.22 23.50 72.73
C THR O 78 -53.56 24.22 71.43
N ALA O 79 -52.94 25.38 71.24
CA ALA O 79 -53.17 26.18 70.03
C ALA O 79 -52.14 25.84 68.97
N LEU O 80 -51.86 24.54 68.83
CA LEU O 80 -50.82 24.07 67.92
C LEU O 80 -51.34 23.88 66.50
N ALA O 81 -50.43 23.94 65.53
CA ALA O 81 -50.76 23.62 64.15
C ALA O 81 -51.07 22.13 64.03
N TRP O 82 -51.76 21.74 62.96
CA TRP O 82 -52.21 20.36 62.81
C TRP O 82 -51.05 19.35 62.73
N PHE O 83 -49.90 19.81 62.28
CA PHE O 83 -48.73 18.94 62.17
C PHE O 83 -47.82 19.02 63.40
N GLN O 84 -48.17 19.90 64.34
CA GLN O 84 -47.38 20.08 65.56
C GLN O 84 -48.00 19.36 66.76
N THR O 85 -49.10 18.66 66.51
CA THR O 85 -49.83 17.99 67.58
C THR O 85 -49.16 16.70 68.03
N GLY O 86 -48.19 16.22 67.25
CA GLY O 86 -47.52 14.97 67.55
C GLY O 86 -47.74 13.93 66.48
N VAL O 87 -48.50 14.30 65.46
CA VAL O 87 -48.77 13.42 64.33
C VAL O 87 -47.49 13.17 63.52
N ILE O 88 -46.63 14.18 63.50
CA ILE O 88 -45.30 14.10 62.91
C ILE O 88 -44.29 14.64 63.92
N PRO O 89 -43.77 13.77 64.81
CA PRO O 89 -42.87 14.12 65.91
C PRO O 89 -41.67 15.03 65.59
N PRO O 90 -40.98 14.85 64.45
CA PRO O 90 -39.88 15.80 64.22
C PRO O 90 -40.37 17.20 63.84
N ALA O 91 -41.67 17.36 63.65
CA ALA O 91 -42.25 18.65 63.32
C ALA O 91 -42.93 19.28 64.53
N GLY O 92 -43.06 18.50 65.60
CA GLY O 92 -43.67 18.98 66.83
C GLY O 92 -44.30 17.86 67.63
N THR O 93 -44.13 17.91 68.95
CA THR O 93 -44.74 16.94 69.84
C THR O 93 -45.48 17.63 70.97
N TYR O 94 -46.51 16.96 71.49
CA TYR O 94 -47.25 17.46 72.64
C TYR O 94 -47.48 16.33 73.63
N ASN O 95 -47.29 16.62 74.91
CA ASN O 95 -47.43 15.61 75.95
C ASN O 95 -48.87 15.46 76.44
N TYR O 96 -49.56 14.46 75.90
CA TYR O 96 -50.93 14.16 76.32
C TYR O 96 -50.96 13.24 77.52
N TRP O 97 -52.14 12.75 77.86
CA TRP O 97 -52.31 11.87 79.01
C TRP O 97 -51.63 10.52 78.81
N ALA O 98 -51.41 10.16 77.54
CA ALA O 98 -50.76 8.90 77.21
C ALA O 98 -49.66 9.08 76.17
N ASP O 99 -48.88 8.03 75.97
CA ASP O 99 -47.84 8.03 74.95
C ASP O 99 -48.49 7.98 73.57
N ASN O 100 -47.84 8.61 72.59
CA ASN O 100 -48.36 8.66 71.21
C ASN O 100 -48.61 7.28 70.59
N TYR O 101 -47.72 6.33 70.85
CA TYR O 101 -47.84 4.99 70.30
C TYR O 101 -48.91 4.21 71.06
N THR O 102 -49.03 4.50 72.35
CA THR O 102 -50.06 3.89 73.19
C THR O 102 -51.42 4.39 72.73
N LEU O 103 -51.51 5.71 72.53
CA LEU O 103 -52.71 6.34 72.00
C LEU O 103 -53.06 5.75 70.63
N PHE O 104 -52.02 5.43 69.86
CA PHE O 104 -52.21 4.82 68.55
C PHE O 104 -52.82 3.43 68.67
N VAL O 105 -52.34 2.66 69.65
CA VAL O 105 -52.87 1.33 69.90
C VAL O 105 -54.34 1.41 70.32
N LEU O 106 -54.65 2.37 71.19
CA LEU O 106 -56.03 2.61 71.64
C LEU O 106 -56.92 2.93 70.43
N GLU O 107 -56.42 3.83 69.59
CA GLU O 107 -57.09 4.28 68.38
C GLU O 107 -57.43 3.10 67.49
N MET O 108 -56.43 2.27 67.20
CA MET O 108 -56.62 1.09 66.35
C MET O 108 -57.55 0.09 67.01
N ALA O 109 -57.59 0.09 68.34
CA ALA O 109 -58.46 -0.83 69.08
C ALA O 109 -59.93 -0.46 68.89
N LEU O 110 -60.26 0.82 69.03
CA LEU O 110 -61.65 1.25 68.86
C LEU O 110 -62.08 1.23 67.38
N MET O 111 -61.22 1.82 66.54
CA MET O 111 -61.45 1.86 65.12
C MET O 111 -61.56 0.45 64.55
N GLY O 112 -60.92 -0.51 65.22
CA GLY O 112 -60.97 -1.89 64.76
C GLY O 112 -62.38 -2.44 64.75
N PHE O 113 -63.10 -2.22 65.85
CA PHE O 113 -64.47 -2.69 65.95
C PHE O 113 -65.34 -1.87 65.01
N ALA O 114 -65.25 -0.55 65.16
CA ALA O 114 -66.11 0.37 64.40
C ALA O 114 -66.01 0.15 62.90
N GLU O 115 -64.84 -0.24 62.42
CA GLU O 115 -64.61 -0.43 61.00
C GLU O 115 -64.88 -1.85 60.52
N HIS O 116 -64.42 -2.84 61.29
CA HIS O 116 -64.64 -4.25 60.92
C HIS O 116 -66.14 -4.53 60.80
N ARG O 117 -66.94 -4.00 61.74
CA ARG O 117 -68.38 -4.23 61.68
C ARG O 117 -68.99 -3.55 60.44
N ARG O 118 -68.56 -2.32 60.20
CA ARG O 118 -69.02 -1.54 59.05
C ARG O 118 -68.74 -2.28 57.74
N PHE O 119 -67.60 -2.96 57.68
CA PHE O 119 -67.27 -3.76 56.50
C PHE O 119 -68.17 -4.97 56.43
N GLN O 120 -68.46 -5.55 57.59
CA GLN O 120 -69.32 -6.73 57.63
C GLN O 120 -70.73 -6.41 57.17
N ASP O 121 -71.11 -5.13 57.22
CA ASP O 121 -72.39 -4.74 56.63
C ASP O 121 -72.29 -4.60 55.10
N TRP O 122 -71.07 -4.40 54.60
CA TRP O 122 -70.85 -4.33 53.16
C TRP O 122 -70.81 -5.72 52.55
N ALA O 123 -70.17 -6.65 53.26
CA ALA O 123 -70.04 -8.03 52.78
C ALA O 123 -71.35 -8.81 52.97
N LYS O 124 -71.98 -8.61 54.12
CA LYS O 124 -73.26 -9.25 54.42
C LYS O 124 -74.17 -8.28 55.17
N PRO O 125 -74.97 -7.50 54.42
CA PRO O 125 -75.85 -6.45 54.94
C PRO O 125 -76.73 -6.89 56.10
N GLY O 126 -77.20 -8.13 56.07
CA GLY O 126 -78.08 -8.63 57.10
C GLY O 126 -77.43 -8.80 58.46
N SER O 127 -76.11 -8.93 58.47
CA SER O 127 -75.37 -9.16 59.70
C SER O 127 -75.30 -7.91 60.57
N MET O 128 -74.51 -8.01 61.65
CA MET O 128 -74.37 -6.93 62.64
C MET O 128 -75.69 -6.61 63.32
N GLY O 129 -76.60 -7.58 63.30
CA GLY O 129 -77.88 -7.46 63.96
C GLY O 129 -78.26 -8.77 64.61
N LYS O 130 -77.67 -9.86 64.11
CA LYS O 130 -77.95 -11.20 64.60
C LYS O 130 -77.10 -11.52 65.82
N GLN O 131 -75.80 -11.28 65.71
CA GLN O 131 -74.86 -11.56 66.80
C GLN O 131 -75.06 -10.57 67.95
N TYR O 132 -75.00 -11.07 69.18
CA TYR O 132 -75.16 -10.23 70.35
C TYR O 132 -74.05 -9.19 70.46
N PHE O 133 -74.38 -8.03 71.02
CA PHE O 133 -73.42 -6.94 71.18
C PHE O 133 -73.96 -5.91 72.15
N LEU O 134 -74.18 -6.33 73.40
CA LEU O 134 -74.75 -5.47 74.45
C LEU O 134 -76.11 -4.88 74.07
N GLY O 135 -76.82 -5.56 73.18
CA GLY O 135 -78.11 -5.08 72.71
C GLY O 135 -78.02 -3.92 71.74
N LEU O 136 -76.81 -3.69 71.23
CA LEU O 136 -76.59 -2.61 70.28
C LEU O 136 -76.83 -3.05 68.85
N GLU O 137 -76.94 -4.36 68.66
CA GLU O 137 -77.12 -4.93 67.32
C GLU O 137 -78.46 -4.56 66.69
N LYS O 138 -79.40 -4.11 67.52
CA LYS O 138 -80.70 -3.68 67.04
C LYS O 138 -80.62 -2.42 66.18
N GLY O 139 -79.73 -1.51 66.55
CA GLY O 139 -79.57 -0.27 65.81
C GLY O 139 -78.46 -0.32 64.79
N PHE O 140 -77.83 -1.49 64.68
CA PHE O 140 -76.74 -1.70 63.75
C PHE O 140 -77.15 -2.62 62.59
N GLY O 141 -78.44 -2.55 62.25
CA GLY O 141 -79.00 -3.46 61.25
C GLY O 141 -78.76 -3.05 59.81
N GLY O 142 -78.33 -1.80 59.61
CA GLY O 142 -78.12 -1.31 58.25
C GLY O 142 -79.44 -0.91 57.63
N SER O 143 -79.45 -0.77 56.30
CA SER O 143 -80.65 -0.33 55.60
C SER O 143 -80.71 -0.89 54.18
N GLY O 144 -79.83 -1.83 53.87
CA GLY O 144 -79.74 -2.37 52.52
C GLY O 144 -78.74 -1.58 51.71
N ASN O 145 -78.54 -0.33 52.11
CA ASN O 145 -77.51 0.51 51.52
C ASN O 145 -76.33 0.61 52.48
N PRO O 146 -75.16 0.11 52.07
CA PRO O 146 -73.97 0.06 52.91
C PRO O 146 -73.48 1.44 53.36
N ALA O 147 -73.42 2.39 52.43
CA ALA O 147 -72.91 3.73 52.75
C ALA O 147 -73.86 4.52 53.64
N TYR O 148 -75.15 4.20 53.55
CA TYR O 148 -76.17 4.96 54.27
C TYR O 148 -77.01 4.05 55.18
N PRO O 149 -76.47 3.71 56.36
CA PRO O 149 -77.12 2.78 57.30
C PRO O 149 -78.34 3.39 58.02
N GLY O 150 -78.21 4.61 58.52
CA GLY O 150 -79.28 5.25 59.27
C GLY O 150 -79.55 4.57 60.60
N GLY O 151 -80.83 4.48 60.96
CA GLY O 151 -81.22 3.86 62.21
C GLY O 151 -81.18 4.83 63.39
N PRO O 152 -81.32 4.31 64.61
CA PRO O 152 -81.34 5.13 65.83
C PRO O 152 -79.95 5.65 66.20
N PHE O 153 -78.91 4.92 65.83
CA PHE O 153 -77.55 5.28 66.19
C PHE O 153 -76.94 6.30 65.23
N PHE O 154 -77.16 6.10 63.94
CA PHE O 154 -76.52 6.93 62.92
C PHE O 154 -77.45 8.01 62.36
N ASN O 155 -78.74 7.90 62.65
CA ASN O 155 -79.70 8.92 62.22
C ASN O 155 -80.85 9.11 63.21
N PRO O 156 -80.55 9.64 64.41
CA PRO O 156 -81.58 9.82 65.44
C PRO O 156 -82.51 10.99 65.15
N LEU O 157 -82.08 11.92 64.29
CA LEU O 157 -82.86 13.11 64.00
C LEU O 157 -83.80 12.93 62.81
N GLY O 158 -83.90 11.68 62.33
CA GLY O 158 -84.82 11.32 61.27
C GLY O 158 -84.77 12.16 60.01
N PHE O 159 -83.56 12.51 59.57
CA PHE O 159 -83.39 13.25 58.33
C PHE O 159 -83.68 12.38 57.12
N GLY O 160 -83.93 13.02 55.98
CA GLY O 160 -84.21 12.32 54.75
C GLY O 160 -85.43 11.42 54.83
N LYS O 161 -86.52 11.94 55.39
CA LYS O 161 -87.76 11.19 55.51
C LYS O 161 -88.38 10.91 54.14
N ASP O 162 -88.23 11.86 53.22
CA ASP O 162 -88.77 11.70 51.87
C ASP O 162 -87.65 11.63 50.83
N GLU O 163 -88.02 11.24 49.60
CA GLU O 163 -87.06 10.97 48.54
C GLU O 163 -86.36 12.23 48.04
N LYS O 164 -87.16 13.25 47.73
CA LYS O 164 -86.66 14.50 47.14
C LYS O 164 -85.73 15.23 48.09
N SER O 165 -85.85 14.93 49.38
CA SER O 165 -85.00 15.53 50.39
C SER O 165 -83.73 14.69 50.56
N LEU O 166 -83.93 13.37 50.58
CA LEU O 166 -82.81 12.43 50.75
C LEU O 166 -81.77 12.56 49.64
N LYS O 167 -82.22 12.55 48.39
CA LYS O 167 -81.28 12.65 47.27
C LYS O 167 -80.55 14.00 47.28
N GLU O 168 -81.24 15.02 47.76
CA GLU O 168 -80.71 16.37 47.80
C GLU O 168 -79.61 16.44 48.85
N LEU O 169 -79.86 15.77 49.98
CA LEU O 169 -78.92 15.78 51.09
C LEU O 169 -77.71 14.92 50.75
N LYS O 170 -77.93 13.85 49.99
CA LYS O 170 -76.82 13.02 49.52
C LYS O 170 -75.94 13.85 48.59
N LEU O 171 -76.57 14.62 47.71
CA LEU O 171 -75.84 15.48 46.79
C LEU O 171 -74.97 16.48 47.55
N LYS O 172 -75.58 17.14 48.53
CA LYS O 172 -74.87 18.12 49.34
C LYS O 172 -73.71 17.47 50.10
N GLU O 173 -73.95 16.25 50.59
CA GLU O 173 -72.94 15.50 51.32
C GLU O 173 -71.72 15.21 50.44
N VAL O 174 -71.99 14.77 49.21
CA VAL O 174 -70.90 14.46 48.28
C VAL O 174 -70.11 15.72 47.93
N LYS O 175 -70.81 16.82 47.66
CA LYS O 175 -70.11 18.07 47.32
C LYS O 175 -69.22 18.57 48.47
N ASN O 176 -69.78 18.56 49.68
CA ASN O 176 -69.04 18.99 50.86
C ASN O 176 -67.84 18.08 51.11
N GLY O 177 -68.01 16.80 50.81
CA GLY O 177 -66.94 15.83 50.97
C GLY O 177 -65.80 16.07 50.02
N ARG O 178 -66.12 16.37 48.76
CA ARG O 178 -65.10 16.64 47.76
C ARG O 178 -64.34 17.92 48.09
N LEU O 179 -65.08 18.94 48.50
CA LEU O 179 -64.47 20.21 48.88
C LEU O 179 -63.52 20.01 50.06
N ALA O 180 -63.96 19.21 51.03
CA ALA O 180 -63.15 18.94 52.20
C ALA O 180 -61.90 18.13 51.87
N MET O 181 -62.02 17.20 50.92
CA MET O 181 -60.87 16.40 50.50
C MET O 181 -59.82 17.30 49.84
N LEU O 182 -60.28 18.18 48.95
CA LEU O 182 -59.35 19.15 48.35
C LEU O 182 -58.75 20.05 49.42
N ALA O 183 -59.52 20.30 50.47
CA ALA O 183 -59.05 21.11 51.58
C ALA O 183 -57.91 20.42 52.32
N ILE O 184 -58.06 19.12 52.58
CA ILE O 184 -56.99 18.35 53.22
C ILE O 184 -55.73 18.33 52.36
N LEU O 185 -55.89 18.04 51.06
CA LEU O 185 -54.75 18.05 50.15
C LEU O 185 -54.04 19.40 50.20
N GLY O 186 -54.85 20.46 50.24
CA GLY O 186 -54.34 21.81 50.34
C GLY O 186 -53.55 22.00 51.61
N TYR O 187 -54.06 21.47 52.73
CA TYR O 187 -53.34 21.55 53.99
C TYR O 187 -51.98 20.90 53.87
N PHE O 188 -51.94 19.72 53.24
CA PHE O 188 -50.69 18.99 53.09
C PHE O 188 -49.66 19.79 52.30
N ILE O 189 -50.02 20.21 51.09
CA ILE O 189 -49.03 20.90 50.25
C ILE O 189 -48.67 22.31 50.77
N GLN O 190 -49.67 23.08 51.20
CA GLN O 190 -49.42 24.41 51.76
C GLN O 190 -48.50 24.31 52.97
N GLY O 191 -48.76 23.35 53.83
CA GLY O 191 -47.92 23.14 54.99
C GLY O 191 -46.54 22.70 54.58
N LEU O 192 -46.47 21.95 53.48
CA LEU O 192 -45.21 21.41 52.99
C LEU O 192 -44.34 22.46 52.31
N VAL O 193 -44.94 23.57 51.92
CA VAL O 193 -44.20 24.62 51.21
C VAL O 193 -43.96 25.89 52.04
N THR O 194 -44.91 26.23 52.89
CA THR O 194 -44.81 27.45 53.70
C THR O 194 -44.09 27.22 55.02
N GLY O 195 -44.41 26.10 55.68
CA GLY O 195 -43.83 25.77 56.97
C GLY O 195 -44.63 26.32 58.11
N VAL O 196 -45.76 26.96 57.80
CA VAL O 196 -46.66 27.49 58.81
C VAL O 196 -48.05 26.88 58.63
N GLY O 197 -48.94 27.15 59.59
CA GLY O 197 -50.29 26.63 59.53
C GLY O 197 -51.09 27.23 58.38
N PRO O 198 -52.15 26.54 57.96
CA PRO O 198 -53.00 26.99 56.86
C PRO O 198 -53.78 28.27 57.18
N TYR O 199 -54.13 28.45 58.44
CA TYR O 199 -54.87 29.65 58.85
C TYR O 199 -53.94 30.84 58.83
N GLN O 200 -52.66 30.59 59.13
CA GLN O 200 -51.65 31.63 59.08
C GLN O 200 -51.42 32.02 57.63
N ASN O 201 -51.50 31.04 56.74
CA ASN O 201 -51.41 31.27 55.31
C ASN O 201 -52.58 32.12 54.84
N LEU O 202 -53.76 31.85 55.39
CA LEU O 202 -54.96 32.60 55.05
C LEU O 202 -54.82 34.05 55.52
N LEU O 203 -54.33 34.25 56.74
CA LEU O 203 -54.14 35.59 57.28
C LEU O 203 -53.09 36.35 56.47
N ASP O 204 -52.04 35.66 56.08
CA ASP O 204 -50.95 36.29 55.31
C ASP O 204 -51.43 36.65 53.91
N HIS O 205 -52.37 35.87 53.38
CA HIS O 205 -52.91 36.15 52.06
C HIS O 205 -53.89 37.32 52.11
N VAL O 206 -54.73 37.34 53.14
CA VAL O 206 -55.68 38.43 53.32
C VAL O 206 -54.94 39.75 53.55
N ALA O 207 -53.85 39.69 54.31
CA ALA O 207 -53.05 40.87 54.58
C ALA O 207 -52.45 41.45 53.30
N ASP O 208 -51.65 40.64 52.61
CA ASP O 208 -51.01 41.06 51.38
C ASP O 208 -51.16 39.99 50.30
N PRO O 209 -52.21 40.09 49.48
CA PRO O 209 -52.51 39.12 48.41
C PRO O 209 -51.39 39.02 47.38
N VAL O 210 -50.87 40.17 46.95
CA VAL O 210 -49.85 40.20 45.90
C VAL O 210 -48.52 39.59 46.36
N ASN O 211 -48.06 39.99 47.53
CA ASN O 211 -46.76 39.54 48.03
C ASN O 211 -46.79 38.11 48.60
N ASN O 212 -47.80 37.80 49.39
CA ASN O 212 -47.93 36.46 49.96
C ASN O 212 -48.69 35.54 49.01
N ASN O 213 -47.95 34.79 48.21
CA ASN O 213 -48.54 33.98 47.16
C ASN O 213 -47.73 32.73 46.87
N VAL O 214 -48.33 31.77 46.17
CA VAL O 214 -47.66 30.53 45.81
C VAL O 214 -46.45 30.79 44.91
N LEU O 215 -46.56 31.80 44.06
CA LEU O 215 -45.47 32.17 43.16
C LEU O 215 -44.29 32.75 43.94
N THR O 216 -44.59 33.30 45.11
CA THR O 216 -43.57 33.92 45.95
C THR O 216 -42.83 32.92 46.85
N SER O 217 -43.61 32.14 47.60
CA SER O 217 -43.02 31.20 48.55
C SER O 217 -42.61 29.90 47.88
N LEU O 218 -41.30 29.65 47.85
CA LEU O 218 -40.77 28.40 47.29
C LEU O 218 -39.95 27.65 48.33
N GLY P 1 -52.69 -61.58 78.83
CA GLY P 1 -51.65 -60.64 79.24
C GLY P 1 -51.51 -59.45 78.31
N GLU P 2 -51.40 -58.27 78.88
CA GLU P 2 -51.25 -57.04 78.11
C GLU P 2 -50.06 -56.21 78.59
N TRP P 3 -48.97 -56.26 77.84
CA TRP P 3 -47.78 -55.50 78.21
C TRP P 3 -48.03 -54.01 78.03
N LEU P 4 -48.94 -53.67 77.12
CA LEU P 4 -49.30 -52.29 76.86
C LEU P 4 -50.81 -52.15 76.68
N PRO P 5 -51.53 -51.95 77.78
CA PRO P 5 -52.98 -51.78 77.71
C PRO P 5 -53.38 -50.42 77.16
N GLY P 6 -54.12 -50.39 76.06
CA GLY P 6 -54.57 -51.60 75.39
C GLY P 6 -54.13 -51.69 73.96
N LEU P 7 -52.93 -52.23 73.75
CA LEU P 7 -52.40 -52.45 72.41
C LEU P 7 -52.73 -53.88 72.00
N ALA P 8 -53.34 -54.01 70.82
CA ALA P 8 -53.76 -55.31 70.30
C ALA P 8 -52.57 -56.26 70.15
N SER P 9 -52.69 -57.45 70.73
CA SER P 9 -51.66 -58.46 70.61
C SER P 9 -51.55 -58.93 69.17
N PRO P 10 -50.32 -59.14 68.69
CA PRO P 10 -50.09 -59.65 67.33
C PRO P 10 -50.82 -60.98 67.12
N GLY P 11 -51.23 -61.24 65.88
CA GLY P 11 -52.01 -62.42 65.57
C GLY P 11 -51.32 -63.74 65.91
N TYR P 12 -49.99 -63.74 65.78
CA TYR P 12 -49.21 -64.97 66.00
C TYR P 12 -48.95 -65.24 67.48
N LEU P 13 -49.41 -64.35 68.35
CA LEU P 13 -49.32 -64.57 69.79
C LEU P 13 -50.71 -64.81 70.39
N THR P 14 -51.24 -66.01 70.15
CA THR P 14 -52.61 -66.35 70.51
C THR P 14 -52.76 -66.82 71.95
N GLY P 15 -51.75 -66.57 72.77
CA GLY P 15 -51.79 -66.96 74.17
C GLY P 15 -51.67 -68.46 74.39
N SER P 16 -51.28 -69.18 73.36
CA SER P 16 -51.10 -70.63 73.46
C SER P 16 -49.69 -70.96 73.96
N LEU P 17 -48.95 -69.92 74.33
CA LEU P 17 -47.61 -70.07 74.87
C LEU P 17 -47.52 -69.45 76.27
N PRO P 18 -46.76 -70.07 77.17
CA PRO P 18 -46.54 -69.48 78.49
C PRO P 18 -45.74 -68.20 78.37
N GLY P 19 -46.20 -67.14 79.05
CA GLY P 19 -45.53 -65.86 79.00
C GLY P 19 -46.03 -64.94 77.89
N ASP P 20 -47.12 -65.34 77.24
CA ASP P 20 -47.70 -64.54 76.17
C ASP P 20 -48.39 -63.31 76.73
N ASN P 21 -47.70 -62.17 76.63
CA ASN P 21 -48.28 -60.89 77.00
C ASN P 21 -48.40 -59.97 75.79
N GLY P 22 -48.29 -60.57 74.62
CA GLY P 22 -48.45 -59.85 73.36
C GLY P 22 -47.34 -58.87 73.08
N PHE P 23 -46.15 -59.14 73.60
CA PHE P 23 -45.02 -58.23 73.41
C PHE P 23 -44.06 -58.69 72.33
N ASP P 24 -44.25 -58.17 71.12
CA ASP P 24 -43.33 -58.37 70.01
C ASP P 24 -43.55 -57.25 69.00
N PRO P 25 -43.22 -56.01 69.39
CA PRO P 25 -43.53 -54.84 68.56
C PRO P 25 -42.74 -54.79 67.26
N LEU P 26 -41.61 -55.49 67.20
CA LEU P 26 -40.77 -55.46 66.00
C LEU P 26 -41.09 -56.63 65.06
N GLY P 27 -41.95 -57.53 65.51
CA GLY P 27 -42.40 -58.65 64.70
C GLY P 27 -41.31 -59.64 64.36
N LEU P 28 -40.56 -60.07 65.37
CA LEU P 28 -39.48 -61.02 65.17
C LEU P 28 -40.01 -62.44 65.06
N ALA P 29 -41.11 -62.72 65.76
CA ALA P 29 -41.67 -64.06 65.79
C ALA P 29 -42.87 -64.21 64.87
N GLU P 30 -42.90 -63.42 63.80
CA GLU P 30 -43.98 -63.49 62.81
C GLU P 30 -44.02 -64.87 62.16
N ASP P 31 -42.84 -65.47 62.03
CA ASP P 31 -42.72 -66.81 61.47
C ASP P 31 -42.78 -67.83 62.61
N PRO P 32 -43.55 -68.91 62.41
CA PRO P 32 -43.71 -69.97 63.42
C PRO P 32 -42.39 -70.58 63.89
N GLU P 33 -41.53 -70.99 62.96
CA GLU P 33 -40.24 -71.59 63.30
C GLU P 33 -39.37 -70.60 64.07
N ASN P 34 -39.44 -69.33 63.68
CA ASN P 34 -38.74 -68.26 64.39
C ASN P 34 -39.24 -68.16 65.83
N LEU P 35 -40.55 -68.26 65.99
CA LEU P 35 -41.18 -68.22 67.32
C LEU P 35 -40.71 -69.39 68.17
N ARG P 36 -40.60 -70.57 67.56
CA ARG P 36 -40.09 -71.74 68.27
C ARG P 36 -38.66 -71.53 68.75
N TRP P 37 -37.78 -71.20 67.80
CA TRP P 37 -36.38 -70.99 68.10
C TRP P 37 -36.19 -69.92 69.16
N PHE P 38 -37.02 -68.87 69.11
CA PHE P 38 -36.93 -67.79 70.07
C PHE P 38 -37.51 -68.16 71.43
N VAL P 39 -38.45 -69.09 71.45
CA VAL P 39 -38.96 -69.63 72.71
C VAL P 39 -37.85 -70.40 73.40
N GLN P 40 -37.20 -71.29 72.63
CA GLN P 40 -36.07 -72.05 73.15
C GLN P 40 -34.98 -71.12 73.65
N ALA P 41 -34.62 -70.12 72.84
CA ALA P 41 -33.57 -69.19 73.18
C ALA P 41 -33.91 -68.37 74.42
N GLU P 42 -35.20 -68.04 74.60
CA GLU P 42 -35.65 -67.29 75.77
C GLU P 42 -35.54 -68.15 77.01
N LEU P 43 -35.92 -69.41 76.88
CA LEU P 43 -35.78 -70.36 77.97
C LEU P 43 -34.31 -70.52 78.39
N VAL P 44 -33.43 -70.72 77.41
CA VAL P 44 -32.02 -70.96 77.70
C VAL P 44 -31.30 -69.72 78.25
N ASN P 45 -31.37 -68.61 77.53
CA ASN P 45 -30.79 -67.35 78.01
C ASN P 45 -31.37 -67.01 79.38
N GLY P 46 -32.65 -67.30 79.57
CA GLY P 46 -33.31 -67.02 80.83
C GLY P 46 -32.77 -67.84 81.99
N ARG P 47 -32.62 -69.15 81.76
CA ARG P 47 -32.13 -70.04 82.81
C ARG P 47 -30.67 -69.75 83.16
N TRP P 48 -29.83 -69.58 82.13
CA TRP P 48 -28.44 -69.24 82.37
C TRP P 48 -28.31 -67.88 83.05
N ALA P 49 -29.24 -66.98 82.77
CA ALA P 49 -29.25 -65.67 83.42
C ALA P 49 -29.65 -65.79 84.89
N MET P 50 -30.62 -66.66 85.18
CA MET P 50 -31.03 -66.89 86.56
C MET P 50 -29.87 -67.44 87.37
N LEU P 51 -29.26 -68.50 86.86
CA LEU P 51 -28.10 -69.12 87.51
C LEU P 51 -26.97 -68.11 87.69
N GLY P 52 -26.63 -67.39 86.63
CA GLY P 52 -25.55 -66.43 86.66
C GLY P 52 -25.77 -65.29 87.64
N VAL P 53 -26.95 -64.69 87.58
CA VAL P 53 -27.30 -63.59 88.48
C VAL P 53 -27.29 -64.05 89.93
N ALA P 54 -27.84 -65.24 90.20
CA ALA P 54 -27.78 -65.81 91.54
C ALA P 54 -26.34 -65.94 92.00
N GLY P 55 -25.50 -66.48 91.13
CA GLY P 55 -24.08 -66.64 91.41
C GLY P 55 -23.30 -65.34 91.48
N MET P 56 -23.92 -64.24 91.07
CA MET P 56 -23.28 -62.93 91.14
C MET P 56 -23.67 -62.16 92.39
N LEU P 57 -24.95 -62.23 92.75
CA LEU P 57 -25.45 -61.46 93.89
C LEU P 57 -25.29 -62.23 95.20
N LEU P 58 -25.74 -63.49 95.22
CA LEU P 58 -25.77 -64.26 96.46
C LEU P 58 -24.43 -64.43 97.20
N PRO P 59 -23.33 -64.74 96.48
CA PRO P 59 -22.06 -64.82 97.21
C PRO P 59 -21.64 -63.49 97.83
N GLU P 60 -22.03 -62.38 97.22
CA GLU P 60 -21.66 -61.07 97.73
C GLU P 60 -22.43 -60.69 98.99
N VAL P 61 -23.70 -61.10 99.06
CA VAL P 61 -24.53 -60.82 100.23
C VAL P 61 -23.97 -61.54 101.46
N PHE P 62 -23.59 -62.79 101.28
CA PHE P 62 -23.03 -63.59 102.38
C PHE P 62 -21.66 -63.10 102.83
N THR P 63 -20.96 -62.41 101.93
CA THR P 63 -19.66 -61.82 102.27
C THR P 63 -19.86 -60.56 103.10
N SER P 64 -20.94 -59.83 102.81
CA SER P 64 -21.26 -58.60 103.52
C SER P 64 -21.61 -58.87 104.98
N ILE P 65 -22.36 -59.93 105.23
CA ILE P 65 -22.72 -60.32 106.59
C ILE P 65 -21.68 -61.25 107.21
N GLY P 66 -20.51 -61.31 106.58
CA GLY P 66 -19.34 -61.98 107.15
C GLY P 66 -19.41 -63.49 107.29
N ILE P 67 -20.34 -64.12 106.57
CA ILE P 67 -20.46 -65.58 106.61
C ILE P 67 -19.25 -66.26 105.98
N ILE P 68 -18.90 -65.84 104.77
CA ILE P 68 -17.74 -66.40 104.07
C ILE P 68 -17.10 -65.34 103.16
N ASN P 69 -15.77 -65.23 103.24
CA ASN P 69 -15.03 -64.29 102.42
C ASN P 69 -14.92 -64.78 100.98
N VAL P 70 -15.82 -64.28 100.13
CA VAL P 70 -15.85 -64.66 98.72
C VAL P 70 -15.55 -63.45 97.84
N PRO P 71 -14.54 -63.58 96.97
CA PRO P 71 -14.20 -62.49 96.03
C PRO P 71 -15.34 -62.23 95.04
N LYS P 72 -15.51 -60.96 94.66
CA LYS P 72 -16.59 -60.55 93.78
C LYS P 72 -16.50 -61.21 92.40
N TRP P 73 -17.62 -61.22 91.68
CA TRP P 73 -17.71 -61.96 90.42
C TRP P 73 -16.77 -61.45 89.34
N TYR P 74 -16.53 -60.14 89.30
CA TYR P 74 -15.72 -59.56 88.26
C TYR P 74 -14.23 -59.62 88.56
N ALA P 75 -13.88 -60.19 89.71
CA ALA P 75 -12.49 -60.34 90.11
C ALA P 75 -12.25 -61.75 90.62
N ALA P 76 -13.05 -62.69 90.12
CA ALA P 76 -13.01 -64.07 90.61
C ALA P 76 -12.12 -64.98 89.76
N GLY P 77 -11.90 -64.59 88.51
CA GLY P 77 -11.14 -65.43 87.59
C GLY P 77 -9.63 -65.29 87.71
N LYS P 78 -9.16 -64.28 88.42
CA LYS P 78 -7.75 -63.94 88.41
C LYS P 78 -6.85 -64.88 89.21
N GLU P 79 -6.34 -65.91 88.53
CA GLU P 79 -5.24 -66.75 89.00
C GLU P 79 -5.36 -67.28 90.44
N GLU P 80 -6.46 -67.97 90.73
CA GLU P 80 -6.67 -68.51 92.08
C GLU P 80 -6.90 -70.01 92.11
N TYR P 81 -6.96 -70.65 90.94
CA TYR P 81 -7.40 -72.04 90.86
C TYR P 81 -6.30 -73.03 90.52
N PHE P 82 -6.60 -74.32 90.71
CA PHE P 82 -5.61 -75.37 90.59
C PHE P 82 -5.29 -75.75 89.15
N ALA P 83 -6.31 -75.76 88.30
CA ALA P 83 -6.17 -76.29 86.95
C ALA P 83 -6.01 -75.22 85.87
N SER P 84 -5.94 -73.96 86.28
CA SER P 84 -5.81 -72.82 85.37
C SER P 84 -7.01 -72.64 84.44
N SER P 85 -7.23 -71.40 84.01
CA SER P 85 -8.41 -71.04 83.23
C SER P 85 -8.44 -71.62 81.82
N SER P 86 -7.27 -71.88 81.24
CA SER P 86 -7.19 -72.40 79.88
C SER P 86 -7.69 -73.84 79.82
N THR P 87 -7.16 -74.68 80.70
CA THR P 87 -7.58 -76.07 80.79
C THR P 87 -9.07 -76.14 81.11
N LEU P 88 -9.49 -75.32 82.06
CA LEU P 88 -10.89 -75.18 82.43
C LEU P 88 -11.74 -74.82 81.21
N PHE P 89 -11.19 -73.98 80.36
CA PHE P 89 -11.89 -73.57 79.14
C PHE P 89 -12.00 -74.71 78.14
N VAL P 90 -10.95 -75.51 78.01
CA VAL P 90 -10.99 -76.65 77.09
C VAL P 90 -12.04 -77.65 77.55
N ILE P 91 -11.97 -78.02 78.83
CA ILE P 91 -12.94 -78.91 79.43
C ILE P 91 -14.37 -78.40 79.19
N GLU P 92 -14.61 -77.17 79.63
CA GLU P 92 -15.89 -76.51 79.47
C GLU P 92 -16.39 -76.57 78.03
N PHE P 93 -15.50 -76.22 77.10
CA PHE P 93 -15.83 -76.18 75.68
C PHE P 93 -16.24 -77.56 75.17
N ILE P 94 -15.54 -78.59 75.62
CA ILE P 94 -15.85 -79.96 75.20
C ILE P 94 -17.21 -80.41 75.71
N LEU P 95 -17.38 -80.37 77.02
CA LEU P 95 -18.63 -80.82 77.63
C LEU P 95 -19.83 -80.03 77.12
N PHE P 96 -19.65 -78.73 76.94
CA PHE P 96 -20.71 -77.90 76.41
C PHE P 96 -20.97 -78.18 74.93
N HIS P 97 -19.92 -78.56 74.20
CA HIS P 97 -20.09 -78.90 72.80
C HIS P 97 -21.02 -80.10 72.72
N TYR P 98 -20.71 -81.14 73.49
CA TYR P 98 -21.54 -82.33 73.52
C TYR P 98 -22.99 -82.01 73.94
N VAL P 99 -23.14 -81.41 75.12
CA VAL P 99 -24.45 -81.11 75.68
C VAL P 99 -25.32 -80.24 74.77
N GLU P 100 -24.74 -79.16 74.26
CA GLU P 100 -25.47 -78.21 73.42
C GLU P 100 -25.81 -78.78 72.04
N ILE P 101 -24.92 -79.61 71.49
CA ILE P 101 -25.25 -80.28 70.23
C ILE P 101 -26.40 -81.25 70.45
N ARG P 102 -26.37 -81.92 71.60
CA ARG P 102 -27.44 -82.83 71.99
C ARG P 102 -28.79 -82.11 72.04
N ARG P 103 -28.85 -81.04 72.82
CA ARG P 103 -30.07 -80.24 72.93
C ARG P 103 -30.51 -79.68 71.58
N TRP P 104 -29.52 -79.31 70.76
CA TRP P 104 -29.77 -78.78 69.43
C TRP P 104 -30.51 -79.83 68.59
N GLN P 105 -30.01 -81.06 68.64
CA GLN P 105 -30.66 -82.16 67.94
C GLN P 105 -32.07 -82.36 68.46
N ASP P 106 -32.26 -82.15 69.76
CA ASP P 106 -33.61 -82.19 70.32
C ASP P 106 -34.52 -81.12 69.72
N ILE P 107 -33.96 -79.94 69.47
CA ILE P 107 -34.75 -78.84 68.91
C ILE P 107 -35.08 -79.09 67.44
N LYS P 108 -34.12 -79.61 66.69
CA LYS P 108 -34.30 -79.92 65.29
C LYS P 108 -35.27 -81.08 65.08
N ASN P 109 -35.20 -82.05 65.99
CA ASN P 109 -36.08 -83.22 65.94
C ASN P 109 -36.35 -83.72 67.35
N PRO P 110 -37.58 -83.50 67.85
CA PRO P 110 -37.95 -83.70 69.24
C PRO P 110 -37.73 -85.12 69.78
N GLY P 111 -38.22 -86.12 69.07
CA GLY P 111 -38.13 -87.49 69.55
C GLY P 111 -36.82 -88.18 69.23
N SER P 112 -35.94 -87.50 68.49
CA SER P 112 -34.70 -88.10 68.01
C SER P 112 -33.68 -88.36 69.11
N VAL P 113 -33.61 -87.46 70.09
CA VAL P 113 -32.66 -87.61 71.19
C VAL P 113 -33.36 -87.72 72.54
N ASN P 114 -33.30 -88.90 73.14
CA ASN P 114 -33.95 -89.16 74.42
C ASN P 114 -33.29 -90.27 75.21
N GLN P 115 -32.58 -91.16 74.52
CA GLN P 115 -31.96 -92.32 75.18
C GLN P 115 -30.44 -92.19 75.29
N ASP P 116 -29.89 -92.83 76.32
CA ASP P 116 -28.46 -92.81 76.58
C ASP P 116 -27.72 -93.60 75.52
N PRO P 117 -26.81 -92.95 74.79
CA PRO P 117 -26.04 -93.60 73.73
C PRO P 117 -25.15 -94.74 74.24
N ILE P 118 -24.74 -94.67 75.49
CA ILE P 118 -23.93 -95.72 76.09
C ILE P 118 -24.82 -96.81 76.68
N PHE P 119 -25.58 -96.44 77.70
CA PHE P 119 -26.50 -97.37 78.37
C PHE P 119 -27.91 -97.17 77.83
N LYS P 120 -28.22 -97.81 76.71
CA LYS P 120 -29.49 -97.58 76.00
C LYS P 120 -30.72 -98.03 76.78
N GLN P 121 -30.49 -98.74 77.88
CA GLN P 121 -31.58 -99.17 78.75
C GLN P 121 -32.33 -97.98 79.36
N TYR P 122 -31.58 -96.99 79.82
CA TYR P 122 -32.18 -95.80 80.42
C TYR P 122 -32.62 -94.80 79.36
N SER P 123 -33.75 -94.16 79.58
CA SER P 123 -34.31 -93.24 78.60
C SER P 123 -35.14 -92.12 79.23
N LEU P 124 -35.35 -91.06 78.47
CA LEU P 124 -36.10 -89.91 78.94
C LEU P 124 -37.49 -89.91 78.31
N PRO P 125 -38.54 -89.78 79.13
CA PRO P 125 -39.94 -89.83 78.68
C PRO P 125 -40.25 -88.72 77.68
N ALA P 126 -41.01 -89.06 76.64
CA ALA P 126 -41.38 -88.09 75.61
C ALA P 126 -42.15 -86.91 76.20
N GLY P 127 -41.53 -85.73 76.17
CA GLY P 127 -42.11 -84.54 76.76
C GLY P 127 -42.13 -83.38 75.79
N GLU P 128 -42.01 -82.17 76.32
CA GLU P 128 -42.00 -80.96 75.50
C GLU P 128 -40.59 -80.48 75.19
N VAL P 129 -40.40 -79.94 74.00
CA VAL P 129 -39.12 -79.36 73.60
C VAL P 129 -38.81 -78.14 74.46
N GLY P 130 -37.68 -78.19 75.15
CA GLY P 130 -37.30 -77.12 76.06
C GLY P 130 -37.63 -77.50 77.49
N TYR P 131 -38.46 -78.52 77.65
CA TYR P 131 -38.81 -79.04 78.97
C TYR P 131 -38.57 -80.55 78.99
N PRO P 132 -37.30 -80.96 79.17
CA PRO P 132 -36.90 -82.37 79.05
C PRO P 132 -37.57 -83.29 80.07
N GLY P 133 -37.42 -82.98 81.36
CA GLY P 133 -38.00 -83.80 82.41
C GLY P 133 -37.22 -85.08 82.62
N GLY P 134 -37.92 -86.11 83.10
CA GLY P 134 -37.30 -87.41 83.37
C GLY P 134 -36.26 -87.34 84.46
N ILE P 135 -35.01 -87.59 84.09
CA ILE P 135 -33.90 -87.55 85.03
C ILE P 135 -33.57 -86.10 85.42
N PHE P 136 -33.94 -85.16 84.55
CA PHE P 136 -33.73 -83.74 84.83
C PHE P 136 -34.72 -83.24 85.87
N ASN P 137 -35.75 -84.04 86.14
CA ASN P 137 -36.74 -83.71 87.16
C ASN P 137 -36.89 -84.84 88.17
N PRO P 138 -35.91 -84.99 89.07
CA PRO P 138 -35.91 -86.09 90.04
C PRO P 138 -37.00 -85.94 91.10
N LEU P 139 -37.39 -84.70 91.41
CA LEU P 139 -38.40 -84.46 92.42
C LEU P 139 -39.82 -84.53 91.85
N ASN P 140 -39.91 -84.86 90.57
CA ASN P 140 -41.19 -85.09 89.90
C ASN P 140 -42.23 -83.98 90.04
N PHE P 141 -41.76 -82.74 90.05
CA PHE P 141 -42.67 -81.60 90.06
C PHE P 141 -43.48 -81.56 88.78
N ALA P 142 -44.73 -81.10 88.87
CA ALA P 142 -45.61 -81.04 87.71
C ALA P 142 -45.30 -79.81 86.85
N PRO P 143 -44.99 -80.04 85.57
CA PRO P 143 -44.72 -78.96 84.62
C PRO P 143 -46.01 -78.24 84.23
N THR P 144 -46.65 -77.59 85.19
CA THR P 144 -47.90 -76.88 84.95
C THR P 144 -47.64 -75.59 84.18
N LEU P 145 -48.70 -75.04 83.60
CA LEU P 145 -48.59 -73.77 82.87
C LEU P 145 -48.11 -72.67 83.79
N GLU P 146 -48.64 -72.64 85.01
CA GLU P 146 -48.26 -71.64 86.01
C GLU P 146 -46.77 -71.70 86.33
N ALA P 147 -46.26 -72.91 86.54
CA ALA P 147 -44.85 -73.10 86.86
C ALA P 147 -43.96 -72.66 85.69
N LYS P 148 -44.43 -72.93 84.48
CA LYS P 148 -43.70 -72.55 83.27
C LYS P 148 -43.61 -71.03 83.12
N GLU P 149 -44.76 -70.36 83.25
CA GLU P 149 -44.79 -68.90 83.11
C GLU P 149 -44.08 -68.21 84.27
N LYS P 150 -44.02 -68.88 85.42
CA LYS P 150 -43.20 -68.40 86.53
C LYS P 150 -41.72 -68.50 86.18
N GLU P 151 -41.35 -69.62 85.56
CA GLU P 151 -39.98 -69.84 85.12
C GLU P 151 -39.55 -68.76 84.14
N ILE P 152 -40.40 -68.51 83.16
CA ILE P 152 -40.14 -67.50 82.14
C ILE P 152 -40.10 -66.10 82.76
N ALA P 153 -40.97 -65.84 83.73
CA ALA P 153 -40.98 -64.55 84.41
C ALA P 153 -39.67 -64.29 85.17
N ASN P 154 -39.32 -65.20 86.08
CA ASN P 154 -38.06 -65.08 86.82
C ASN P 154 -36.86 -65.03 85.88
N GLY P 155 -36.98 -65.71 84.75
CA GLY P 155 -35.95 -65.71 83.73
C GLY P 155 -35.74 -64.34 83.08
N ARG P 156 -36.84 -63.70 82.71
CA ARG P 156 -36.77 -62.36 82.12
C ARG P 156 -36.24 -61.33 83.12
N LEU P 157 -36.77 -61.41 84.34
CA LEU P 157 -36.32 -60.55 85.43
C LEU P 157 -34.81 -60.71 85.66
N ALA P 158 -34.34 -61.95 85.63
CA ALA P 158 -32.92 -62.23 85.84
C ALA P 158 -32.05 -61.76 84.69
N MET P 159 -32.57 -61.84 83.46
CA MET P 159 -31.84 -61.35 82.30
C MET P 159 -31.63 -59.84 82.40
N LEU P 160 -32.73 -59.13 82.66
CA LEU P 160 -32.65 -57.68 82.86
C LEU P 160 -31.72 -57.36 84.01
N ALA P 161 -31.76 -58.19 85.04
CA ALA P 161 -30.90 -58.02 86.21
C ALA P 161 -29.43 -58.21 85.87
N PHE P 162 -29.15 -59.07 84.90
CA PHE P 162 -27.78 -59.32 84.48
C PHE P 162 -27.26 -58.13 83.69
N LEU P 163 -28.09 -57.61 82.80
CA LEU P 163 -27.74 -56.40 82.07
C LEU P 163 -27.45 -55.27 83.07
N GLY P 164 -28.32 -55.18 84.07
CA GLY P 164 -28.14 -54.23 85.16
C GLY P 164 -26.81 -54.40 85.87
N PHE P 165 -26.45 -55.63 86.19
CA PHE P 165 -25.19 -55.93 86.86
C PHE P 165 -24.01 -55.46 86.01
N ILE P 166 -24.04 -55.83 84.74
CA ILE P 166 -22.96 -55.47 83.81
C ILE P 166 -22.77 -53.97 83.72
N ILE P 167 -23.84 -53.25 83.41
CA ILE P 167 -23.77 -51.79 83.26
C ILE P 167 -23.36 -51.11 84.57
N GLN P 168 -23.98 -51.52 85.68
CA GLN P 168 -23.69 -50.93 86.99
C GLN P 168 -22.23 -51.12 87.39
N HIS P 169 -21.70 -52.32 87.17
CA HIS P 169 -20.28 -52.54 87.45
C HIS P 169 -19.42 -51.70 86.51
N ASN P 170 -19.87 -51.59 85.26
CA ASN P 170 -19.14 -50.82 84.26
C ASN P 170 -19.03 -49.35 84.64
N VAL P 171 -20.05 -48.84 85.32
CA VAL P 171 -20.08 -47.43 85.69
C VAL P 171 -19.46 -47.16 87.06
N THR P 172 -19.99 -47.80 88.10
CA THR P 172 -19.55 -47.55 89.47
C THR P 172 -18.19 -48.17 89.79
N GLY P 173 -18.02 -49.44 89.44
CA GLY P 173 -16.78 -50.14 89.73
C GLY P 173 -16.85 -50.98 90.99
N LYS P 174 -18.07 -51.17 91.50
CA LYS P 174 -18.29 -51.98 92.69
C LYS P 174 -19.31 -53.08 92.39
N GLY P 175 -19.63 -53.88 93.40
CA GLY P 175 -20.59 -54.95 93.22
C GLY P 175 -22.02 -54.45 93.19
N PRO P 176 -22.96 -55.27 92.70
CA PRO P 176 -24.38 -54.92 92.63
C PRO P 176 -24.99 -54.69 94.00
N PHE P 177 -24.64 -55.55 94.96
CA PHE P 177 -25.15 -55.41 96.32
C PHE P 177 -24.55 -54.18 97.00
N ASP P 178 -23.31 -53.87 96.63
CA ASP P 178 -22.64 -52.68 97.14
C ASP P 178 -23.40 -51.45 96.65
N ASN P 179 -23.73 -51.43 95.36
CA ASN P 179 -24.52 -50.36 94.77
C ASN P 179 -25.89 -50.24 95.43
N LEU P 180 -26.51 -51.38 95.72
CA LEU P 180 -27.79 -51.41 96.40
C LEU P 180 -27.69 -50.77 97.78
N LEU P 181 -26.64 -51.14 98.53
CA LEU P 181 -26.41 -50.59 99.86
C LEU P 181 -26.20 -49.07 99.81
N GLN P 182 -25.38 -48.62 98.87
CA GLN P 182 -25.15 -47.19 98.70
C GLN P 182 -26.42 -46.45 98.27
N HIS P 183 -27.31 -47.16 97.60
CA HIS P 183 -28.59 -46.58 97.21
C HIS P 183 -29.50 -46.48 98.43
N ILE P 184 -29.40 -47.44 99.33
CA ILE P 184 -30.18 -47.42 100.56
C ILE P 184 -29.69 -46.29 101.47
N SER P 185 -28.38 -46.06 101.46
CA SER P 185 -27.77 -45.02 102.29
C SER P 185 -28.38 -43.65 102.04
N ASP P 186 -28.28 -43.15 100.81
CA ASP P 186 -28.89 -41.89 100.43
C ASP P 186 -29.50 -41.99 99.04
N PRO P 187 -30.78 -42.39 98.97
CA PRO P 187 -31.49 -42.67 97.72
C PRO P 187 -31.54 -41.48 96.75
N TRP P 188 -31.74 -40.27 97.26
CA TRP P 188 -31.92 -39.11 96.41
C TRP P 188 -30.61 -38.45 95.98
N HIS P 189 -29.49 -39.01 96.43
CA HIS P 189 -28.18 -38.47 96.08
C HIS P 189 -27.25 -39.55 95.55
N ASN P 190 -27.79 -40.75 95.38
CA ASN P 190 -27.02 -41.87 94.86
C ASN P 190 -27.80 -42.66 93.81
N THR P 191 -27.83 -42.13 92.59
CA THR P 191 -28.49 -42.80 91.47
C THR P 191 -27.56 -42.83 90.27
N ILE P 192 -28.11 -43.17 89.11
CA ILE P 192 -27.35 -43.16 87.86
C ILE P 192 -26.93 -41.74 87.50
N VAL P 193 -27.71 -40.77 88.00
CA VAL P 193 -27.46 -39.36 87.74
C VAL P 193 -26.11 -38.92 88.32
N GLN P 194 -25.86 -39.26 89.58
CA GLN P 194 -24.64 -38.83 90.26
C GLN P 194 -23.41 -39.64 89.85
N THR P 195 -23.63 -40.92 89.54
CA THR P 195 -22.54 -41.81 89.18
C THR P 195 -21.92 -41.52 87.81
N LEU P 196 -22.74 -41.01 86.89
CA LEU P 196 -22.25 -40.64 85.56
C LEU P 196 -21.61 -39.26 85.56
N GLU Q 1 -27.72 61.87 -30.85
CA GLU Q 1 -27.67 62.43 -29.50
C GLU Q 1 -26.41 62.00 -28.77
N VAL Q 2 -25.35 62.79 -28.91
CA VAL Q 2 -24.05 62.46 -28.32
C VAL Q 2 -24.11 62.43 -26.79
N LYS Q 3 -23.75 61.28 -26.22
CA LYS Q 3 -23.82 61.11 -24.77
C LYS Q 3 -22.82 60.07 -24.27
N ILE Q 4 -22.69 59.98 -22.95
CA ILE Q 4 -21.80 59.01 -22.32
C ILE Q 4 -22.46 57.64 -22.26
N LEU Q 5 -21.99 56.71 -23.09
CA LEU Q 5 -22.56 55.37 -23.11
C LEU Q 5 -21.55 54.34 -22.63
N VAL Q 6 -21.97 53.52 -21.68
CA VAL Q 6 -21.08 52.58 -21.01
C VAL Q 6 -21.84 51.34 -20.53
N ASP Q 7 -21.22 50.18 -20.68
CA ASP Q 7 -21.73 48.97 -20.04
C ASP Q 7 -21.02 48.74 -18.71
N ARG Q 8 -21.79 48.33 -17.72
CA ARG Q 8 -21.30 48.17 -16.36
C ARG Q 8 -20.84 46.75 -16.08
N ASP Q 9 -19.57 46.61 -15.72
CA ASP Q 9 -18.96 45.31 -15.42
C ASP Q 9 -19.15 44.29 -16.55
N PRO Q 10 -18.51 44.54 -17.71
CA PRO Q 10 -18.68 43.61 -18.83
C PRO Q 10 -17.83 42.35 -18.64
N ILE Q 11 -16.64 42.52 -18.08
CA ILE Q 11 -15.70 41.41 -17.88
C ILE Q 11 -15.24 41.32 -16.43
N LYS Q 12 -15.43 40.14 -15.83
CA LYS Q 12 -14.99 39.88 -14.46
C LYS Q 12 -13.46 39.96 -14.34
N THR Q 13 -12.99 40.63 -13.29
CA THR Q 13 -11.56 40.72 -13.03
C THR Q 13 -11.10 39.45 -12.29
N SER Q 14 -10.37 38.60 -12.99
CA SER Q 14 -9.92 37.32 -12.43
C SER Q 14 -8.57 36.88 -12.95
N PHE Q 15 -7.80 36.21 -12.10
CA PHE Q 15 -6.49 35.67 -12.51
C PHE Q 15 -6.64 34.34 -13.26
N GLU Q 16 -7.89 33.90 -13.45
CA GLU Q 16 -8.15 32.62 -14.09
C GLU Q 16 -7.61 32.59 -15.52
N GLN Q 17 -7.77 33.72 -16.22
CA GLN Q 17 -7.33 33.80 -17.61
C GLN Q 17 -5.82 34.01 -17.70
N TRP Q 18 -5.21 34.48 -16.62
CA TRP Q 18 -3.77 34.63 -16.56
C TRP Q 18 -3.13 33.25 -16.60
N ALA Q 19 -3.84 32.29 -16.01
CA ALA Q 19 -3.35 30.91 -15.90
C ALA Q 19 -3.69 30.09 -17.14
N LYS Q 20 -4.23 30.75 -18.15
CA LYS Q 20 -4.60 30.08 -19.39
C LYS Q 20 -3.99 30.80 -20.59
N PRO Q 21 -2.75 30.44 -20.95
CA PRO Q 21 -2.06 31.04 -22.10
C PRO Q 21 -2.84 30.86 -23.40
N GLY Q 22 -3.06 31.96 -24.11
CA GLY Q 22 -3.75 31.92 -25.40
C GLY Q 22 -5.26 31.87 -25.24
N HIS Q 23 -5.75 32.30 -24.08
CA HIS Q 23 -7.17 32.30 -23.79
C HIS Q 23 -7.95 33.11 -24.82
N PHE Q 24 -7.29 34.13 -25.36
CA PHE Q 24 -7.91 35.06 -26.29
C PHE Q 24 -8.24 34.42 -27.63
N SER Q 25 -7.57 33.31 -27.94
CA SER Q 25 -7.77 32.63 -29.21
C SER Q 25 -8.29 31.22 -28.99
N ARG Q 26 -9.38 30.87 -29.68
CA ARG Q 26 -10.00 29.56 -29.55
C ARG Q 26 -9.03 28.45 -29.96
N THR Q 27 -8.17 28.73 -30.92
CA THR Q 27 -7.18 27.76 -31.37
C THR Q 27 -6.01 27.61 -30.40
N ILE Q 28 -5.44 28.75 -30.01
CA ILE Q 28 -4.24 28.77 -29.17
C ILE Q 28 -4.52 28.33 -27.73
N ALA Q 29 -5.77 28.54 -27.28
CA ALA Q 29 -6.14 28.19 -25.92
C ALA Q 29 -6.07 26.70 -25.64
N LYS Q 30 -6.14 25.88 -26.69
CA LYS Q 30 -6.12 24.44 -26.56
C LYS Q 30 -4.80 23.92 -26.00
N GLY Q 31 -3.73 24.70 -26.18
CA GLY Q 31 -2.42 24.31 -25.71
C GLY Q 31 -1.46 24.01 -26.86
N PRO Q 32 -0.19 23.76 -26.53
CA PRO Q 32 0.85 23.52 -27.53
C PRO Q 32 1.03 22.05 -27.87
N ASP Q 33 1.06 21.73 -29.15
CA ASP Q 33 1.46 20.42 -29.61
C ASP Q 33 2.88 20.53 -30.15
N THR Q 34 3.15 21.63 -30.83
CA THR Q 34 4.47 21.93 -31.35
C THR Q 34 4.94 23.26 -30.76
N THR Q 35 6.20 23.61 -31.02
CA THR Q 35 6.77 24.84 -30.48
C THR Q 35 6.23 26.09 -31.18
N THR Q 36 5.72 25.91 -32.40
CA THR Q 36 5.16 27.00 -33.19
C THR Q 36 4.09 27.74 -32.37
N TRP Q 37 3.30 26.95 -31.65
CA TRP Q 37 2.31 27.45 -30.70
C TRP Q 37 2.84 28.66 -29.94
N ILE Q 38 4.00 28.49 -29.31
CA ILE Q 38 4.63 29.55 -28.53
C ILE Q 38 4.64 30.87 -29.30
N TRP Q 39 5.24 30.85 -30.48
CA TRP Q 39 5.37 32.05 -31.28
C TRP Q 39 4.00 32.63 -31.61
N ASN Q 40 3.06 31.75 -31.96
CA ASN Q 40 1.72 32.20 -32.30
C ASN Q 40 1.11 32.97 -31.13
N LEU Q 41 1.35 32.47 -29.92
CA LEU Q 41 0.79 33.08 -28.72
C LEU Q 41 1.18 34.56 -28.63
N HIS Q 42 2.38 34.88 -29.11
CA HIS Q 42 2.85 36.25 -29.04
C HIS Q 42 2.50 37.02 -30.30
N ALA Q 43 2.33 36.31 -31.42
CA ALA Q 43 2.11 36.96 -32.70
C ALA Q 43 0.72 37.56 -32.81
N ASP Q 44 -0.27 36.85 -32.28
CA ASP Q 44 -1.66 37.28 -32.40
C ASP Q 44 -2.17 37.94 -31.12
N ALA Q 45 -1.24 38.26 -30.22
CA ALA Q 45 -1.60 38.81 -28.91
C ALA Q 45 -2.39 40.11 -29.00
N HIS Q 46 -1.97 41.00 -29.90
CA HIS Q 46 -2.61 42.31 -30.01
C HIS Q 46 -3.42 42.42 -31.29
N ASP Q 47 -3.69 41.28 -31.92
CA ASP Q 47 -4.52 41.23 -33.11
C ASP Q 47 -5.97 41.02 -32.68
N PHE Q 48 -6.63 42.09 -32.25
CA PHE Q 48 -7.97 41.98 -31.67
C PHE Q 48 -9.02 41.55 -32.69
N ASP Q 49 -8.71 41.70 -33.98
CA ASP Q 49 -9.62 41.25 -35.02
C ASP Q 49 -9.74 39.73 -35.05
N SER Q 50 -8.65 39.04 -34.73
CA SER Q 50 -8.66 37.58 -34.75
C SER Q 50 -9.16 37.00 -33.43
N HIS Q 51 -9.40 37.86 -32.45
CA HIS Q 51 -9.95 37.43 -31.16
C HIS Q 51 -11.47 37.41 -31.23
N THR Q 52 -12.05 38.52 -31.66
CA THR Q 52 -13.49 38.66 -31.73
C THR Q 52 -13.89 39.34 -33.03
N SER Q 53 -15.14 39.17 -33.44
CA SER Q 53 -15.66 39.86 -34.60
C SER Q 53 -16.39 41.13 -34.18
N ASP Q 54 -16.72 41.23 -32.89
CA ASP Q 54 -17.48 42.37 -32.38
C ASP Q 54 -16.66 43.65 -32.28
N LEU Q 55 -17.05 44.65 -33.07
CA LEU Q 55 -16.32 45.90 -33.14
C LEU Q 55 -16.28 46.62 -31.79
N GLU Q 56 -17.31 46.43 -30.98
CA GLU Q 56 -17.39 47.04 -29.66
C GLU Q 56 -16.31 46.52 -28.72
N GLU Q 57 -16.22 45.20 -28.61
CA GLU Q 57 -15.22 44.55 -27.74
C GLU Q 57 -13.79 44.90 -28.17
N ILE Q 58 -13.58 44.92 -29.49
CA ILE Q 58 -12.31 45.35 -30.06
C ILE Q 58 -11.98 46.76 -29.62
N SER Q 59 -12.94 47.67 -29.80
CA SER Q 59 -12.74 49.06 -29.44
C SER Q 59 -12.41 49.24 -27.97
N ARG Q 60 -13.10 48.50 -27.12
CA ARG Q 60 -12.81 48.55 -25.69
C ARG Q 60 -11.38 48.08 -25.41
N LYS Q 61 -11.00 46.97 -26.03
CA LYS Q 61 -9.64 46.47 -25.92
C LYS Q 61 -8.60 47.52 -26.32
N VAL Q 62 -8.79 48.17 -27.46
CA VAL Q 62 -7.82 49.17 -27.90
C VAL Q 62 -7.77 50.38 -26.97
N PHE Q 63 -8.92 50.76 -26.42
CA PHE Q 63 -8.97 51.92 -25.51
C PHE Q 63 -8.16 51.63 -24.25
N SER Q 64 -8.44 50.50 -23.61
CA SER Q 64 -7.67 50.13 -22.42
C SER Q 64 -6.19 49.93 -22.69
N ALA Q 65 -5.88 49.38 -23.86
CA ALA Q 65 -4.50 49.23 -24.29
C ALA Q 65 -3.82 50.59 -24.36
N HIS Q 66 -4.51 51.56 -24.95
CA HIS Q 66 -4.03 52.93 -25.02
C HIS Q 66 -3.74 53.47 -23.63
N PHE Q 67 -4.62 53.19 -22.69
CA PHE Q 67 -4.36 53.59 -21.30
C PHE Q 67 -3.08 52.95 -20.76
N GLY Q 68 -2.87 51.67 -21.08
CA GLY Q 68 -1.66 50.99 -20.68
C GLY Q 68 -0.42 51.67 -21.22
N GLN Q 69 -0.48 52.03 -22.50
CA GLN Q 69 0.63 52.73 -23.15
C GLN Q 69 0.93 54.06 -22.47
N LEU Q 70 -0.10 54.87 -22.26
CA LEU Q 70 0.08 56.16 -21.60
C LEU Q 70 0.67 56.00 -20.20
N SER Q 71 0.24 54.95 -19.49
CA SER Q 71 0.79 54.63 -18.19
C SER Q 71 2.29 54.35 -18.27
N ILE Q 72 2.67 53.47 -19.19
CA ILE Q 72 4.08 53.15 -19.42
C ILE Q 72 4.88 54.42 -19.68
N ILE Q 73 4.34 55.30 -20.51
CA ILE Q 73 5.01 56.55 -20.86
C ILE Q 73 5.17 57.47 -19.64
N PHE Q 74 4.15 57.55 -18.79
CA PHE Q 74 4.25 58.34 -17.56
C PHE Q 74 5.32 57.78 -16.63
N LEU Q 75 5.41 56.46 -16.56
CA LEU Q 75 6.45 55.81 -15.77
C LEU Q 75 7.84 56.12 -16.32
N TRP Q 76 7.93 56.16 -17.65
CA TRP Q 76 9.17 56.47 -18.36
C TRP Q 76 9.64 57.89 -18.05
N LEU Q 77 8.71 58.84 -18.16
CA LEU Q 77 8.99 60.24 -17.82
C LEU Q 77 9.37 60.36 -16.35
N SER Q 78 8.65 59.64 -15.50
CA SER Q 78 8.96 59.61 -14.07
C SER Q 78 10.40 59.20 -13.87
N GLY Q 79 10.82 58.18 -14.61
CA GLY Q 79 12.18 57.70 -14.55
C GLY Q 79 13.21 58.72 -14.97
N MET Q 80 12.94 59.41 -16.08
CA MET Q 80 13.89 60.40 -16.57
C MET Q 80 14.03 61.57 -15.58
N TYR Q 81 12.91 62.04 -15.05
CA TYR Q 81 12.94 63.12 -14.07
C TYR Q 81 13.61 62.70 -12.77
N PHE Q 82 13.32 61.48 -12.31
CA PHE Q 82 13.90 60.95 -11.09
C PHE Q 82 15.41 60.80 -11.22
N HIS Q 83 15.87 60.30 -12.36
CA HIS Q 83 17.30 60.16 -12.59
C HIS Q 83 17.94 61.53 -12.76
N GLY Q 84 17.16 62.49 -13.24
CA GLY Q 84 17.64 63.85 -13.35
C GLY Q 84 17.79 64.51 -11.99
N ALA Q 85 17.03 64.02 -11.02
CA ALA Q 85 17.04 64.57 -9.67
C ALA Q 85 18.07 63.91 -8.77
N ARG Q 86 18.17 62.59 -8.87
CA ARG Q 86 19.01 61.80 -7.96
C ARG Q 86 20.39 61.45 -8.55
N PHE Q 87 20.43 61.12 -9.83
CA PHE Q 87 21.67 60.65 -10.44
C PHE Q 87 22.14 61.51 -11.60
N SER Q 88 22.32 62.81 -11.36
CA SER Q 88 22.75 63.70 -12.44
C SER Q 88 23.62 64.86 -11.98
N ASN Q 89 24.06 65.66 -12.94
CA ASN Q 89 24.85 66.85 -12.68
C ASN Q 89 24.16 68.08 -13.25
N TYR Q 90 22.83 68.10 -13.15
CA TYR Q 90 22.03 69.14 -13.79
C TYR Q 90 22.26 70.54 -13.23
N GLU Q 91 22.33 70.66 -11.92
CA GLU Q 91 22.55 71.97 -11.29
C GLU Q 91 23.90 72.54 -11.70
N ALA Q 92 24.92 71.69 -11.58
CA ALA Q 92 26.27 72.03 -12.03
C ALA Q 92 26.23 72.46 -13.50
N TRP Q 93 25.49 71.70 -14.30
CA TRP Q 93 25.33 72.01 -15.71
C TRP Q 93 24.68 73.37 -15.94
N LEU Q 94 23.70 73.71 -15.10
CA LEU Q 94 23.04 75.01 -15.15
C LEU Q 94 24.07 76.11 -14.94
N ASN Q 95 24.97 75.87 -13.99
CA ASN Q 95 26.03 76.84 -13.71
C ASN Q 95 27.00 77.04 -14.88
N ASP Q 96 27.18 76.00 -15.69
CA ASP Q 96 28.10 76.06 -16.82
C ASP Q 96 27.69 75.10 -17.93
N PRO Q 97 26.69 75.50 -18.74
CA PRO Q 97 26.15 74.64 -19.79
C PRO Q 97 27.09 74.41 -20.96
N THR Q 98 27.99 75.35 -21.22
CA THR Q 98 28.86 75.27 -22.38
C THR Q 98 30.12 74.43 -22.17
N HIS Q 99 30.46 74.15 -20.90
CA HIS Q 99 31.67 73.37 -20.60
C HIS Q 99 31.36 72.19 -19.68
N ILE Q 100 30.09 71.81 -19.59
CA ILE Q 100 29.73 70.61 -18.84
C ILE Q 100 28.87 69.68 -19.70
N LYS Q 101 29.24 68.41 -19.71
CA LYS Q 101 28.51 67.43 -20.49
C LYS Q 101 27.36 66.87 -19.67
N PRO Q 102 26.13 67.00 -20.20
CA PRO Q 102 24.91 66.52 -19.51
C PRO Q 102 24.96 65.03 -19.26
N SER Q 103 24.83 64.65 -17.99
CA SER Q 103 24.89 63.25 -17.59
C SER Q 103 23.81 62.95 -16.55
N ALA Q 104 23.07 61.86 -16.74
CA ALA Q 104 22.02 61.48 -15.79
C ALA Q 104 21.90 59.97 -15.62
N GLN Q 105 23.02 59.26 -15.79
CA GLN Q 105 23.05 57.82 -15.52
C GLN Q 105 24.38 57.45 -14.88
N VAL Q 106 24.31 56.65 -13.82
CA VAL Q 106 25.49 56.18 -13.12
C VAL Q 106 25.46 54.66 -13.04
N VAL Q 107 26.62 54.02 -13.17
CA VAL Q 107 26.67 52.56 -13.10
C VAL Q 107 27.34 52.08 -11.83
N TRP Q 108 26.97 50.88 -11.40
CA TRP Q 108 27.54 50.27 -10.20
C TRP Q 108 28.92 49.69 -10.51
N PRO Q 109 29.80 49.64 -9.52
CA PRO Q 109 31.16 49.12 -9.74
C PRO Q 109 31.27 47.60 -9.63
N ILE Q 110 30.95 46.88 -10.69
CA ILE Q 110 31.30 45.45 -10.77
C ILE Q 110 31.87 45.11 -12.13
N VAL Q 111 32.57 43.97 -12.17
CA VAL Q 111 33.23 43.44 -13.36
C VAL Q 111 33.97 44.49 -14.22
N GLY Q 112 34.33 45.61 -13.61
CA GLY Q 112 35.11 46.65 -14.28
C GLY Q 112 34.32 47.71 -15.02
N GLN Q 113 32.99 47.58 -15.02
CA GLN Q 113 32.11 48.47 -15.79
C GLN Q 113 32.09 49.90 -15.25
N GLU Q 114 32.70 50.09 -14.08
CA GLU Q 114 32.84 51.38 -13.44
C GLU Q 114 33.45 52.42 -14.36
N ILE Q 115 34.23 51.94 -15.33
CA ILE Q 115 34.90 52.80 -16.29
C ILE Q 115 33.90 53.60 -17.12
N LEU Q 116 32.68 53.10 -17.24
CA LEU Q 116 31.64 53.79 -18.00
C LEU Q 116 31.20 55.11 -17.35
N ASN Q 117 31.38 55.22 -16.04
CA ASN Q 117 31.16 56.49 -15.36
C ASN Q 117 32.33 57.42 -15.65
N GLY Q 118 32.20 58.21 -16.70
CA GLY Q 118 33.30 59.04 -17.16
C GLY Q 118 33.30 60.45 -16.60
N ASP Q 119 34.34 61.21 -16.94
CA ASP Q 119 34.47 62.59 -16.48
C ASP Q 119 33.58 63.53 -17.28
N VAL Q 120 32.34 63.70 -16.84
CA VAL Q 120 31.38 64.54 -17.54
C VAL Q 120 31.39 65.99 -17.05
N GLY Q 121 32.18 66.25 -16.01
CA GLY Q 121 32.28 67.60 -15.48
C GLY Q 121 31.38 67.83 -14.28
N GLY Q 122 31.47 69.02 -13.70
CA GLY Q 122 30.66 69.36 -12.53
C GLY Q 122 31.03 68.54 -11.31
N GLY Q 123 32.21 67.93 -11.34
CA GLY Q 123 32.63 67.08 -10.25
C GLY Q 123 31.76 65.84 -10.19
N PHE Q 124 31.37 65.35 -11.36
CA PHE Q 124 30.46 64.21 -11.46
C PHE Q 124 31.04 63.17 -12.41
N ARG Q 125 30.79 61.90 -12.12
CA ARG Q 125 31.24 60.80 -12.99
C ARG Q 125 30.03 60.01 -13.46
N GLY Q 126 29.84 59.92 -14.77
CA GLY Q 126 28.72 59.16 -15.30
C GLY Q 126 28.66 59.05 -16.81
N ILE Q 127 27.50 58.62 -17.30
CA ILE Q 127 27.23 58.50 -18.72
C ILE Q 127 26.65 59.78 -19.28
N GLN Q 128 27.28 60.32 -20.32
CA GLN Q 128 26.78 61.52 -20.98
C GLN Q 128 25.50 61.21 -21.75
N ILE Q 129 24.42 61.92 -21.43
CA ILE Q 129 23.14 61.70 -22.10
C ILE Q 129 22.94 62.64 -23.28
N THR Q 130 22.18 62.19 -24.26
CA THR Q 130 21.91 63.00 -25.46
C THR Q 130 20.41 63.12 -25.74
N SER Q 131 19.60 62.93 -24.70
CA SER Q 131 18.16 63.04 -24.83
C SER Q 131 17.70 64.49 -24.87
N GLY Q 132 18.53 65.38 -24.31
CA GLY Q 132 18.25 66.81 -24.35
C GLY Q 132 17.35 67.27 -23.22
N PHE Q 133 17.23 66.45 -22.19
CA PHE Q 133 16.36 66.77 -21.06
C PHE Q 133 16.81 68.02 -20.29
N PHE Q 134 18.12 68.23 -20.18
CA PHE Q 134 18.66 69.35 -19.42
C PHE Q 134 18.20 70.69 -20.00
N GLN Q 135 18.28 70.83 -21.31
CA GLN Q 135 17.86 72.06 -21.97
C GLN Q 135 16.34 72.29 -21.86
N ILE Q 136 15.59 71.19 -21.83
CA ILE Q 136 14.15 71.27 -21.60
C ILE Q 136 13.89 71.84 -20.21
N TRP Q 137 14.54 71.24 -19.21
CA TRP Q 137 14.38 71.65 -17.82
C TRP Q 137 14.81 73.09 -17.58
N ARG Q 138 15.87 73.53 -18.25
CA ARG Q 138 16.31 74.92 -18.17
C ARG Q 138 15.29 75.84 -18.82
N ALA Q 139 14.74 75.39 -19.96
CA ALA Q 139 13.74 76.19 -20.67
C ALA Q 139 12.44 76.29 -19.86
N SER Q 140 12.15 75.25 -19.09
CA SER Q 140 10.95 75.21 -18.27
C SER Q 140 11.12 76.00 -16.99
N GLY Q 141 12.36 76.43 -16.73
CA GLY Q 141 12.64 77.26 -15.56
C GLY Q 141 13.01 76.45 -14.34
N ILE Q 142 13.14 75.13 -14.51
CA ILE Q 142 13.54 74.27 -13.41
C ILE Q 142 14.99 74.55 -13.01
N THR Q 143 15.24 74.64 -11.71
CA THR Q 143 16.55 75.01 -11.20
C THR Q 143 17.10 74.01 -10.17
N SER Q 144 16.22 73.32 -9.46
CA SER Q 144 16.65 72.43 -8.39
C SER Q 144 16.31 70.96 -8.64
N GLU Q 145 16.97 70.08 -7.90
CA GLU Q 145 16.66 68.65 -7.95
C GLU Q 145 15.32 68.42 -7.30
N LEU Q 146 14.93 69.33 -6.40
CA LEU Q 146 13.66 69.22 -5.69
C LEU Q 146 12.49 69.28 -6.66
N GLN Q 147 12.54 70.24 -7.57
CA GLN Q 147 11.51 70.40 -8.58
C GLN Q 147 11.42 69.16 -9.46
N LEU Q 148 12.58 68.61 -9.80
CA LEU Q 148 12.64 67.38 -10.59
C LEU Q 148 12.03 66.19 -9.84
N TYR Q 149 12.32 66.09 -8.55
CA TYR Q 149 11.72 65.05 -7.71
C TYR Q 149 10.21 65.18 -7.74
N CYS Q 150 9.72 66.40 -7.57
CA CYS Q 150 8.29 66.67 -7.56
C CYS Q 150 7.63 66.30 -8.89
N THR Q 151 8.30 66.63 -9.99
CA THR Q 151 7.80 66.26 -11.31
C THR Q 151 7.76 64.74 -11.45
N ALA Q 152 8.76 64.07 -10.88
CA ALA Q 152 8.82 62.62 -10.91
C ALA Q 152 7.65 61.99 -10.15
N ILE Q 153 7.38 62.51 -8.96
CA ILE Q 153 6.26 62.03 -8.15
C ILE Q 153 4.95 62.23 -8.90
N GLY Q 154 4.80 63.39 -9.52
CA GLY Q 154 3.62 63.69 -10.30
C GLY Q 154 3.42 62.70 -11.44
N ALA Q 155 4.51 62.41 -12.15
CA ALA Q 155 4.45 61.47 -13.27
C ALA Q 155 4.14 60.06 -12.83
N LEU Q 156 4.66 59.67 -11.67
CA LEU Q 156 4.40 58.33 -11.14
C LEU Q 156 2.92 58.21 -10.76
N VAL Q 157 2.42 59.26 -10.10
CA VAL Q 157 0.99 59.35 -9.78
C VAL Q 157 0.16 59.20 -11.05
N PHE Q 158 0.49 59.96 -12.09
CA PHE Q 158 -0.23 59.90 -13.35
C PHE Q 158 -0.15 58.52 -14.01
N ALA Q 159 0.96 57.83 -13.81
CA ALA Q 159 1.11 56.46 -14.30
C ALA Q 159 0.08 55.57 -13.61
N GLY Q 160 -0.01 55.72 -12.29
CA GLY Q 160 -1.03 55.00 -11.52
C GLY Q 160 -2.43 55.31 -12.02
N LEU Q 161 -2.69 56.58 -12.30
CA LEU Q 161 -4.01 57.02 -12.74
C LEU Q 161 -4.37 56.44 -14.11
N MET Q 162 -3.41 56.40 -15.02
CA MET Q 162 -3.63 55.85 -16.35
C MET Q 162 -3.87 54.35 -16.30
N LEU Q 163 -3.08 53.66 -15.49
CA LEU Q 163 -3.24 52.21 -15.34
C LEU Q 163 -4.63 51.90 -14.78
N PHE Q 164 -4.98 52.57 -13.68
CA PHE Q 164 -6.30 52.42 -13.09
C PHE Q 164 -7.39 52.72 -14.09
N ALA Q 165 -7.18 53.75 -14.90
CA ALA Q 165 -8.16 54.14 -15.90
C ALA Q 165 -8.35 53.03 -16.92
N GLY Q 166 -7.27 52.36 -17.28
CA GLY Q 166 -7.35 51.23 -18.19
C GLY Q 166 -8.18 50.10 -17.61
N TRP Q 167 -7.79 49.64 -16.42
CA TRP Q 167 -8.55 48.58 -15.76
C TRP Q 167 -10.02 48.95 -15.61
N PHE Q 168 -10.27 50.20 -15.28
CA PHE Q 168 -11.62 50.69 -15.03
C PHE Q 168 -12.45 50.67 -16.31
N HIS Q 169 -11.89 51.21 -17.38
CA HIS Q 169 -12.63 51.30 -18.64
C HIS Q 169 -12.59 50.00 -19.46
N TYR Q 170 -12.00 48.95 -18.90
CA TYR Q 170 -12.21 47.63 -19.49
C TYR Q 170 -13.13 46.75 -18.64
N HIS Q 171 -12.94 46.78 -17.33
CA HIS Q 171 -13.61 45.85 -16.43
C HIS Q 171 -14.85 46.42 -15.71
N LYS Q 172 -14.82 47.72 -15.41
CA LYS Q 172 -15.90 48.31 -14.62
C LYS Q 172 -16.93 49.07 -15.45
N ALA Q 173 -16.46 50.06 -16.19
CA ALA Q 173 -17.34 50.90 -17.00
C ALA Q 173 -16.79 51.04 -18.40
N ALA Q 174 -17.17 50.11 -19.28
CA ALA Q 174 -16.58 50.07 -20.62
C ALA Q 174 -17.46 50.73 -21.68
N PRO Q 175 -16.93 51.77 -22.33
CA PRO Q 175 -17.64 52.57 -23.34
C PRO Q 175 -18.32 51.74 -24.41
N LYS Q 176 -19.47 52.22 -24.89
CA LYS Q 176 -20.20 51.55 -25.96
C LYS Q 176 -19.58 51.87 -27.32
N LEU Q 177 -19.94 51.08 -28.32
CA LEU Q 177 -19.43 51.28 -29.68
C LEU Q 177 -19.90 52.62 -30.25
N ALA Q 178 -21.13 53.01 -29.92
CA ALA Q 178 -21.66 54.30 -30.35
C ALA Q 178 -20.82 55.44 -29.81
N TRP Q 179 -20.30 55.26 -28.59
CA TRP Q 179 -19.49 56.27 -27.93
C TRP Q 179 -18.19 56.51 -28.69
N PHE Q 180 -17.48 55.43 -29.01
CA PHE Q 180 -16.24 55.51 -29.77
C PHE Q 180 -16.46 56.12 -31.16
N GLN Q 181 -17.63 55.88 -31.72
CA GLN Q 181 -17.93 56.33 -33.08
C GLN Q 181 -18.30 57.81 -33.19
N ASP Q 182 -18.46 58.48 -32.05
CA ASP Q 182 -18.73 59.92 -32.03
C ASP Q 182 -17.49 60.71 -32.42
N VAL Q 183 -17.18 60.72 -33.71
CA VAL Q 183 -15.94 61.31 -34.20
C VAL Q 183 -15.94 62.84 -34.22
N GLU Q 184 -17.11 63.44 -34.41
CA GLU Q 184 -17.24 64.90 -34.38
C GLU Q 184 -16.88 65.45 -33.00
N SER Q 185 -17.42 64.82 -31.97
CA SER Q 185 -17.14 65.21 -30.60
C SER Q 185 -15.67 64.96 -30.25
N MET Q 186 -15.15 63.81 -30.65
CA MET Q 186 -13.75 63.48 -30.38
C MET Q 186 -12.83 64.51 -31.01
N LEU Q 187 -13.14 64.89 -32.25
CA LEU Q 187 -12.37 65.91 -32.95
C LEU Q 187 -12.49 67.27 -32.27
N ASN Q 188 -13.69 67.66 -31.87
CA ASN Q 188 -13.89 68.92 -31.16
C ASN Q 188 -13.10 69.00 -29.86
N HIS Q 189 -13.24 67.97 -29.03
CA HIS Q 189 -12.54 67.90 -27.75
C HIS Q 189 -11.03 67.80 -27.91
N HIS Q 190 -10.55 67.08 -28.91
CA HIS Q 190 -9.11 66.92 -29.08
C HIS Q 190 -8.47 68.15 -29.71
N LEU Q 191 -9.20 68.84 -30.58
CA LEU Q 191 -8.69 70.06 -31.18
C LEU Q 191 -8.71 71.22 -30.19
N ALA Q 192 -9.80 71.34 -29.43
CA ALA Q 192 -9.95 72.45 -28.49
C ALA Q 192 -9.42 72.13 -27.10
N GLY Q 193 -9.79 70.96 -26.57
CA GLY Q 193 -9.42 70.60 -25.22
C GLY Q 193 -7.99 70.12 -25.08
N LEU Q 194 -7.60 69.20 -25.95
CA LEU Q 194 -6.25 68.65 -25.90
C LEU Q 194 -5.23 69.68 -26.37
N LEU Q 195 -5.18 69.92 -27.68
CA LEU Q 195 -4.18 70.82 -28.24
C LEU Q 195 -4.36 72.28 -27.82
N GLY Q 196 -5.59 72.77 -27.90
CA GLY Q 196 -5.90 74.15 -27.58
C GLY Q 196 -5.56 74.54 -26.15
N LEU Q 197 -6.21 73.89 -25.19
CA LEU Q 197 -5.95 74.16 -23.78
C LEU Q 197 -4.55 73.74 -23.38
N GLY Q 198 -4.00 72.78 -24.11
CA GLY Q 198 -2.64 72.32 -23.89
C GLY Q 198 -1.64 73.44 -24.13
N SER Q 199 -1.66 74.00 -25.33
CA SER Q 199 -0.71 75.06 -25.64
C SER Q 199 -1.09 76.38 -24.96
N LEU Q 200 -2.35 76.56 -24.60
CA LEU Q 200 -2.77 77.75 -23.86
C LEU Q 200 -2.19 77.75 -22.45
N SER Q 201 -2.46 76.68 -21.71
CA SER Q 201 -1.91 76.55 -20.36
C SER Q 201 -0.39 76.49 -20.38
N TRP Q 202 0.18 75.87 -21.41
CA TRP Q 202 1.62 75.88 -21.54
C TRP Q 202 2.15 77.30 -21.74
N ALA Q 203 1.48 78.07 -22.58
CA ALA Q 203 1.82 79.48 -22.78
C ALA Q 203 1.73 80.21 -21.45
N GLY Q 204 0.81 79.78 -20.61
CA GLY Q 204 0.68 80.30 -19.26
C GLY Q 204 1.93 80.04 -18.44
N HIS Q 205 2.39 78.80 -18.43
CA HIS Q 205 3.63 78.49 -17.72
C HIS Q 205 4.82 79.28 -18.27
N GLN Q 206 4.88 79.41 -19.60
CA GLN Q 206 5.98 80.11 -20.24
C GLN Q 206 6.00 81.59 -19.86
N VAL Q 207 4.84 82.22 -19.86
CA VAL Q 207 4.74 83.65 -19.57
C VAL Q 207 4.92 83.93 -18.07
N HIS Q 208 4.56 82.95 -17.23
CA HIS Q 208 4.62 83.15 -15.79
C HIS Q 208 5.85 82.57 -15.10
N VAL Q 209 6.43 81.53 -15.69
CA VAL Q 209 7.56 80.85 -15.07
C VAL Q 209 8.81 80.83 -15.95
N SER Q 210 8.65 80.42 -17.20
CA SER Q 210 9.79 80.25 -18.10
C SER Q 210 10.49 81.58 -18.40
N LEU Q 211 9.74 82.54 -18.94
CA LEU Q 211 10.30 83.85 -19.29
C LEU Q 211 11.12 84.54 -18.20
N PRO Q 212 10.54 84.72 -16.98
CA PRO Q 212 11.31 85.43 -15.96
C PRO Q 212 12.56 84.68 -15.51
N ILE Q 213 12.39 83.41 -15.12
CA ILE Q 213 13.51 82.60 -14.63
C ILE Q 213 14.63 82.50 -15.66
N ASN Q 214 14.28 82.31 -16.93
CA ASN Q 214 15.28 82.30 -17.98
C ASN Q 214 15.94 83.66 -18.19
N GLN Q 215 15.15 84.73 -18.01
CA GLN Q 215 15.70 86.08 -18.11
C GLN Q 215 16.78 86.28 -17.05
N PHE Q 216 16.49 85.81 -15.84
CA PHE Q 216 17.45 85.84 -14.76
C PHE Q 216 18.69 85.01 -15.08
N LEU Q 217 18.48 83.76 -15.48
CA LEU Q 217 19.56 82.86 -15.83
C LEU Q 217 20.50 83.48 -16.85
N ASN Q 218 19.92 84.07 -17.88
CA ASN Q 218 20.69 84.72 -18.93
C ASN Q 218 21.39 85.97 -18.44
N ALA Q 219 20.80 86.64 -17.45
CA ALA Q 219 21.43 87.80 -16.84
C ALA Q 219 22.74 87.40 -16.16
N GLY Q 220 22.81 86.17 -15.69
CA GLY Q 220 24.03 85.64 -15.12
C GLY Q 220 23.90 85.28 -13.65
N VAL Q 221 22.76 85.59 -13.06
CA VAL Q 221 22.55 85.32 -11.63
C VAL Q 221 22.56 83.83 -11.35
N ASP Q 222 23.18 83.47 -10.23
CA ASP Q 222 23.23 82.09 -9.75
C ASP Q 222 21.83 81.51 -9.69
N PRO Q 223 21.66 80.27 -10.18
CA PRO Q 223 20.34 79.62 -10.22
C PRO Q 223 19.65 79.57 -8.87
N LYS Q 224 20.42 79.28 -7.82
CA LYS Q 224 19.88 79.19 -6.46
C LYS Q 224 19.40 80.56 -5.97
N GLU Q 225 19.97 81.63 -6.53
CA GLU Q 225 19.69 83.00 -6.11
C GLU Q 225 18.44 83.55 -6.78
N ILE Q 226 18.01 82.89 -7.84
CA ILE Q 226 16.83 83.30 -8.59
C ILE Q 226 15.57 83.11 -7.75
N PRO Q 227 14.68 84.11 -7.76
CA PRO Q 227 13.40 84.02 -7.05
C PRO Q 227 12.61 82.80 -7.53
N LEU Q 228 11.98 82.08 -6.61
CA LEU Q 228 11.18 80.90 -6.96
C LEU Q 228 10.02 81.30 -7.87
N PRO Q 229 9.60 80.40 -8.77
CA PRO Q 229 8.58 80.73 -9.78
C PRO Q 229 7.25 81.25 -9.21
N HIS Q 230 6.78 80.68 -8.11
CA HIS Q 230 5.51 81.10 -7.52
C HIS Q 230 5.56 82.55 -7.06
N GLU Q 231 6.74 83.02 -6.71
CA GLU Q 231 6.92 84.41 -6.29
C GLU Q 231 6.56 85.33 -7.44
N PHE Q 232 6.90 84.91 -8.65
CA PHE Q 232 6.64 85.72 -9.83
C PHE Q 232 5.14 85.85 -10.07
N ILE Q 233 4.37 84.98 -9.42
CA ILE Q 233 2.93 85.04 -9.48
C ILE Q 233 2.41 85.84 -8.29
N LEU Q 234 3.03 85.66 -7.14
CA LEU Q 234 2.63 86.38 -5.93
C LEU Q 234 2.99 87.85 -6.05
N ASN Q 235 4.25 88.13 -6.38
CA ASN Q 235 4.70 89.50 -6.57
C ASN Q 235 4.80 89.84 -8.04
N ARG Q 236 3.74 90.44 -8.57
CA ARG Q 236 3.68 90.81 -9.98
C ARG Q 236 4.73 91.87 -10.31
N ASP Q 237 5.25 92.51 -9.25
CA ASP Q 237 6.25 93.54 -9.38
C ASP Q 237 7.54 93.02 -10.03
N LEU Q 238 7.87 91.77 -9.79
CA LEU Q 238 9.06 91.16 -10.38
C LEU Q 238 8.91 91.07 -11.89
N LEU Q 239 7.80 90.51 -12.33
CA LEU Q 239 7.47 90.44 -13.76
C LEU Q 239 7.43 91.85 -14.36
N ALA Q 240 6.86 92.78 -13.63
CA ALA Q 240 6.78 94.17 -14.09
C ALA Q 240 8.18 94.76 -14.25
N GLN Q 241 9.09 94.34 -13.39
CA GLN Q 241 10.49 94.75 -13.49
C GLN Q 241 11.13 94.15 -14.74
N LEU Q 242 10.79 92.90 -15.05
CA LEU Q 242 11.31 92.26 -16.24
C LEU Q 242 10.55 92.68 -17.49
N TYR Q 243 9.22 92.66 -17.40
CA TYR Q 243 8.36 93.08 -18.50
C TYR Q 243 7.28 93.99 -17.94
N PRO Q 244 7.43 95.31 -18.15
CA PRO Q 244 6.53 96.34 -17.58
C PRO Q 244 5.06 96.19 -17.96
N SER Q 245 4.76 95.41 -18.99
CA SER Q 245 3.39 95.18 -19.41
C SER Q 245 2.51 94.70 -18.26
N PHE Q 246 3.07 93.83 -17.42
CA PHE Q 246 2.33 93.26 -16.30
C PHE Q 246 1.90 94.30 -15.28
N ALA Q 247 2.46 95.50 -15.35
CA ALA Q 247 2.03 96.59 -14.48
C ALA Q 247 0.58 96.95 -14.78
N GLU Q 248 0.17 96.73 -16.02
CA GLU Q 248 -1.19 97.05 -16.43
C GLU Q 248 -2.15 95.86 -16.33
N GLY Q 249 -1.68 94.78 -15.70
CA GLY Q 249 -2.50 93.60 -15.48
C GLY Q 249 -3.03 93.02 -16.78
N ALA Q 250 -4.26 92.51 -16.74
CA ALA Q 250 -4.89 91.94 -17.92
C ALA Q 250 -5.77 92.97 -18.64
N THR Q 251 -5.62 94.24 -18.27
CA THR Q 251 -6.38 95.33 -18.89
C THR Q 251 -6.11 95.52 -20.39
N PRO Q 252 -4.82 95.56 -20.81
CA PRO Q 252 -4.61 95.74 -22.25
C PRO Q 252 -5.15 94.57 -23.08
N PHE Q 253 -5.35 93.42 -22.45
CA PHE Q 253 -5.91 92.27 -23.13
C PHE Q 253 -7.36 92.49 -23.53
N PHE Q 254 -8.20 92.83 -22.56
CA PHE Q 254 -9.62 93.02 -22.81
C PHE Q 254 -9.93 94.30 -23.58
N THR Q 255 -9.06 95.30 -23.46
CA THR Q 255 -9.27 96.57 -24.14
C THR Q 255 -8.67 96.56 -25.55
N LEU Q 256 -8.13 95.42 -25.94
CA LEU Q 256 -7.58 95.22 -27.29
C LEU Q 256 -6.34 96.06 -27.59
N ASN Q 257 -5.72 96.61 -26.55
CA ASN Q 257 -4.46 97.32 -26.69
C ASN Q 257 -3.31 96.32 -26.56
N TRP Q 258 -3.30 95.34 -27.46
CA TRP Q 258 -2.39 94.21 -27.37
C TRP Q 258 -0.92 94.59 -27.61
N SER Q 259 -0.69 95.73 -28.25
CA SER Q 259 0.65 96.21 -28.52
C SER Q 259 1.47 96.36 -27.24
N LYS Q 260 0.79 96.74 -26.16
CA LYS Q 260 1.45 96.90 -24.86
C LYS Q 260 2.12 95.61 -24.39
N TYR Q 261 1.66 94.48 -24.89
CA TYR Q 261 2.21 93.19 -24.49
C TYR Q 261 3.41 92.78 -25.33
N ALA Q 262 3.92 93.71 -26.15
CA ALA Q 262 5.08 93.42 -26.99
C ALA Q 262 6.37 93.22 -26.19
N ASP Q 263 6.27 93.38 -24.87
CA ASP Q 263 7.41 93.17 -23.98
C ASP Q 263 7.74 91.68 -23.88
N PHE Q 264 6.71 90.85 -23.79
CA PHE Q 264 6.91 89.42 -23.64
C PHE Q 264 6.30 88.62 -24.79
N LEU Q 265 5.61 89.31 -25.69
CA LEU Q 265 5.08 88.69 -26.89
C LEU Q 265 5.69 89.34 -28.12
N THR Q 266 6.77 88.76 -28.63
CA THR Q 266 7.53 89.35 -29.73
C THR Q 266 7.38 88.58 -31.04
N PHE Q 267 8.07 89.04 -32.07
CA PHE Q 267 8.13 88.36 -33.36
C PHE Q 267 9.49 88.61 -33.98
N ARG Q 268 10.55 88.42 -33.20
CA ARG Q 268 11.90 88.70 -33.66
C ARG Q 268 12.43 87.68 -34.64
N GLY Q 269 12.36 86.40 -34.27
CA GLY Q 269 12.92 85.34 -35.08
C GLY Q 269 14.40 85.18 -34.80
N GLY Q 270 15.05 84.30 -35.56
CA GLY Q 270 16.46 84.03 -35.36
C GLY Q 270 16.72 83.41 -34.00
N LEU Q 271 17.91 83.64 -33.47
CA LEU Q 271 18.28 83.05 -32.19
C LEU Q 271 18.77 84.09 -31.19
N ASP Q 272 18.53 83.82 -29.91
CA ASP Q 272 19.05 84.65 -28.84
C ASP Q 272 20.56 84.43 -28.79
N PRO Q 273 21.34 85.50 -29.04
CA PRO Q 273 22.80 85.46 -29.18
C PRO Q 273 23.54 84.82 -28.01
N LEU Q 274 23.01 84.90 -26.79
CA LEU Q 274 23.72 84.33 -25.65
C LEU Q 274 23.20 82.96 -25.24
N THR Q 275 22.54 82.26 -26.16
CA THR Q 275 21.99 80.95 -25.85
C THR Q 275 21.84 80.04 -27.07
N GLY Q 276 21.82 80.63 -28.27
CA GLY Q 276 21.73 79.84 -29.49
C GLY Q 276 20.38 79.21 -29.73
N GLY Q 277 19.37 79.67 -28.99
CA GLY Q 277 18.02 79.15 -29.12
C GLY Q 277 17.03 80.25 -29.46
N LEU Q 278 15.84 79.84 -29.90
CA LEU Q 278 14.77 80.78 -30.25
C LEU Q 278 14.39 81.62 -29.05
N TRP Q 279 13.95 82.84 -29.30
CA TRP Q 279 13.52 83.73 -28.25
C TRP Q 279 12.28 83.17 -27.56
N LEU Q 280 12.36 83.03 -26.24
CA LEU Q 280 11.25 82.48 -25.47
C LEU Q 280 9.99 83.36 -25.57
N THR Q 281 10.19 84.65 -25.83
CA THR Q 281 9.06 85.55 -26.04
C THR Q 281 8.33 85.15 -27.32
N ASP Q 282 9.10 84.88 -28.36
CA ASP Q 282 8.55 84.37 -29.61
C ASP Q 282 7.81 83.05 -29.39
N ILE Q 283 8.37 82.20 -28.54
CA ILE Q 283 7.78 80.89 -28.28
C ILE Q 283 6.46 81.00 -27.52
N ALA Q 284 6.43 81.88 -26.52
CA ALA Q 284 5.20 82.11 -25.75
C ALA Q 284 4.10 82.67 -26.65
N HIS Q 285 4.47 83.66 -27.47
CA HIS Q 285 3.52 84.23 -28.41
C HIS Q 285 3.01 83.15 -29.37
N HIS Q 286 3.93 82.32 -29.84
CA HIS Q 286 3.63 81.20 -30.73
C HIS Q 286 2.58 80.28 -30.11
N HIS Q 287 2.80 79.89 -28.86
CA HIS Q 287 1.86 78.99 -28.20
C HIS Q 287 0.52 79.66 -27.96
N LEU Q 288 0.53 80.97 -27.74
CA LEU Q 288 -0.71 81.72 -27.58
C LEU Q 288 -1.54 81.66 -28.86
N ALA Q 289 -0.90 82.04 -29.97
CA ALA Q 289 -1.55 82.02 -31.28
C ALA Q 289 -2.08 80.63 -31.62
N ILE Q 290 -1.22 79.62 -31.45
CA ILE Q 290 -1.58 78.23 -31.68
C ILE Q 290 -2.82 77.86 -30.86
N ALA Q 291 -2.80 78.23 -29.59
CA ALA Q 291 -3.92 77.95 -28.69
C ALA Q 291 -5.22 78.55 -29.22
N ILE Q 292 -5.18 79.81 -29.62
CA ILE Q 292 -6.38 80.44 -30.18
C ILE Q 292 -6.87 79.67 -31.41
N LEU Q 293 -5.93 79.37 -32.32
CA LEU Q 293 -6.24 78.67 -33.57
C LEU Q 293 -6.93 77.33 -33.32
N PHE Q 294 -6.33 76.50 -32.48
CA PHE Q 294 -6.91 75.20 -32.15
C PHE Q 294 -8.24 75.33 -31.41
N LEU Q 295 -8.35 76.35 -30.57
CA LEU Q 295 -9.57 76.59 -29.81
C LEU Q 295 -10.75 76.91 -30.74
N ILE Q 296 -10.54 77.76 -31.74
CA ILE Q 296 -11.62 78.04 -32.67
C ILE Q 296 -11.82 76.86 -33.63
N ALA Q 297 -10.76 76.11 -33.89
CA ALA Q 297 -10.85 74.96 -34.79
C ALA Q 297 -11.69 73.83 -34.19
N GLY Q 298 -11.66 73.71 -32.87
CA GLY Q 298 -12.43 72.70 -32.18
C GLY Q 298 -13.92 73.00 -32.06
N HIS Q 299 -14.36 74.07 -32.70
CA HIS Q 299 -15.79 74.41 -32.69
C HIS Q 299 -16.37 74.31 -34.11
N MET Q 300 -15.90 73.34 -34.87
CA MET Q 300 -16.32 73.19 -36.27
C MET Q 300 -17.42 72.13 -36.44
N TYR Q 301 -17.36 71.07 -35.66
CA TYR Q 301 -18.21 69.91 -35.91
C TYR Q 301 -19.48 69.85 -35.06
N ARG Q 302 -20.57 69.44 -35.71
CA ARG Q 302 -21.88 69.35 -35.09
C ARG Q 302 -21.97 68.23 -34.06
N THR Q 303 -22.45 68.57 -32.86
CA THR Q 303 -22.64 67.59 -31.81
C THR Q 303 -24.09 67.61 -31.33
N ASN Q 304 -24.35 68.14 -30.14
CA ASN Q 304 -25.69 68.11 -29.56
C ASN Q 304 -26.50 69.40 -29.76
N TRP Q 305 -25.98 70.31 -30.57
CA TRP Q 305 -26.65 71.58 -30.83
C TRP Q 305 -26.56 71.86 -32.33
N GLY Q 306 -27.45 72.72 -32.82
CA GLY Q 306 -27.61 72.90 -34.25
C GLY Q 306 -26.37 73.25 -35.04
N ILE Q 307 -25.56 74.13 -34.48
CA ILE Q 307 -24.35 74.59 -35.16
C ILE Q 307 -23.32 73.48 -35.37
N GLY Q 308 -22.49 73.64 -36.39
CA GLY Q 308 -21.42 72.71 -36.66
C GLY Q 308 -21.56 71.89 -37.93
N HIS Q 309 -20.43 71.54 -38.53
CA HIS Q 309 -20.42 70.73 -39.74
C HIS Q 309 -20.58 69.26 -39.42
N GLY Q 310 -21.12 68.50 -40.37
CA GLY Q 310 -21.12 67.06 -40.28
C GLY Q 310 -20.04 66.55 -41.22
N ILE Q 311 -19.19 65.66 -40.73
CA ILE Q 311 -18.10 65.12 -41.53
C ILE Q 311 -18.65 64.45 -42.79
N LYS Q 312 -19.72 63.67 -42.61
CA LYS Q 312 -20.34 62.96 -43.73
C LYS Q 312 -20.84 63.93 -44.80
N ASP Q 313 -21.33 65.09 -44.38
CA ASP Q 313 -21.81 66.10 -45.32
C ASP Q 313 -20.67 66.69 -46.15
N ILE Q 314 -19.60 67.11 -45.47
CA ILE Q 314 -18.44 67.67 -46.17
C ILE Q 314 -17.84 66.65 -47.12
N LEU Q 315 -17.80 65.40 -46.69
CA LEU Q 315 -17.28 64.33 -47.53
C LEU Q 315 -18.16 64.12 -48.76
N GLU Q 316 -19.46 64.06 -48.54
CA GLU Q 316 -20.41 63.80 -49.62
C GLU Q 316 -20.59 65.01 -50.52
N ALA Q 317 -20.01 66.14 -50.13
CA ALA Q 317 -20.11 67.35 -50.94
C ALA Q 317 -19.00 67.47 -51.98
N HIS Q 318 -17.90 66.73 -51.78
CA HIS Q 318 -16.74 66.86 -52.67
C HIS Q 318 -16.64 65.73 -53.69
N LYS Q 319 -17.06 66.03 -54.91
CA LYS Q 319 -17.05 65.05 -56.01
C LYS Q 319 -16.98 65.76 -57.36
N GLY Q 320 -15.97 65.42 -58.15
CA GLY Q 320 -15.73 66.09 -59.41
C GLY Q 320 -16.05 65.23 -60.62
N PRO Q 321 -15.77 65.77 -61.82
CA PRO Q 321 -15.99 65.08 -63.09
C PRO Q 321 -15.05 63.89 -63.27
N PHE Q 322 -13.84 64.00 -62.72
CA PHE Q 322 -12.83 62.95 -62.84
C PHE Q 322 -13.06 61.81 -61.86
N THR Q 323 -13.74 62.11 -60.75
CA THR Q 323 -13.85 61.16 -59.65
C THR Q 323 -15.26 60.64 -59.41
N GLY Q 324 -16.23 61.17 -60.13
CA GLY Q 324 -17.61 60.72 -60.03
C GLY Q 324 -18.28 61.06 -58.71
N GLN Q 325 -18.45 60.05 -57.86
CA GLN Q 325 -19.14 60.23 -56.57
C GLN Q 325 -18.25 60.83 -55.47
N GLY Q 326 -16.94 60.84 -55.69
CA GLY Q 326 -16.02 61.49 -54.77
C GLY Q 326 -15.85 60.79 -53.43
N HIS Q 327 -15.98 61.56 -52.35
CA HIS Q 327 -15.64 61.07 -51.02
C HIS Q 327 -16.79 60.42 -50.26
N LYS Q 328 -17.89 60.12 -50.96
CA LYS Q 328 -19.02 59.49 -50.31
C LYS Q 328 -18.66 58.06 -49.89
N GLY Q 329 -19.02 57.70 -48.66
CA GLY Q 329 -18.78 56.35 -48.15
C GLY Q 329 -17.59 56.30 -47.21
N LEU Q 330 -16.75 57.32 -47.28
CA LEU Q 330 -15.53 57.36 -46.47
C LEU Q 330 -15.82 57.54 -44.98
N TYR Q 331 -16.88 58.26 -44.66
CA TYR Q 331 -17.27 58.44 -43.26
C TYR Q 331 -17.65 57.10 -42.62
N GLU Q 332 -18.44 56.31 -43.34
CA GLU Q 332 -18.86 55.00 -42.85
C GLU Q 332 -17.66 54.06 -42.70
N ILE Q 333 -16.72 54.17 -43.65
CA ILE Q 333 -15.49 53.36 -43.61
C ILE Q 333 -14.61 53.76 -42.44
N LEU Q 334 -14.43 55.07 -42.26
CA LEU Q 334 -13.52 55.57 -41.24
C LEU Q 334 -14.13 55.60 -39.85
N THR Q 335 -15.34 55.04 -39.72
CA THR Q 335 -15.97 54.90 -38.41
C THR Q 335 -16.31 53.45 -38.09
N THR Q 336 -15.77 52.53 -38.89
CA THR Q 336 -16.02 51.11 -38.68
C THR Q 336 -14.74 50.28 -38.76
N SER Q 337 -13.66 50.90 -39.23
CA SER Q 337 -12.39 50.20 -39.36
C SER Q 337 -11.26 50.90 -38.61
N TRP Q 338 -10.76 50.26 -37.55
CA TRP Q 338 -9.65 50.81 -36.79
C TRP Q 338 -8.38 50.88 -37.65
N HIS Q 339 -8.24 49.95 -38.59
CA HIS Q 339 -7.03 49.85 -39.39
C HIS Q 339 -6.84 51.02 -40.35
N ALA Q 340 -7.94 51.52 -40.92
CA ALA Q 340 -7.88 52.67 -41.80
C ALA Q 340 -7.43 53.91 -41.02
N GLN Q 341 -8.07 54.10 -39.87
CA GLN Q 341 -7.69 55.16 -38.95
C GLN Q 341 -6.22 55.08 -38.59
N LEU Q 342 -5.79 53.88 -38.21
CA LEU Q 342 -4.40 53.65 -37.81
C LEU Q 342 -3.44 53.94 -38.95
N SER Q 343 -3.85 53.62 -40.17
CA SER Q 343 -3.05 53.91 -41.35
C SER Q 343 -2.84 55.42 -41.51
N ILE Q 344 -3.96 56.15 -41.56
CA ILE Q 344 -3.90 57.60 -41.71
C ILE Q 344 -3.04 58.25 -40.63
N ASN Q 345 -3.34 57.89 -39.39
CA ASN Q 345 -2.67 58.46 -38.23
C ASN Q 345 -1.18 58.11 -38.18
N LEU Q 346 -0.83 56.90 -38.62
CA LEU Q 346 0.57 56.51 -38.70
C LEU Q 346 1.33 57.30 -39.76
N ALA Q 347 0.72 57.46 -40.92
CA ALA Q 347 1.35 58.23 -42.00
C ALA Q 347 1.59 59.67 -41.56
N MET Q 348 0.55 60.30 -41.04
CA MET Q 348 0.63 61.71 -40.65
C MET Q 348 1.52 61.94 -39.43
N LEU Q 349 1.46 61.05 -38.45
CA LEU Q 349 2.29 61.19 -37.25
C LEU Q 349 3.76 60.96 -37.59
N GLY Q 350 4.04 60.00 -38.46
CA GLY Q 350 5.40 59.75 -38.90
C GLY Q 350 5.98 60.93 -39.67
N SER Q 351 5.23 61.37 -40.68
CA SER Q 351 5.64 62.55 -41.46
C SER Q 351 5.90 63.74 -40.54
N LEU Q 352 4.99 63.94 -39.60
CA LEU Q 352 5.13 65.02 -38.62
C LEU Q 352 6.41 64.87 -37.80
N THR Q 353 6.72 63.65 -37.38
CA THR Q 353 7.94 63.43 -36.59
C THR Q 353 9.19 63.79 -37.40
N ILE Q 354 9.14 63.51 -38.70
CA ILE Q 354 10.23 63.89 -39.59
C ILE Q 354 10.38 65.42 -39.68
N VAL Q 355 9.27 66.12 -39.90
CA VAL Q 355 9.34 67.59 -39.93
C VAL Q 355 9.82 68.15 -38.59
N VAL Q 356 9.50 67.43 -37.50
CA VAL Q 356 9.95 67.81 -36.18
C VAL Q 356 11.46 67.75 -36.12
N ALA Q 357 12.04 66.67 -36.65
CA ALA Q 357 13.49 66.55 -36.72
C ALA Q 357 14.11 67.74 -37.45
N GLN Q 358 13.63 68.00 -38.67
CA GLN Q 358 14.18 69.11 -39.44
C GLN Q 358 14.05 70.48 -38.74
N HIS Q 359 12.84 70.81 -38.33
CA HIS Q 359 12.57 72.09 -37.70
C HIS Q 359 13.32 72.28 -36.38
N MET Q 360 13.59 71.17 -35.69
CA MET Q 360 14.33 71.27 -34.43
C MET Q 360 15.83 71.41 -34.66
N TYR Q 361 16.35 70.89 -35.77
CA TYR Q 361 17.75 71.23 -36.07
C TYR Q 361 17.88 72.68 -36.52
N SER Q 362 17.05 73.11 -37.46
CA SER Q 362 17.25 74.41 -38.10
C SER Q 362 16.74 75.61 -37.29
N MET Q 363 15.94 75.34 -36.27
CA MET Q 363 15.43 76.39 -35.38
C MET Q 363 15.47 75.90 -33.95
N PRO Q 364 16.68 75.85 -33.35
CA PRO Q 364 16.90 75.29 -32.01
C PRO Q 364 15.98 75.93 -30.98
N PRO Q 365 15.01 75.16 -30.48
CA PRO Q 365 13.94 75.68 -29.63
C PRO Q 365 14.31 75.73 -28.15
N TYR Q 366 15.39 75.06 -27.77
CA TYR Q 366 15.83 75.06 -26.38
C TYR Q 366 17.17 75.77 -26.22
N PRO Q 367 17.38 76.40 -25.06
CA PRO Q 367 18.65 77.10 -24.77
C PRO Q 367 19.80 76.13 -24.61
N TYR Q 368 20.96 76.49 -25.17
CA TYR Q 368 22.17 75.66 -25.10
C TYR Q 368 21.92 74.27 -25.69
N LEU Q 369 21.15 74.25 -26.78
CA LEU Q 369 20.86 73.02 -27.49
C LEU Q 369 21.69 72.96 -28.76
N ALA Q 370 21.73 74.08 -29.49
CA ALA Q 370 22.42 74.15 -30.76
C ALA Q 370 23.91 73.83 -30.64
N THR Q 371 24.50 74.14 -29.49
CA THR Q 371 25.92 73.90 -29.27
C THR Q 371 26.22 72.56 -28.58
N ASP Q 372 25.16 71.82 -28.26
CA ASP Q 372 25.31 70.46 -27.77
C ASP Q 372 25.16 69.50 -28.95
N TYR Q 373 26.19 69.44 -29.79
CA TYR Q 373 26.14 68.71 -31.07
C TYR Q 373 25.69 67.26 -30.93
N ALA Q 374 26.10 66.62 -29.85
CA ALA Q 374 25.71 65.24 -29.57
C ALA Q 374 24.20 65.12 -29.43
N THR Q 375 23.63 66.00 -28.62
CA THR Q 375 22.18 66.04 -28.41
C THR Q 375 21.44 66.31 -29.72
N GLN Q 376 21.93 67.24 -30.52
CA GLN Q 376 21.31 67.58 -31.80
C GLN Q 376 21.31 66.41 -32.79
N LEU Q 377 22.48 65.80 -32.96
CA LEU Q 377 22.63 64.66 -33.84
C LEU Q 377 21.69 63.54 -33.38
N SER Q 378 21.71 63.27 -32.09
CA SER Q 378 20.86 62.24 -31.51
C SER Q 378 19.37 62.50 -31.73
N LEU Q 379 18.93 63.72 -31.49
CA LEU Q 379 17.52 64.10 -31.66
C LEU Q 379 17.06 63.97 -33.10
N PHE Q 380 17.82 64.56 -34.01
CA PHE Q 380 17.52 64.50 -35.44
C PHE Q 380 17.41 63.06 -35.90
N THR Q 381 18.44 62.27 -35.62
CA THR Q 381 18.48 60.88 -36.05
C THR Q 381 17.31 60.06 -35.47
N HIS Q 382 17.14 60.17 -34.16
CA HIS Q 382 16.06 59.50 -33.42
C HIS Q 382 14.70 59.76 -34.06
N HIS Q 383 14.35 61.04 -34.20
CA HIS Q 383 13.05 61.39 -34.72
C HIS Q 383 12.86 60.97 -36.19
N MET Q 384 13.94 61.04 -36.97
CA MET Q 384 13.92 60.51 -38.33
C MET Q 384 13.53 59.02 -38.36
N TRP Q 385 14.20 58.24 -37.53
CA TRP Q 385 13.91 56.82 -37.44
C TRP Q 385 12.46 56.54 -37.05
N ILE Q 386 12.02 57.17 -35.96
CA ILE Q 386 10.65 57.00 -35.50
C ILE Q 386 9.66 57.30 -36.62
N GLY Q 387 9.86 58.43 -37.29
CA GLY Q 387 9.03 58.82 -38.41
C GLY Q 387 8.92 57.74 -39.47
N GLY Q 388 10.07 57.30 -39.98
CA GLY Q 388 10.11 56.27 -41.00
C GLY Q 388 9.37 55.00 -40.61
N PHE Q 389 9.62 54.54 -39.38
CA PHE Q 389 8.96 53.34 -38.88
C PHE Q 389 7.45 53.50 -38.89
N LEU Q 390 6.98 54.62 -38.33
CA LEU Q 390 5.55 54.90 -38.30
C LEU Q 390 4.94 54.90 -39.70
N ILE Q 391 5.64 55.47 -40.68
CA ILE Q 391 5.13 55.47 -42.06
C ILE Q 391 5.00 54.06 -42.65
N VAL Q 392 6.05 53.26 -42.48
CA VAL Q 392 5.99 51.88 -42.94
C VAL Q 392 4.78 51.17 -42.30
N GLY Q 393 4.55 51.46 -41.03
CA GLY Q 393 3.37 50.96 -40.35
C GLY Q 393 2.07 51.42 -41.00
N ALA Q 394 2.02 52.67 -41.42
CA ALA Q 394 0.85 53.20 -42.11
C ALA Q 394 0.54 52.34 -43.32
N ALA Q 395 1.58 51.99 -44.08
CA ALA Q 395 1.40 51.09 -45.21
C ALA Q 395 0.80 49.78 -44.74
N ALA Q 396 1.42 49.21 -43.70
CA ALA Q 396 0.97 47.93 -43.15
C ALA Q 396 -0.53 47.90 -42.88
N HIS Q 397 -1.01 48.86 -42.09
CA HIS Q 397 -2.42 48.87 -41.71
C HIS Q 397 -3.37 49.32 -42.83
N ALA Q 398 -2.85 50.07 -43.79
CA ALA Q 398 -3.61 50.33 -45.01
C ALA Q 398 -3.92 49.00 -45.69
N ALA Q 399 -2.89 48.18 -45.84
CA ALA Q 399 -3.06 46.86 -46.46
C ALA Q 399 -3.96 45.94 -45.63
N ILE Q 400 -3.82 46.00 -44.31
CA ILE Q 400 -4.65 45.20 -43.42
C ILE Q 400 -6.13 45.57 -43.56
N PHE Q 401 -6.41 46.86 -43.67
CA PHE Q 401 -7.76 47.30 -43.99
C PHE Q 401 -8.19 46.68 -45.31
N MET Q 402 -7.30 46.81 -46.29
CA MET Q 402 -7.60 46.37 -47.65
C MET Q 402 -7.98 44.91 -47.72
N VAL Q 403 -7.39 44.09 -46.87
CA VAL Q 403 -7.67 42.66 -46.88
C VAL Q 403 -8.85 42.28 -45.98
N ARG Q 404 -8.89 42.84 -44.77
CA ARG Q 404 -9.87 42.43 -43.77
C ARG Q 404 -11.18 43.23 -43.73
N ASP Q 405 -11.11 44.53 -44.00
CA ASP Q 405 -12.27 45.41 -43.77
C ASP Q 405 -12.96 45.91 -45.04
N TYR Q 406 -12.20 46.01 -46.14
CA TYR Q 406 -12.74 46.47 -47.42
C TYR Q 406 -13.90 45.60 -47.88
N ASP Q 407 -15.03 46.24 -48.17
CA ASP Q 407 -16.22 45.52 -48.67
C ASP Q 407 -17.10 46.45 -49.51
N PRO Q 408 -16.98 46.35 -50.84
CA PRO Q 408 -17.67 47.28 -51.74
C PRO Q 408 -19.16 46.99 -51.89
N THR Q 409 -19.62 45.88 -51.31
CA THR Q 409 -21.03 45.50 -51.41
C THR Q 409 -21.84 46.10 -50.25
N THR Q 410 -21.14 46.51 -49.20
CA THR Q 410 -21.78 47.11 -48.03
C THR Q 410 -21.23 48.52 -47.76
N ARG Q 411 -19.92 48.69 -47.96
CA ARG Q 411 -19.28 49.99 -47.77
C ARG Q 411 -18.44 50.40 -48.97
N TYR Q 412 -19.11 50.84 -50.03
CA TYR Q 412 -18.44 51.22 -51.27
C TYR Q 412 -17.97 52.68 -51.23
N ASN Q 413 -16.82 52.93 -51.84
CA ASN Q 413 -16.35 54.31 -52.08
C ASN Q 413 -15.76 54.43 -53.47
N ASP Q 414 -16.11 55.51 -54.16
CA ASP Q 414 -15.73 55.69 -55.55
C ASP Q 414 -14.23 55.85 -55.75
N LEU Q 415 -13.61 56.74 -54.96
CA LEU Q 415 -12.18 57.04 -55.09
C LEU Q 415 -11.28 55.81 -54.99
N LEU Q 416 -11.51 55.01 -53.95
CA LEU Q 416 -10.75 53.78 -53.73
C LEU Q 416 -10.94 52.84 -54.91
N ASP Q 417 -12.18 52.72 -55.38
CA ASP Q 417 -12.51 51.84 -56.48
C ASP Q 417 -11.76 52.25 -57.75
N ARG Q 418 -11.78 53.54 -58.07
CA ARG Q 418 -11.11 54.05 -59.25
C ARG Q 418 -9.59 53.81 -59.18
N VAL Q 419 -9.03 54.05 -58.00
CA VAL Q 419 -7.62 53.78 -57.77
C VAL Q 419 -7.32 52.31 -58.08
N LEU Q 420 -8.18 51.43 -57.55
CA LEU Q 420 -8.05 50.00 -57.81
C LEU Q 420 -8.20 49.70 -59.31
N ARG Q 421 -8.94 50.54 -60.02
CA ARG Q 421 -9.17 50.32 -61.44
C ARG Q 421 -8.02 50.80 -62.32
N HIS Q 422 -7.12 51.63 -61.78
CA HIS Q 422 -5.92 51.97 -62.57
C HIS Q 422 -4.59 51.75 -61.83
N ARG Q 423 -4.61 50.82 -60.88
CA ARG Q 423 -3.44 50.49 -60.08
C ARG Q 423 -2.23 50.09 -60.92
N ASP Q 424 -2.47 49.47 -62.07
CA ASP Q 424 -1.38 49.07 -62.96
C ASP Q 424 -0.64 50.30 -63.48
N ALA Q 425 -1.40 51.33 -63.84
CA ALA Q 425 -0.82 52.58 -64.30
C ALA Q 425 -0.05 53.24 -63.17
N ILE Q 426 -0.67 53.27 -61.98
CA ILE Q 426 -0.01 53.88 -60.82
C ILE Q 426 1.35 53.24 -60.54
N ILE Q 427 1.34 51.93 -60.38
CA ILE Q 427 2.55 51.19 -60.02
C ILE Q 427 3.60 51.19 -61.13
N SER Q 428 3.16 51.07 -62.39
CA SER Q 428 4.13 51.09 -63.49
C SER Q 428 4.81 52.45 -63.59
N HIS Q 429 4.04 53.52 -63.42
CA HIS Q 429 4.62 54.86 -63.43
C HIS Q 429 5.59 55.08 -62.28
N LEU Q 430 5.21 54.63 -61.08
CA LEU Q 430 6.09 54.79 -59.92
C LEU Q 430 7.38 54.00 -60.16
N ASN Q 431 7.25 52.82 -60.76
CA ASN Q 431 8.38 51.99 -61.14
C ASN Q 431 9.34 52.77 -62.02
N TRP Q 432 8.82 53.28 -63.13
CA TRP Q 432 9.64 54.05 -64.06
C TRP Q 432 10.33 55.23 -63.39
N VAL Q 433 9.57 56.03 -62.63
CA VAL Q 433 10.15 57.21 -62.01
C VAL Q 433 11.24 56.83 -61.00
N CYS Q 434 11.09 55.64 -60.40
CA CYS Q 434 12.12 55.11 -59.51
C CYS Q 434 13.40 54.76 -60.28
N ILE Q 435 13.25 54.15 -61.45
CA ILE Q 435 14.44 53.83 -62.26
C ILE Q 435 15.14 55.10 -62.74
N PHE Q 436 14.35 56.06 -63.19
CA PHE Q 436 14.88 57.35 -63.61
C PHE Q 436 15.65 58.02 -62.46
N LEU Q 437 15.04 58.09 -61.28
CA LEU Q 437 15.70 58.66 -60.11
C LEU Q 437 17.00 57.94 -59.76
N GLY Q 438 16.96 56.61 -59.78
CA GLY Q 438 18.14 55.82 -59.49
C GLY Q 438 19.30 56.15 -60.41
N PHE Q 439 19.04 56.07 -61.70
CA PHE Q 439 20.05 56.41 -62.70
C PHE Q 439 20.57 57.83 -62.49
N HIS Q 440 19.65 58.79 -62.46
CA HIS Q 440 20.00 60.20 -62.44
C HIS Q 440 20.39 60.76 -61.06
N SER Q 441 20.56 59.87 -60.09
CA SER Q 441 21.13 60.28 -58.81
C SER Q 441 22.40 59.48 -58.51
N PHE Q 442 22.26 58.16 -58.39
CA PHE Q 442 23.40 57.30 -58.06
C PHE Q 442 24.38 57.22 -59.23
N GLY Q 443 23.85 57.21 -60.45
CA GLY Q 443 24.68 57.17 -61.64
C GLY Q 443 25.62 58.35 -61.74
N LEU Q 444 25.20 59.50 -61.21
CA LEU Q 444 26.03 60.69 -61.18
C LEU Q 444 27.23 60.47 -60.25
N TYR Q 445 26.97 59.79 -59.13
CA TYR Q 445 28.03 59.46 -58.18
C TYR Q 445 29.03 58.50 -58.80
N ILE Q 446 28.51 57.44 -59.42
CA ILE Q 446 29.37 56.46 -60.08
C ILE Q 446 30.20 57.12 -61.18
N HIS Q 447 29.55 58.01 -61.91
CA HIS Q 447 30.23 58.81 -62.92
C HIS Q 447 31.41 59.54 -62.31
N ASN Q 448 31.15 60.22 -61.19
CA ASN Q 448 32.21 60.94 -60.50
C ASN Q 448 33.35 60.03 -60.05
N ASP Q 449 33.01 58.88 -59.47
CA ASP Q 449 34.02 57.92 -59.01
C ASP Q 449 34.92 57.49 -60.16
N THR Q 450 34.30 57.20 -61.29
CA THR Q 450 35.03 56.74 -62.46
C THR Q 450 35.94 57.83 -63.04
N MET Q 451 35.39 59.02 -63.23
CA MET Q 451 36.16 60.14 -63.74
C MET Q 451 37.33 60.51 -62.83
N SER Q 452 37.08 60.47 -61.52
CA SER Q 452 38.12 60.79 -60.54
C SER Q 452 39.21 59.72 -60.57
N ALA Q 453 38.80 58.47 -60.75
CA ALA Q 453 39.76 57.37 -60.78
C ALA Q 453 40.59 57.36 -62.06
N LEU Q 454 40.01 57.85 -63.16
CA LEU Q 454 40.68 57.86 -64.46
C LEU Q 454 41.56 59.08 -64.65
N GLY Q 455 41.70 59.87 -63.59
CA GLY Q 455 42.52 61.07 -63.65
C GLY Q 455 41.86 62.18 -64.44
N ARG Q 456 40.52 62.23 -64.38
CA ARG Q 456 39.75 63.24 -65.10
C ARG Q 456 38.77 63.95 -64.18
N PRO Q 457 39.27 64.75 -63.23
CA PRO Q 457 38.38 65.46 -62.30
C PRO Q 457 37.55 66.54 -62.98
N GLN Q 458 38.04 67.05 -64.11
CA GLN Q 458 37.32 68.09 -64.84
C GLN Q 458 36.07 67.55 -65.55
N ASP Q 459 35.93 66.23 -65.55
CA ASP Q 459 34.76 65.60 -66.15
C ASP Q 459 33.75 65.15 -65.10
N MET Q 460 33.97 65.53 -63.85
CA MET Q 460 33.07 65.17 -62.75
C MET Q 460 31.88 66.12 -62.64
N PHE Q 461 30.90 65.72 -61.86
CA PHE Q 461 29.82 66.63 -61.49
C PHE Q 461 30.16 67.25 -60.14
N SER Q 462 30.66 68.48 -60.18
CA SER Q 462 31.06 69.20 -58.97
C SER Q 462 30.94 70.69 -59.17
N ASP Q 463 31.27 71.45 -58.14
CA ASP Q 463 31.23 72.90 -58.21
C ASP Q 463 32.45 73.44 -58.96
N THR Q 464 33.43 72.58 -59.18
CA THR Q 464 34.65 72.97 -59.87
C THR Q 464 34.77 72.29 -61.24
N ALA Q 465 33.66 71.70 -61.68
CA ALA Q 465 33.60 71.07 -62.99
C ALA Q 465 32.21 71.27 -63.59
N ILE Q 466 31.55 70.16 -63.94
CA ILE Q 466 30.19 70.23 -64.44
C ILE Q 466 29.26 70.51 -63.27
N GLN Q 467 28.82 71.77 -63.17
CA GLN Q 467 28.03 72.21 -62.01
C GLN Q 467 26.55 71.83 -62.12
N LEU Q 468 25.99 71.45 -60.98
CA LEU Q 468 24.56 71.15 -60.88
C LEU Q 468 23.99 71.89 -59.68
N GLN Q 469 23.80 73.20 -59.83
CA GLN Q 469 23.37 74.06 -58.72
C GLN Q 469 21.91 73.89 -58.36
N PRO Q 470 21.61 73.80 -57.05
CA PRO Q 470 20.23 73.77 -56.56
C PRO Q 470 19.62 75.17 -56.63
N VAL Q 471 19.44 75.67 -57.85
CA VAL Q 471 18.98 77.04 -58.07
C VAL Q 471 17.70 77.38 -57.32
N PHE Q 472 16.75 76.46 -57.34
CA PHE Q 472 15.44 76.68 -56.73
C PHE Q 472 15.55 76.86 -55.21
N ALA Q 473 16.29 75.96 -54.57
CA ALA Q 473 16.49 76.04 -53.13
C ALA Q 473 17.26 77.29 -52.74
N GLN Q 474 18.22 77.68 -53.58
CA GLN Q 474 19.00 78.88 -53.34
C GLN Q 474 18.10 80.11 -53.39
N TRP Q 475 17.19 80.11 -54.36
CA TRP Q 475 16.23 81.19 -54.51
C TRP Q 475 15.34 81.28 -53.28
N ILE Q 476 14.86 80.13 -52.80
CA ILE Q 476 14.04 80.10 -51.59
C ILE Q 476 14.81 80.63 -50.38
N GLN Q 477 16.08 80.26 -50.27
CA GLN Q 477 16.92 80.74 -49.18
C GLN Q 477 17.03 82.26 -49.21
N ASN Q 478 17.38 82.81 -50.36
CA ASN Q 478 17.50 84.26 -50.50
C ASN Q 478 16.18 84.97 -50.16
N THR Q 479 15.08 84.43 -50.69
CA THR Q 479 13.76 85.01 -50.43
C THR Q 479 13.44 85.01 -48.94
N HIS Q 480 13.78 83.92 -48.25
CA HIS Q 480 13.53 83.81 -46.82
C HIS Q 480 14.49 84.71 -46.02
N ALA Q 481 15.60 85.08 -46.64
CA ALA Q 481 16.58 85.95 -45.99
C ALA Q 481 16.18 87.41 -46.09
N LEU Q 482 15.56 87.80 -47.20
CA LEU Q 482 15.15 89.19 -47.37
C LEU Q 482 13.79 89.46 -46.76
N ALA Q 483 13.11 88.40 -46.34
CA ALA Q 483 11.76 88.48 -45.78
C ALA Q 483 11.52 89.43 -44.59
N PRO Q 484 12.43 89.47 -43.59
CA PRO Q 484 12.15 90.28 -42.39
C PRO Q 484 11.84 91.76 -42.66
N GLY Q 485 12.44 92.34 -43.69
CA GLY Q 485 12.19 93.74 -43.97
C GLY Q 485 10.98 93.97 -44.85
N THR Q 486 10.71 93.02 -45.75
CA THR Q 486 9.72 93.21 -46.80
C THR Q 486 8.42 92.42 -46.61
N THR Q 487 8.47 91.13 -46.92
CA THR Q 487 7.26 90.30 -46.96
C THR Q 487 6.86 89.81 -45.57
N ALA Q 488 7.68 90.13 -44.58
CA ALA Q 488 7.36 89.84 -43.19
C ALA Q 488 7.81 91.00 -42.30
N PRO Q 489 7.14 92.16 -42.44
CA PRO Q 489 7.55 93.41 -41.78
C PRO Q 489 7.68 93.30 -40.27
N GLY Q 490 6.76 92.58 -39.63
CA GLY Q 490 6.76 92.46 -38.18
C GLY Q 490 7.93 91.64 -37.63
N ALA Q 491 8.62 90.92 -38.52
CA ALA Q 491 9.75 90.09 -38.11
C ALA Q 491 11.06 90.87 -38.16
N THR Q 492 11.80 90.83 -37.05
CA THR Q 492 13.09 91.52 -36.99
C THR Q 492 14.16 90.77 -37.79
N ALA Q 493 14.49 89.55 -37.35
CA ALA Q 493 15.49 88.74 -38.03
C ALA Q 493 14.81 87.64 -38.84
N SER Q 494 15.60 86.75 -39.43
CA SER Q 494 15.06 85.62 -40.17
C SER Q 494 14.46 84.59 -39.21
N THR Q 495 13.70 83.64 -39.75
CA THR Q 495 13.15 82.56 -38.93
C THR Q 495 14.22 81.53 -38.61
N SER Q 496 15.29 81.53 -39.38
CA SER Q 496 16.39 80.59 -39.20
C SER Q 496 17.69 81.18 -39.74
N LEU Q 497 18.78 80.96 -39.00
CA LEU Q 497 20.09 81.45 -39.42
C LEU Q 497 20.55 80.75 -40.71
N THR Q 498 20.00 79.56 -40.96
CA THR Q 498 20.41 78.72 -42.09
C THR Q 498 20.06 79.29 -43.46
N TRP Q 499 19.17 80.28 -43.52
CA TRP Q 499 18.79 80.88 -44.80
C TRP Q 499 19.97 81.60 -45.45
N GLY Q 500 19.93 81.71 -46.78
CA GLY Q 500 21.04 82.20 -47.57
C GLY Q 500 21.74 83.46 -47.08
N GLY Q 501 20.98 84.34 -46.43
CA GLY Q 501 21.53 85.57 -45.90
C GLY Q 501 21.38 85.62 -44.39
N GLY Q 502 22.26 86.38 -43.74
CA GLY Q 502 22.20 86.56 -42.30
C GLY Q 502 23.56 86.62 -41.66
N ASP Q 503 23.59 86.74 -40.35
CA ASP Q 503 24.84 86.80 -39.60
C ASP Q 503 25.33 85.41 -39.21
N LEU Q 504 25.72 85.26 -37.95
CA LEU Q 504 26.21 83.99 -37.42
C LEU Q 504 26.02 83.99 -35.91
N VAL Q 505 25.37 82.94 -35.40
CA VAL Q 505 25.20 82.83 -33.96
C VAL Q 505 26.14 81.78 -33.37
N ALA Q 506 26.96 82.24 -32.43
CA ALA Q 506 27.96 81.42 -31.75
C ALA Q 506 27.79 81.53 -30.25
N VAL Q 507 28.04 80.43 -29.55
CA VAL Q 507 27.91 80.39 -28.10
C VAL Q 507 29.07 79.63 -27.47
N GLY Q 508 29.81 80.30 -26.59
CA GLY Q 508 30.89 79.67 -25.87
C GLY Q 508 32.04 79.21 -26.76
N GLY Q 509 32.25 79.95 -27.86
CA GLY Q 509 33.31 79.63 -28.78
C GLY Q 509 32.89 78.63 -29.84
N LYS Q 510 31.74 77.99 -29.64
CA LYS Q 510 31.21 77.03 -30.59
C LYS Q 510 30.19 77.68 -31.50
N VAL Q 511 30.11 77.21 -32.74
CA VAL Q 511 29.12 77.71 -33.69
C VAL Q 511 27.76 77.08 -33.43
N ALA Q 512 26.76 77.91 -33.16
CA ALA Q 512 25.39 77.42 -33.07
C ALA Q 512 24.84 77.28 -34.49
N LEU Q 513 24.76 78.39 -35.20
CA LEU Q 513 24.26 78.34 -36.58
C LEU Q 513 24.79 79.45 -37.48
N LEU Q 514 24.77 79.18 -38.78
CA LEU Q 514 25.22 80.11 -39.81
C LEU Q 514 24.53 79.73 -41.13
N PRO Q 515 24.61 80.61 -42.15
CA PRO Q 515 24.00 80.26 -43.43
C PRO Q 515 24.55 78.95 -44.01
N ILE Q 516 23.65 78.05 -44.38
CA ILE Q 516 24.05 76.75 -44.93
C ILE Q 516 24.16 76.81 -46.45
N PRO Q 517 25.38 76.69 -46.97
CA PRO Q 517 25.59 76.73 -48.41
C PRO Q 517 25.08 75.46 -49.08
N LEU Q 518 24.42 75.62 -50.23
CA LEU Q 518 23.94 74.48 -51.00
C LEU Q 518 24.55 74.48 -52.39
N GLY Q 519 25.27 73.41 -52.74
CA GLY Q 519 25.90 73.29 -54.04
C GLY Q 519 25.57 71.98 -54.73
N THR Q 520 26.45 71.56 -55.63
CA THR Q 520 26.26 70.35 -56.42
C THR Q 520 26.09 69.10 -55.56
N ALA Q 521 26.88 69.01 -54.49
CA ALA Q 521 26.80 67.89 -53.57
C ALA Q 521 25.40 67.75 -52.99
N ASP Q 522 24.79 68.89 -52.69
CA ASP Q 522 23.46 68.93 -52.10
C ASP Q 522 22.37 68.55 -53.10
N PHE Q 523 22.55 68.97 -54.35
CA PHE Q 523 21.69 68.54 -55.45
C PHE Q 523 21.71 67.01 -55.49
N LEU Q 524 22.93 66.47 -55.52
CA LEU Q 524 23.13 65.03 -55.57
C LEU Q 524 22.44 64.28 -54.41
N VAL Q 525 22.76 64.62 -53.17
CA VAL Q 525 22.16 63.93 -52.03
C VAL Q 525 20.64 64.11 -51.94
N HIS Q 526 20.15 65.28 -52.33
CA HIS Q 526 18.71 65.52 -52.29
C HIS Q 526 17.98 64.62 -53.31
N HIS Q 527 18.58 64.45 -54.48
CA HIS Q 527 17.98 63.54 -55.44
C HIS Q 527 18.13 62.08 -55.02
N ILE Q 528 19.17 61.77 -54.26
CA ILE Q 528 19.26 60.45 -53.64
C ILE Q 528 18.07 60.22 -52.71
N HIS Q 529 17.77 61.25 -51.91
CA HIS Q 529 16.63 61.22 -50.99
C HIS Q 529 15.31 60.99 -51.73
N ALA Q 530 15.12 61.76 -52.81
CA ALA Q 530 13.95 61.59 -53.67
C ALA Q 530 13.84 60.15 -54.17
N PHE Q 531 14.98 59.62 -54.60
CA PHE Q 531 15.05 58.25 -55.13
C PHE Q 531 14.64 57.20 -54.10
N THR Q 532 15.29 57.20 -52.95
CA THR Q 532 15.01 56.20 -51.92
C THR Q 532 13.57 56.28 -51.40
N ILE Q 533 13.10 57.51 -51.15
CA ILE Q 533 11.71 57.69 -50.72
C ILE Q 533 10.73 57.15 -51.76
N HIS Q 534 10.97 57.51 -53.02
CA HIS Q 534 10.11 57.04 -54.11
C HIS Q 534 10.08 55.51 -54.21
N VAL Q 535 11.23 54.85 -54.02
CA VAL Q 535 11.25 53.39 -54.03
C VAL Q 535 10.44 52.79 -52.88
N THR Q 536 10.67 53.32 -51.67
CA THR Q 536 9.92 52.87 -50.50
C THR Q 536 8.41 52.95 -50.76
N VAL Q 537 7.99 54.08 -51.31
CA VAL Q 537 6.59 54.27 -51.68
C VAL Q 537 6.15 53.25 -52.73
N LEU Q 538 7.03 52.96 -53.69
CA LEU Q 538 6.73 51.97 -54.72
C LEU Q 538 6.39 50.62 -54.10
N ILE Q 539 7.30 50.10 -53.29
CA ILE Q 539 7.10 48.83 -52.60
C ILE Q 539 5.83 48.82 -51.75
N LEU Q 540 5.68 49.81 -50.87
CA LEU Q 540 4.54 49.84 -49.95
C LEU Q 540 3.18 49.99 -50.65
N LEU Q 541 3.08 50.97 -51.54
CA LEU Q 541 1.84 51.23 -52.28
C LEU Q 541 1.46 50.06 -53.18
N LYS Q 542 2.44 49.47 -53.85
CA LYS Q 542 2.20 48.26 -54.63
C LYS Q 542 1.66 47.18 -53.71
N GLY Q 543 2.23 47.12 -52.51
CA GLY Q 543 1.81 46.17 -51.50
C GLY Q 543 0.36 46.30 -51.08
N VAL Q 544 -0.13 47.53 -50.94
CA VAL Q 544 -1.51 47.70 -50.50
C VAL Q 544 -2.50 47.62 -51.65
N LEU Q 545 -2.10 48.03 -52.85
CA LEU Q 545 -3.04 48.08 -53.96
C LEU Q 545 -3.32 46.72 -54.55
N PHE Q 546 -2.36 45.81 -54.45
CA PHE Q 546 -2.53 44.46 -54.98
C PHE Q 546 -2.72 43.43 -53.89
N ALA Q 547 -3.15 43.90 -52.71
CA ALA Q 547 -3.33 43.01 -51.56
C ALA Q 547 -4.48 42.03 -51.76
N ARG Q 548 -5.52 42.46 -52.47
CA ARG Q 548 -6.71 41.62 -52.66
C ARG Q 548 -6.58 40.68 -53.84
N SER Q 549 -6.04 41.20 -54.95
CA SER Q 549 -5.90 40.41 -56.15
C SER Q 549 -4.82 40.96 -57.09
N SER Q 550 -4.34 40.09 -57.96
CA SER Q 550 -3.44 40.47 -59.05
C SER Q 550 -3.69 39.51 -60.19
N ARG Q 551 -3.10 39.78 -61.35
CA ARG Q 551 -3.25 38.87 -62.47
C ARG Q 551 -2.65 37.49 -62.15
N LEU Q 552 -1.67 37.48 -61.25
CA LEU Q 552 -1.04 36.24 -60.84
C LEU Q 552 -1.93 35.49 -59.86
N ILE Q 553 -2.34 36.17 -58.78
CA ILE Q 553 -3.20 35.57 -57.77
C ILE Q 553 -4.53 36.31 -57.68
N PRO Q 554 -5.54 35.88 -58.45
CA PRO Q 554 -6.83 36.55 -58.49
C PRO Q 554 -7.61 36.50 -57.16
N ASP Q 555 -7.29 35.53 -56.31
CA ASP Q 555 -8.01 35.37 -55.05
C ASP Q 555 -7.09 35.54 -53.85
N LYS Q 556 -6.12 36.44 -53.97
CA LYS Q 556 -5.12 36.64 -52.94
C LYS Q 556 -5.73 37.04 -51.60
N ALA Q 557 -6.87 37.73 -51.66
CA ALA Q 557 -7.56 38.19 -50.46
C ALA Q 557 -7.92 37.03 -49.52
N ASN Q 558 -8.33 35.92 -50.10
CA ASN Q 558 -8.69 34.73 -49.32
C ASN Q 558 -7.49 34.10 -48.62
N LEU Q 559 -6.29 34.50 -49.02
CA LEU Q 559 -5.07 33.98 -48.42
C LEU Q 559 -4.71 34.77 -47.17
N GLY Q 560 -5.37 35.90 -46.98
CA GLY Q 560 -5.14 36.73 -45.81
C GLY Q 560 -4.16 37.86 -46.06
N PHE Q 561 -3.85 38.61 -45.01
CA PHE Q 561 -2.86 39.68 -45.08
C PHE Q 561 -1.44 39.13 -44.96
N ARG Q 562 -1.26 38.22 -44.01
CA ARG Q 562 0.05 37.65 -43.74
C ARG Q 562 0.09 36.16 -44.09
N PHE Q 563 0.76 35.83 -45.18
CA PHE Q 563 0.96 34.45 -45.59
C PHE Q 563 2.25 34.35 -46.38
N PRO Q 564 2.92 33.18 -46.33
CA PRO Q 564 4.24 33.03 -46.95
C PRO Q 564 4.25 33.20 -48.47
N CYS Q 565 3.25 32.64 -49.14
CA CYS Q 565 3.24 32.56 -50.60
C CYS Q 565 1.99 31.84 -51.06
N ASP Q 566 1.99 31.43 -52.33
CA ASP Q 566 0.99 30.52 -52.85
C ASP Q 566 1.65 29.41 -53.67
N GLY Q 567 2.81 28.96 -53.21
CA GLY Q 567 3.48 27.82 -53.79
C GLY Q 567 4.52 28.18 -54.83
N PRO Q 568 5.31 27.19 -55.26
CA PRO Q 568 6.35 27.37 -56.29
C PRO Q 568 5.73 27.50 -57.67
N GLY Q 569 4.41 27.37 -57.75
CA GLY Q 569 3.71 27.49 -59.01
C GLY Q 569 3.70 28.90 -59.58
N ARG Q 570 3.16 29.01 -60.80
CA ARG Q 570 3.12 30.27 -61.54
C ARG Q 570 4.52 30.84 -61.74
N GLY Q 571 5.53 29.96 -61.68
CA GLY Q 571 6.92 30.36 -61.76
C GLY Q 571 7.54 30.51 -60.37
N GLY Q 572 6.67 30.69 -59.38
CA GLY Q 572 7.09 30.93 -58.01
C GLY Q 572 6.42 32.17 -57.46
N THR Q 573 5.75 32.04 -56.32
CA THR Q 573 4.98 33.16 -55.77
C THR Q 573 5.37 33.55 -54.35
N CYS Q 574 6.66 33.53 -54.04
CA CYS Q 574 7.12 33.95 -52.72
C CYS Q 574 6.88 35.44 -52.53
N GLN Q 575 6.54 35.83 -51.31
CA GLN Q 575 6.39 37.24 -50.93
C GLN Q 575 5.40 38.01 -51.80
N VAL Q 576 4.21 37.45 -51.99
CA VAL Q 576 3.15 38.15 -52.72
C VAL Q 576 2.24 38.88 -51.74
N SER Q 577 2.31 38.49 -50.47
CA SER Q 577 1.45 39.08 -49.45
C SER Q 577 1.86 40.52 -49.18
N ALA Q 578 0.90 41.32 -48.75
CA ALA Q 578 1.15 42.73 -48.43
C ALA Q 578 2.12 42.83 -47.27
N TRP Q 579 2.06 41.84 -46.38
CA TRP Q 579 2.98 41.76 -45.25
C TRP Q 579 4.43 41.75 -45.72
N ASP Q 580 4.68 40.99 -46.78
CA ASP Q 580 6.03 40.90 -47.34
C ASP Q 580 6.45 42.21 -48.02
N HIS Q 581 5.46 43.00 -48.44
CA HIS Q 581 5.75 44.31 -49.01
C HIS Q 581 6.12 45.31 -47.90
N VAL Q 582 5.49 45.15 -46.75
CA VAL Q 582 5.87 45.92 -45.57
C VAL Q 582 7.29 45.49 -45.18
N PHE Q 583 7.52 44.19 -45.33
CA PHE Q 583 8.79 43.55 -44.99
C PHE Q 583 9.95 44.10 -45.82
N LEU Q 584 9.76 44.26 -47.12
CA LEU Q 584 10.82 44.81 -47.97
C LEU Q 584 10.90 46.33 -47.81
N GLY Q 585 9.73 46.95 -47.67
CA GLY Q 585 9.64 48.39 -47.47
C GLY Q 585 10.42 48.83 -46.25
N LEU Q 586 10.50 47.95 -45.25
CA LEU Q 586 11.31 48.22 -44.07
C LEU Q 586 12.78 48.37 -44.42
N PHE Q 587 13.30 47.45 -45.24
CA PHE Q 587 14.69 47.51 -45.67
C PHE Q 587 14.95 48.80 -46.43
N TRP Q 588 14.05 49.14 -47.35
CA TRP Q 588 14.26 50.37 -48.10
C TRP Q 588 14.15 51.64 -47.23
N MET Q 589 13.30 51.60 -46.21
CA MET Q 589 13.18 52.69 -45.26
C MET Q 589 14.48 52.85 -44.48
N TYR Q 590 15.06 51.71 -44.07
CA TYR Q 590 16.36 51.74 -43.42
C TYR Q 590 17.41 52.38 -44.31
N ASN Q 591 17.45 51.96 -45.57
CA ASN Q 591 18.37 52.52 -46.55
C ASN Q 591 18.25 54.05 -46.62
N SER Q 592 17.05 54.50 -46.93
CA SER Q 592 16.73 55.91 -47.08
C SER Q 592 17.09 56.74 -45.85
N ILE Q 593 16.60 56.31 -44.69
CA ILE Q 593 16.86 57.06 -43.46
C ILE Q 593 18.35 57.08 -43.13
N SER Q 594 19.03 55.97 -43.42
CA SER Q 594 20.47 55.88 -43.19
C SER Q 594 21.21 56.94 -43.99
N VAL Q 595 20.94 57.01 -45.29
CA VAL Q 595 21.64 58.02 -46.09
C VAL Q 595 21.20 59.44 -45.70
N VAL Q 596 19.98 59.57 -45.20
CA VAL Q 596 19.51 60.86 -44.68
C VAL Q 596 20.33 61.34 -43.48
N ILE Q 597 20.46 60.48 -42.47
CA ILE Q 597 21.18 60.83 -41.26
C ILE Q 597 22.69 60.97 -41.52
N PHE Q 598 23.19 60.23 -42.50
CA PHE Q 598 24.59 60.43 -42.91
C PHE Q 598 24.75 61.82 -43.52
N HIS Q 599 23.81 62.20 -44.39
CA HIS Q 599 23.79 63.52 -44.99
C HIS Q 599 23.84 64.60 -43.90
N PHE Q 600 22.92 64.49 -42.94
CA PHE Q 600 22.87 65.45 -41.84
C PHE Q 600 24.19 65.52 -41.08
N SER Q 601 24.68 64.35 -40.67
CA SER Q 601 25.92 64.28 -39.90
C SER Q 601 27.07 64.98 -40.61
N TRP Q 602 27.33 64.57 -41.84
CA TRP Q 602 28.46 65.11 -42.59
C TRP Q 602 28.31 66.60 -42.88
N LYS Q 603 27.13 67.01 -43.35
CA LYS Q 603 26.89 68.42 -43.66
C LYS Q 603 27.07 69.31 -42.45
N MET Q 604 26.51 68.90 -41.32
CA MET Q 604 26.65 69.69 -40.10
C MET Q 604 28.11 69.78 -39.65
N GLN Q 605 28.80 68.64 -39.61
CA GLN Q 605 30.19 68.61 -39.16
C GLN Q 605 31.15 69.35 -40.10
N SER Q 606 30.74 69.49 -41.37
CA SER Q 606 31.62 70.06 -42.38
C SER Q 606 31.39 71.56 -42.62
N ASP Q 607 30.13 71.95 -42.79
CA ASP Q 607 29.82 73.31 -43.23
C ASP Q 607 29.13 74.18 -42.19
N VAL Q 608 28.76 73.60 -41.05
CA VAL Q 608 28.02 74.33 -40.04
C VAL Q 608 28.73 74.35 -38.69
N TRP Q 609 28.83 73.19 -38.05
CA TRP Q 609 29.43 73.09 -36.73
C TRP Q 609 30.91 73.44 -36.72
N GLY Q 610 31.48 73.49 -35.52
CA GLY Q 610 32.88 73.83 -35.36
C GLY Q 610 33.08 74.95 -34.36
N THR Q 611 34.34 75.28 -34.10
CA THR Q 611 34.66 76.35 -33.16
C THR Q 611 34.87 77.67 -33.90
N ILE Q 612 34.72 78.78 -33.18
CA ILE Q 612 34.97 80.09 -33.77
C ILE Q 612 36.04 80.85 -32.98
N ASN Q 613 37.07 81.28 -33.70
CA ASN Q 613 38.18 82.01 -33.10
C ASN Q 613 37.84 83.48 -32.94
N ASP Q 614 38.62 84.20 -32.14
CA ASP Q 614 38.48 85.64 -32.04
C ASP Q 614 38.72 86.26 -33.41
N GLN Q 615 38.19 87.48 -33.60
CA GLN Q 615 38.22 88.18 -34.89
C GLN Q 615 37.33 87.53 -35.95
N GLY Q 616 36.74 86.37 -35.62
CA GLY Q 616 35.70 85.79 -36.44
C GLY Q 616 36.07 84.61 -37.33
N VAL Q 617 37.21 83.98 -37.06
CA VAL Q 617 37.65 82.84 -37.87
C VAL Q 617 36.99 81.53 -37.47
N VAL Q 618 36.22 80.96 -38.39
CA VAL Q 618 35.49 79.72 -38.11
C VAL Q 618 36.23 78.48 -38.59
N THR Q 619 36.49 77.57 -37.67
CA THR Q 619 37.10 76.28 -37.99
C THR Q 619 36.08 75.17 -37.77
N HIS Q 620 35.60 74.58 -38.86
CA HIS Q 620 34.59 73.53 -38.77
C HIS Q 620 35.21 72.22 -38.32
N ILE Q 621 34.36 71.28 -37.90
CA ILE Q 621 34.84 70.01 -37.37
C ILE Q 621 35.63 69.21 -38.41
N THR Q 622 35.19 69.24 -39.66
CA THR Q 622 35.91 68.57 -40.73
C THR Q 622 36.35 69.52 -41.84
N ALA Q 623 36.30 70.81 -41.54
CA ALA Q 623 36.88 71.85 -42.40
C ALA Q 623 36.31 71.93 -43.83
N GLY Q 624 34.99 71.83 -43.95
CA GLY Q 624 34.33 72.04 -45.22
C GLY Q 624 34.72 71.10 -46.34
N ASN Q 625 35.03 69.85 -46.00
CA ASN Q 625 35.45 68.87 -47.00
C ASN Q 625 34.28 68.28 -47.78
N PHE Q 626 33.06 68.58 -47.36
CA PHE Q 626 31.86 67.99 -47.95
C PHE Q 626 31.79 68.21 -49.47
N ALA Q 627 31.89 69.47 -49.89
CA ALA Q 627 31.66 69.87 -51.27
C ALA Q 627 32.48 69.10 -52.31
N GLN Q 628 33.67 68.66 -51.93
CA GLN Q 628 34.53 67.92 -52.85
C GLN Q 628 34.60 66.45 -52.52
N SER Q 629 34.21 66.08 -51.30
CA SER Q 629 34.37 64.69 -50.88
C SER Q 629 33.11 63.87 -51.03
N SER Q 630 31.95 64.49 -50.82
CA SER Q 630 30.68 63.77 -50.82
C SER Q 630 30.13 63.51 -52.21
N ILE Q 631 30.89 63.86 -53.25
CA ILE Q 631 30.40 63.68 -54.62
C ILE Q 631 30.83 62.38 -55.26
N THR Q 632 31.61 61.58 -54.53
CA THR Q 632 31.94 60.22 -54.96
C THR Q 632 31.62 59.25 -53.84
N ILE Q 633 31.32 58.01 -54.18
CA ILE Q 633 31.05 57.00 -53.17
C ILE Q 633 32.30 56.75 -52.36
N ASN Q 634 33.45 56.81 -53.03
CA ASN Q 634 34.74 56.64 -52.34
C ASN Q 634 34.94 57.71 -51.29
N GLY Q 635 34.37 58.89 -51.53
CA GLY Q 635 34.46 59.97 -50.56
C GLY Q 635 33.71 59.63 -49.27
N TRP Q 636 32.52 59.05 -49.41
CA TRP Q 636 31.75 58.62 -48.27
C TRP Q 636 32.43 57.45 -47.56
N LEU Q 637 33.05 56.59 -48.35
CA LEU Q 637 33.74 55.41 -47.83
C LEU Q 637 34.96 55.83 -47.00
N ARG Q 638 35.65 56.87 -47.46
CA ARG Q 638 36.93 57.28 -46.89
C ARG Q 638 36.82 58.47 -45.93
N ASP Q 639 36.31 59.59 -46.44
CA ASP Q 639 36.29 60.82 -45.66
C ASP Q 639 35.19 60.84 -44.61
N PHE Q 640 34.14 60.06 -44.82
CA PHE Q 640 33.08 59.97 -43.83
C PHE Q 640 33.23 58.74 -42.96
N LEU Q 641 32.91 57.57 -43.50
CA LEU Q 641 32.94 56.35 -42.72
C LEU Q 641 34.31 56.05 -42.09
N TRP Q 642 35.32 55.88 -42.93
CA TRP Q 642 36.64 55.49 -42.45
C TRP Q 642 37.22 56.50 -41.45
N ALA Q 643 37.19 57.77 -41.81
CA ALA Q 643 37.74 58.82 -40.95
C ALA Q 643 37.00 58.96 -39.63
N GLN Q 644 35.67 58.95 -39.68
CA GLN Q 644 34.88 59.23 -38.47
C GLN Q 644 34.59 58.01 -37.60
N ALA Q 645 34.84 56.81 -38.12
CA ALA Q 645 34.70 55.61 -37.31
C ALA Q 645 35.89 55.46 -36.37
N SER Q 646 36.87 56.35 -36.53
CA SER Q 646 38.07 56.36 -35.70
C SER Q 646 37.72 56.40 -34.23
N GLN Q 647 36.85 57.34 -33.87
CA GLN Q 647 36.45 57.55 -32.47
C GLN Q 647 35.85 56.28 -31.85
N VAL Q 648 34.96 55.63 -32.57
CA VAL Q 648 34.35 54.41 -32.08
C VAL Q 648 35.32 53.22 -32.01
N ILE Q 649 36.23 53.11 -32.98
CA ILE Q 649 37.13 51.95 -33.01
C ILE Q 649 38.30 52.04 -32.02
N GLN Q 650 38.57 53.24 -31.52
CA GLN Q 650 39.60 53.39 -30.51
C GLN Q 650 39.05 53.94 -29.20
N SER Q 651 37.77 53.65 -28.95
CA SER Q 651 37.10 54.11 -27.73
C SER Q 651 37.35 53.15 -26.56
N TYR Q 652 38.02 52.04 -26.83
CA TYR Q 652 38.32 51.07 -25.77
C TYR Q 652 39.19 51.68 -24.69
N GLY Q 653 38.99 51.23 -23.46
CA GLY Q 653 39.77 51.74 -22.34
C GLY Q 653 39.34 53.11 -21.88
N SER Q 654 38.20 53.58 -22.37
CA SER Q 654 37.65 54.87 -21.94
C SER Q 654 36.16 54.76 -21.61
N SER Q 655 35.55 55.89 -21.29
CA SER Q 655 34.14 55.93 -20.93
C SER Q 655 33.23 55.66 -22.13
N LEU Q 656 33.79 55.78 -23.33
CA LEU Q 656 33.02 55.57 -24.55
C LEU Q 656 33.17 54.15 -25.08
N SER Q 657 33.79 53.28 -24.29
CA SER Q 657 34.08 51.92 -24.73
C SER Q 657 32.80 51.10 -24.99
N ALA Q 658 31.74 51.43 -24.28
CA ALA Q 658 30.46 50.75 -24.45
C ALA Q 658 29.97 50.94 -25.89
N TYR Q 659 30.37 52.05 -26.50
CA TYR Q 659 30.02 52.32 -27.89
C TYR Q 659 30.83 51.44 -28.86
N GLY Q 660 32.04 51.08 -28.47
CA GLY Q 660 32.83 50.15 -29.27
C GLY Q 660 32.24 48.77 -29.19
N LEU Q 661 31.93 48.35 -27.97
CA LEU Q 661 31.26 47.08 -27.74
C LEU Q 661 29.95 47.00 -28.52
N PHE Q 662 29.19 48.09 -28.51
CA PHE Q 662 27.91 48.12 -29.22
C PHE Q 662 28.08 48.19 -30.72
N PHE Q 663 29.17 48.80 -31.17
CA PHE Q 663 29.54 48.83 -32.58
C PHE Q 663 29.69 47.40 -33.06
N LEU Q 664 30.58 46.66 -32.39
CA LEU Q 664 30.80 45.26 -32.75
C LEU Q 664 29.54 44.41 -32.61
N GLY Q 665 28.83 44.60 -31.51
CA GLY Q 665 27.63 43.81 -31.22
C GLY Q 665 26.55 44.01 -32.27
N ALA Q 666 26.40 45.26 -32.70
CA ALA Q 666 25.42 45.62 -33.71
C ALA Q 666 25.82 45.02 -35.05
N HIS Q 667 27.10 45.12 -35.40
CA HIS Q 667 27.61 44.45 -36.60
C HIS Q 667 27.25 42.97 -36.57
N PHE Q 668 27.45 42.36 -35.40
CA PHE Q 668 27.16 40.95 -35.21
C PHE Q 668 25.68 40.63 -35.42
N VAL Q 669 24.79 41.40 -34.78
CA VAL Q 669 23.35 41.16 -34.90
C VAL Q 669 22.90 41.30 -36.36
N TRP Q 670 23.43 42.32 -37.02
CA TRP Q 670 23.15 42.55 -38.44
C TRP Q 670 23.54 41.34 -39.29
N ALA Q 671 24.79 40.88 -39.13
CA ALA Q 671 25.26 39.70 -39.86
C ALA Q 671 24.43 38.47 -39.52
N PHE Q 672 24.03 38.37 -38.26
CA PHE Q 672 23.26 37.26 -37.74
C PHE Q 672 21.89 37.20 -38.40
N SER Q 673 21.36 38.35 -38.81
CA SER Q 673 20.08 38.39 -39.52
C SER Q 673 20.15 37.71 -40.88
N LEU Q 674 21.33 37.75 -41.50
CA LEU Q 674 21.50 37.24 -42.85
C LEU Q 674 21.27 35.73 -42.95
N MET Q 675 21.52 35.02 -41.86
CA MET Q 675 21.26 33.58 -41.82
C MET Q 675 19.77 33.31 -42.00
N PHE Q 676 18.94 34.14 -41.39
CA PHE Q 676 17.49 34.01 -41.51
C PHE Q 676 17.00 34.52 -42.86
N LEU Q 677 17.53 35.65 -43.29
CA LEU Q 677 17.10 36.26 -44.55
C LEU Q 677 17.48 35.47 -45.80
N PHE Q 678 18.64 34.81 -45.77
CA PHE Q 678 19.17 34.12 -46.96
C PHE Q 678 18.74 32.66 -47.08
N SER Q 679 18.17 32.09 -46.02
CA SER Q 679 17.85 30.66 -46.00
C SER Q 679 16.35 30.36 -45.97
N GLY Q 680 16.02 29.10 -45.69
CA GLY Q 680 14.63 28.65 -45.65
C GLY Q 680 14.41 27.57 -44.61
N ARG Q 681 13.18 27.44 -44.15
CA ARG Q 681 12.88 26.58 -42.99
C ARG Q 681 12.91 25.07 -43.24
N GLY Q 682 12.97 24.65 -44.50
CA GLY Q 682 13.03 23.23 -44.82
C GLY Q 682 14.31 22.59 -44.31
N TYR Q 683 15.43 23.24 -44.65
CA TYR Q 683 16.74 22.84 -44.17
C TYR Q 683 16.75 22.72 -42.64
N TRP Q 684 16.29 23.79 -42.00
CA TRP Q 684 16.33 23.86 -40.54
C TRP Q 684 15.43 22.79 -39.91
N GLN Q 685 14.31 22.51 -40.56
CA GLN Q 685 13.42 21.46 -40.09
C GLN Q 685 14.10 20.09 -40.15
N GLU Q 686 14.80 19.81 -41.24
CA GLU Q 686 15.50 18.53 -41.37
C GLU Q 686 16.65 18.39 -40.34
N LEU Q 687 17.40 19.47 -40.17
CA LEU Q 687 18.46 19.49 -39.16
C LEU Q 687 17.86 19.18 -37.79
N ILE Q 688 16.77 19.87 -37.47
CA ILE Q 688 16.05 19.64 -36.23
C ILE Q 688 15.56 18.18 -36.15
N GLU Q 689 15.27 17.57 -37.28
CA GLU Q 689 14.90 16.14 -37.28
C GLU Q 689 16.05 15.32 -36.74
N SER Q 690 17.25 15.56 -37.27
CA SER Q 690 18.43 14.84 -36.80
C SER Q 690 18.66 15.05 -35.29
N ILE Q 691 18.61 16.32 -34.86
CA ILE Q 691 18.83 16.66 -33.45
C ILE Q 691 17.78 16.04 -32.53
N VAL Q 692 16.53 16.05 -32.98
CA VAL Q 692 15.44 15.40 -32.26
C VAL Q 692 15.72 13.91 -32.11
N TRP Q 693 16.21 13.27 -33.16
CA TRP Q 693 16.63 11.87 -33.04
C TRP Q 693 17.65 11.74 -31.91
N ALA Q 694 18.64 12.63 -31.94
CA ALA Q 694 19.69 12.60 -30.92
C ALA Q 694 19.10 12.68 -29.52
N HIS Q 695 18.05 13.48 -29.35
CA HIS Q 695 17.40 13.61 -28.05
C HIS Q 695 16.58 12.39 -27.66
N ASN Q 696 15.92 11.79 -28.65
CA ASN Q 696 15.15 10.57 -28.42
C ASN Q 696 16.05 9.44 -27.96
N LYS Q 697 17.25 9.37 -28.52
CA LYS Q 697 18.23 8.36 -28.13
C LYS Q 697 18.51 8.37 -26.62
N LEU Q 698 18.42 9.54 -26.01
CA LEU Q 698 18.70 9.68 -24.58
C LEU Q 698 17.43 9.98 -23.78
N LYS Q 699 16.27 9.72 -24.37
CA LYS Q 699 14.97 9.88 -23.72
C LYS Q 699 14.75 11.30 -23.18
N VAL Q 700 15.25 12.29 -23.89
CA VAL Q 700 15.10 13.68 -23.47
C VAL Q 700 14.43 14.51 -24.56
N ALA Q 701 13.62 13.87 -25.38
CA ALA Q 701 12.86 14.59 -26.39
C ALA Q 701 11.62 15.19 -25.76
N PRO Q 702 11.42 16.51 -25.95
CA PRO Q 702 10.28 17.20 -25.34
C PRO Q 702 8.96 16.83 -26.03
N ALA Q 703 7.87 16.89 -25.29
CA ALA Q 703 6.56 16.63 -25.86
C ALA Q 703 6.17 17.75 -26.81
N THR Q 704 6.51 18.97 -26.44
CA THR Q 704 6.32 20.11 -27.33
C THR Q 704 7.31 19.98 -28.47
N GLN Q 705 6.84 19.40 -29.57
CA GLN Q 705 7.70 19.05 -30.70
C GLN Q 705 8.43 20.24 -31.30
N PRO Q 706 9.78 20.19 -31.27
CA PRO Q 706 10.63 21.25 -31.83
C PRO Q 706 10.37 21.44 -33.31
N ARG Q 707 9.97 22.66 -33.67
CA ARG Q 707 9.63 23.00 -35.04
C ARG Q 707 10.49 24.17 -35.50
N ALA Q 708 10.84 24.19 -36.79
CA ALA Q 708 11.54 25.33 -37.35
C ALA Q 708 10.58 26.51 -37.41
N LEU Q 709 11.12 27.73 -37.38
CA LEU Q 709 10.30 28.92 -37.50
C LEU Q 709 9.52 28.90 -38.80
N SER Q 710 8.36 29.51 -38.82
CA SER Q 710 7.58 29.62 -40.04
C SER Q 710 8.34 30.48 -41.04
N ILE Q 711 7.98 30.36 -42.32
CA ILE Q 711 8.59 31.17 -43.36
C ILE Q 711 8.50 32.65 -43.02
N VAL Q 712 7.29 33.08 -42.69
CA VAL Q 712 7.04 34.46 -42.32
C VAL Q 712 7.86 34.89 -41.10
N GLN Q 713 7.90 34.06 -40.07
CA GLN Q 713 8.67 34.38 -38.87
C GLN Q 713 10.16 34.43 -39.19
N GLY Q 714 10.60 33.61 -40.13
CA GLY Q 714 11.97 33.68 -40.60
C GLY Q 714 12.23 35.05 -41.18
N ARG Q 715 11.28 35.54 -41.96
CA ARG Q 715 11.41 36.87 -42.56
C ARG Q 715 11.38 38.00 -41.51
N ALA Q 716 10.49 37.88 -40.53
CA ALA Q 716 10.35 38.87 -39.49
C ALA Q 716 11.58 38.95 -38.59
N VAL Q 717 12.04 37.79 -38.13
CA VAL Q 717 13.26 37.71 -37.34
C VAL Q 717 14.43 38.28 -38.15
N GLY Q 718 14.50 37.91 -39.42
CA GLY Q 718 15.49 38.46 -40.32
C GLY Q 718 15.52 39.97 -40.33
N VAL Q 719 14.39 40.59 -40.72
CA VAL Q 719 14.35 42.04 -40.86
C VAL Q 719 14.55 42.76 -39.52
N THR Q 720 14.07 42.14 -38.44
CA THR Q 720 14.19 42.72 -37.10
C THR Q 720 15.66 42.78 -36.68
N HIS Q 721 16.38 41.68 -36.85
CA HIS Q 721 17.80 41.66 -36.49
C HIS Q 721 18.63 42.51 -37.46
N TYR Q 722 18.21 42.58 -38.72
CA TYR Q 722 18.89 43.40 -39.72
C TYR Q 722 18.83 44.87 -39.31
N LEU Q 723 17.62 45.34 -39.03
CA LEU Q 723 17.37 46.71 -38.62
C LEU Q 723 18.05 47.03 -37.29
N LEU Q 724 17.83 46.19 -36.29
CA LEU Q 724 18.45 46.42 -34.98
C LEU Q 724 19.95 46.55 -35.13
N GLY Q 725 20.56 45.63 -35.88
CA GLY Q 725 21.99 45.64 -36.12
C GLY Q 725 22.50 46.89 -36.81
N GLY Q 726 21.96 47.19 -37.98
CA GLY Q 726 22.41 48.35 -38.73
C GLY Q 726 22.21 49.66 -37.98
N ILE Q 727 20.99 49.85 -37.48
CA ILE Q 727 20.63 51.05 -36.74
C ILE Q 727 21.49 51.23 -35.49
N ALA Q 728 21.67 50.17 -34.72
CA ALA Q 728 22.51 50.26 -33.52
C ALA Q 728 23.97 50.54 -33.88
N THR Q 729 24.40 50.04 -35.04
CA THR Q 729 25.75 50.32 -35.52
C THR Q 729 25.94 51.81 -35.75
N THR Q 730 25.04 52.38 -36.55
CA THR Q 730 25.11 53.82 -36.82
C THR Q 730 24.94 54.62 -35.52
N TRP Q 731 24.20 54.04 -34.59
CA TRP Q 731 24.00 54.65 -33.28
C TRP Q 731 25.31 54.82 -32.55
N ALA Q 732 26.01 53.71 -32.33
CA ALA Q 732 27.29 53.73 -31.61
C ALA Q 732 28.32 54.61 -32.35
N PHE Q 733 28.35 54.45 -33.66
CA PHE Q 733 29.20 55.27 -34.53
C PHE Q 733 28.98 56.75 -34.27
N PHE Q 734 27.73 57.18 -34.44
CA PHE Q 734 27.34 58.58 -34.23
C PHE Q 734 27.70 59.09 -32.85
N LEU Q 735 27.22 58.41 -31.81
CA LEU Q 735 27.41 58.89 -30.45
C LEU Q 735 28.89 59.00 -30.09
N ALA Q 736 29.67 57.97 -30.40
CA ALA Q 736 31.10 58.02 -30.11
C ALA Q 736 31.77 59.16 -30.85
N ARG Q 737 31.49 59.24 -32.15
CA ARG Q 737 32.03 60.30 -32.99
C ARG Q 737 31.77 61.69 -32.40
N ILE Q 738 30.50 62.02 -32.24
CA ILE Q 738 30.09 63.38 -31.87
C ILE Q 738 30.38 63.72 -30.40
N ILE Q 739 30.42 62.71 -29.54
CA ILE Q 739 30.80 62.97 -28.15
C ILE Q 739 32.30 63.24 -28.06
N ALA Q 740 33.09 62.52 -28.84
CA ALA Q 740 34.54 62.71 -28.82
C ALA Q 740 35.02 63.98 -29.54
N VAL Q 741 34.45 64.28 -30.70
CA VAL Q 741 34.91 65.44 -31.47
C VAL Q 741 33.99 66.65 -31.32
N GLY Q 742 32.97 66.53 -30.49
CA GLY Q 742 32.04 67.62 -30.27
C GLY Q 742 32.35 68.43 -29.04
N ALA R 1 13.56 19.48 -80.06
CA ALA R 1 13.47 20.92 -79.86
C ALA R 1 13.59 21.66 -81.18
N LEU R 2 12.75 22.67 -81.38
CA LEU R 2 12.75 23.44 -82.62
C LEU R 2 13.53 24.73 -82.47
N ARG R 3 13.97 25.01 -81.25
CA ARG R 3 14.71 26.23 -80.96
C ARG R 3 15.66 26.02 -79.78
N PHE R 4 16.43 27.05 -79.45
CA PHE R 4 17.36 27.00 -78.32
C PHE R 4 16.59 26.87 -77.01
N PRO R 5 17.04 25.96 -76.12
CA PRO R 5 18.17 25.06 -76.33
C PRO R 5 17.77 23.77 -77.03
N ARG R 6 18.56 23.36 -78.02
CA ARG R 6 18.23 22.17 -78.80
C ARG R 6 18.30 20.87 -78.00
N PHE R 7 19.00 20.89 -76.87
CA PHE R 7 19.19 19.68 -76.07
C PHE R 7 18.07 19.44 -75.07
N SER R 8 17.03 20.27 -75.13
CA SER R 8 15.91 20.17 -74.20
C SER R 8 14.67 20.85 -74.76
N GLN R 9 13.72 20.06 -75.25
CA GLN R 9 12.51 20.63 -75.85
C GLN R 9 11.56 21.14 -74.78
N GLY R 10 11.71 20.64 -73.55
CA GLY R 10 10.92 21.10 -72.44
C GLY R 10 11.15 22.58 -72.21
N ILE R 11 12.43 22.96 -72.20
CA ILE R 11 12.82 24.35 -72.03
C ILE R 11 12.54 25.14 -73.32
N ALA R 12 12.73 24.48 -74.46
CA ALA R 12 12.54 25.14 -75.75
C ALA R 12 11.10 25.59 -75.97
N GLN R 13 10.15 24.89 -75.37
CA GLN R 13 8.73 25.19 -75.54
C GLN R 13 8.23 26.24 -74.52
N ASP R 14 9.15 26.75 -73.71
CA ASP R 14 8.85 27.82 -72.78
C ASP R 14 8.69 29.12 -73.55
N PRO R 15 7.53 29.78 -73.41
CA PRO R 15 7.25 31.03 -74.12
C PRO R 15 7.87 32.25 -73.45
N THR R 16 8.55 32.04 -72.32
CA THR R 16 9.06 33.14 -71.51
C THR R 16 10.57 33.33 -71.60
N THR R 17 11.07 34.32 -70.87
CA THR R 17 12.50 34.63 -70.83
C THR R 17 13.30 33.51 -70.18
N ARG R 18 12.64 32.78 -69.28
CA ARG R 18 13.24 31.64 -68.58
C ARG R 18 14.01 30.73 -69.53
N ARG R 19 13.36 30.40 -70.65
CA ARG R 19 13.93 29.54 -71.69
C ARG R 19 15.38 29.85 -71.99
N ILE R 20 15.69 31.13 -72.11
CA ILE R 20 17.06 31.51 -72.40
C ILE R 20 17.97 31.22 -71.20
N TRP R 21 17.63 31.79 -70.05
CA TRP R 21 18.46 31.63 -68.85
C TRP R 21 18.79 30.16 -68.60
N PHE R 22 17.75 29.36 -68.37
CA PHE R 22 17.90 27.93 -68.12
C PHE R 22 18.67 27.23 -69.25
N GLY R 23 18.45 27.69 -70.48
CA GLY R 23 19.17 27.15 -71.62
C GLY R 23 20.67 27.19 -71.37
N ILE R 24 21.14 28.32 -70.87
CA ILE R 24 22.55 28.50 -70.51
C ILE R 24 22.94 27.68 -69.28
N ALA R 25 22.02 27.54 -68.32
CA ALA R 25 22.37 27.02 -67.01
C ALA R 25 22.38 25.50 -66.95
N THR R 26 21.90 24.86 -68.00
CA THR R 26 21.81 23.41 -68.04
C THR R 26 22.64 22.85 -69.19
N ALA R 27 23.45 23.70 -69.80
CA ALA R 27 24.19 23.34 -71.00
C ALA R 27 25.20 22.22 -70.79
N HIS R 28 25.71 22.09 -69.57
CA HIS R 28 26.76 21.11 -69.31
C HIS R 28 26.28 19.91 -68.49
N ASP R 29 25.02 19.93 -68.06
CA ASP R 29 24.46 18.80 -67.34
C ASP R 29 23.93 17.76 -68.33
N PHE R 30 24.86 17.03 -68.96
CA PHE R 30 24.53 16.12 -70.05
C PHE R 30 23.48 15.08 -69.69
N GLU R 31 23.56 14.54 -68.49
CA GLU R 31 22.68 13.47 -68.04
C GLU R 31 21.19 13.79 -68.13
N SER R 32 20.84 15.07 -68.08
CA SER R 32 19.44 15.48 -68.08
C SER R 32 19.01 16.06 -69.42
N HIS R 33 19.85 15.91 -70.43
CA HIS R 33 19.52 16.40 -71.76
C HIS R 33 18.63 15.39 -72.48
N ASP R 34 18.05 15.80 -73.60
CA ASP R 34 17.15 14.92 -74.34
C ASP R 34 17.92 13.85 -75.10
N ASP R 35 17.39 12.63 -75.06
CA ASP R 35 17.92 11.51 -75.84
C ASP R 35 19.40 11.20 -75.57
N ILE R 36 19.80 11.32 -74.31
CA ILE R 36 21.18 10.99 -73.96
C ILE R 36 21.30 9.53 -73.55
N THR R 37 22.49 8.98 -73.75
CA THR R 37 22.81 7.62 -73.36
C THR R 37 24.12 7.61 -72.59
N GLU R 38 24.46 6.46 -72.02
CA GLU R 38 25.71 6.32 -71.29
C GLU R 38 26.88 6.64 -72.23
N GLY R 39 26.78 6.14 -73.46
CA GLY R 39 27.78 6.40 -74.46
C GLY R 39 27.98 7.87 -74.76
N ARG R 40 26.89 8.55 -75.13
CA ARG R 40 26.95 9.98 -75.43
C ARG R 40 27.46 10.76 -74.23
N LEU R 41 27.08 10.32 -73.04
CA LEU R 41 27.53 10.95 -71.80
C LEU R 41 29.04 10.91 -71.70
N TYR R 42 29.61 9.71 -71.73
CA TYR R 42 31.05 9.53 -71.64
C TYR R 42 31.84 10.22 -72.76
N GLN R 43 31.32 10.12 -73.99
CA GLN R 43 32.00 10.72 -75.14
C GLN R 43 32.02 12.25 -75.05
N ASN R 44 30.88 12.82 -74.67
CA ASN R 44 30.79 14.27 -74.46
C ASN R 44 31.70 14.74 -73.35
N ILE R 45 31.74 13.99 -72.25
CA ILE R 45 32.63 14.33 -71.15
C ILE R 45 34.09 14.31 -71.58
N PHE R 46 34.47 13.28 -72.33
CA PHE R 46 35.82 13.12 -72.85
C PHE R 46 36.23 14.31 -73.74
N ALA R 47 35.41 14.58 -74.74
CA ALA R 47 35.66 15.68 -75.65
C ALA R 47 35.76 17.00 -74.88
N SER R 48 34.87 17.16 -73.90
CA SER R 48 34.85 18.36 -73.06
C SER R 48 36.16 18.52 -72.31
N HIS R 49 36.72 17.42 -71.83
CA HIS R 49 38.02 17.44 -71.18
C HIS R 49 39.09 17.91 -72.15
N PHE R 50 39.03 17.40 -73.39
CA PHE R 50 39.96 17.90 -74.42
C PHE R 50 39.85 19.40 -74.59
N GLY R 51 38.62 19.90 -74.63
CA GLY R 51 38.38 21.34 -74.75
C GLY R 51 38.99 22.11 -73.59
N GLN R 52 38.78 21.62 -72.37
CA GLN R 52 39.34 22.26 -71.20
C GLN R 52 40.86 22.34 -71.28
N LEU R 53 41.48 21.23 -71.67
CA LEU R 53 42.93 21.20 -71.84
C LEU R 53 43.39 22.24 -72.85
N ALA R 54 42.70 22.31 -73.99
CA ALA R 54 43.02 23.29 -75.02
C ALA R 54 42.95 24.71 -74.47
N ILE R 55 41.91 24.99 -73.69
CA ILE R 55 41.74 26.30 -73.09
C ILE R 55 42.86 26.63 -72.11
N ILE R 56 43.25 25.65 -71.30
CA ILE R 56 44.35 25.83 -70.36
C ILE R 56 45.67 26.16 -71.07
N PHE R 57 46.03 25.34 -72.05
CA PHE R 57 47.24 25.57 -72.82
C PHE R 57 47.23 26.92 -73.54
N LEU R 58 46.09 27.28 -74.10
CA LEU R 58 45.92 28.56 -74.79
C LEU R 58 46.09 29.73 -73.84
N TRP R 59 45.54 29.59 -72.65
CA TRP R 59 45.66 30.57 -71.58
C TRP R 59 47.12 30.77 -71.17
N THR R 60 47.81 29.65 -70.92
CA THR R 60 49.21 29.70 -70.54
C THR R 60 50.05 30.36 -71.63
N SER R 61 49.77 30.02 -72.88
CA SER R 61 50.49 30.63 -74.00
C SER R 61 50.21 32.12 -74.06
N GLY R 62 49.00 32.52 -73.67
CA GLY R 62 48.66 33.92 -73.62
C GLY R 62 49.49 34.66 -72.59
N ASN R 63 49.64 34.06 -71.41
CA ASN R 63 50.49 34.63 -70.38
C ASN R 63 51.95 34.76 -70.81
N LEU R 64 52.52 33.66 -71.30
CA LEU R 64 53.90 33.67 -71.80
C LEU R 64 54.10 34.72 -72.88
N PHE R 65 53.18 34.75 -73.86
CA PHE R 65 53.28 35.70 -74.96
C PHE R 65 53.21 37.14 -74.48
N HIS R 66 52.29 37.44 -73.57
CA HIS R 66 52.13 38.82 -73.12
C HIS R 66 53.31 39.28 -72.26
N VAL R 67 53.83 38.38 -71.43
CA VAL R 67 55.04 38.70 -70.66
C VAL R 67 56.22 38.96 -71.61
N ALA R 68 56.32 38.14 -72.66
CA ALA R 68 57.41 38.27 -73.63
C ALA R 68 57.31 39.54 -74.47
N TRP R 69 56.08 39.93 -74.80
CA TRP R 69 55.84 41.04 -75.73
C TRP R 69 55.80 42.40 -75.04
N GLN R 70 55.26 42.44 -73.82
CA GLN R 70 55.02 43.71 -73.15
C GLN R 70 55.63 43.79 -71.76
N GLY R 71 56.34 42.75 -71.34
CA GLY R 71 56.89 42.70 -69.99
C GLY R 71 58.33 43.14 -69.88
N ASN R 72 58.88 43.04 -68.66
CA ASN R 72 60.29 43.35 -68.42
C ASN R 72 61.04 42.16 -67.86
N PHE R 73 60.86 40.99 -68.49
CA PHE R 73 61.41 39.75 -67.97
C PHE R 73 62.94 39.74 -67.90
N GLU R 74 63.61 40.25 -68.93
CA GLU R 74 65.06 40.28 -68.96
C GLU R 74 65.63 41.22 -67.90
N ALA R 75 65.06 42.41 -67.83
CA ALA R 75 65.44 43.39 -66.81
C ALA R 75 65.20 42.79 -65.42
N TRP R 76 64.18 41.95 -65.30
CA TRP R 76 63.87 41.31 -64.03
C TRP R 76 64.88 40.22 -63.68
N VAL R 77 65.26 39.39 -64.65
CA VAL R 77 66.22 38.32 -64.38
C VAL R 77 67.60 38.89 -64.08
N GLN R 78 67.86 40.10 -64.55
CA GLN R 78 69.11 40.77 -64.19
C GLN R 78 69.07 41.38 -62.78
N ASP R 79 67.89 41.81 -62.34
CA ASP R 79 67.74 42.38 -61.01
C ASP R 79 66.34 42.11 -60.43
N PRO R 80 66.14 40.90 -59.89
CA PRO R 80 64.86 40.40 -59.39
C PRO R 80 64.35 41.10 -58.14
N PHE R 81 65.26 41.72 -57.38
CA PHE R 81 64.88 42.41 -56.16
C PHE R 81 64.27 43.78 -56.39
N HIS R 82 64.74 44.46 -57.43
CA HIS R 82 64.37 45.86 -57.63
C HIS R 82 63.67 46.12 -58.95
N VAL R 83 62.92 45.14 -59.43
CA VAL R 83 62.11 45.30 -60.64
C VAL R 83 60.70 44.75 -60.41
N ARG R 84 59.69 45.58 -60.68
CA ARG R 84 58.30 45.16 -60.59
C ARG R 84 57.87 44.45 -61.87
N PRO R 85 57.50 43.17 -61.77
CA PRO R 85 57.17 42.29 -62.90
C PRO R 85 55.96 42.77 -63.69
N ILE R 86 56.12 42.97 -64.99
CA ILE R 86 55.01 43.41 -65.84
C ILE R 86 54.16 42.23 -66.33
N ALA R 87 52.86 42.30 -66.09
CA ALA R 87 51.91 41.30 -66.57
C ALA R 87 51.56 41.56 -68.02
N HIS R 88 51.08 42.77 -68.31
CA HIS R 88 50.75 43.17 -69.67
C HIS R 88 50.60 44.68 -69.78
N ALA R 89 50.70 45.20 -70.99
CA ALA R 89 50.47 46.61 -71.22
C ALA R 89 48.99 46.89 -71.17
N ILE R 90 48.62 48.15 -71.01
CA ILE R 90 47.22 48.51 -70.98
C ILE R 90 46.91 49.67 -71.90
N TRP R 91 45.90 49.48 -72.75
CA TRP R 91 45.46 50.51 -73.67
C TRP R 91 43.97 50.79 -73.42
N ASP R 92 43.71 51.77 -72.56
CA ASP R 92 42.35 52.17 -72.22
C ASP R 92 42.13 53.64 -72.58
N PRO R 93 41.35 53.89 -73.64
CA PRO R 93 41.09 55.24 -74.15
C PRO R 93 40.26 56.11 -73.20
N HIS R 94 39.83 55.55 -72.08
CA HIS R 94 39.11 56.33 -71.08
C HIS R 94 40.07 57.05 -70.14
N PHE R 95 41.34 56.66 -70.19
CA PHE R 95 42.36 57.21 -69.31
C PHE R 95 42.60 58.70 -69.50
N GLY R 96 42.93 59.38 -68.41
CA GLY R 96 43.43 60.75 -68.48
C GLY R 96 44.93 60.73 -68.33
N GLN R 97 45.58 61.88 -68.53
CA GLN R 97 47.03 61.96 -68.37
C GLN R 97 47.57 61.49 -67.01
N PRO R 98 46.92 61.91 -65.90
CA PRO R 98 47.41 61.40 -64.61
C PRO R 98 47.36 59.88 -64.53
N ALA R 99 46.36 59.28 -65.17
CA ALA R 99 46.23 57.84 -65.20
C ALA R 99 47.36 57.21 -66.00
N VAL R 100 47.68 57.82 -67.13
CA VAL R 100 48.76 57.34 -67.98
C VAL R 100 50.11 57.42 -67.28
N GLU R 101 50.37 58.53 -66.60
CA GLU R 101 51.62 58.71 -65.88
C GLU R 101 51.74 57.73 -64.71
N ALA R 102 50.69 57.65 -63.90
CA ALA R 102 50.70 56.85 -62.68
C ALA R 102 50.88 55.36 -62.93
N PHE R 103 50.28 54.86 -63.99
CA PHE R 103 50.31 53.41 -64.28
C PHE R 103 51.53 52.99 -65.09
N THR R 104 52.41 53.93 -65.39
CA THR R 104 53.66 53.59 -66.05
C THR R 104 54.70 53.17 -65.03
N ARG R 105 54.69 51.88 -64.71
CA ARG R 105 55.64 51.30 -63.76
C ARG R 105 56.66 50.48 -64.53
N GLY R 106 57.59 49.86 -63.80
CA GLY R 106 58.67 49.10 -64.40
C GLY R 106 59.51 49.97 -65.31
N GLY R 107 60.12 49.38 -66.32
CA GLY R 107 60.90 50.15 -67.28
C GLY R 107 60.08 50.41 -68.54
N ALA R 108 58.76 50.34 -68.39
CA ALA R 108 57.84 50.43 -69.53
C ALA R 108 57.77 51.83 -70.13
N LEU R 109 57.36 51.90 -71.39
CA LEU R 109 57.20 53.19 -72.06
C LEU R 109 55.74 53.64 -72.06
N GLY R 110 54.92 52.97 -71.26
CA GLY R 110 53.52 53.33 -71.14
C GLY R 110 52.89 52.68 -69.92
N PRO R 111 51.56 52.85 -69.77
CA PRO R 111 50.83 52.24 -68.65
C PRO R 111 50.94 50.71 -68.68
N VAL R 112 51.17 50.11 -67.53
CA VAL R 112 51.22 48.64 -67.42
C VAL R 112 50.59 48.15 -66.13
N ASN R 113 50.42 46.84 -66.01
CA ASN R 113 49.99 46.22 -64.77
C ASN R 113 51.12 45.37 -64.20
N ASN R 114 51.29 45.37 -62.88
CA ASN R 114 52.32 44.54 -62.27
C ASN R 114 51.78 43.15 -61.94
N ALA R 115 52.43 42.12 -62.48
CA ALA R 115 52.02 40.75 -62.24
C ALA R 115 52.20 40.33 -60.78
N TYR R 116 51.17 39.72 -60.21
CA TYR R 116 51.28 39.18 -58.87
C TYR R 116 50.98 37.68 -58.90
N SER R 117 51.04 37.10 -60.09
CA SER R 117 50.83 35.68 -60.27
C SER R 117 52.11 34.92 -60.00
N GLY R 118 53.22 35.63 -60.03
CA GLY R 118 54.52 35.03 -59.74
C GLY R 118 55.07 34.16 -60.84
N VAL R 119 54.70 34.46 -62.08
CA VAL R 119 55.19 33.68 -63.22
C VAL R 119 56.67 33.96 -63.50
N TYR R 120 57.11 35.17 -63.16
CA TYR R 120 58.51 35.55 -63.35
C TYR R 120 59.45 34.67 -62.54
N GLN R 121 59.19 34.58 -61.25
CA GLN R 121 60.03 33.78 -60.35
C GLN R 121 60.05 32.32 -60.79
N TRP R 122 58.88 31.81 -61.17
CA TRP R 122 58.72 30.43 -61.61
C TRP R 122 59.56 30.15 -62.86
N TRP R 123 59.29 30.91 -63.93
CA TRP R 123 59.96 30.71 -65.20
C TRP R 123 61.47 30.91 -65.09
N TYR R 124 61.87 31.91 -64.32
CA TYR R 124 63.28 32.20 -64.09
C TYR R 124 63.95 31.05 -63.34
N THR R 125 63.26 30.50 -62.36
CA THR R 125 63.79 29.39 -61.56
C THR R 125 63.98 28.15 -62.41
N ILE R 126 63.00 27.84 -63.25
CA ILE R 126 63.06 26.61 -64.04
C ILE R 126 64.01 26.67 -65.24
N GLY R 127 64.39 27.87 -65.67
CA GLY R 127 65.39 27.98 -66.71
C GLY R 127 65.20 29.06 -67.77
N LEU R 128 64.01 29.62 -67.85
CA LEU R 128 63.75 30.68 -68.83
C LEU R 128 64.62 31.90 -68.52
N ARG R 129 65.20 32.49 -69.56
CA ARG R 129 66.11 33.63 -69.38
C ARG R 129 65.82 34.80 -70.32
N THR R 130 65.34 34.50 -71.52
CA THR R 130 65.10 35.54 -72.52
C THR R 130 63.66 35.58 -73.00
N ASN R 131 63.30 36.64 -73.70
CA ASN R 131 61.97 36.75 -74.29
C ASN R 131 61.74 35.70 -75.36
N GLU R 132 62.81 35.36 -76.08
CA GLU R 132 62.73 34.38 -77.16
C GLU R 132 62.29 33.02 -76.61
N ASP R 133 62.82 32.65 -75.45
CA ASP R 133 62.44 31.41 -74.79
C ASP R 133 60.94 31.40 -74.51
N LEU R 134 60.45 32.51 -73.95
CA LEU R 134 59.04 32.65 -73.63
C LEU R 134 58.14 32.60 -74.88
N TYR R 135 58.61 33.22 -75.96
CA TYR R 135 57.89 33.19 -77.23
C TYR R 135 57.78 31.76 -77.75
N THR R 136 58.88 31.03 -77.72
CA THR R 136 58.91 29.67 -78.23
C THR R 136 58.05 28.73 -77.38
N GLY R 137 58.08 28.94 -76.06
CA GLY R 137 57.21 28.18 -75.18
C GLY R 137 55.74 28.50 -75.44
N ALA R 138 55.49 29.76 -75.77
CA ALA R 138 54.14 30.19 -76.11
C ALA R 138 53.65 29.47 -77.36
N ILE R 139 54.51 29.42 -78.37
CA ILE R 139 54.18 28.73 -79.61
C ILE R 139 53.96 27.24 -79.36
N PHE R 140 54.79 26.65 -78.52
CA PHE R 140 54.65 25.23 -78.22
C PHE R 140 53.33 24.93 -77.52
N LEU R 141 52.93 25.80 -76.59
CA LEU R 141 51.68 25.59 -75.88
C LEU R 141 50.46 25.86 -76.77
N LEU R 142 50.63 26.75 -77.75
CA LEU R 142 49.60 26.99 -78.74
C LEU R 142 49.42 25.73 -79.58
N PHE R 143 50.55 25.10 -79.92
CA PHE R 143 50.54 23.85 -80.65
C PHE R 143 49.85 22.76 -79.83
N LEU R 144 50.10 22.74 -78.52
CA LEU R 144 49.46 21.77 -77.64
C LEU R 144 47.95 22.00 -77.57
N SER R 145 47.56 23.28 -77.65
CA SER R 145 46.15 23.63 -77.66
C SER R 145 45.50 23.06 -78.92
N PHE R 146 46.14 23.31 -80.06
CA PHE R 146 45.68 22.77 -81.33
C PHE R 146 45.56 21.24 -81.31
N ILE R 147 46.59 20.58 -80.79
CA ILE R 147 46.59 19.12 -80.71
C ILE R 147 45.45 18.59 -79.84
N SER R 148 45.21 19.25 -78.71
CA SER R 148 44.13 18.83 -77.81
C SER R 148 42.76 19.01 -78.46
N LEU R 149 42.56 20.14 -79.13
CA LEU R 149 41.33 20.37 -79.88
C LEU R 149 41.14 19.29 -80.94
N LEU R 150 42.21 19.00 -81.66
CA LEU R 150 42.22 17.97 -82.69
C LEU R 150 41.86 16.60 -82.13
N ALA R 151 42.32 16.32 -80.92
CA ALA R 151 42.07 15.03 -80.29
C ALA R 151 40.61 14.92 -79.85
N GLY R 152 40.07 16.02 -79.34
CA GLY R 152 38.66 16.06 -78.96
C GLY R 152 37.79 15.80 -80.18
N TRP R 153 38.04 16.56 -81.24
CA TRP R 153 37.33 16.39 -82.50
C TRP R 153 37.45 14.96 -83.01
N LEU R 154 38.65 14.41 -82.90
CA LEU R 154 38.93 13.07 -83.41
C LEU R 154 38.11 12.02 -82.66
N HIS R 155 38.23 11.99 -81.34
CA HIS R 155 37.51 11.00 -80.56
C HIS R 155 36.01 11.26 -80.54
N LEU R 156 35.59 12.41 -81.07
CA LEU R 156 34.17 12.64 -81.27
C LEU R 156 33.61 11.93 -82.50
N GLN R 157 34.48 11.66 -83.48
CA GLN R 157 34.06 10.99 -84.71
C GLN R 157 33.69 9.53 -84.45
N PRO R 158 32.65 9.04 -85.16
CA PRO R 158 32.13 7.68 -85.01
C PRO R 158 33.20 6.61 -85.19
N LYS R 159 34.22 6.90 -86.00
CA LYS R 159 35.29 5.97 -86.26
C LYS R 159 36.18 5.78 -85.02
N TRP R 160 36.34 6.84 -84.23
CA TRP R 160 37.26 6.83 -83.09
C TRP R 160 36.56 6.92 -81.73
N LYS R 161 35.23 6.83 -81.72
CA LYS R 161 34.46 6.86 -80.48
C LYS R 161 34.73 5.62 -79.62
N PRO R 162 35.26 5.82 -78.40
CA PRO R 162 35.52 4.72 -77.48
C PRO R 162 34.23 4.23 -76.84
N SER R 163 34.18 2.95 -76.49
CA SER R 163 32.98 2.38 -75.86
C SER R 163 32.90 2.73 -74.38
N VAL R 164 31.72 2.52 -73.81
CA VAL R 164 31.50 2.76 -72.39
C VAL R 164 32.36 1.81 -71.56
N SER R 165 32.49 0.58 -72.04
CA SER R 165 33.28 -0.45 -71.37
C SER R 165 34.73 -0.01 -71.19
N TRP R 166 35.25 0.68 -72.21
CA TRP R 166 36.60 1.19 -72.19
C TRP R 166 36.77 2.22 -71.06
N PHE R 167 35.79 3.11 -70.94
CA PHE R 167 35.79 4.10 -69.87
C PHE R 167 35.69 3.44 -68.49
N LYS R 168 35.08 2.27 -68.45
CA LYS R 168 34.89 1.56 -67.20
C LYS R 168 36.06 0.62 -66.88
N ASN R 169 37.09 0.67 -67.70
CA ASN R 169 38.30 -0.11 -67.44
C ASN R 169 39.17 0.62 -66.42
N ALA R 170 38.93 0.37 -65.14
CA ALA R 170 39.58 1.11 -64.07
C ALA R 170 41.05 0.71 -63.85
N GLU R 171 41.30 -0.59 -63.80
CA GLU R 171 42.65 -1.11 -63.55
C GLU R 171 43.69 -0.59 -64.54
N SER R 172 43.34 -0.61 -65.82
CA SER R 172 44.24 -0.13 -66.87
C SER R 172 44.53 1.36 -66.71
N ARG R 173 43.48 2.14 -66.50
CA ARG R 173 43.63 3.59 -66.35
C ARG R 173 44.44 3.96 -65.11
N LEU R 174 44.24 3.23 -64.02
CA LEU R 174 45.01 3.46 -62.81
C LEU R 174 46.48 3.12 -63.00
N ASN R 175 46.75 1.95 -63.58
CA ASN R 175 48.12 1.57 -63.89
C ASN R 175 48.82 2.63 -64.74
N HIS R 176 48.18 3.01 -65.84
CA HIS R 176 48.76 3.97 -66.77
C HIS R 176 48.96 5.35 -66.16
N HIS R 177 47.98 5.81 -65.40
CA HIS R 177 48.05 7.14 -64.81
C HIS R 177 49.11 7.22 -63.71
N LEU R 178 49.16 6.20 -62.86
CA LEU R 178 50.17 6.17 -61.80
C LEU R 178 51.58 6.07 -62.37
N SER R 179 51.75 5.17 -63.34
CA SER R 179 53.07 4.96 -63.91
C SER R 179 53.44 6.04 -64.93
N GLY R 180 52.52 6.36 -65.81
CA GLY R 180 52.80 7.28 -66.90
C GLY R 180 52.53 8.74 -66.58
N LEU R 181 51.28 9.05 -66.28
CA LEU R 181 50.86 10.44 -66.05
C LEU R 181 51.53 11.05 -64.83
N PHE R 182 51.68 10.26 -63.77
CA PHE R 182 52.36 10.72 -62.55
C PHE R 182 53.85 10.43 -62.60
N GLY R 183 54.20 9.17 -62.84
CA GLY R 183 55.59 8.74 -62.83
C GLY R 183 56.46 9.33 -63.92
N VAL R 184 56.18 8.98 -65.16
CA VAL R 184 56.99 9.44 -66.30
C VAL R 184 57.06 10.96 -66.40
N SER R 185 55.96 11.64 -66.06
CA SER R 185 55.94 13.09 -66.08
C SER R 185 56.90 13.69 -65.06
N SER R 186 56.88 13.11 -63.85
CA SER R 186 57.74 13.60 -62.77
C SER R 186 59.20 13.30 -63.06
N LEU R 187 59.45 12.12 -63.64
CA LEU R 187 60.77 11.72 -64.06
C LEU R 187 61.31 12.67 -65.12
N ALA R 188 60.43 13.03 -66.06
CA ALA R 188 60.78 13.93 -67.14
C ALA R 188 61.04 15.33 -66.62
N TRP R 189 60.31 15.72 -65.58
CA TRP R 189 60.54 17.04 -64.99
C TRP R 189 61.86 17.07 -64.24
N ALA R 190 62.18 15.97 -63.55
CA ALA R 190 63.50 15.83 -62.94
C ALA R 190 64.56 15.93 -64.02
N GLY R 191 64.24 15.37 -65.19
CA GLY R 191 65.10 15.48 -66.34
C GLY R 191 65.32 16.93 -66.75
N HIS R 192 64.26 17.72 -66.75
CA HIS R 192 64.38 19.12 -67.12
C HIS R 192 65.20 19.89 -66.10
N LEU R 193 65.00 19.59 -64.82
CA LEU R 193 65.73 20.25 -63.75
C LEU R 193 67.22 19.96 -63.87
N VAL R 194 67.54 18.69 -64.12
CA VAL R 194 68.93 18.27 -64.27
C VAL R 194 69.59 18.86 -65.51
N HIS R 195 68.88 18.83 -66.64
CA HIS R 195 69.46 19.25 -67.92
C HIS R 195 69.44 20.75 -68.17
N VAL R 196 68.46 21.46 -67.62
CA VAL R 196 68.26 22.86 -67.95
C VAL R 196 68.27 23.80 -66.74
N ALA R 197 67.44 23.51 -65.75
CA ALA R 197 67.27 24.39 -64.59
C ALA R 197 68.55 24.54 -63.78
N ILE R 198 69.10 23.42 -63.34
CA ILE R 198 70.34 23.43 -62.57
C ILE R 198 71.51 24.09 -63.30
N PRO R 199 71.78 23.71 -64.56
CA PRO R 199 72.85 24.42 -65.26
C PRO R 199 72.56 25.91 -65.42
N GLY R 200 71.29 26.26 -65.62
CA GLY R 200 70.89 27.64 -65.75
C GLY R 200 71.20 28.47 -64.51
N SER R 201 70.97 27.86 -63.35
CA SER R 201 71.25 28.53 -62.08
C SER R 201 72.75 28.69 -61.87
N ARG R 202 73.54 27.82 -62.52
CA ARG R 202 74.98 27.87 -62.39
C ARG R 202 75.59 28.74 -63.49
N GLY R 203 74.74 29.38 -64.28
CA GLY R 203 75.19 30.31 -65.30
C GLY R 203 75.52 29.63 -66.62
N GLU R 204 74.84 28.54 -66.91
CA GLU R 204 75.10 27.78 -68.14
C GLU R 204 73.89 27.74 -69.09
N TYR R 205 74.05 28.34 -70.26
CA TYR R 205 73.00 28.43 -71.27
C TYR R 205 72.82 27.10 -72.01
N VAL R 206 71.81 26.33 -71.60
CA VAL R 206 71.54 25.03 -72.21
C VAL R 206 70.17 24.99 -72.89
N ARG R 207 70.18 24.81 -74.21
CA ARG R 207 68.94 24.76 -74.97
C ARG R 207 68.85 23.50 -75.83
N TRP R 208 67.86 23.46 -76.72
CA TRP R 208 67.66 22.30 -77.59
C TRP R 208 68.84 22.07 -78.53
N ASN R 209 69.45 23.16 -78.97
CA ASN R 209 70.51 23.10 -79.97
C ASN R 209 71.88 22.66 -79.43
N ASN R 210 71.98 22.43 -78.13
CA ASN R 210 73.27 22.04 -77.54
C ASN R 210 73.18 21.09 -76.34
N PHE R 211 71.97 20.73 -75.93
CA PHE R 211 71.80 19.92 -74.72
C PHE R 211 72.35 18.50 -74.88
N LEU R 212 72.49 18.06 -76.12
CA LEU R 212 73.10 16.77 -76.41
C LEU R 212 74.62 16.87 -76.37
N ASP R 213 75.12 18.11 -76.43
CA ASP R 213 76.55 18.37 -76.51
C ASP R 213 77.15 18.71 -75.15
N VAL R 214 76.29 18.83 -74.15
CA VAL R 214 76.72 19.22 -72.81
C VAL R 214 76.44 18.11 -71.80
N LEU R 215 77.40 17.84 -70.93
CA LEU R 215 77.23 16.86 -69.88
C LEU R 215 76.56 17.47 -68.66
N PRO R 216 75.41 16.89 -68.25
CA PRO R 216 74.69 17.31 -67.05
C PRO R 216 75.53 17.03 -65.80
N HIS R 217 76.50 16.13 -65.92
CA HIS R 217 77.41 15.82 -64.83
C HIS R 217 78.80 15.56 -65.42
N PRO R 218 79.86 15.98 -64.70
CA PRO R 218 81.25 15.79 -65.12
C PRO R 218 81.55 14.36 -65.58
N GLN R 219 81.03 13.38 -64.86
CA GLN R 219 81.15 11.98 -65.25
C GLN R 219 79.77 11.36 -65.46
N GLY R 220 79.02 11.93 -66.39
CA GLY R 220 77.60 11.64 -66.53
C GLY R 220 77.14 10.23 -66.84
N LEU R 221 76.00 9.87 -66.24
CA LEU R 221 75.28 8.64 -66.53
C LEU R 221 75.97 7.35 -66.07
N GLY R 222 77.29 7.39 -65.95
CA GLY R 222 78.06 6.27 -65.42
C GLY R 222 77.60 5.81 -64.05
N PRO R 223 77.72 6.69 -63.03
CA PRO R 223 77.35 6.35 -61.66
C PRO R 223 75.90 5.87 -61.51
N LEU R 224 75.03 6.35 -62.38
CA LEU R 224 73.62 5.97 -62.34
C LEU R 224 73.46 4.47 -62.56
N LEU R 225 73.99 3.98 -63.67
CA LEU R 225 73.85 2.56 -64.01
C LEU R 225 74.85 1.71 -63.22
N THR R 226 75.88 2.35 -62.66
CA THR R 226 76.86 1.66 -61.83
C THR R 226 76.27 1.37 -60.45
N GLY R 227 75.39 2.24 -59.98
CA GLY R 227 74.85 2.13 -58.64
C GLY R 227 75.60 3.03 -57.68
N GLN R 228 76.53 3.80 -58.23
CA GLN R 228 77.31 4.77 -57.46
C GLN R 228 76.61 6.12 -57.46
N TRP R 229 75.34 6.12 -57.05
CA TRP R 229 74.50 7.32 -57.12
C TRP R 229 75.02 8.46 -56.25
N ASN R 230 75.73 8.11 -55.18
CA ASN R 230 76.26 9.08 -54.23
C ASN R 230 77.16 10.14 -54.88
N LEU R 231 77.83 9.76 -55.95
CA LEU R 231 78.71 10.67 -56.69
C LEU R 231 77.96 11.88 -57.22
N TYR R 232 76.65 11.72 -57.43
CA TYR R 232 75.81 12.79 -57.94
C TYR R 232 75.49 13.85 -56.89
N ALA R 233 75.92 13.60 -55.66
CA ALA R 233 75.65 14.54 -54.56
C ALA R 233 76.93 15.08 -53.96
N GLN R 234 78.04 14.95 -54.69
CA GLN R 234 79.36 15.23 -54.13
C GLN R 234 79.56 16.69 -53.72
N ASN R 235 79.52 17.61 -54.67
CA ASN R 235 79.70 19.02 -54.31
C ASN R 235 78.52 19.90 -54.74
N PRO R 236 77.64 20.21 -53.79
CA PRO R 236 76.49 21.08 -54.05
C PRO R 236 76.94 22.52 -54.19
N SER R 237 76.01 23.41 -54.50
CA SER R 237 76.32 24.84 -54.59
C SER R 237 76.74 25.35 -53.22
N SER R 238 77.67 26.30 -53.20
CA SER R 238 78.17 26.84 -51.95
C SER R 238 77.14 27.76 -51.30
N SER R 239 77.32 28.05 -50.02
CA SER R 239 76.40 28.92 -49.30
C SER R 239 76.51 30.38 -49.76
N ASN R 240 77.58 30.70 -50.49
CA ASN R 240 77.74 32.04 -51.03
C ASN R 240 77.51 32.08 -52.54
N HIS R 241 76.76 31.11 -53.04
CA HIS R 241 76.42 31.03 -54.45
C HIS R 241 75.47 32.15 -54.86
N LEU R 242 75.75 32.78 -55.99
CA LEU R 242 74.84 33.78 -56.54
C LEU R 242 74.08 33.17 -57.71
N PHE R 243 72.75 33.19 -57.61
CA PHE R 243 71.88 32.53 -58.59
C PHE R 243 72.05 33.09 -60.00
N GLY R 244 72.12 32.19 -60.98
CA GLY R 244 72.29 32.58 -62.38
C GLY R 244 73.75 32.79 -62.77
N THR R 245 74.65 32.66 -61.80
CA THR R 245 76.07 32.89 -62.03
C THR R 245 76.93 31.68 -61.67
N THR R 246 78.16 31.67 -62.18
CA THR R 246 79.09 30.58 -61.93
C THR R 246 79.73 30.69 -60.55
N GLN R 247 79.60 31.86 -59.94
CA GLN R 247 80.24 32.12 -58.65
C GLN R 247 79.58 31.32 -57.54
N GLY R 248 80.33 30.37 -56.98
CA GLY R 248 79.84 29.56 -55.88
C GLY R 248 79.09 28.33 -56.38
N ALA R 249 79.13 28.11 -57.68
CA ALA R 249 78.39 27.01 -58.32
C ALA R 249 79.11 25.66 -58.17
N GLY R 250 78.32 24.62 -57.91
CA GLY R 250 78.83 23.26 -57.81
C GLY R 250 78.58 22.42 -59.06
N THR R 251 78.44 21.12 -58.86
CA THR R 251 78.19 20.19 -59.98
C THR R 251 77.15 19.13 -59.62
N ALA R 252 76.73 19.09 -58.36
CA ALA R 252 75.76 18.09 -57.91
C ALA R 252 74.43 18.23 -58.66
N ILE R 253 73.74 17.11 -58.83
CA ILE R 253 72.45 17.11 -59.53
C ILE R 253 71.32 16.53 -58.68
N LEU R 254 71.69 15.79 -57.63
CA LEU R 254 70.71 15.16 -56.76
C LEU R 254 71.18 15.20 -55.31
N THR R 255 70.52 15.99 -54.48
CA THR R 255 70.92 16.11 -53.07
C THR R 255 69.71 16.09 -52.15
N ILE R 256 69.94 15.84 -50.86
CA ILE R 256 68.92 16.05 -49.84
C ILE R 256 69.46 17.00 -48.77
N LEU R 257 69.63 18.26 -49.13
CA LEU R 257 70.20 19.25 -48.21
C LEU R 257 69.16 19.81 -47.24
N GLY R 258 67.98 20.13 -47.76
CA GLY R 258 66.96 20.78 -46.96
C GLY R 258 67.23 22.25 -46.83
N GLY R 259 66.27 22.99 -46.27
CA GLY R 259 66.44 24.41 -46.06
C GLY R 259 66.38 25.23 -47.35
N PHE R 260 66.89 26.44 -47.30
CA PHE R 260 66.81 27.35 -48.44
C PHE R 260 68.16 27.85 -48.95
N HIS R 261 68.23 28.10 -50.25
CA HIS R 261 69.33 28.82 -50.86
C HIS R 261 69.31 30.23 -50.29
N PRO R 262 70.33 30.60 -49.50
CA PRO R 262 70.36 31.84 -48.72
C PRO R 262 70.04 33.11 -49.51
N GLN R 263 70.47 33.19 -50.76
CA GLN R 263 70.22 34.38 -51.57
C GLN R 263 68.77 34.45 -52.06
N THR R 264 68.30 33.35 -52.64
CA THR R 264 66.98 33.31 -53.25
C THR R 264 65.89 32.98 -52.23
N GLN R 265 66.31 32.50 -51.06
CA GLN R 265 65.38 32.11 -49.99
C GLN R 265 64.36 31.09 -50.46
N SER R 266 64.79 30.18 -51.33
CA SER R 266 63.93 29.13 -51.85
C SER R 266 64.65 27.78 -51.78
N LEU R 267 63.91 26.70 -52.03
CA LEU R 267 64.48 25.35 -51.96
C LEU R 267 65.57 25.14 -53.01
N TRP R 268 66.51 24.26 -52.69
CA TRP R 268 67.60 23.93 -53.61
C TRP R 268 67.10 23.16 -54.83
N LEU R 269 67.54 23.56 -56.01
CA LEU R 269 67.12 22.91 -57.25
C LEU R 269 67.49 21.43 -57.30
N THR R 270 68.63 21.07 -56.73
CA THR R 270 69.07 19.69 -56.68
C THR R 270 68.15 18.86 -55.77
N ASP R 271 67.66 19.49 -54.72
CA ASP R 271 66.70 18.86 -53.82
C ASP R 271 65.40 18.55 -54.57
N MET R 272 64.98 19.48 -55.42
CA MET R 272 63.75 19.32 -56.17
C MET R 272 63.90 18.26 -57.27
N ALA R 273 65.07 18.23 -57.89
CA ALA R 273 65.38 17.21 -58.89
C ALA R 273 65.33 15.82 -58.27
N HIS R 274 66.02 15.67 -57.15
CA HIS R 274 66.03 14.40 -56.43
C HIS R 274 64.63 14.00 -55.95
N HIS R 275 63.86 15.00 -55.50
CA HIS R 275 62.49 14.78 -55.05
C HIS R 275 61.64 14.18 -56.15
N HIS R 276 61.61 14.86 -57.29
CA HIS R 276 60.83 14.41 -58.43
C HIS R 276 61.31 13.05 -58.94
N LEU R 277 62.61 12.82 -58.87
CA LEU R 277 63.15 11.53 -59.28
C LEU R 277 62.62 10.40 -58.38
N ALA R 278 62.76 10.58 -57.07
CA ALA R 278 62.32 9.58 -56.10
C ALA R 278 60.82 9.29 -56.20
N ILE R 279 60.01 10.34 -56.20
CA ILE R 279 58.57 10.15 -56.31
C ILE R 279 58.20 9.52 -57.65
N ALA R 280 58.98 9.84 -58.69
CA ALA R 280 58.76 9.24 -60.01
C ALA R 280 58.95 7.75 -59.91
N PHE R 281 59.97 7.33 -59.17
CA PHE R 281 60.20 5.91 -58.97
C PHE R 281 59.09 5.22 -58.18
N LEU R 282 58.66 5.86 -57.09
CA LEU R 282 57.57 5.30 -56.30
C LEU R 282 56.29 5.15 -57.11
N PHE R 283 56.01 6.14 -57.96
CA PHE R 283 54.84 6.09 -58.84
C PHE R 283 54.99 4.98 -59.87
N LEU R 284 56.17 4.89 -60.47
CA LEU R 284 56.44 3.87 -61.48
C LEU R 284 56.27 2.45 -60.94
N ILE R 285 56.77 2.21 -59.72
CA ILE R 285 56.60 0.91 -59.09
C ILE R 285 55.13 0.68 -58.72
N GLY R 286 54.50 1.71 -58.17
CA GLY R 286 53.11 1.62 -57.77
C GLY R 286 52.12 1.48 -58.91
N GLY R 287 52.57 1.76 -60.13
CA GLY R 287 51.72 1.68 -61.29
C GLY R 287 51.60 0.27 -61.87
N HIS R 288 52.27 -0.68 -61.24
CA HIS R 288 52.22 -2.07 -61.67
C HIS R 288 51.44 -2.91 -60.69
N MET R 289 50.32 -2.38 -60.20
CA MET R 289 49.59 -3.04 -59.12
C MET R 289 48.34 -3.77 -59.61
N TYR R 290 47.68 -3.21 -60.63
CA TYR R 290 46.40 -3.73 -61.07
C TYR R 290 46.50 -4.55 -62.36
N ARG R 291 45.64 -5.55 -62.47
CA ARG R 291 45.69 -6.50 -63.58
C ARG R 291 45.11 -5.94 -64.86
N THR R 292 45.79 -6.22 -65.98
CA THR R 292 45.30 -5.81 -67.30
C THR R 292 45.27 -7.00 -68.28
N ASN R 293 46.19 -7.01 -69.24
CA ASN R 293 46.20 -8.05 -70.26
C ASN R 293 47.43 -8.95 -70.19
N PHE R 294 47.99 -9.13 -69.00
CA PHE R 294 49.24 -9.88 -68.86
C PHE R 294 49.21 -10.93 -67.77
N GLY R 295 48.02 -11.29 -67.32
CA GLY R 295 47.85 -12.42 -66.42
C GLY R 295 48.34 -12.19 -65.00
N ILE R 296 48.89 -11.02 -64.73
CA ILE R 296 49.30 -10.67 -63.38
C ILE R 296 48.62 -9.37 -62.94
N GLY R 297 48.63 -9.10 -61.64
CA GLY R 297 48.04 -7.89 -61.11
C GLY R 297 46.82 -8.14 -60.24
N HIS R 298 46.39 -7.09 -59.53
CA HIS R 298 45.25 -7.19 -58.61
C HIS R 298 43.92 -6.93 -59.30
N SER R 299 42.85 -7.43 -58.69
CA SER R 299 41.50 -7.10 -59.09
C SER R 299 40.89 -6.22 -58.02
N ILE R 300 40.62 -4.96 -58.37
CA ILE R 300 40.13 -3.98 -57.41
C ILE R 300 38.83 -4.46 -56.74
N LYS R 301 37.94 -5.03 -57.55
CA LYS R 301 36.70 -5.58 -57.05
C LYS R 301 36.94 -6.62 -55.96
N TYR R 302 37.88 -7.53 -56.19
CA TYR R 302 38.17 -8.59 -55.23
C TYR R 302 38.80 -8.02 -53.95
N ILE R 303 39.69 -7.04 -54.11
CA ILE R 303 40.31 -6.38 -52.97
C ILE R 303 39.26 -5.75 -52.07
N LEU R 304 38.36 -4.98 -52.68
CA LEU R 304 37.25 -4.37 -51.96
C LEU R 304 36.39 -5.43 -51.28
N GLU R 305 36.06 -6.47 -52.05
CA GLU R 305 35.16 -7.53 -51.60
C GLU R 305 35.75 -8.35 -50.45
N ALA R 306 37.07 -8.29 -50.31
CA ALA R 306 37.76 -9.09 -49.30
C ALA R 306 37.94 -8.35 -47.98
N HIS R 307 37.90 -7.03 -48.02
CA HIS R 307 38.15 -6.23 -46.83
C HIS R 307 36.89 -6.01 -46.00
N ILE R 308 36.43 -7.08 -45.35
CA ILE R 308 35.27 -7.03 -44.48
C ILE R 308 35.60 -7.69 -43.15
N PRO R 309 35.55 -6.93 -42.06
CA PRO R 309 35.99 -7.42 -40.75
C PRO R 309 34.99 -8.37 -40.09
N PRO R 310 35.46 -9.55 -39.68
CA PRO R 310 34.65 -10.57 -38.99
C PRO R 310 34.08 -9.98 -37.70
N GLY R 311 32.78 -10.17 -37.48
CA GLY R 311 32.11 -9.54 -36.36
C GLY R 311 31.00 -8.66 -36.88
N GLY R 312 31.11 -8.29 -38.16
CA GLY R 312 30.05 -7.59 -38.86
C GLY R 312 29.79 -6.20 -38.36
N ARG R 313 30.78 -5.59 -37.73
CA ARG R 313 30.64 -4.22 -37.24
C ARG R 313 30.63 -3.22 -38.40
N LEU R 314 30.97 -3.70 -39.59
CA LEU R 314 30.87 -2.90 -40.81
C LEU R 314 29.98 -3.57 -41.84
N GLY R 315 29.13 -4.49 -41.38
CA GLY R 315 28.20 -5.17 -42.25
C GLY R 315 28.89 -6.00 -43.32
N ARG R 316 28.47 -5.81 -44.57
CA ARG R 316 29.08 -6.52 -45.69
C ARG R 316 30.37 -5.86 -46.16
N GLY R 317 30.85 -4.89 -45.39
CA GLY R 317 32.09 -4.21 -45.71
C GLY R 317 32.02 -3.38 -46.97
N HIS R 318 32.87 -3.69 -47.94
CA HIS R 318 32.97 -2.92 -49.17
C HIS R 318 32.41 -3.68 -50.37
N LYS R 319 31.59 -4.69 -50.11
CA LYS R 319 31.04 -5.51 -51.18
C LYS R 319 30.12 -4.73 -52.12
N GLY R 320 30.53 -4.61 -53.37
CA GLY R 320 29.72 -3.96 -54.39
C GLY R 320 30.17 -2.54 -54.68
N LEU R 321 31.18 -2.05 -53.97
CA LEU R 321 31.62 -0.67 -54.12
C LEU R 321 32.25 -0.39 -55.49
N TYR R 322 32.91 -1.39 -56.06
CA TYR R 322 33.57 -1.22 -57.36
C TYR R 322 32.59 -0.73 -58.41
N ASP R 323 31.48 -1.45 -58.58
CA ASP R 323 30.48 -1.08 -59.59
C ASP R 323 29.78 0.22 -59.24
N THR R 324 29.41 0.39 -57.97
CA THR R 324 28.66 1.56 -57.56
C THR R 324 29.47 2.85 -57.66
N ILE R 325 30.79 2.71 -57.72
CA ILE R 325 31.66 3.85 -57.97
C ILE R 325 31.90 4.01 -59.47
N ASN R 326 32.23 2.90 -60.12
CA ASN R 326 32.61 2.89 -61.53
C ASN R 326 31.45 3.16 -62.46
N ASN R 327 30.23 2.95 -61.98
CA ASN R 327 29.03 3.25 -62.75
C ASN R 327 28.53 4.66 -62.52
N SER R 328 28.89 5.23 -61.38
CA SER R 328 28.46 6.58 -61.01
C SER R 328 29.58 7.59 -61.22
N ILE R 329 29.47 8.37 -62.30
CA ILE R 329 30.48 9.38 -62.62
C ILE R 329 30.53 10.47 -61.55
N HIS R 330 29.40 10.70 -60.90
CA HIS R 330 29.32 11.72 -59.86
C HIS R 330 30.10 11.33 -58.60
N PHE R 331 30.08 10.04 -58.27
CA PHE R 331 30.88 9.53 -57.15
C PHE R 331 32.35 9.81 -57.44
N GLN R 332 32.75 9.49 -58.67
CA GLN R 332 34.11 9.66 -59.14
C GLN R 332 34.53 11.12 -59.04
N LEU R 333 33.63 12.00 -59.45
CA LEU R 333 33.90 13.42 -59.39
C LEU R 333 33.97 13.90 -57.95
N GLY R 334 33.23 13.23 -57.07
CA GLY R 334 33.25 13.56 -55.67
C GLY R 334 34.59 13.25 -55.05
N LEU R 335 35.09 12.05 -55.29
CA LEU R 335 36.41 11.66 -54.80
C LEU R 335 37.48 12.57 -55.38
N ALA R 336 37.41 12.77 -56.69
CA ALA R 336 38.35 13.63 -57.42
C ALA R 336 38.43 15.04 -56.83
N LEU R 337 37.28 15.69 -56.70
CA LEU R 337 37.21 17.04 -56.17
C LEU R 337 37.61 17.13 -54.70
N ALA R 338 37.24 16.12 -53.92
CA ALA R 338 37.62 16.10 -52.51
C ALA R 338 39.14 16.08 -52.39
N SER R 339 39.76 15.10 -53.04
CA SER R 339 41.21 14.94 -53.01
C SER R 339 41.93 16.17 -53.56
N LEU R 340 41.46 16.66 -54.72
CA LEU R 340 42.07 17.80 -55.37
C LEU R 340 41.99 19.05 -54.50
N GLY R 341 40.87 19.19 -53.78
CA GLY R 341 40.70 20.30 -52.86
C GLY R 341 41.69 20.21 -51.73
N VAL R 342 41.78 19.03 -51.13
CA VAL R 342 42.74 18.79 -50.06
C VAL R 342 44.17 19.14 -50.48
N ILE R 343 44.59 18.65 -51.64
CA ILE R 343 45.96 18.93 -52.08
C ILE R 343 46.12 20.37 -52.56
N THR R 344 45.01 21.05 -52.87
CA THR R 344 45.08 22.46 -53.25
C THR R 344 45.37 23.29 -52.01
N SER R 345 44.68 22.97 -50.92
CA SER R 345 45.00 23.54 -49.63
C SER R 345 46.44 23.22 -49.26
N LEU R 346 46.88 21.99 -49.55
CA LEU R 346 48.26 21.57 -49.29
C LEU R 346 49.28 22.41 -50.04
N VAL R 347 48.96 22.69 -51.31
CA VAL R 347 49.81 23.52 -52.14
C VAL R 347 49.90 24.91 -51.52
N ALA R 348 48.74 25.44 -51.11
CA ALA R 348 48.70 26.75 -50.47
C ALA R 348 49.56 26.81 -49.21
N GLN R 349 49.38 25.85 -48.32
CA GLN R 349 50.09 25.79 -47.05
C GLN R 349 51.59 25.55 -47.21
N HIS R 350 51.97 24.82 -48.25
CA HIS R 350 53.38 24.47 -48.46
C HIS R 350 54.18 25.49 -49.28
N MET R 351 53.51 26.22 -50.16
CA MET R 351 54.20 27.16 -51.03
C MET R 351 54.61 28.47 -50.34
N TYR R 352 53.93 28.83 -49.26
CA TYR R 352 54.28 30.04 -48.51
C TYR R 352 55.40 29.77 -47.52
N SER R 353 55.40 28.57 -46.94
CA SER R 353 56.38 28.21 -45.92
C SER R 353 57.65 27.64 -46.55
N LEU R 354 57.49 26.90 -47.63
CA LEU R 354 58.62 26.32 -48.35
C LEU R 354 58.58 26.72 -49.82
N PRO R 355 58.91 27.99 -50.11
CA PRO R 355 58.90 28.48 -51.48
C PRO R 355 59.94 27.77 -52.34
N ALA R 356 59.60 27.48 -53.58
CA ALA R 356 60.50 26.74 -54.46
C ALA R 356 60.99 27.62 -55.60
N TYR R 357 60.54 28.86 -55.62
CA TYR R 357 60.89 29.78 -56.70
C TYR R 357 61.86 30.87 -56.25
N ALA R 358 62.89 31.10 -57.06
CA ALA R 358 63.92 32.08 -56.73
C ALA R 358 63.34 33.50 -56.69
N PHE R 359 63.66 34.22 -55.62
CA PHE R 359 63.26 35.62 -55.45
C PHE R 359 61.75 35.83 -55.29
N ILE R 360 61.05 34.75 -54.99
CA ILE R 360 59.71 34.82 -54.44
C ILE R 360 59.93 34.84 -52.93
N ALA R 361 58.88 35.03 -52.15
CA ALA R 361 58.97 35.18 -50.69
C ALA R 361 59.58 36.53 -50.29
N GLN R 362 60.36 37.10 -51.20
CA GLN R 362 60.79 38.48 -51.11
C GLN R 362 59.66 39.32 -51.69
N ASP R 363 58.90 38.71 -52.60
CA ASP R 363 57.74 39.34 -53.21
C ASP R 363 56.50 39.04 -52.37
N PHE R 364 56.19 39.93 -51.43
CA PHE R 364 55.14 39.70 -50.45
C PHE R 364 53.75 39.68 -51.07
N THR R 365 53.51 40.62 -51.97
CA THR R 365 52.21 40.73 -52.64
C THR R 365 51.90 39.45 -53.44
N THR R 366 52.90 38.95 -54.13
CA THR R 366 52.75 37.72 -54.91
C THR R 366 52.42 36.53 -54.01
N GLN R 367 53.14 36.41 -52.89
CA GLN R 367 52.90 35.31 -51.96
C GLN R 367 51.48 35.36 -51.42
N ALA R 368 51.05 36.56 -51.00
CA ALA R 368 49.70 36.75 -50.45
C ALA R 368 48.63 36.40 -51.49
N ALA R 369 48.81 36.94 -52.69
CA ALA R 369 47.92 36.67 -53.81
C ALA R 369 47.80 35.16 -54.07
N LEU R 370 48.94 34.47 -54.11
CA LEU R 370 48.97 33.04 -54.37
C LEU R 370 48.24 32.26 -53.28
N TYR R 371 48.53 32.59 -52.02
CA TYR R 371 47.90 31.88 -50.91
C TYR R 371 46.38 32.04 -50.94
N THR R 372 45.92 33.28 -51.06
CA THR R 372 44.49 33.58 -51.08
C THR R 372 43.80 32.88 -52.26
N HIS R 373 44.41 33.01 -53.44
CA HIS R 373 43.98 32.33 -54.65
C HIS R 373 43.74 30.85 -54.42
N HIS R 374 44.78 30.14 -54.02
CA HIS R 374 44.67 28.70 -53.88
C HIS R 374 43.75 28.26 -52.75
N GLN R 375 43.63 29.07 -51.70
CA GLN R 375 42.71 28.71 -50.62
C GLN R 375 41.24 28.91 -50.99
N TYR R 376 40.93 29.96 -51.74
CA TYR R 376 39.57 30.12 -52.24
C TYR R 376 39.20 29.05 -53.27
N ILE R 377 40.13 28.79 -54.19
CA ILE R 377 39.96 27.71 -55.15
C ILE R 377 39.68 26.40 -54.41
N ALA R 378 40.47 26.15 -53.37
CA ALA R 378 40.30 24.96 -52.56
C ALA R 378 38.92 24.89 -51.92
N GLY R 379 38.45 26.02 -51.39
CA GLY R 379 37.12 26.10 -50.78
C GLY R 379 36.00 25.75 -51.74
N PHE R 380 35.98 26.44 -52.88
CA PHE R 380 34.99 26.15 -53.91
C PHE R 380 35.03 24.67 -54.31
N ILE R 381 36.23 24.18 -54.60
CA ILE R 381 36.41 22.79 -54.99
C ILE R 381 35.85 21.81 -53.95
N MET R 382 36.06 22.12 -52.68
CA MET R 382 35.53 21.28 -51.60
C MET R 382 34.01 21.24 -51.61
N THR R 383 33.40 22.43 -51.68
CA THR R 383 31.94 22.49 -51.71
C THR R 383 31.41 21.70 -52.91
N GLY R 384 32.12 21.79 -54.03
CA GLY R 384 31.75 21.02 -55.21
C GLY R 384 31.83 19.52 -55.01
N ALA R 385 32.87 19.07 -54.33
CA ALA R 385 33.02 17.65 -54.01
C ALA R 385 31.80 17.19 -53.23
N PHE R 386 31.50 17.94 -52.18
CA PHE R 386 30.36 17.61 -51.33
C PHE R 386 29.02 17.88 -52.03
N ALA R 387 29.05 18.46 -53.22
CA ALA R 387 27.83 18.71 -53.98
C ALA R 387 27.55 17.56 -54.94
N HIS R 388 28.62 17.01 -55.50
CA HIS R 388 28.48 15.85 -56.37
C HIS R 388 28.34 14.58 -55.54
N GLY R 389 28.64 14.70 -54.25
CA GLY R 389 28.29 13.66 -53.30
C GLY R 389 26.84 13.22 -53.32
N PRO R 390 25.89 14.16 -53.05
CA PRO R 390 24.45 13.90 -53.03
C PRO R 390 23.82 13.74 -54.42
N ILE R 391 24.42 14.33 -55.44
CA ILE R 391 23.95 14.09 -56.80
C ILE R 391 24.06 12.59 -57.07
N PHE R 392 25.14 11.99 -56.57
CA PHE R 392 25.30 10.54 -56.63
C PHE R 392 24.18 9.81 -55.89
N PHE R 393 23.94 10.22 -54.66
CA PHE R 393 22.91 9.60 -53.81
C PHE R 393 21.53 9.65 -54.45
N ILE R 394 21.30 10.65 -55.29
CA ILE R 394 20.02 10.80 -55.96
C ILE R 394 19.97 10.08 -57.30
N ARG R 395 20.87 10.46 -58.19
CA ARG R 395 20.83 9.96 -59.56
C ARG R 395 21.31 8.51 -59.73
N ASP R 396 22.29 8.09 -58.96
CA ASP R 396 22.98 6.83 -59.22
C ASP R 396 22.86 5.73 -58.16
N TYR R 397 22.83 6.11 -56.88
CA TYR R 397 22.85 5.16 -55.79
C TYR R 397 21.75 4.10 -55.87
N ASN R 398 22.16 2.84 -55.84
CA ASN R 398 21.24 1.72 -55.85
C ASN R 398 21.25 1.03 -54.49
N PRO R 399 20.21 1.24 -53.68
CA PRO R 399 20.09 0.72 -52.32
C PRO R 399 20.31 -0.80 -52.23
N GLU R 400 19.68 -1.55 -53.14
CA GLU R 400 19.76 -3.01 -53.11
C GLU R 400 21.16 -3.51 -53.43
N GLN R 401 21.79 -2.87 -54.42
CA GLN R 401 23.14 -3.26 -54.84
C GLN R 401 24.21 -2.84 -53.84
N ASN R 402 23.81 -2.07 -52.84
CA ASN R 402 24.72 -1.65 -51.78
C ASN R 402 24.27 -2.12 -50.41
N ALA R 403 23.42 -3.14 -50.40
CA ALA R 403 22.81 -3.63 -49.16
C ALA R 403 23.82 -3.94 -48.07
N ASP R 404 23.67 -3.26 -46.93
CA ASP R 404 24.45 -3.52 -45.72
C ASP R 404 25.96 -3.27 -45.86
N ASN R 405 26.38 -2.60 -46.93
CA ASN R 405 27.79 -2.22 -47.04
C ASN R 405 28.07 -0.94 -46.25
N VAL R 406 29.28 -0.42 -46.34
CA VAL R 406 29.65 0.77 -45.56
C VAL R 406 28.83 2.01 -45.93
N LEU R 407 28.41 2.07 -47.20
CA LEU R 407 27.68 3.23 -47.71
C LEU R 407 26.22 3.23 -47.25
N ALA R 408 25.55 2.09 -47.40
CA ALA R 408 24.18 1.96 -46.94
C ALA R 408 24.12 2.12 -45.43
N ARG R 409 25.09 1.53 -44.73
CA ARG R 409 25.21 1.67 -43.29
C ARG R 409 25.47 3.12 -42.92
N MET R 410 26.13 3.83 -43.81
CA MET R 410 26.35 5.26 -43.64
C MET R 410 25.02 5.99 -43.67
N LEU R 411 24.18 5.65 -44.63
CA LEU R 411 22.84 6.24 -44.71
C LEU R 411 21.96 5.84 -43.53
N GLU R 412 22.26 4.69 -42.92
CA GLU R 412 21.50 4.21 -41.77
C GLU R 412 21.59 5.12 -40.54
N HIS R 413 22.81 5.41 -40.10
CA HIS R 413 22.98 6.22 -38.88
C HIS R 413 23.28 7.69 -39.20
N LYS R 414 22.61 8.22 -40.22
CA LYS R 414 22.81 9.60 -40.65
C LYS R 414 22.52 10.63 -39.55
N GLU R 415 21.50 10.37 -38.75
CA GLU R 415 21.12 11.28 -37.67
C GLU R 415 22.25 11.43 -36.66
N ALA R 416 22.97 10.34 -36.40
CA ALA R 416 24.11 10.38 -35.48
C ALA R 416 25.22 11.27 -36.02
N ILE R 417 25.55 11.07 -37.29
CA ILE R 417 26.58 11.85 -37.97
C ILE R 417 26.24 13.34 -37.95
N ILE R 418 25.05 13.67 -38.44
CA ILE R 418 24.60 15.05 -38.53
C ILE R 418 24.48 15.73 -37.17
N SER R 419 23.88 15.03 -36.21
CA SER R 419 23.72 15.58 -34.87
C SER R 419 25.04 15.80 -34.16
N HIS R 420 26.01 14.90 -34.38
CA HIS R 420 27.32 15.07 -33.76
C HIS R 420 28.15 16.18 -34.43
N LEU R 421 28.01 16.32 -35.74
CA LEU R 421 28.58 17.47 -36.43
C LEU R 421 28.00 18.76 -35.86
N SER R 422 26.68 18.74 -35.66
CA SER R 422 25.96 19.86 -35.07
C SER R 422 26.53 20.18 -33.69
N TRP R 423 26.80 19.15 -32.89
CA TRP R 423 27.38 19.37 -31.57
C TRP R 423 28.76 20.00 -31.63
N ALA R 424 29.62 19.47 -32.48
CA ALA R 424 30.99 19.98 -32.61
C ALA R 424 30.96 21.46 -33.01
N SER R 425 30.18 21.75 -34.05
CA SER R 425 30.05 23.11 -34.53
C SER R 425 29.56 24.00 -33.39
N LEU R 426 28.50 23.56 -32.72
CA LEU R 426 27.88 24.29 -31.61
C LEU R 426 28.89 24.65 -30.52
N PHE R 427 29.67 23.66 -30.09
CA PHE R 427 30.72 23.85 -29.10
C PHE R 427 31.72 24.91 -29.56
N LEU R 428 32.30 24.67 -30.74
CA LEU R 428 33.30 25.57 -31.31
C LEU R 428 32.80 27.01 -31.39
N GLY R 429 31.56 27.18 -31.82
CA GLY R 429 30.95 28.50 -31.96
C GLY R 429 30.73 29.20 -30.64
N PHE R 430 30.03 28.53 -29.73
CA PHE R 430 29.75 29.09 -28.40
C PHE R 430 31.03 29.52 -27.70
N HIS R 431 32.03 28.65 -27.70
CA HIS R 431 33.22 28.95 -26.92
C HIS R 431 34.20 29.90 -27.62
N THR R 432 34.28 29.85 -28.95
CA THR R 432 35.18 30.74 -29.67
C THR R 432 34.63 32.16 -29.65
N LEU R 433 33.34 32.29 -29.99
CA LEU R 433 32.68 33.59 -29.92
C LEU R 433 32.72 34.10 -28.49
N GLY R 434 32.44 33.21 -27.54
CA GLY R 434 32.44 33.57 -26.13
C GLY R 434 33.78 34.11 -25.67
N LEU R 435 34.86 33.44 -26.03
CA LEU R 435 36.20 33.87 -25.63
C LEU R 435 36.57 35.20 -26.28
N TYR R 436 36.30 35.33 -27.57
CA TYR R 436 36.57 36.58 -28.27
C TYR R 436 35.84 37.75 -27.61
N VAL R 437 34.55 37.58 -27.39
CA VAL R 437 33.73 38.63 -26.78
C VAL R 437 34.22 38.96 -25.37
N HIS R 438 34.56 37.94 -24.60
CA HIS R 438 35.17 38.13 -23.28
C HIS R 438 36.37 39.06 -23.36
N ASN R 439 37.33 38.67 -24.19
CA ASN R 439 38.55 39.47 -24.38
C ASN R 439 38.24 40.91 -24.81
N ASP R 440 37.24 41.07 -25.67
CA ASP R 440 36.81 42.39 -26.11
C ASP R 440 36.29 43.24 -24.97
N VAL R 441 35.45 42.65 -24.12
CA VAL R 441 34.93 43.37 -22.97
C VAL R 441 36.05 43.76 -22.03
N MET R 442 37.03 42.86 -21.88
CA MET R 442 38.19 43.14 -21.04
C MET R 442 39.01 44.31 -21.56
N LEU R 443 39.25 44.35 -22.87
CA LEU R 443 40.01 45.46 -23.47
C LEU R 443 39.23 46.76 -23.36
N ALA R 444 37.91 46.67 -23.50
CA ALA R 444 37.05 47.85 -23.42
C ALA R 444 37.08 48.47 -22.03
N PHE R 445 37.06 47.62 -21.01
CA PHE R 445 37.05 48.10 -19.62
C PHE R 445 38.45 48.48 -19.13
N GLY R 446 39.42 48.45 -20.03
CA GLY R 446 40.78 48.89 -19.72
C GLY R 446 41.54 47.89 -18.88
N THR R 447 41.13 46.64 -18.93
CA THR R 447 41.81 45.59 -18.16
C THR R 447 42.18 44.41 -19.07
N PRO R 448 43.20 44.60 -19.92
CA PRO R 448 43.62 43.54 -20.84
C PRO R 448 44.25 42.35 -20.13
N GLU R 449 44.65 42.54 -18.87
CA GLU R 449 45.27 41.49 -18.09
C GLU R 449 44.27 40.42 -17.69
N LYS R 450 42.98 40.73 -17.84
CA LYS R 450 41.93 39.79 -17.49
C LYS R 450 41.48 38.96 -18.69
N GLN R 451 42.16 39.16 -19.83
CA GLN R 451 41.88 38.37 -21.02
C GLN R 451 42.13 36.89 -20.77
N ILE R 452 41.33 36.05 -21.40
CA ILE R 452 41.60 34.61 -21.38
C ILE R 452 42.40 34.21 -22.63
N LEU R 453 43.70 33.99 -22.44
CA LEU R 453 44.60 33.71 -23.55
C LEU R 453 45.21 32.32 -23.43
N ILE R 454 44.63 31.36 -24.16
CA ILE R 454 45.10 29.99 -24.12
C ILE R 454 46.27 29.78 -25.07
N GLU R 455 47.38 29.25 -24.54
CA GLU R 455 48.58 29.01 -25.34
C GLU R 455 48.39 27.77 -26.21
N PRO R 456 48.80 27.85 -27.49
CA PRO R 456 48.73 26.69 -28.38
C PRO R 456 49.82 25.67 -28.05
N ILE R 457 49.74 25.08 -26.86
CA ILE R 457 50.79 24.18 -26.37
C ILE R 457 51.07 23.02 -27.32
N PHE R 458 50.02 22.46 -27.90
CA PHE R 458 50.14 21.26 -28.72
C PHE R 458 50.87 21.54 -30.04
N ALA R 459 50.45 22.59 -30.74
CA ALA R 459 51.07 22.97 -32.00
C ALA R 459 52.51 23.44 -31.78
N GLN R 460 52.74 24.13 -30.67
CA GLN R 460 54.08 24.56 -30.28
C GLN R 460 54.96 23.33 -30.03
N TRP R 461 54.35 22.31 -29.45
CA TRP R 461 55.04 21.06 -29.17
C TRP R 461 55.43 20.40 -30.47
N ILE R 462 54.52 20.42 -31.44
CA ILE R 462 54.81 19.88 -32.77
C ILE R 462 55.97 20.64 -33.42
N GLN R 463 55.93 21.97 -33.33
CA GLN R 463 57.01 22.79 -33.87
C GLN R 463 58.35 22.45 -33.24
N SER R 464 58.35 22.26 -31.92
CA SER R 464 59.57 21.94 -31.19
C SER R 464 60.10 20.57 -31.61
N ALA R 465 59.17 19.61 -31.77
CA ALA R 465 59.50 18.27 -32.22
C ALA R 465 60.08 18.31 -33.64
N HIS R 466 59.76 19.37 -34.37
CA HIS R 466 60.29 19.57 -35.71
C HIS R 466 61.62 20.31 -35.70
N GLY R 467 62.02 20.79 -34.52
CA GLY R 467 63.32 21.41 -34.38
C GLY R 467 63.32 22.91 -34.14
N LYS R 468 62.16 23.46 -33.79
CA LYS R 468 62.08 24.87 -33.44
C LYS R 468 62.36 25.04 -31.95
N THR R 469 63.20 26.00 -31.61
CA THR R 469 63.69 26.13 -30.24
C THR R 469 63.18 27.36 -29.50
N THR R 470 62.07 27.92 -29.96
CA THR R 470 61.53 29.13 -29.35
C THR R 470 60.78 28.85 -28.04
N TYR R 471 60.08 27.71 -28.00
CA TYR R 471 59.27 27.37 -26.83
C TYR R 471 60.03 26.51 -25.82
N GLY R 472 61.19 26.01 -26.23
CA GLY R 472 62.07 25.27 -25.33
C GLY R 472 61.48 24.01 -24.74
N PHE R 473 60.69 23.28 -25.52
CA PHE R 473 60.15 22.01 -25.07
C PHE R 473 61.19 20.89 -25.15
N ASP R 474 62.17 21.06 -26.03
CA ASP R 474 63.26 20.11 -26.20
C ASP R 474 62.76 18.69 -26.44
N VAL R 475 62.15 18.47 -27.61
CA VAL R 475 61.57 17.18 -27.94
C VAL R 475 62.07 16.71 -29.31
N LEU R 476 62.38 15.43 -29.41
CA LEU R 476 62.77 14.80 -30.67
C LEU R 476 63.90 15.53 -31.40
N LEU R 477 63.56 16.28 -32.44
CA LEU R 477 64.56 17.00 -33.22
C LEU R 477 65.14 18.22 -32.49
N SER R 478 64.56 18.54 -31.34
CA SER R 478 65.05 19.66 -30.54
C SER R 478 65.93 19.18 -29.39
N SER R 479 65.87 17.88 -29.11
CA SER R 479 66.69 17.27 -28.07
C SER R 479 67.99 16.72 -28.63
N THR R 480 69.12 17.21 -28.13
CA THR R 480 70.42 16.86 -28.65
C THR R 480 70.73 15.36 -28.54
N ASN R 481 70.13 14.71 -27.56
CA ASN R 481 70.38 13.29 -27.32
C ASN R 481 69.28 12.42 -27.92
N GLY R 482 68.38 13.03 -28.68
CA GLY R 482 67.30 12.30 -29.32
C GLY R 482 67.81 11.44 -30.46
N PRO R 483 67.40 10.17 -30.49
CA PRO R 483 67.79 9.26 -31.57
C PRO R 483 67.27 9.73 -32.93
N ALA R 484 66.11 10.38 -32.93
CA ALA R 484 65.53 10.92 -34.16
C ALA R 484 66.40 12.03 -34.74
N LEU R 485 67.04 12.79 -33.86
CA LEU R 485 67.95 13.84 -34.30
C LEU R 485 69.26 13.26 -34.81
N ASN R 486 69.74 12.22 -34.13
CA ASN R 486 70.98 11.57 -34.52
C ASN R 486 70.85 10.80 -35.82
N ALA R 487 69.61 10.39 -36.14
CA ALA R 487 69.37 9.57 -37.32
C ALA R 487 69.68 10.29 -38.63
N GLY R 488 69.29 11.56 -38.72
CA GLY R 488 69.50 12.33 -39.92
C GLY R 488 70.35 13.56 -39.71
N ARG R 489 71.17 13.54 -38.66
CA ARG R 489 72.02 14.66 -38.29
C ARG R 489 72.95 15.10 -39.42
N ASN R 490 73.37 14.14 -40.24
CA ASN R 490 74.34 14.42 -41.30
C ASN R 490 73.76 14.42 -42.71
N ILE R 491 72.45 14.62 -42.83
CA ILE R 491 71.81 14.68 -44.14
C ILE R 491 71.07 15.99 -44.38
N TRP R 492 69.78 16.01 -44.06
CA TRP R 492 68.93 17.16 -44.35
C TRP R 492 68.76 18.08 -43.14
N LEU R 493 69.00 17.53 -41.95
CA LEU R 493 68.82 18.28 -40.71
C LEU R 493 69.60 19.61 -40.55
N PRO R 494 70.83 19.69 -41.06
CA PRO R 494 71.50 20.99 -41.01
C PRO R 494 70.69 22.14 -41.63
N GLY R 495 70.41 22.06 -42.92
CA GLY R 495 69.67 23.08 -43.63
C GLY R 495 68.28 23.32 -43.06
N TRP R 496 67.61 22.23 -42.68
CA TRP R 496 66.27 22.30 -42.13
C TRP R 496 66.24 23.03 -40.79
N LEU R 497 67.11 22.63 -39.87
CA LEU R 497 67.19 23.26 -38.56
C LEU R 497 67.66 24.71 -38.68
N ASN R 498 68.52 24.98 -39.65
CA ASN R 498 68.94 26.35 -39.90
C ASN R 498 67.76 27.22 -40.37
N ALA R 499 66.89 26.62 -41.17
CA ALA R 499 65.77 27.37 -41.74
C ALA R 499 64.61 27.54 -40.77
N ILE R 500 64.34 26.51 -39.97
CA ILE R 500 63.19 26.51 -39.07
C ILE R 500 63.43 27.40 -37.85
N ASN R 501 64.68 27.76 -37.62
CA ASN R 501 65.04 28.64 -36.52
C ASN R 501 65.48 30.03 -36.98
N GLU R 502 65.18 30.35 -38.23
CA GLU R 502 65.43 31.68 -38.76
C GLU R 502 64.10 32.43 -38.82
N ASN R 503 63.84 33.26 -37.81
CA ASN R 503 62.52 33.87 -37.65
C ASN R 503 62.20 35.06 -38.55
N SER R 504 62.77 35.07 -39.76
CA SER R 504 62.41 36.09 -40.74
C SER R 504 61.63 35.48 -41.90
N ASN R 505 61.61 34.15 -41.96
CA ASN R 505 60.86 33.45 -43.00
C ASN R 505 59.52 32.91 -42.49
N SER R 506 58.80 32.21 -43.36
CA SER R 506 57.47 31.74 -43.02
C SER R 506 57.46 30.24 -42.69
N LEU R 507 58.64 29.67 -42.51
CA LEU R 507 58.76 28.25 -42.17
C LEU R 507 58.50 28.03 -40.68
N PHE R 508 57.33 27.49 -40.38
CA PHE R 508 56.89 27.28 -39.00
C PHE R 508 57.02 28.55 -38.17
N LEU R 509 56.24 29.56 -38.52
CA LEU R 509 56.21 30.82 -37.79
C LEU R 509 55.90 30.54 -36.33
N THR R 510 56.41 31.40 -35.44
CA THR R 510 56.12 31.26 -34.02
C THR R 510 54.67 31.68 -33.73
N ILE R 511 54.04 31.01 -32.77
CA ILE R 511 52.61 31.20 -32.53
C ILE R 511 52.23 31.48 -31.06
N GLY R 512 51.17 32.26 -30.88
CA GLY R 512 50.65 32.57 -29.56
C GLY R 512 49.14 32.38 -29.48
N PRO R 513 48.52 32.88 -28.39
CA PRO R 513 47.08 32.73 -28.10
C PRO R 513 46.15 33.19 -29.24
N GLY R 514 46.51 34.25 -29.94
CA GLY R 514 45.74 34.70 -31.08
C GLY R 514 45.60 33.59 -32.11
N ASP R 515 46.72 32.92 -32.37
CA ASP R 515 46.75 31.79 -33.29
C ASP R 515 45.83 30.67 -32.81
N PHE R 516 45.79 30.44 -31.50
CA PHE R 516 44.89 29.47 -30.90
C PHE R 516 43.43 29.82 -31.24
N LEU R 517 43.05 31.04 -30.90
CA LEU R 517 41.67 31.52 -31.14
C LEU R 517 41.26 31.38 -32.60
N VAL R 518 42.04 31.96 -33.49
CA VAL R 518 41.70 31.93 -34.91
C VAL R 518 41.70 30.51 -35.47
N HIS R 519 42.58 29.66 -34.95
CA HIS R 519 42.59 28.25 -35.37
C HIS R 519 41.30 27.55 -34.97
N HIS R 520 40.79 27.88 -33.79
CA HIS R 520 39.52 27.30 -33.37
C HIS R 520 38.32 27.89 -34.11
N ALA R 521 38.45 29.14 -34.55
CA ALA R 521 37.45 29.73 -35.43
C ALA R 521 37.41 28.98 -36.76
N ILE R 522 38.60 28.69 -37.30
CA ILE R 522 38.73 27.91 -38.52
C ILE R 522 38.14 26.52 -38.36
N ALA R 523 38.37 25.92 -37.20
CA ALA R 523 37.77 24.63 -36.86
C ALA R 523 36.25 24.75 -36.94
N LEU R 524 35.71 25.83 -36.37
CA LEU R 524 34.29 26.10 -36.44
C LEU R 524 33.80 26.13 -37.89
N GLY R 525 34.54 26.86 -38.73
CA GLY R 525 34.19 26.98 -40.13
C GLY R 525 34.14 25.63 -40.86
N LEU R 526 35.20 24.84 -40.71
CA LEU R 526 35.27 23.53 -41.35
C LEU R 526 34.11 22.65 -40.89
N HIS R 527 33.92 22.56 -39.58
CA HIS R 527 32.87 21.71 -39.01
C HIS R 527 31.47 22.11 -39.44
N THR R 528 31.20 23.41 -39.47
CA THR R 528 29.87 23.88 -39.84
C THR R 528 29.62 23.67 -41.33
N THR R 529 30.58 24.03 -42.16
CA THR R 529 30.47 23.84 -43.60
C THR R 529 30.23 22.36 -43.94
N THR R 530 30.99 21.48 -43.29
CA THR R 530 30.78 20.05 -43.50
C THR R 530 29.45 19.61 -42.91
N LEU R 531 28.97 20.31 -41.89
CA LEU R 531 27.63 20.00 -41.37
C LEU R 531 26.59 20.25 -42.47
N ILE R 532 26.64 21.41 -43.10
CA ILE R 532 25.70 21.74 -44.16
C ILE R 532 25.79 20.71 -45.27
N LEU R 533 27.01 20.50 -45.77
CA LEU R 533 27.23 19.65 -46.93
C LEU R 533 26.85 18.18 -46.70
N VAL R 534 27.30 17.64 -45.57
CA VAL R 534 27.00 16.25 -45.20
C VAL R 534 25.51 16.06 -44.96
N LYS R 535 24.91 16.95 -44.17
CA LYS R 535 23.47 16.87 -43.88
C LYS R 535 22.66 16.96 -45.17
N GLY R 536 23.06 17.85 -46.07
CA GLY R 536 22.40 17.97 -47.35
C GLY R 536 22.55 16.72 -48.20
N ALA R 537 23.71 16.07 -48.09
CA ALA R 537 23.99 14.88 -48.88
C ALA R 537 23.21 13.66 -48.39
N LEU R 538 23.15 13.48 -47.08
CA LEU R 538 22.51 12.31 -46.49
C LEU R 538 20.98 12.40 -46.55
N ASP R 539 20.46 13.62 -46.59
CA ASP R 539 19.02 13.83 -46.67
C ASP R 539 18.56 14.11 -48.09
N ALA R 540 19.44 13.92 -49.06
CA ALA R 540 19.13 14.22 -50.46
C ALA R 540 18.03 13.30 -51.01
N ARG R 541 17.98 12.07 -50.52
CA ARG R 541 16.99 11.11 -51.00
C ARG R 541 15.67 11.29 -50.27
N GLY R 542 15.72 11.77 -49.03
CA GLY R 542 14.51 12.02 -48.28
C GLY R 542 14.71 12.30 -46.79
N SER R 543 13.68 12.84 -46.16
CA SER R 543 13.67 13.11 -44.73
C SER R 543 12.24 12.95 -44.24
N LYS R 544 11.99 13.20 -42.95
CA LYS R 544 10.63 13.08 -42.43
C LYS R 544 9.71 14.13 -43.03
N LEU R 545 10.27 15.27 -43.40
CA LEU R 545 9.50 16.36 -43.99
C LEU R 545 9.25 16.12 -45.48
N MET R 546 10.13 15.34 -46.10
CA MET R 546 10.01 15.05 -47.52
C MET R 546 10.69 13.71 -47.82
N PRO R 547 9.99 12.60 -47.55
CA PRO R 547 10.54 11.24 -47.65
C PRO R 547 10.81 10.81 -49.09
N ASP R 548 10.23 11.52 -50.04
CA ASP R 548 10.34 11.18 -51.45
C ASP R 548 11.12 12.22 -52.23
N LYS R 549 12.07 12.88 -51.55
CA LYS R 549 12.81 13.99 -52.15
C LYS R 549 13.58 13.54 -53.40
N LYS R 550 13.97 12.28 -53.43
CA LYS R 550 14.73 11.73 -54.55
C LYS R 550 13.96 11.79 -55.86
N ASP R 551 12.63 11.84 -55.78
CA ASP R 551 11.78 11.85 -56.96
C ASP R 551 11.72 13.22 -57.63
N PHE R 552 12.34 14.23 -57.02
CA PHE R 552 12.27 15.60 -57.53
C PHE R 552 13.58 16.09 -58.12
N GLY R 553 14.67 15.39 -57.80
CA GLY R 553 15.98 15.69 -58.36
C GLY R 553 16.87 16.43 -57.39
N TYR R 554 18.06 16.80 -57.86
CA TYR R 554 19.02 17.51 -57.03
C TYR R 554 18.54 18.92 -56.72
N SER R 555 18.10 19.63 -57.76
CA SER R 555 17.69 21.02 -57.61
C SER R 555 16.23 21.23 -58.01
N PHE R 556 15.45 21.73 -57.06
CA PHE R 556 14.07 22.13 -57.31
C PHE R 556 13.75 23.28 -56.34
N PRO R 557 12.78 24.13 -56.69
CA PRO R 557 12.46 25.32 -55.89
C PRO R 557 12.20 25.01 -54.42
N CYS R 558 11.22 24.14 -54.19
CA CYS R 558 10.80 23.79 -52.85
C CYS R 558 9.72 22.74 -52.96
N ASP R 559 9.00 22.51 -51.87
CA ASP R 559 7.92 21.53 -51.87
C ASP R 559 6.57 22.14 -51.49
N GLY R 560 6.56 23.45 -51.25
CA GLY R 560 5.32 24.16 -50.99
C GLY R 560 5.18 24.66 -49.56
N PRO R 561 4.18 25.52 -49.32
CA PRO R 561 3.90 26.07 -47.99
C PRO R 561 3.26 25.06 -47.04
N GLY R 562 2.77 23.94 -47.57
CA GLY R 562 2.18 22.90 -46.76
C GLY R 562 3.19 22.21 -45.87
N ARG R 563 2.70 21.41 -44.91
CA ARG R 563 3.57 20.68 -43.99
C ARG R 563 4.53 21.55 -43.19
N GLY R 564 4.13 22.79 -42.93
CA GLY R 564 4.91 23.71 -42.13
C GLY R 564 5.68 24.72 -42.95
N GLY R 565 5.90 24.43 -44.23
CA GLY R 565 6.69 25.28 -45.10
C GLY R 565 8.01 24.60 -45.40
N THR R 566 8.41 24.59 -46.67
CA THR R 566 9.55 23.78 -47.10
C THR R 566 10.60 24.49 -47.97
N CYS R 567 10.90 25.76 -47.65
CA CYS R 567 11.91 26.49 -48.41
C CYS R 567 13.27 25.85 -48.21
N ASP R 568 14.10 25.90 -49.26
CA ASP R 568 15.48 25.42 -49.21
C ASP R 568 15.60 23.99 -48.69
N ILE R 569 14.82 23.07 -49.25
CA ILE R 569 14.80 21.71 -48.76
C ILE R 569 15.57 20.75 -49.68
N SER R 570 15.90 21.22 -50.89
CA SER R 570 16.68 20.40 -51.82
C SER R 570 18.16 20.41 -51.46
N ALA R 571 18.88 19.38 -51.90
CA ALA R 571 20.31 19.24 -51.62
C ALA R 571 21.12 20.37 -52.25
N TRP R 572 20.66 20.83 -53.41
CA TRP R 572 21.25 21.97 -54.08
C TRP R 572 21.23 23.19 -53.16
N ASP R 573 20.10 23.38 -52.48
CA ASP R 573 19.95 24.49 -51.55
C ASP R 573 20.92 24.35 -50.38
N ALA R 574 21.20 23.10 -50.00
CA ALA R 574 22.15 22.84 -48.93
C ALA R 574 23.54 23.29 -49.37
N PHE R 575 23.90 22.94 -50.60
CA PHE R 575 25.15 23.44 -51.19
C PHE R 575 25.20 24.96 -51.16
N TYR R 576 24.14 25.57 -51.66
CA TYR R 576 24.02 27.03 -51.76
C TYR R 576 24.24 27.71 -50.41
N LEU R 577 23.65 27.13 -49.36
CA LEU R 577 23.83 27.64 -48.02
C LEU R 577 25.26 27.44 -47.57
N ALA R 578 25.84 26.31 -47.97
CA ALA R 578 27.19 25.96 -47.56
C ALA R 578 28.25 26.90 -48.16
N VAL R 579 28.00 27.44 -49.34
CA VAL R 579 28.95 28.35 -49.97
C VAL R 579 29.20 29.61 -49.12
N PHE R 580 28.15 30.13 -48.49
CA PHE R 580 28.29 31.28 -47.59
C PHE R 580 29.27 30.96 -46.47
N TRP R 581 29.12 29.76 -45.91
CA TRP R 581 29.98 29.32 -44.83
C TRP R 581 31.41 29.04 -45.28
N MET R 582 31.57 28.60 -46.51
CA MET R 582 32.91 28.42 -47.06
C MET R 582 33.60 29.77 -47.24
N LEU R 583 32.88 30.72 -47.84
CA LEU R 583 33.40 32.06 -48.05
C LEU R 583 33.79 32.70 -46.72
N ASN R 584 32.99 32.41 -45.69
CA ASN R 584 33.28 32.86 -44.33
C ASN R 584 34.55 32.22 -43.74
N THR R 585 34.64 30.90 -43.85
CA THR R 585 35.79 30.16 -43.32
C THR R 585 37.10 30.58 -44.00
N ILE R 586 37.10 30.56 -45.33
CA ILE R 586 38.28 30.95 -46.09
C ILE R 586 38.57 32.43 -45.87
N GLY R 587 37.51 33.21 -45.64
CA GLY R 587 37.66 34.60 -45.25
C GLY R 587 38.52 34.68 -44.01
N TRP R 588 38.15 33.92 -42.98
CA TRP R 588 38.91 33.88 -41.75
C TRP R 588 40.36 33.42 -41.94
N VAL R 589 40.56 32.35 -42.72
CA VAL R 589 41.92 31.81 -42.90
C VAL R 589 42.84 32.77 -43.66
N THR R 590 42.30 33.45 -44.67
CA THR R 590 43.10 34.40 -45.45
C THR R 590 43.35 35.68 -44.66
N PHE R 591 42.37 36.12 -43.89
CA PHE R 591 42.54 37.24 -42.97
C PHE R 591 43.70 36.95 -42.03
N TYR R 592 43.64 35.77 -41.41
CA TYR R 592 44.66 35.29 -40.50
C TYR R 592 46.05 35.34 -41.14
N TRP R 593 46.18 34.61 -42.24
CA TRP R 593 47.44 34.53 -42.97
C TRP R 593 47.98 35.92 -43.28
N HIS R 594 47.15 36.73 -43.93
CA HIS R 594 47.58 38.04 -44.40
C HIS R 594 48.00 38.97 -43.28
N TRP R 595 47.25 38.98 -42.18
CA TRP R 595 47.58 39.86 -41.07
C TRP R 595 48.88 39.43 -40.42
N LYS R 596 49.00 38.14 -40.12
CA LYS R 596 50.22 37.66 -39.48
C LYS R 596 51.45 37.96 -40.34
N HIS R 597 51.31 37.76 -41.64
CA HIS R 597 52.42 38.01 -42.56
C HIS R 597 52.72 39.50 -42.75
N ILE R 598 51.69 40.33 -42.74
CA ILE R 598 51.89 41.76 -42.86
C ILE R 598 52.62 42.30 -41.64
N THR R 599 52.24 41.82 -40.46
CA THR R 599 52.94 42.21 -39.24
C THR R 599 54.35 41.66 -39.23
N LEU R 600 54.55 40.50 -39.87
CA LEU R 600 55.89 39.93 -40.01
C LEU R 600 56.77 40.83 -40.85
N TRP R 601 56.31 41.14 -42.06
CA TRP R 601 57.07 41.93 -43.03
C TRP R 601 57.26 43.37 -42.58
N ARG R 602 56.36 43.87 -41.74
CA ARG R 602 56.46 45.24 -41.26
C ARG R 602 57.48 45.37 -40.13
N GLY R 603 57.80 44.24 -39.50
CA GLY R 603 58.80 44.22 -38.44
C GLY R 603 58.24 44.31 -37.04
N ASN R 604 56.93 44.12 -36.91
CA ASN R 604 56.31 44.13 -35.59
C ASN R 604 55.23 43.07 -35.43
N VAL R 605 55.66 41.85 -35.13
CA VAL R 605 54.74 40.74 -34.90
C VAL R 605 53.97 40.92 -33.60
N SER R 606 54.42 41.85 -32.76
CA SER R 606 53.76 42.17 -31.50
C SER R 606 52.38 42.77 -31.76
N GLN R 607 52.26 43.47 -32.90
CA GLN R 607 50.99 44.03 -33.34
C GLN R 607 49.94 42.95 -33.43
N PHE R 608 50.24 41.91 -34.22
CA PHE R 608 49.33 40.79 -34.37
C PHE R 608 49.14 40.06 -33.06
N ASN R 609 50.25 39.77 -32.39
CA ASN R 609 50.23 38.99 -31.16
C ASN R 609 49.36 39.60 -30.06
N GLU R 610 49.29 40.92 -30.01
CA GLU R 610 48.48 41.60 -29.01
C GLU R 610 47.06 41.91 -29.49
N SER R 611 46.93 42.33 -30.74
CA SER R 611 45.64 42.80 -31.24
C SER R 611 44.70 41.66 -31.70
N SER R 612 45.27 40.50 -32.01
CA SER R 612 44.47 39.42 -32.56
C SER R 612 43.66 38.65 -31.52
N THR R 613 43.82 39.02 -30.25
CA THR R 613 43.14 38.33 -29.17
C THR R 613 41.70 38.82 -28.96
N TYR R 614 41.35 39.93 -29.62
CA TYR R 614 40.01 40.48 -29.53
C TYR R 614 39.60 41.05 -30.88
N LEU R 615 38.31 40.93 -31.21
CA LEU R 615 37.84 41.21 -32.58
C LEU R 615 37.90 42.68 -32.97
N MET R 616 37.86 43.55 -31.98
CA MET R 616 38.07 44.98 -32.23
C MET R 616 39.47 45.18 -32.79
N GLY R 617 40.39 44.31 -32.40
CA GLY R 617 41.76 44.35 -32.89
C GLY R 617 41.83 44.04 -34.36
N TRP R 618 41.11 43.00 -34.78
CA TRP R 618 41.03 42.64 -36.19
C TRP R 618 40.38 43.75 -36.99
N LEU R 619 39.29 44.31 -36.46
CA LEU R 619 38.57 45.36 -37.19
C LEU R 619 39.38 46.65 -37.35
N ARG R 620 39.98 47.11 -36.25
CA ARG R 620 40.69 48.38 -36.22
C ARG R 620 42.12 48.32 -36.75
N ASP R 621 42.89 47.37 -36.23
CA ASP R 621 44.32 47.32 -36.52
C ASP R 621 44.69 46.56 -37.80
N TYR R 622 43.77 45.73 -38.29
CA TYR R 622 44.02 45.02 -39.55
C TYR R 622 43.26 45.62 -40.72
N LEU R 623 41.92 45.61 -40.66
CA LEU R 623 41.12 46.13 -41.76
C LEU R 623 41.23 47.65 -41.90
N TRP R 624 40.86 48.36 -40.84
CA TRP R 624 40.76 49.81 -40.88
C TRP R 624 42.09 50.49 -41.21
N LEU R 625 43.17 49.98 -40.62
CA LEU R 625 44.50 50.54 -40.81
C LEU R 625 44.95 50.34 -42.26
N ASN R 626 45.05 49.08 -42.65
CA ASN R 626 45.63 48.73 -43.95
C ASN R 626 44.81 49.11 -45.16
N SER R 627 43.75 49.90 -44.96
CA SER R 627 42.98 50.39 -46.09
C SER R 627 43.31 51.85 -46.40
N SER R 628 44.13 52.46 -45.54
CA SER R 628 44.55 53.85 -45.70
C SER R 628 44.99 54.22 -47.12
N GLN R 629 45.99 53.51 -47.64
CA GLN R 629 46.48 53.78 -48.99
C GLN R 629 45.46 53.38 -50.05
N LEU R 630 44.72 52.32 -49.77
CA LEU R 630 43.79 51.76 -50.75
C LEU R 630 42.69 52.76 -51.11
N ILE R 631 41.98 53.24 -50.10
CA ILE R 631 40.87 54.15 -50.32
C ILE R 631 41.33 55.50 -50.85
N ASN R 632 42.64 55.74 -50.77
CA ASN R 632 43.21 56.97 -51.30
C ASN R 632 43.82 56.79 -52.68
N GLY R 633 43.40 55.73 -53.37
CA GLY R 633 43.83 55.49 -54.74
C GLY R 633 43.45 56.69 -55.59
N TYR R 634 42.25 57.21 -55.36
CA TYR R 634 41.85 58.50 -55.89
C TYR R 634 41.10 59.27 -54.82
N ASN R 635 41.29 60.59 -54.81
CA ASN R 635 40.64 61.47 -53.85
C ASN R 635 40.48 62.85 -54.51
N PRO R 636 39.83 63.81 -53.83
CA PRO R 636 39.65 65.11 -54.50
C PRO R 636 40.92 65.82 -54.97
N PHE R 637 42.08 65.35 -54.51
CA PHE R 637 43.33 66.01 -54.84
C PHE R 637 44.04 65.38 -56.03
N GLY R 638 43.95 64.06 -56.14
CA GLY R 638 44.55 63.38 -57.27
C GLY R 638 44.32 61.88 -57.26
N MET R 639 45.05 61.19 -58.13
CA MET R 639 45.02 59.73 -58.18
C MET R 639 46.42 59.17 -58.36
N ASN R 640 46.59 57.90 -57.99
CA ASN R 640 47.85 57.21 -58.22
C ASN R 640 47.58 55.82 -58.79
N SER R 641 48.59 54.95 -58.74
CA SER R 641 48.49 53.63 -59.37
C SER R 641 47.61 52.68 -58.58
N LEU R 642 47.10 53.13 -57.44
CA LEU R 642 46.22 52.32 -56.61
C LEU R 642 44.75 52.59 -56.91
N SER R 643 44.51 53.48 -57.87
CA SER R 643 43.15 53.86 -58.25
C SER R 643 42.31 52.66 -58.71
N VAL R 644 42.95 51.75 -59.44
CA VAL R 644 42.30 50.52 -59.89
C VAL R 644 41.73 49.72 -58.74
N TRP R 645 42.51 49.59 -57.67
CA TRP R 645 42.14 48.74 -56.55
C TRP R 645 41.10 49.42 -55.67
N ALA R 646 41.08 50.74 -55.66
CA ALA R 646 40.05 51.48 -54.93
C ALA R 646 38.72 51.28 -55.63
N TRP R 647 38.75 51.48 -56.96
CA TRP R 647 37.56 51.31 -57.77
C TRP R 647 37.06 49.87 -57.71
N MET R 648 37.99 48.91 -57.65
CA MET R 648 37.63 47.50 -57.59
C MET R 648 37.08 47.13 -56.22
N PHE R 649 37.60 47.79 -55.19
CA PHE R 649 37.15 47.63 -53.81
C PHE R 649 35.67 48.03 -53.71
N LEU R 650 35.38 49.24 -54.19
CA LEU R 650 34.02 49.74 -54.21
C LEU R 650 33.12 48.86 -55.08
N PHE R 651 33.67 48.43 -56.21
CA PHE R 651 32.98 47.56 -57.16
C PHE R 651 32.52 46.28 -56.48
N GLY R 652 33.42 45.68 -55.71
CA GLY R 652 33.13 44.47 -54.97
C GLY R 652 32.04 44.69 -53.95
N HIS R 653 32.14 45.79 -53.20
CA HIS R 653 31.09 46.12 -52.25
C HIS R 653 29.72 46.18 -52.95
N LEU R 654 29.69 46.87 -54.09
CA LEU R 654 28.46 47.03 -54.87
C LEU R 654 27.86 45.70 -55.33
N VAL R 655 28.66 44.89 -56.02
CA VAL R 655 28.16 43.60 -56.51
C VAL R 655 27.66 42.74 -55.37
N TRP R 656 28.42 42.73 -54.27
CA TRP R 656 28.04 42.01 -53.06
C TRP R 656 26.64 42.40 -52.56
N ALA R 657 26.41 43.72 -52.44
CA ALA R 657 25.12 44.21 -51.97
C ALA R 657 23.97 43.90 -52.96
N THR R 658 24.28 43.91 -54.25
CA THR R 658 23.29 43.50 -55.24
C THR R 658 22.92 42.03 -55.01
N GLY R 659 23.93 41.24 -54.68
CA GLY R 659 23.71 39.88 -54.25
C GLY R 659 22.68 39.86 -53.14
N PHE R 660 22.86 40.75 -52.16
CA PHE R 660 21.85 40.89 -51.10
C PHE R 660 20.46 41.13 -51.69
N MET R 661 20.37 41.91 -52.77
CA MET R 661 19.05 42.11 -53.41
C MET R 661 18.44 40.79 -53.84
N PHE R 662 19.18 40.02 -54.60
CA PHE R 662 18.62 38.76 -55.09
C PHE R 662 18.35 37.75 -53.98
N LEU R 663 19.09 37.88 -52.88
CA LEU R 663 18.99 36.92 -51.79
C LEU R 663 17.85 37.19 -50.81
N ILE R 664 17.56 38.47 -50.58
CA ILE R 664 16.55 38.86 -49.58
C ILE R 664 15.14 38.92 -50.16
N SER R 665 14.96 39.65 -51.25
CA SER R 665 13.64 39.73 -51.90
C SER R 665 13.42 38.52 -52.81
N TRP R 666 12.21 37.97 -52.76
CA TRP R 666 11.92 36.77 -53.54
C TRP R 666 10.92 37.04 -54.66
N ARG R 667 10.48 35.98 -55.34
CA ARG R 667 9.89 36.10 -56.70
C ARG R 667 8.58 36.88 -56.89
N GLY R 668 7.54 36.50 -56.16
CA GLY R 668 6.20 37.02 -56.39
C GLY R 668 6.09 38.52 -56.57
N TYR R 669 6.82 39.25 -55.71
CA TYR R 669 6.89 40.70 -55.78
C TYR R 669 7.29 41.17 -57.17
N TRP R 670 8.42 40.63 -57.64
CA TRP R 670 8.95 40.99 -58.94
C TRP R 670 8.04 40.54 -60.06
N GLN R 671 7.44 39.36 -59.93
CA GLN R 671 6.53 38.87 -60.96
C GLN R 671 5.35 39.83 -61.17
N GLU R 672 4.70 40.23 -60.08
CA GLU R 672 3.59 41.17 -60.19
C GLU R 672 4.02 42.55 -60.71
N LEU R 673 5.16 43.04 -60.23
CA LEU R 673 5.71 44.29 -60.74
C LEU R 673 5.89 44.23 -62.26
N ILE R 674 6.51 43.14 -62.72
CA ILE R 674 6.73 42.91 -64.15
C ILE R 674 5.42 42.83 -64.92
N GLU R 675 4.38 42.28 -64.30
CA GLU R 675 3.06 42.27 -64.91
C GLU R 675 2.56 43.69 -65.17
N THR R 676 2.66 44.55 -64.15
CA THR R 676 2.27 45.95 -64.33
C THR R 676 3.09 46.60 -65.43
N LEU R 677 4.35 46.22 -65.54
CA LEU R 677 5.21 46.75 -66.60
C LEU R 677 4.80 46.28 -67.99
N ALA R 678 4.28 45.06 -68.06
CA ALA R 678 3.79 44.51 -69.32
C ALA R 678 2.58 45.31 -69.75
N TRP R 679 1.68 45.58 -68.80
CA TRP R 679 0.56 46.47 -69.10
C TRP R 679 1.06 47.81 -69.64
N ALA R 680 2.01 48.40 -68.91
CA ALA R 680 2.56 49.69 -69.29
C ALA R 680 3.06 49.69 -70.73
N HIS R 681 3.81 48.66 -71.10
CA HIS R 681 4.34 48.63 -72.45
C HIS R 681 3.24 48.48 -73.48
N GLU R 682 2.30 47.56 -73.22
CA GLU R 682 1.21 47.34 -74.17
C GLU R 682 0.27 48.54 -74.29
N ARG R 683 0.38 49.51 -73.36
CA ARG R 683 -0.50 50.67 -73.41
C ARG R 683 0.21 51.99 -73.76
N THR R 684 1.47 51.90 -74.14
CA THR R 684 2.23 53.10 -74.46
C THR R 684 2.42 53.28 -75.97
N PRO R 685 1.84 54.36 -76.53
CA PRO R 685 1.95 54.69 -77.96
C PRO R 685 3.41 54.77 -78.43
N LEU R 686 3.62 54.60 -79.73
CA LEU R 686 4.95 54.53 -80.33
C LEU R 686 5.75 53.31 -79.86
N ALA R 687 5.86 53.16 -78.54
CA ALA R 687 6.47 51.97 -77.97
C ALA R 687 5.61 50.74 -78.27
N ASN R 688 4.31 50.98 -78.46
CA ASN R 688 3.35 49.94 -78.83
C ASN R 688 3.76 49.21 -80.10
N LEU R 689 4.46 49.93 -80.98
CA LEU R 689 4.87 49.40 -82.26
C LEU R 689 5.89 48.27 -82.09
N ILE R 690 6.60 48.29 -80.96
CA ILE R 690 7.59 47.27 -80.65
C ILE R 690 7.02 46.25 -79.66
N ARG R 691 7.21 44.96 -79.95
CA ARG R 691 6.77 43.91 -79.06
C ARG R 691 7.80 42.81 -78.84
N TRP R 692 7.77 42.22 -77.64
CA TRP R 692 8.71 41.18 -77.25
C TRP R 692 8.36 39.82 -77.85
N ARG R 693 9.37 38.97 -78.03
CA ARG R 693 9.15 37.62 -78.53
C ARG R 693 9.14 36.60 -77.39
N ASP R 694 9.78 36.97 -76.28
CA ASP R 694 9.78 36.14 -75.09
C ASP R 694 9.11 36.90 -73.96
N LYS R 695 8.00 36.36 -73.47
CA LYS R 695 7.26 36.99 -72.39
C LYS R 695 8.18 37.24 -71.19
N PRO R 696 8.20 38.48 -70.70
CA PRO R 696 9.05 38.85 -69.56
C PRO R 696 8.47 38.27 -68.27
N VAL R 697 9.27 37.53 -67.54
CA VAL R 697 8.87 37.01 -66.24
C VAL R 697 10.00 37.19 -65.24
N ALA R 698 9.66 37.13 -63.96
CA ALA R 698 10.66 37.23 -62.91
C ALA R 698 11.47 35.94 -62.89
N LEU R 699 12.74 36.04 -62.52
CA LEU R 699 13.63 34.89 -62.41
C LEU R 699 13.03 33.83 -61.51
N SER R 700 13.46 32.57 -61.68
CA SER R 700 12.90 31.51 -60.85
C SER R 700 13.49 31.58 -59.46
N ILE R 701 12.89 30.84 -58.53
CA ILE R 701 13.34 30.82 -57.15
C ILE R 701 14.79 30.34 -57.02
N VAL R 702 15.07 29.16 -57.58
CA VAL R 702 16.42 28.61 -57.56
C VAL R 702 17.37 29.53 -58.31
N GLN R 703 16.95 30.02 -59.47
CA GLN R 703 17.76 30.96 -60.24
C GLN R 703 18.11 32.17 -59.39
N ALA R 704 17.16 32.63 -58.59
CA ALA R 704 17.39 33.75 -57.70
C ALA R 704 18.46 33.42 -56.67
N ARG R 705 18.36 32.24 -56.07
CA ARG R 705 19.38 31.81 -55.12
C ARG R 705 20.76 31.78 -55.77
N LEU R 706 20.83 31.26 -56.99
CA LEU R 706 22.08 31.14 -57.72
C LEU R 706 22.70 32.48 -58.11
N VAL R 707 21.89 33.36 -58.71
CA VAL R 707 22.36 34.66 -59.14
C VAL R 707 22.79 35.48 -57.93
N GLY R 708 22.00 35.43 -56.87
CA GLY R 708 22.36 36.07 -55.62
C GLY R 708 23.70 35.58 -55.09
N LEU R 709 23.86 34.26 -55.03
CA LEU R 709 25.10 33.65 -54.56
C LEU R 709 26.29 34.07 -55.42
N VAL R 710 26.06 34.22 -56.71
CA VAL R 710 27.12 34.62 -57.63
C VAL R 710 27.55 36.06 -57.42
N HIS R 711 26.58 36.98 -57.33
CA HIS R 711 26.89 38.38 -57.03
C HIS R 711 27.63 38.48 -55.69
N PHE R 712 27.14 37.74 -54.71
CA PHE R 712 27.74 37.70 -53.38
C PHE R 712 29.20 37.25 -53.46
N SER R 713 29.44 36.14 -54.15
CA SER R 713 30.78 35.57 -54.27
C SER R 713 31.74 36.48 -55.04
N VAL R 714 31.29 36.97 -56.19
CA VAL R 714 32.11 37.86 -57.01
C VAL R 714 32.49 39.10 -56.21
N GLY R 715 31.50 39.70 -55.55
CA GLY R 715 31.74 40.86 -54.71
C GLY R 715 32.76 40.57 -53.62
N TYR R 716 32.56 39.45 -52.93
CA TYR R 716 33.46 38.95 -51.89
C TYR R 716 34.89 38.95 -52.40
N ILE R 717 35.12 38.10 -53.40
CA ILE R 717 36.43 37.88 -53.99
C ILE R 717 37.08 39.16 -54.46
N PHE R 718 36.36 39.95 -55.24
CA PHE R 718 36.93 41.17 -55.79
C PHE R 718 37.30 42.17 -54.70
N THR R 719 36.43 42.30 -53.70
CA THR R 719 36.69 43.20 -52.59
C THR R 719 37.96 42.81 -51.84
N TYR R 720 38.01 41.57 -51.38
CA TYR R 720 39.17 41.14 -50.62
C TYR R 720 40.45 41.12 -51.45
N ALA R 721 40.32 40.89 -52.75
CA ALA R 721 41.48 40.90 -53.64
C ALA R 721 42.02 42.31 -53.75
N ALA R 722 41.12 43.27 -53.97
CA ALA R 722 41.52 44.67 -54.08
C ALA R 722 42.21 45.12 -52.80
N PHE R 723 41.62 44.78 -51.66
CA PHE R 723 42.23 45.11 -50.38
C PHE R 723 43.60 44.47 -50.20
N LEU R 724 43.70 43.19 -50.53
CA LEU R 724 44.95 42.44 -50.40
C LEU R 724 46.07 43.08 -51.22
N ILE R 725 45.85 43.17 -52.53
CA ILE R 725 46.85 43.71 -53.44
C ILE R 725 47.20 45.15 -53.11
N ALA R 726 46.20 45.99 -52.86
CA ALA R 726 46.46 47.39 -52.58
C ALA R 726 47.20 47.61 -51.26
N SER R 727 46.72 46.97 -50.20
CA SER R 727 47.36 47.12 -48.89
C SER R 727 48.78 46.60 -48.92
N THR R 728 48.99 45.46 -49.57
CA THR R 728 50.32 44.86 -49.58
C THR R 728 51.29 45.59 -50.51
N SER R 729 50.91 45.80 -51.76
CA SER R 729 51.79 46.43 -52.74
C SER R 729 51.98 47.93 -52.48
N GLY R 730 51.09 48.52 -51.69
CA GLY R 730 51.20 49.94 -51.39
C GLY R 730 52.42 50.25 -50.56
N LYS R 731 52.95 49.21 -49.91
CA LYS R 731 54.10 49.36 -49.03
C LYS R 731 55.13 48.28 -49.31
N PHE R 732 54.68 47.21 -49.96
CA PHE R 732 55.49 46.02 -50.21
C PHE R 732 56.12 45.49 -48.92
N GLY R 733 55.29 45.33 -47.89
CA GLY R 733 55.73 44.80 -46.61
C GLY R 733 56.72 45.69 -45.89
N SER S 1 3.49 21.02 -69.40
CA SER S 1 2.71 21.15 -68.18
C SER S 1 3.38 20.43 -67.01
N HIS S 2 2.93 20.72 -65.80
CA HIS S 2 3.41 20.03 -64.61
C HIS S 2 2.74 18.66 -64.54
N SER S 3 3.30 17.75 -63.76
CA SER S 3 2.72 16.42 -63.62
C SER S 3 2.06 16.26 -62.26
N VAL S 4 0.85 15.72 -62.25
CA VAL S 4 0.15 15.51 -60.98
C VAL S 4 -0.27 14.05 -60.88
N LYS S 5 0.09 13.41 -59.76
CA LYS S 5 -0.23 12.00 -59.59
C LYS S 5 -1.04 11.73 -58.32
N ILE S 6 -1.92 10.73 -58.41
CA ILE S 6 -2.69 10.28 -57.26
C ILE S 6 -2.27 8.86 -56.87
N TYR S 7 -2.11 8.61 -55.58
CA TYR S 7 -1.66 7.32 -55.08
C TYR S 7 -2.79 6.63 -54.30
N ASP S 8 -2.73 5.30 -54.20
CA ASP S 8 -3.86 4.52 -53.70
C ASP S 8 -4.13 4.63 -52.19
N THR S 9 -3.35 5.44 -51.49
CA THR S 9 -3.58 5.70 -50.07
C THR S 9 -4.67 6.74 -49.88
N CYS S 10 -5.21 7.22 -50.99
CA CYS S 10 -6.27 8.22 -51.00
C CYS S 10 -7.52 7.75 -50.25
N ILE S 11 -8.08 8.63 -49.44
CA ILE S 11 -9.27 8.31 -48.65
C ILE S 11 -10.49 9.10 -49.12
N GLY S 12 -10.37 9.75 -50.27
CA GLY S 12 -11.49 10.42 -50.92
C GLY S 12 -12.23 11.46 -50.09
N CYS S 13 -11.48 12.33 -49.44
CA CYS S 13 -12.07 13.40 -48.64
C CYS S 13 -12.39 14.60 -49.54
N THR S 14 -11.91 14.53 -50.78
CA THR S 14 -12.15 15.54 -51.81
C THR S 14 -11.54 16.91 -51.52
N GLN S 15 -10.71 16.98 -50.48
CA GLN S 15 -10.13 18.25 -50.03
C GLN S 15 -9.22 18.88 -51.09
N CYS S 16 -8.49 18.04 -51.82
CA CYS S 16 -7.57 18.51 -52.83
C CYS S 16 -8.30 19.16 -54.00
N VAL S 17 -9.42 18.56 -54.40
CA VAL S 17 -10.19 19.03 -55.54
C VAL S 17 -10.77 20.42 -55.29
N ARG S 18 -11.37 20.61 -54.13
CA ARG S 18 -12.02 21.87 -53.82
C ARG S 18 -11.02 22.94 -53.35
N ALA S 19 -9.74 22.61 -53.42
CA ALA S 19 -8.68 23.53 -53.06
C ALA S 19 -7.96 24.06 -54.30
N CYS S 20 -8.09 23.34 -55.40
CA CYS S 20 -7.43 23.70 -56.64
C CYS S 20 -8.03 24.96 -57.27
N PRO S 21 -7.16 25.93 -57.61
CA PRO S 21 -7.61 27.21 -58.16
C PRO S 21 -7.85 27.20 -59.68
N THR S 22 -7.57 26.09 -60.35
CA THR S 22 -7.74 26.03 -61.81
C THR S 22 -8.47 24.80 -62.34
N ASP S 23 -9.14 24.07 -61.45
CA ASP S 23 -9.91 22.89 -61.85
C ASP S 23 -9.05 21.87 -62.59
N VAL S 24 -8.17 21.21 -61.85
CA VAL S 24 -7.26 20.21 -62.42
C VAL S 24 -7.68 18.83 -61.97
N LEU S 25 -8.10 18.72 -60.72
CA LEU S 25 -8.46 17.45 -60.12
C LEU S 25 -9.96 17.21 -60.12
N GLU S 26 -10.36 15.96 -59.93
CA GLU S 26 -11.77 15.59 -59.80
C GLU S 26 -11.92 14.25 -59.08
N MET S 27 -13.12 13.94 -58.61
CA MET S 27 -13.36 12.69 -57.89
C MET S 27 -14.04 11.64 -58.76
N ILE S 28 -13.49 10.42 -58.74
CA ILE S 28 -14.05 9.31 -59.50
C ILE S 28 -14.36 8.13 -58.59
N PRO S 29 -15.29 7.25 -59.01
CA PRO S 29 -15.63 6.06 -58.22
C PRO S 29 -14.45 5.10 -58.07
N TRP S 30 -14.35 4.48 -56.90
CA TRP S 30 -13.27 3.56 -56.57
C TRP S 30 -13.72 2.68 -55.41
N GLY S 31 -13.05 1.55 -55.21
CA GLY S 31 -13.47 0.63 -54.16
C GLY S 31 -12.43 0.40 -53.08
N GLY S 32 -11.29 1.06 -53.21
CA GLY S 32 -10.18 0.83 -52.30
C GLY S 32 -10.33 1.44 -50.92
N CYS S 33 -11.28 2.35 -50.76
CA CYS S 33 -11.50 3.01 -49.48
C CYS S 33 -12.98 3.09 -49.09
N LYS S 34 -13.21 3.35 -47.81
CA LYS S 34 -14.57 3.45 -47.25
C LYS S 34 -15.38 4.54 -47.95
N ALA S 35 -14.71 5.60 -48.38
CA ALA S 35 -15.38 6.72 -49.02
C ALA S 35 -15.83 6.38 -50.44
N LYS S 36 -15.41 5.21 -50.93
CA LYS S 36 -15.83 4.70 -52.22
C LYS S 36 -15.47 5.61 -53.40
N GLN S 37 -14.40 6.37 -53.25
CA GLN S 37 -13.98 7.30 -54.29
C GLN S 37 -12.49 7.62 -54.19
N ILE S 38 -11.91 8.01 -55.32
CA ILE S 38 -10.49 8.35 -55.38
C ILE S 38 -10.30 9.56 -56.28
N ALA S 39 -9.23 10.32 -56.04
CA ALA S 39 -8.94 11.53 -56.80
C ALA S 39 -8.36 11.21 -58.17
N SER S 40 -8.34 12.22 -59.04
CA SER S 40 -7.85 12.04 -60.40
C SER S 40 -7.44 13.39 -61.00
N ALA S 41 -6.48 13.38 -61.91
CA ALA S 41 -5.94 14.61 -62.49
C ALA S 41 -5.97 14.62 -64.01
N PRO S 42 -7.17 14.81 -64.60
CA PRO S 42 -7.36 14.77 -66.06
C PRO S 42 -7.00 16.07 -66.77
N ARG S 43 -6.75 17.13 -66.01
CA ARG S 43 -6.53 18.44 -66.61
C ARG S 43 -5.29 19.12 -66.06
N THR S 44 -4.13 18.47 -66.19
CA THR S 44 -2.89 19.04 -65.68
C THR S 44 -2.30 20.11 -66.60
N GLU S 45 -2.91 20.32 -67.75
CA GLU S 45 -2.45 21.38 -68.64
C GLU S 45 -2.78 22.74 -68.07
N ASP S 46 -3.76 22.77 -67.16
CA ASP S 46 -4.19 24.00 -66.50
C ASP S 46 -3.55 24.12 -65.14
N CYS S 47 -2.71 23.17 -64.79
CA CYS S 47 -2.04 23.15 -63.50
C CYS S 47 -1.02 24.27 -63.41
N VAL S 48 -1.08 25.04 -62.32
CA VAL S 48 -0.14 26.13 -62.10
C VAL S 48 1.01 25.70 -61.19
N GLY S 49 0.74 24.69 -60.36
CA GLY S 49 1.76 24.14 -59.48
C GLY S 49 1.81 24.81 -58.12
N CYS S 50 0.67 25.36 -57.69
CA CYS S 50 0.59 26.08 -56.43
C CYS S 50 0.72 25.15 -55.22
N LYS S 51 0.34 23.89 -55.42
CA LYS S 51 0.40 22.85 -54.39
C LYS S 51 -0.54 23.07 -53.21
N ARG S 52 -1.69 23.70 -53.45
CA ARG S 52 -2.71 23.83 -52.42
C ARG S 52 -3.30 22.46 -52.10
N CYS S 53 -3.39 21.63 -53.12
CA CYS S 53 -3.88 20.27 -53.00
C CYS S 53 -3.02 19.44 -52.06
N GLU S 54 -1.70 19.53 -52.20
CA GLU S 54 -0.78 18.82 -51.32
C GLU S 54 -0.92 19.35 -49.90
N SER S 55 -1.25 20.63 -49.79
CA SER S 55 -1.37 21.26 -48.50
C SER S 55 -2.71 20.90 -47.83
N ALA S 56 -3.63 20.39 -48.65
CA ALA S 56 -4.95 20.01 -48.16
C ALA S 56 -5.06 18.52 -47.80
N CYS S 57 -4.13 17.71 -48.29
CA CYS S 57 -4.20 16.27 -48.12
C CYS S 57 -3.88 15.80 -46.70
N PRO S 58 -4.75 14.96 -46.12
CA PRO S 58 -4.63 14.48 -44.74
C PRO S 58 -3.74 13.25 -44.59
N THR S 59 -3.61 12.45 -45.65
CA THR S 59 -2.89 11.18 -45.54
C THR S 59 -1.39 11.39 -45.34
N ASP S 60 -0.76 10.40 -44.72
CA ASP S 60 0.68 10.41 -44.46
C ASP S 60 1.30 9.13 -44.99
N PHE S 61 2.07 9.23 -46.08
CA PHE S 61 2.39 10.49 -46.73
C PHE S 61 1.28 10.91 -47.71
N LEU S 62 1.58 11.91 -48.54
CA LEU S 62 0.59 12.46 -49.47
C LEU S 62 0.01 11.43 -50.43
N SER S 63 -1.27 11.62 -50.77
CA SER S 63 -1.93 10.79 -51.76
C SER S 63 -2.08 11.56 -53.06
N VAL S 64 -1.82 12.86 -52.99
CA VAL S 64 -1.74 13.69 -54.18
C VAL S 64 -0.36 14.35 -54.22
N ARG S 65 0.30 14.28 -55.36
CA ARG S 65 1.67 14.80 -55.48
C ARG S 65 1.85 15.60 -56.76
N VAL S 66 2.53 16.74 -56.63
CA VAL S 66 2.77 17.64 -57.76
C VAL S 66 4.26 17.76 -58.11
N TYR S 67 4.62 17.23 -59.27
CA TYR S 67 5.98 17.34 -59.77
C TYR S 67 6.04 18.40 -60.87
N LEU S 68 6.60 19.56 -60.53
CA LEU S 68 6.73 20.66 -61.48
C LEU S 68 7.59 20.25 -62.66
N TRP S 69 7.06 20.42 -63.86
CA TRP S 69 7.73 19.92 -65.06
C TRP S 69 7.93 21.02 -66.11
N HIS S 70 7.52 20.75 -67.34
CA HIS S 70 7.71 21.69 -68.45
C HIS S 70 6.86 22.93 -68.27
N GLU S 71 7.48 24.09 -68.49
CA GLU S 71 6.87 25.37 -68.18
C GLU S 71 6.15 25.98 -69.37
N THR S 72 4.85 26.21 -69.23
CA THR S 72 4.05 26.84 -70.28
C THR S 72 3.39 28.11 -69.79
N THR S 73 2.79 28.85 -70.72
CA THR S 73 2.13 30.11 -70.40
C THR S 73 0.97 29.93 -69.42
N ARG S 74 0.35 28.75 -69.40
CA ARG S 74 -0.71 28.47 -68.44
C ARG S 74 -0.15 28.12 -67.06
N SER S 75 0.94 27.38 -67.04
CA SER S 75 1.55 26.96 -65.77
C SER S 75 2.30 28.10 -65.10
N MET S 76 2.68 29.11 -65.89
CA MET S 76 3.35 30.29 -65.36
C MET S 76 2.35 31.30 -64.83
N GLY S 77 1.06 31.00 -65.00
CA GLY S 77 0.01 31.86 -64.51
C GLY S 77 -0.05 33.21 -65.20
N LEU S 78 0.45 33.27 -66.43
CA LEU S 78 0.52 34.52 -67.15
C LEU S 78 -0.85 34.95 -67.69
N ALA S 79 -1.06 36.26 -67.72
CA ALA S 79 -2.28 36.83 -68.31
C ALA S 79 -1.91 37.78 -69.43
N TYR S 80 -0.67 37.67 -69.92
CA TYR S 80 -0.17 38.54 -70.98
C TYR S 80 0.68 37.78 -72.00
N PRO T 2 -24.38 16.61 -71.75
CA PRO T 2 -24.01 17.56 -72.80
C PRO T 2 -23.78 18.97 -72.25
N PRO T 3 -22.72 19.64 -72.73
CA PRO T 3 -22.33 20.98 -72.27
C PRO T 3 -23.31 22.09 -72.64
N GLU T 4 -23.17 23.23 -71.98
CA GLU T 4 -24.04 24.39 -72.20
C GLU T 4 -23.66 25.13 -73.47
N LEU T 5 -24.66 25.66 -74.17
CA LEU T 5 -24.40 26.48 -75.36
C LEU T 5 -23.99 27.89 -74.95
N ASP T 6 -23.22 28.56 -75.81
CA ASP T 6 -22.62 29.84 -75.46
C ASP T 6 -22.96 30.97 -76.43
N PRO T 7 -24.01 31.75 -76.12
CA PRO T 7 -24.44 32.90 -76.93
C PRO T 7 -23.84 34.20 -76.45
N ASN T 8 -24.20 35.31 -77.08
CA ASN T 8 -23.76 36.63 -76.62
C ASN T 8 -24.75 37.27 -75.63
N THR T 9 -24.56 36.98 -74.36
CA THR T 9 -25.42 37.50 -73.31
C THR T 9 -24.79 38.76 -72.73
N PRO T 10 -25.60 39.65 -72.13
CA PRO T 10 -25.05 40.92 -71.62
C PRO T 10 -24.00 40.74 -70.52
N SER T 11 -23.04 41.66 -70.49
CA SER T 11 -21.96 41.66 -69.51
C SER T 11 -22.30 42.58 -68.33
N PRO T 12 -21.67 42.34 -67.16
CA PRO T 12 -21.95 43.15 -65.96
C PRO T 12 -21.65 44.64 -66.13
N ILE T 13 -22.26 45.45 -65.27
CA ILE T 13 -22.01 46.89 -65.26
C ILE T 13 -20.66 47.19 -64.62
N PHE T 14 -19.80 47.88 -65.36
CA PHE T 14 -18.44 48.15 -64.90
C PHE T 14 -17.85 49.31 -65.69
N GLY T 15 -17.09 50.16 -65.03
CA GLY T 15 -16.53 51.35 -65.66
C GLY T 15 -15.22 51.08 -66.40
N GLY T 16 -14.72 49.86 -66.28
CA GLY T 16 -13.47 49.48 -66.94
C GLY T 16 -12.26 49.70 -66.05
N SER T 17 -11.27 48.83 -66.19
CA SER T 17 -10.04 48.95 -65.43
C SER T 17 -8.81 48.71 -66.30
N THR T 18 -7.65 48.67 -65.67
CA THR T 18 -6.40 48.39 -66.38
C THR T 18 -5.97 46.96 -66.09
N GLY T 19 -6.90 46.18 -65.52
CA GLY T 19 -6.60 44.81 -65.15
C GLY T 19 -7.23 43.78 -66.07
N GLY T 20 -7.79 44.25 -67.20
CA GLY T 20 -8.49 43.38 -68.12
C GLY T 20 -7.60 42.63 -69.10
N LEU T 21 -8.16 42.36 -70.28
CA LEU T 21 -7.48 41.58 -71.32
C LEU T 21 -6.30 42.32 -71.93
N LEU T 22 -5.37 41.55 -72.48
CA LEU T 22 -4.23 42.12 -73.19
C LEU T 22 -4.07 41.41 -74.54
N ARG T 23 -2.86 41.47 -75.10
CA ARG T 23 -2.62 40.91 -76.44
C ARG T 23 -2.81 39.40 -76.48
N LYS T 24 -2.63 38.75 -75.33
CA LYS T 24 -2.80 37.30 -75.23
C LYS T 24 -4.19 36.87 -75.69
N ALA T 25 -5.19 37.70 -75.38
CA ALA T 25 -6.56 37.42 -75.81
C ALA T 25 -6.66 37.43 -77.33
N GLN T 26 -5.82 38.24 -77.96
CA GLN T 26 -5.87 38.40 -79.40
C GLN T 26 -5.09 37.31 -80.14
N VAL T 27 -3.97 36.91 -79.56
CA VAL T 27 -3.05 35.99 -80.23
C VAL T 27 -3.12 34.57 -79.71
N GLU T 28 -3.28 34.40 -78.40
CA GLU T 28 -3.27 33.06 -77.81
C GLU T 28 -4.66 32.50 -77.47
N GLU T 29 -5.23 32.99 -76.38
CA GLU T 29 -6.51 32.49 -75.88
C GLU T 29 -7.03 33.37 -74.76
N PHE T 30 -8.34 33.46 -74.63
CA PHE T 30 -8.93 34.08 -73.44
C PHE T 30 -10.04 33.20 -72.90
N TYR T 31 -10.78 33.69 -71.91
CA TYR T 31 -11.79 32.87 -71.27
C TYR T 31 -13.12 33.62 -71.11
N VAL T 32 -14.21 32.86 -71.00
CA VAL T 32 -15.51 33.48 -70.79
C VAL T 32 -16.33 32.74 -69.73
N ILE T 33 -16.86 33.48 -68.77
CA ILE T 33 -17.64 32.88 -67.70
C ILE T 33 -19.08 33.40 -67.72
N THR T 34 -20.04 32.49 -67.61
CA THR T 34 -21.45 32.85 -67.62
C THR T 34 -22.14 32.43 -66.34
N TRP T 35 -23.11 33.24 -65.89
CA TRP T 35 -23.88 32.90 -64.69
C TRP T 35 -25.29 33.49 -64.72
N ASP T 36 -26.16 33.02 -63.83
CA ASP T 36 -27.54 33.50 -63.80
C ASP T 36 -27.89 34.09 -62.43
N SER T 37 -28.03 35.41 -62.38
CA SER T 37 -28.29 36.10 -61.12
C SER T 37 -29.77 36.43 -60.89
N PRO T 38 -30.27 36.17 -59.67
CA PRO T 38 -31.65 36.48 -59.32
C PRO T 38 -31.95 37.98 -59.34
N LYS T 39 -30.93 38.81 -59.18
CA LYS T 39 -31.12 40.26 -59.15
C LYS T 39 -29.84 41.02 -59.46
N GLU T 40 -29.96 42.33 -59.66
CA GLU T 40 -28.78 43.18 -59.79
C GLU T 40 -28.08 43.27 -58.46
N GLN T 41 -26.78 43.01 -58.44
CA GLN T 41 -26.03 43.12 -57.20
C GLN T 41 -24.54 43.31 -57.42
N ILE T 42 -23.88 43.92 -56.44
CA ILE T 42 -22.46 44.23 -56.51
C ILE T 42 -21.59 43.00 -56.22
N PHE T 43 -20.55 42.84 -57.02
CA PHE T 43 -19.54 41.80 -56.75
C PHE T 43 -18.16 42.37 -57.03
N GLU T 44 -17.15 41.83 -56.36
CA GLU T 44 -15.77 42.28 -56.58
C GLU T 44 -15.19 41.61 -57.82
N MET T 45 -14.60 42.42 -58.70
CA MET T 45 -13.97 41.91 -59.91
C MET T 45 -12.67 41.19 -59.57
N PRO T 46 -12.44 40.03 -60.21
CA PRO T 46 -11.22 39.24 -60.03
C PRO T 46 -9.99 40.02 -60.49
N THR T 47 -10.23 40.99 -61.36
CA THR T 47 -9.17 41.82 -61.92
C THR T 47 -9.06 43.15 -61.21
N GLY T 48 -9.75 43.27 -60.07
CA GLY T 48 -9.69 44.47 -59.26
C GLY T 48 -10.80 45.45 -59.61
N GLY T 49 -11.45 45.99 -58.58
CA GLY T 49 -12.56 46.91 -58.75
C GLY T 49 -13.89 46.25 -58.46
N ALA T 50 -14.95 47.06 -58.41
CA ALA T 50 -16.28 46.54 -58.12
C ALA T 50 -17.20 46.66 -59.32
N ALA T 51 -17.97 45.61 -59.57
CA ALA T 51 -18.91 45.60 -60.69
C ALA T 51 -20.31 45.26 -60.23
N ILE T 52 -21.27 45.41 -61.14
CA ILE T 52 -22.66 45.04 -60.86
C ILE T 52 -23.13 43.96 -61.82
N MET T 53 -23.45 42.79 -61.27
CA MET T 53 -24.06 41.74 -62.07
C MET T 53 -25.53 42.05 -62.27
N ARG T 54 -26.00 41.85 -63.50
CA ARG T 54 -27.39 42.12 -63.87
C ARG T 54 -28.25 40.95 -63.47
N GLU T 55 -29.56 41.14 -63.49
CA GLU T 55 -30.47 40.02 -63.27
C GLU T 55 -30.64 39.25 -64.57
N GLY T 56 -30.70 37.93 -64.46
CA GLY T 56 -30.74 37.07 -65.62
C GLY T 56 -29.35 36.59 -65.98
N PRO T 57 -29.10 36.39 -67.28
CA PRO T 57 -27.81 35.93 -67.82
C PRO T 57 -26.72 36.99 -67.75
N ASN T 58 -25.54 36.56 -67.33
CA ASN T 58 -24.34 37.40 -67.27
C ASN T 58 -23.19 36.70 -67.97
N LEU T 59 -22.44 37.45 -68.76
CA LEU T 59 -21.28 36.92 -69.47
C LEU T 59 -20.08 37.86 -69.29
N LEU T 60 -18.99 37.32 -68.74
CA LEU T 60 -17.80 38.11 -68.49
C LEU T 60 -16.58 37.46 -69.12
N LYS T 61 -15.83 38.23 -69.91
CA LYS T 61 -14.61 37.71 -70.51
C LYS T 61 -13.38 38.04 -69.65
N LEU T 62 -12.61 37.02 -69.31
CA LEU T 62 -11.41 37.16 -68.50
C LEU T 62 -10.18 36.63 -69.23
N ALA T 63 -9.01 36.83 -68.64
CA ALA T 63 -7.76 36.48 -69.30
C ALA T 63 -7.22 35.09 -68.91
N ARG T 64 -7.59 34.62 -67.72
CA ARG T 64 -7.09 33.34 -67.21
C ARG T 64 -8.20 32.44 -66.70
N LYS T 65 -7.95 31.13 -66.74
CA LYS T 65 -8.90 30.17 -66.20
C LYS T 65 -9.03 30.34 -64.69
N GLU T 66 -7.92 30.68 -64.05
CA GLU T 66 -7.91 30.86 -62.59
C GLU T 66 -8.82 32.00 -62.16
N GLN T 67 -8.85 33.08 -62.95
CA GLN T 67 -9.73 34.19 -62.67
C GLN T 67 -11.19 33.75 -62.76
N CYS T 68 -11.48 32.92 -63.76
CA CYS T 68 -12.84 32.39 -63.96
C CYS T 68 -13.26 31.56 -62.77
N LEU T 69 -12.43 30.63 -62.35
CA LEU T 69 -12.76 29.76 -61.22
C LEU T 69 -12.82 30.53 -59.91
N ALA T 70 -12.04 31.61 -59.81
CA ALA T 70 -12.05 32.46 -58.63
C ALA T 70 -13.40 33.16 -58.51
N LEU T 71 -13.78 33.86 -59.57
CA LEU T 71 -15.05 34.57 -59.60
C LEU T 71 -16.20 33.60 -59.38
N GLY T 72 -16.15 32.47 -60.07
CA GLY T 72 -17.17 31.45 -59.95
C GLY T 72 -17.28 30.90 -58.54
N THR T 73 -16.13 30.72 -57.89
CA THR T 73 -16.10 30.24 -56.51
C THR T 73 -16.77 31.24 -55.59
N ARG T 74 -16.49 32.53 -55.81
CA ARG T 74 -17.13 33.57 -55.02
C ARG T 74 -18.64 33.63 -55.29
N LEU T 75 -19.02 33.32 -56.52
CA LEU T 75 -20.42 33.31 -56.91
C LEU T 75 -21.17 32.19 -56.20
N ARG T 76 -20.64 30.98 -56.27
CA ARG T 76 -21.29 29.83 -55.67
C ARG T 76 -21.29 29.94 -54.14
N SER T 77 -20.23 30.54 -53.59
CA SER T 77 -20.09 30.64 -52.14
C SER T 77 -20.91 31.77 -51.51
N LYS T 78 -20.85 32.96 -52.11
CA LYS T 78 -21.50 34.13 -51.53
C LYS T 78 -22.92 34.35 -52.03
N TYR T 79 -23.11 34.20 -53.34
CA TYR T 79 -24.38 34.53 -53.95
C TYR T 79 -25.22 33.30 -54.25
N LYS T 80 -24.70 32.11 -53.90
CA LYS T 80 -25.39 30.84 -54.11
C LYS T 80 -25.90 30.70 -55.54
N ILE T 81 -25.02 30.91 -56.51
CA ILE T 81 -25.41 30.96 -57.91
C ILE T 81 -24.54 30.08 -58.81
N LYS T 82 -25.17 29.30 -59.68
CA LYS T 82 -24.44 28.40 -60.57
C LYS T 82 -23.79 29.16 -61.74
N TYR T 83 -22.59 28.71 -62.11
CA TYR T 83 -21.80 29.36 -63.16
C TYR T 83 -21.18 28.30 -64.07
N GLN T 84 -20.78 28.73 -65.26
CA GLN T 84 -19.99 27.88 -66.16
C GLN T 84 -18.90 28.73 -66.78
N PHE T 85 -17.86 28.09 -67.31
CA PHE T 85 -16.90 28.82 -68.13
C PHE T 85 -16.23 28.01 -69.24
N TYR T 86 -15.85 28.76 -70.29
CA TYR T 86 -15.30 28.22 -71.53
C TYR T 86 -13.96 28.91 -71.85
N ARG T 87 -13.18 28.26 -72.72
CA ARG T 87 -11.98 28.86 -73.29
C ARG T 87 -12.25 29.27 -74.74
N VAL T 88 -11.72 30.42 -75.15
CA VAL T 88 -11.96 30.95 -76.49
C VAL T 88 -10.65 31.27 -77.22
N PHE T 89 -10.55 30.76 -78.45
CA PHE T 89 -9.36 30.92 -79.29
C PHE T 89 -9.57 32.01 -80.35
N PRO T 90 -8.47 32.57 -80.88
CA PRO T 90 -8.55 33.66 -81.85
C PRO T 90 -9.28 33.27 -83.13
N ASN T 91 -9.22 31.99 -83.49
CA ASN T 91 -9.90 31.53 -84.69
C ASN T 91 -11.41 31.49 -84.50
N GLY T 92 -11.85 31.55 -83.25
CA GLY T 92 -13.26 31.61 -82.92
C GLY T 92 -13.76 30.40 -82.15
N GLU T 93 -12.96 29.34 -82.15
CA GLU T 93 -13.36 28.09 -81.51
C GLU T 93 -13.51 28.24 -80.00
N VAL T 94 -14.59 27.68 -79.47
CA VAL T 94 -14.85 27.74 -78.04
C VAL T 94 -14.81 26.36 -77.40
N GLN T 95 -14.08 26.24 -76.30
CA GLN T 95 -13.93 24.98 -75.59
C GLN T 95 -14.56 25.06 -74.20
N TYR T 96 -15.59 24.25 -73.97
CA TYR T 96 -16.26 24.22 -72.67
C TYR T 96 -15.37 23.59 -71.62
N LEU T 97 -15.18 24.30 -70.51
CA LEU T 97 -14.23 23.88 -69.49
C LEU T 97 -14.87 23.41 -68.19
N HIS T 98 -15.75 24.21 -67.62
CA HIS T 98 -16.19 23.95 -66.25
C HIS T 98 -17.65 24.30 -66.00
N PRO T 99 -18.41 23.44 -65.30
CA PRO T 99 -18.02 22.10 -64.80
C PRO T 99 -18.01 21.10 -65.94
N LYS T 100 -16.92 20.34 -66.04
CA LYS T 100 -16.65 19.47 -67.19
C LYS T 100 -17.83 18.58 -67.61
N ASP T 101 -18.25 17.69 -66.71
CA ASP T 101 -19.31 16.74 -67.04
C ASP T 101 -20.66 17.11 -66.43
N GLY T 102 -20.88 18.39 -66.19
CA GLY T 102 -22.16 18.87 -65.67
C GLY T 102 -22.28 18.76 -64.16
N VAL T 103 -21.36 18.04 -63.55
CA VAL T 103 -21.32 17.89 -62.09
C VAL T 103 -20.00 18.41 -61.53
N TYR T 104 -20.08 19.14 -60.43
CA TYR T 104 -18.88 19.67 -59.77
C TYR T 104 -17.92 18.54 -59.38
N PRO T 105 -16.63 18.73 -59.64
CA PRO T 105 -15.59 17.72 -59.44
C PRO T 105 -15.40 17.32 -57.98
N GLU T 106 -15.93 18.09 -57.05
CA GLU T 106 -15.80 17.78 -55.62
C GLU T 106 -16.56 16.50 -55.29
N LYS T 107 -17.73 16.35 -55.89
CA LYS T 107 -18.57 15.18 -55.66
C LYS T 107 -18.42 14.16 -56.78
N VAL T 108 -18.37 12.88 -56.41
CA VAL T 108 -18.17 11.81 -57.38
C VAL T 108 -19.26 11.75 -58.43
N ASN T 109 -18.87 11.25 -59.61
CA ASN T 109 -19.81 11.09 -60.71
C ASN T 109 -19.30 10.06 -61.71
N ALA T 110 -20.12 9.06 -62.00
CA ALA T 110 -19.74 8.02 -62.94
C ALA T 110 -19.55 8.59 -64.34
N GLY T 111 -18.60 8.05 -65.10
CA GLY T 111 -18.33 8.52 -66.44
C GLY T 111 -16.94 9.10 -66.61
N ARG T 112 -16.34 9.52 -65.50
CA ARG T 112 -15.01 10.11 -65.50
C ARG T 112 -13.91 9.04 -65.48
N GLN T 113 -12.98 9.12 -66.42
CA GLN T 113 -11.87 8.19 -66.47
C GLN T 113 -10.71 8.67 -65.61
N GLY T 114 -10.08 7.75 -64.90
CA GLY T 114 -8.95 8.08 -64.06
C GLY T 114 -7.75 8.53 -64.88
N VAL T 115 -7.06 9.56 -64.41
CA VAL T 115 -5.87 10.04 -65.10
C VAL T 115 -4.74 10.26 -64.09
N GLY T 116 -3.59 9.65 -64.35
CA GLY T 116 -2.44 9.81 -63.49
C GLY T 116 -2.61 9.18 -62.13
N GLN T 117 -3.38 8.10 -62.06
CA GLN T 117 -3.59 7.41 -60.80
C GLN T 117 -2.66 6.20 -60.68
N ASN T 118 -1.75 6.26 -59.73
CA ASN T 118 -0.85 5.14 -59.46
C ASN T 118 -1.39 4.27 -58.33
N PHE T 119 -1.67 3.02 -58.62
CA PHE T 119 -2.23 2.11 -57.63
C PHE T 119 -1.14 1.49 -56.75
N ARG T 120 -0.43 2.36 -56.04
CA ARG T 120 0.67 1.95 -55.17
C ARG T 120 1.00 3.12 -54.25
N SER T 121 1.45 2.84 -53.03
CA SER T 121 1.79 3.91 -52.09
C SER T 121 3.04 4.65 -52.57
N ILE T 122 3.15 5.92 -52.22
CA ILE T 122 4.18 6.79 -52.76
C ILE T 122 5.62 6.37 -52.41
N GLY T 123 5.79 5.65 -51.31
CA GLY T 123 7.11 5.21 -50.91
C GLY T 123 7.63 4.08 -51.78
N LYS T 124 6.74 3.48 -52.56
CA LYS T 124 7.10 2.34 -53.39
C LYS T 124 7.55 2.75 -54.79
N ASN T 125 7.80 4.05 -54.97
CA ASN T 125 8.36 4.53 -56.23
C ASN T 125 9.80 4.08 -56.41
N VAL T 126 10.17 3.70 -57.63
CA VAL T 126 11.53 3.24 -57.93
C VAL T 126 12.53 4.39 -57.83
N SER T 127 13.78 4.05 -57.50
CA SER T 127 14.85 5.03 -57.44
C SER T 127 15.17 5.54 -58.85
N PRO T 128 15.70 6.77 -58.95
CA PRO T 128 16.03 7.37 -60.26
C PRO T 128 16.95 6.51 -61.12
N ILE T 129 17.85 5.75 -60.50
CA ILE T 129 18.80 4.93 -61.25
C ILE T 129 18.08 3.86 -62.07
N GLU T 130 16.92 3.44 -61.58
CA GLU T 130 16.12 2.44 -62.26
C GLU T 130 15.61 2.94 -63.60
N VAL T 131 15.50 4.26 -63.75
CA VAL T 131 14.95 4.83 -64.97
C VAL T 131 15.95 5.68 -65.75
N LYS T 132 17.22 5.55 -65.38
CA LYS T 132 18.29 6.30 -66.05
C LYS T 132 18.35 5.96 -67.53
N PHE T 133 18.60 6.98 -68.35
CA PHE T 133 18.76 6.85 -69.79
C PHE T 133 17.49 6.40 -70.53
N THR T 134 16.37 6.39 -69.81
CA THR T 134 15.06 6.21 -70.43
C THR T 134 14.36 7.56 -70.40
N GLY T 135 13.16 7.63 -70.96
CA GLY T 135 12.40 8.87 -70.95
C GLY T 135 11.45 8.91 -69.77
N LYS T 136 11.55 7.90 -68.91
CA LYS T 136 10.60 7.71 -67.81
C LYS T 136 11.05 8.37 -66.51
N GLN T 137 10.08 8.81 -65.72
CA GLN T 137 10.31 9.30 -64.38
C GLN T 137 9.76 8.27 -63.40
N PRO T 138 10.28 8.23 -62.17
CA PRO T 138 9.82 7.26 -61.17
C PRO T 138 8.32 7.34 -60.89
N TYR T 139 7.70 8.46 -61.22
CA TYR T 139 6.27 8.66 -60.97
C TYR T 139 5.45 8.45 -62.24
N ASP T 140 6.12 8.13 -63.35
CA ASP T 140 5.44 7.85 -64.60
C ASP T 140 5.09 6.37 -64.73
N LEU T 141 5.64 5.56 -63.82
CA LEU T 141 5.39 4.13 -63.84
C LEU T 141 4.00 3.79 -63.28
N ILE U 1 -10.40 -9.58 -38.71
CA ILE U 1 -9.02 -9.62 -39.20
C ILE U 1 -8.20 -8.47 -38.66
N GLY U 2 -6.88 -8.61 -38.74
CA GLY U 2 -5.97 -7.59 -38.24
C GLY U 2 -5.86 -7.60 -36.73
N PRO U 3 -5.21 -6.58 -36.16
CA PRO U 3 -5.07 -6.45 -34.70
C PRO U 3 -6.33 -5.87 -34.07
N LYS U 4 -6.50 -6.08 -32.77
CA LYS U 4 -7.67 -5.60 -32.06
C LYS U 4 -7.58 -4.10 -31.78
N ARG U 5 -8.68 -3.53 -31.27
CA ARG U 5 -8.71 -2.12 -30.91
C ARG U 5 -7.85 -1.85 -29.68
N GLY U 6 -7.05 -0.79 -29.75
CA GLY U 6 -6.19 -0.40 -28.64
C GLY U 6 -4.84 -1.09 -28.68
N ALA U 7 -4.61 -1.87 -29.74
CA ALA U 7 -3.34 -2.59 -29.89
C ALA U 7 -2.20 -1.65 -30.23
N LYS U 8 -1.06 -1.84 -29.57
CA LYS U 8 0.12 -1.04 -29.80
C LYS U 8 0.88 -1.59 -31.01
N VAL U 9 0.98 -0.79 -32.07
CA VAL U 9 1.63 -1.23 -33.29
C VAL U 9 2.81 -0.36 -33.73
N LYS U 10 3.80 -0.99 -34.34
CA LYS U 10 4.96 -0.29 -34.89
C LYS U 10 4.72 -0.01 -36.37
N ILE U 11 5.05 1.19 -36.83
CA ILE U 11 4.80 1.57 -38.21
C ILE U 11 5.94 1.16 -39.13
N LEU U 12 5.60 0.45 -40.21
CA LEU U 12 6.61 -0.06 -41.14
C LEU U 12 6.63 0.70 -42.47
N ARG U 13 5.68 1.61 -42.66
CA ARG U 13 5.66 2.45 -43.84
C ARG U 13 6.80 3.47 -43.76
N LYS U 14 7.76 3.38 -44.68
CA LYS U 14 8.97 4.18 -44.62
C LYS U 14 8.72 5.69 -44.72
N GLU U 15 7.75 6.09 -45.53
CA GLU U 15 7.48 7.51 -45.74
C GLU U 15 6.52 8.07 -44.69
N SER U 16 6.32 7.33 -43.61
CA SER U 16 5.46 7.77 -42.54
C SER U 16 6.21 8.65 -41.56
N TYR U 17 5.52 9.64 -41.00
CA TYR U 17 6.10 10.51 -39.99
C TYR U 17 6.49 9.70 -38.77
N TRP U 18 5.74 8.62 -38.52
CA TRP U 18 5.95 7.77 -37.35
C TRP U 18 6.61 6.45 -37.71
N TYR U 19 7.34 6.43 -38.82
CA TYR U 19 8.08 5.25 -39.25
C TYR U 19 8.99 4.78 -38.13
N LYS U 20 9.00 3.47 -37.89
CA LYS U 20 9.76 2.84 -36.81
C LYS U 20 9.28 3.25 -35.41
N GLY U 21 8.14 3.95 -35.36
CA GLY U 21 7.56 4.38 -34.11
C GLY U 21 6.28 3.64 -33.78
N THR U 22 5.67 3.96 -32.64
CA THR U 22 4.48 3.25 -32.18
C THR U 22 3.21 4.10 -32.15
N GLY U 23 2.08 3.45 -32.45
CA GLY U 23 0.78 4.08 -32.37
C GLY U 23 -0.25 3.09 -31.84
N SER U 24 -1.49 3.55 -31.67
CA SER U 24 -2.55 2.67 -31.17
C SER U 24 -3.64 2.43 -32.20
N VAL U 25 -4.06 1.18 -32.34
CA VAL U 25 -5.11 0.84 -33.29
C VAL U 25 -6.48 1.30 -32.78
N VAL U 26 -7.21 2.01 -33.63
CA VAL U 26 -8.52 2.52 -33.27
C VAL U 26 -9.61 1.59 -33.80
N ALA U 27 -9.49 1.24 -35.08
CA ALA U 27 -10.46 0.36 -35.72
C ALA U 27 -9.86 -0.26 -36.97
N VAL U 28 -10.25 -1.49 -37.28
CA VAL U 28 -9.79 -2.17 -38.48
C VAL U 28 -10.96 -2.39 -39.43
N ASP U 29 -10.86 -1.85 -40.64
CA ASP U 29 -11.90 -2.02 -41.64
C ASP U 29 -11.96 -3.48 -42.07
N GLN U 30 -13.16 -4.06 -42.02
CA GLN U 30 -13.35 -5.47 -42.34
C GLN U 30 -13.65 -5.67 -43.83
N ASP U 31 -13.96 -4.56 -44.51
CA ASP U 31 -14.20 -4.59 -45.95
C ASP U 31 -12.95 -5.05 -46.68
N PRO U 32 -13.02 -6.19 -47.37
CA PRO U 32 -11.88 -6.78 -48.06
C PRO U 32 -11.42 -5.97 -49.28
N ASN U 33 -12.22 -4.97 -49.67
CA ASN U 33 -11.83 -4.08 -50.76
C ASN U 33 -10.96 -2.93 -50.26
N THR U 34 -10.98 -2.70 -48.96
CA THR U 34 -10.18 -1.64 -48.35
C THR U 34 -8.70 -1.97 -48.37
N ARG U 35 -7.94 -1.17 -49.12
CA ARG U 35 -6.51 -1.42 -49.29
C ARG U 35 -5.71 -1.09 -48.03
N TYR U 36 -6.17 -0.11 -47.26
CA TYR U 36 -5.51 0.28 -46.02
C TYR U 36 -6.52 0.41 -44.88
N PRO U 37 -6.83 -0.72 -44.22
CA PRO U 37 -7.86 -0.79 -43.18
C PRO U 37 -7.42 -0.30 -41.80
N VAL U 38 -6.18 -0.64 -41.40
CA VAL U 38 -5.72 -0.39 -40.03
C VAL U 38 -5.65 1.09 -39.66
N VAL U 39 -6.66 1.57 -38.94
CA VAL U 39 -6.67 2.94 -38.46
C VAL U 39 -5.79 3.06 -37.21
N VAL U 40 -4.78 3.93 -37.28
CA VAL U 40 -3.87 4.12 -36.17
C VAL U 40 -3.86 5.57 -35.71
N ARG U 41 -3.77 5.78 -34.39
CA ARG U 41 -3.69 7.12 -33.83
C ARG U 41 -2.42 7.28 -33.00
N PHE U 42 -1.82 8.46 -33.05
CA PHE U 42 -0.51 8.70 -32.46
C PHE U 42 -0.52 9.78 -31.38
N ASN U 43 0.45 9.73 -30.48
CA ASN U 43 0.53 10.71 -29.39
C ASN U 43 1.04 12.06 -29.84
N LYS U 44 1.83 12.08 -30.91
CA LYS U 44 2.38 13.33 -31.44
C LYS U 44 1.92 13.54 -32.88
N VAL U 45 1.62 14.80 -33.22
CA VAL U 45 1.14 15.13 -34.56
C VAL U 45 2.29 15.25 -35.57
N ASN U 46 1.95 15.10 -36.84
CA ASN U 46 2.94 15.25 -37.90
C ASN U 46 3.05 16.69 -38.36
N TYR U 47 3.78 16.92 -39.45
CA TYR U 47 3.99 18.25 -39.99
C TYR U 47 2.72 18.87 -40.57
N ALA U 48 1.66 18.06 -40.68
CA ALA U 48 0.38 18.55 -41.19
C ALA U 48 -0.64 18.68 -40.05
N ASN U 49 -0.14 18.62 -38.82
CA ASN U 49 -1.01 18.63 -37.64
C ASN U 49 -2.09 17.56 -37.69
N VAL U 50 -1.69 16.34 -38.05
CA VAL U 50 -2.59 15.20 -38.09
C VAL U 50 -2.10 14.13 -37.11
N SER U 51 -3.03 13.49 -36.40
CA SER U 51 -2.66 12.53 -35.38
C SER U 51 -3.19 11.13 -35.68
N THR U 52 -3.80 10.96 -36.84
CA THR U 52 -4.41 9.69 -37.20
C THR U 52 -4.17 9.36 -38.68
N ASN U 53 -3.99 8.08 -38.98
CA ASN U 53 -3.71 7.65 -40.35
C ASN U 53 -4.04 6.18 -40.61
N ASN U 54 -4.32 5.86 -41.87
CA ASN U 54 -4.61 4.48 -42.25
C ASN U 54 -3.40 3.74 -42.81
N TYR U 55 -3.23 2.50 -42.39
CA TYR U 55 -2.13 1.66 -42.86
C TYR U 55 -2.63 0.26 -43.24
N ALA U 56 -1.80 -0.50 -43.94
CA ALA U 56 -2.14 -1.87 -44.31
C ALA U 56 -1.57 -2.84 -43.28
N LEU U 57 -1.96 -4.11 -43.38
CA LEU U 57 -1.55 -5.12 -42.41
C LEU U 57 -0.05 -5.37 -42.42
N ASP U 58 0.58 -5.21 -43.58
CA ASP U 58 2.02 -5.43 -43.72
C ASP U 58 2.80 -4.14 -43.43
N GLU U 59 2.08 -3.09 -43.05
CA GLU U 59 2.72 -1.81 -42.72
C GLU U 59 2.66 -1.57 -41.22
N ILE U 60 2.15 -2.56 -40.48
CA ILE U 60 2.15 -2.49 -39.03
C ILE U 60 2.71 -3.77 -38.41
N GLN U 61 3.36 -3.63 -37.27
CA GLN U 61 3.95 -4.76 -36.56
C GLN U 61 3.61 -4.67 -35.08
N GLU U 62 2.66 -5.51 -34.68
CA GLU U 62 2.13 -5.48 -33.32
C GLU U 62 3.19 -5.82 -32.28
N VAL U 63 3.48 -4.89 -31.38
CA VAL U 63 4.49 -5.10 -30.35
C VAL U 63 3.99 -4.67 -28.97
N ASP V 1 60.25 29.40 -18.88
CA ASP V 1 59.32 28.40 -18.38
C ASP V 1 58.62 27.71 -19.56
N ILE V 2 57.39 27.24 -19.33
CA ILE V 2 56.61 26.57 -20.35
C ILE V 2 56.38 27.48 -21.56
N SER V 3 56.62 26.97 -22.75
CA SER V 3 56.40 27.71 -23.99
C SER V 3 57.20 29.01 -24.07
N GLY V 4 58.31 29.07 -23.35
CA GLY V 4 59.18 30.24 -23.37
C GLY V 4 58.58 31.42 -22.64
N LEU V 5 57.52 31.14 -21.89
CA LEU V 5 56.89 32.20 -21.14
C LEU V 5 57.66 32.53 -19.88
N THR V 6 57.37 33.70 -19.30
CA THR V 6 57.95 34.06 -18.01
C THR V 6 56.85 34.29 -16.98
N PRO V 7 57.05 33.77 -15.77
CA PRO V 7 56.10 33.92 -14.66
C PRO V 7 55.75 35.38 -14.41
N CYS V 8 54.47 35.65 -14.16
CA CYS V 8 53.95 37.00 -14.02
C CYS V 8 54.61 37.77 -12.87
N LYS V 9 54.97 37.06 -11.81
CA LYS V 9 55.62 37.68 -10.66
C LYS V 9 57.03 38.16 -11.00
N GLU V 10 57.57 37.65 -12.10
CA GLU V 10 58.90 38.01 -12.53
C GLU V 10 58.86 38.81 -13.83
N SER V 11 57.65 39.01 -14.36
CA SER V 11 57.50 39.71 -15.64
C SER V 11 57.57 41.21 -15.47
N LYS V 12 58.41 41.85 -16.29
CA LYS V 12 58.58 43.30 -16.24
C LYS V 12 57.43 44.04 -16.89
N GLN V 13 56.98 43.54 -18.03
CA GLN V 13 55.90 44.18 -18.77
C GLN V 13 54.58 44.12 -18.01
N PHE V 14 54.40 43.04 -17.26
CA PHE V 14 53.25 42.88 -16.37
C PHE V 14 53.21 44.04 -15.37
N ALA V 15 54.35 44.24 -14.72
CA ALA V 15 54.52 45.30 -13.74
C ALA V 15 54.30 46.67 -14.38
N LYS V 16 54.80 46.85 -15.62
CA LYS V 16 54.65 48.12 -16.30
C LYS V 16 53.18 48.38 -16.63
N ARG V 17 52.45 47.30 -16.91
CA ARG V 17 51.02 47.40 -17.16
C ARG V 17 50.28 47.84 -15.90
N GLU V 18 50.57 47.20 -14.77
CA GLU V 18 49.99 47.60 -13.50
C GLU V 18 50.28 49.08 -13.18
N LYS V 19 51.54 49.46 -13.34
CA LYS V 19 51.97 50.84 -13.13
C LYS V 19 51.17 51.81 -13.99
N GLN V 20 51.21 51.63 -15.31
CA GLN V 20 50.52 52.52 -16.23
C GLN V 20 49.02 52.61 -15.96
N ALA V 21 48.43 51.49 -15.58
CA ALA V 21 47.01 51.45 -15.22
C ALA V 21 46.75 52.35 -14.02
N LEU V 22 47.51 52.13 -12.95
CA LEU V 22 47.37 52.95 -11.74
C LEU V 22 47.59 54.42 -12.02
N LYS V 23 48.56 54.73 -12.88
CA LYS V 23 48.85 56.12 -13.22
C LYS V 23 47.76 56.77 -14.04
N LYS V 24 47.08 55.98 -14.87
CA LYS V 24 45.95 56.49 -15.64
C LYS V 24 44.77 56.80 -14.71
N LEU V 25 44.45 55.83 -13.86
CA LEU V 25 43.41 56.03 -12.86
C LEU V 25 43.68 57.24 -11.95
N GLN V 26 44.94 57.42 -11.56
CA GLN V 26 45.33 58.56 -10.73
C GLN V 26 45.24 59.86 -11.52
N ALA V 27 45.59 59.80 -12.80
CA ALA V 27 45.48 60.96 -13.68
C ALA V 27 44.04 61.41 -13.77
N SER V 28 43.11 60.45 -13.67
CA SER V 28 41.70 60.81 -13.62
C SER V 28 41.30 61.29 -12.21
N LEU V 29 41.97 60.74 -11.19
CA LEU V 29 41.68 61.05 -9.80
C LEU V 29 42.06 62.48 -9.44
N LYS V 30 43.03 63.03 -10.17
CA LYS V 30 43.56 64.37 -9.92
C LYS V 30 42.51 65.48 -9.95
N LEU V 31 41.39 65.23 -10.63
CA LEU V 31 40.40 66.28 -10.88
C LEU V 31 39.30 66.39 -9.81
N TYR V 32 39.33 65.51 -8.82
CA TYR V 32 38.25 65.47 -7.84
C TYR V 32 38.74 65.65 -6.40
N ALA V 33 37.90 66.29 -5.59
CA ALA V 33 38.20 66.49 -4.18
C ALA V 33 38.33 65.13 -3.48
N ASP V 34 39.39 64.99 -2.68
CA ASP V 34 39.76 63.71 -2.08
C ASP V 34 38.65 63.07 -1.25
N ASP V 35 37.72 63.88 -0.75
CA ASP V 35 36.66 63.37 0.12
C ASP V 35 35.41 62.98 -0.66
N SER V 36 35.34 63.38 -1.92
CA SER V 36 34.15 63.15 -2.74
C SER V 36 33.95 61.68 -3.11
N ALA V 37 32.73 61.36 -3.52
CA ALA V 37 32.39 60.00 -3.95
C ALA V 37 33.14 59.51 -5.21
N PRO V 38 33.30 60.36 -6.24
CA PRO V 38 34.10 59.94 -7.39
C PRO V 38 35.51 59.53 -6.99
N ALA V 39 36.11 60.28 -6.07
CA ALA V 39 37.46 59.99 -5.59
C ALA V 39 37.54 58.63 -4.92
N LEU V 40 36.62 58.37 -4.00
CA LEU V 40 36.57 57.08 -3.30
C LEU V 40 36.35 55.93 -4.29
N ALA V 41 35.56 56.20 -5.32
CA ALA V 41 35.29 55.22 -6.37
C ALA V 41 36.57 54.87 -7.13
N ILE V 42 37.25 55.91 -7.61
CA ILE V 42 38.50 55.74 -8.36
C ILE V 42 39.56 55.03 -7.54
N LYS V 43 39.70 55.44 -6.27
CA LYS V 43 40.65 54.80 -5.38
C LYS V 43 40.31 53.34 -5.15
N ALA V 44 39.02 53.04 -5.00
CA ALA V 44 38.57 51.66 -4.85
C ALA V 44 38.96 50.85 -6.07
N THR V 45 38.87 51.48 -7.25
CA THR V 45 39.28 50.83 -8.49
C THR V 45 40.78 50.55 -8.49
N MET V 46 41.55 51.51 -7.97
CA MET V 46 43.01 51.35 -7.87
C MET V 46 43.37 50.16 -6.98
N GLU V 47 42.76 50.13 -5.79
CA GLU V 47 43.00 49.04 -4.85
C GLU V 47 42.63 47.70 -5.46
N LYS V 48 41.47 47.66 -6.11
CA LYS V 48 41.01 46.45 -6.79
C LYS V 48 42.01 46.01 -7.85
N THR V 49 42.59 46.99 -8.56
CA THR V 49 43.56 46.74 -9.60
C THR V 49 44.83 46.10 -9.05
N LYS V 50 45.49 46.77 -8.11
CA LYS V 50 46.73 46.26 -7.55
C LYS V 50 46.53 44.92 -6.85
N LYS V 51 45.38 44.75 -6.19
CA LYS V 51 45.05 43.45 -5.61
C LYS V 51 44.93 42.40 -6.72
N ARG V 52 44.41 42.81 -7.87
CA ARG V 52 44.27 41.88 -9.00
C ARG V 52 45.61 41.42 -9.55
N PHE V 53 46.48 42.38 -9.87
CA PHE V 53 47.82 42.03 -10.36
C PHE V 53 48.58 41.18 -9.35
N ASP V 54 48.51 41.56 -8.08
CA ASP V 54 49.16 40.78 -7.02
C ASP V 54 48.62 39.36 -6.98
N ASN V 55 47.31 39.22 -7.15
CA ASN V 55 46.69 37.89 -7.18
C ASN V 55 47.14 37.05 -8.36
N TYR V 56 47.25 37.67 -9.54
CA TYR V 56 47.72 36.97 -10.73
C TYR V 56 49.16 36.52 -10.55
N GLY V 57 49.98 37.38 -9.97
CA GLY V 57 51.37 37.05 -9.68
C GLY V 57 51.48 35.89 -8.71
N LYS V 58 50.71 35.94 -7.62
CA LYS V 58 50.76 34.93 -6.58
C LYS V 58 50.30 33.56 -7.05
N TYR V 59 49.32 33.53 -7.96
CA TYR V 59 48.73 32.28 -8.40
C TYR V 59 49.68 31.43 -9.26
N GLY V 60 50.81 32.01 -9.64
CA GLY V 60 51.77 31.29 -10.45
C GLY V 60 51.39 31.26 -11.92
N LEU V 61 50.92 32.41 -12.41
CA LEU V 61 50.55 32.54 -13.82
C LEU V 61 51.76 32.85 -14.67
N LEU V 62 51.76 32.33 -15.89
CA LEU V 62 52.85 32.60 -16.83
C LEU V 62 52.44 33.71 -17.78
N CYS V 63 53.34 34.67 -17.98
CA CYS V 63 53.06 35.81 -18.84
C CYS V 63 53.85 35.73 -20.14
N GLY V 64 53.26 36.23 -21.23
CA GLY V 64 53.95 36.30 -22.50
C GLY V 64 54.81 37.55 -22.54
N SER V 65 55.36 37.83 -23.71
CA SER V 65 56.17 39.03 -23.91
C SER V 65 55.30 40.27 -23.89
N ASP V 66 53.99 40.07 -23.97
CA ASP V 66 53.03 41.17 -23.93
C ASP V 66 52.80 41.68 -22.52
N GLY V 67 53.07 40.82 -21.54
CA GLY V 67 52.86 41.18 -20.14
C GLY V 67 51.48 40.80 -19.66
N LEU V 68 50.86 39.84 -20.33
CA LEU V 68 49.53 39.38 -19.96
C LEU V 68 49.57 37.90 -19.60
N PRO V 69 48.75 37.50 -18.63
CA PRO V 69 48.65 36.08 -18.23
C PRO V 69 48.22 35.17 -19.37
N HIS V 70 49.03 34.16 -19.67
CA HIS V 70 48.65 33.15 -20.65
C HIS V 70 48.32 31.86 -19.90
N LEU V 71 47.42 31.06 -20.46
CA LEU V 71 46.95 29.87 -19.77
C LEU V 71 47.54 28.58 -20.32
N ILE V 72 47.81 27.63 -19.41
CA ILE V 72 48.35 26.33 -19.79
C ILE V 72 47.30 25.23 -19.57
N VAL V 73 46.83 24.64 -20.66
CA VAL V 73 45.74 23.67 -20.58
C VAL V 73 46.15 22.26 -21.01
N SER V 74 47.46 22.04 -21.13
CA SER V 74 48.00 20.76 -21.60
C SER V 74 47.86 19.61 -20.59
N GLY V 75 47.54 19.96 -19.35
CA GLY V 75 47.42 18.97 -18.30
C GLY V 75 48.54 19.10 -17.26
N ASP V 76 49.44 20.05 -17.50
CA ASP V 76 50.54 20.33 -16.57
C ASP V 76 50.01 20.57 -15.16
N GLN V 77 50.59 19.87 -14.19
CA GLN V 77 50.07 19.88 -12.82
C GLN V 77 50.26 21.20 -12.08
N ARG V 78 51.09 22.08 -12.61
CA ARG V 78 51.30 23.40 -12.01
C ARG V 78 50.22 24.39 -12.43
N HIS V 79 49.28 23.95 -13.26
CA HIS V 79 48.29 24.84 -13.83
C HIS V 79 46.91 24.20 -13.98
N TRP V 80 46.59 23.25 -13.10
CA TRP V 80 45.28 22.59 -13.14
C TRP V 80 44.14 23.56 -12.86
N GLY V 81 44.44 24.68 -12.23
CA GLY V 81 43.43 25.68 -11.94
C GLY V 81 43.15 26.53 -13.16
N GLU V 82 44.00 26.41 -14.17
CA GLU V 82 43.85 27.22 -15.38
C GLU V 82 42.96 26.55 -16.43
N PHE V 83 42.50 25.34 -16.15
CA PHE V 83 41.52 24.66 -17.00
C PHE V 83 40.90 23.44 -16.33
N ILE V 84 41.75 22.60 -15.75
CA ILE V 84 41.30 21.32 -15.20
C ILE V 84 40.26 21.46 -14.09
N THR V 85 40.58 22.23 -13.06
CA THR V 85 39.67 22.42 -11.93
C THR V 85 38.34 23.11 -12.29
N PRO V 86 38.41 24.32 -12.91
CA PRO V 86 37.13 24.96 -13.26
C PRO V 86 36.38 24.14 -14.29
N GLY V 87 37.12 23.33 -15.04
CA GLY V 87 36.52 22.41 -15.99
C GLY V 87 35.73 21.31 -15.30
N ILE V 88 36.30 20.74 -14.24
CA ILE V 88 35.63 19.71 -13.48
C ILE V 88 34.37 20.29 -12.82
N LEU V 89 34.51 21.48 -12.25
CA LEU V 89 33.38 22.16 -11.62
C LEU V 89 32.26 22.37 -12.65
N PHE V 90 32.65 22.88 -13.82
CA PHE V 90 31.69 23.08 -14.91
C PHE V 90 30.98 21.78 -15.27
N LEU V 91 31.74 20.74 -15.59
CA LEU V 91 31.16 19.47 -16.00
C LEU V 91 30.18 18.95 -14.95
N TYR V 92 30.52 19.11 -13.68
CA TYR V 92 29.61 18.71 -12.61
C TYR V 92 28.31 19.51 -12.65
N ILE V 93 28.41 20.83 -12.76
CA ILE V 93 27.21 21.68 -12.79
C ILE V 93 26.33 21.45 -14.03
N ALA V 94 26.95 21.36 -15.20
CA ALA V 94 26.24 21.14 -16.46
C ALA V 94 25.54 19.78 -16.45
N GLY V 95 26.25 18.77 -15.95
CA GLY V 95 25.65 17.45 -15.78
C GLY V 95 24.46 17.50 -14.84
N TRP V 96 24.60 18.30 -13.77
CA TRP V 96 23.52 18.50 -12.82
C TRP V 96 22.29 19.04 -13.54
N ILE V 97 22.48 20.15 -14.25
CA ILE V 97 21.40 20.80 -14.98
C ILE V 97 20.71 19.86 -15.98
N GLY V 98 21.50 19.26 -16.86
CA GLY V 98 20.97 18.35 -17.86
C GLY V 98 20.22 17.18 -17.26
N TRP V 99 20.75 16.63 -16.17
CA TRP V 99 20.12 15.48 -15.52
C TRP V 99 18.80 15.87 -14.88
N VAL V 100 18.76 17.06 -14.28
CA VAL V 100 17.52 17.56 -13.68
C VAL V 100 16.44 17.77 -14.76
N GLY V 101 16.84 18.39 -15.86
CA GLY V 101 15.92 18.58 -16.98
C GLY V 101 15.38 17.28 -17.52
N ARG V 102 16.27 16.30 -17.69
CA ARG V 102 15.88 14.98 -18.14
C ARG V 102 14.87 14.37 -17.17
N SER V 103 15.17 14.47 -15.89
CA SER V 103 14.30 13.95 -14.84
C SER V 103 12.91 14.55 -14.96
N TYR V 104 12.85 15.87 -15.14
CA TYR V 104 11.58 16.57 -15.27
C TYR V 104 10.80 16.11 -16.50
N LEU V 105 11.48 15.97 -17.64
CA LEU V 105 10.81 15.54 -18.86
C LEU V 105 10.26 14.12 -18.75
N ILE V 106 11.02 13.25 -18.10
CA ILE V 106 10.59 11.86 -17.89
C ILE V 106 9.39 11.79 -16.92
N ALA V 107 9.45 12.62 -15.88
CA ALA V 107 8.42 12.61 -14.85
C ALA V 107 7.02 12.98 -15.35
N ILE V 108 6.97 13.84 -16.36
CA ILE V 108 5.70 14.33 -16.88
C ILE V 108 5.32 13.70 -18.20
N ARG V 109 6.12 12.74 -18.66
CA ARG V 109 5.90 12.12 -19.96
C ARG V 109 4.59 11.35 -20.04
N ASP V 110 4.21 10.69 -18.95
CA ASP V 110 2.98 9.91 -18.92
C ASP V 110 1.85 10.66 -18.23
N GLU V 111 1.18 11.53 -18.98
CA GLU V 111 0.07 12.33 -18.45
C GLU V 111 -0.88 12.70 -19.57
N LYS V 112 -2.02 13.31 -19.21
CA LYS V 112 -3.03 13.70 -20.18
C LYS V 112 -2.46 14.66 -21.21
N LYS V 113 -1.91 15.78 -20.73
CA LYS V 113 -1.28 16.77 -21.58
C LYS V 113 0.09 17.14 -21.02
N PRO V 114 1.14 16.41 -21.45
CA PRO V 114 2.49 16.63 -20.94
C PRO V 114 3.00 18.02 -21.29
N THR V 115 2.69 18.46 -22.50
CA THR V 115 3.13 19.77 -23.00
C THR V 115 2.72 20.90 -22.07
N GLN V 116 1.60 20.73 -21.38
CA GLN V 116 1.13 21.70 -20.40
C GLN V 116 2.23 21.97 -19.37
N LYS V 117 2.73 20.90 -18.75
CA LYS V 117 3.77 21.04 -17.74
C LYS V 117 5.12 21.44 -18.32
N GLU V 118 5.14 21.69 -19.63
CA GLU V 118 6.35 22.19 -20.29
C GLU V 118 6.25 23.70 -20.49
N ILE V 119 5.02 24.23 -20.47
CA ILE V 119 4.84 25.67 -20.60
C ILE V 119 4.45 26.31 -19.27
N ILE V 120 3.86 25.51 -18.38
CA ILE V 120 3.59 25.95 -17.02
C ILE V 120 4.26 24.99 -16.07
N ILE V 121 5.40 25.42 -15.52
CA ILE V 121 6.25 24.55 -14.71
C ILE V 121 5.56 24.07 -13.44
N ASP V 122 5.60 22.77 -13.22
CA ASP V 122 5.12 22.18 -11.98
C ASP V 122 6.19 22.40 -10.92
N VAL V 123 6.20 23.60 -10.33
CA VAL V 123 7.22 24.02 -9.38
C VAL V 123 7.46 23.08 -8.19
N PRO V 124 6.40 22.49 -7.61
CA PRO V 124 6.67 21.48 -6.58
C PRO V 124 7.48 20.30 -7.12
N LEU V 125 7.08 19.78 -8.27
CA LEU V 125 7.78 18.68 -8.92
C LEU V 125 9.22 19.08 -9.24
N ALA V 126 9.39 20.29 -9.77
CA ALA V 126 10.71 20.78 -10.13
C ALA V 126 11.63 20.90 -8.93
N SER V 127 11.07 21.33 -7.80
CA SER V 127 11.83 21.46 -6.57
C SER V 127 12.15 20.09 -5.97
N ARG V 128 11.26 19.13 -6.20
CA ARG V 128 11.47 17.75 -5.77
C ARG V 128 12.61 17.08 -6.53
N LEU V 129 12.69 17.35 -7.83
CA LEU V 129 13.71 16.75 -8.69
C LEU V 129 14.98 17.57 -8.72
N LEU V 130 14.93 18.73 -8.09
CA LEU V 130 16.01 19.70 -8.15
C LEU V 130 17.34 19.17 -7.61
N PHE V 131 17.30 18.64 -6.39
CA PHE V 131 18.52 18.23 -5.70
C PHE V 131 19.07 16.87 -6.15
N ARG V 132 18.25 16.11 -6.88
CA ARG V 132 18.67 14.81 -7.38
C ARG V 132 19.92 14.92 -8.26
N GLY V 133 20.07 16.09 -8.88
CA GLY V 133 21.21 16.35 -9.74
C GLY V 133 22.53 16.21 -9.01
N PHE V 134 22.51 16.38 -7.70
CA PHE V 134 23.72 16.25 -6.89
C PHE V 134 24.35 14.88 -7.12
N SER V 135 23.52 13.88 -7.40
CA SER V 135 24.02 12.53 -7.62
C SER V 135 23.98 12.12 -9.08
N TRP V 136 24.11 13.09 -9.99
CA TRP V 136 24.05 12.79 -11.42
C TRP V 136 25.10 11.79 -11.96
N PRO V 137 26.35 11.84 -11.46
CA PRO V 137 27.28 10.81 -11.96
C PRO V 137 26.85 9.40 -11.55
N VAL V 138 26.46 9.24 -10.29
CA VAL V 138 26.03 7.95 -9.77
C VAL V 138 24.74 7.48 -10.41
N ALA V 139 23.78 8.39 -10.53
CA ALA V 139 22.47 8.06 -11.08
C ALA V 139 22.51 7.71 -12.57
N ALA V 140 23.32 8.45 -13.32
CA ALA V 140 23.43 8.22 -14.77
C ALA V 140 24.18 6.94 -15.09
N TYR V 141 25.22 6.67 -14.31
CA TYR V 141 26.03 5.47 -14.51
C TYR V 141 25.19 4.21 -14.38
N ARG V 142 24.28 4.20 -13.41
CA ARG V 142 23.43 3.04 -13.16
C ARG V 142 22.39 2.81 -14.25
N GLU V 143 21.81 3.89 -14.75
CA GLU V 143 20.82 3.78 -15.81
C GLU V 143 21.47 3.29 -17.09
N LEU V 144 22.75 3.62 -17.25
CA LEU V 144 23.53 3.14 -18.38
C LEU V 144 23.65 1.62 -18.32
N LEU V 145 24.03 1.11 -17.16
CA LEU V 145 24.22 -0.33 -16.98
C LEU V 145 22.90 -1.08 -16.98
N ASN V 146 21.83 -0.39 -16.59
CA ASN V 146 20.51 -1.01 -16.49
C ASN V 146 19.79 -1.05 -17.84
N GLY V 147 19.98 0.01 -18.62
CA GLY V 147 19.33 0.13 -19.91
C GLY V 147 18.18 1.11 -19.86
N GLU V 148 18.20 2.00 -18.87
CA GLU V 148 17.18 3.01 -18.72
C GLU V 148 17.68 4.39 -19.16
N LEU V 149 18.90 4.42 -19.68
CA LEU V 149 19.49 5.67 -20.16
C LEU V 149 19.18 5.88 -21.63
N VAL V 150 19.25 4.79 -22.40
CA VAL V 150 19.02 4.85 -23.84
C VAL V 150 17.92 3.90 -24.27
N ASP V 151 17.58 3.94 -25.56
CA ASP V 151 16.60 3.02 -26.13
C ASP V 151 17.22 2.22 -27.28
N GLU W 1 84.60 -0.45 -52.92
CA GLU W 1 84.03 -0.67 -54.24
C GLU W 1 83.34 -2.03 -54.33
N LEU W 2 82.13 -2.04 -54.87
CA LEU W 2 81.39 -3.29 -55.04
C LEU W 2 81.09 -3.52 -56.52
N SER W 3 81.29 -4.76 -56.98
CA SER W 3 81.02 -5.11 -58.37
C SER W 3 79.52 -5.05 -58.66
N PRO W 4 79.11 -4.15 -59.56
CA PRO W 4 77.70 -3.96 -59.91
C PRO W 4 77.09 -5.21 -60.54
N SER W 5 77.84 -5.83 -61.45
CA SER W 5 77.37 -6.99 -62.19
C SER W 5 77.03 -8.16 -61.28
N LEU W 6 77.89 -8.41 -60.29
CA LEU W 6 77.70 -9.51 -59.37
C LEU W 6 76.45 -9.31 -58.53
N VAL W 7 76.27 -8.09 -58.03
CA VAL W 7 75.11 -7.75 -57.21
C VAL W 7 73.81 -7.86 -58.00
N ILE W 8 73.81 -7.28 -59.19
CA ILE W 8 72.63 -7.30 -60.06
C ILE W 8 72.25 -8.72 -60.46
N SER W 9 73.23 -9.47 -60.94
CA SER W 9 73.00 -10.84 -61.38
C SER W 9 72.58 -11.76 -60.24
N LEU W 10 73.22 -11.62 -59.08
CA LEU W 10 72.89 -12.46 -57.93
C LEU W 10 71.49 -12.13 -57.39
N SER W 11 71.17 -10.85 -57.34
CA SER W 11 69.86 -10.42 -56.86
C SER W 11 68.75 -10.88 -57.79
N THR W 12 68.89 -10.56 -59.07
CA THR W 12 67.91 -10.96 -60.08
C THR W 12 67.75 -12.48 -60.11
N GLY W 13 68.87 -13.17 -59.97
CA GLY W 13 68.87 -14.62 -59.92
C GLY W 13 68.10 -15.17 -58.74
N LEU W 14 68.34 -14.61 -57.56
CA LEU W 14 67.64 -15.04 -56.36
C LEU W 14 66.14 -14.79 -56.47
N SER W 15 65.77 -13.63 -57.02
CA SER W 15 64.37 -13.29 -57.17
C SER W 15 63.69 -14.25 -58.15
N LEU W 16 64.31 -14.47 -59.30
CA LEU W 16 63.77 -15.37 -60.32
C LEU W 16 63.66 -16.80 -59.79
N PHE W 17 64.63 -17.19 -58.97
CA PHE W 17 64.62 -18.50 -58.33
C PHE W 17 63.43 -18.63 -57.39
N LEU W 18 63.24 -17.60 -56.57
CA LEU W 18 62.15 -17.58 -55.60
C LEU W 18 60.78 -17.59 -56.29
N GLY W 19 60.69 -16.92 -57.43
CA GLY W 19 59.45 -16.85 -58.17
C GLY W 19 59.17 -18.12 -58.96
N ARG W 20 60.23 -18.82 -59.34
CA ARG W 20 60.12 -20.03 -60.13
C ARG W 20 59.83 -21.25 -59.26
N PHE W 21 60.35 -21.24 -58.04
CA PHE W 21 60.28 -22.44 -57.20
C PHE W 21 59.52 -22.34 -55.87
N VAL W 22 59.78 -21.29 -55.09
CA VAL W 22 59.26 -21.26 -53.73
C VAL W 22 57.98 -20.45 -53.51
N PHE W 23 57.71 -19.49 -54.40
CA PHE W 23 56.51 -18.66 -54.26
C PHE W 23 55.56 -18.78 -55.44
N PHE W 24 55.86 -19.70 -56.35
CA PHE W 24 55.11 -19.82 -57.60
C PHE W 24 53.66 -20.22 -57.39
N ASN W 25 53.45 -21.29 -56.62
CA ASN W 25 52.11 -21.82 -56.37
C ASN W 25 51.19 -20.81 -55.67
N PHE W 26 51.70 -20.16 -54.64
CA PHE W 26 50.93 -19.17 -53.88
C PHE W 26 50.50 -18.01 -54.78
N GLN W 27 51.46 -17.51 -55.56
CA GLN W 27 51.18 -16.42 -56.49
C GLN W 27 50.11 -16.84 -57.50
N ARG W 28 50.31 -17.98 -58.14
CA ARG W 28 49.35 -18.49 -59.12
C ARG W 28 47.96 -18.70 -58.51
N GLU W 29 47.93 -19.06 -57.23
CA GLU W 29 46.68 -19.26 -56.51
C GLU W 29 45.95 -17.94 -56.30
N ASN W 30 46.66 -16.96 -55.77
CA ASN W 30 46.07 -15.64 -55.55
C ASN W 30 45.61 -14.98 -56.84
N VAL W 31 46.39 -15.15 -57.90
CA VAL W 31 45.98 -14.65 -59.22
C VAL W 31 44.74 -15.41 -59.70
N ALA W 32 44.68 -16.71 -59.40
CA ALA W 32 43.53 -17.51 -59.75
C ALA W 32 42.27 -17.01 -59.05
N LYS W 33 42.45 -16.46 -57.85
CA LYS W 33 41.31 -15.96 -57.08
C LYS W 33 40.83 -14.57 -57.54
N GLN W 34 41.62 -13.88 -58.35
CA GLN W 34 41.28 -12.51 -58.76
C GLN W 34 41.34 -12.27 -60.27
N VAL W 35 40.36 -11.52 -60.79
CA VAL W 35 40.35 -11.08 -62.19
C VAL W 35 39.37 -9.90 -62.37
N PRO W 36 39.86 -8.79 -62.92
CA PRO W 36 39.09 -7.54 -63.02
C PRO W 36 37.81 -7.65 -63.86
N GLU W 37 36.70 -7.15 -63.32
CA GLU W 37 35.42 -7.20 -64.03
C GLU W 37 34.47 -6.05 -63.66
N GLN W 38 33.64 -5.66 -64.61
CA GLN W 38 32.64 -4.62 -64.42
C GLN W 38 31.23 -5.17 -64.62
N ASN W 39 30.38 -5.00 -63.60
CA ASN W 39 29.00 -5.47 -63.64
C ASN W 39 28.88 -6.96 -63.93
N GLY W 40 29.69 -7.76 -63.25
CA GLY W 40 29.65 -9.20 -63.41
C GLY W 40 30.60 -9.71 -64.49
N LEU W 41 30.44 -9.19 -65.70
CA LEU W 41 31.28 -9.60 -66.82
C LEU W 41 32.65 -8.92 -66.78
N THR W 42 33.64 -9.56 -67.41
CA THR W 42 34.99 -9.00 -67.46
C THR W 42 35.03 -7.76 -68.34
N HIS W 43 36.20 -7.13 -68.42
CA HIS W 43 36.34 -5.92 -69.21
C HIS W 43 36.20 -6.18 -70.71
N PHE W 44 36.62 -7.36 -71.15
CA PHE W 44 36.54 -7.71 -72.56
C PHE W 44 35.16 -8.25 -72.94
N GLU W 45 34.47 -8.87 -71.98
CA GLU W 45 33.12 -9.35 -72.22
C GLU W 45 32.14 -8.20 -72.16
N ALA W 46 32.58 -7.10 -71.53
CA ALA W 46 31.76 -5.91 -71.35
C ALA W 46 31.20 -5.17 -72.60
N GLY W 47 32.00 -4.91 -73.63
CA GLY W 47 33.40 -5.31 -73.72
C GLY W 47 34.34 -4.30 -74.34
N ASP W 48 35.46 -4.10 -73.68
CA ASP W 48 36.55 -3.28 -74.20
C ASP W 48 37.46 -4.18 -75.02
N THR W 49 37.61 -3.85 -76.31
CA THR W 49 38.37 -4.68 -77.23
C THR W 49 39.85 -4.75 -76.85
N ARG W 50 40.32 -3.77 -76.11
CA ARG W 50 41.74 -3.69 -75.77
C ARG W 50 42.01 -4.29 -74.39
N ALA W 51 41.03 -4.99 -73.85
CA ALA W 51 41.16 -5.56 -72.51
C ALA W 51 41.18 -7.09 -72.52
N LYS W 52 41.35 -7.69 -73.69
CA LYS W 52 41.44 -9.14 -73.78
C LYS W 52 42.79 -9.62 -73.27
N GLU W 53 42.78 -10.67 -72.46
CA GLU W 53 44.01 -11.24 -71.95
C GLU W 53 44.76 -11.91 -73.10
N TYR W 54 46.05 -11.59 -73.23
CA TYR W 54 46.87 -12.16 -74.29
C TYR W 54 47.18 -13.62 -74.01
N VAL W 55 46.62 -14.51 -74.82
CA VAL W 55 46.81 -15.95 -74.65
C VAL W 55 48.13 -16.40 -75.27
N SER W 56 48.47 -15.81 -76.41
CA SER W 56 49.68 -16.18 -77.13
C SER W 56 50.95 -15.85 -76.35
N LEU W 57 51.03 -14.62 -75.83
CA LEU W 57 52.23 -14.16 -75.13
C LEU W 57 52.43 -14.91 -73.81
N LEU W 58 51.34 -15.27 -73.16
CA LEU W 58 51.42 -15.95 -71.86
C LEU W 58 51.78 -17.42 -72.02
N LYS W 59 51.73 -17.92 -73.25
CA LYS W 59 52.10 -19.31 -73.53
C LYS W 59 53.58 -19.55 -73.28
N SER W 60 53.89 -20.69 -72.68
CA SER W 60 55.27 -21.05 -72.38
C SER W 60 55.45 -22.56 -72.28
N ASN W 61 56.59 -23.05 -72.75
CA ASN W 61 56.90 -24.47 -72.70
C ASN W 61 57.58 -24.86 -71.39
N ASP W 62 57.55 -23.94 -70.43
CA ASP W 62 58.10 -24.19 -69.11
C ASP W 62 57.22 -25.19 -68.36
N PRO W 63 57.85 -26.14 -67.64
CA PRO W 63 57.20 -27.22 -66.87
C PRO W 63 56.02 -26.76 -66.01
N VAL W 64 56.14 -25.63 -65.33
CA VAL W 64 55.07 -25.13 -64.47
C VAL W 64 54.23 -24.04 -65.16
N GLY W 65 54.81 -23.39 -66.15
CA GLY W 65 54.14 -22.34 -66.88
C GLY W 65 54.77 -20.97 -66.67
N PHE W 66 56.02 -20.97 -66.20
CA PHE W 66 56.77 -19.73 -65.97
C PHE W 66 57.01 -19.03 -67.31
N ASN W 67 56.27 -17.95 -67.54
CA ASN W 67 56.31 -17.26 -68.83
C ASN W 67 57.14 -15.98 -68.85
N ILE W 68 57.05 -15.25 -69.95
CA ILE W 68 57.81 -14.00 -70.13
C ILE W 68 57.42 -12.94 -69.10
N VAL W 69 56.13 -12.88 -68.79
CA VAL W 69 55.62 -11.88 -67.86
C VAL W 69 56.20 -12.05 -66.46
N ASP W 70 56.23 -13.29 -65.98
CA ASP W 70 56.81 -13.59 -64.67
C ASP W 70 58.30 -13.23 -64.66
N VAL W 71 58.96 -13.44 -65.79
CA VAL W 71 60.36 -13.06 -65.95
C VAL W 71 60.53 -11.55 -65.79
N LEU W 72 59.66 -10.78 -66.44
CA LEU W 72 59.71 -9.33 -66.32
C LEU W 72 59.41 -8.86 -64.90
N ALA W 73 58.47 -9.52 -64.24
CA ALA W 73 58.06 -9.14 -62.89
C ALA W 73 59.16 -9.41 -61.87
N TRP W 74 59.48 -10.69 -61.68
CA TRP W 74 60.51 -11.09 -60.73
C TRP W 74 61.88 -10.51 -61.09
N GLY W 75 62.11 -10.32 -62.38
CA GLY W 75 63.32 -9.67 -62.84
C GLY W 75 63.36 -8.23 -62.40
N SER W 76 62.23 -7.55 -62.51
CA SER W 76 62.10 -6.17 -62.06
C SER W 76 62.39 -6.07 -60.58
N ILE W 77 61.76 -6.95 -59.79
CA ILE W 77 62.01 -6.99 -58.36
C ILE W 77 63.49 -7.19 -58.08
N GLY W 78 64.11 -8.10 -58.83
CA GLY W 78 65.53 -8.38 -58.71
C GLY W 78 66.40 -7.16 -58.92
N HIS W 79 66.19 -6.48 -60.05
CA HIS W 79 66.95 -5.26 -60.34
C HIS W 79 66.71 -4.16 -59.30
N ILE W 80 65.47 -4.04 -58.83
CA ILE W 80 65.13 -3.05 -57.82
C ILE W 80 65.92 -3.29 -56.54
N VAL W 81 65.88 -4.52 -56.05
CA VAL W 81 66.63 -4.89 -54.85
C VAL W 81 68.13 -4.67 -55.06
N ALA W 82 68.62 -5.09 -56.21
CA ALA W 82 70.04 -4.95 -56.55
C ALA W 82 70.49 -3.50 -56.46
N TYR W 83 69.80 -2.62 -57.19
CA TYR W 83 70.16 -1.21 -57.21
C TYR W 83 69.93 -0.52 -55.87
N TYR W 84 68.99 -1.05 -55.08
CA TYR W 84 68.83 -0.57 -53.72
C TYR W 84 70.13 -0.83 -52.95
N ILE W 85 70.59 -2.07 -53.00
CA ILE W 85 71.82 -2.46 -52.32
C ILE W 85 73.02 -1.64 -52.80
N LEU W 86 73.12 -1.47 -54.11
CA LEU W 86 74.22 -0.69 -54.70
C LEU W 86 74.21 0.76 -54.24
N ALA W 87 73.08 1.43 -54.44
CA ALA W 87 72.95 2.84 -54.08
C ALA W 87 73.18 3.06 -52.60
N THR W 88 72.64 2.16 -51.79
CA THR W 88 72.77 2.25 -50.34
C THR W 88 74.22 2.09 -49.90
N THR W 89 74.90 1.08 -50.45
CA THR W 89 76.29 0.82 -50.09
C THR W 89 77.22 1.86 -50.68
N SER W 90 76.73 2.63 -51.65
CA SER W 90 77.54 3.67 -52.29
C SER W 90 77.76 4.90 -51.42
N ASN W 91 76.76 5.27 -50.63
CA ASN W 91 76.84 6.46 -49.79
C ASN W 91 77.73 6.28 -48.55
N GLY W 92 78.11 7.39 -47.94
CA GLY W 92 78.92 7.36 -46.74
C GLY W 92 78.12 7.72 -45.50
N TYR W 93 76.86 7.34 -45.48
CA TYR W 93 75.96 7.65 -44.37
C TYR W 93 76.31 6.89 -43.09
N ASP W 94 76.35 7.61 -41.98
CA ASP W 94 76.66 7.00 -40.68
C ASP W 94 75.86 7.68 -39.57
N PRO W 95 74.96 6.92 -38.92
CA PRO W 95 74.13 7.44 -37.83
C PRO W 95 74.77 7.22 -36.46
N SER X 1 -25.31 46.05 -76.69
CA SER X 1 -24.80 46.33 -75.34
C SER X 1 -23.92 45.18 -74.83
N VAL X 2 -23.46 44.34 -75.75
CA VAL X 2 -22.58 43.22 -75.41
C VAL X 2 -21.20 43.43 -76.02
N TYR X 3 -20.22 42.66 -75.57
CA TYR X 3 -18.86 42.81 -76.06
C TYR X 3 -18.26 41.47 -76.46
N PHE X 4 -19.11 40.54 -76.89
CA PHE X 4 -18.65 39.21 -77.29
C PHE X 4 -19.27 38.78 -78.63
N ASP X 5 -18.40 38.52 -79.61
CA ASP X 5 -18.83 38.12 -80.94
C ASP X 5 -17.82 37.17 -81.54
N LEU X 6 -18.25 35.95 -81.83
CA LEU X 6 -17.36 34.92 -82.39
C LEU X 6 -16.95 35.22 -83.83
N GLU X 7 -17.87 35.77 -84.62
CA GLU X 7 -17.59 36.12 -86.00
C GLU X 7 -16.61 37.28 -86.08
N ASP X 8 -16.64 38.16 -85.07
CA ASP X 8 -15.72 39.28 -85.02
C ASP X 8 -14.88 39.19 -83.75
N LEU X 9 -13.84 38.39 -83.80
CA LEU X 9 -12.94 38.18 -82.67
C LEU X 9 -12.04 39.39 -82.46
N GLY X 10 -11.96 40.25 -83.47
CA GLY X 10 -11.14 41.44 -83.41
C GLY X 10 -11.64 42.46 -82.39
N ASN X 11 -12.91 42.81 -82.50
CA ASN X 11 -13.51 43.76 -81.57
C ASN X 11 -13.67 43.17 -80.17
N THR X 12 -13.88 41.86 -80.13
CA THR X 12 -14.03 41.13 -78.87
C THR X 12 -12.76 41.25 -78.02
N THR X 13 -11.61 41.25 -78.68
CA THR X 13 -10.33 41.26 -77.99
C THR X 13 -9.60 42.61 -78.11
N GLY X 14 -10.33 43.65 -78.47
CA GLY X 14 -9.78 45.00 -78.52
C GLY X 14 -8.60 45.16 -79.48
N GLN X 15 -8.64 44.43 -80.58
CA GLN X 15 -7.58 44.50 -81.57
C GLN X 15 -7.76 45.71 -82.49
N TRP X 16 -7.71 46.90 -81.90
CA TRP X 16 -7.94 48.13 -82.65
C TRP X 16 -6.65 48.91 -82.93
N ASP X 17 -6.69 49.75 -83.96
CA ASP X 17 -5.60 50.66 -84.26
C ASP X 17 -5.96 52.02 -83.68
N SER X 18 -5.42 52.33 -82.51
CA SER X 18 -5.82 53.52 -81.77
C SER X 18 -5.47 54.85 -82.44
N TYR X 19 -4.32 54.92 -83.10
CA TYR X 19 -3.87 56.20 -83.65
C TYR X 19 -3.39 56.14 -85.10
N GLY X 20 -3.48 54.96 -85.72
CA GLY X 20 -3.07 54.80 -87.11
C GLY X 20 -4.05 55.40 -88.09
N SER X 21 -3.57 56.32 -88.91
CA SER X 21 -4.42 57.03 -89.87
C SER X 21 -4.20 56.57 -91.31
N ASP X 22 -5.30 56.32 -92.02
CA ASP X 22 -5.26 55.83 -93.39
C ASP X 22 -4.99 56.93 -94.41
N ALA X 23 -4.73 58.14 -93.92
CA ALA X 23 -4.49 59.30 -94.77
C ALA X 23 -3.35 59.06 -95.75
N PRO X 24 -3.42 59.66 -96.95
CA PRO X 24 -2.35 59.50 -97.94
C PRO X 24 -1.08 60.24 -97.55
N SER X 25 0.00 59.99 -98.29
CA SER X 25 1.29 60.61 -98.01
C SER X 25 1.24 62.12 -98.07
N PRO X 26 1.61 62.79 -96.97
CA PRO X 26 1.64 64.24 -96.91
C PRO X 26 2.98 64.77 -97.40
N TYR X 27 3.84 63.86 -97.85
CA TYR X 27 5.21 64.20 -98.19
C TYR X 27 5.34 64.76 -99.60
N ASN X 28 6.46 65.42 -99.87
CA ASN X 28 6.76 66.00 -101.18
C ASN X 28 7.21 64.93 -102.17
N PRO X 29 6.47 64.80 -103.29
CA PRO X 29 6.71 63.78 -104.33
C PRO X 29 8.15 63.76 -104.84
N LEU X 30 8.73 64.92 -105.07
CA LEU X 30 10.12 65.01 -105.54
C LEU X 30 11.10 64.49 -104.48
N GLN X 31 10.95 64.98 -103.25
CA GLN X 31 11.76 64.52 -102.14
C GLN X 31 11.50 63.04 -101.85
N SER X 32 10.25 62.62 -102.00
CA SER X 32 9.88 61.23 -101.83
C SER X 32 10.62 60.34 -102.81
N LYS X 33 10.70 60.77 -104.07
CA LYS X 33 11.45 60.01 -105.07
C LYS X 33 12.93 60.02 -104.74
N LEU X 34 13.43 61.18 -104.30
CA LEU X 34 14.83 61.33 -103.91
C LEU X 34 15.23 60.28 -102.88
N PHE X 35 14.44 60.17 -101.81
CA PHE X 35 14.72 59.21 -100.76
C PHE X 35 14.46 57.78 -101.20
N GLU X 36 13.42 57.59 -102.01
CA GLU X 36 13.05 56.26 -102.51
C GLU X 36 14.12 55.69 -103.44
N THR X 37 14.94 56.56 -104.01
CA THR X 37 16.04 56.12 -104.87
C THR X 37 17.37 56.06 -104.12
N PHE X 38 17.61 57.01 -103.23
CA PHE X 38 18.91 57.08 -102.56
C PHE X 38 19.02 56.27 -101.26
N ALA X 39 17.90 56.04 -100.60
CA ALA X 39 17.90 55.24 -99.37
C ALA X 39 17.58 53.78 -99.69
N ALA X 40 17.25 53.52 -100.96
CA ALA X 40 16.93 52.19 -101.44
C ALA X 40 18.00 51.10 -101.19
N PRO X 41 19.29 51.40 -101.44
CA PRO X 41 20.32 50.37 -101.20
C PRO X 41 20.32 49.83 -99.76
N PHE X 42 19.83 50.63 -98.81
CA PHE X 42 19.83 50.24 -97.42
C PHE X 42 18.54 49.54 -96.99
N THR X 43 17.67 49.21 -97.94
CA THR X 43 16.40 48.56 -97.61
C THR X 43 16.47 47.03 -97.67
N LYS X 44 17.64 46.49 -97.93
CA LYS X 44 17.85 45.05 -97.87
C LYS X 44 18.53 44.73 -96.54
N ARG X 45 17.79 44.06 -95.65
CA ARG X 45 18.22 43.94 -94.25
C ARG X 45 19.50 43.12 -94.03
N GLY X 46 19.73 42.11 -94.86
CA GLY X 46 20.96 41.33 -94.77
C GLY X 46 22.16 42.16 -95.18
N LEU X 47 22.04 42.82 -96.32
CA LEU X 47 23.08 43.70 -96.83
C LEU X 47 23.32 44.84 -95.87
N LEU X 48 22.24 45.35 -95.27
CA LEU X 48 22.36 46.43 -94.31
C LEU X 48 23.07 45.98 -93.04
N LEU X 49 22.78 44.75 -92.60
CA LEU X 49 23.43 44.21 -91.41
C LEU X 49 24.93 44.04 -91.65
N LYS X 50 25.28 43.44 -92.79
CA LYS X 50 26.68 43.26 -93.15
C LYS X 50 27.40 44.61 -93.27
N PHE X 51 26.73 45.57 -93.91
CA PHE X 51 27.30 46.89 -94.12
C PHE X 51 27.53 47.66 -92.83
N LEU X 52 26.59 47.53 -91.89
CA LEU X 52 26.68 48.22 -90.62
C LEU X 52 27.73 47.58 -89.71
N ILE X 53 27.78 46.25 -89.70
CA ILE X 53 28.76 45.53 -88.88
C ILE X 53 30.19 45.73 -89.40
N LEU X 54 30.41 45.38 -90.67
CA LEU X 54 31.73 45.49 -91.27
C LEU X 54 32.17 46.93 -91.44
N GLY X 55 31.27 47.77 -91.93
CA GLY X 55 31.56 49.18 -92.13
C GLY X 55 31.79 49.89 -90.82
N GLY X 56 30.95 49.59 -89.83
CA GLY X 56 31.09 50.18 -88.52
C GLY X 56 32.39 49.78 -87.85
N GLY X 57 32.72 48.49 -87.94
CA GLY X 57 33.96 47.99 -87.39
C GLY X 57 35.16 48.61 -88.06
N SER X 58 35.06 48.76 -89.37
CA SER X 58 36.13 49.35 -90.16
C SER X 58 36.36 50.81 -89.77
N THR X 59 35.27 51.56 -89.62
CA THR X 59 35.35 52.97 -89.24
C THR X 59 35.93 53.11 -87.84
N LEU X 60 35.43 52.30 -86.92
CA LEU X 60 35.93 52.28 -85.56
C LEU X 60 37.43 52.03 -85.55
N ALA X 61 37.86 51.03 -86.33
CA ALA X 61 39.26 50.68 -86.43
C ALA X 61 40.08 51.83 -87.02
N TYR X 62 39.50 52.53 -87.98
CA TYR X 62 40.18 53.67 -88.60
C TYR X 62 40.43 54.78 -87.60
N LEU X 63 39.34 55.33 -87.05
CA LEU X 63 39.45 56.46 -86.13
C LEU X 63 40.25 56.09 -84.87
N SER X 64 40.25 54.82 -84.50
CA SER X 64 41.01 54.36 -83.35
C SER X 64 42.51 54.29 -83.65
N ALA X 65 42.85 53.61 -84.74
CA ALA X 65 44.25 53.39 -85.11
C ALA X 65 44.99 54.68 -85.48
N THR X 66 44.23 55.72 -85.82
CA THR X 66 44.83 56.97 -86.27
C THR X 66 44.49 58.14 -85.36
N ALA X 67 44.16 57.85 -84.11
CA ALA X 67 43.80 58.89 -83.15
C ALA X 67 45.02 59.68 -82.72
N SER X 68 44.92 61.01 -82.77
CA SER X 68 46.03 61.88 -82.41
C SER X 68 46.33 61.79 -80.91
N GLY X 69 47.54 62.19 -80.54
CA GLY X 69 47.93 62.20 -79.13
C GLY X 69 47.28 63.35 -78.40
N ASP X 70 46.82 64.35 -79.16
CA ASP X 70 46.16 65.51 -78.60
C ASP X 70 44.69 65.24 -78.32
N ILE X 71 44.21 64.08 -78.75
CA ILE X 71 42.83 63.67 -78.51
C ILE X 71 42.78 62.62 -77.40
N LEU X 72 43.59 61.57 -77.53
CA LEU X 72 43.63 60.51 -76.53
C LEU X 72 44.94 60.51 -75.75
N PRO X 73 44.85 60.72 -74.43
CA PRO X 73 46.05 60.66 -73.58
C PRO X 73 46.71 59.29 -73.61
N ILE X 74 45.97 58.27 -74.00
CA ILE X 74 46.51 56.91 -74.05
C ILE X 74 47.44 56.75 -75.25
N THR X 75 47.23 57.55 -76.29
CA THR X 75 48.10 57.49 -77.46
C THR X 75 49.30 58.43 -77.27
N ARG X 76 49.09 59.52 -76.54
CA ARG X 76 50.17 60.46 -76.26
C ARG X 76 51.24 59.79 -75.39
N GLY X 77 50.81 58.97 -74.45
CA GLY X 77 51.73 58.27 -73.57
C GLY X 77 52.28 59.17 -72.48
N PRO X 78 53.12 58.60 -71.59
CA PRO X 78 53.69 59.36 -70.47
C PRO X 78 54.63 60.47 -70.94
N GLN X 79 54.62 61.58 -70.23
CA GLN X 79 55.48 62.71 -70.57
C GLN X 79 56.34 63.13 -69.38
N GLN X 80 56.05 62.57 -68.22
CA GLN X 80 56.81 62.86 -67.02
C GLN X 80 57.77 61.71 -66.76
N PRO X 81 58.90 61.99 -66.10
CA PRO X 81 59.83 60.92 -65.74
C PRO X 81 59.17 59.94 -64.76
N PRO X 82 59.50 58.65 -64.86
CA PRO X 82 58.86 57.63 -64.04
C PRO X 82 59.24 57.74 -62.56
N LYS X 83 58.31 57.40 -61.69
CA LYS X 83 58.57 57.41 -60.26
C LYS X 83 58.98 56.01 -59.81
N LEU X 84 59.84 55.93 -58.81
CA LEU X 84 60.32 54.65 -58.33
C LEU X 84 59.30 54.00 -57.40
N GLY X 85 59.27 52.67 -57.40
CA GLY X 85 58.38 51.93 -56.53
C GLY X 85 58.83 52.01 -55.08
N PRO X 86 58.03 51.43 -54.17
CA PRO X 86 58.24 51.51 -52.72
C PRO X 86 59.59 51.00 -52.23
N ARG X 87 60.05 49.87 -52.76
CA ARG X 87 61.24 49.23 -52.21
C ARG X 87 62.46 49.35 -53.13
N GLY X 88 62.59 50.50 -53.79
CA GLY X 88 63.66 50.71 -54.74
C GLY X 88 63.42 49.98 -56.04
N LYS X 89 62.15 49.65 -56.30
CA LYS X 89 61.78 48.89 -57.48
C LYS X 89 61.42 49.82 -58.64
N ILE X 90 61.83 49.45 -59.85
CA ILE X 90 61.61 50.29 -61.02
C ILE X 90 60.13 50.48 -61.33
N ILE Y 1 51.57 50.35 -78.82
CA ILE Y 1 50.40 51.24 -78.90
C ILE Y 1 49.72 51.09 -80.26
N ASN Y 2 50.49 50.69 -81.27
CA ASN Y 2 49.94 50.50 -82.61
C ASN Y 2 48.91 49.37 -82.63
N LEU Y 3 49.35 48.15 -82.36
CA LEU Y 3 48.45 47.00 -82.32
C LEU Y 3 47.30 47.11 -81.30
N PRO Y 4 47.59 47.51 -80.04
CA PRO Y 4 46.49 47.64 -79.07
C PRO Y 4 45.37 48.59 -79.52
N SER Y 5 45.73 49.65 -80.23
CA SER Y 5 44.74 50.61 -80.71
C SER Y 5 43.79 49.97 -81.72
N LEU Y 6 44.20 48.85 -82.29
CA LEU Y 6 43.37 48.12 -83.23
C LEU Y 6 42.61 46.99 -82.52
N PHE Y 7 43.35 46.18 -81.76
CA PHE Y 7 42.79 44.98 -81.15
C PHE Y 7 41.85 45.24 -79.97
N VAL Y 8 42.15 46.27 -79.17
CA VAL Y 8 41.29 46.57 -78.02
C VAL Y 8 39.85 46.96 -78.41
N PRO Y 9 39.67 47.92 -79.34
CA PRO Y 9 38.29 48.19 -79.74
C PRO Y 9 37.69 47.03 -80.53
N LEU Y 10 38.56 46.20 -81.11
CA LEU Y 10 38.12 45.05 -81.88
C LEU Y 10 37.46 44.03 -80.94
N VAL Y 11 38.12 43.79 -79.81
CA VAL Y 11 37.64 42.81 -78.83
C VAL Y 11 36.59 43.42 -77.90
N GLY Y 12 36.68 44.71 -77.66
CA GLY Y 12 35.80 45.37 -76.73
C GLY Y 12 34.51 45.91 -77.32
N LEU Y 13 34.49 46.13 -78.63
CA LEU Y 13 33.32 46.74 -79.26
C LEU Y 13 32.77 45.93 -80.42
N LEU Y 14 33.62 45.58 -81.37
CA LEU Y 14 33.19 44.85 -82.56
C LEU Y 14 32.79 43.40 -82.24
N PHE Y 15 33.71 42.66 -81.65
CA PHE Y 15 33.46 41.28 -81.24
C PHE Y 15 32.19 41.08 -80.41
N PRO Y 16 32.00 41.89 -79.34
CA PRO Y 16 30.78 41.67 -78.55
C PRO Y 16 29.50 42.11 -79.27
N ALA Y 17 29.60 43.08 -80.19
CA ALA Y 17 28.44 43.49 -80.96
C ALA Y 17 28.01 42.36 -81.89
N VAL Y 18 28.98 41.83 -82.63
CA VAL Y 18 28.75 40.70 -83.52
C VAL Y 18 28.24 39.49 -82.75
N ALA Y 19 28.87 39.20 -81.61
CA ALA Y 19 28.52 38.03 -80.81
C ALA Y 19 27.12 38.15 -80.24
N MET Y 20 26.79 39.31 -79.69
CA MET Y 20 25.48 39.53 -79.11
C MET Y 20 24.38 39.53 -80.16
N ALA Y 21 24.65 40.12 -81.32
CA ALA Y 21 23.69 40.10 -82.41
C ALA Y 21 23.43 38.67 -82.90
N SER Y 22 24.52 37.94 -83.15
CA SER Y 22 24.44 36.56 -83.61
C SER Y 22 23.69 35.67 -82.63
N LEU Y 23 24.07 35.76 -81.36
CA LEU Y 23 23.42 34.97 -80.31
C LEU Y 23 21.96 35.35 -80.15
N PHE Y 24 21.67 36.64 -80.29
CA PHE Y 24 20.29 37.12 -80.24
C PHE Y 24 19.48 36.44 -81.33
N LEU Y 25 19.95 36.54 -82.56
CA LEU Y 25 19.28 35.93 -83.70
C LEU Y 25 19.11 34.42 -83.53
N HIS Y 26 20.14 33.76 -83.00
CA HIS Y 26 20.09 32.31 -82.79
C HIS Y 26 19.05 31.91 -81.77
N VAL Y 27 19.04 32.62 -80.65
CA VAL Y 27 18.16 32.31 -79.53
C VAL Y 27 16.70 32.64 -79.87
N GLU Y 28 16.51 33.63 -80.75
CA GLU Y 28 15.17 34.03 -81.13
C GLU Y 28 14.52 33.15 -82.22
N LYS Y 29 15.34 32.44 -83.00
CA LYS Y 29 14.84 31.62 -84.10
C LYS Y 29 13.92 30.49 -83.65
N ARG Y 30 13.23 29.89 -84.63
CA ARG Y 30 12.34 28.75 -84.37
C ARG Y 30 12.17 27.90 -85.63
N MET Z 1 -6.19 32.86 -6.30
CA MET Z 1 -4.86 32.73 -5.72
C MET Z 1 -4.11 31.57 -6.36
N ARG Z 2 -4.80 30.43 -6.51
CA ARG Z 2 -4.23 29.28 -7.20
C ARG Z 2 -3.91 29.63 -8.64
N ASP Z 3 -4.77 30.45 -9.22
CA ASP Z 3 -4.60 30.91 -10.60
C ASP Z 3 -3.36 31.79 -10.72
N LEU Z 4 -3.14 32.64 -9.71
CA LEU Z 4 -1.97 33.50 -9.70
C LEU Z 4 -0.70 32.67 -9.57
N LYS Z 5 -0.74 31.65 -8.72
CA LYS Z 5 0.39 30.73 -8.57
C LYS Z 5 0.67 29.99 -9.87
N THR Z 6 -0.39 29.60 -10.58
CA THR Z 6 -0.25 28.95 -11.87
C THR Z 6 0.40 29.90 -12.89
N TYR Z 7 -0.02 31.15 -12.88
CA TYR Z 7 0.58 32.16 -13.78
C TYR Z 7 2.05 32.39 -13.47
N LEU Z 8 2.39 32.45 -12.18
CA LEU Z 8 3.77 32.65 -11.78
C LEU Z 8 4.64 31.46 -12.16
N SER Z 9 3.99 30.33 -12.45
CA SER Z 9 4.68 29.12 -12.84
C SER Z 9 4.81 28.99 -14.35
N VAL Z 10 4.32 30.00 -15.07
CA VAL Z 10 4.42 29.98 -16.53
C VAL Z 10 5.86 30.26 -16.95
N ALA Z 11 6.23 29.79 -18.14
CA ALA Z 11 7.62 29.79 -18.60
C ALA Z 11 8.39 31.14 -18.53
N PRO Z 12 7.84 32.24 -19.07
CA PRO Z 12 8.61 33.48 -19.03
C PRO Z 12 8.82 34.05 -17.62
N VAL Z 13 7.82 33.93 -16.76
CA VAL Z 13 7.94 34.41 -15.39
C VAL Z 13 8.95 33.56 -14.63
N VAL Z 14 8.82 32.25 -14.78
CA VAL Z 14 9.76 31.31 -14.20
C VAL Z 14 11.19 31.62 -14.63
N SER Z 15 11.37 31.92 -15.92
CA SER Z 15 12.68 32.23 -16.46
C SER Z 15 13.23 33.53 -15.91
N THR Z 16 12.37 34.55 -15.81
CA THR Z 16 12.79 35.83 -15.26
C THR Z 16 13.22 35.71 -13.80
N LEU Z 17 12.47 34.94 -13.01
CA LEU Z 17 12.81 34.75 -11.61
C LEU Z 17 14.09 33.93 -11.44
N TRP Z 18 14.20 32.87 -12.24
CA TRP Z 18 15.35 31.96 -12.18
C TRP Z 18 16.65 32.67 -12.57
N PHE Z 19 16.62 33.34 -13.72
CA PHE Z 19 17.78 34.05 -14.22
C PHE Z 19 18.05 35.34 -13.45
N GLY Z 20 17.02 35.88 -12.80
CA GLY Z 20 17.19 37.04 -11.94
C GLY Z 20 17.97 36.64 -10.71
N ALA Z 21 17.55 35.53 -10.11
CA ALA Z 21 18.24 34.97 -8.96
C ALA Z 21 19.67 34.60 -9.31
N LEU Z 22 19.84 33.93 -10.45
CA LEU Z 22 21.17 33.54 -10.92
C LEU Z 22 22.06 34.74 -11.15
N ALA Z 23 21.50 35.77 -11.78
CA ALA Z 23 22.25 36.99 -12.04
C ALA Z 23 22.71 37.61 -10.73
N GLY Z 24 21.81 37.68 -9.76
CA GLY Z 24 22.15 38.19 -8.45
C GLY Z 24 23.30 37.41 -7.82
N LEU Z 25 23.18 36.08 -7.86
CA LEU Z 25 24.19 35.20 -7.31
C LEU Z 25 25.56 35.48 -7.92
N LEU Z 26 25.63 35.37 -9.25
CA LEU Z 26 26.88 35.58 -9.98
C LEU Z 26 27.48 36.97 -9.73
N ILE Z 27 26.60 37.97 -9.61
CA ILE Z 27 27.03 39.33 -9.32
C ILE Z 27 27.71 39.41 -7.95
N GLU Z 28 27.05 38.87 -6.93
CA GLU Z 28 27.60 38.91 -5.58
C GLU Z 28 28.89 38.11 -5.47
N ILE Z 29 28.95 36.96 -6.12
CA ILE Z 29 30.16 36.16 -6.17
C ILE Z 29 31.30 36.96 -6.79
N ASN Z 30 31.02 37.63 -7.91
CA ASN Z 30 32.06 38.44 -8.55
C ASN Z 30 32.37 39.74 -7.82
N ARG Z 31 31.56 40.10 -6.84
CA ARG Z 31 31.88 41.26 -6.00
C ARG Z 31 32.77 40.84 -4.83
N PHE Z 32 32.50 39.65 -4.29
CA PHE Z 32 33.29 39.13 -3.17
C PHE Z 32 34.57 38.46 -3.63
N PHE Z 33 34.48 37.74 -4.75
CA PHE Z 33 35.65 37.10 -5.34
C PHE Z 33 35.89 37.64 -6.74
N PRO Z 34 36.41 38.86 -6.85
CA PRO Z 34 36.55 39.53 -8.15
C PRO Z 34 37.80 39.11 -8.91
N ASP Z 35 37.80 39.35 -10.21
CA ASP Z 35 38.97 39.14 -11.06
C ASP Z 35 39.53 37.71 -11.03
N ALA Z 36 38.65 36.74 -10.85
CA ALA Z 36 39.06 35.34 -10.79
C ALA Z 36 39.37 34.77 -12.17
N LEU Z 37 40.61 34.33 -12.36
CA LEU Z 37 41.03 33.75 -13.63
C LEU Z 37 41.47 32.30 -13.44
N ILE Z 38 41.81 31.95 -12.20
CA ILE Z 38 42.18 30.58 -11.85
C ILE Z 38 41.22 30.04 -10.79
N PHE Z 39 40.83 28.77 -10.94
CA PHE Z 39 39.83 28.13 -10.09
C PHE Z 39 38.46 28.81 -10.23
N PHE AA 2 -13.78 101.98 -21.54
CA PHE AA 2 -13.96 103.28 -22.19
C PHE AA 2 -15.12 103.23 -23.17
N ILE AA 3 -16.33 103.43 -22.65
CA ILE AA 3 -17.53 103.41 -23.49
C ILE AA 3 -17.53 104.60 -24.45
N GLY AA 4 -17.66 104.31 -25.73
CA GLY AA 4 -17.65 105.36 -26.75
C GLY AA 4 -16.37 105.40 -27.55
N SER AA 5 -15.44 104.51 -27.20
CA SER AA 5 -14.15 104.42 -27.91
C SER AA 5 -14.33 103.66 -29.21
N PRO AA 6 -13.46 103.96 -30.21
CA PRO AA 6 -13.50 103.28 -31.52
C PRO AA 6 -13.49 101.76 -31.40
N THR AA 7 -12.63 101.23 -30.54
CA THR AA 7 -12.57 99.79 -30.30
C THR AA 7 -13.91 99.28 -29.81
N ASN AA 8 -14.49 100.01 -28.84
CA ASN AA 8 -15.78 99.66 -28.28
C ASN AA 8 -16.89 99.66 -29.34
N LEU AA 9 -16.90 100.68 -30.18
CA LEU AA 9 -17.89 100.80 -31.25
C LEU AA 9 -17.77 99.64 -32.23
N ILE AA 10 -16.55 99.39 -32.71
CA ILE AA 10 -16.29 98.30 -33.63
C ILE AA 10 -16.72 96.96 -33.06
N MET AA 11 -16.38 96.73 -31.80
CA MET AA 11 -16.72 95.48 -31.13
C MET AA 11 -18.24 95.28 -30.97
N VAL AA 12 -18.90 96.29 -30.42
CA VAL AA 12 -20.34 96.20 -30.17
C VAL AA 12 -21.13 96.08 -31.47
N THR AA 13 -20.69 96.77 -32.52
CA THR AA 13 -21.36 96.71 -33.81
C THR AA 13 -21.10 95.36 -34.49
N SER AA 14 -19.89 94.83 -34.33
CA SER AA 14 -19.58 93.52 -34.89
C SER AA 14 -20.44 92.44 -34.25
N THR AA 15 -20.45 92.42 -32.92
CA THR AA 15 -21.25 91.44 -32.19
C THR AA 15 -22.75 91.60 -32.49
N SER AA 16 -23.20 92.84 -32.60
CA SER AA 16 -24.59 93.11 -32.92
C SER AA 16 -24.98 92.60 -34.31
N LEU AA 17 -24.18 92.95 -35.32
CA LEU AA 17 -24.44 92.54 -36.69
C LEU AA 17 -24.37 91.02 -36.84
N MET AA 18 -23.47 90.40 -36.08
CA MET AA 18 -23.33 88.94 -36.12
C MET AA 18 -24.48 88.23 -35.45
N LEU AA 19 -24.98 88.79 -34.35
CA LEU AA 19 -26.16 88.24 -33.68
C LEU AA 19 -27.40 88.49 -34.55
N PHE AA 20 -27.32 89.52 -35.38
CA PHE AA 20 -28.43 89.93 -36.24
C PHE AA 20 -28.65 88.93 -37.38
N ALA AA 21 -27.56 88.41 -37.93
CA ALA AA 21 -27.64 87.46 -39.04
C ALA AA 21 -28.14 86.09 -38.57
N ALA AA 53 -37.57 82.77 -30.07
CA ALA AA 53 -38.43 82.17 -31.09
C ALA AA 53 -37.62 81.72 -32.30
N GLY AA 54 -36.87 80.62 -32.14
CA GLY AA 54 -36.05 80.08 -33.20
C GLY AA 54 -34.57 80.25 -32.91
N PHE AA 55 -34.26 80.90 -31.79
CA PHE AA 55 -32.89 81.22 -31.43
C PHE AA 55 -32.56 80.62 -30.07
N THR AA 56 -31.42 79.94 -29.99
CA THR AA 56 -31.04 79.27 -28.75
C THR AA 56 -29.79 79.91 -28.13
N LEU AA 57 -29.35 79.37 -27.00
CA LEU AA 57 -28.18 79.86 -26.31
C LEU AA 57 -26.91 79.58 -27.12
N ALA AA 58 -26.85 78.40 -27.73
CA ALA AA 58 -25.70 78.00 -28.53
C ALA AA 58 -25.51 78.93 -29.74
N ASP AA 59 -26.62 79.36 -30.32
CA ASP AA 59 -26.59 80.25 -31.47
C ASP AA 59 -26.03 81.62 -31.07
N THR AA 60 -26.47 82.11 -29.90
CA THR AA 60 -26.03 83.41 -29.41
C THR AA 60 -24.56 83.37 -29.01
N LEU AA 61 -24.13 82.26 -28.43
CA LEU AA 61 -22.74 82.05 -28.09
C LEU AA 61 -21.88 82.03 -29.35
N ALA AA 62 -22.33 81.28 -30.35
CA ALA AA 62 -21.62 81.17 -31.63
C ALA AA 62 -21.47 82.52 -32.33
N CYS AA 63 -22.60 83.17 -32.60
CA CYS AA 63 -22.62 84.46 -33.26
C CYS AA 63 -21.87 85.52 -32.46
N GLY AA 64 -21.95 85.42 -31.13
CA GLY AA 64 -21.23 86.32 -30.25
C GLY AA 64 -19.72 86.18 -30.38
N VAL AA 65 -19.25 84.93 -30.33
CA VAL AA 65 -17.83 84.65 -30.47
C VAL AA 65 -17.30 85.11 -31.83
N VAL AA 66 -18.03 84.79 -32.90
CA VAL AA 66 -17.61 85.19 -34.24
C VAL AA 66 -17.61 86.71 -34.39
N GLY AA 67 -18.61 87.36 -33.81
CA GLY AA 67 -18.67 88.81 -33.80
C GLY AA 67 -17.47 89.39 -33.09
N HIS AA 68 -17.05 88.76 -31.99
CA HIS AA 68 -15.86 89.19 -31.28
C HIS AA 68 -14.58 88.98 -32.07
N ILE AA 69 -14.51 87.88 -32.81
CA ILE AA 69 -13.34 87.59 -33.64
C ILE AA 69 -13.20 88.64 -34.75
N ILE AA 70 -14.31 88.90 -35.45
CA ILE AA 70 -14.34 89.93 -36.48
C ILE AA 70 -13.99 91.29 -35.89
N GLY AA 71 -14.53 91.56 -34.69
CA GLY AA 71 -14.28 92.80 -33.99
C GLY AA 71 -12.80 93.03 -33.67
N VAL AA 72 -12.17 92.03 -33.07
CA VAL AA 72 -10.75 92.11 -32.72
C VAL AA 72 -9.88 92.24 -33.99
N GLY AA 73 -10.23 91.46 -35.01
CA GLY AA 73 -9.53 91.53 -36.28
C GLY AA 73 -9.57 92.91 -36.89
N VAL AA 74 -10.75 93.52 -36.90
CA VAL AA 74 -10.91 94.88 -37.44
C VAL AA 74 -10.19 95.92 -36.59
N VAL AA 75 -10.38 95.85 -35.27
CA VAL AA 75 -9.75 96.79 -34.35
C VAL AA 75 -8.23 96.80 -34.49
N LEU AA 76 -7.63 95.61 -34.51
CA LEU AA 76 -6.18 95.50 -34.65
C LEU AA 76 -5.72 95.81 -36.07
N GLY AA 77 -6.60 95.59 -37.04
CA GLY AA 77 -6.29 95.87 -38.43
C GLY AA 77 -6.29 97.36 -38.78
N LEU AA 78 -6.89 98.17 -37.92
CA LEU AA 78 -6.97 99.61 -38.16
C LEU AA 78 -5.97 100.38 -37.30
N VAL BA 3 -15.50 61.91 -67.74
CA VAL BA 3 -14.22 62.25 -68.34
C VAL BA 3 -13.41 60.99 -68.63
N ILE BA 4 -13.39 60.07 -67.68
CA ILE BA 4 -12.69 58.80 -67.85
C ILE BA 4 -13.70 57.72 -68.18
N GLN BA 5 -13.47 57.03 -69.29
CA GLN BA 5 -14.39 56.00 -69.77
C GLN BA 5 -13.62 54.72 -70.15
N PRO BA 6 -14.32 53.58 -70.20
CA PRO BA 6 -13.69 52.34 -70.66
C PRO BA 6 -13.13 52.49 -72.07
N ILE BA 7 -12.04 51.77 -72.37
CA ILE BA 7 -11.38 51.88 -73.66
C ILE BA 7 -12.26 51.46 -74.84
N ASN BA 8 -12.57 52.42 -75.70
CA ASN BA 8 -13.43 52.19 -76.86
C ASN BA 8 -14.78 51.58 -76.51
N GLY BA 9 -15.25 51.85 -75.29
CA GLY BA 9 -16.53 51.36 -74.84
C GLY BA 9 -16.47 50.00 -74.14
N ASP BA 10 -15.35 49.31 -74.29
CA ASP BA 10 -15.20 47.98 -73.70
C ASP BA 10 -14.53 48.03 -72.34
N PRO BA 11 -15.31 47.80 -71.28
CA PRO BA 11 -14.80 47.91 -69.90
C PRO BA 11 -13.96 46.70 -69.49
N PHE BA 12 -13.81 45.72 -70.37
CA PHE BA 12 -13.09 44.51 -70.01
C PHE BA 12 -11.84 44.30 -70.85
N ILE BA 13 -11.48 45.32 -71.63
CA ILE BA 13 -10.16 45.39 -72.23
C ILE BA 13 -9.31 46.20 -71.24
N GLY BA 14 -8.13 45.70 -70.92
CA GLY BA 14 -7.32 46.26 -69.84
C GLY BA 14 -6.74 47.63 -70.06
N SER BA 15 -7.60 48.62 -70.29
CA SER BA 15 -7.16 50.00 -70.43
C SER BA 15 -8.32 50.97 -70.18
N LEU BA 16 -8.01 52.26 -70.23
CA LEU BA 16 -9.01 53.30 -70.01
C LEU BA 16 -8.88 54.44 -71.00
N GLU BA 17 -9.98 55.15 -71.20
CA GLU BA 17 -10.01 56.31 -72.08
C GLU BA 17 -9.97 57.57 -71.21
N THR BA 18 -8.85 58.29 -71.27
CA THR BA 18 -8.66 59.48 -70.46
C THR BA 18 -8.36 60.69 -71.37
N PRO BA 19 -8.39 61.92 -70.81
CA PRO BA 19 -7.95 63.09 -71.58
C PRO BA 19 -6.57 62.93 -72.18
N VAL BA 20 -5.70 62.19 -71.50
CA VAL BA 20 -4.36 61.92 -72.01
C VAL BA 20 -4.38 60.98 -73.22
N THR BA 21 -5.16 59.91 -73.12
CA THR BA 21 -5.20 58.89 -74.17
C THR BA 21 -6.02 59.32 -75.38
N SER BA 22 -7.22 59.83 -75.14
CA SER BA 22 -8.13 60.15 -76.24
C SER BA 22 -8.77 61.54 -76.12
N SER BA 23 -8.09 62.53 -76.66
CA SER BA 23 -8.67 63.85 -76.83
C SER BA 23 -8.27 64.32 -78.23
N PRO BA 24 -9.08 65.19 -78.85
CA PRO BA 24 -8.84 65.64 -80.22
C PRO BA 24 -7.40 66.05 -80.50
N LEU BA 25 -6.81 66.82 -79.59
CA LEU BA 25 -5.46 67.33 -79.78
C LEU BA 25 -4.41 66.23 -79.84
N ILE BA 26 -4.40 65.35 -78.85
CA ILE BA 26 -3.43 64.26 -78.79
C ILE BA 26 -3.66 63.26 -79.90
N ALA BA 27 -4.92 62.97 -80.21
CA ALA BA 27 -5.27 62.04 -81.28
C ALA BA 27 -4.75 62.55 -82.61
N TRP BA 28 -5.04 63.81 -82.89
CA TRP BA 28 -4.53 64.46 -84.10
C TRP BA 28 -3.00 64.41 -84.14
N TYR BA 29 -2.38 64.74 -83.01
CA TYR BA 29 -0.92 64.80 -82.94
C TYR BA 29 -0.28 63.46 -83.25
N LEU BA 30 -0.71 62.41 -82.55
CA LEU BA 30 -0.15 61.08 -82.73
C LEU BA 30 -0.44 60.51 -84.11
N SER BA 31 -1.65 60.73 -84.60
CA SER BA 31 -2.04 60.21 -85.91
C SER BA 31 -1.26 60.88 -87.05
N ASN BA 32 -0.67 62.04 -86.77
CA ASN BA 32 0.13 62.75 -87.75
C ASN BA 32 1.64 62.55 -87.59
N LEU BA 33 2.01 61.65 -86.68
CA LEU BA 33 3.42 61.29 -86.49
C LEU BA 33 3.81 60.22 -87.52
N PRO BA 34 5.05 60.29 -88.03
CA PRO BA 34 5.51 59.39 -89.10
C PRO BA 34 5.33 57.92 -88.79
N ALA BA 35 5.26 57.55 -87.52
CA ALA BA 35 5.07 56.16 -87.14
C ALA BA 35 3.65 55.69 -87.42
N TYR BA 36 2.70 56.62 -87.35
CA TYR BA 36 1.29 56.27 -87.51
C TYR BA 36 0.74 56.60 -88.89
N ARG BA 37 1.60 57.08 -89.77
CA ARG BA 37 1.24 57.24 -91.18
C ARG BA 37 1.11 55.86 -91.82
N THR BA 38 0.07 55.12 -91.41
CA THR BA 38 -0.05 53.70 -91.70
C THR BA 38 -0.30 53.38 -93.18
N ALA BA 39 -0.51 54.41 -93.99
CA ALA BA 39 -0.83 54.22 -95.41
C ALA BA 39 0.29 54.69 -96.34
N VAL BA 40 1.40 55.13 -95.76
CA VAL BA 40 2.52 55.63 -96.55
C VAL BA 40 3.68 54.66 -96.50
N SER BA 41 4.65 54.83 -97.40
CA SER BA 41 5.80 53.94 -97.48
C SER BA 41 6.61 54.01 -96.19
N PRO BA 42 6.90 52.84 -95.60
CA PRO BA 42 7.67 52.74 -94.35
C PRO BA 42 9.07 53.33 -94.52
N LEU BA 43 9.54 53.36 -95.76
CA LEU BA 43 10.83 53.97 -96.07
C LEU BA 43 10.80 55.45 -95.71
N LEU BA 44 9.78 56.15 -96.19
CA LEU BA 44 9.65 57.60 -95.95
C LEU BA 44 9.44 57.92 -94.47
N ARG BA 45 8.64 57.10 -93.79
CA ARG BA 45 8.48 57.24 -92.35
C ARG BA 45 9.85 57.15 -91.71
N GLY BA 46 10.58 56.11 -92.09
CA GLY BA 46 11.94 55.89 -91.61
C GLY BA 46 12.82 57.10 -91.83
N ILE BA 47 12.71 57.72 -93.00
CA ILE BA 47 13.46 58.95 -93.27
C ILE BA 47 13.10 60.05 -92.29
N GLU BA 48 11.81 60.26 -92.03
CA GLU BA 48 11.43 61.31 -91.08
C GLU BA 48 11.96 61.04 -89.68
N VAL BA 49 11.63 59.86 -89.14
CA VAL BA 49 12.05 59.45 -87.80
C VAL BA 49 13.56 59.57 -87.63
N GLY BA 50 14.30 58.94 -88.54
CA GLY BA 50 15.74 58.95 -88.52
C GLY BA 50 16.31 60.35 -88.60
N LEU BA 51 15.69 61.17 -89.43
CA LEU BA 51 16.12 62.55 -89.61
C LEU BA 51 16.04 63.28 -88.28
N ALA BA 52 14.87 63.23 -87.65
CA ALA BA 52 14.64 63.90 -86.38
C ALA BA 52 15.56 63.39 -85.26
N HIS BA 53 15.62 62.08 -85.09
CA HIS BA 53 16.42 61.50 -84.01
C HIS BA 53 17.91 61.74 -84.18
N GLY BA 54 18.39 61.58 -85.41
CA GLY BA 54 19.77 61.85 -85.74
C GLY BA 54 20.11 63.31 -85.48
N TYR BA 55 19.17 64.19 -85.83
CA TYR BA 55 19.34 65.62 -85.58
C TYR BA 55 19.46 65.96 -84.09
N LEU BA 56 18.55 65.42 -83.27
CA LEU BA 56 18.56 65.71 -81.84
C LEU BA 56 19.77 65.09 -81.13
N LEU BA 57 20.22 63.94 -81.63
CA LEU BA 57 21.31 63.21 -80.99
C LEU BA 57 22.63 63.96 -80.91
N VAL BA 58 22.88 64.84 -81.87
CA VAL BA 58 24.11 65.62 -81.91
C VAL BA 58 24.30 66.49 -80.67
N GLY BA 59 23.20 67.04 -80.16
CA GLY BA 59 23.22 67.95 -79.02
C GLY BA 59 23.96 67.46 -77.78
N PRO BA 60 23.41 66.43 -77.12
CA PRO BA 60 24.01 65.91 -75.88
C PRO BA 60 25.43 65.36 -76.07
N PHE BA 61 25.74 64.85 -77.26
CA PHE BA 61 27.08 64.33 -77.51
C PHE BA 61 28.10 65.45 -77.62
N VAL BA 62 27.73 66.52 -78.31
CA VAL BA 62 28.64 67.63 -78.54
C VAL BA 62 28.95 68.39 -77.25
N LYS BA 63 27.91 68.66 -76.47
CA LYS BA 63 28.05 69.52 -75.30
C LYS BA 63 28.50 68.78 -74.03
N ALA BA 64 28.18 67.50 -73.93
CA ALA BA 64 28.48 66.75 -72.71
C ALA BA 64 29.67 65.79 -72.85
N GLY BA 65 30.03 65.46 -74.10
CA GLY BA 65 31.12 64.54 -74.37
C GLY BA 65 32.47 64.98 -73.84
N PRO BA 66 33.49 64.10 -73.97
CA PRO BA 66 34.83 64.31 -73.40
C PRO BA 66 35.64 65.42 -74.09
N LEU BA 67 35.26 65.77 -75.32
CA LEU BA 67 35.98 66.79 -76.06
C LEU BA 67 35.15 68.07 -76.21
N ARG BA 68 34.24 68.28 -75.27
CA ARG BA 68 33.35 69.45 -75.29
C ARG BA 68 34.10 70.77 -75.19
N ASN BA 69 35.21 70.76 -74.44
CA ASN BA 69 35.99 71.98 -74.23
C ASN BA 69 37.23 72.03 -75.11
N THR BA 70 37.12 71.47 -76.30
CA THR BA 70 38.24 71.44 -77.24
C THR BA 70 37.84 72.00 -78.61
N GLU BA 71 38.85 72.31 -79.42
CA GLU BA 71 38.61 72.84 -80.76
C GLU BA 71 37.93 71.84 -81.67
N ILE BA 72 37.89 70.58 -81.24
CA ILE BA 72 37.33 69.50 -82.03
C ILE BA 72 36.05 68.95 -81.40
N ALA BA 73 35.24 69.84 -80.83
CA ALA BA 73 34.02 69.44 -80.13
C ALA BA 73 32.91 68.98 -81.08
N GLY BA 74 32.60 69.80 -82.08
CA GLY BA 74 31.55 69.48 -83.02
C GLY BA 74 31.80 68.22 -83.82
N GLN BA 75 33.02 68.11 -84.35
CA GLN BA 75 33.45 66.94 -85.10
C GLN BA 75 33.25 65.68 -84.28
N ALA BA 76 33.82 65.68 -83.08
CA ALA BA 76 33.76 64.55 -82.17
C ALA BA 76 32.33 64.15 -81.81
N GLY BA 77 31.57 65.12 -81.31
CA GLY BA 77 30.20 64.88 -80.90
C GLY BA 77 29.33 64.35 -82.01
N SER BA 78 29.46 64.96 -83.19
CA SER BA 78 28.67 64.56 -84.34
C SER BA 78 29.06 63.15 -84.80
N LEU BA 79 30.35 62.86 -84.80
CA LEU BA 79 30.83 61.52 -85.13
C LEU BA 79 30.23 60.48 -84.20
N ALA BA 80 30.24 60.80 -82.90
CA ALA BA 80 29.63 59.92 -81.90
C ALA BA 80 28.15 59.71 -82.17
N ALA BA 81 27.46 60.80 -82.54
CA ALA BA 81 26.04 60.74 -82.87
C ALA BA 81 25.79 59.81 -84.05
N GLY BA 82 26.66 59.88 -85.06
CA GLY BA 82 26.59 58.99 -86.20
C GLY BA 82 26.82 57.55 -85.76
N GLY BA 83 27.71 57.38 -84.78
CA GLY BA 83 27.98 56.07 -84.23
C GLY BA 83 26.74 55.46 -83.59
N LEU BA 84 26.06 56.24 -82.76
CA LEU BA 84 24.82 55.79 -82.14
C LEU BA 84 23.75 55.54 -83.20
N VAL BA 85 23.77 56.33 -84.28
CA VAL BA 85 22.85 56.09 -85.39
C VAL BA 85 23.08 54.71 -85.99
N VAL BA 86 24.35 54.37 -86.22
CA VAL BA 86 24.71 53.06 -86.73
C VAL BA 86 24.28 51.94 -85.78
N ILE BA 87 24.60 52.09 -84.50
CA ILE BA 87 24.25 51.09 -83.49
C ILE BA 87 22.74 50.86 -83.39
N LEU BA 88 21.97 51.95 -83.37
CA LEU BA 88 20.52 51.87 -83.31
C LEU BA 88 19.94 51.28 -84.58
N SER BA 89 20.58 51.53 -85.71
CA SER BA 89 20.17 50.95 -86.97
C SER BA 89 20.39 49.45 -86.96
N LEU BA 90 21.47 49.03 -86.31
CA LEU BA 90 21.81 47.62 -86.15
C LEU BA 90 20.76 46.94 -85.28
N CYS BA 91 20.39 47.62 -84.20
CA CYS BA 91 19.35 47.14 -83.30
C CYS BA 91 18.03 46.96 -84.04
N LEU BA 92 17.64 47.98 -84.79
CA LEU BA 92 16.42 47.93 -85.60
C LEU BA 92 16.44 46.78 -86.61
N THR BA 93 17.58 46.61 -87.27
CA THR BA 93 17.75 45.56 -88.27
C THR BA 93 17.58 44.16 -87.65
N ILE BA 94 18.30 43.88 -86.57
CA ILE BA 94 18.17 42.57 -85.96
C ILE BA 94 16.77 42.36 -85.36
N TYR BA 95 16.14 43.45 -84.92
CA TYR BA 95 14.76 43.37 -84.45
C TYR BA 95 13.83 42.93 -85.58
N GLY BA 96 14.02 43.51 -86.76
CA GLY BA 96 13.24 43.14 -87.92
C GLY BA 96 13.48 41.70 -88.33
N ILE BA 97 14.74 41.29 -88.33
CA ILE BA 97 15.10 39.93 -88.71
C ILE BA 97 14.51 38.90 -87.75
N SER BA 98 14.53 39.20 -86.46
CA SER BA 98 14.05 38.25 -85.47
C SER BA 98 12.53 38.24 -85.37
N SER BA 99 11.91 39.39 -85.60
CA SER BA 99 10.47 39.53 -85.39
C SER BA 99 9.61 39.14 -86.59
N PHE BA 100 10.08 39.43 -87.79
CA PHE BA 100 9.28 39.19 -88.99
C PHE BA 100 9.92 38.22 -89.97
N ASN BA 101 9.18 37.18 -90.35
CA ASN BA 101 9.58 36.30 -91.44
C ASN BA 101 9.13 36.87 -92.78
N GLU BA 102 9.89 36.60 -93.84
CA GLU BA 102 9.64 37.21 -95.14
C GLU BA 102 8.29 36.85 -95.77
N GLY BA 103 7.74 35.69 -95.41
CA GLY BA 103 6.47 35.27 -95.95
C GLY BA 103 5.26 35.80 -95.16
N ALA BA 104 5.41 35.84 -93.84
CA ALA BA 104 4.31 36.23 -92.95
C ALA BA 104 3.78 37.64 -93.21
N PRO BA 105 2.45 37.80 -93.17
CA PRO BA 105 1.78 39.09 -93.36
C PRO BA 105 1.84 39.98 -92.11
N SER BA 106 1.19 41.14 -92.18
CA SER BA 106 1.28 42.15 -91.12
C SER BA 106 0.62 41.71 -89.81
N THR BA 107 1.29 41.98 -88.70
CA THR BA 107 0.76 41.65 -87.38
C THR BA 107 0.07 42.85 -86.74
N ALA BA 108 0.02 43.95 -87.49
CA ALA BA 108 -0.65 45.17 -87.05
C ALA BA 108 -2.16 44.95 -87.01
N PRO BA 109 -2.89 45.82 -86.26
CA PRO BA 109 -4.35 45.70 -86.22
C PRO BA 109 -4.97 45.93 -87.60
N SER BA 110 -6.08 45.26 -87.87
CA SER BA 110 -6.77 45.42 -89.15
C SER BA 110 -8.12 46.11 -88.95
N LEU BA 111 -8.30 46.72 -87.78
CA LEU BA 111 -9.54 47.39 -87.46
C LEU BA 111 -9.29 48.82 -86.99
N THR BA 112 -10.32 49.65 -87.02
CA THR BA 112 -10.24 51.01 -86.49
C THR BA 112 -10.98 51.09 -85.15
N LEU BA 113 -11.01 52.27 -84.56
CA LEU BA 113 -11.73 52.46 -83.30
C LEU BA 113 -13.21 52.17 -83.48
N THR BA 114 -13.75 52.58 -84.62
CA THR BA 114 -15.17 52.37 -84.92
C THR BA 114 -15.45 50.87 -85.08
N GLY BA 115 -14.44 50.12 -85.51
CA GLY BA 115 -14.57 48.68 -85.65
C GLY BA 115 -14.60 48.20 -87.08
N ARG BA 116 -14.43 49.11 -88.03
CA ARG BA 116 -14.44 48.75 -89.44
C ARG BA 116 -13.08 48.22 -89.88
N LYS BA 117 -13.08 47.37 -90.89
CA LYS BA 117 -11.85 46.78 -91.40
C LYS BA 117 -11.01 47.80 -92.16
N LYS BA 118 -9.69 47.63 -92.09
CA LYS BA 118 -8.76 48.46 -92.85
C LYS BA 118 -7.47 47.69 -93.09
N GLU BA 119 -6.64 48.20 -93.98
CA GLU BA 119 -5.39 47.53 -94.33
C GLU BA 119 -4.38 47.60 -93.20
N PRO BA 120 -3.93 46.43 -92.70
CA PRO BA 120 -2.94 46.36 -91.62
C PRO BA 120 -1.66 47.09 -92.00
N ASP BA 121 -1.02 47.72 -91.03
CA ASP BA 121 0.21 48.47 -91.28
C ASP BA 121 1.30 47.57 -91.85
N GLN BA 122 1.87 47.98 -92.97
CA GLN BA 122 2.94 47.20 -93.60
C GLN BA 122 4.28 47.45 -92.91
N LEU BA 123 4.24 48.26 -91.86
CA LEU BA 123 5.40 48.51 -91.03
C LEU BA 123 5.71 47.24 -90.23
N GLN BA 124 4.67 46.48 -89.91
CA GLN BA 124 4.83 45.24 -89.15
C GLN BA 124 5.07 44.06 -90.09
N THR BA 125 5.90 44.26 -91.10
CA THR BA 125 6.32 43.19 -91.99
C THR BA 125 7.83 43.25 -92.16
N ALA BA 126 8.42 42.18 -92.69
CA ALA BA 126 9.86 42.09 -92.90
C ALA BA 126 10.36 43.14 -93.88
N ASP BA 127 9.73 43.17 -95.06
CA ASP BA 127 10.07 44.12 -96.11
C ASP BA 127 9.82 45.54 -95.63
N GLY BA 128 8.66 45.76 -95.02
CA GLY BA 128 8.29 47.06 -94.50
C GLY BA 128 9.25 47.56 -93.43
N TRP BA 129 9.59 46.68 -92.50
CA TRP BA 129 10.51 47.05 -91.43
C TRP BA 129 11.91 47.29 -91.97
N ALA BA 130 12.31 46.53 -92.98
CA ALA BA 130 13.61 46.71 -93.62
C ALA BA 130 13.68 48.10 -94.28
N LYS BA 131 12.60 48.47 -94.95
CA LYS BA 131 12.50 49.79 -95.55
C LYS BA 131 12.57 50.88 -94.48
N PHE BA 132 11.83 50.67 -93.39
CA PHE BA 132 11.82 51.64 -92.29
C PHE BA 132 13.20 51.84 -91.68
N THR BA 133 13.93 50.75 -91.49
CA THR BA 133 15.26 50.82 -90.89
C THR BA 133 16.25 51.47 -91.83
N GLY BA 134 16.16 51.14 -93.12
CA GLY BA 134 17.02 51.78 -94.11
C GLY BA 134 16.79 53.28 -94.08
N GLY BA 135 15.52 53.66 -94.05
CA GLY BA 135 15.14 55.06 -93.97
C GLY BA 135 15.66 55.72 -92.72
N PHE BA 136 15.69 54.96 -91.62
CA PHE BA 136 16.18 55.47 -90.35
C PHE BA 136 17.69 55.68 -90.40
N PHE BA 137 18.40 54.82 -91.13
CA PHE BA 137 19.84 54.97 -91.25
C PHE BA 137 20.15 56.20 -92.09
N PHE BA 138 19.55 56.27 -93.28
CA PHE BA 138 19.78 57.39 -94.19
C PHE BA 138 19.42 58.72 -93.53
N GLY BA 139 18.19 58.81 -93.03
CA GLY BA 139 17.72 60.00 -92.34
C GLY BA 139 18.54 60.33 -91.11
N GLY BA 140 19.00 59.29 -90.41
CA GLY BA 140 19.82 59.47 -89.23
C GLY BA 140 21.12 60.17 -89.55
N ILE BA 141 21.90 59.57 -90.45
CA ILE BA 141 23.18 60.15 -90.84
C ILE BA 141 23.00 61.55 -91.43
N SER BA 142 21.99 61.69 -92.29
CA SER BA 142 21.70 62.98 -92.90
C SER BA 142 21.38 64.04 -91.84
N GLY BA 143 20.66 63.65 -90.80
CA GLY BA 143 20.29 64.54 -89.73
C GLY BA 143 21.47 64.96 -88.89
N VAL BA 144 22.33 64.00 -88.59
CA VAL BA 144 23.57 64.29 -87.87
C VAL BA 144 24.42 65.28 -88.67
N ILE BA 145 24.64 64.98 -89.94
CA ILE BA 145 25.41 65.85 -90.81
C ILE BA 145 24.80 67.25 -90.87
N TRP BA 146 23.47 67.32 -90.96
CA TRP BA 146 22.79 68.60 -91.03
C TRP BA 146 22.94 69.44 -89.77
N ALA BA 147 22.76 68.82 -88.61
CA ALA BA 147 22.93 69.52 -87.34
C ALA BA 147 24.37 70.01 -87.20
N TYR BA 148 25.32 69.15 -87.58
CA TYR BA 148 26.73 69.51 -87.55
C TYR BA 148 27.01 70.71 -88.45
N PHE BA 149 26.36 70.72 -89.61
CA PHE BA 149 26.50 71.81 -90.57
C PHE BA 149 25.95 73.12 -90.01
N LEU BA 150 24.76 73.08 -89.43
CA LEU BA 150 24.15 74.28 -88.86
C LEU BA 150 24.91 74.79 -87.65
N LEU BA 151 25.54 73.90 -86.92
CA LEU BA 151 26.22 74.27 -85.68
C LEU BA 151 27.66 74.73 -85.88
N TYR BA 152 28.33 74.19 -86.91
CA TYR BA 152 29.76 74.43 -87.07
C TYR BA 152 30.21 74.79 -88.48
N VAL BA 153 29.27 74.96 -89.39
CA VAL BA 153 29.57 75.42 -90.74
C VAL BA 153 28.59 76.51 -91.17
N ALA CA 1 41.52 -23.96 -12.85
CA ALA CA 1 42.35 -22.86 -12.37
C ALA CA 1 42.38 -21.72 -13.37
N HIS CA 2 41.74 -20.60 -13.01
CA HIS CA 2 41.69 -19.44 -13.89
C HIS CA 2 42.53 -18.26 -13.39
N TRP CA 3 42.72 -17.27 -14.26
CA TRP CA 3 43.64 -16.16 -14.01
C TRP CA 3 43.16 -15.19 -12.94
N MET CA 4 41.85 -14.99 -12.87
CA MET CA 4 41.25 -14.16 -11.83
C MET CA 4 40.22 -14.92 -11.01
N PRO CA 5 40.59 -15.34 -9.80
CA PRO CA 5 39.67 -16.03 -8.88
C PRO CA 5 38.42 -15.20 -8.63
N GLY CA 6 37.26 -15.74 -8.97
CA GLY CA 6 36.00 -15.04 -8.78
C GLY CA 6 35.43 -14.43 -10.04
N GLU CA 7 36.20 -14.49 -11.12
CA GLU CA 7 35.77 -13.93 -12.40
C GLU CA 7 35.19 -14.99 -13.31
N PRO CA 8 33.95 -14.78 -13.79
CA PRO CA 8 33.32 -15.73 -14.70
C PRO CA 8 34.07 -15.83 -16.01
N ARG CA 9 34.38 -17.05 -16.44
CA ARG CA 9 35.14 -17.24 -17.68
C ARG CA 9 34.20 -17.26 -18.88
N PRO CA 10 34.68 -16.76 -20.03
CA PRO CA 10 33.91 -16.69 -21.29
C PRO CA 10 33.27 -18.00 -21.70
N ALA CA 11 32.21 -17.90 -22.50
CA ALA CA 11 31.45 -19.07 -22.94
C ALA CA 11 32.25 -19.94 -23.91
N TYR CA 12 33.19 -19.32 -24.62
CA TYR CA 12 33.97 -20.02 -25.64
C TYR CA 12 35.25 -20.64 -25.09
N LEU CA 13 35.53 -20.41 -23.81
CA LEU CA 13 36.70 -20.99 -23.16
C LEU CA 13 36.29 -22.08 -22.17
N ASP CA 14 36.45 -23.33 -22.58
CA ASP CA 14 36.00 -24.47 -21.78
C ASP CA 14 37.13 -25.01 -20.91
N GLY CA 15 38.37 -24.63 -21.24
CA GLY CA 15 39.52 -25.07 -20.47
C GLY CA 15 40.13 -26.32 -21.04
N SER CA 16 39.71 -26.69 -22.25
CA SER CA 16 40.19 -27.90 -22.90
C SER CA 16 41.45 -27.64 -23.70
N ALA CA 17 41.89 -26.37 -23.70
CA ALA CA 17 43.09 -25.99 -24.43
C ALA CA 17 44.26 -25.80 -23.47
N PRO CA 18 45.48 -26.08 -23.93
CA PRO CA 18 46.68 -25.88 -23.11
C PRO CA 18 46.90 -24.39 -22.78
N GLY CA 19 46.87 -24.07 -21.50
CA GLY CA 19 47.06 -22.70 -21.06
C GLY CA 19 45.75 -21.93 -20.95
N ASP CA 20 44.62 -22.64 -21.09
CA ASP CA 20 43.32 -22.00 -21.00
C ASP CA 20 43.00 -21.67 -19.54
N PHE CA 21 43.28 -20.42 -19.16
CA PHE CA 21 43.02 -19.96 -17.81
C PHE CA 21 41.92 -18.90 -17.83
N GLY CA 22 41.18 -18.87 -18.94
CA GLY CA 22 40.05 -17.97 -19.09
C GLY CA 22 40.39 -16.50 -19.18
N PHE CA 23 41.55 -16.19 -19.77
CA PHE CA 23 41.95 -14.79 -19.92
C PHE CA 23 41.63 -14.26 -21.31
N ASP CA 24 40.55 -13.49 -21.42
CA ASP CA 24 40.23 -12.79 -22.66
C ASP CA 24 39.25 -11.65 -22.40
N PRO CA 25 39.74 -10.56 -21.76
CA PRO CA 25 38.89 -9.41 -21.41
C PRO CA 25 38.28 -8.72 -22.63
N LEU CA 26 39.04 -8.63 -23.71
CA LEU CA 26 38.58 -7.93 -24.91
C LEU CA 26 37.73 -8.84 -25.79
N GLY CA 27 37.66 -10.12 -25.43
CA GLY CA 27 36.87 -11.07 -26.19
C GLY CA 27 37.39 -11.22 -27.61
N LEU CA 28 38.71 -11.23 -27.75
CA LEU CA 28 39.34 -11.31 -29.07
C LEU CA 28 39.22 -12.70 -29.68
N GLY CA 29 39.09 -13.71 -28.81
CA GLY CA 29 38.96 -15.08 -29.26
C GLY CA 29 37.50 -15.51 -29.35
N GLU CA 30 36.61 -14.53 -29.51
CA GLU CA 30 35.19 -14.81 -29.62
C GLU CA 30 34.87 -15.58 -30.90
N VAL CA 31 35.62 -15.29 -31.95
CA VAL CA 31 35.51 -16.04 -33.20
C VAL CA 31 36.44 -17.23 -33.18
N PRO CA 32 35.89 -18.45 -33.35
CA PRO CA 32 36.64 -19.71 -33.28
C PRO CA 32 37.85 -19.77 -34.20
N ALA CA 33 37.67 -19.38 -35.47
CA ALA CA 33 38.76 -19.36 -36.43
C ALA CA 33 39.87 -18.41 -35.99
N ASN CA 34 39.46 -17.19 -35.65
CA ASN CA 34 40.38 -16.19 -35.12
C ASN CA 34 41.10 -16.70 -33.88
N LEU CA 35 40.37 -17.40 -33.02
CA LEU CA 35 40.93 -17.96 -31.78
C LEU CA 35 42.00 -19.01 -32.08
N GLU CA 36 41.73 -19.86 -33.06
CA GLU CA 36 42.69 -20.89 -33.48
C GLU CA 36 43.95 -20.24 -34.03
N ARG CA 37 43.76 -19.26 -34.92
CA ARG CA 37 44.87 -18.50 -35.47
C ARG CA 37 45.70 -17.87 -34.33
N TYR CA 38 45.00 -17.39 -33.30
CA TYR CA 38 45.64 -16.78 -32.15
C TYR CA 38 46.44 -17.79 -31.35
N LYS CA 39 45.95 -19.03 -31.28
CA LYS CA 39 46.69 -20.10 -30.62
C LYS CA 39 48.00 -20.35 -31.36
N GLU CA 40 47.90 -20.51 -32.68
CA GLU CA 40 49.07 -20.72 -33.51
C GLU CA 40 50.09 -19.59 -33.32
N SER CA 41 49.64 -18.35 -33.50
CA SER CA 41 50.53 -17.19 -33.42
C SER CA 41 51.09 -16.98 -32.02
N GLU CA 42 50.33 -17.38 -31.01
CA GLU CA 42 50.79 -17.30 -29.62
C GLU CA 42 51.93 -18.28 -29.44
N LEU CA 43 51.77 -19.49 -29.97
CA LEU CA 43 52.84 -20.47 -29.91
C LEU CA 43 54.08 -19.99 -30.64
N ILE CA 44 53.88 -19.33 -31.79
CA ILE CA 44 55.01 -18.82 -32.55
C ILE CA 44 55.76 -17.73 -31.79
N HIS CA 45 55.03 -16.76 -31.27
CA HIS CA 45 55.62 -15.69 -30.47
C HIS CA 45 56.36 -16.28 -29.27
N CYS CA 46 55.74 -17.26 -28.64
CA CYS CA 46 56.31 -17.94 -27.47
C CYS CA 46 57.63 -18.62 -27.80
N ARG CA 47 57.64 -19.39 -28.87
CA ARG CA 47 58.84 -20.15 -29.25
C ARG CA 47 59.96 -19.23 -29.71
N TRP CA 48 59.60 -18.12 -30.36
CA TRP CA 48 60.63 -17.14 -30.72
C TRP CA 48 61.22 -16.47 -29.47
N ALA CA 49 60.36 -16.18 -28.51
CA ALA CA 49 60.79 -15.52 -27.28
C ALA CA 49 61.66 -16.43 -26.40
N MET CA 50 61.30 -17.70 -26.32
CA MET CA 50 62.05 -18.66 -25.51
C MET CA 50 63.44 -18.88 -26.06
N LEU CA 51 63.63 -18.63 -27.35
CA LEU CA 51 64.95 -18.66 -27.96
C LEU CA 51 65.64 -17.31 -27.80
N ALA CA 52 64.83 -16.25 -27.74
CA ALA CA 52 65.36 -14.90 -27.68
C ALA CA 52 65.97 -14.57 -26.32
N VAL CA 53 65.21 -14.85 -25.26
CA VAL CA 53 65.60 -14.51 -23.90
C VAL CA 53 66.99 -14.99 -23.45
N PRO CA 54 67.30 -16.30 -23.62
CA PRO CA 54 68.62 -16.74 -23.19
C PRO CA 54 69.73 -16.21 -24.09
N GLY CA 55 69.39 -15.85 -25.32
CA GLY CA 55 70.36 -15.28 -26.24
C GLY CA 55 70.68 -13.84 -25.89
N ILE CA 56 69.95 -13.31 -24.91
CA ILE CA 56 70.17 -11.96 -24.41
C ILE CA 56 70.96 -12.01 -23.11
N LEU CA 57 70.65 -13.01 -22.28
CA LEU CA 57 71.24 -13.13 -20.95
C LEU CA 57 72.58 -13.86 -20.93
N VAL CA 58 72.66 -14.96 -21.68
CA VAL CA 58 73.87 -15.78 -21.69
C VAL CA 58 75.14 -15.07 -22.21
N PRO CA 59 75.09 -14.47 -23.42
CA PRO CA 59 76.32 -13.84 -23.90
C PRO CA 59 76.70 -12.58 -23.13
N GLU CA 60 75.77 -12.05 -22.33
CA GLU CA 60 76.06 -10.89 -21.50
C GLU CA 60 76.85 -11.32 -20.27
N ALA CA 61 76.50 -12.48 -19.72
CA ALA CA 61 77.20 -13.02 -18.57
C ALA CA 61 78.52 -13.65 -18.97
N LEU CA 62 78.45 -14.63 -19.87
CA LEU CA 62 79.63 -15.37 -20.31
C LEU CA 62 80.50 -14.56 -21.29
N GLY CA 63 79.94 -14.29 -22.47
CA GLY CA 63 80.68 -13.61 -23.51
C GLY CA 63 81.07 -12.17 -23.24
N TYR CA 64 80.72 -11.69 -22.03
CA TYR CA 64 81.02 -10.33 -21.60
C TYR CA 64 80.53 -9.29 -22.60
N GLY CA 65 79.43 -9.61 -23.27
CA GLY CA 65 78.85 -8.72 -24.27
C GLY CA 65 77.55 -8.11 -23.80
N ASN CA 66 76.72 -7.71 -24.75
CA ASN CA 66 75.45 -7.06 -24.45
C ASN CA 66 74.53 -7.15 -25.66
N TRP CA 67 73.26 -7.46 -25.41
CA TRP CA 67 72.30 -7.68 -26.50
C TRP CA 67 72.02 -6.42 -27.30
N VAL CA 68 72.53 -5.29 -26.83
CA VAL CA 68 72.43 -4.02 -27.55
C VAL CA 68 73.77 -3.65 -28.15
N LYS CA 69 74.86 -4.00 -27.47
CA LYS CA 69 76.20 -3.76 -27.98
C LYS CA 69 76.53 -4.73 -29.11
N ALA CA 70 75.85 -5.87 -29.14
CA ALA CA 70 76.02 -6.85 -30.20
C ALA CA 70 75.35 -6.37 -31.49
N GLN CA 71 74.60 -5.27 -31.38
CA GLN CA 71 73.92 -4.68 -32.53
C GLN CA 71 74.76 -3.58 -33.16
N GLU CA 72 75.60 -2.95 -32.34
CA GLU CA 72 76.29 -1.73 -32.75
C GLU CA 72 77.39 -1.92 -33.78
N TRP CA 73 77.84 -3.16 -33.97
CA TRP CA 73 78.95 -3.43 -34.89
C TRP CA 73 78.60 -3.09 -36.35
N ALA CA 74 77.34 -3.26 -36.72
CA ALA CA 74 76.89 -2.93 -38.06
C ALA CA 74 76.49 -1.44 -38.14
N ALA CA 75 75.83 -1.08 -39.24
CA ALA CA 75 75.38 0.29 -39.48
C ALA CA 75 76.51 1.32 -39.53
N LEU CA 76 77.74 0.83 -39.68
CA LEU CA 76 78.91 1.69 -39.78
C LEU CA 76 79.88 1.13 -40.83
N PRO CA 77 80.65 2.01 -41.50
CA PRO CA 77 81.55 1.61 -42.60
C PRO CA 77 82.52 0.49 -42.23
N GLY CA 78 82.82 0.32 -40.95
CA GLY CA 78 83.69 -0.76 -40.50
C GLY CA 78 83.10 -2.12 -40.82
N GLY CA 79 82.00 -2.45 -40.16
CA GLY CA 79 81.26 -3.68 -40.42
C GLY CA 79 82.00 -4.96 -40.09
N GLN CA 80 82.42 -5.09 -38.83
CA GLN CA 80 83.10 -6.31 -38.37
C GLN CA 80 82.34 -6.96 -37.23
N ALA CA 81 82.08 -8.26 -37.36
CA ALA CA 81 81.34 -9.00 -36.34
C ALA CA 81 82.20 -10.05 -35.66
N THR CA 82 81.84 -10.39 -34.42
CA THR CA 82 82.59 -11.37 -33.64
C THR CA 82 81.67 -12.39 -32.97
N TYR CA 83 82.11 -13.65 -32.93
CA TYR CA 83 81.38 -14.71 -32.26
C TYR CA 83 82.29 -15.46 -31.30
N LEU CA 84 81.91 -15.48 -30.02
CA LEU CA 84 82.72 -16.12 -28.97
C LEU CA 84 84.14 -15.56 -28.93
N GLY CA 85 84.29 -14.29 -29.29
CA GLY CA 85 85.59 -13.65 -29.33
C GLY CA 85 86.27 -13.77 -30.69
N ASN CA 86 85.86 -14.78 -31.45
CA ASN CA 86 86.45 -15.02 -32.77
C ASN CA 86 85.77 -14.22 -33.87
N PRO CA 87 86.53 -13.34 -34.54
CA PRO CA 87 86.01 -12.53 -35.65
C PRO CA 87 85.53 -13.40 -36.80
N VAL CA 88 84.24 -13.34 -37.12
CA VAL CA 88 83.68 -14.13 -38.21
C VAL CA 88 84.00 -13.51 -39.57
N PRO CA 89 84.42 -14.35 -40.52
CA PRO CA 89 84.81 -13.91 -41.87
C PRO CA 89 83.62 -13.42 -42.70
N TRP CA 90 82.50 -14.13 -42.64
CA TRP CA 90 81.32 -13.75 -43.41
C TRP CA 90 80.43 -12.77 -42.64
N GLY CA 91 80.96 -12.23 -41.54
CA GLY CA 91 80.19 -11.36 -40.69
C GLY CA 91 80.08 -9.93 -41.20
N THR CA 92 79.43 -9.76 -42.35
CA THR CA 92 79.14 -8.44 -42.88
C THR CA 92 77.63 -8.30 -43.04
N LEU CA 93 77.14 -7.07 -42.96
CA LEU CA 93 75.70 -6.82 -42.98
C LEU CA 93 74.94 -7.39 -44.20
N PRO CA 94 75.36 -7.04 -45.44
CA PRO CA 94 74.57 -7.49 -46.59
C PRO CA 94 74.49 -9.01 -46.73
N THR CA 95 75.60 -9.69 -46.50
CA THR CA 95 75.65 -11.15 -46.65
C THR CA 95 74.69 -11.86 -45.69
N ILE CA 96 74.86 -11.62 -44.39
CA ILE CA 96 74.00 -12.25 -43.40
C ILE CA 96 72.55 -11.78 -43.53
N LEU CA 97 72.35 -10.59 -44.08
CA LEU CA 97 71.00 -10.10 -44.33
C LEU CA 97 70.33 -10.92 -45.43
N ALA CA 98 71.08 -11.18 -46.49
CA ALA CA 98 70.59 -12.00 -47.60
C ALA CA 98 70.32 -13.43 -47.15
N ILE CA 99 71.28 -14.02 -46.42
CA ILE CA 99 71.14 -15.38 -45.91
C ILE CA 99 69.93 -15.52 -44.98
N GLU CA 100 69.85 -14.64 -44.00
CA GLU CA 100 68.72 -14.64 -43.06
C GLU CA 100 67.39 -14.47 -43.78
N PHE CA 101 67.34 -13.50 -44.69
CA PHE CA 101 66.14 -13.24 -45.48
C PHE CA 101 65.68 -14.49 -46.22
N LEU CA 102 66.57 -15.06 -47.03
CA LEU CA 102 66.24 -16.24 -47.82
C LEU CA 102 65.79 -17.42 -46.95
N ALA CA 103 66.61 -17.75 -45.95
CA ALA CA 103 66.32 -18.88 -45.07
C ALA CA 103 64.97 -18.73 -44.36
N ILE CA 104 64.80 -17.61 -43.67
CA ILE CA 104 63.60 -17.39 -42.89
C ILE CA 104 62.36 -17.27 -43.77
N ALA CA 105 62.50 -16.69 -44.95
CA ALA CA 105 61.38 -16.56 -45.87
C ALA CA 105 60.95 -17.93 -46.35
N PHE CA 106 61.93 -18.74 -46.72
CA PHE CA 106 61.64 -20.10 -47.19
C PHE CA 106 60.94 -20.92 -46.11
N VAL CA 107 61.49 -20.93 -44.91
CA VAL CA 107 60.92 -21.76 -43.84
C VAL CA 107 59.54 -21.28 -43.40
N GLU CA 108 59.37 -19.96 -43.32
CA GLU CA 108 58.08 -19.40 -42.93
C GLU CA 108 57.01 -19.67 -43.99
N HIS CA 109 57.36 -19.46 -45.26
CA HIS CA 109 56.42 -19.73 -46.34
C HIS CA 109 56.10 -21.20 -46.44
N GLN CA 110 57.06 -22.05 -46.09
CA GLN CA 110 56.84 -23.49 -46.08
C GLN CA 110 55.91 -23.86 -44.95
N ARG CA 111 55.99 -23.13 -43.84
CA ARG CA 111 55.06 -23.33 -42.73
C ARG CA 111 53.67 -22.84 -43.13
N SER CA 112 53.63 -21.86 -44.01
CA SER CA 112 52.37 -21.25 -44.44
C SER CA 112 51.52 -22.19 -45.29
N MET CA 113 52.16 -23.17 -45.91
CA MET CA 113 51.47 -24.09 -46.82
C MET CA 113 50.66 -25.16 -46.08
N GLU CA 114 50.89 -25.28 -44.77
CA GLU CA 114 50.16 -26.25 -43.96
C GLU CA 114 48.69 -25.87 -43.85
N LYS CA 115 47.81 -26.85 -44.00
CA LYS CA 115 46.37 -26.62 -43.92
C LYS CA 115 45.79 -27.11 -42.59
N ASP CA 116 46.28 -28.25 -42.13
CA ASP CA 116 45.80 -28.85 -40.87
C ASP CA 116 46.11 -27.96 -39.67
N PRO CA 117 45.08 -27.60 -38.90
CA PRO CA 117 45.20 -26.70 -37.76
C PRO CA 117 45.99 -27.30 -36.59
N GLU CA 118 45.98 -28.63 -36.50
CA GLU CA 118 46.71 -29.31 -35.42
C GLU CA 118 48.19 -29.41 -35.75
N LYS CA 119 48.51 -29.41 -37.03
CA LYS CA 119 49.90 -29.46 -37.47
C LYS CA 119 50.46 -28.07 -37.73
N LYS CA 120 49.58 -27.08 -37.79
CA LYS CA 120 49.99 -25.70 -37.98
C LYS CA 120 50.63 -25.13 -36.71
N LYS CA 121 50.27 -25.70 -35.56
CA LYS CA 121 50.81 -25.27 -34.28
C LYS CA 121 51.69 -26.37 -33.66
N TYR CA 122 51.29 -27.62 -33.85
CA TYR CA 122 52.06 -28.75 -33.35
C TYR CA 122 52.37 -29.70 -34.50
N PRO CA 123 53.41 -29.37 -35.29
CA PRO CA 123 53.75 -30.12 -36.50
C PRO CA 123 54.20 -31.55 -36.22
N GLY CA 124 55.14 -31.73 -35.29
CA GLY CA 124 55.67 -33.03 -34.97
C GLY CA 124 56.40 -33.65 -36.14
N GLY CA 125 56.38 -34.98 -36.22
CA GLY CA 125 57.03 -35.69 -37.30
C GLY CA 125 58.54 -35.53 -37.32
N ALA CA 126 59.05 -34.84 -38.33
CA ALA CA 126 60.48 -34.60 -38.46
C ALA CA 126 61.00 -33.67 -37.37
N PHE CA 127 60.11 -32.83 -36.85
CA PHE CA 127 60.49 -31.86 -35.81
C PHE CA 127 60.32 -32.44 -34.41
N ASP CA 128 60.07 -33.75 -34.34
CA ASP CA 128 59.99 -34.45 -33.08
C ASP CA 128 60.78 -35.75 -33.15
N PRO CA 129 62.12 -35.65 -33.17
CA PRO CA 129 62.96 -36.85 -33.25
C PRO CA 129 62.96 -37.65 -31.95
N LEU CA 130 62.79 -36.96 -30.83
CA LEU CA 130 62.82 -37.62 -29.53
C LEU CA 130 61.48 -38.26 -29.18
N GLY CA 131 60.49 -38.09 -30.05
CA GLY CA 131 59.20 -38.73 -29.90
C GLY CA 131 58.49 -38.48 -28.58
N TYR CA 132 58.71 -37.30 -28.00
CA TYR CA 132 58.09 -36.94 -26.72
C TYR CA 132 56.59 -36.68 -26.86
N SER CA 133 56.10 -36.70 -28.09
CA SER CA 133 54.69 -36.42 -28.36
C SER CA 133 53.89 -37.69 -28.68
N LYS CA 134 54.54 -38.84 -28.56
CA LYS CA 134 53.90 -40.11 -28.90
C LYS CA 134 52.74 -40.45 -27.96
N ASP CA 135 52.90 -40.12 -26.68
CA ASP CA 135 51.85 -40.35 -25.70
C ASP CA 135 50.98 -39.12 -25.52
N PRO CA 136 49.66 -39.27 -25.77
CA PRO CA 136 48.68 -38.18 -25.71
C PRO CA 136 48.65 -37.46 -24.35
N LYS CA 137 48.60 -38.24 -23.28
CA LYS CA 137 48.49 -37.67 -21.94
C LYS CA 137 49.74 -36.86 -21.58
N LYS CA 138 50.90 -37.37 -22.00
CA LYS CA 138 52.15 -36.64 -21.80
C LYS CA 138 52.18 -35.42 -22.72
N LEU CA 139 51.57 -35.55 -23.90
CA LEU CA 139 51.54 -34.47 -24.87
C LEU CA 139 50.79 -33.26 -24.32
N GLU CA 140 49.64 -33.49 -23.71
CA GLU CA 140 48.86 -32.40 -23.14
C GLU CA 140 49.67 -31.62 -22.09
N GLU CA 141 50.32 -32.37 -21.20
CA GLU CA 141 51.13 -31.81 -20.14
C GLU CA 141 52.27 -30.96 -20.70
N LEU CA 142 52.99 -31.53 -21.66
CA LEU CA 142 54.10 -30.84 -22.28
C LEU CA 142 53.65 -29.59 -23.04
N LYS CA 143 52.43 -29.65 -23.57
CA LYS CA 143 51.83 -28.51 -24.25
C LYS CA 143 51.60 -27.36 -23.27
N VAL CA 144 50.95 -27.68 -22.15
CA VAL CA 144 50.70 -26.68 -21.11
C VAL CA 144 52.01 -26.07 -20.62
N LYS CA 145 52.99 -26.92 -20.38
CA LYS CA 145 54.31 -26.47 -19.93
C LYS CA 145 54.95 -25.55 -20.96
N GLU CA 146 54.74 -25.87 -22.24
CA GLU CA 146 55.30 -25.08 -23.32
C GLU CA 146 54.69 -23.69 -23.36
N ILE CA 147 53.37 -23.62 -23.32
CA ILE CA 147 52.69 -22.34 -23.40
C ILE CA 147 53.01 -21.47 -22.18
N LYS CA 148 53.18 -22.10 -21.03
CA LYS CA 148 53.48 -21.35 -19.81
C LYS CA 148 54.91 -20.79 -19.83
N ASN CA 149 55.88 -21.65 -20.12
CA ASN CA 149 57.26 -21.20 -20.24
C ASN CA 149 57.40 -20.12 -21.32
N GLY CA 150 56.67 -20.29 -22.41
CA GLY CA 150 56.67 -19.34 -23.50
C GLY CA 150 56.15 -17.98 -23.11
N ARG CA 151 55.01 -17.98 -22.41
CA ARG CA 151 54.43 -16.72 -21.94
C ARG CA 151 55.38 -16.02 -20.99
N LEU CA 152 56.03 -16.79 -20.12
CA LEU CA 152 57.01 -16.23 -19.20
C LEU CA 152 58.17 -15.61 -19.96
N ALA CA 153 58.54 -16.24 -21.08
CA ALA CA 153 59.62 -15.72 -21.92
C ALA CA 153 59.23 -14.41 -22.60
N LEU CA 154 58.00 -14.34 -23.10
CA LEU CA 154 57.49 -13.11 -23.71
C LEU CA 154 57.47 -11.97 -22.71
N LEU CA 155 56.98 -12.25 -21.50
CA LEU CA 155 56.93 -11.26 -20.45
C LEU CA 155 58.34 -10.78 -20.12
N ALA CA 156 59.28 -11.72 -20.12
CA ALA CA 156 60.67 -11.40 -19.87
C ALA CA 156 61.21 -10.47 -20.96
N PHE CA 157 60.79 -10.72 -22.20
CA PHE CA 157 61.22 -9.89 -23.33
C PHE CA 157 60.69 -8.47 -23.20
N VAL CA 158 59.44 -8.34 -22.78
CA VAL CA 158 58.87 -7.01 -22.51
C VAL CA 158 59.73 -6.32 -21.47
N GLY CA 159 60.10 -7.07 -20.44
CA GLY CA 159 60.96 -6.55 -19.40
C GLY CA 159 62.28 -6.02 -19.95
N PHE CA 160 62.88 -6.79 -20.85
CA PHE CA 160 64.15 -6.42 -21.46
C PHE CA 160 64.01 -5.12 -22.24
N CYS CA 161 62.94 -5.02 -23.03
CA CYS CA 161 62.77 -3.87 -23.90
C CYS CA 161 62.51 -2.60 -23.11
N VAL CA 162 61.67 -2.68 -22.09
CA VAL CA 162 61.37 -1.50 -21.28
C VAL CA 162 62.57 -1.09 -20.45
N GLN CA 163 63.27 -2.07 -19.86
CA GLN CA 163 64.46 -1.77 -19.08
C GLN CA 163 65.58 -1.19 -19.94
N GLN CA 164 65.59 -1.55 -21.22
CA GLN CA 164 66.55 -0.99 -22.15
C GLN CA 164 66.18 0.43 -22.55
N SER CA 165 64.87 0.67 -22.70
CA SER CA 165 64.39 2.02 -23.01
C SER CA 165 64.69 2.96 -21.86
N ALA CA 166 64.62 2.43 -20.64
CA ALA CA 166 64.84 3.23 -19.44
C ALA CA 166 66.32 3.46 -19.17
N TYR CA 167 67.12 2.40 -19.31
CA TYR CA 167 68.56 2.49 -19.09
C TYR CA 167 69.31 2.02 -20.33
N PRO CA 168 69.39 2.89 -21.36
CA PRO CA 168 70.02 2.55 -22.64
C PRO CA 168 71.50 2.20 -22.51
N GLY CA 169 71.94 1.17 -23.23
CA GLY CA 169 73.33 0.76 -23.24
C GLY CA 169 73.65 -0.23 -22.14
N THR CA 170 72.67 -0.52 -21.28
CA THR CA 170 72.85 -1.46 -20.18
C THR CA 170 71.93 -2.66 -20.33
N GLY CA 171 72.49 -3.85 -20.12
CA GLY CA 171 71.72 -5.07 -20.25
C GLY CA 171 70.86 -5.36 -19.03
N PRO CA 172 69.96 -6.34 -19.15
CA PRO CA 172 69.03 -6.72 -18.07
C PRO CA 172 69.76 -7.30 -16.86
N LEU CA 173 70.81 -8.09 -17.11
CA LEU CA 173 71.52 -8.77 -16.03
C LEU CA 173 72.35 -7.76 -15.25
N GLU CA 174 72.81 -6.73 -15.95
CA GLU CA 174 73.56 -5.64 -15.34
C GLU CA 174 72.63 -4.88 -14.41
N ASN CA 175 71.38 -4.74 -14.83
CA ASN CA 175 70.36 -4.11 -14.02
C ASN CA 175 70.02 -4.99 -12.83
N LEU CA 176 70.09 -6.30 -13.02
CA LEU CA 176 69.85 -7.25 -11.95
C LEU CA 176 70.91 -7.09 -10.87
N ALA CA 177 72.16 -6.93 -11.29
CA ALA CA 177 73.25 -6.72 -10.35
C ALA CA 177 73.09 -5.38 -9.63
N THR CA 178 72.69 -4.37 -10.40
CA THR CA 178 72.48 -3.04 -9.85
C THR CA 178 71.40 -3.07 -8.77
N HIS CA 179 70.35 -3.86 -9.03
CA HIS CA 179 69.27 -4.03 -8.07
C HIS CA 179 69.75 -4.81 -6.85
N LEU CA 180 70.59 -5.81 -7.07
CA LEU CA 180 71.13 -6.60 -5.97
C LEU CA 180 72.06 -5.78 -5.07
N ALA CA 181 72.62 -4.71 -5.62
CA ALA CA 181 73.46 -3.82 -4.81
C ALA CA 181 72.66 -3.18 -3.67
N ASP CA 182 71.85 -2.18 -4.01
CA ASP CA 182 70.94 -1.56 -3.05
C ASP CA 182 69.49 -1.60 -3.56
N PRO CA 183 68.76 -2.66 -3.20
CA PRO CA 183 67.39 -2.92 -3.68
C PRO CA 183 66.41 -1.80 -3.37
N TRP CA 184 66.64 -1.06 -2.29
CA TRP CA 184 65.70 -0.03 -1.85
C TRP CA 184 65.95 1.31 -2.53
N HIS CA 185 66.92 1.36 -3.44
CA HIS CA 185 67.23 2.59 -4.16
C HIS CA 185 67.26 2.36 -5.68
N ASN CA 186 67.60 1.14 -6.10
CA ASN CA 186 67.64 0.81 -7.51
C ASN CA 186 66.43 0.01 -7.96
N ASN CA 187 65.35 0.72 -8.26
CA ASN CA 187 64.10 0.09 -8.67
C ASN CA 187 63.43 0.83 -9.82
N ILE CA 188 62.17 0.47 -10.09
CA ILE CA 188 61.41 1.10 -11.16
C ILE CA 188 60.92 2.48 -10.72
N GLY CA 189 60.97 2.72 -9.42
CA GLY CA 189 60.54 3.98 -8.83
C GLY CA 189 61.15 5.22 -9.45
N ASP CA 190 62.47 5.18 -9.68
CA ASP CA 190 63.20 6.30 -10.27
C ASP CA 190 62.65 6.75 -11.62
N ILE CA 191 61.97 5.84 -12.31
CA ILE CA 191 61.38 6.13 -13.61
C ILE CA 191 59.90 6.44 -13.50
N LEU CA 192 59.23 5.77 -12.56
CA LEU CA 192 57.79 5.93 -12.40
C LEU CA 192 57.48 7.24 -11.68
N ILE CA 193 57.97 7.36 -10.45
CA ILE CA 193 57.72 8.57 -9.67
C ILE CA 193 58.97 9.45 -9.62
N GLY CA 194 59.77 9.38 -10.69
CA GLY CA 194 60.97 10.19 -10.81
C GLY CA 194 60.89 11.10 -12.02
N PHE CA 195 61.70 12.16 -12.01
CA PHE CA 195 62.64 12.44 -10.94
C PHE CA 195 62.43 13.84 -10.36
N PRO DA 1 -19.21 33.59 12.82
CA PRO DA 1 -20.19 34.08 11.86
C PRO DA 1 -20.69 35.48 12.22
N ASP DA 2 -20.86 35.74 13.51
CA ASP DA 2 -21.26 37.07 13.97
C ASP DA 2 -20.18 37.65 14.89
N ARG DA 3 -19.44 38.62 14.37
CA ARG DA 3 -18.32 39.21 15.09
C ARG DA 3 -18.00 40.57 14.49
N PRO DA 4 -17.39 41.46 15.28
CA PRO DA 4 -16.98 42.76 14.73
C PRO DA 4 -15.90 42.59 13.68
N LEU DA 5 -15.92 43.43 12.65
CA LEU DA 5 -14.99 43.32 11.53
C LEU DA 5 -14.05 44.51 11.43
N TRP DA 6 -12.99 44.36 10.66
CA TRP DA 6 -12.03 45.43 10.44
C TRP DA 6 -12.69 46.53 9.62
N PHE DA 7 -13.64 46.12 8.78
CA PHE DA 7 -14.36 47.04 7.90
C PHE DA 7 -15.85 46.82 8.05
N PRO DA 8 -16.47 47.48 9.03
CA PRO DA 8 -17.92 47.43 9.29
C PRO DA 8 -18.73 47.66 8.01
N GLY DA 9 -19.68 46.77 7.75
CA GLY DA 9 -20.53 46.88 6.59
C GLY DA 9 -20.01 46.07 5.41
N SER DA 10 -18.94 45.32 5.64
CA SER DA 10 -18.35 44.51 4.58
C SER DA 10 -18.54 43.02 4.86
N THR DA 11 -18.49 42.22 3.80
CA THR DA 11 -18.63 40.78 3.92
C THR DA 11 -17.27 40.11 4.04
N PRO DA 12 -17.05 39.37 5.15
CA PRO DA 12 -15.78 38.69 5.41
C PRO DA 12 -15.52 37.58 4.39
N PRO DA 13 -14.23 37.33 4.07
CA PRO DA 13 -13.87 36.26 3.15
C PRO DA 13 -14.31 34.90 3.67
N PRO DA 14 -14.67 33.98 2.77
CA PRO DA 14 -15.19 32.65 3.12
C PRO DA 14 -14.25 31.83 4.01
N TRP DA 15 -12.94 31.96 3.80
CA TRP DA 15 -11.97 31.14 4.51
C TRP DA 15 -11.76 31.59 5.96
N LEU DA 16 -12.26 32.76 6.30
CA LEU DA 16 -12.19 33.25 7.68
C LEU DA 16 -13.52 33.05 8.39
N ASP DA 17 -13.66 31.90 9.05
CA ASP DA 17 -14.89 31.54 9.74
C ASP DA 17 -15.10 32.43 10.95
N GLY DA 18 -14.03 32.62 11.72
CA GLY DA 18 -14.10 33.37 12.96
C GLY DA 18 -13.79 32.48 14.15
N SER DA 19 -13.41 31.24 13.85
CA SER DA 19 -13.06 30.27 14.88
C SER DA 19 -11.59 30.41 15.26
N LEU DA 20 -10.91 31.32 14.58
CA LEU DA 20 -9.48 31.53 14.78
C LEU DA 20 -9.28 32.76 15.65
N PRO DA 21 -8.42 32.67 16.67
CA PRO DA 21 -8.15 33.81 17.55
C PRO DA 21 -7.62 35.02 16.81
N GLY DA 22 -8.34 36.14 16.89
CA GLY DA 22 -7.94 37.37 16.24
C GLY DA 22 -8.56 37.57 14.87
N ASP DA 23 -9.58 36.78 14.56
CA ASP DA 23 -10.24 36.85 13.26
C ASP DA 23 -11.17 38.06 13.16
N PHE DA 24 -10.82 38.98 12.28
CA PHE DA 24 -11.62 40.18 12.06
C PHE DA 24 -12.00 40.34 10.59
N GLY DA 25 -11.84 39.27 9.82
CA GLY DA 25 -12.22 39.25 8.42
C GLY DA 25 -11.31 40.08 7.54
N PHE DA 26 -10.09 40.31 8.00
CA PHE DA 26 -9.13 41.10 7.24
C PHE DA 26 -8.20 40.21 6.42
N ASP DA 27 -8.44 40.17 5.11
CA ASP DA 27 -7.51 39.54 4.16
C ASP DA 27 -7.85 39.99 2.74
N PRO DA 28 -7.67 41.29 2.46
CA PRO DA 28 -8.12 41.88 1.18
C PRO DA 28 -7.32 41.40 -0.03
N LEU DA 29 -6.16 40.78 0.19
CA LEU DA 29 -5.36 40.25 -0.92
C LEU DA 29 -5.48 38.73 -1.03
N GLY DA 30 -6.19 38.12 -0.09
CA GLY DA 30 -6.43 36.69 -0.12
C GLY DA 30 -5.15 35.88 0.06
N LEU DA 31 -4.28 36.34 0.96
CA LEU DA 31 -3.02 35.67 1.21
C LEU DA 31 -3.21 34.44 2.08
N GLY DA 32 -4.44 34.26 2.58
CA GLY DA 32 -4.76 33.11 3.40
C GLY DA 32 -5.91 32.28 2.85
N SER DA 33 -6.11 32.35 1.54
CA SER DA 33 -7.18 31.61 0.88
C SER DA 33 -7.00 30.10 0.98
N ASP DA 34 -5.76 29.65 0.79
CA ASP DA 34 -5.44 28.22 0.91
C ASP DA 34 -5.25 27.84 2.37
N PRO DA 35 -5.84 26.71 2.79
CA PRO DA 35 -5.76 26.19 4.16
C PRO DA 35 -4.33 26.06 4.68
N GLU DA 36 -3.44 25.44 3.91
CA GLU DA 36 -2.04 25.32 4.30
C GLU DA 36 -1.38 26.68 4.45
N SER DA 37 -1.68 27.57 3.50
CA SER DA 37 -1.17 28.93 3.53
C SER DA 37 -1.71 29.67 4.73
N LEU DA 38 -2.98 29.46 5.04
CA LEU DA 38 -3.63 30.10 6.17
C LEU DA 38 -2.99 29.63 7.48
N ARG DA 39 -2.70 28.34 7.59
CA ARG DA 39 -2.11 27.80 8.81
C ARG DA 39 -0.69 28.31 8.98
N TRP DA 40 0.09 28.25 7.91
CA TRP DA 40 1.47 28.74 7.93
C TRP DA 40 1.51 30.22 8.30
N ASN DA 41 0.57 30.99 7.74
CA ASN DA 41 0.44 32.39 8.07
C ASN DA 41 0.05 32.60 9.53
N VAL DA 42 -0.71 31.66 10.08
CA VAL DA 42 -1.07 31.71 11.49
C VAL DA 42 0.16 31.55 12.36
N GLN DA 43 0.96 30.52 12.06
CA GLN DA 43 2.20 30.29 12.80
C GLN DA 43 3.15 31.49 12.68
N ALA DA 44 3.30 31.99 11.46
CA ALA DA 44 4.17 33.13 11.19
C ALA DA 44 3.70 34.36 11.96
N GLU DA 45 2.39 34.58 12.01
CA GLU DA 45 1.84 35.70 12.76
C GLU DA 45 2.08 35.51 14.26
N LEU DA 46 2.04 34.26 14.71
CA LEU DA 46 2.35 33.96 16.11
C LEU DA 46 3.79 34.34 16.47
N VAL DA 47 4.75 33.75 15.76
CA VAL DA 47 6.16 34.01 16.06
C VAL DA 47 6.52 35.49 15.86
N HIS DA 48 5.97 36.10 14.81
CA HIS DA 48 6.16 37.54 14.61
C HIS DA 48 5.64 38.33 15.80
N SER DA 49 4.45 37.95 16.27
CA SER DA 49 3.83 38.63 17.40
C SER DA 49 4.69 38.53 18.66
N ARG DA 50 5.16 37.33 18.94
CA ARG DA 50 5.92 37.08 20.16
C ARG DA 50 7.30 37.72 20.13
N TRP DA 51 7.98 37.59 19.00
CA TRP DA 51 9.28 38.23 18.82
C TRP DA 51 9.15 39.75 18.91
N ALA DA 52 8.07 40.28 18.35
CA ALA DA 52 7.85 41.72 18.35
C ALA DA 52 7.44 42.24 19.72
N MET DA 53 6.81 41.39 20.52
CA MET DA 53 6.45 41.76 21.87
C MET DA 53 7.71 41.80 22.74
N LEU DA 54 8.53 40.76 22.60
CA LEU DA 54 9.82 40.71 23.28
C LEU DA 54 10.67 41.93 22.89
N GLY DA 55 10.62 42.28 21.61
CA GLY DA 55 11.39 43.40 21.10
C GLY DA 55 10.88 44.74 21.61
N ALA DA 56 9.58 44.95 21.52
CA ALA DA 56 8.95 46.18 21.97
C ALA DA 56 9.23 46.42 23.45
N ALA DA 57 9.07 45.39 24.26
CA ALA DA 57 9.44 45.48 25.66
C ALA DA 57 10.93 45.82 25.78
N GLY DA 58 11.74 45.15 24.95
CA GLY DA 58 13.18 45.32 24.96
C GLY DA 58 13.70 46.68 24.55
N ILE DA 59 12.88 47.49 23.88
CA ILE DA 59 13.31 48.83 23.50
C ILE DA 59 12.61 49.91 24.30
N PHE DA 60 11.39 49.64 24.77
CA PHE DA 60 10.62 50.66 25.47
C PHE DA 60 10.87 50.62 26.97
N ILE DA 61 11.03 49.42 27.54
CA ILE DA 61 11.32 49.30 28.96
C ILE DA 61 12.69 49.87 29.36
N PRO DA 62 13.78 49.48 28.65
CA PRO DA 62 15.07 50.05 29.04
C PRO DA 62 15.21 51.54 28.74
N GLU DA 63 14.71 51.99 27.60
CA GLU DA 63 14.85 53.38 27.18
C GLU DA 63 14.14 54.34 28.13
N PHE DA 64 13.05 53.85 28.75
CA PHE DA 64 12.28 54.65 29.69
C PHE DA 64 12.94 54.73 31.06
N LEU DA 65 13.60 53.64 31.46
CA LEU DA 65 14.32 53.60 32.73
C LEU DA 65 15.66 54.30 32.61
N THR DA 66 16.21 54.34 31.40
CA THR DA 66 17.46 55.04 31.13
C THR DA 66 17.21 56.54 31.25
N LYS DA 67 16.01 56.96 30.87
CA LYS DA 67 15.61 58.35 30.98
C LYS DA 67 15.60 58.78 32.44
N LEU DA 68 15.36 57.80 33.31
CA LEU DA 68 15.45 58.01 34.75
C LEU DA 68 16.83 57.63 35.27
N GLY DA 69 17.00 57.63 36.58
CA GLY DA 69 18.27 57.24 37.19
C GLY DA 69 18.36 55.74 37.44
N ILE DA 70 17.38 55.00 36.95
CA ILE DA 70 17.30 53.56 37.19
C ILE DA 70 18.30 52.74 36.38
N LEU DA 71 18.36 52.99 35.08
CA LEU DA 71 19.28 52.25 34.21
C LEU DA 71 20.16 53.18 33.39
N ASN DA 72 21.13 52.60 32.70
CA ASN DA 72 22.06 53.38 31.88
C ASN DA 72 22.30 52.72 30.53
N THR DA 73 21.34 51.91 30.09
CA THR DA 73 21.44 51.25 28.79
C THR DA 73 21.47 52.27 27.67
N PRO DA 74 22.36 52.07 26.68
CA PRO DA 74 22.44 52.97 25.53
C PRO DA 74 21.22 52.83 24.62
N SER DA 75 21.17 53.62 23.56
CA SER DA 75 20.05 53.57 22.62
C SER DA 75 19.94 52.19 21.98
N TRP DA 76 18.71 51.73 21.78
CA TRP DA 76 18.46 50.43 21.18
C TRP DA 76 18.94 50.38 19.74
N TYR DA 77 18.89 51.54 19.08
CA TYR DA 77 19.20 51.63 17.66
C TYR DA 77 20.70 51.50 17.40
N THR DA 78 21.50 51.81 18.43
CA THR DA 78 22.95 51.79 18.29
C THR DA 78 23.62 50.75 19.18
N ALA DA 79 22.81 49.84 19.72
CA ALA DA 79 23.32 48.83 20.64
C ALA DA 79 24.14 47.75 19.93
N GLY DA 80 24.02 47.68 18.61
CA GLY DA 80 24.72 46.67 17.85
C GLY DA 80 26.13 47.07 17.44
N GLU DA 81 26.32 48.34 17.13
CA GLU DA 81 27.59 48.83 16.58
C GLU DA 81 28.70 48.94 17.62
N GLN DA 82 28.42 48.55 18.86
CA GLN DA 82 29.42 48.60 19.92
C GLN DA 82 30.07 47.23 20.13
N GLU DA 83 31.05 47.18 21.03
CA GLU DA 83 31.80 45.95 21.27
C GLU DA 83 31.35 45.23 22.54
N TYR DA 84 31.53 43.91 22.55
CA TYR DA 84 31.18 43.09 23.71
C TYR DA 84 32.36 42.22 24.11
N PHE DA 85 32.12 41.23 24.97
CA PHE DA 85 33.21 40.38 25.45
C PHE DA 85 33.83 39.57 24.31
N THR DA 86 33.02 39.25 23.31
CA THR DA 86 33.53 38.66 22.08
C THR DA 86 32.94 39.42 20.90
N ASP DA 87 33.47 39.16 19.71
CA ASP DA 87 32.96 39.80 18.50
C ASP DA 87 31.50 39.41 18.28
N THR DA 88 30.74 40.30 17.67
CA THR DA 88 29.30 40.10 17.48
C THR DA 88 28.99 38.96 16.51
N THR DA 89 29.92 38.65 15.62
CA THR DA 89 29.72 37.59 14.63
C THR DA 89 29.74 36.21 15.28
N THR DA 90 30.58 36.02 16.29
CA THR DA 90 30.62 34.78 17.05
C THR DA 90 29.29 34.59 17.78
N LEU DA 91 28.84 35.67 18.42
CA LEU DA 91 27.54 35.70 19.07
C LEU DA 91 26.44 35.33 18.10
N PHE DA 92 26.58 35.80 16.86
CA PHE DA 92 25.61 35.51 15.82
C PHE DA 92 25.63 34.04 15.40
N ILE DA 93 26.82 33.45 15.36
CA ILE DA 93 26.95 32.03 15.02
C ILE DA 93 26.31 31.17 16.12
N VAL DA 94 26.61 31.50 17.38
CA VAL DA 94 26.01 30.80 18.51
C VAL DA 94 24.49 30.94 18.47
N GLU DA 95 24.02 32.16 18.18
CA GLU DA 95 22.60 32.43 18.03
C GLU DA 95 21.99 31.56 16.95
N LEU DA 96 22.70 31.44 15.83
CA LEU DA 96 22.23 30.65 14.69
C LEU DA 96 22.12 29.17 15.02
N VAL DA 97 23.08 28.62 15.77
CA VAL DA 97 22.99 27.21 16.10
C VAL DA 97 21.94 26.90 17.18
N PHE DA 98 21.87 27.75 18.21
CA PHE DA 98 20.91 27.55 19.30
C PHE DA 98 19.47 27.79 18.83
N ILE DA 99 19.20 29.02 18.40
CA ILE DA 99 17.89 29.36 17.85
C ILE DA 99 17.58 28.48 16.64
N GLY DA 100 18.63 28.04 15.94
CA GLY DA 100 18.46 27.12 14.83
C GLY DA 100 17.95 25.77 15.27
N TRP DA 101 18.43 25.30 16.42
CA TRP DA 101 17.95 24.05 17.00
C TRP DA 101 16.48 24.20 17.35
N ALA DA 102 16.19 25.26 18.12
CA ALA DA 102 14.82 25.51 18.57
C ALA DA 102 13.83 25.62 17.39
N GLU DA 103 14.19 26.45 16.41
CA GLU DA 103 13.38 26.67 15.21
C GLU DA 103 13.30 25.41 14.37
N GLY DA 104 14.31 24.56 14.48
CA GLY DA 104 14.33 23.30 13.76
C GLY DA 104 13.24 22.39 14.30
N ARG DA 105 13.23 22.22 15.62
CA ARG DA 105 12.21 21.41 16.27
C ARG DA 105 10.81 22.00 16.07
N ARG DA 106 10.70 23.33 16.12
CA ARG DA 106 9.43 24.00 15.89
C ARG DA 106 8.92 23.79 14.46
N TRP DA 107 9.86 23.76 13.52
CA TRP DA 107 9.54 23.52 12.12
C TRP DA 107 9.02 22.11 11.97
N ALA DA 108 9.71 21.18 12.62
CA ALA DA 108 9.27 19.79 12.65
C ALA DA 108 7.87 19.67 13.23
N ASP DA 109 7.55 20.56 14.17
CA ASP DA 109 6.21 20.60 14.76
C ASP DA 109 5.18 21.10 13.75
N ILE DA 110 5.53 22.13 13.00
CA ILE DA 110 4.62 22.69 12.00
C ILE DA 110 4.34 21.70 10.89
N LEU DA 111 5.38 21.00 10.44
CA LEU DA 111 5.25 20.03 9.35
C LEU DA 111 4.68 18.69 9.81
N ASN DA 112 4.79 18.43 11.12
CA ASN DA 112 4.23 17.21 11.71
C ASN DA 112 3.94 17.42 13.19
N PRO DA 113 2.70 17.82 13.51
CA PRO DA 113 2.20 18.24 14.83
C PRO DA 113 2.73 17.44 16.03
N GLY DA 114 2.83 16.12 15.89
CA GLY DA 114 3.14 15.28 17.04
C GLY DA 114 4.60 14.96 17.31
N CYS DA 115 5.42 14.95 16.27
CA CYS DA 115 6.77 14.35 16.34
C CYS DA 115 7.76 14.96 17.33
N VAL DA 116 7.50 16.17 17.82
CA VAL DA 116 8.50 16.86 18.65
C VAL DA 116 8.03 17.15 20.07
N ASN DA 117 7.23 16.24 20.64
CA ASN DA 117 6.73 16.41 22.00
C ASN DA 117 7.61 15.73 23.04
N THR DA 118 8.53 14.89 22.57
CA THR DA 118 9.39 14.12 23.48
C THR DA 118 10.83 14.60 23.48
N ASP DA 119 11.43 14.60 24.67
CA ASP DA 119 12.83 14.98 24.85
C ASP DA 119 13.72 13.79 24.48
N PRO DA 120 14.58 13.97 23.45
CA PRO DA 120 15.45 12.92 22.93
C PRO DA 120 16.43 12.35 23.95
N ILE DA 121 16.87 13.17 24.90
CA ILE DA 121 17.79 12.69 25.94
C ILE DA 121 17.05 12.03 27.09
N PHE DA 122 16.11 12.77 27.70
CA PHE DA 122 15.33 12.24 28.81
C PHE DA 122 13.89 12.02 28.38
N PRO DA 123 13.54 10.78 28.03
CA PRO DA 123 12.19 10.45 27.52
C PRO DA 123 11.09 10.61 28.56
N ASN DA 124 11.46 10.90 29.80
CA ASN DA 124 10.49 11.11 30.87
C ASN DA 124 9.68 12.38 30.69
N ASN DA 125 10.35 13.44 30.27
CA ASN DA 125 9.71 14.76 30.12
C ASN DA 125 9.13 14.96 28.72
N LYS DA 126 7.88 15.40 28.67
CA LYS DA 126 7.18 15.59 27.41
C LYS DA 126 6.44 16.93 27.38
N LEU DA 127 6.04 17.35 26.19
CA LEU DA 127 5.27 18.58 26.02
C LEU DA 127 3.79 18.24 25.95
N THR DA 128 2.96 19.06 26.59
CA THR DA 128 1.54 18.77 26.72
C THR DA 128 0.69 19.55 25.72
N GLY DA 129 1.33 20.06 24.67
CA GLY DA 129 0.64 20.84 23.67
C GLY DA 129 -0.28 20.03 22.77
N THR DA 130 -1.49 20.52 22.58
CA THR DA 130 -2.49 19.84 21.77
C THR DA 130 -2.47 20.32 20.32
N ASP DA 131 -2.48 21.63 20.14
CA ASP DA 131 -2.46 22.23 18.80
C ASP DA 131 -1.17 22.99 18.54
N VAL DA 132 -0.73 23.02 17.29
CA VAL DA 132 0.53 23.65 16.90
C VAL DA 132 0.55 25.15 17.14
N GLY DA 133 1.72 25.67 17.47
CA GLY DA 133 1.86 27.09 17.78
C GLY DA 133 1.73 27.35 19.27
N TYR DA 134 1.40 26.31 20.01
CA TYR DA 134 1.20 26.40 21.45
C TYR DA 134 1.77 25.16 22.15
N PRO DA 135 3.09 25.16 22.38
CA PRO DA 135 3.83 23.99 22.88
C PRO DA 135 3.44 23.54 24.28
N GLY DA 136 3.23 24.47 25.20
CA GLY DA 136 2.87 24.11 26.56
C GLY DA 136 3.99 23.45 27.34
N GLY DA 137 3.67 22.37 28.05
CA GLY DA 137 4.66 21.65 28.84
C GLY DA 137 5.15 22.46 30.01
N LEU DA 138 6.14 21.93 30.72
CA LEU DA 138 6.69 22.61 31.89
C LEU DA 138 7.54 23.81 31.49
N TRP DA 139 8.23 23.68 30.35
CA TRP DA 139 9.14 24.73 29.89
C TRP DA 139 8.43 25.98 29.39
N PHE DA 140 7.38 25.79 28.61
CA PHE DA 140 6.71 26.90 27.96
C PHE DA 140 5.40 27.25 28.64
N ASP DA 141 4.98 26.42 29.58
CA ASP DA 141 3.78 26.69 30.38
C ASP DA 141 3.89 26.11 31.79
N PRO DA 142 4.77 26.68 32.63
CA PRO DA 142 4.96 26.18 34.00
C PRO DA 142 3.80 26.52 34.94
N LEU DA 143 3.01 27.52 34.57
CA LEU DA 143 1.86 27.91 35.39
C LEU DA 143 0.61 27.18 34.95
N GLY DA 144 0.72 26.39 33.88
CA GLY DA 144 -0.38 25.58 33.39
C GLY DA 144 -1.54 26.36 32.82
N TRP DA 145 -1.32 27.64 32.55
CA TRP DA 145 -2.38 28.50 32.03
C TRP DA 145 -2.70 28.22 30.56
N GLY DA 146 -1.88 27.39 29.93
CA GLY DA 146 -2.04 27.08 28.53
C GLY DA 146 -3.17 26.11 28.25
N SER DA 147 -3.60 25.39 29.29
CA SER DA 147 -4.68 24.43 29.15
C SER DA 147 -5.92 24.84 29.96
N ALA DA 148 -6.99 25.17 29.26
CA ALA DA 148 -8.24 25.57 29.90
C ALA DA 148 -9.43 25.38 28.94
N SER DA 149 -10.54 26.03 29.26
CA SER DA 149 -11.73 25.97 28.43
C SER DA 149 -11.50 26.70 27.11
N PRO DA 150 -12.16 26.24 26.03
CA PRO DA 150 -12.00 26.85 24.70
C PRO DA 150 -12.31 28.36 24.67
N GLN DA 151 -13.21 28.81 25.52
CA GLN DA 151 -13.55 30.23 25.59
C GLN DA 151 -12.40 31.05 26.15
N LYS DA 152 -11.87 30.61 27.29
CA LYS DA 152 -10.75 31.29 27.93
C LYS DA 152 -9.52 31.25 27.03
N LEU DA 153 -9.34 30.12 26.34
CA LEU DA 153 -8.24 29.99 25.39
C LEU DA 153 -8.39 30.98 24.23
N LYS DA 154 -9.61 31.08 23.72
CA LYS DA 154 -9.93 32.06 22.69
C LYS DA 154 -9.55 33.46 23.15
N GLU DA 155 -10.00 33.83 24.34
CA GLU DA 155 -9.76 35.17 24.89
C GLU DA 155 -8.26 35.44 25.05
N LEU DA 156 -7.56 34.52 25.69
CA LEU DA 156 -6.13 34.68 25.96
C LEU DA 156 -5.28 34.73 24.68
N ARG DA 157 -5.57 33.85 23.73
CA ARG DA 157 -4.84 33.82 22.48
C ARG DA 157 -5.14 35.06 21.64
N THR DA 158 -6.36 35.58 21.78
CA THR DA 158 -6.73 36.82 21.12
C THR DA 158 -5.97 38.00 21.70
N LYS DA 159 -5.84 38.02 23.03
CA LYS DA 159 -5.04 39.06 23.70
C LYS DA 159 -3.58 39.00 23.25
N GLU DA 160 -3.06 37.78 23.20
CA GLU DA 160 -1.68 37.54 22.77
C GLU DA 160 -1.47 38.06 21.36
N ILE DA 161 -2.34 37.66 20.45
CA ILE DA 161 -2.20 38.03 19.05
C ILE DA 161 -2.37 39.54 18.83
N LYS DA 162 -3.31 40.16 19.54
CA LYS DA 162 -3.54 41.60 19.41
C LYS DA 162 -2.36 42.41 19.93
N ASN DA 163 -1.92 42.09 21.15
CA ASN DA 163 -0.72 42.70 21.70
C ASN DA 163 0.46 42.48 20.76
N GLY DA 164 0.42 41.35 20.04
CA GLY DA 164 1.43 41.06 19.03
C GLY DA 164 1.40 42.01 17.85
N ARG DA 165 0.21 42.27 17.31
CA ARG DA 165 0.05 43.21 16.20
C ARG DA 165 0.55 44.58 16.62
N LEU DA 166 0.05 45.02 17.76
CA LEU DA 166 0.43 46.32 18.33
C LEU DA 166 1.94 46.39 18.52
N ALA DA 167 2.54 45.27 18.93
CA ALA DA 167 3.98 45.21 19.15
C ALA DA 167 4.78 45.35 17.85
N MET DA 168 4.36 44.62 16.82
CA MET DA 168 4.99 44.71 15.51
C MET DA 168 4.97 46.16 15.02
N LEU DA 169 3.78 46.75 15.05
CA LEU DA 169 3.62 48.14 14.66
C LEU DA 169 4.49 49.07 15.49
N ALA DA 170 4.65 48.75 16.78
CA ALA DA 170 5.45 49.55 17.69
C ALA DA 170 6.94 49.51 17.37
N VAL DA 171 7.44 48.31 17.06
CA VAL DA 171 8.85 48.14 16.72
C VAL DA 171 9.16 48.87 15.43
N MET DA 172 8.31 48.66 14.42
CA MET DA 172 8.44 49.37 13.16
C MET DA 172 8.45 50.89 13.40
N GLY DA 173 7.53 51.33 14.26
CA GLY DA 173 7.44 52.72 14.64
C GLY DA 173 8.72 53.26 15.24
N ALA DA 174 9.31 52.49 16.15
CA ALA DA 174 10.55 52.87 16.79
C ALA DA 174 11.64 53.04 15.74
N TRP DA 175 11.75 52.07 14.85
CA TRP DA 175 12.76 52.10 13.79
C TRP DA 175 12.63 53.38 12.95
N PHE DA 176 11.45 53.56 12.35
CA PHE DA 176 11.22 54.73 11.50
C PHE DA 176 11.39 56.06 12.23
N GLN DA 177 10.95 56.11 13.49
CA GLN DA 177 11.07 57.32 14.30
C GLN DA 177 12.53 57.68 14.57
N HIS DA 178 13.33 56.69 14.92
CA HIS DA 178 14.75 56.96 15.16
C HIS DA 178 15.46 57.32 13.85
N ILE DA 179 14.96 56.81 12.73
CA ILE DA 179 15.48 57.22 11.43
C ILE DA 179 15.19 58.69 11.14
N TYR DA 180 13.93 59.09 11.34
CA TYR DA 180 13.50 60.45 11.06
C TYR DA 180 13.96 61.47 12.11
N THR DA 181 13.48 61.31 13.34
CA THR DA 181 13.76 62.27 14.41
C THR DA 181 15.23 62.29 14.82
N GLY DA 182 15.82 61.10 14.92
CA GLY DA 182 17.22 60.98 15.30
C GLY DA 182 17.44 60.85 16.79
N THR DA 183 16.35 60.65 17.54
CA THR DA 183 16.43 60.44 18.98
C THR DA 183 15.62 59.21 19.39
N GLY DA 184 15.66 58.89 20.69
CA GLY DA 184 14.95 57.74 21.22
C GLY DA 184 13.44 57.90 21.18
N PRO DA 185 12.71 56.77 21.29
CA PRO DA 185 11.25 56.76 21.26
C PRO DA 185 10.65 57.46 22.48
N ILE DA 186 11.33 57.34 23.62
CA ILE DA 186 10.89 58.01 24.83
C ILE DA 186 11.02 59.52 24.65
N ASP DA 187 12.10 59.94 23.99
CA ASP DA 187 12.32 61.35 23.68
C ASP DA 187 11.19 61.88 22.81
N ASN DA 188 10.80 61.09 21.82
CA ASN DA 188 9.68 61.45 20.95
C ASN DA 188 8.38 61.55 21.73
N LEU DA 189 8.18 60.62 22.66
CA LEU DA 189 6.98 60.58 23.47
C LEU DA 189 6.87 61.84 24.33
N PHE DA 190 7.97 62.20 24.98
CA PHE DA 190 8.00 63.39 25.83
C PHE DA 190 7.84 64.67 25.01
N ALA DA 191 8.47 64.69 23.84
CA ALA DA 191 8.36 65.85 22.95
C ALA DA 191 6.93 66.04 22.47
N HIS DA 192 6.26 64.93 22.14
CA HIS DA 192 4.88 64.99 21.68
C HIS DA 192 3.92 65.36 22.80
N LEU DA 193 4.16 64.83 23.99
CA LEU DA 193 3.34 65.18 25.14
C LEU DA 193 3.50 66.64 25.54
N ALA DA 194 4.71 67.17 25.35
CA ALA DA 194 5.00 68.56 25.70
C ALA DA 194 4.26 69.52 24.77
N ASP DA 195 4.20 69.16 23.49
CA ASP DA 195 3.54 70.00 22.50
C ASP DA 195 2.96 69.16 21.37
N PRO DA 196 1.76 68.59 21.60
CA PRO DA 196 1.12 67.70 20.61
C PRO DA 196 0.67 68.46 19.37
N GLY DA 197 0.60 69.78 19.47
CA GLY DA 197 0.13 70.61 18.37
C GLY DA 197 1.15 70.73 17.25
N HIS DA 198 2.43 70.81 17.62
CA HIS DA 198 3.48 71.05 16.63
C HIS DA 198 4.52 69.92 16.57
N ALA DA 199 4.85 69.37 17.72
CA ALA DA 199 5.86 68.31 17.80
C ALA DA 199 5.34 66.98 17.26
N THR DA 200 5.14 66.91 15.95
CA THR DA 200 4.68 65.69 15.29
C THR DA 200 5.68 65.29 14.21
N ILE DA 201 5.19 64.63 13.17
CA ILE DA 201 6.04 64.22 12.06
C ILE DA 201 6.39 65.43 11.20
N PHE DA 202 5.52 66.43 11.23
CA PHE DA 202 5.71 67.64 10.43
C PHE DA 202 6.65 68.64 11.10
N ALA DA 203 7.25 68.23 12.22
CA ALA DA 203 8.21 69.07 12.92
C ALA DA 203 9.60 68.93 12.29
N ALA DA 204 9.68 68.14 11.23
CA ALA DA 204 10.95 67.93 10.54
C ALA DA 204 10.75 67.90 9.02
N PHE DA 205 9.57 67.46 8.58
CA PHE DA 205 9.26 67.34 7.16
C PHE DA 205 8.63 68.60 6.56
N THR DA 206 8.13 69.49 7.42
CA THR DA 206 7.53 70.72 6.95
C THR DA 206 7.88 71.90 7.86
N ARG EA 1 -44.84 71.13 -13.89
CA ARG EA 1 -43.78 71.84 -13.18
C ARG EA 1 -43.08 72.83 -14.11
N PRO EA 2 -42.56 73.93 -13.55
CA PRO EA 2 -41.81 74.90 -14.35
C PRO EA 2 -40.45 74.36 -14.79
N LEU EA 3 -40.02 74.72 -16.00
CA LEU EA 3 -38.75 74.24 -16.53
C LEU EA 3 -37.75 75.37 -16.66
N TRP EA 4 -36.47 75.03 -16.54
CA TRP EA 4 -35.38 76.00 -16.59
C TRP EA 4 -34.25 75.49 -17.47
N PHE EA 5 -34.16 76.02 -18.69
CA PHE EA 5 -33.19 75.57 -19.68
C PHE EA 5 -33.26 74.05 -19.86
N ALA EA 6 -34.39 73.57 -20.37
CA ALA EA 6 -34.62 72.14 -20.54
C ALA EA 6 -34.42 71.70 -22.00
N SER EA 7 -34.44 70.39 -22.21
CA SER EA 7 -34.28 69.82 -23.54
C SER EA 7 -35.10 68.54 -23.68
N LYS EA 8 -35.22 68.02 -24.90
CA LYS EA 8 -35.98 66.80 -25.14
C LYS EA 8 -35.43 65.58 -24.40
N GLN EA 9 -34.10 65.43 -24.41
CA GLN EA 9 -33.44 64.34 -23.69
C GLN EA 9 -33.70 64.46 -22.18
N SER EA 10 -33.39 65.65 -21.66
CA SER EA 10 -33.56 65.95 -20.26
C SER EA 10 -34.97 65.60 -19.83
N LEU EA 11 -35.95 66.12 -20.56
CA LEU EA 11 -37.35 65.86 -20.25
C LEU EA 11 -37.71 64.40 -20.49
N SER EA 12 -36.92 63.70 -21.29
CA SER EA 12 -37.16 62.29 -21.54
C SER EA 12 -36.83 61.49 -20.29
N TYR EA 13 -35.88 61.98 -19.49
CA TYR EA 13 -35.60 61.27 -18.22
C TYR EA 13 -35.88 62.05 -16.93
N LEU EA 14 -36.00 63.37 -17.03
CA LEU EA 14 -36.35 64.19 -15.85
C LEU EA 14 -37.86 64.44 -15.77
N ASP EA 15 -38.52 63.78 -14.83
CA ASP EA 15 -39.98 63.82 -14.72
C ASP EA 15 -40.49 64.51 -13.47
N GLY EA 16 -39.66 65.36 -12.86
CA GLY EA 16 -40.05 66.10 -11.67
C GLY EA 16 -40.14 65.25 -10.42
N SER EA 17 -39.46 64.11 -10.42
CA SER EA 17 -39.49 63.20 -9.28
C SER EA 17 -38.51 63.62 -8.19
N LEU EA 18 -37.36 64.14 -8.60
CA LEU EA 18 -36.34 64.58 -7.65
C LEU EA 18 -36.57 66.04 -7.26
N PRO EA 19 -36.25 66.40 -6.01
CA PRO EA 19 -36.39 67.79 -5.56
C PRO EA 19 -35.47 68.72 -6.33
N GLY EA 20 -36.00 69.81 -6.85
CA GLY EA 20 -35.23 70.77 -7.62
C GLY EA 20 -35.19 70.44 -9.10
N ASP EA 21 -36.12 69.59 -9.54
CA ASP EA 21 -36.21 69.16 -10.94
C ASP EA 21 -36.85 70.24 -11.81
N TYR EA 22 -36.03 70.98 -12.53
CA TYR EA 22 -36.53 71.95 -13.50
C TYR EA 22 -36.20 71.49 -14.91
N GLY EA 23 -35.84 70.22 -15.04
CA GLY EA 23 -35.49 69.64 -16.32
C GLY EA 23 -34.19 70.17 -16.89
N PHE EA 24 -33.28 70.60 -16.02
CA PHE EA 24 -32.03 71.22 -16.45
C PHE EA 24 -30.88 70.21 -16.55
N ASP EA 25 -30.52 69.85 -17.78
CA ASP EA 25 -29.37 68.99 -18.02
C ASP EA 25 -28.92 69.06 -19.50
N PRO EA 26 -28.41 70.23 -19.92
CA PRO EA 26 -28.06 70.44 -21.34
C PRO EA 26 -26.88 69.60 -21.84
N LEU EA 27 -26.23 68.83 -20.97
CA LEU EA 27 -25.17 67.92 -21.41
C LEU EA 27 -25.62 66.47 -21.30
N GLY EA 28 -26.61 66.22 -20.45
CA GLY EA 28 -27.22 64.91 -20.34
C GLY EA 28 -26.53 63.96 -19.38
N LEU EA 29 -25.87 64.50 -18.37
CA LEU EA 29 -25.11 63.69 -17.42
C LEU EA 29 -25.96 62.68 -16.66
N SER EA 30 -27.24 62.99 -16.45
CA SER EA 30 -28.08 62.13 -15.63
C SER EA 30 -28.91 61.15 -16.49
N ASP EA 31 -28.62 61.12 -17.78
CA ASP EA 31 -29.27 60.19 -18.71
C ASP EA 31 -29.01 58.75 -18.27
N PRO EA 32 -30.10 57.99 -18.03
CA PRO EA 32 -30.02 56.61 -17.52
C PRO EA 32 -29.47 55.62 -18.54
N GLU EA 33 -29.27 56.06 -19.77
CA GLU EA 33 -28.73 55.18 -20.80
C GLU EA 33 -27.21 55.07 -20.70
N GLY EA 34 -26.72 53.85 -20.53
CA GLY EA 34 -25.28 53.59 -20.47
C GLY EA 34 -24.60 54.19 -19.25
N THR EA 35 -25.16 53.92 -18.07
CA THR EA 35 -24.62 54.47 -16.83
C THR EA 35 -23.57 53.54 -16.21
N GLY EA 36 -22.67 54.13 -15.42
CA GLY EA 36 -21.63 53.38 -14.75
C GLY EA 36 -20.72 54.26 -13.94
N GLY EA 37 -19.99 53.67 -13.00
CA GLY EA 37 -19.07 54.39 -12.16
C GLY EA 37 -19.74 55.48 -11.33
N PHE EA 38 -19.45 56.73 -11.66
CA PHE EA 38 -19.98 57.86 -10.93
C PHE EA 38 -21.01 58.64 -11.74
N ILE EA 39 -21.14 58.27 -13.01
CA ILE EA 39 -22.19 58.84 -13.85
C ILE EA 39 -23.44 57.98 -13.74
N GLU EA 40 -24.17 58.19 -12.65
CA GLU EA 40 -25.41 57.47 -12.36
C GLU EA 40 -26.37 58.43 -11.67
N PRO EA 41 -27.65 58.43 -12.07
CA PRO EA 41 -28.66 59.37 -11.57
C PRO EA 41 -28.73 59.47 -10.04
N ARG EA 42 -28.84 58.33 -9.35
CA ARG EA 42 -28.96 58.35 -7.90
C ARG EA 42 -27.72 58.96 -7.25
N TRP EA 43 -26.55 58.54 -7.72
CA TRP EA 43 -25.30 59.04 -7.19
C TRP EA 43 -25.11 60.53 -7.47
N LEU EA 44 -25.52 60.98 -8.65
CA LEU EA 44 -25.43 62.39 -8.98
C LEU EA 44 -26.37 63.22 -8.11
N ALA EA 45 -27.51 62.64 -7.76
CA ALA EA 45 -28.47 63.31 -6.87
C ALA EA 45 -27.85 63.47 -5.48
N TYR EA 46 -27.35 62.36 -4.96
CA TYR EA 46 -26.69 62.34 -3.66
C TYR EA 46 -25.54 63.35 -3.62
N GLY EA 47 -24.75 63.35 -4.69
CA GLY EA 47 -23.61 64.24 -4.81
C GLY EA 47 -24.02 65.69 -4.84
N GLU EA 48 -25.12 65.99 -5.53
CA GLU EA 48 -25.62 67.36 -5.57
C GLU EA 48 -26.00 67.79 -4.16
N VAL EA 49 -26.66 66.89 -3.44
CA VAL EA 49 -27.08 67.19 -2.08
C VAL EA 49 -25.88 67.46 -1.16
N ILE EA 50 -24.87 66.59 -1.23
CA ILE EA 50 -23.68 66.73 -0.39
C ILE EA 50 -22.85 67.98 -0.70
N ASN EA 51 -22.51 68.18 -1.97
CA ASN EA 51 -21.79 69.39 -2.38
C ASN EA 51 -22.60 70.62 -1.96
N GLY EA 52 -23.92 70.49 -1.99
CA GLY EA 52 -24.79 71.59 -1.61
C GLY EA 52 -24.76 71.90 -0.12
N ARG EA 53 -24.80 70.87 0.72
CA ARG EA 53 -24.74 71.06 2.16
C ARG EA 53 -23.39 71.66 2.56
N PHE EA 54 -22.31 71.03 2.10
CA PHE EA 54 -20.97 71.50 2.43
C PHE EA 54 -20.74 72.93 1.95
N ALA EA 55 -21.27 73.25 0.77
CA ALA EA 55 -21.17 74.61 0.25
C ALA EA 55 -22.03 75.59 1.04
N MET EA 56 -23.12 75.10 1.61
CA MET EA 56 -23.92 75.95 2.50
C MET EA 56 -23.13 76.30 3.76
N LEU EA 57 -22.43 75.32 4.30
CA LEU EA 57 -21.59 75.59 5.48
C LEU EA 57 -20.45 76.55 5.13
N GLY EA 58 -19.85 76.34 3.96
CA GLY EA 58 -18.69 77.11 3.56
C GLY EA 58 -19.01 78.53 3.14
N ALA EA 59 -20.19 78.71 2.56
CA ALA EA 59 -20.62 80.02 2.09
C ALA EA 59 -20.78 80.99 3.26
N VAL EA 60 -21.17 80.44 4.41
CA VAL EA 60 -21.25 81.22 5.63
C VAL EA 60 -19.86 81.33 6.26
N GLY EA 61 -19.17 80.20 6.38
CA GLY EA 61 -17.87 80.17 7.03
C GLY EA 61 -16.79 81.04 6.41
N ALA EA 62 -16.93 81.35 5.12
CA ALA EA 62 -15.93 82.13 4.41
C ALA EA 62 -16.18 83.63 4.55
N ILE EA 63 -17.37 83.99 5.01
CA ILE EA 63 -17.78 85.38 5.08
C ILE EA 63 -17.99 85.86 6.51
N ALA EA 64 -18.22 84.91 7.42
CA ALA EA 64 -18.55 85.23 8.81
C ALA EA 64 -17.43 85.91 9.64
N PRO EA 65 -16.20 85.36 9.63
CA PRO EA 65 -15.16 86.02 10.43
C PRO EA 65 -14.82 87.42 9.94
N GLU EA 66 -14.88 87.63 8.64
CA GLU EA 66 -14.62 88.94 8.06
C GLU EA 66 -15.70 89.93 8.44
N TYR EA 67 -16.95 89.45 8.46
CA TYR EA 67 -18.10 90.28 8.82
C TYR EA 67 -18.08 90.63 10.30
N LEU EA 68 -18.04 89.59 11.15
CA LEU EA 68 -18.05 89.77 12.59
C LEU EA 68 -16.84 90.58 13.06
N GLY EA 69 -15.78 90.55 12.25
CA GLY EA 69 -14.59 91.33 12.54
C GLY EA 69 -14.78 92.77 12.14
N LYS EA 70 -15.57 93.00 11.10
CA LYS EA 70 -15.85 94.35 10.63
C LYS EA 70 -16.84 95.04 11.57
N VAL EA 71 -17.51 94.24 12.39
CA VAL EA 71 -18.43 94.75 13.40
C VAL EA 71 -17.67 95.00 14.70
N GLY EA 72 -17.12 93.93 15.28
CA GLY EA 72 -16.33 94.05 16.49
C GLY EA 72 -16.66 92.96 17.50
N LEU EA 73 -17.43 91.97 17.09
CA LEU EA 73 -17.84 90.90 17.97
C LEU EA 73 -16.72 89.90 18.20
N ILE EA 74 -15.73 89.91 17.31
CA ILE EA 74 -14.57 89.03 17.42
C ILE EA 74 -13.28 89.84 17.22
N PRO EA 75 -12.17 89.38 17.83
CA PRO EA 75 -10.89 90.09 17.70
C PRO EA 75 -10.40 90.21 16.25
N GLN EA 76 -9.57 91.22 16.01
CA GLN EA 76 -9.09 91.51 14.66
C GLN EA 76 -8.12 90.44 14.16
N GLU EA 77 -7.55 89.68 15.09
CA GLU EA 77 -6.61 88.63 14.75
C GLU EA 77 -7.32 87.47 14.06
N THR EA 78 -8.57 87.23 14.42
CA THR EA 78 -9.35 86.17 13.82
C THR EA 78 -10.33 86.70 12.78
N ALA EA 79 -10.21 87.98 12.46
CA ALA EA 79 -11.09 88.62 11.48
C ALA EA 79 -10.48 88.57 10.09
N LEU EA 80 -9.89 87.43 9.74
CA LEU EA 80 -9.17 87.27 8.48
C LEU EA 80 -10.11 86.87 7.34
N ALA EA 81 -9.68 87.16 6.11
CA ALA EA 81 -10.40 86.70 4.92
C ALA EA 81 -10.26 85.17 4.84
N TRP EA 82 -11.15 84.53 4.09
CA TRP EA 82 -11.19 83.07 4.05
C TRP EA 82 -9.91 82.43 3.52
N PHE EA 83 -9.17 83.14 2.66
CA PHE EA 83 -7.94 82.60 2.10
C PHE EA 83 -6.67 82.99 2.88
N GLN EA 84 -6.85 83.81 3.91
CA GLN EA 84 -5.73 84.24 4.75
C GLN EA 84 -5.66 83.45 6.05
N THR EA 85 -6.56 82.50 6.23
CA THR EA 85 -6.63 81.73 7.47
C THR EA 85 -5.53 80.67 7.54
N GLY EA 86 -4.88 80.42 6.41
CA GLY EA 86 -3.85 79.40 6.35
C GLY EA 86 -4.21 78.27 5.42
N VAL EA 87 -5.39 78.36 4.82
CA VAL EA 87 -5.85 77.36 3.85
C VAL EA 87 -4.97 77.41 2.61
N ILE EA 88 -4.45 78.60 2.32
CA ILE EA 88 -3.48 78.82 1.26
C ILE EA 88 -2.31 79.59 1.86
N PRO EA 89 -1.33 78.87 2.42
CA PRO EA 89 -0.16 79.42 3.13
C PRO EA 89 0.57 80.58 2.45
N PRO EA 90 0.82 80.54 1.12
CA PRO EA 90 1.52 81.70 0.56
C PRO EA 90 0.65 82.95 0.47
N ALA EA 91 -0.63 82.82 0.76
CA ALA EA 91 -1.54 83.96 0.74
C ALA EA 91 -1.84 84.46 2.15
N GLY EA 92 -1.42 83.69 3.15
CA GLY EA 92 -1.64 84.06 4.53
C GLY EA 92 -1.70 82.84 5.44
N THR EA 93 -1.08 82.96 6.61
CA THR EA 93 -1.10 81.90 7.61
C THR EA 93 -1.51 82.43 8.97
N TYR EA 94 -2.09 81.56 9.80
CA TYR EA 94 -2.44 81.91 11.16
C TYR EA 94 -2.01 80.79 12.10
N ASN EA 95 -1.43 81.16 13.24
CA ASN EA 95 -0.93 80.17 14.18
C ASN EA 95 -1.98 79.65 15.15
N TYR EA 96 -2.53 78.49 14.84
CA TYR EA 96 -3.53 77.86 15.70
C TYR EA 96 -2.85 77.03 16.78
N TRP EA 97 -3.65 76.26 17.53
CA TRP EA 97 -3.11 75.42 18.59
C TRP EA 97 -2.23 74.30 18.03
N ALA EA 98 -2.45 73.97 16.76
CA ALA EA 98 -1.67 72.93 16.10
C ALA EA 98 -1.16 73.38 14.73
N ASP EA 99 -0.28 72.57 14.16
CA ASP EA 99 0.24 72.82 12.83
C ASP EA 99 -0.85 72.56 11.79
N ASN EA 100 -0.84 73.34 10.71
CA ASN EA 100 -1.82 73.22 9.64
C ASN EA 100 -1.90 71.81 9.07
N TYR EA 101 -0.74 71.17 8.93
CA TYR EA 101 -0.66 69.82 8.39
C TYR EA 101 -1.07 68.79 9.45
N THR EA 102 -0.78 69.10 10.71
CA THR EA 102 -1.20 68.25 11.81
C THR EA 102 -2.71 68.32 11.92
N LEU EA 103 -3.23 69.55 11.87
CA LEU EA 103 -4.66 69.79 11.87
C LEU EA 103 -5.33 69.10 10.69
N PHE EA 104 -4.63 69.06 9.56
CA PHE EA 104 -5.14 68.39 8.37
C PHE EA 104 -5.21 66.88 8.58
N VAL EA 105 -4.21 66.32 9.26
CA VAL EA 105 -4.20 64.90 9.57
C VAL EA 105 -5.36 64.55 10.50
N LEU EA 106 -5.57 65.40 11.51
CA LEU EA 106 -6.71 65.23 12.42
C LEU EA 106 -8.01 65.26 11.63
N GLU EA 107 -8.10 66.25 10.74
CA GLU EA 107 -9.26 66.47 9.90
C GLU EA 107 -9.61 65.23 9.09
N MET EA 108 -8.63 64.70 8.36
CA MET EA 108 -8.85 63.51 7.55
C MET EA 108 -9.13 62.29 8.43
N ALA EA 109 -8.62 62.33 9.65
CA ALA EA 109 -8.85 61.22 10.59
C ALA EA 109 -10.31 61.15 11.01
N LEU EA 110 -10.89 62.29 11.38
CA LEU EA 110 -12.29 62.35 11.80
C LEU EA 110 -13.26 62.19 10.62
N MET EA 111 -12.99 62.97 9.58
CA MET EA 111 -13.77 62.90 8.34
C MET EA 111 -13.69 61.50 7.75
N GLY EA 112 -12.62 60.78 8.06
CA GLY EA 112 -12.46 59.43 7.58
C GLY EA 112 -13.57 58.52 8.09
N PHE EA 113 -13.85 58.61 9.38
CA PHE EA 113 -14.91 57.81 9.98
C PHE EA 113 -16.27 58.33 9.50
N ALA EA 114 -16.47 59.63 9.67
CA ALA EA 114 -17.75 60.26 9.35
C ALA EA 114 -18.19 60.01 7.91
N GLU EA 115 -17.22 59.91 7.01
CA GLU EA 115 -17.50 59.73 5.58
C GLU EA 115 -17.52 58.26 5.15
N HIS EA 116 -16.58 57.47 5.63
CA HIS EA 116 -16.55 56.05 5.29
C HIS EA 116 -17.84 55.36 5.74
N ARG EA 117 -18.29 55.68 6.96
CA ARG EA 117 -19.52 55.07 7.46
C ARG EA 117 -20.73 55.50 6.62
N ARG EA 118 -20.78 56.80 6.32
CA ARG EA 118 -21.83 57.38 5.49
C ARG EA 118 -21.88 56.68 4.14
N PHE EA 119 -20.71 56.29 3.63
CA PHE EA 119 -20.64 55.55 2.37
C PHE EA 119 -21.21 54.15 2.58
N GLN EA 120 -20.89 53.55 3.72
CA GLN EA 120 -21.39 52.21 4.00
C GLN EA 120 -22.90 52.17 4.13
N ASP EA 121 -23.51 53.32 4.41
CA ASP EA 121 -24.98 53.39 4.37
C ASP EA 121 -25.52 53.52 2.94
N TRP EA 122 -24.67 53.99 2.03
CA TRP EA 122 -25.05 54.08 0.62
C TRP EA 122 -24.90 52.72 -0.06
N ALA EA 123 -23.82 52.02 0.26
CA ALA EA 123 -23.54 50.71 -0.33
C ALA EA 123 -24.40 49.61 0.29
N LYS EA 124 -24.59 49.67 1.60
CA LYS EA 124 -25.42 48.72 2.31
C LYS EA 124 -26.22 49.41 3.40
N PRO EA 125 -27.43 49.89 3.05
CA PRO EA 125 -28.30 50.67 3.94
C PRO EA 125 -28.52 50.03 5.31
N GLY EA 126 -28.60 48.70 5.34
CA GLY EA 126 -28.83 47.98 6.58
C GLY EA 126 -27.66 48.06 7.55
N SER EA 127 -26.48 48.34 7.04
CA SER EA 127 -25.27 48.38 7.86
C SER EA 127 -25.22 49.61 8.76
N MET EA 128 -24.09 49.79 9.45
CA MET EA 128 -23.89 50.89 10.39
C MET EA 128 -24.88 50.86 11.54
N GLY EA 129 -25.42 49.68 11.82
CA GLY EA 129 -26.33 49.51 12.94
C GLY EA 129 -26.05 48.20 13.65
N LYS EA 130 -25.41 47.29 12.94
CA LYS EA 130 -25.07 45.98 13.50
C LYS EA 130 -23.74 46.02 14.24
N GLN EA 131 -22.72 46.58 13.60
CA GLN EA 131 -21.38 46.66 14.18
C GLN EA 131 -21.34 47.62 15.36
N TYR EA 132 -20.63 47.21 16.41
CA TYR EA 132 -20.50 48.03 17.63
C TYR EA 132 -19.78 49.35 17.36
N PHE EA 133 -20.18 50.39 18.09
CA PHE EA 133 -19.60 51.71 17.95
C PHE EA 133 -19.97 52.59 19.14
N LEU EA 134 -19.52 52.19 20.32
CA LEU EA 134 -19.84 52.88 21.58
C LEU EA 134 -21.35 53.00 21.82
N GLY EA 135 -22.11 52.10 21.20
CA GLY EA 135 -23.56 52.11 21.33
C GLY EA 135 -24.22 53.21 20.52
N LEU EA 136 -23.46 53.83 19.64
CA LEU EA 136 -23.98 54.92 18.82
C LEU EA 136 -24.62 54.36 17.54
N GLU EA 137 -24.35 53.09 17.26
CA GLU EA 137 -24.84 52.45 16.04
C GLU EA 137 -26.36 52.37 16.02
N LYS EA 138 -26.97 52.58 17.18
CA LYS EA 138 -28.42 52.60 17.30
C LYS EA 138 -28.99 53.75 16.50
N GLY EA 139 -28.27 54.88 16.49
CA GLY EA 139 -28.75 56.06 15.79
C GLY EA 139 -28.22 56.20 14.38
N PHE EA 140 -27.45 55.22 13.94
CA PHE EA 140 -26.84 55.24 12.61
C PHE EA 140 -27.49 54.21 11.68
N GLY EA 141 -28.77 53.93 11.89
CA GLY EA 141 -29.46 52.89 11.16
C GLY EA 141 -29.92 53.29 9.77
N GLY EA 142 -29.94 54.59 9.50
CA GLY EA 142 -30.40 55.09 8.21
C GLY EA 142 -31.91 55.11 8.11
N SER EA 143 -32.42 55.22 6.88
CA SER EA 143 -33.85 55.32 6.66
C SER EA 143 -34.27 54.78 5.29
N GLY EA 144 -33.35 54.11 4.61
CA GLY EA 144 -33.60 53.62 3.27
C GLY EA 144 -33.19 54.64 2.23
N ASN EA 145 -33.18 55.91 2.63
CA ASN EA 145 -32.65 56.97 1.78
C ASN EA 145 -31.28 57.43 2.27
N PRO EA 146 -30.26 57.24 1.42
CA PRO EA 146 -28.87 57.59 1.76
C PRO EA 146 -28.70 59.08 2.08
N ALA EA 147 -29.29 59.93 1.25
CA ALA EA 147 -29.17 61.38 1.42
C ALA EA 147 -29.94 61.91 2.64
N TYR EA 148 -31.02 61.22 2.99
CA TYR EA 148 -31.88 61.67 4.09
C TYR EA 148 -32.02 60.61 5.17
N PRO EA 149 -30.99 60.44 6.00
CA PRO EA 149 -30.98 59.40 7.03
C PRO EA 149 -31.91 59.70 8.20
N GLY EA 150 -31.87 60.92 8.71
CA GLY EA 150 -32.70 61.29 9.84
C GLY EA 150 -32.29 60.56 11.11
N GLY EA 151 -33.28 60.15 11.89
CA GLY EA 151 -33.04 59.46 13.15
C GLY EA 151 -32.80 60.43 14.29
N PRO EA 152 -32.35 59.91 15.43
CA PRO EA 152 -32.13 60.75 16.62
C PRO EA 152 -30.90 61.65 16.50
N PHE EA 153 -29.91 61.22 15.73
CA PHE EA 153 -28.66 61.97 15.60
C PHE EA 153 -28.74 63.07 14.55
N PHE EA 154 -29.32 62.75 13.40
CA PHE EA 154 -29.32 63.68 12.28
C PHE EA 154 -30.63 64.45 12.14
N ASN EA 155 -31.65 64.02 12.87
CA ASN EA 155 -32.91 64.75 12.92
C ASN EA 155 -33.56 64.62 14.29
N PRO EA 156 -32.93 65.22 15.32
CA PRO EA 156 -33.43 65.09 16.69
C PRO EA 156 -34.68 65.94 16.94
N LEU EA 157 -34.90 66.94 16.08
CA LEU EA 157 -36.03 67.84 16.24
C LEU EA 157 -37.26 67.36 15.48
N GLY EA 158 -37.18 66.14 14.96
CA GLY EA 158 -38.30 65.48 14.31
C GLY EA 158 -39.00 66.27 13.21
N PHE EA 159 -38.22 66.95 12.38
CA PHE EA 159 -38.77 67.69 11.25
C PHE EA 159 -39.26 66.72 10.17
N GLY EA 160 -40.12 67.22 9.29
CA GLY EA 160 -40.65 66.41 8.20
C GLY EA 160 -41.44 65.20 8.66
N LYS EA 161 -42.33 65.41 9.62
CA LYS EA 161 -43.18 64.33 10.13
C LYS EA 161 -44.14 63.83 9.07
N ASP EA 162 -44.62 64.74 8.22
CA ASP EA 162 -45.54 64.40 7.15
C ASP EA 162 -44.91 64.58 5.78
N GLU EA 163 -45.58 64.06 4.75
CA GLU EA 163 -45.03 64.02 3.40
C GLU EA 163 -44.93 65.41 2.75
N LYS EA 164 -46.02 66.16 2.82
CA LYS EA 164 -46.11 67.46 2.18
C LYS EA 164 -45.13 68.45 2.79
N SER EA 165 -44.68 68.16 4.00
CA SER EA 165 -43.71 69.01 4.69
C SER EA 165 -42.29 68.60 4.32
N LEU EA 166 -42.06 67.29 4.28
CA LEU EA 166 -40.76 66.74 3.93
C LEU EA 166 -40.35 67.17 2.51
N LYS EA 167 -41.26 66.95 1.57
CA LYS EA 167 -41.01 67.30 0.18
C LYS EA 167 -40.80 68.80 0.02
N GLU EA 168 -41.45 69.58 0.88
CA GLU EA 168 -41.36 71.04 0.83
C GLU EA 168 -40.00 71.50 1.34
N LEU EA 169 -39.52 70.86 2.39
CA LEU EA 169 -38.25 71.25 3.00
C LEU EA 169 -37.06 70.81 2.15
N LYS EA 170 -37.20 69.67 1.47
CA LYS EA 170 -36.13 69.18 0.61
C LYS EA 170 -35.85 70.16 -0.54
N LEU EA 171 -36.91 70.70 -1.11
CA LEU EA 171 -36.78 71.66 -2.20
C LEU EA 171 -35.99 72.90 -1.78
N LYS EA 172 -36.36 73.47 -0.63
CA LYS EA 172 -35.68 74.64 -0.11
C LYS EA 172 -34.22 74.31 0.17
N GLU EA 173 -33.98 73.10 0.67
CA GLU EA 173 -32.63 72.65 0.96
C GLU EA 173 -31.78 72.63 -0.30
N VAL EA 174 -32.34 72.05 -1.37
CA VAL EA 174 -31.63 71.96 -2.63
C VAL EA 174 -31.36 73.34 -3.25
N LYS EA 175 -32.36 74.22 -3.20
CA LYS EA 175 -32.19 75.56 -3.74
C LYS EA 175 -31.08 76.31 -3.00
N ASN EA 176 -31.12 76.23 -1.67
CA ASN EA 176 -30.10 76.87 -0.86
C ASN EA 176 -28.72 76.28 -1.12
N GLY EA 177 -28.68 74.99 -1.40
CA GLY EA 177 -27.42 74.33 -1.70
C GLY EA 177 -26.83 74.81 -3.00
N ARG EA 178 -27.67 74.97 -4.02
CA ARG EA 178 -27.22 75.44 -5.32
C ARG EA 178 -26.75 76.89 -5.26
N LEU EA 179 -27.52 77.71 -4.55
CA LEU EA 179 -27.17 79.11 -4.37
C LEU EA 179 -25.84 79.24 -3.62
N ALA EA 180 -25.66 78.39 -2.62
CA ALA EA 180 -24.44 78.38 -1.81
C ALA EA 180 -23.23 77.90 -2.62
N MET EA 181 -23.45 76.93 -3.50
CA MET EA 181 -22.38 76.45 -4.36
C MET EA 181 -21.93 77.56 -5.30
N LEU EA 182 -22.90 78.27 -5.88
CA LEU EA 182 -22.58 79.40 -6.74
C LEU EA 182 -21.86 80.48 -5.94
N ALA EA 183 -22.21 80.58 -4.65
CA ALA EA 183 -21.56 81.53 -3.75
C ALA EA 183 -20.10 81.18 -3.53
N ILE EA 184 -19.82 79.90 -3.33
CA ILE EA 184 -18.45 79.43 -3.17
C ILE EA 184 -17.62 79.70 -4.41
N LEU EA 185 -18.18 79.35 -5.57
CA LEU EA 185 -17.52 79.62 -6.85
C LEU EA 185 -17.20 81.10 -7.00
N GLY EA 186 -18.18 81.92 -6.60
CA GLY EA 186 -18.03 83.36 -6.63
C GLY EA 186 -16.89 83.81 -5.74
N TYR EA 187 -16.82 83.23 -4.54
CA TYR EA 187 -15.73 83.56 -3.62
C TYR EA 187 -14.39 83.26 -4.27
N PHE EA 188 -14.31 82.10 -4.92
CA PHE EA 188 -13.08 81.68 -5.57
C PHE EA 188 -12.64 82.70 -6.63
N ILE EA 189 -13.50 82.97 -7.61
CA ILE EA 189 -13.10 83.85 -8.70
C ILE EA 189 -12.91 85.32 -8.27
N GLN EA 190 -13.83 85.82 -7.46
CA GLN EA 190 -13.74 87.18 -6.93
C GLN EA 190 -12.44 87.37 -6.16
N GLY EA 191 -12.12 86.39 -5.32
CA GLY EA 191 -10.89 86.45 -4.56
C GLY EA 191 -9.69 86.39 -5.48
N LEU EA 192 -9.84 85.65 -6.58
CA LEU EA 192 -8.74 85.49 -7.52
C LEU EA 192 -8.50 86.73 -8.37
N VAL EA 193 -9.49 87.61 -8.44
CA VAL EA 193 -9.35 88.79 -9.29
C VAL EA 193 -9.16 90.11 -8.52
N THR EA 194 -9.79 90.23 -7.36
CA THR EA 194 -9.71 91.48 -6.59
C THR EA 194 -8.51 91.52 -5.63
N GLY EA 195 -8.27 90.42 -4.95
CA GLY EA 195 -7.18 90.34 -3.99
C GLY EA 195 -7.62 90.73 -2.59
N VAL EA 196 -8.92 90.97 -2.43
CA VAL EA 196 -9.48 91.31 -1.13
C VAL EA 196 -10.56 90.30 -0.75
N GLY EA 197 -11.04 90.39 0.48
CA GLY EA 197 -12.08 89.50 0.96
C GLY EA 197 -13.40 89.67 0.23
N PRO EA 198 -14.27 88.65 0.30
CA PRO EA 198 -15.58 88.66 -0.37
C PRO EA 198 -16.53 89.71 0.19
N TYR EA 199 -16.41 90.01 1.48
CA TYR EA 199 -17.26 91.01 2.12
C TYR EA 199 -16.82 92.43 1.76
N GLN EA 200 -15.52 92.61 1.58
CA GLN EA 200 -14.96 93.91 1.24
C GLN EA 200 -15.41 94.31 -0.18
N ASN EA 201 -15.53 93.30 -1.05
CA ASN EA 201 -16.04 93.54 -2.40
C ASN EA 201 -17.47 94.04 -2.34
N LEU EA 202 -18.25 93.48 -1.41
CA LEU EA 202 -19.63 93.89 -1.20
C LEU EA 202 -19.67 95.33 -0.70
N LEU EA 203 -18.77 95.66 0.23
CA LEU EA 203 -18.70 97.00 0.78
C LEU EA 203 -18.37 98.01 -0.32
N ASP EA 204 -17.42 97.63 -1.19
CA ASP EA 204 -16.98 98.52 -2.26
C ASP EA 204 -18.05 98.67 -3.34
N HIS EA 205 -18.86 97.62 -3.54
CA HIS EA 205 -19.92 97.67 -4.54
C HIS EA 205 -21.09 98.49 -4.05
N VAL EA 206 -21.46 98.30 -2.78
CA VAL EA 206 -22.53 99.08 -2.17
C VAL EA 206 -22.15 100.56 -2.08
N ALA EA 207 -20.89 100.81 -1.74
CA ALA EA 207 -20.39 102.19 -1.63
C ALA EA 207 -20.48 102.93 -2.96
N ASP EA 208 -19.81 102.40 -3.98
CA ASP EA 208 -19.81 103.02 -5.30
C ASP EA 208 -20.07 101.94 -6.36
N PRO EA 209 -21.35 101.77 -6.73
CA PRO EA 209 -21.78 100.76 -7.71
C PRO EA 209 -21.14 100.92 -9.08
N VAL EA 210 -21.09 102.16 -9.59
CA VAL EA 210 -20.58 102.42 -10.93
C VAL EA 210 -19.08 102.18 -11.04
N ASN EA 211 -18.32 102.72 -10.09
CA ASN EA 211 -16.86 102.65 -10.14
C ASN EA 211 -16.30 101.28 -9.76
N ASN EA 212 -16.81 100.70 -8.68
CA ASN EA 212 -16.36 99.39 -8.24
C ASN EA 212 -17.14 98.25 -8.91
N ASN EA 213 -16.59 97.71 -9.98
CA ASN EA 213 -17.28 96.73 -10.80
C ASN EA 213 -16.28 95.78 -11.46
N VAL EA 214 -16.77 94.64 -11.96
CA VAL EA 214 -15.91 93.67 -12.63
C VAL EA 214 -15.24 94.27 -13.86
N LEU EA 215 -15.94 95.19 -14.52
CA LEU EA 215 -15.42 95.86 -15.70
C LEU EA 215 -14.23 96.75 -15.34
N THR EA 216 -14.17 97.16 -14.08
CA THR EA 216 -13.09 98.00 -13.59
C THR EA 216 -11.87 97.15 -13.21
N SER EA 217 -12.11 96.15 -12.37
CA SER EA 217 -11.03 95.28 -11.88
C SER EA 217 -10.70 94.20 -12.89
N GLY FA 1 16.07 4.63 14.35
CA GLY FA 1 16.87 5.84 14.38
C GLY FA 1 16.29 6.98 13.56
N GLU FA 2 16.30 8.18 14.13
CA GLU FA 2 15.78 9.36 13.45
C GLU FA 2 16.77 10.52 13.49
N TRP FA 3 17.47 10.73 12.37
CA TRP FA 3 18.43 11.83 12.28
C TRP FA 3 17.71 13.17 12.26
N LEU FA 4 16.47 13.16 11.76
CA LEU FA 4 15.67 14.37 11.70
C LEU FA 4 14.22 14.07 12.10
N PRO FA 5 13.93 14.19 13.40
CA PRO FA 5 12.59 13.95 13.94
C PRO FA 5 11.63 15.08 13.61
N GLY FA 6 10.52 14.78 12.95
CA GLY FA 6 10.20 13.43 12.55
C GLY FA 6 10.00 13.33 11.04
N LEU FA 7 11.11 13.12 10.33
CA LEU FA 7 11.07 12.94 8.88
C LEU FA 7 11.02 11.45 8.55
N ALA FA 8 10.05 11.07 7.71
CA ALA FA 8 9.87 9.67 7.35
C ALA FA 8 11.09 9.10 6.66
N SER FA 9 11.58 7.98 7.18
CA SER FA 9 12.72 7.28 6.58
C SER FA 9 12.34 6.73 5.22
N PRO FA 10 13.25 6.85 4.24
CA PRO FA 10 13.03 6.30 2.90
C PRO FA 10 12.74 4.81 2.95
N GLY FA 11 11.97 4.31 1.99
CA GLY FA 11 11.56 2.92 1.97
C GLY FA 11 12.70 1.92 1.88
N TYR FA 12 13.77 2.30 1.19
CA TYR FA 12 14.89 1.38 0.96
C TYR FA 12 15.85 1.30 2.15
N LEU FA 13 15.57 2.07 3.20
CA LEU FA 13 16.35 1.99 4.43
C LEU FA 13 15.50 1.37 5.54
N THR FA 14 15.33 0.06 5.48
CA THR FA 14 14.40 -0.66 6.34
C THR FA 14 14.99 -1.01 7.71
N GLY FA 15 16.08 -0.37 8.08
CA GLY FA 15 16.73 -0.63 9.35
C GLY FA 15 17.38 -2.00 9.40
N SER FA 16 17.53 -2.62 8.24
CA SER FA 16 18.15 -3.93 8.13
C SER FA 16 19.67 -3.79 7.99
N LEU FA 17 20.16 -2.56 8.09
CA LEU FA 17 21.59 -2.29 8.06
C LEU FA 17 22.01 -1.56 9.34
N PRO FA 18 23.19 -1.90 9.86
CA PRO FA 18 23.70 -1.22 11.06
C PRO FA 18 24.01 0.25 10.77
N GLY FA 19 23.55 1.14 11.65
CA GLY FA 19 23.77 2.55 11.49
C GLY FA 19 22.65 3.21 10.70
N ASP FA 20 21.58 2.47 10.47
CA ASP FA 20 20.44 2.98 9.72
C ASP FA 20 19.66 3.99 10.55
N ASN FA 21 19.84 5.27 10.23
CA ASN FA 21 19.07 6.33 10.86
C ASN FA 21 18.18 7.04 9.85
N GLY FA 22 17.97 6.41 8.70
CA GLY FA 22 17.09 6.95 7.68
C GLY FA 22 17.62 8.21 7.01
N PHE FA 23 18.94 8.33 6.95
CA PHE FA 23 19.59 9.53 6.44
C PHE FA 23 20.06 9.37 4.99
N ASP FA 24 19.23 9.86 4.06
CA ASP FA 24 19.60 9.95 2.66
C ASP FA 24 18.74 11.02 1.97
N PRO FA 25 18.91 12.30 2.36
CA PRO FA 25 18.03 13.36 1.87
C PRO FA 25 18.21 13.66 0.39
N LEU FA 26 19.35 13.31 -0.17
CA LEU FA 26 19.61 13.56 -1.59
C LEU FA 26 19.30 12.34 -2.45
N GLY FA 27 18.95 11.23 -1.78
CA GLY FA 27 18.55 10.02 -2.48
C GLY FA 27 19.67 9.36 -3.26
N LEU FA 28 20.80 9.14 -2.59
CA LEU FA 28 21.95 8.54 -3.25
C LEU FA 28 21.80 7.04 -3.37
N ALA FA 29 21.14 6.43 -2.39
CA ALA FA 29 21.01 4.98 -2.33
C ALA FA 29 19.64 4.47 -2.78
N GLU FA 30 19.02 5.20 -3.72
CA GLU FA 30 17.72 4.83 -4.23
C GLU FA 30 17.78 3.46 -4.92
N ASP FA 31 18.93 3.15 -5.51
CA ASP FA 31 19.16 1.86 -6.15
C ASP FA 31 19.78 0.89 -5.16
N PRO FA 32 19.30 -0.36 -5.12
CA PRO FA 32 19.79 -1.39 -4.20
C PRO FA 32 21.29 -1.64 -4.28
N GLU FA 33 21.79 -1.87 -5.49
CA GLU FA 33 23.21 -2.14 -5.69
C GLU FA 33 24.05 -0.95 -5.26
N ASN FA 34 23.52 0.25 -5.49
CA ASN FA 34 24.15 1.47 -5.02
C ASN FA 34 24.26 1.46 -3.50
N LEU FA 35 23.20 1.02 -2.84
CA LEU FA 35 23.19 0.94 -1.38
C LEU FA 35 24.23 -0.05 -0.88
N ARG FA 36 24.36 -1.18 -1.56
CA ARG FA 36 25.37 -2.18 -1.21
C ARG FA 36 26.79 -1.62 -1.36
N TRP FA 37 27.09 -1.12 -2.55
CA TRP FA 37 28.39 -0.56 -2.87
C TRP FA 37 28.75 0.57 -1.92
N PHE FA 38 27.74 1.36 -1.53
CA PHE FA 38 27.94 2.46 -0.60
C PHE FA 38 28.13 1.99 0.84
N VAL FA 39 27.57 0.82 1.17
CA VAL FA 39 27.81 0.22 2.47
C VAL FA 39 29.27 -0.18 2.55
N GLN FA 40 29.74 -0.87 1.52
CA GLN FA 40 31.15 -1.27 1.46
C GLN FA 40 32.05 -0.05 1.52
N ALA FA 41 31.76 0.95 0.69
CA ALA FA 41 32.56 2.15 0.61
C ALA FA 41 32.57 2.94 1.91
N GLU FA 42 31.44 2.93 2.63
CA GLU FA 42 31.37 3.63 3.92
C GLU FA 42 32.23 2.91 4.94
N LEU FA 43 32.18 1.58 4.94
CA LEU FA 43 33.02 0.80 5.83
C LEU FA 43 34.49 1.10 5.57
N VAL FA 44 34.89 1.07 4.30
CA VAL FA 44 36.30 1.26 3.95
C VAL FA 44 36.80 2.68 4.22
N ASN FA 45 36.12 3.69 3.66
CA ASN FA 45 36.48 5.08 3.92
C ASN FA 45 36.47 5.38 5.41
N GLY FA 46 35.53 4.77 6.13
CA GLY FA 46 35.41 4.96 7.57
C GLY FA 46 36.59 4.39 8.34
N ARG FA 47 36.97 3.16 8.02
CA ARG FA 47 38.08 2.50 8.70
C ARG FA 47 39.39 3.22 8.41
N TRP FA 48 39.63 3.54 7.15
CA TRP FA 48 40.82 4.28 6.77
C TRP FA 48 40.84 5.66 7.43
N ALA FA 49 39.66 6.24 7.63
CA ALA FA 49 39.56 7.53 8.29
C ALA FA 49 39.91 7.43 9.77
N MET FA 50 39.45 6.35 10.40
CA MET FA 50 39.78 6.13 11.80
C MET FA 50 41.29 5.97 11.97
N LEU FA 51 41.86 5.10 11.15
CA LEU FA 51 43.30 4.86 11.16
C LEU FA 51 44.09 6.15 10.94
N GLY FA 52 43.74 6.87 9.87
CA GLY FA 52 44.42 8.10 9.50
C GLY FA 52 44.32 9.19 10.55
N VAL FA 53 43.12 9.41 11.05
CA VAL FA 53 42.88 10.41 12.09
C VAL FA 53 43.68 10.07 13.34
N ALA FA 54 43.71 8.79 13.69
CA ALA FA 54 44.54 8.35 14.81
C ALA FA 54 46.00 8.71 14.58
N GLY FA 55 46.49 8.38 13.38
CA GLY FA 55 47.88 8.67 13.02
C GLY FA 55 48.20 10.14 12.84
N MET FA 56 47.18 10.99 12.79
CA MET FA 56 47.38 12.43 12.64
C MET FA 56 47.33 13.14 13.99
N LEU FA 57 46.39 12.72 14.83
CA LEU FA 57 46.17 13.36 16.12
C LEU FA 57 47.06 12.81 17.22
N LEU FA 58 47.07 11.47 17.36
CA LEU FA 58 47.79 10.85 18.47
C LEU FA 58 49.30 11.13 18.53
N PRO FA 59 50.01 11.05 17.39
CA PRO FA 59 51.43 11.39 17.44
C PRO FA 59 51.70 12.86 17.82
N GLU FA 60 50.79 13.76 17.47
CA GLU FA 60 50.99 15.17 17.79
C GLU FA 60 50.80 15.44 19.28
N VAL FA 61 49.85 14.73 19.88
CA VAL FA 61 49.59 14.87 21.31
C VAL FA 61 50.82 14.43 22.10
N PHE FA 62 51.43 13.33 21.68
CA PHE FA 62 52.62 12.81 22.35
C PHE FA 62 53.81 13.74 22.18
N THR FA 63 53.78 14.53 21.11
CA THR FA 63 54.86 15.48 20.85
C THR FA 63 54.73 16.74 21.72
N SER FA 64 53.50 17.17 21.97
CA SER FA 64 53.26 18.35 22.78
C SER FA 64 53.69 18.14 24.23
N ILE FA 65 53.36 16.98 24.77
CA ILE FA 65 53.78 16.64 26.12
C ILE FA 65 55.13 15.94 26.12
N GLY FA 66 55.83 16.04 24.99
CA GLY FA 66 57.23 15.62 24.89
C GLY FA 66 57.52 14.13 25.02
N ILE FA 67 56.52 13.28 24.80
CA ILE FA 67 56.72 11.83 24.91
C ILE FA 67 57.70 11.34 23.84
N ILE FA 68 57.45 11.73 22.61
CA ILE FA 68 58.33 11.38 21.49
C ILE FA 68 58.30 12.49 20.42
N ASN FA 69 59.48 12.91 19.99
CA ASN FA 69 59.56 13.95 18.96
C ASN FA 69 59.23 13.42 17.57
N VAL FA 70 57.97 13.60 17.18
CA VAL FA 70 57.48 13.15 15.89
C VAL FA 70 57.01 14.34 15.05
N PRO FA 71 57.53 14.46 13.82
CA PRO FA 71 57.11 15.55 12.93
C PRO FA 71 55.63 15.44 12.59
N LYS FA 72 54.96 16.58 12.43
CA LYS FA 72 53.53 16.61 12.16
C LYS FA 72 53.15 15.91 10.87
N TRP FA 73 51.88 15.57 10.73
CA TRP FA 73 51.39 14.75 9.62
C TRP FA 73 51.56 15.41 8.25
N TYR FA 74 51.41 16.74 8.20
CA TYR FA 74 51.47 17.44 6.93
C TYR FA 74 52.89 17.82 6.51
N ALA FA 75 53.87 17.47 7.34
CA ALA FA 75 55.26 17.76 7.04
C ALA FA 75 56.12 16.53 7.29
N ALA FA 76 55.50 15.36 7.20
CA ALA FA 76 56.16 14.09 7.51
C ALA FA 76 56.73 13.39 6.29
N GLY FA 77 56.20 13.72 5.12
CA GLY FA 77 56.63 13.05 3.90
C GLY FA 77 57.92 13.58 3.31
N LYS FA 78 58.33 14.76 3.77
CA LYS FA 78 59.46 15.45 3.16
C LYS FA 78 60.83 14.89 3.56
N GLU FA 79 61.32 13.95 2.75
CA GLU FA 79 62.71 13.48 2.80
C GLU FA 79 63.26 13.12 4.20
N GLU FA 80 62.59 12.19 4.88
CA GLU FA 80 63.03 11.78 6.19
C GLU FA 80 63.31 10.28 6.27
N TYR FA 81 63.04 9.57 5.18
CA TYR FA 81 63.08 8.12 5.19
C TYR FA 81 64.18 7.50 4.33
N PHE FA 82 64.43 6.23 4.55
CA PHE FA 82 65.53 5.53 3.91
C PHE FA 82 65.26 5.10 2.47
N ALA FA 83 64.03 4.68 2.19
CA ALA FA 83 63.72 4.05 0.91
C ALA FA 83 63.03 4.95 -0.11
N SER FA 84 62.84 6.22 0.24
CA SER FA 84 62.22 7.21 -0.63
C SER FA 84 60.75 6.97 -1.00
N SER FA 85 60.05 8.07 -1.26
CA SER FA 85 58.62 8.06 -1.51
C SER FA 85 58.26 7.36 -2.81
N SER FA 86 59.19 7.34 -3.76
CA SER FA 86 58.93 6.70 -5.05
C SER FA 86 58.84 5.18 -4.90
N THR FA 87 59.88 4.60 -4.31
CA THR FA 87 59.92 3.17 -4.04
C THR FA 87 58.78 2.78 -3.10
N LEU FA 88 58.60 3.57 -2.05
CA LEU FA 88 57.50 3.35 -1.10
C LEU FA 88 56.15 3.34 -1.83
N PHE FA 89 56.02 4.22 -2.81
CA PHE FA 89 54.79 4.31 -3.61
C PHE FA 89 54.60 3.09 -4.51
N VAL FA 90 55.69 2.60 -5.09
CA VAL FA 90 55.61 1.42 -5.94
C VAL FA 90 55.15 0.22 -5.13
N ILE FA 91 55.82 0.00 -4.00
CA ILE FA 91 55.46 -1.05 -3.05
C ILE FA 91 53.98 -0.96 -2.67
N GLU FA 92 53.61 0.22 -2.15
CA GLU FA 92 52.24 0.50 -1.74
C GLU FA 92 51.22 0.19 -2.84
N PHE FA 93 51.48 0.70 -4.03
CA PHE FA 93 50.59 0.53 -5.17
C PHE FA 93 50.42 -0.94 -5.55
N ILE FA 94 51.52 -1.70 -5.52
CA ILE FA 94 51.45 -3.12 -5.86
C ILE FA 94 50.64 -3.93 -4.84
N LEU FA 95 51.07 -3.87 -3.58
CA LEU FA 95 50.39 -4.62 -2.53
C LEU FA 95 48.91 -4.25 -2.42
N PHE FA 96 48.62 -2.96 -2.57
CA PHE FA 96 47.24 -2.50 -2.55
C PHE FA 96 46.47 -2.95 -3.79
N HIS FA 97 47.17 -3.07 -4.92
CA HIS FA 97 46.53 -3.55 -6.15
C HIS FA 97 46.02 -4.96 -5.88
N TYR FA 98 46.91 -5.81 -5.38
CA TYR FA 98 46.52 -7.18 -5.05
C TYR FA 98 45.37 -7.24 -4.04
N VAL FA 99 45.57 -6.62 -2.89
CA VAL FA 99 44.58 -6.66 -1.80
C VAL FA 99 43.20 -6.12 -2.19
N GLU FA 100 43.20 -4.96 -2.86
CA GLU FA 100 41.95 -4.32 -3.25
C GLU FA 100 41.24 -5.04 -4.40
N ILE FA 101 42.00 -5.62 -5.32
CA ILE FA 101 41.37 -6.45 -6.37
C ILE FA 101 40.73 -7.67 -5.72
N ARG FA 102 41.41 -8.21 -4.72
CA ARG FA 102 40.90 -9.34 -3.94
C ARG FA 102 39.55 -8.99 -3.31
N ARG FA 103 39.53 -7.91 -2.53
CA ARG FA 103 38.31 -7.46 -1.88
C ARG FA 103 37.21 -7.13 -2.88
N TRP FA 104 37.61 -6.58 -4.03
CA TRP FA 104 36.69 -6.23 -5.10
C TRP FA 104 35.99 -7.49 -5.61
N GLN FA 105 36.78 -8.53 -5.85
CA GLN FA 105 36.23 -9.81 -6.28
C GLN FA 105 35.27 -10.35 -5.22
N ASP FA 106 35.61 -10.10 -3.95
CA ASP FA 106 34.69 -10.49 -2.87
C ASP FA 106 33.37 -9.75 -2.95
N ILE FA 107 33.40 -8.48 -3.33
CA ILE FA 107 32.18 -7.70 -3.44
C ILE FA 107 31.33 -8.15 -4.64
N LYS FA 108 32.01 -8.44 -5.75
CA LYS FA 108 31.32 -8.91 -6.95
C LYS FA 108 30.78 -10.33 -6.76
N ASN FA 109 31.52 -11.15 -6.01
CA ASN FA 109 31.11 -12.52 -5.75
C ASN FA 109 31.63 -12.99 -4.39
N PRO FA 110 30.72 -13.09 -3.41
CA PRO FA 110 31.05 -13.33 -2.00
C PRO FA 110 31.80 -14.64 -1.73
N GLY FA 111 31.26 -15.76 -2.22
CA GLY FA 111 31.82 -17.06 -1.93
C GLY FA 111 32.93 -17.50 -2.87
N SER FA 112 33.23 -16.69 -3.87
CA SER FA 112 34.22 -17.04 -4.89
C SER FA 112 35.66 -16.98 -4.35
N VAL FA 113 35.93 -16.01 -3.50
CA VAL FA 113 37.27 -15.83 -2.94
C VAL FA 113 37.28 -15.97 -1.43
N ASN FA 114 37.90 -17.05 -0.95
CA ASN FA 114 37.95 -17.33 0.48
C ASN FA 114 39.18 -18.15 0.87
N GLN FA 115 39.73 -18.90 -0.08
CA GLN FA 115 40.86 -19.78 0.21
C GLN FA 115 42.19 -19.26 -0.35
N ASP FA 116 43.27 -19.63 0.33
CA ASP FA 116 44.61 -19.21 -0.05
C ASP FA 116 45.03 -19.92 -1.34
N PRO FA 117 45.34 -19.14 -2.39
CA PRO FA 117 45.76 -19.69 -3.68
C PRO FA 117 47.05 -20.50 -3.58
N ILE FA 118 47.88 -20.17 -2.59
CA ILE FA 118 49.14 -20.88 -2.39
C ILE FA 118 48.92 -22.12 -1.53
N PHE FA 119 48.55 -21.90 -0.28
CA PHE FA 119 48.28 -22.99 0.66
C PHE FA 119 46.78 -23.24 0.75
N LYS FA 120 46.28 -24.08 -0.14
CA LYS FA 120 44.84 -24.30 -0.28
C LYS FA 120 44.21 -24.97 0.94
N GLN FA 121 45.05 -25.46 1.85
CA GLN FA 121 44.58 -26.04 3.10
C GLN FA 121 43.87 -24.99 3.96
N TYR FA 122 44.46 -23.80 4.04
CA TYR FA 122 43.90 -22.71 4.83
C TYR FA 122 42.79 -21.99 4.09
N SER FA 123 41.75 -21.59 4.83
CA SER FA 123 40.60 -20.94 4.23
C SER FA 123 39.93 -19.97 5.20
N LEU FA 124 39.11 -19.08 4.66
CA LEU FA 124 38.41 -18.09 5.46
C LEU FA 124 36.95 -18.50 5.62
N PRO FA 125 36.44 -18.51 6.86
CA PRO FA 125 35.08 -18.95 7.15
C PRO FA 125 34.03 -18.08 6.46
N ALA FA 126 32.99 -18.70 5.92
CA ALA FA 126 31.94 -17.98 5.21
C ALA FA 126 31.28 -16.97 6.13
N GLY FA 127 31.48 -15.69 5.83
CA GLY FA 127 30.97 -14.63 6.67
C GLY FA 127 30.17 -13.59 5.90
N GLU FA 128 30.20 -12.37 6.40
CA GLU FA 128 29.45 -11.27 5.81
C GLU FA 128 30.33 -10.49 4.84
N VAL FA 129 29.76 -10.04 3.72
CA VAL FA 129 30.51 -9.23 2.78
C VAL FA 129 30.85 -7.88 3.41
N GLY FA 130 32.14 -7.57 3.48
CA GLY FA 130 32.58 -6.35 4.14
C GLY FA 130 33.04 -6.65 5.55
N TYR FA 131 32.69 -7.84 6.02
CA TYR FA 131 33.08 -8.31 7.33
C TYR FA 131 33.72 -9.69 7.20
N PRO FA 132 35.00 -9.74 6.80
CA PRO FA 132 35.71 -10.99 6.47
C PRO FA 132 35.81 -11.97 7.63
N GLY FA 133 36.41 -11.55 8.74
CA GLY FA 133 36.61 -12.42 9.88
C GLY FA 133 37.74 -13.41 9.66
N GLY FA 134 37.66 -14.55 10.33
CA GLY FA 134 38.67 -15.59 10.20
C GLY FA 134 40.03 -15.14 10.68
N ILE FA 135 40.98 -15.04 9.77
CA ILE FA 135 42.33 -14.60 10.10
C ILE FA 135 42.34 -13.10 10.41
N PHE FA 136 41.35 -12.38 9.89
CA PHE FA 136 41.21 -10.95 10.12
C PHE FA 136 40.69 -10.67 11.53
N ASN FA 137 40.17 -11.71 12.18
CA ASN FA 137 39.67 -11.59 13.54
C ASN FA 137 40.31 -12.63 14.45
N PRO FA 138 41.58 -12.40 14.82
CA PRO FA 138 42.35 -13.36 15.63
C PRO FA 138 41.88 -13.45 17.08
N LEU FA 139 41.32 -12.36 17.60
CA LEU FA 139 40.88 -12.34 19.00
C LEU FA 139 39.45 -12.85 19.16
N ASN FA 140 38.86 -13.30 18.06
CA ASN FA 140 37.54 -13.95 18.07
C ASN FA 140 36.43 -13.15 18.76
N PHE FA 141 36.47 -11.83 18.62
CA PHE FA 141 35.41 -10.97 19.15
C PHE FA 141 34.10 -11.27 18.42
N ALA FA 142 32.98 -11.11 19.15
CA ALA FA 142 31.67 -11.38 18.58
C ALA FA 142 31.21 -10.25 17.66
N PRO FA 143 30.90 -10.58 16.39
CA PRO FA 143 30.41 -9.61 15.41
C PRO FA 143 28.98 -9.18 15.72
N THR FA 144 28.79 -8.54 16.86
CA THR FA 144 27.46 -8.12 17.29
C THR FA 144 27.00 -6.90 16.50
N LEU FA 145 25.69 -6.65 16.51
CA LEU FA 145 25.11 -5.49 15.85
C LEU FA 145 25.66 -4.21 16.47
N GLU FA 146 25.76 -4.21 17.79
CA GLU FA 146 26.27 -3.07 18.55
C GLU FA 146 27.70 -2.73 18.13
N ALA FA 147 28.54 -3.75 18.01
CA ALA FA 147 29.92 -3.55 17.60
C ALA FA 147 30.02 -3.00 16.18
N LYS FA 148 29.15 -3.47 15.29
CA LYS FA 148 29.13 -3.01 13.91
C LYS FA 148 28.74 -1.53 13.82
N GLU FA 149 27.63 -1.19 14.46
CA GLU FA 149 27.15 0.19 14.41
C GLU FA 149 28.05 1.14 15.18
N LYS FA 150 28.77 0.62 16.16
CA LYS FA 150 29.81 1.40 16.83
C LYS FA 150 30.98 1.66 15.88
N GLU FA 151 31.35 0.63 15.13
CA GLU FA 151 32.41 0.75 14.13
C GLU FA 151 32.05 1.84 13.13
N ILE FA 152 30.84 1.76 12.60
CA ILE FA 152 30.38 2.73 11.61
C ILE FA 152 30.25 4.14 12.20
N ALA FA 153 29.81 4.21 13.45
CA ALA FA 153 29.69 5.49 14.15
C ALA FA 153 31.05 6.19 14.31
N ASN FA 154 31.99 5.50 14.95
CA ASN FA 154 33.35 6.04 15.11
C ASN FA 154 33.98 6.33 13.76
N GLY FA 155 33.61 5.55 12.75
CA GLY FA 155 34.09 5.76 11.41
C GLY FA 155 33.63 7.08 10.82
N ARG FA 156 32.34 7.37 10.96
CA ARG FA 156 31.76 8.62 10.48
C ARG FA 156 32.33 9.82 11.22
N LEU FA 157 32.41 9.68 12.55
CA LEU FA 157 33.01 10.71 13.40
C LEU FA 157 34.43 10.99 12.92
N ALA FA 158 35.17 9.93 12.59
CA ALA FA 158 36.55 10.06 12.15
C ALA FA 158 36.65 10.71 10.76
N MET FA 159 35.68 10.42 9.90
CA MET FA 159 35.66 11.02 8.58
C MET FA 159 35.45 12.54 8.68
N LEU FA 160 34.43 12.93 9.44
CA LEU FA 160 34.20 14.36 9.68
C LEU FA 160 35.41 15.01 10.35
N ALA FA 161 36.05 14.27 11.25
CA ALA FA 161 37.23 14.77 11.94
C ALA FA 161 38.40 14.96 10.98
N PHE FA 162 38.46 14.11 9.94
CA PHE FA 162 39.52 14.22 8.95
C PHE FA 162 39.28 15.42 8.05
N LEU FA 163 38.04 15.62 7.64
CA LEU FA 163 37.68 16.80 6.86
C LEU FA 163 38.04 18.03 7.68
N GLY FA 164 37.77 17.97 8.97
CA GLY FA 164 38.15 19.00 9.91
C GLY FA 164 39.65 19.25 9.93
N PHE FA 165 40.43 18.18 9.97
CA PHE FA 165 41.89 18.29 9.98
C PHE FA 165 42.38 19.00 8.73
N ILE FA 166 41.88 18.55 7.58
CA ILE FA 166 42.26 19.11 6.29
C ILE FA 166 41.95 20.60 6.22
N ILE FA 167 40.70 20.96 6.47
CA ILE FA 167 40.27 22.36 6.39
C ILE FA 167 40.99 23.26 7.41
N GLN FA 168 41.07 22.79 8.65
CA GLN FA 168 41.72 23.55 9.72
C GLN FA 168 43.19 23.80 9.42
N HIS FA 169 43.89 22.78 8.95
CA HIS FA 169 45.29 22.97 8.57
C HIS FA 169 45.40 23.92 7.39
N ASN FA 170 44.46 23.79 6.45
CA ASN FA 170 44.45 24.63 5.26
C ASN FA 170 44.28 26.11 5.60
N VAL FA 171 43.53 26.38 6.67
CA VAL FA 171 43.24 27.75 7.07
C VAL FA 171 44.29 28.32 8.02
N THR FA 172 44.51 27.64 9.14
CA THR FA 172 45.42 28.13 10.17
C THR FA 172 46.89 27.97 9.79
N GLY FA 173 47.24 26.77 9.34
CA GLY FA 173 48.62 26.48 9.00
C GLY FA 173 49.33 25.77 10.15
N LYS FA 174 48.55 25.33 11.12
CA LYS FA 174 49.08 24.61 12.28
C LYS FA 174 48.40 23.25 12.42
N GLY FA 175 48.80 22.50 13.44
CA GLY FA 175 48.24 21.18 13.69
C GLY FA 175 46.87 21.21 14.35
N PRO FA 176 46.15 20.08 14.31
CA PRO FA 176 44.82 19.96 14.91
C PRO FA 176 44.85 20.12 16.43
N PHE FA 177 45.84 19.51 17.08
CA PHE FA 177 45.98 19.61 18.53
C PHE FA 177 46.39 21.03 18.92
N ASP FA 178 47.16 21.66 18.05
CA ASP FA 178 47.57 23.05 18.23
C ASP FA 178 46.34 23.94 18.20
N ASN FA 179 45.47 23.71 17.21
CA ASN FA 179 44.21 24.43 17.09
C ASN FA 179 43.32 24.20 18.31
N LEU FA 180 43.31 22.97 18.81
CA LEU FA 180 42.58 22.63 20.01
C LEU FA 180 43.07 23.45 21.20
N LEU FA 181 44.39 23.51 21.36
CA LEU FA 181 45.01 24.27 22.44
C LEU FA 181 44.67 25.76 22.34
N GLN FA 182 44.77 26.30 21.13
CA GLN FA 182 44.42 27.71 20.94
C GLN FA 182 42.95 27.97 21.21
N HIS FA 183 42.12 26.95 21.03
CA HIS FA 183 40.71 27.05 21.37
C HIS FA 183 40.52 27.03 22.89
N ILE FA 184 41.34 26.22 23.56
CA ILE FA 184 41.28 26.13 25.02
C ILE FA 184 41.75 27.42 25.69
N SER FA 185 42.77 28.05 25.13
CA SER FA 185 43.33 29.29 25.68
C SER FA 185 42.27 30.39 25.83
N ASP FA 186 41.69 30.80 24.71
CA ASP FA 186 40.64 31.80 24.71
C ASP FA 186 39.56 31.40 23.72
N PRO FA 187 38.56 30.63 24.19
CA PRO FA 187 37.49 30.07 23.35
C PRO FA 187 36.68 31.14 22.62
N TRP FA 188 36.41 32.25 23.28
CA TRP FA 188 35.56 33.29 22.71
C TRP FA 188 36.33 34.28 21.84
N HIS FA 189 37.64 34.05 21.72
CA HIS FA 189 38.48 34.91 20.89
C HIS FA 189 39.35 34.09 19.93
N ASN FA 190 39.12 32.78 19.91
CA ASN FA 190 39.85 31.90 19.01
C ASN FA 190 38.95 30.86 18.36
N THR FA 191 38.23 31.29 17.31
CA THR FA 191 37.35 30.40 16.57
C THR FA 191 37.62 30.53 15.08
N ILE FA 192 36.69 30.02 14.26
CA ILE FA 192 36.78 30.12 12.82
C ILE FA 192 36.68 31.59 12.38
N VAL FA 193 36.01 32.39 13.22
CA VAL FA 193 35.83 33.81 12.94
C VAL FA 193 37.15 34.56 12.87
N GLN FA 194 38.01 34.33 13.85
CA GLN FA 194 39.27 35.05 13.94
C GLN FA 194 40.31 34.54 12.95
N THR FA 195 40.26 33.25 12.64
CA THR FA 195 41.22 32.64 11.72
C THR FA 195 41.00 33.11 10.29
N LEU FA 196 39.75 33.41 9.95
CA LEU FA 196 39.41 33.88 8.61
C LEU FA 196 39.67 35.38 8.48
#